data_9OTI
#
_entry.id   9OTI
#
_cell.length_a   1.00
_cell.length_b   1.00
_cell.length_c   1.00
_cell.angle_alpha   90.00
_cell.angle_beta   90.00
_cell.angle_gamma   90.00
#
_symmetry.space_group_name_H-M   'P 1'
#
loop_
_entity.id
_entity.type
_entity.pdbx_description
1 polymer 'GATOR2 complex protein MIOS'
2 polymer 'GATOR complex protein WDR24'
3 polymer 'GATOR complex protein WDR59'
4 polymer 'Nucleoporin SEH1'
5 polymer 'Protein SEC13 homolog'
6 polymer 'Cytosolic arginine sensor for mTORC1 subunit 1'
7 non-polymer 'ZINC ION'
#
loop_
_entity_poly.entity_id
_entity_poly.type
_entity_poly.pdbx_seq_one_letter_code
_entity_poly.pdbx_strand_id
1 'polypeptide(L)'
;MSGTKPDILWAPHHVDRFVVCDSELSLYHVESTVNSELKAGSLRLSEDSAATLLSINSDTPYMKCVAWYLNYDPECLLAV
GQANGRVVLTSLGQDHNSKFKDLIGKEFVPKHARQCNTLAWNPLDSNWLAAGLDKHRADFSVLIWDICSKYTPDIVPMEK
VKLSAGETETTLLVTKPLYELGQNDACLSLCWLPRDQKLLLAGMHRNLAIFDLRNTSQKMFVNTKAVQGVTVDPYFHDRV
ASFYEGQVAIWDLRKFEKPVLTLTEQPKPLTKVAWCPTRTGLLATLTRDSNIIRLYDMQHTPTPIGDETEPTIIERSVQP
CDNYIASFAWHPTSQNRMIVVTPNRTMSDFTVFERISLAWSPITSLMWACGRHLYECTEEENDNSLEKDIATKMRLRALS
RYGLDTEQVWRNHILAGNEDPQLKSLWYTLHFMKQYTEDMDQKSPGNKGSLVYAGIKSIVKSSLGMVESSRHNWSGLDKQ
SDIQNLNEERILALQLCGWIKKGTDVDVGPFLNSLVQEGEWERAAAVALFNLDIRRAIQILNEGASSEKGDLNLNVVAMA
LSGYTDEKNSLWREMCSTLRLQLNNPYLCVMFAFLTSETGSYDGVLYENKVAVRDRVAFACKFLSDTQLNRYIEKLTNEM
KEAGNLEGILLTGLTKDGVDLMESYVDRTGDVQTASYCMLQGSPLDVLKDERVQYWIENYRNLLDAWRFWHKRAEFDIHR
SKLDPSSKPLAQVFVSCNFCGKSISYSCSAVPHQGRGFSQYGVSGSPTKSKVTSCPGCRKPLPRCALCLINMGTPVSSCP
GGTKSDEKVDLSKDKKLAQFNNWFTWCHNCRHGGHAGHMLSWFRDHAECPVSACTCKCMQLDTTGNLVPAETVQP
;
A,B,L,T
2 'polypeptide(L)'
;MEKMSRVTTALGGSVLTGRTMHCHLDAPANAISVCRDAAQVVVAGRSIFKIYAIEEEQFVEKLNLRVGRKPSLNLSCADV
VWHQMDENLLATAATNGVVVTWNLGRPSRNKQDQLFTEHKRTVNKVCFHPTEAHVLLSGSQDGFMKCFDLRRKDSVSTFS
GQSESVRDVQFSIRDYFTFASTFENGNVQLWDIRRPDRCERMFTAHNGPVFCCDWHPEDRGWLATGGRDKMVKVWDMTTH
RAKEMHCVQTIASVARVKWRPECRHHLATCSMMVDHNIYVWDVRRPFVPAAMFEEHRDVTTGIAWRHPHDPSFLLSGSKD
SSLCQHLFRDASQPVERANPEGLCYGLFGDLAFAAKESLVAAESGRKPYTGDRRHPIFFKRKLDPAEPFAGLASSALSVF
ETEPGGGGMRWFVDTAERYALAGRPLAELCDHNAKVARELGRNQVAQTWTMLRIIYCSPGLVPTANLNHSVGKGGSCGLP
LMNSFNLKDMAPGLGSETRLDRSKGDARSDTVLLDSSATLITNEDNEETEGSDVPADYLLGDVEGEEDELYLLDPEHAHP
EDPECVLPQEAFPLRHEIVDTPPGPEHLQDKADSPHVSGSEADVASLAPVDSSFSLLSVSHALYDSRLPPDFFGVLVRDM
LHFYAEQGDVQMAVSVLIVLGERVRKDIDEQTQEHWYTSYIDLLQRFRLWNVSNEVVKLSTSRAVSCLNQASTTLHVNCS
HCKRPMSSRGWVCDRCHRCASMCAVCHHVVKGLFVWCQGCSHGGHLQHIMKWLEGSSHCPAGCGHLCEYS
;
C,M
3 'polypeptide(L)'
;MAARWSSENVVVEFRDSQATAMSVDCLGQHAVLSGRRFLYIVNLDAPFEGHRKISRQSKWDIGAVQWNPHDSFAHYFAAS
SNQRVDLYKWKDGSGEVGTTLQGHTRVISDLDWAVFEPDLLVTSSVDTYIYIWDIKDTRKPTVALSAVAGASQVKWNKKN
ANCLATSHDGDVRIWDKRKPSTAVEYLAAHLSKIHGLDWHPDSEHILATSSQDNSVKFWDYRQPRKYLNILPCQVPVWKA
RYTPFSNGLVTVMVPQLRRENSLLLWNVFDLNTPVHTFVGHDDVVLEFQWRKQKEGSKDYQLVTWSRDQTLRMWRVDSQM
QRLCANDILDGVDEFIESISLLPEPEKTLHTEDTDHQHTASHGEEEALKEDPPRNLLEERKSDQLGLPQTLQQEFSLINV
QIRNVNVEMDAADRSCTVSVHCSNHRVKMLVKFPAQYPNNAAPSFQFINPTTITSTMKAKLLKILKDTALQKVKRGQSCL
EPCLRQLVSCLESFVNQEDSASSNPFALPNSVTPPLPTFARVTTAYGSYQDANIPFPRTSGARFCGAGYLVYFTRPMTMH
RAVSPTEPTPRSLSALSAYHTGLIAPMKIRTEAPGNLRLYSGSPTRSEKEQVSISSFYYKERKSRRWKSKREGSDSGNRQ
IKAAGKVIIQDIACLLPVHKSLGELYILNVNDIQETCQKNAASALLVGRKDLVQVWSLATVATDLCLGPKSDPDLETPWA
RHPFGRQLLESLLAHYCRLRDVQTLAMLCSVFEAQSRPQGLPNPFGPFPNRSSNLVVSHSRYPSFTSSGSCSSMSDPGLN
TGGWNIAGREAEHLSSPWGESSPEELRFGSLTYSDPRERERDQHDKNKRLLDPANTQQFDDFKKCYGEILYRWGLREKRA
EVLKFVSCPPDPHKGIEFGVYCSHCRSEVRGTQCAICKGFTFQCAICHVAVRGSSNFCLTCGHGGHTSHMMEWFRTQEVC
PTGCGCHCLLESTF
;
D,N
4 'polypeptide(L)'
;MFVARSIAADHKDLIHDVSFDFHGRRMATCSSDQSVKVWDKSESGDWHCTASWKTHSGSVWRVTWAHPEFGQVLASCSFD
RTAAVWEEIVGESNDKLRGQSHWVKRTTLVDSRTSVTDVKFAPKHMGLMLATCSADGIVRIYEAPDVMNLSQWSLQHEIS
CKLSCSCISWNPSSSRAHSPMIAVGSDDSSPNAMAKVQIFEYNENTRKYAKAETLMTVTDPVHDIAFAPNLGRSFHILAI
ATKDVRIFTLKPVRKELTSSGGPTKFEIHIVAQFDNHNSQVWRVSWNITGTVLASSGDDGCVRLWKANYMDNWKCTGILK
GNGSPVNGSSQQGTSNPSLGSTIPSLQNSLNGSSAGRKHS
;
E,F,G,O,P,Q
5 'polypeptide(L)'
;MVSVINTVDTSHEDMIHDAQMDYYGTRLATCSSDRSVKIFDVRNGGQILIADLRGHEGPVWQVAWAHPMYGNILASCSYD
RKVIIWREENGTWEKSHEHAGHDSSVNSVCWAPHDYGLILACGSSDGAISLLTYTGEGQWEVKKINNAHTIGCNAVSWAP
AVVPGSLIDHPSGQKPNYIKRFASGGCDNLIKLWKEEEDGQWKEEQKLEAHSDWVRDVAWAPSIGLPTSTIASCSQDGRV
FIWTCDDASSNTWSPKLLHKFNDVVWHVSWSITANILAVSGGDNKVTLWKESVDGQWVCISDVNKGQGSVSASVTEGQQN
EQ
;
H,R
6 'polypeptide(L)'
;MELHILEHRVRVLSVARPGLWLYTHPLIKLLFLPRRSRCKFFSLTETPEDYTLMVDEEGFKELPPSEFLQVAEATWLVLN
VSSHSGAAVQAAGVTKIARSVIAPLAEHHVAVLMLSTYQTDFILVREQDLSVVIHTLAQEFDIYREVGGEPVPVTRDDSS
NGFPRTQHGPSPTVHPIQSPQNRFCVLTLDPETLPAIATTLIDVLFYSHSTPKEAASSSPEPSSITFFAFSLIEGYISIV
MDAETQKKFPSDLLLTSSSGELWRMVRIGGQPLGFDECGIVAQIAGPLAAADISAYYISTFNFAHALVPEDGIGSVIEVL
QRRQEGLAS
;
U,V
#
loop_
_chem_comp.id
_chem_comp.type
_chem_comp.name
_chem_comp.formula
ZN non-polymer 'ZINC ION' 'Zn 2'
#
# COMPACT_ATOMS: atom_id res chain seq x y z
N PHE A 353 13.50 -57.22 0.63
CA PHE A 353 14.29 -57.25 1.85
C PHE A 353 15.27 -58.42 1.84
N GLU A 354 16.56 -58.11 1.95
CA GLU A 354 17.59 -59.13 1.93
C GLU A 354 17.83 -59.67 3.34
N ARG A 355 18.86 -60.51 3.47
CA ARG A 355 19.21 -61.05 4.78
C ARG A 355 19.68 -59.94 5.70
N ILE A 356 19.32 -60.03 6.98
CA ILE A 356 19.60 -59.00 7.97
C ILE A 356 20.50 -59.59 9.05
N SER A 357 21.62 -58.92 9.31
CA SER A 357 22.50 -59.28 10.40
C SER A 357 22.10 -58.52 11.67
N LEU A 358 22.77 -58.83 12.77
CA LEU A 358 22.46 -58.19 14.05
C LEU A 358 23.75 -58.04 14.85
N ALA A 359 23.74 -57.05 15.75
CA ALA A 359 24.85 -56.80 16.65
C ALA A 359 24.38 -55.90 17.77
N TRP A 360 24.55 -56.36 19.01
CA TRP A 360 24.09 -55.62 20.19
C TRP A 360 25.25 -54.92 20.85
N SER A 361 25.11 -53.63 21.06
CA SER A 361 26.09 -52.83 21.76
C SER A 361 25.77 -52.77 23.25
N PRO A 362 26.78 -52.62 24.10
CA PRO A 362 26.52 -52.57 25.56
C PRO A 362 25.65 -51.40 25.98
N ILE A 363 25.49 -50.39 25.14
CA ILE A 363 24.63 -49.25 25.45
C ILE A 363 23.19 -49.51 25.00
N THR A 364 22.87 -50.76 24.66
CA THR A 364 21.54 -51.16 24.19
C THR A 364 21.15 -50.39 22.93
N SER A 365 22.03 -50.43 21.93
CA SER A 365 21.79 -49.82 20.61
C SER A 365 22.07 -50.90 19.57
N LEU A 366 21.04 -51.66 19.22
CA LEU A 366 21.19 -52.75 18.27
C LEU A 366 21.29 -52.20 16.85
N MET A 367 22.30 -52.64 16.12
CA MET A 367 22.48 -52.25 14.72
C MET A 367 22.29 -53.46 13.82
N TRP A 368 21.46 -53.31 12.79
CA TRP A 368 21.20 -54.36 11.84
C TRP A 368 21.48 -53.86 10.43
N ALA A 369 22.21 -54.64 9.66
CA ALA A 369 22.66 -54.25 8.32
C ALA A 369 21.68 -54.80 7.29
N CYS A 370 20.70 -53.99 6.92
CA CYS A 370 19.74 -54.36 5.88
C CYS A 370 20.31 -53.90 4.54
N GLY A 371 21.09 -54.78 3.92
CA GLY A 371 21.70 -54.47 2.64
C GLY A 371 22.98 -53.68 2.76
N ARG A 372 22.92 -52.39 2.41
CA ARG A 372 24.10 -51.52 2.43
C ARG A 372 24.00 -50.42 3.47
N HIS A 373 22.95 -50.41 4.28
CA HIS A 373 22.71 -49.33 5.22
C HIS A 373 22.66 -49.88 6.64
N LEU A 374 23.23 -49.13 7.58
CA LEU A 374 23.34 -49.52 8.97
C LEU A 374 22.33 -48.73 9.79
N TYR A 375 21.41 -49.44 10.43
CA TYR A 375 20.35 -48.81 11.21
C TYR A 375 20.53 -49.17 12.68
N GLU A 376 20.52 -48.15 13.54
CA GLU A 376 20.67 -48.34 14.98
C GLU A 376 19.32 -48.19 15.66
N CYS A 377 19.05 -49.05 16.64
CA CYS A 377 17.82 -49.01 17.42
C CYS A 377 18.19 -48.77 18.89
N THR A 378 17.97 -47.56 19.37
CA THR A 378 18.28 -47.19 20.74
C THR A 378 17.04 -47.29 21.61
N GLU A 379 17.26 -47.37 22.91
CA GLU A 379 16.17 -47.47 23.87
C GLU A 379 15.46 -46.12 24.04
N LEU A 386 9.56 -48.03 34.39
CA LEU A 386 9.80 -49.32 35.01
C LEU A 386 9.85 -50.43 33.97
N GLU A 387 9.39 -50.11 32.75
CA GLU A 387 9.37 -51.07 31.66
C GLU A 387 10.65 -51.05 30.83
N LYS A 388 11.62 -50.22 31.19
CA LYS A 388 12.87 -50.15 30.45
C LYS A 388 13.68 -51.44 30.65
N ASP A 389 14.54 -51.73 29.68
CA ASP A 389 15.40 -52.89 29.77
C ASP A 389 16.37 -52.74 30.94
N ILE A 390 16.78 -53.88 31.51
CA ILE A 390 17.55 -53.85 32.75
C ILE A 390 18.91 -53.21 32.54
N ALA A 391 19.53 -53.39 31.37
CA ALA A 391 20.85 -52.83 31.13
C ALA A 391 20.82 -51.31 31.21
N THR A 392 19.81 -50.69 30.61
CA THR A 392 19.63 -49.25 30.75
C THR A 392 19.42 -48.87 32.21
N LYS A 393 18.73 -49.73 32.98
CA LYS A 393 18.51 -49.43 34.39
C LYS A 393 19.82 -49.41 35.16
N MET A 394 20.71 -50.39 34.93
CA MET A 394 22.02 -50.32 35.58
C MET A 394 22.84 -49.13 35.08
N ARG A 395 22.71 -48.78 33.80
CA ARG A 395 23.41 -47.61 33.30
C ARG A 395 23.00 -46.35 34.07
N LEU A 396 21.68 -46.13 34.18
CA LEU A 396 21.20 -44.96 34.90
C LEU A 396 21.56 -45.01 36.39
N ARG A 397 21.48 -46.20 36.99
CA ARG A 397 21.80 -46.32 38.41
C ARG A 397 23.27 -46.02 38.67
N ALA A 398 24.17 -46.53 37.82
CA ALA A 398 25.58 -46.22 37.97
C ALA A 398 25.85 -44.74 37.73
N LEU A 399 25.14 -44.16 36.76
CA LEU A 399 25.30 -42.72 36.51
C LEU A 399 24.84 -41.90 37.71
N SER A 400 23.78 -42.35 38.38
CA SER A 400 23.22 -41.64 39.53
C SER A 400 23.82 -42.08 40.86
N ARG A 401 24.97 -42.77 40.83
CA ARG A 401 25.66 -43.21 42.05
C ARG A 401 24.74 -44.03 42.95
N TYR A 402 23.98 -44.95 42.34
CA TYR A 402 23.07 -45.80 43.10
C TYR A 402 23.83 -46.69 44.08
N GLY A 403 23.23 -46.90 45.25
CA GLY A 403 23.74 -47.82 46.24
C GLY A 403 25.01 -47.39 46.93
N LEU A 404 25.46 -46.16 46.74
CA LEU A 404 26.70 -45.68 47.35
C LEU A 404 26.44 -44.71 48.50
N ASP A 405 25.18 -44.51 48.89
CA ASP A 405 24.84 -43.62 50.00
C ASP A 405 24.97 -44.40 51.32
N THR A 406 26.22 -44.68 51.68
CA THR A 406 26.48 -45.46 52.88
C THR A 406 26.16 -44.69 54.16
N GLU A 407 26.03 -43.36 54.09
CA GLU A 407 25.65 -42.59 55.27
C GLU A 407 24.28 -43.00 55.78
N GLN A 408 23.30 -43.04 54.87
CA GLN A 408 21.97 -43.57 55.19
C GLN A 408 21.52 -44.45 54.03
N VAL A 409 21.35 -45.74 54.30
CA VAL A 409 21.11 -46.71 53.24
C VAL A 409 19.73 -46.54 52.63
N TRP A 410 18.77 -46.00 53.39
CA TRP A 410 17.39 -45.95 52.92
C TRP A 410 17.21 -45.07 51.70
N ARG A 411 18.17 -44.21 51.39
CA ARG A 411 18.07 -43.35 50.21
C ARG A 411 18.53 -44.03 48.93
N ASN A 412 18.98 -45.29 49.00
CA ASN A 412 19.49 -45.96 47.81
C ASN A 412 18.39 -46.17 46.78
N HIS A 413 17.19 -46.58 47.22
CA HIS A 413 16.13 -46.83 46.25
C HIS A 413 15.66 -45.53 45.60
N ILE A 414 15.86 -44.40 46.27
CA ILE A 414 15.59 -43.11 45.64
C ILE A 414 16.53 -42.89 44.46
N LEU A 415 17.81 -43.23 44.63
CA LEU A 415 18.79 -43.07 43.56
C LEU A 415 18.53 -44.03 42.39
N ALA A 416 17.74 -45.08 42.60
CA ALA A 416 17.44 -46.02 41.54
C ALA A 416 16.58 -45.43 40.43
N GLY A 417 15.99 -44.26 40.65
CA GLY A 417 15.16 -43.60 39.63
C GLY A 417 13.73 -44.08 39.56
N ASN A 418 13.53 -45.38 39.38
CA ASN A 418 12.20 -45.96 39.29
C ASN A 418 11.74 -46.42 40.67
N GLU A 419 10.43 -46.57 40.82
CA GLU A 419 9.81 -47.01 42.08
C GLU A 419 9.61 -48.52 42.01
N ASP A 420 10.54 -49.26 42.60
CA ASP A 420 10.48 -50.71 42.65
C ASP A 420 10.21 -51.15 44.08
N PRO A 421 9.06 -51.76 44.37
CA PRO A 421 8.77 -52.17 45.76
C PRO A 421 9.80 -53.12 46.34
N GLN A 422 10.32 -54.04 45.53
CA GLN A 422 11.32 -54.99 46.02
C GLN A 422 12.59 -54.29 46.45
N LEU A 423 13.11 -53.40 45.60
CA LEU A 423 14.34 -52.68 45.93
C LEU A 423 14.13 -51.78 47.14
N LYS A 424 13.00 -51.08 47.21
CA LYS A 424 12.74 -50.20 48.34
C LYS A 424 12.65 -50.99 49.63
N SER A 425 11.95 -52.13 49.62
CA SER A 425 11.85 -52.96 50.82
C SER A 425 13.21 -53.49 51.24
N LEU A 426 14.01 -53.95 50.27
CA LEU A 426 15.33 -54.46 50.60
C LEU A 426 16.21 -53.37 51.21
N TRP A 427 16.18 -52.17 50.62
CA TRP A 427 17.05 -51.10 51.11
C TRP A 427 16.59 -50.61 52.47
N TYR A 428 15.27 -50.56 52.71
CA TYR A 428 14.78 -50.19 54.03
C TYR A 428 15.18 -51.23 55.07
N THR A 429 15.10 -52.51 54.73
CA THR A 429 15.52 -53.56 55.65
C THR A 429 17.00 -53.44 55.96
N LEU A 430 17.83 -53.20 54.95
CA LEU A 430 19.26 -53.04 55.18
C LEU A 430 19.54 -51.82 56.04
N HIS A 431 18.78 -50.74 55.83
CA HIS A 431 18.94 -49.54 56.65
C HIS A 431 18.56 -49.82 58.10
N PHE A 432 17.51 -50.61 58.32
CA PHE A 432 17.13 -50.98 59.68
C PHE A 432 18.24 -51.81 60.35
N MET A 433 18.80 -52.76 59.61
CA MET A 433 19.91 -53.54 60.16
C MET A 433 21.10 -52.66 60.49
N LYS A 434 21.43 -51.70 59.61
CA LYS A 434 22.53 -50.79 59.88
C LYS A 434 22.24 -49.94 61.11
N GLN A 435 21.00 -49.47 61.26
CA GLN A 435 20.65 -48.67 62.42
C GLN A 435 20.82 -49.47 63.70
N TYR A 436 20.39 -50.74 63.71
CA TYR A 436 20.56 -51.54 64.91
C TYR A 436 22.04 -51.80 65.19
N THR A 437 22.84 -52.07 64.14
CA THR A 437 24.26 -52.30 64.35
C THR A 437 24.94 -51.07 64.93
N GLU A 438 24.58 -49.88 64.44
CA GLU A 438 25.10 -48.65 65.03
C GLU A 438 24.65 -48.50 66.48
N ASP A 439 23.38 -48.81 66.76
CA ASP A 439 22.88 -48.72 68.12
C ASP A 439 23.55 -49.74 69.03
N MET A 440 23.75 -50.96 68.54
CA MET A 440 24.37 -52.01 69.33
C MET A 440 25.90 -51.90 69.29
N SER A 450 26.32 -57.81 64.53
CA SER A 450 26.61 -58.77 63.47
C SER A 450 25.57 -59.89 63.46
N LEU A 451 24.86 -60.06 64.57
CA LEU A 451 23.84 -61.10 64.66
C LEU A 451 22.58 -60.72 63.90
N VAL A 452 22.29 -59.43 63.77
CA VAL A 452 21.06 -59.01 63.11
C VAL A 452 21.12 -59.29 61.62
N TYR A 453 22.31 -59.24 61.03
CA TYR A 453 22.45 -59.48 59.59
C TYR A 453 22.05 -60.89 59.20
N ALA A 454 21.99 -61.82 60.15
CA ALA A 454 21.50 -63.16 59.87
C ALA A 454 20.00 -63.17 59.59
N GLY A 455 19.30 -62.08 59.87
CA GLY A 455 17.90 -61.96 59.52
C GLY A 455 16.97 -62.60 60.52
N ILE A 456 15.68 -62.55 60.16
CA ILE A 456 14.64 -63.10 61.03
C ILE A 456 14.85 -64.59 61.25
N LYS A 457 15.36 -65.28 60.23
CA LYS A 457 15.67 -66.71 60.35
C LYS A 457 16.40 -67.03 61.64
N SER A 458 17.62 -66.49 61.79
CA SER A 458 18.40 -66.77 62.99
C SER A 458 17.98 -65.91 64.17
N ILE A 459 17.21 -64.84 63.94
CA ILE A 459 16.74 -64.03 65.05
C ILE A 459 15.70 -64.77 65.87
N VAL A 460 14.76 -65.44 65.21
CA VAL A 460 13.73 -66.20 65.91
C VAL A 460 13.98 -67.70 65.89
N LYS A 461 15.06 -68.16 65.26
CA LYS A 461 15.37 -69.59 65.28
C LYS A 461 15.79 -70.05 66.67
N SER A 462 16.36 -69.15 67.48
CA SER A 462 16.77 -69.45 68.84
C SER A 462 15.68 -69.15 69.86
N SER A 463 14.42 -69.26 69.47
CA SER A 463 13.33 -68.87 70.34
C SER A 463 13.19 -69.82 71.52
N LEU A 464 12.59 -69.31 72.59
CA LEU A 464 12.38 -70.08 73.81
C LEU A 464 11.16 -69.57 74.58
N ILE A 483 3.39 -55.36 74.02
CA ILE A 483 4.54 -55.36 73.12
C ILE A 483 5.81 -55.66 73.89
N GLN A 484 6.00 -54.96 75.00
CA GLN A 484 7.21 -55.16 75.82
C GLN A 484 7.24 -56.53 76.45
N ASN A 485 6.10 -57.20 76.61
CA ASN A 485 6.08 -58.55 77.14
C ASN A 485 6.74 -59.55 76.20
N LEU A 486 6.90 -59.20 74.93
CA LEU A 486 7.54 -60.10 73.98
C LEU A 486 9.03 -60.20 74.25
N ASN A 487 9.62 -61.31 73.80
CA ASN A 487 11.05 -61.53 74.00
C ASN A 487 11.87 -60.55 73.19
N GLU A 488 13.11 -60.34 73.63
CA GLU A 488 14.01 -59.42 72.93
C GLU A 488 14.27 -59.87 71.51
N GLU A 489 14.23 -61.18 71.25
CA GLU A 489 14.33 -61.68 69.89
C GLU A 489 13.17 -61.17 69.03
N ARG A 490 11.95 -61.22 69.55
CA ARG A 490 10.81 -60.73 68.80
C ARG A 490 10.77 -59.21 68.78
N ILE A 491 11.35 -58.56 69.79
CA ILE A 491 11.53 -57.11 69.73
C ILE A 491 12.44 -56.74 68.58
N LEU A 492 13.54 -57.48 68.40
CA LEU A 492 14.43 -57.26 67.26
C LEU A 492 13.72 -57.55 65.95
N ALA A 493 12.89 -58.60 65.92
CA ALA A 493 12.13 -58.89 64.71
C ALA A 493 11.20 -57.74 64.35
N LEU A 494 10.50 -57.18 65.34
CA LEU A 494 9.63 -56.03 65.09
C LEU A 494 10.45 -54.81 64.65
N GLN A 495 11.62 -54.60 65.26
CA GLN A 495 12.46 -53.47 64.88
C GLN A 495 12.90 -53.57 63.43
N LEU A 496 13.28 -54.78 62.99
CA LEU A 496 13.58 -54.97 61.58
C LEU A 496 12.33 -54.75 60.72
N CYS A 497 11.18 -55.20 61.21
CA CYS A 497 9.92 -54.92 60.51
C CYS A 497 9.55 -53.45 60.57
N GLY A 498 10.16 -52.68 61.48
CA GLY A 498 9.89 -51.26 61.59
C GLY A 498 8.67 -50.90 62.41
N TRP A 499 7.96 -51.88 62.96
CA TRP A 499 6.74 -51.59 63.71
C TRP A 499 7.03 -50.76 64.96
N ILE A 500 8.20 -50.94 65.58
CA ILE A 500 8.59 -50.20 66.76
C ILE A 500 9.86 -49.42 66.44
N LYS A 501 9.94 -48.21 66.98
CA LYS A 501 11.11 -47.37 66.78
C LYS A 501 12.32 -47.97 67.51
N LYS A 502 13.46 -47.31 67.36
CA LYS A 502 14.70 -47.78 67.99
C LYS A 502 14.54 -47.83 69.50
N GLY A 503 14.96 -48.94 70.09
CA GLY A 503 14.87 -49.11 71.53
C GLY A 503 13.87 -50.17 71.95
N THR A 504 13.19 -49.94 73.07
CA THR A 504 12.23 -50.90 73.61
C THR A 504 10.85 -50.27 73.74
N ASP A 505 10.39 -49.60 72.69
CA ASP A 505 9.07 -48.98 72.72
C ASP A 505 7.99 -50.03 72.97
N VAL A 506 7.11 -49.73 73.92
CA VAL A 506 6.05 -50.65 74.31
C VAL A 506 4.78 -50.31 73.53
N ASP A 507 4.91 -49.41 72.55
CA ASP A 507 3.77 -48.99 71.74
C ASP A 507 4.23 -48.72 70.32
N VAL A 508 3.28 -48.77 69.41
CA VAL A 508 3.53 -48.48 68.00
C VAL A 508 3.08 -47.07 67.63
N GLY A 509 3.01 -46.17 68.61
CA GLY A 509 2.54 -44.82 68.40
C GLY A 509 3.27 -44.03 67.34
N PRO A 510 4.61 -43.95 67.44
CA PRO A 510 5.36 -43.25 66.38
C PRO A 510 5.16 -43.86 65.00
N PHE A 511 5.13 -45.19 64.92
CA PHE A 511 4.92 -45.84 63.62
C PHE A 511 3.52 -45.56 63.10
N LEU A 512 2.51 -45.61 63.98
CA LEU A 512 1.15 -45.30 63.57
C LEU A 512 1.04 -43.86 63.07
N ASN A 513 1.69 -42.93 63.76
CA ASN A 513 1.68 -41.54 63.33
C ASN A 513 2.38 -41.37 61.99
N SER A 514 3.49 -42.10 61.79
CA SER A 514 4.20 -42.02 60.51
C SER A 514 3.32 -42.50 59.37
N LEU A 515 2.61 -43.61 59.56
CA LEU A 515 1.71 -44.09 58.52
C LEU A 515 0.51 -43.17 58.32
N VAL A 516 0.01 -42.56 59.41
CA VAL A 516 -1.10 -41.62 59.28
C VAL A 516 -0.69 -40.42 58.44
N GLN A 517 0.50 -39.88 58.71
CA GLN A 517 0.99 -38.74 57.95
C GLN A 517 1.33 -39.11 56.52
N GLU A 518 1.88 -40.32 56.31
CA GLU A 518 2.29 -40.73 54.98
C GLU A 518 1.12 -40.94 54.03
N GLY A 519 -0.09 -41.12 54.55
CA GLY A 519 -1.25 -41.31 53.72
C GLY A 519 -1.70 -42.75 53.53
N GLU A 520 -1.11 -43.69 54.25
CA GLU A 520 -1.53 -45.09 54.19
C GLU A 520 -2.40 -45.37 55.41
N TRP A 521 -3.64 -44.89 55.36
CA TRP A 521 -4.55 -45.08 56.49
C TRP A 521 -4.92 -46.54 56.67
N GLU A 522 -5.09 -47.28 55.56
CA GLU A 522 -5.41 -48.70 55.67
C GLU A 522 -4.27 -49.48 56.32
N ARG A 523 -3.03 -49.17 55.97
CA ARG A 523 -1.89 -49.83 56.61
C ARG A 523 -1.79 -49.47 58.09
N ALA A 524 -2.05 -48.20 58.43
CA ALA A 524 -2.05 -47.79 59.83
C ALA A 524 -3.12 -48.52 60.61
N ALA A 525 -4.31 -48.67 60.02
CA ALA A 525 -5.38 -49.42 60.69
C ALA A 525 -5.00 -50.88 60.85
N ALA A 526 -4.35 -51.47 59.84
CA ALA A 526 -3.90 -52.85 59.94
C ALA A 526 -2.90 -53.01 61.07
N VAL A 527 -1.96 -52.08 61.21
CA VAL A 527 -1.00 -52.13 62.30
C VAL A 527 -1.71 -51.97 63.64
N ALA A 528 -2.67 -51.04 63.73
CA ALA A 528 -3.36 -50.78 64.98
C ALA A 528 -4.15 -51.99 65.46
N LEU A 529 -4.87 -52.64 64.54
CA LEU A 529 -5.65 -53.81 64.93
C LEU A 529 -4.77 -54.98 65.31
N PHE A 530 -3.62 -55.12 64.65
CA PHE A 530 -2.68 -56.19 64.98
C PHE A 530 -2.00 -55.95 66.33
N ASN A 531 -2.16 -54.78 66.92
CA ASN A 531 -1.61 -54.48 68.25
C ASN A 531 -2.66 -54.58 69.35
N LEU A 532 -3.80 -55.21 69.05
CA LEU A 532 -4.89 -55.42 70.00
C LEU A 532 -5.44 -54.08 70.51
N ASP A 533 -5.86 -53.25 69.57
CA ASP A 533 -6.51 -51.97 69.88
C ASP A 533 -7.63 -51.77 68.84
N ILE A 534 -8.83 -52.25 69.19
CA ILE A 534 -9.96 -52.11 68.28
C ILE A 534 -10.41 -50.65 68.20
N ARG A 535 -10.50 -49.99 69.35
CA ARG A 535 -10.96 -48.59 69.37
C ARG A 535 -9.99 -47.69 68.62
N ARG A 536 -8.69 -47.89 68.82
CA ARG A 536 -7.69 -47.09 68.11
C ARG A 536 -7.79 -47.31 66.61
N ALA A 537 -7.95 -48.56 66.19
CA ALA A 537 -8.08 -48.85 64.76
C ALA A 537 -9.33 -48.20 64.17
N ILE A 538 -10.45 -48.26 64.90
CA ILE A 538 -11.69 -47.66 64.42
C ILE A 538 -11.53 -46.16 64.30
N GLN A 539 -10.93 -45.51 65.30
CA GLN A 539 -10.73 -44.07 65.24
C GLN A 539 -9.80 -43.69 64.09
N ILE A 540 -8.73 -44.45 63.89
CA ILE A 540 -7.79 -44.15 62.81
C ILE A 540 -8.46 -44.30 61.46
N LEU A 541 -9.25 -45.37 61.28
CA LEU A 541 -9.92 -45.58 60.00
C LEU A 541 -10.99 -44.53 59.76
N ASN A 542 -11.67 -44.09 60.82
CA ASN A 542 -12.65 -43.01 60.68
C ASN A 542 -11.98 -41.71 60.28
N GLU A 543 -10.82 -41.41 60.89
CA GLU A 543 -10.07 -40.23 60.49
C GLU A 543 -9.63 -40.31 59.04
N GLY A 544 -9.21 -41.49 58.60
CA GLY A 544 -8.88 -41.68 57.20
C GLY A 544 -10.08 -41.48 56.29
N ALA A 545 -11.26 -41.93 56.73
CA ALA A 545 -12.49 -41.72 55.97
C ALA A 545 -12.85 -40.24 55.91
N SER A 546 -12.47 -39.46 56.93
CA SER A 546 -12.74 -38.03 56.90
C SER A 546 -12.02 -37.36 55.73
N SER A 547 -10.77 -37.74 55.48
CA SER A 547 -10.03 -37.21 54.35
C SER A 547 -10.37 -37.96 53.07
N GLU A 548 -10.48 -37.21 51.98
CA GLU A 548 -10.81 -37.78 50.67
C GLU A 548 -12.10 -38.58 50.70
N LEU A 552 -14.14 -43.43 50.98
CA LEU A 552 -15.56 -43.54 51.25
C LEU A 552 -15.89 -44.86 51.93
N ASN A 553 -15.27 -45.94 51.45
CA ASN A 553 -15.48 -47.26 52.03
C ASN A 553 -14.81 -47.42 53.39
N LEU A 554 -13.98 -46.46 53.79
CA LEU A 554 -13.30 -46.58 55.08
C LEU A 554 -14.29 -46.60 56.23
N ASN A 555 -15.32 -45.77 56.18
CA ASN A 555 -16.33 -45.78 57.24
C ASN A 555 -17.08 -47.10 57.28
N VAL A 556 -17.50 -47.61 56.10
CA VAL A 556 -18.29 -48.83 56.08
C VAL A 556 -17.45 -50.01 56.54
N VAL A 557 -16.14 -49.97 56.32
CA VAL A 557 -15.26 -50.92 56.98
C VAL A 557 -15.20 -50.66 58.48
N ALA A 558 -15.27 -49.37 58.87
CA ALA A 558 -15.04 -49.00 60.26
C ALA A 558 -16.12 -49.55 61.17
N MET A 559 -17.40 -49.33 60.86
CA MET A 559 -18.39 -49.85 61.79
C MET A 559 -18.58 -51.35 61.64
N ALA A 560 -18.19 -51.92 60.49
CA ALA A 560 -18.20 -53.38 60.36
C ALA A 560 -17.17 -54.01 61.28
N LEU A 561 -15.99 -53.39 61.41
CA LEU A 561 -14.96 -53.90 62.29
C LEU A 561 -15.37 -53.85 63.76
N SER A 562 -16.34 -53.00 64.11
CA SER A 562 -16.81 -52.91 65.48
C SER A 562 -17.68 -54.09 65.89
N GLY A 563 -18.06 -54.95 64.95
CA GLY A 563 -18.89 -56.10 65.22
C GLY A 563 -18.13 -57.34 65.64
N TYR A 564 -16.86 -57.21 66.03
CA TYR A 564 -16.08 -58.37 66.46
C TYR A 564 -16.72 -59.04 67.66
N THR A 565 -16.94 -60.35 67.55
CA THR A 565 -17.55 -61.14 68.61
C THR A 565 -16.73 -62.41 68.81
N ASP A 566 -16.56 -62.80 70.07
CA ASP A 566 -15.77 -63.98 70.42
C ASP A 566 -16.62 -65.25 70.52
N GLU A 567 -17.93 -65.16 70.29
CA GLU A 567 -18.77 -66.34 70.35
C GLU A 567 -18.44 -67.32 69.23
N LYS A 568 -18.38 -68.60 69.58
CA LYS A 568 -18.05 -69.62 68.58
C LYS A 568 -19.10 -69.71 67.49
N ASN A 569 -20.38 -69.65 67.88
CA ASN A 569 -21.50 -69.73 66.94
C ASN A 569 -22.07 -68.36 66.60
N SER A 570 -21.24 -67.32 66.62
CA SER A 570 -21.72 -65.98 66.33
C SER A 570 -22.03 -65.81 64.84
N LEU A 571 -23.10 -65.06 64.57
CA LEU A 571 -23.46 -64.76 63.18
C LEU A 571 -22.38 -63.94 62.49
N TRP A 572 -21.82 -62.97 63.21
CA TRP A 572 -20.85 -62.06 62.59
C TRP A 572 -19.63 -62.81 62.09
N ARG A 573 -19.15 -63.80 62.84
CA ARG A 573 -17.96 -64.54 62.43
C ARG A 573 -18.16 -65.19 61.06
N GLU A 574 -19.25 -65.96 60.92
CA GLU A 574 -19.51 -66.66 59.66
C GLU A 574 -19.78 -65.66 58.53
N MET A 575 -20.61 -64.65 58.81
CA MET A 575 -20.96 -63.68 57.76
C MET A 575 -19.73 -62.92 57.27
N CYS A 576 -18.84 -62.55 58.18
CA CYS A 576 -17.64 -61.81 57.79
C CYS A 576 -16.63 -62.72 57.09
N SER A 577 -16.52 -63.97 57.54
CA SER A 577 -15.60 -64.91 56.87
C SER A 577 -16.05 -65.20 55.45
N THR A 578 -17.36 -65.34 55.24
CA THR A 578 -17.87 -65.62 53.89
C THR A 578 -17.55 -64.48 52.93
N LEU A 579 -17.71 -63.24 53.37
CA LEU A 579 -17.47 -62.06 52.54
C LEU A 579 -16.09 -61.46 52.76
N ARG A 580 -15.22 -62.16 53.48
CA ARG A 580 -13.90 -61.61 53.80
C ARG A 580 -13.11 -61.28 52.54
N LEU A 581 -13.10 -62.21 51.57
CA LEU A 581 -12.32 -62.01 50.35
C LEU A 581 -13.00 -61.09 49.35
N GLN A 582 -14.25 -60.70 49.58
CA GLN A 582 -14.96 -59.85 48.64
C GLN A 582 -14.37 -58.45 48.54
N LEU A 583 -13.68 -57.99 49.60
CA LEU A 583 -13.09 -56.66 49.58
C LEU A 583 -11.92 -56.60 48.61
N ASN A 584 -11.70 -55.41 48.04
CA ASN A 584 -10.59 -55.20 47.12
C ASN A 584 -9.33 -54.73 47.83
N ASN A 585 -9.47 -54.10 49.00
CA ASN A 585 -8.30 -53.64 49.75
C ASN A 585 -7.68 -54.81 50.51
N PRO A 586 -6.38 -55.06 50.35
CA PRO A 586 -5.78 -56.22 51.02
C PRO A 586 -5.70 -56.06 52.54
N TYR A 587 -5.32 -54.87 53.02
CA TYR A 587 -5.19 -54.67 54.46
C TYR A 587 -6.53 -54.80 55.17
N LEU A 588 -7.59 -54.21 54.58
CA LEU A 588 -8.92 -54.38 55.16
C LEU A 588 -9.37 -55.84 55.08
N CYS A 589 -8.88 -56.58 54.09
CA CYS A 589 -9.15 -58.01 54.01
C CYS A 589 -8.48 -58.75 55.16
N VAL A 590 -7.23 -58.43 55.47
CA VAL A 590 -6.53 -59.15 56.52
C VAL A 590 -7.01 -58.73 57.90
N MET A 591 -7.58 -57.53 58.05
CA MET A 591 -8.28 -57.22 59.30
C MET A 591 -9.35 -58.25 59.60
N PHE A 592 -10.23 -58.50 58.62
CA PHE A 592 -11.30 -59.47 58.81
C PHE A 592 -10.75 -60.88 58.94
N ALA A 593 -9.68 -61.19 58.21
CA ALA A 593 -9.06 -62.50 58.32
C ALA A 593 -8.54 -62.74 59.73
N PHE A 594 -7.89 -61.76 60.32
CA PHE A 594 -7.36 -61.91 61.68
C PHE A 594 -8.47 -61.95 62.70
N LEU A 595 -9.49 -61.09 62.56
CA LEU A 595 -10.56 -61.05 63.55
C LEU A 595 -11.38 -62.33 63.54
N THR A 596 -11.71 -62.84 62.35
CA THR A 596 -12.55 -64.03 62.26
C THR A 596 -11.80 -65.31 62.58
N SER A 597 -10.49 -65.33 62.38
CA SER A 597 -9.70 -66.55 62.60
C SER A 597 -9.68 -66.91 64.07
N GLU A 598 -9.63 -68.21 64.33
CA GLU A 598 -9.57 -68.71 65.70
C GLU A 598 -8.17 -68.49 66.28
N THR A 599 -8.06 -68.66 67.60
CA THR A 599 -6.78 -68.51 68.27
C THR A 599 -5.80 -69.58 67.78
N GLY A 600 -4.56 -69.16 67.53
CA GLY A 600 -3.52 -70.03 67.02
C GLY A 600 -3.54 -70.21 65.53
N SER A 601 -4.72 -70.38 64.95
CA SER A 601 -4.86 -70.55 63.50
C SER A 601 -5.06 -69.17 62.87
N TYR A 602 -3.98 -68.59 62.37
CA TYR A 602 -4.02 -67.27 61.73
C TYR A 602 -3.61 -67.36 60.26
N ASP A 603 -3.96 -68.46 59.60
CA ASP A 603 -3.56 -68.67 58.21
C ASP A 603 -4.17 -67.64 57.27
N GLY A 604 -5.25 -66.97 57.69
CA GLY A 604 -5.83 -65.93 56.85
C GLY A 604 -4.89 -64.77 56.59
N VAL A 605 -4.10 -64.40 57.60
CA VAL A 605 -3.15 -63.31 57.46
C VAL A 605 -1.75 -63.82 57.15
N LEU A 606 -1.39 -64.98 57.70
CA LEU A 606 -0.03 -65.50 57.51
C LEU A 606 0.24 -65.84 56.05
N TYR A 607 -0.73 -66.46 55.38
CA TYR A 607 -0.55 -66.94 54.01
C TYR A 607 -1.32 -66.08 53.00
N GLU A 608 -1.38 -64.77 53.23
CA GLU A 608 -2.07 -63.85 52.33
C GLU A 608 -1.00 -63.05 51.59
N ASN A 609 -1.01 -63.14 50.26
CA ASN A 609 0.13 -62.69 49.46
C ASN A 609 0.19 -61.17 49.31
N LYS A 610 -0.95 -60.49 49.20
CA LYS A 610 -0.93 -59.08 48.83
C LYS A 610 -0.30 -58.19 49.89
N VAL A 611 -0.43 -58.54 51.17
CA VAL A 611 0.20 -57.76 52.24
C VAL A 611 1.71 -57.97 52.18
N ALA A 612 2.46 -56.89 52.37
CA ALA A 612 3.91 -56.95 52.31
C ALA A 612 4.46 -57.92 53.35
N VAL A 613 5.66 -58.43 53.07
CA VAL A 613 6.27 -59.44 53.93
C VAL A 613 6.53 -58.89 55.32
N ARG A 614 6.89 -57.61 55.43
CA ARG A 614 7.23 -57.03 56.71
C ARG A 614 6.06 -57.11 57.70
N ASP A 615 4.87 -56.73 57.23
CA ASP A 615 3.70 -56.75 58.12
C ASP A 615 3.34 -58.18 58.53
N ARG A 616 3.41 -59.13 57.60
CA ARG A 616 3.11 -60.51 57.93
C ARG A 616 4.11 -61.06 58.95
N VAL A 617 5.40 -60.75 58.76
CA VAL A 617 6.41 -61.23 59.69
C VAL A 617 6.21 -60.63 61.07
N ALA A 618 5.91 -59.33 61.13
CA ALA A 618 5.64 -58.69 62.42
C ALA A 618 4.42 -59.30 63.09
N PHE A 619 3.37 -59.57 62.31
CA PHE A 619 2.17 -60.19 62.85
C PHE A 619 2.49 -61.57 63.44
N ALA A 620 3.24 -62.38 62.69
CA ALA A 620 3.60 -63.70 63.18
C ALA A 620 4.45 -63.63 64.43
N CYS A 621 5.42 -62.72 64.47
CA CYS A 621 6.29 -62.60 65.63
C CYS A 621 5.50 -62.14 66.85
N LYS A 622 4.56 -61.21 66.67
CA LYS A 622 3.81 -60.69 67.80
C LYS A 622 2.75 -61.67 68.30
N PHE A 623 2.17 -62.49 67.43
CA PHE A 623 1.05 -63.32 67.82
C PHE A 623 1.36 -64.81 67.76
N LEU A 624 1.90 -65.30 66.65
CA LEU A 624 2.12 -66.74 66.49
C LEU A 624 3.15 -67.24 67.49
N SER A 625 2.86 -68.40 68.08
CA SER A 625 3.78 -69.00 69.05
C SER A 625 5.01 -69.55 68.34
N ASP A 626 6.11 -69.65 69.10
CA ASP A 626 7.40 -69.99 68.50
C ASP A 626 7.38 -71.35 67.83
N THR A 627 6.75 -72.34 68.45
CA THR A 627 6.69 -73.68 67.89
C THR A 627 6.11 -73.70 66.48
N GLN A 628 5.13 -72.84 66.21
CA GLN A 628 4.60 -72.68 64.86
C GLN A 628 5.14 -71.45 64.15
N LEU A 629 5.69 -70.48 64.88
CA LEU A 629 6.37 -69.36 64.23
C LEU A 629 7.54 -69.83 63.40
N ASN A 630 8.32 -70.77 63.93
CA ASN A 630 9.45 -71.29 63.17
C ASN A 630 9.00 -71.98 61.89
N ARG A 631 7.93 -72.78 61.96
CA ARG A 631 7.43 -73.45 60.77
C ARG A 631 6.89 -72.45 59.75
N TYR A 632 6.15 -71.44 60.22
CA TYR A 632 5.63 -70.42 59.30
C TYR A 632 6.77 -69.65 58.64
N ILE A 633 7.80 -69.31 59.40
CA ILE A 633 8.93 -68.59 58.83
C ILE A 633 9.67 -69.46 57.84
N GLU A 634 9.77 -70.76 58.12
CA GLU A 634 10.40 -71.68 57.17
C GLU A 634 9.62 -71.72 55.86
N LYS A 635 8.29 -71.84 55.94
CA LYS A 635 7.47 -71.86 54.73
C LYS A 635 7.59 -70.55 53.96
N LEU A 636 7.52 -69.42 54.68
CA LEU A 636 7.58 -68.12 54.03
C LEU A 636 8.94 -67.90 53.37
N THR A 637 10.02 -68.27 54.04
CA THR A 637 11.35 -68.11 53.46
C THR A 637 11.54 -69.02 52.26
N ASN A 638 11.03 -70.25 52.33
CA ASN A 638 11.11 -71.13 51.17
C ASN A 638 10.37 -70.56 49.98
N GLU A 639 9.16 -70.04 50.21
CA GLU A 639 8.42 -69.38 49.13
C GLU A 639 9.16 -68.16 48.61
N MET A 640 9.77 -67.39 49.51
CA MET A 640 10.48 -66.18 49.10
C MET A 640 11.66 -66.54 48.21
N LYS A 641 12.40 -67.58 48.58
CA LYS A 641 13.54 -68.02 47.79
C LYS A 641 13.10 -68.59 46.45
N GLU A 642 12.01 -69.37 46.45
CA GLU A 642 11.52 -69.92 45.19
C GLU A 642 11.04 -68.83 44.24
N ALA A 643 10.42 -67.77 44.77
CA ALA A 643 9.97 -66.66 43.95
C ALA A 643 11.07 -65.67 43.63
N GLY A 644 12.07 -65.55 44.51
CA GLY A 644 13.18 -64.66 44.27
C GLY A 644 12.94 -63.21 44.61
N ASN A 645 11.81 -62.89 45.26
CA ASN A 645 11.54 -61.51 45.63
C ASN A 645 12.50 -61.06 46.72
N LEU A 646 12.90 -59.79 46.67
CA LEU A 646 13.88 -59.23 47.58
C LEU A 646 13.33 -58.94 48.96
N GLU A 647 12.01 -58.99 49.14
CA GLU A 647 11.44 -58.79 50.47
C GLU A 647 11.82 -59.91 51.43
N GLY A 648 12.30 -61.04 50.92
CA GLY A 648 12.76 -62.12 51.77
C GLY A 648 14.13 -61.92 52.39
N ILE A 649 14.84 -60.88 51.99
CA ILE A 649 16.14 -60.58 52.61
C ILE A 649 15.94 -60.31 54.10
N LEU A 650 14.84 -59.63 54.45
CA LEU A 650 14.49 -59.47 55.85
C LEU A 650 14.44 -60.81 56.58
N LEU A 651 13.87 -61.83 55.92
CA LEU A 651 13.80 -63.15 56.52
C LEU A 651 15.13 -63.88 56.45
N THR A 652 15.63 -64.10 55.23
CA THR A 652 16.87 -64.87 55.06
C THR A 652 18.05 -64.18 55.71
N GLY A 653 18.17 -62.87 55.53
CA GLY A 653 19.34 -62.14 55.94
C GLY A 653 20.51 -62.38 54.99
N LEU A 654 21.59 -61.65 55.24
CA LEU A 654 22.81 -61.81 54.45
C LEU A 654 23.50 -63.10 54.89
N THR A 655 22.98 -64.22 54.39
CA THR A 655 23.49 -65.55 54.71
C THR A 655 23.42 -66.40 53.46
N LYS A 656 23.62 -67.71 53.62
CA LYS A 656 23.53 -68.63 52.49
C LYS A 656 22.13 -68.61 51.88
N ASP A 657 21.11 -68.57 52.72
CA ASP A 657 19.74 -68.41 52.22
C ASP A 657 19.59 -67.09 51.49
N GLY A 658 20.23 -66.03 51.98
CA GLY A 658 20.25 -64.78 51.27
C GLY A 658 20.92 -64.89 49.92
N VAL A 659 22.01 -65.66 49.84
CA VAL A 659 22.68 -65.87 48.57
C VAL A 659 21.78 -66.62 47.60
N ASP A 660 21.05 -67.62 48.09
CA ASP A 660 20.12 -68.35 47.22
C ASP A 660 19.00 -67.44 46.73
N LEU A 661 18.48 -66.58 47.61
CA LEU A 661 17.44 -65.64 47.21
C LEU A 661 17.97 -64.66 46.17
N MET A 662 19.20 -64.19 46.35
CA MET A 662 19.80 -63.29 45.37
C MET A 662 20.00 -64.01 44.03
N GLU A 663 20.39 -65.28 44.07
CA GLU A 663 20.53 -66.05 42.84
C GLU A 663 19.20 -66.18 42.12
N SER A 664 18.12 -66.45 42.87
CA SER A 664 16.80 -66.53 42.26
C SER A 664 16.40 -65.19 41.66
N TYR A 665 16.65 -64.09 42.39
CA TYR A 665 16.30 -62.77 41.88
C TYR A 665 17.08 -62.43 40.62
N VAL A 666 18.37 -62.76 40.59
CA VAL A 666 19.18 -62.49 39.42
C VAL A 666 18.70 -63.32 38.23
N ASP A 667 18.42 -64.60 38.46
CA ASP A 667 17.87 -65.43 37.38
C ASP A 667 16.54 -64.89 36.89
N ARG A 668 15.77 -64.26 37.77
CA ARG A 668 14.48 -63.72 37.37
C ARG A 668 14.64 -62.43 36.54
N THR A 669 15.55 -61.55 36.95
CA THR A 669 15.65 -60.24 36.32
C THR A 669 17.05 -59.85 35.87
N GLY A 670 18.11 -60.47 36.35
CA GLY A 670 19.46 -60.13 35.92
C GLY A 670 20.02 -58.86 36.50
N ASP A 671 19.41 -58.31 37.55
CA ASP A 671 19.89 -57.07 38.16
C ASP A 671 21.05 -57.41 39.10
N VAL A 672 22.23 -57.54 38.51
CA VAL A 672 23.41 -57.85 39.32
C VAL A 672 23.88 -56.67 40.15
N GLN A 673 23.48 -55.44 39.81
CA GLN A 673 23.87 -54.28 40.59
C GLN A 673 23.31 -54.37 42.00
N THR A 674 22.03 -54.72 42.12
CA THR A 674 21.41 -54.85 43.44
C THR A 674 22.07 -55.96 44.25
N ALA A 675 22.32 -57.11 43.62
CA ALA A 675 22.95 -58.22 44.32
C ALA A 675 24.35 -57.84 44.80
N SER A 676 25.11 -57.14 43.96
CA SER A 676 26.45 -56.71 44.37
C SER A 676 26.39 -55.72 45.52
N TYR A 677 25.46 -54.77 45.46
CA TYR A 677 25.37 -53.79 46.54
C TYR A 677 24.78 -54.38 47.81
N CYS A 678 23.77 -55.25 47.67
CA CYS A 678 23.12 -55.83 48.85
C CYS A 678 24.07 -56.71 49.63
N MET A 679 24.76 -57.62 48.95
CA MET A 679 25.65 -58.56 49.63
C MET A 679 26.95 -57.91 50.09
N LEU A 680 27.23 -56.69 49.69
CA LEU A 680 28.40 -55.97 50.17
C LEU A 680 28.11 -55.15 51.41
N GLN A 681 26.85 -55.11 51.87
CA GLN A 681 26.47 -54.31 53.03
C GLN A 681 26.85 -55.01 54.33
N GLY A 682 28.15 -55.19 54.52
CA GLY A 682 28.67 -55.79 55.74
C GLY A 682 28.23 -57.22 55.96
N SER A 683 28.20 -58.02 54.89
CA SER A 683 27.82 -59.41 55.03
C SER A 683 28.94 -60.21 55.72
N PRO A 684 28.59 -61.34 56.34
CA PRO A 684 29.62 -62.19 56.93
C PRO A 684 30.59 -62.72 55.87
N LEU A 685 31.81 -63.02 56.32
CA LEU A 685 32.85 -63.46 55.40
C LEU A 685 32.44 -64.72 54.63
N ASP A 686 31.61 -65.56 55.24
CA ASP A 686 31.13 -66.76 54.54
C ASP A 686 30.30 -66.37 53.31
N VAL A 687 29.47 -65.34 53.44
CA VAL A 687 28.65 -64.90 52.31
C VAL A 687 29.52 -64.39 51.18
N LEU A 688 30.50 -63.53 51.50
CA LEU A 688 31.35 -62.95 50.46
C LEU A 688 32.26 -63.99 49.84
N LYS A 689 32.70 -64.99 50.61
CA LYS A 689 33.54 -66.04 50.07
C LYS A 689 32.79 -66.95 49.11
N ASP A 690 31.46 -66.91 49.10
CA ASP A 690 30.70 -67.73 48.18
C ASP A 690 30.94 -67.29 46.74
N GLU A 691 30.93 -68.25 45.83
CA GLU A 691 31.29 -67.97 44.44
C GLU A 691 30.28 -67.05 43.77
N ARG A 692 28.98 -67.24 44.07
CA ARG A 692 27.95 -66.50 43.34
C ARG A 692 28.01 -65.01 43.60
N VAL A 693 28.29 -64.60 44.84
CA VAL A 693 28.34 -63.17 45.16
C VAL A 693 29.46 -62.48 44.39
N GLN A 694 30.66 -63.06 44.45
CA GLN A 694 31.78 -62.48 43.72
C GLN A 694 31.56 -62.56 42.21
N TYR A 695 30.85 -63.58 41.74
CA TYR A 695 30.55 -63.67 40.31
C TYR A 695 29.61 -62.55 39.87
N TRP A 696 28.58 -62.26 40.68
CA TRP A 696 27.70 -61.14 40.37
C TRP A 696 28.47 -59.82 40.41
N ILE A 697 29.37 -59.68 41.38
CA ILE A 697 30.18 -58.46 41.47
C ILE A 697 31.04 -58.29 40.21
N GLU A 698 31.69 -59.38 39.79
CA GLU A 698 32.54 -59.32 38.59
C GLU A 698 31.71 -59.02 37.35
N ASN A 699 30.51 -59.61 37.26
CA ASN A 699 29.67 -59.34 36.10
C ASN A 699 29.19 -57.89 36.08
N TYR A 700 28.86 -57.33 37.24
CA TYR A 700 28.47 -55.93 37.29
C TYR A 700 29.64 -55.02 36.91
N ARG A 701 30.84 -55.37 37.36
CA ARG A 701 32.00 -54.56 36.97
C ARG A 701 32.32 -54.71 35.49
N ASN A 702 32.07 -55.88 34.91
CA ASN A 702 32.19 -56.05 33.47
C ASN A 702 31.19 -55.18 32.74
N LEU A 703 29.96 -55.11 33.26
CA LEU A 703 28.96 -54.20 32.69
C LEU A 703 29.44 -52.76 32.76
N LEU A 704 30.01 -52.36 33.90
CA LEU A 704 30.51 -51.00 34.06
C LEU A 704 31.63 -50.71 33.07
N ASP A 705 32.54 -51.67 32.89
CA ASP A 705 33.61 -51.49 31.91
C ASP A 705 33.08 -51.42 30.49
N ALA A 706 31.97 -52.12 30.21
CA ALA A 706 31.41 -52.11 28.86
C ALA A 706 30.78 -50.77 28.51
N TRP A 707 30.44 -49.95 29.50
CA TRP A 707 29.85 -48.63 29.26
C TRP A 707 30.88 -47.51 29.41
N ARG A 708 32.17 -47.84 29.49
CA ARG A 708 33.24 -46.87 29.67
C ARG A 708 33.14 -46.12 30.99
N PHE A 709 32.39 -46.66 31.95
CA PHE A 709 32.26 -46.06 33.27
C PHE A 709 33.48 -46.41 34.14
N TRP A 710 34.64 -45.96 33.67
CA TRP A 710 35.91 -46.38 34.26
C TRP A 710 36.06 -45.83 35.68
N HIS A 711 35.79 -44.54 35.88
CA HIS A 711 35.93 -43.95 37.20
C HIS A 711 34.87 -44.50 38.16
N LYS A 712 33.64 -44.71 37.67
CA LYS A 712 32.60 -45.29 38.50
C LYS A 712 32.95 -46.72 38.88
N ARG A 713 33.52 -47.49 37.95
CA ARG A 713 33.98 -48.83 38.28
C ARG A 713 35.11 -48.79 39.30
N ALA A 714 36.01 -47.82 39.18
CA ALA A 714 37.10 -47.69 40.14
C ALA A 714 36.59 -47.37 41.54
N GLU A 715 35.62 -46.45 41.63
CA GLU A 715 35.07 -46.14 42.96
C GLU A 715 34.25 -47.29 43.50
N PHE A 716 33.61 -48.08 42.63
CA PHE A 716 32.96 -49.30 43.08
C PHE A 716 33.98 -50.28 43.65
N ASP A 717 35.13 -50.41 42.99
CA ASP A 717 36.19 -51.28 43.51
C ASP A 717 36.68 -50.79 44.87
N ILE A 718 36.85 -49.47 45.00
CA ILE A 718 37.29 -48.91 46.28
C ILE A 718 36.25 -49.18 47.36
N HIS A 719 34.96 -49.01 47.03
CA HIS A 719 33.89 -49.28 47.99
C HIS A 719 33.89 -50.74 48.41
N ARG A 720 34.06 -51.65 47.45
CA ARG A 720 34.11 -53.07 47.77
C ARG A 720 35.30 -53.40 48.66
N SER A 721 36.47 -52.84 48.35
CA SER A 721 37.64 -53.09 49.17
C SER A 721 37.44 -52.56 50.59
N LYS A 722 36.83 -51.39 50.72
CA LYS A 722 36.56 -50.84 52.06
C LYS A 722 35.61 -51.73 52.83
N LEU A 723 34.55 -52.22 52.17
CA LEU A 723 33.58 -53.05 52.89
C LEU A 723 34.02 -54.51 52.96
N ASP A 724 34.43 -55.09 51.83
CA ASP A 724 34.88 -56.47 51.81
C ASP A 724 36.39 -56.53 51.96
N PRO A 725 36.92 -57.06 53.07
CA PRO A 725 38.38 -57.13 53.23
C PRO A 725 39.00 -58.24 52.42
N SER A 726 38.25 -59.32 52.18
CA SER A 726 38.75 -60.44 51.42
C SER A 726 38.95 -60.12 49.94
N SER A 727 38.44 -58.99 49.46
CA SER A 727 38.62 -58.59 48.07
C SER A 727 40.04 -58.10 47.83
N LYS A 728 40.93 -59.00 47.44
CA LYS A 728 42.31 -58.62 47.21
C LYS A 728 42.40 -57.63 46.06
N PRO A 729 43.26 -56.61 46.16
CA PRO A 729 43.40 -55.66 45.06
C PRO A 729 44.03 -56.30 43.84
N LEU A 730 43.82 -55.65 42.70
CA LEU A 730 44.34 -56.17 41.43
C LEU A 730 45.86 -56.29 41.49
N ALA A 731 46.37 -57.43 41.04
CA ALA A 731 47.80 -57.70 41.09
C ALA A 731 48.49 -57.02 39.91
N GLN A 732 49.49 -56.19 40.20
CA GLN A 732 50.23 -55.48 39.18
C GLN A 732 51.72 -55.58 39.49
N VAL A 733 52.54 -55.17 38.51
CA VAL A 733 53.98 -55.34 38.62
C VAL A 733 54.54 -54.51 39.76
N PHE A 734 55.65 -54.97 40.32
CA PHE A 734 56.38 -54.24 41.36
C PHE A 734 57.85 -54.20 41.01
N VAL A 735 58.48 -53.08 41.35
CA VAL A 735 59.87 -52.83 40.99
C VAL A 735 60.78 -53.53 41.99
N SER A 736 61.95 -53.96 41.52
CA SER A 736 62.94 -54.62 42.35
C SER A 736 64.29 -53.95 42.19
N CYS A 737 65.11 -54.06 43.24
CA CYS A 737 66.47 -53.51 43.18
C CYS A 737 67.31 -54.30 42.19
N ASN A 738 68.20 -53.59 41.49
CA ASN A 738 69.01 -54.23 40.46
C ASN A 738 70.07 -55.15 41.05
N PHE A 739 70.51 -54.88 42.27
CA PHE A 739 71.59 -55.65 42.89
C PHE A 739 71.09 -56.70 43.86
N CYS A 740 70.31 -56.29 44.86
CA CYS A 740 69.83 -57.25 45.86
C CYS A 740 68.81 -58.21 45.27
N GLY A 741 68.04 -57.78 44.29
CA GLY A 741 67.04 -58.62 43.67
C GLY A 741 65.72 -58.68 44.41
N LYS A 742 65.59 -58.02 45.55
CA LYS A 742 64.36 -58.03 46.32
C LYS A 742 63.47 -56.85 45.90
N SER A 743 62.21 -56.93 46.30
CA SER A 743 61.26 -55.87 45.97
C SER A 743 61.59 -54.60 46.75
N ILE A 744 61.49 -53.46 46.06
CA ILE A 744 61.68 -52.16 46.72
C ILE A 744 60.37 -51.59 47.23
N SER A 745 59.24 -52.25 46.99
CA SER A 745 57.96 -51.79 47.49
C SER A 745 57.91 -51.93 49.02
N TYR A 746 57.21 -51.00 49.65
CA TYR A 746 57.09 -51.00 51.11
C TYR A 746 55.64 -51.25 51.52
N LYS A 771 68.07 -43.39 53.91
CA LYS A 771 67.90 -42.51 52.76
C LYS A 771 66.72 -42.95 51.90
N VAL A 772 65.93 -41.97 51.46
CA VAL A 772 64.76 -42.27 50.64
C VAL A 772 65.19 -42.85 49.28
N THR A 773 66.25 -42.30 48.69
CA THR A 773 66.71 -42.69 47.37
C THR A 773 67.55 -43.97 47.37
N SER A 774 67.51 -44.76 48.44
CA SER A 774 68.27 -45.99 48.54
C SER A 774 67.33 -47.18 48.66
N CYS A 775 67.81 -48.34 48.23
CA CYS A 775 67.02 -49.56 48.32
C CYS A 775 66.80 -49.91 49.79
N PRO A 776 65.56 -50.20 50.21
CA PRO A 776 65.31 -50.50 51.63
C PRO A 776 66.09 -51.68 52.16
N GLY A 777 66.32 -52.70 51.33
CA GLY A 777 66.99 -53.91 51.79
C GLY A 777 68.50 -53.81 51.90
N CYS A 778 69.17 -53.60 50.78
CA CYS A 778 70.63 -53.63 50.72
C CYS A 778 71.25 -52.24 50.71
N ARG A 779 70.47 -51.18 50.92
CA ARG A 779 70.92 -49.80 50.97
C ARG A 779 71.57 -49.34 49.67
N LYS A 780 71.47 -50.12 48.60
CA LYS A 780 72.03 -49.71 47.33
C LYS A 780 71.18 -48.60 46.72
N PRO A 781 71.79 -47.72 45.92
CA PRO A 781 71.02 -46.64 45.31
C PRO A 781 69.95 -47.18 44.36
N LEU A 782 68.78 -46.54 44.39
CA LEU A 782 67.69 -46.86 43.48
C LEU A 782 68.02 -46.35 42.08
N PRO A 783 67.30 -46.83 41.06
CA PRO A 783 67.51 -46.31 39.71
C PRO A 783 67.28 -44.80 39.67
N ARG A 784 67.93 -44.15 38.72
CA ARG A 784 67.85 -42.70 38.58
C ARG A 784 66.92 -42.32 37.45
N CYS A 785 66.23 -41.20 37.62
CA CYS A 785 65.34 -40.70 36.58
C CYS A 785 66.14 -40.38 35.31
N ALA A 786 65.52 -40.67 34.16
CA ALA A 786 66.20 -40.46 32.89
C ALA A 786 66.33 -38.99 32.51
N LEU A 787 65.71 -38.07 33.25
CA LEU A 787 65.70 -36.67 32.88
C LEU A 787 66.47 -35.80 33.88
N CYS A 788 66.10 -35.83 35.15
CA CYS A 788 66.78 -35.02 36.16
C CYS A 788 67.95 -35.75 36.81
N LEU A 789 68.19 -37.00 36.44
CA LEU A 789 69.37 -37.78 36.82
C LEU A 789 69.49 -37.99 38.32
N ILE A 790 68.47 -37.68 39.10
CA ILE A 790 68.47 -37.99 40.52
C ILE A 790 67.80 -39.34 40.72
N ASN A 791 68.16 -40.01 41.81
CA ASN A 791 67.66 -41.35 42.05
C ASN A 791 66.16 -41.31 42.38
N MET A 792 65.53 -42.47 42.24
CA MET A 792 64.11 -42.61 42.55
C MET A 792 63.91 -42.53 44.06
N GLY A 793 62.68 -42.74 44.50
CA GLY A 793 62.40 -42.82 45.92
C GLY A 793 61.27 -41.93 46.39
N THR A 794 60.33 -42.53 47.13
CA THR A 794 59.26 -41.81 47.78
C THR A 794 59.16 -42.26 49.23
N PRO A 795 58.84 -41.35 50.15
CA PRO A 795 58.70 -41.76 51.56
C PRO A 795 57.63 -42.82 51.73
N VAL A 796 57.89 -43.75 52.65
CA VAL A 796 56.97 -44.83 52.91
C VAL A 796 57.11 -45.31 54.36
N ASP A 814 46.55 -31.04 52.33
CA ASP A 814 47.66 -31.37 53.23
C ASP A 814 48.93 -31.62 52.43
N LYS A 815 50.04 -31.81 53.15
CA LYS A 815 51.31 -32.08 52.51
C LYS A 815 51.30 -33.46 51.86
N LYS A 816 51.89 -33.55 50.66
CA LYS A 816 51.95 -34.80 49.92
C LYS A 816 53.30 -35.45 50.18
N LEU A 817 53.31 -36.49 51.03
CA LEU A 817 54.55 -37.19 51.32
C LEU A 817 55.13 -37.85 50.06
N ALA A 818 54.27 -38.49 49.27
CA ALA A 818 54.66 -39.10 48.00
C ALA A 818 53.86 -38.40 46.90
N GLN A 819 54.42 -37.31 46.38
CA GLN A 819 53.72 -36.52 45.38
C GLN A 819 53.63 -37.29 44.06
N PHE A 820 52.59 -36.97 43.28
CA PHE A 820 52.32 -37.71 42.06
C PHE A 820 53.45 -37.57 41.06
N ASN A 821 53.98 -36.35 40.88
CA ASN A 821 55.01 -36.12 39.88
C ASN A 821 56.33 -36.79 40.24
N ASN A 822 56.51 -37.21 41.49
CA ASN A 822 57.72 -37.91 41.91
C ASN A 822 57.54 -39.42 41.94
N TRP A 823 56.41 -39.92 41.43
CA TRP A 823 56.15 -41.35 41.45
C TRP A 823 57.03 -42.08 40.45
N PHE A 824 57.12 -43.40 40.63
CA PHE A 824 57.78 -44.24 39.65
C PHE A 824 56.98 -44.25 38.36
N THR A 825 57.70 -44.17 37.23
CA THR A 825 57.06 -44.21 35.93
C THR A 825 58.06 -44.75 34.92
N TRP A 826 57.61 -45.67 34.08
CA TRP A 826 58.49 -46.26 33.08
C TRP A 826 57.64 -46.75 31.91
N CYS A 827 58.29 -46.90 30.76
CA CYS A 827 57.66 -47.57 29.64
C CYS A 827 57.71 -49.07 29.87
N HIS A 828 56.57 -49.74 29.70
CA HIS A 828 56.52 -51.18 29.93
C HIS A 828 57.21 -51.97 28.83
N ASN A 829 57.60 -51.34 27.73
CA ASN A 829 58.26 -52.04 26.62
C ASN A 829 59.79 -52.01 26.78
N CYS A 830 60.39 -50.83 26.83
CA CYS A 830 61.83 -50.70 26.91
C CYS A 830 62.35 -50.52 28.33
N ARG A 831 61.47 -50.57 29.34
CA ARG A 831 61.83 -50.52 30.75
C ARG A 831 62.59 -49.25 31.12
N HIS A 832 62.45 -48.20 30.34
CA HIS A 832 63.06 -46.90 30.64
C HIS A 832 61.99 -45.96 31.15
N GLY A 833 62.35 -45.12 32.11
CA GLY A 833 61.40 -44.16 32.64
C GLY A 833 62.01 -43.37 33.78
N GLY A 834 61.29 -42.31 34.15
CA GLY A 834 61.71 -41.44 35.23
C GLY A 834 60.58 -41.03 36.13
N HIS A 835 60.68 -39.86 36.75
CA HIS A 835 59.60 -39.35 37.57
C HIS A 835 58.38 -39.02 36.72
N ALA A 836 57.20 -39.16 37.31
CA ALA A 836 55.96 -39.06 36.55
C ALA A 836 55.82 -37.68 35.89
N GLY A 837 56.08 -36.62 36.65
CA GLY A 837 56.01 -35.29 36.08
C GLY A 837 57.05 -35.08 34.99
N HIS A 838 58.27 -35.55 35.21
CA HIS A 838 59.33 -35.39 34.22
C HIS A 838 58.97 -36.11 32.92
N MET A 839 58.56 -37.37 33.00
CA MET A 839 58.22 -38.12 31.80
C MET A 839 56.99 -37.53 31.11
N LEU A 840 56.00 -37.08 31.89
CA LEU A 840 54.82 -36.47 31.31
C LEU A 840 55.19 -35.22 30.52
N SER A 841 56.05 -34.36 31.08
CA SER A 841 56.49 -33.19 30.36
C SER A 841 57.31 -33.56 29.13
N TRP A 842 58.18 -34.56 29.27
CA TRP A 842 59.05 -34.96 28.17
C TRP A 842 58.25 -35.47 26.98
N PHE A 843 57.23 -36.29 27.24
CA PHE A 843 56.38 -36.79 26.17
C PHE A 843 55.31 -35.80 25.75
N ARG A 844 55.08 -34.74 26.52
CA ARG A 844 54.28 -33.63 26.03
C ARG A 844 55.08 -32.79 25.03
N ASP A 845 56.38 -32.62 25.28
CA ASP A 845 57.22 -31.85 24.37
C ASP A 845 57.82 -32.68 23.26
N HIS A 846 58.18 -33.93 23.55
CA HIS A 846 58.78 -34.83 22.56
C HIS A 846 57.89 -36.07 22.40
N ALA A 847 58.36 -37.02 21.59
CA ALA A 847 57.64 -38.27 21.39
C ALA A 847 58.60 -39.46 21.36
N GLU A 848 59.70 -39.38 22.10
CA GLU A 848 60.73 -40.40 22.07
C GLU A 848 61.14 -40.73 23.50
N CYS A 849 61.63 -41.95 23.70
CA CYS A 849 62.07 -42.38 25.01
C CYS A 849 63.22 -41.50 25.49
N PRO A 850 63.20 -41.02 26.74
CA PRO A 850 64.26 -40.13 27.20
C PRO A 850 65.65 -40.76 27.19
N VAL A 851 65.75 -42.05 27.47
CA VAL A 851 67.05 -42.71 27.54
C VAL A 851 67.68 -42.76 26.15
N SER A 852 68.96 -42.40 26.06
CA SER A 852 69.67 -42.43 24.80
C SER A 852 69.82 -43.86 24.29
N ALA A 853 70.14 -43.97 23.00
CA ALA A 853 70.31 -45.26 22.32
C ALA A 853 69.03 -46.11 22.42
N CYS A 854 67.88 -45.45 22.28
CA CYS A 854 66.59 -46.11 22.29
C CYS A 854 65.79 -45.67 21.06
N THR A 855 64.86 -46.52 20.65
CA THR A 855 63.99 -46.22 19.50
C THR A 855 62.52 -46.42 19.84
N CYS A 856 62.17 -46.46 21.12
CA CYS A 856 60.80 -46.77 21.54
C CYS A 856 59.99 -45.50 21.71
N LYS A 857 58.83 -45.44 21.05
CA LYS A 857 57.89 -44.33 21.21
C LYS A 857 56.90 -44.67 22.32
N CYS A 858 57.35 -44.46 23.56
CA CYS A 858 56.65 -44.98 24.73
C CYS A 858 55.22 -44.45 24.83
N MET A 859 55.04 -43.15 24.61
CA MET A 859 53.70 -42.57 24.74
C MET A 859 52.77 -43.04 23.64
N GLN A 860 53.28 -43.29 22.44
CA GLN A 860 52.43 -43.72 21.33
C GLN A 860 51.98 -45.16 21.47
N LEU A 861 52.68 -45.98 22.28
CA LEU A 861 52.24 -47.36 22.50
C LEU A 861 50.95 -47.41 23.30
N ASP A 862 50.69 -46.41 24.15
CA ASP A 862 49.47 -46.43 24.95
C ASP A 862 48.23 -46.36 24.07
N THR A 863 48.25 -45.54 23.04
CA THR A 863 47.11 -45.42 22.13
C THR A 863 47.55 -45.55 20.67
N LYS B 5 11.01 31.11 24.41
CA LYS B 5 11.93 31.35 23.29
C LYS B 5 12.02 30.12 22.39
N PRO B 6 11.64 30.29 21.12
CA PRO B 6 11.74 29.17 20.17
C PRO B 6 13.19 28.72 20.01
N ASP B 7 13.35 27.41 19.82
CA ASP B 7 14.67 26.81 19.69
C ASP B 7 14.69 25.84 18.52
N ILE B 8 15.85 25.75 17.88
CA ILE B 8 16.10 24.80 16.81
C ILE B 8 17.15 23.82 17.30
N LEU B 9 16.88 22.52 17.13
CA LEU B 9 17.78 21.47 17.58
C LEU B 9 17.93 20.43 16.49
N TRP B 10 19.15 20.28 15.98
CA TRP B 10 19.45 19.22 15.02
C TRP B 10 19.38 17.85 15.69
N ALA B 11 18.82 16.89 14.97
CA ALA B 11 18.81 15.52 15.46
C ALA B 11 20.23 14.94 15.42
N PRO B 12 20.56 14.05 16.35
CA PRO B 12 21.90 13.43 16.34
C PRO B 12 22.17 12.66 15.07
N HIS B 13 21.16 12.04 14.48
CA HIS B 13 21.25 11.35 13.21
C HIS B 13 20.19 11.95 12.27
N HIS B 14 19.99 11.29 11.12
CA HIS B 14 19.03 11.76 10.12
C HIS B 14 19.36 13.19 9.69
N VAL B 15 20.53 13.33 9.06
CA VAL B 15 21.12 14.63 8.77
C VAL B 15 20.23 15.54 7.94
N ASP B 16 19.09 15.05 7.46
CA ASP B 16 18.14 15.87 6.71
C ASP B 16 16.92 16.24 7.52
N ARG B 17 16.94 16.03 8.84
CA ARG B 17 15.79 16.29 9.70
C ARG B 17 16.21 17.16 10.87
N PHE B 18 15.29 18.03 11.30
CA PHE B 18 15.49 18.86 12.47
C PHE B 18 14.13 19.24 13.06
N VAL B 19 14.15 19.64 14.32
CA VAL B 19 12.94 20.01 15.05
C VAL B 19 13.09 21.45 15.51
N VAL B 20 12.08 22.27 15.24
CA VAL B 20 12.04 23.67 15.64
C VAL B 20 11.12 23.77 16.84
N CYS B 21 11.69 23.74 18.03
CA CYS B 21 10.89 23.77 19.25
C CYS B 21 10.23 25.14 19.42
N ASP B 22 8.94 25.13 19.73
CA ASP B 22 8.14 26.34 19.90
C ASP B 22 7.04 26.02 20.89
N SER B 23 5.98 26.83 20.88
CA SER B 23 4.80 26.52 21.69
C SER B 23 4.26 25.14 21.36
N GLU B 24 4.43 24.69 20.11
CA GLU B 24 4.11 23.33 19.70
C GLU B 24 5.29 22.76 18.93
N LEU B 25 5.62 21.51 19.22
CA LEU B 25 6.75 20.86 18.55
C LEU B 25 6.46 20.67 17.07
N SER B 26 7.52 20.68 16.28
CA SER B 26 7.39 20.55 14.82
C SER B 26 8.71 20.04 14.26
N LEU B 27 8.67 18.86 13.65
CA LEU B 27 9.84 18.24 13.03
C LEU B 27 9.78 18.50 11.53
N TYR B 28 10.81 19.14 10.99
CA TYR B 28 10.89 19.41 9.57
C TYR B 28 11.94 18.53 8.91
N HIS B 29 11.89 18.50 7.58
CA HIS B 29 12.85 17.74 6.78
C HIS B 29 13.47 18.68 5.75
N VAL B 30 14.80 18.78 5.77
CA VAL B 30 15.51 19.67 4.85
C VAL B 30 15.51 19.04 3.47
N GLU B 31 14.80 19.66 2.52
CA GLU B 31 14.72 19.14 1.16
C GLU B 31 15.32 20.13 0.16
N LEU B 43 8.18 25.71 4.32
CA LEU B 43 8.93 26.94 4.16
C LEU B 43 10.19 26.71 3.34
N ARG B 44 10.86 27.80 2.96
CA ARG B 44 12.08 27.74 2.16
C ARG B 44 13.26 27.97 3.09
N LEU B 45 13.96 26.89 3.46
CA LEU B 45 15.12 27.01 4.33
C LEU B 45 16.24 27.80 3.67
N SER B 46 16.48 27.54 2.39
CA SER B 46 17.55 28.24 1.66
C SER B 46 17.07 28.64 0.27
N SER B 49 17.01 25.21 -0.80
CA SER B 49 16.54 24.17 0.11
C SER B 49 15.22 24.58 0.77
N ALA B 50 14.38 23.60 1.05
CA ALA B 50 13.07 23.84 1.67
C ALA B 50 12.85 22.85 2.80
N ALA B 51 12.00 23.22 3.74
CA ALA B 51 11.68 22.40 4.90
C ALA B 51 10.25 21.90 4.76
N THR B 52 10.08 20.58 4.84
CA THR B 52 8.77 19.95 4.75
C THR B 52 8.43 19.35 6.11
N LEU B 53 7.31 19.80 6.68
CA LEU B 53 6.91 19.32 8.00
C LEU B 53 6.56 17.85 7.95
N LEU B 54 7.06 17.08 8.92
CA LEU B 54 6.79 15.65 9.01
C LEU B 54 5.92 15.27 10.20
N SER B 55 5.97 16.03 11.29
CA SER B 55 5.16 15.73 12.46
C SER B 55 5.03 16.99 13.29
N ILE B 56 3.98 17.01 14.12
CA ILE B 56 3.73 18.15 15.02
C ILE B 56 3.08 17.64 16.29
N ASN B 57 3.72 17.88 17.44
CA ASN B 57 3.23 17.44 18.73
C ASN B 57 2.85 18.66 19.55
N SER B 58 1.61 18.70 20.02
CA SER B 58 1.11 19.79 20.85
C SER B 58 0.50 19.28 22.16
N ASP B 59 0.86 18.06 22.57
CA ASP B 59 0.32 17.47 23.78
C ASP B 59 1.17 17.75 25.00
N THR B 60 2.23 18.57 24.88
CA THR B 60 3.12 18.89 25.99
C THR B 60 3.21 20.42 26.08
N PRO B 61 2.19 21.07 26.64
CA PRO B 61 2.22 22.53 26.75
C PRO B 61 3.19 22.99 27.81
N TYR B 62 3.56 24.27 27.71
CA TYR B 62 4.49 24.91 28.65
C TYR B 62 5.83 24.16 28.68
N MET B 63 6.37 23.88 27.50
CA MET B 63 7.66 23.22 27.37
C MET B 63 8.77 24.25 27.56
N LYS B 64 9.81 23.87 28.31
CA LYS B 64 10.91 24.78 28.60
C LYS B 64 12.28 24.13 28.40
N CYS B 65 12.33 22.87 27.97
CA CYS B 65 13.60 22.19 27.74
C CYS B 65 13.36 21.00 26.82
N VAL B 66 14.17 20.89 25.78
CA VAL B 66 14.04 19.83 24.79
C VAL B 66 15.43 19.25 24.53
N ALA B 67 15.53 17.92 24.50
CA ALA B 67 16.79 17.25 24.25
C ALA B 67 16.54 15.97 23.45
N TRP B 68 17.35 15.76 22.42
CA TRP B 68 17.24 14.56 21.60
C TRP B 68 17.66 13.30 22.35
N TYR B 69 17.08 12.18 21.95
CA TYR B 69 17.49 10.86 22.41
C TYR B 69 18.69 10.43 21.59
N LEU B 70 19.84 10.28 22.24
CA LEU B 70 21.08 10.06 21.51
C LEU B 70 21.15 8.66 20.89
N ASN B 71 20.49 7.68 21.50
CA ASN B 71 20.47 6.35 20.92
C ASN B 71 19.62 6.34 19.65
N TYR B 72 20.02 5.51 18.69
CA TYR B 72 19.36 5.49 17.39
C TYR B 72 17.92 5.03 17.50
N ASP B 73 17.67 3.99 18.29
CA ASP B 73 16.34 3.39 18.38
C ASP B 73 15.71 3.71 19.72
N PRO B 74 14.53 4.34 19.77
CA PRO B 74 13.83 4.83 18.58
C PRO B 74 14.24 6.24 18.19
N GLU B 75 14.22 6.53 16.89
CA GLU B 75 14.54 7.87 16.43
C GLU B 75 13.40 8.84 16.75
N CYS B 76 13.74 10.13 16.77
CA CYS B 76 12.77 11.21 17.02
C CYS B 76 12.08 11.01 18.37
N LEU B 77 12.88 11.06 19.43
CA LEU B 77 12.40 10.95 20.80
C LEU B 77 12.86 12.21 21.53
N LEU B 78 11.93 13.13 21.77
CA LEU B 78 12.24 14.42 22.38
C LEU B 78 11.84 14.39 23.85
N ALA B 79 12.82 14.60 24.72
CA ALA B 79 12.57 14.72 26.16
C ALA B 79 12.10 16.15 26.42
N VAL B 80 10.78 16.34 26.39
CA VAL B 80 10.19 17.68 26.55
C VAL B 80 10.04 17.95 28.04
N GLY B 81 10.87 18.84 28.56
CA GLY B 81 10.79 19.23 29.96
C GLY B 81 9.73 20.28 30.19
N GLN B 82 8.61 19.88 30.79
CA GLN B 82 7.50 20.80 31.00
C GLN B 82 7.82 21.80 32.10
N ALA B 83 6.96 22.81 32.23
CA ALA B 83 7.20 23.87 33.21
C ALA B 83 6.95 23.42 34.63
N ASN B 84 6.31 22.26 34.80
CA ASN B 84 5.96 21.76 36.15
C ASN B 84 7.02 20.79 36.65
N GLY B 85 8.08 20.57 35.88
CA GLY B 85 9.13 19.63 36.25
C GLY B 85 8.97 18.26 35.64
N ARG B 86 7.80 17.94 35.09
CA ARG B 86 7.59 16.64 34.49
C ARG B 86 8.27 16.58 33.13
N VAL B 87 9.06 15.53 32.92
CA VAL B 87 9.76 15.32 31.65
C VAL B 87 8.95 14.29 30.86
N VAL B 88 8.44 14.71 29.71
CA VAL B 88 7.62 13.86 28.85
C VAL B 88 8.46 13.46 27.64
N LEU B 89 8.68 12.16 27.48
CA LEU B 89 9.49 11.64 26.38
C LEU B 89 8.60 11.47 25.14
N THR B 90 8.18 12.62 24.61
CA THR B 90 7.34 12.61 23.43
C THR B 90 8.12 12.12 22.21
N SER B 91 7.41 11.41 21.33
CA SER B 91 8.00 10.85 20.11
C SER B 91 7.54 11.73 18.94
N LEU B 92 8.34 12.75 18.63
CA LEU B 92 8.03 13.67 17.55
C LEU B 92 8.38 13.08 16.20
N PHE B 100 11.11 -0.03 20.30
CA PHE B 100 11.02 0.28 21.73
C PHE B 100 9.89 1.26 22.01
N LYS B 101 8.67 0.74 22.10
CA LYS B 101 7.50 1.57 22.36
C LYS B 101 7.31 1.87 23.85
N ASP B 102 8.10 1.25 24.73
CA ASP B 102 7.99 1.53 26.15
C ASP B 102 8.40 2.97 26.46
N LEU B 103 9.46 3.46 25.80
CA LEU B 103 9.94 4.82 26.02
C LEU B 103 9.19 5.81 25.14
N ILE B 104 7.88 5.85 25.34
CA ILE B 104 7.00 6.78 24.64
C ILE B 104 5.94 7.26 25.62
N GLY B 105 5.85 8.57 25.81
CA GLY B 105 4.93 9.13 26.78
C GLY B 105 5.36 8.99 28.22
N LYS B 106 6.61 8.63 28.47
CA LYS B 106 7.10 8.48 29.84
C LYS B 106 7.02 9.82 30.56
N GLU B 107 6.57 9.78 31.82
CA GLU B 107 6.22 11.00 32.55
C GLU B 107 7.04 11.16 33.83
N PHE B 108 8.36 11.01 33.73
CA PHE B 108 9.25 11.25 34.87
C PHE B 108 8.87 12.53 35.61
N VAL B 109 8.61 12.38 36.90
CA VAL B 109 8.07 13.48 37.71
C VAL B 109 8.95 13.70 38.92
N PRO B 110 9.30 14.94 39.25
CA PRO B 110 10.14 15.19 40.43
C PRO B 110 9.35 15.02 41.72
N LYS B 111 10.09 15.00 42.83
CA LYS B 111 9.46 14.88 44.14
C LYS B 111 8.55 16.06 44.42
N HIS B 112 9.00 17.27 44.10
CA HIS B 112 8.20 18.48 44.23
C HIS B 112 8.25 19.25 42.91
N ALA B 113 7.08 19.70 42.46
CA ALA B 113 6.97 20.32 41.15
C ALA B 113 7.60 21.71 41.14
N ARG B 114 8.34 22.01 40.08
CA ARG B 114 9.02 23.28 39.87
C ARG B 114 9.60 23.26 38.47
N GLN B 115 10.07 24.42 38.01
CA GLN B 115 10.50 24.56 36.63
C GLN B 115 11.69 23.65 36.33
N CYS B 116 11.71 23.13 35.11
CA CYS B 116 12.80 22.28 34.61
C CYS B 116 13.63 23.12 33.65
N ASN B 117 14.82 23.53 34.09
CA ASN B 117 15.60 24.49 33.32
C ASN B 117 16.30 23.82 32.15
N THR B 118 17.15 22.83 32.42
CA THR B 118 18.00 22.26 31.39
C THR B 118 17.94 20.74 31.44
N LEU B 119 18.06 20.11 30.27
CA LEU B 119 18.12 18.67 30.14
C LEU B 119 19.31 18.30 29.26
N ALA B 120 19.94 17.17 29.57
CA ALA B 120 21.15 16.77 28.85
C ALA B 120 21.31 15.26 28.96
N TRP B 121 21.16 14.56 27.84
CA TRP B 121 21.42 13.13 27.79
C TRP B 121 22.92 12.87 27.78
N ASN B 122 23.36 11.94 28.61
CA ASN B 122 24.78 11.61 28.66
C ASN B 122 25.21 10.94 27.35
N PRO B 123 26.29 11.39 26.72
CA PRO B 123 26.71 10.77 25.46
C PRO B 123 27.25 9.35 25.65
N LEU B 124 27.98 9.10 26.73
CA LEU B 124 28.49 7.75 26.97
C LEU B 124 27.35 6.76 27.22
N ASP B 125 26.37 7.17 28.02
CA ASP B 125 25.19 6.34 28.30
C ASP B 125 23.96 7.17 27.98
N SER B 126 23.29 6.84 26.87
CA SER B 126 22.20 7.65 26.33
C SER B 126 20.85 7.30 26.96
N ASN B 127 20.84 6.74 28.16
CA ASN B 127 19.60 6.39 28.83
C ASN B 127 19.54 6.90 30.27
N TRP B 128 20.11 8.09 30.53
CA TRP B 128 20.14 8.63 31.87
C TRP B 128 19.33 9.92 32.02
N LEU B 129 19.31 10.78 31.02
CA LEU B 129 18.51 12.00 30.99
C LEU B 129 18.74 12.87 32.23
N ALA B 130 19.89 13.54 32.34
CA ALA B 130 20.10 14.48 33.44
C ALA B 130 19.12 15.64 33.33
N ALA B 131 18.37 15.86 34.41
CA ALA B 131 17.38 16.91 34.47
C ALA B 131 17.77 17.95 35.50
N GLY B 132 17.65 19.22 35.14
CA GLY B 132 17.94 20.33 36.03
C GLY B 132 16.66 21.08 36.38
N LEU B 133 16.45 21.28 37.68
CA LEU B 133 15.23 21.88 38.19
C LEU B 133 15.54 23.17 38.93
N ASP B 134 14.48 23.85 39.34
CA ASP B 134 14.60 25.13 40.04
C ASP B 134 14.83 24.86 41.54
N LYS B 135 14.75 25.92 42.34
CA LYS B 135 15.02 25.80 43.77
C LYS B 135 13.86 25.12 44.49
N HIS B 136 14.16 24.60 45.67
CA HIS B 136 13.16 24.04 46.56
C HIS B 136 13.73 23.99 47.97
N ARG B 137 12.86 23.80 48.95
CA ARG B 137 13.29 23.75 50.34
C ARG B 137 14.26 22.61 50.59
N ALA B 138 13.82 21.37 50.38
CA ALA B 138 14.64 20.19 50.65
C ALA B 138 14.44 19.15 49.55
N ASP B 139 14.43 19.58 48.30
CA ASP B 139 14.33 18.68 47.16
C ASP B 139 15.53 18.89 46.25
N PHE B 140 16.10 17.78 45.77
CA PHE B 140 17.29 17.86 44.92
C PHE B 140 16.93 18.45 43.56
N SER B 141 17.82 19.28 43.03
CA SER B 141 17.57 19.99 41.78
C SER B 141 18.02 19.19 40.57
N VAL B 142 19.31 18.86 40.50
CA VAL B 142 19.86 18.13 39.36
C VAL B 142 19.60 16.64 39.53
N LEU B 143 18.50 16.16 38.99
CA LEU B 143 18.10 14.76 39.09
C LEU B 143 18.60 14.01 37.86
N ILE B 144 19.30 12.90 38.08
CA ILE B 144 19.76 12.02 37.01
C ILE B 144 18.78 10.87 36.95
N TRP B 145 17.88 10.91 35.97
CA TRP B 145 16.82 9.93 35.85
C TRP B 145 17.37 8.62 35.30
N ASP B 146 16.45 7.70 34.99
CA ASP B 146 16.78 6.43 34.34
C ASP B 146 15.71 6.15 33.31
N ILE B 147 16.07 6.23 32.03
CA ILE B 147 15.10 5.99 30.96
C ILE B 147 14.60 4.56 31.01
N CYS B 148 15.51 3.60 31.20
CA CYS B 148 15.19 2.18 31.28
C CYS B 148 14.43 1.70 30.04
N VAL B 174 5.98 8.04 35.51
CA VAL B 174 6.41 8.25 36.88
C VAL B 174 7.54 7.30 37.23
N THR B 175 8.50 7.78 38.02
CA THR B 175 9.66 6.99 38.44
C THR B 175 10.36 7.74 39.56
N LYS B 176 11.49 7.17 39.99
CA LYS B 176 12.34 7.77 41.01
C LYS B 176 13.75 7.95 40.47
N PRO B 177 14.43 9.05 40.82
CA PRO B 177 15.76 9.31 40.25
C PRO B 177 16.76 8.23 40.65
N LEU B 178 17.60 7.85 39.69
CA LEU B 178 18.71 6.96 40.01
C LEU B 178 19.78 7.68 40.80
N TYR B 179 20.07 8.93 40.45
CA TYR B 179 20.99 9.78 41.18
C TYR B 179 20.35 11.13 41.40
N GLU B 180 20.38 11.63 42.64
CA GLU B 180 19.85 12.94 42.98
C GLU B 180 20.99 13.75 43.62
N LEU B 181 21.54 14.68 42.87
CA LEU B 181 22.67 15.49 43.31
C LEU B 181 22.32 16.96 43.24
N GLY B 182 22.69 17.70 44.28
CA GLY B 182 22.44 19.13 44.33
C GLY B 182 21.14 19.47 45.02
N GLN B 183 21.23 20.04 46.22
CA GLN B 183 20.06 20.29 47.06
C GLN B 183 19.94 21.78 47.36
N ASN B 184 18.70 22.26 47.42
CA ASN B 184 18.38 23.64 47.78
C ASN B 184 19.08 24.63 46.84
N ASP B 185 19.12 24.30 45.55
CA ASP B 185 19.70 25.18 44.54
C ASP B 185 18.92 24.99 43.25
N ALA B 186 19.36 25.66 42.19
CA ALA B 186 18.69 25.63 40.90
C ALA B 186 19.71 25.39 39.81
N CYS B 187 19.73 24.18 39.25
CA CYS B 187 20.64 23.84 38.15
C CYS B 187 20.16 24.53 36.89
N LEU B 188 20.80 25.65 36.54
CA LEU B 188 20.40 26.41 35.37
C LEU B 188 20.84 25.76 34.06
N SER B 189 21.97 25.06 34.06
CA SER B 189 22.47 24.42 32.85
C SER B 189 23.10 23.08 33.20
N LEU B 190 23.10 22.18 32.21
CA LEU B 190 23.70 20.86 32.36
C LEU B 190 24.52 20.54 31.11
N CYS B 191 25.66 19.90 31.33
CA CYS B 191 26.52 19.49 30.22
C CYS B 191 27.39 18.33 30.68
N TRP B 192 27.09 17.14 30.18
CA TRP B 192 27.89 15.96 30.50
C TRP B 192 29.28 16.11 29.89
N LEU B 193 30.29 15.75 30.65
CA LEU B 193 31.65 15.79 30.12
C LEU B 193 31.84 14.65 29.13
N PRO B 194 32.25 14.93 27.89
CA PRO B 194 32.36 13.87 26.89
C PRO B 194 33.34 12.78 27.25
N ARG B 195 34.42 13.11 27.96
CA ARG B 195 35.46 12.12 28.26
C ARG B 195 35.00 11.16 29.35
N ASP B 196 34.71 11.68 30.53
CA ASP B 196 34.30 10.84 31.66
C ASP B 196 32.86 10.38 31.48
N GLN B 197 32.60 9.14 31.88
CA GLN B 197 31.26 8.58 31.72
C GLN B 197 30.25 9.31 32.59
N LYS B 198 30.62 9.61 33.84
CA LYS B 198 29.69 10.23 34.80
C LYS B 198 30.36 11.44 35.45
N LEU B 199 30.28 12.59 34.77
CA LEU B 199 30.65 13.88 35.36
C LEU B 199 29.84 14.95 34.63
N LEU B 200 28.76 15.41 35.26
CA LEU B 200 27.90 16.43 34.69
C LEU B 200 28.27 17.77 35.32
N LEU B 201 28.78 18.68 34.51
CA LEU B 201 29.14 20.02 34.97
C LEU B 201 27.88 20.87 35.00
N ALA B 202 27.33 21.11 36.18
CA ALA B 202 26.05 21.78 36.35
C ALA B 202 26.25 23.23 36.77
N GLY B 203 25.53 24.13 36.12
CA GLY B 203 25.56 25.52 36.49
C GLY B 203 24.45 25.86 37.47
N MET B 204 24.79 25.91 38.75
CA MET B 204 23.81 26.15 39.81
C MET B 204 23.49 27.64 39.89
N HIS B 205 22.82 28.05 40.97
CA HIS B 205 22.43 29.45 41.12
C HIS B 205 23.64 30.36 41.24
N ARG B 206 24.74 29.87 41.82
CA ARG B 206 25.92 30.71 42.01
C ARG B 206 27.24 29.99 41.77
N ASN B 207 27.23 28.74 41.31
CA ASN B 207 28.47 28.00 41.15
C ASN B 207 28.36 27.06 39.96
N LEU B 208 29.51 26.78 39.33
CA LEU B 208 29.60 25.81 38.25
C LEU B 208 30.09 24.49 38.84
N ALA B 209 29.20 23.84 39.58
CA ALA B 209 29.56 22.61 40.27
C ALA B 209 29.76 21.47 39.28
N ILE B 210 30.85 20.73 39.46
CA ILE B 210 31.14 19.55 38.64
C ILE B 210 30.75 18.35 39.50
N PHE B 211 29.52 17.88 39.31
CA PHE B 211 29.00 16.79 40.12
C PHE B 211 29.63 15.47 39.68
N ASP B 212 30.21 14.75 40.64
CA ASP B 212 30.77 13.43 40.42
C ASP B 212 29.73 12.38 40.83
N LEU B 213 29.15 11.70 39.85
CA LEU B 213 28.14 10.70 40.14
C LEU B 213 28.70 9.51 40.91
N ARG B 214 30.02 9.28 40.83
CA ARG B 214 30.62 8.20 41.59
C ARG B 214 30.49 8.45 43.09
N ASN B 215 30.72 9.69 43.52
CA ASN B 215 30.59 10.09 44.93
C ASN B 215 29.90 11.45 44.94
N THR B 216 28.57 11.43 45.03
CA THR B 216 27.78 12.65 45.00
C THR B 216 28.10 13.56 46.19
N LYS B 219 33.05 17.15 44.15
CA LYS B 219 32.25 18.26 43.62
C LYS B 219 33.02 19.57 43.67
N MET B 220 33.76 19.88 42.61
CA MET B 220 34.54 21.10 42.52
C MET B 220 33.64 22.23 42.06
N PHE B 221 33.61 23.33 42.83
CA PHE B 221 32.76 24.46 42.55
C PHE B 221 33.59 25.73 42.44
N VAL B 222 33.24 26.57 41.47
CA VAL B 222 33.88 27.87 41.28
C VAL B 222 32.76 28.91 41.35
N ASN B 223 32.68 29.63 42.47
CA ASN B 223 31.59 30.57 42.70
C ASN B 223 31.76 31.77 41.78
N THR B 224 30.98 31.80 40.70
CA THR B 224 31.00 32.89 39.74
C THR B 224 29.56 33.19 39.31
N LYS B 225 29.39 34.36 38.69
CA LYS B 225 28.08 34.77 38.22
C LYS B 225 27.71 34.17 36.87
N ALA B 226 28.66 33.54 36.17
CA ALA B 226 28.41 32.93 34.87
C ALA B 226 28.09 31.46 35.11
N VAL B 227 26.79 31.13 35.11
CA VAL B 227 26.34 29.77 35.41
C VAL B 227 25.31 29.26 34.42
N GLN B 228 24.99 30.02 33.37
CA GLN B 228 23.95 29.62 32.43
C GLN B 228 24.55 29.11 31.13
N GLY B 229 23.82 28.18 30.50
CA GLY B 229 24.17 27.69 29.17
C GLY B 229 25.52 27.04 29.07
N VAL B 230 25.85 26.14 30.01
CA VAL B 230 27.13 25.47 29.98
C VAL B 230 27.19 24.52 28.79
N THR B 231 28.20 24.70 27.94
CA THR B 231 28.43 23.84 26.78
C THR B 231 29.92 23.53 26.71
N VAL B 232 30.26 22.26 26.86
CA VAL B 232 31.65 21.83 26.77
C VAL B 232 32.01 21.70 25.29
N ASP B 233 33.07 22.39 24.87
CA ASP B 233 33.52 22.31 23.48
C ASP B 233 33.98 20.88 23.18
N PRO B 234 33.48 20.25 22.11
CA PRO B 234 33.77 18.82 21.92
C PRO B 234 35.24 18.52 21.66
N TYR B 235 35.87 19.23 20.73
CA TYR B 235 37.25 18.92 20.36
C TYR B 235 38.21 19.12 21.53
N PHE B 236 38.05 20.21 22.27
CA PHE B 236 38.85 20.48 23.46
C PHE B 236 38.01 20.14 24.68
N HIS B 237 38.17 18.91 25.18
CA HIS B 237 37.38 18.42 26.30
C HIS B 237 37.72 19.09 27.62
N ASP B 238 38.75 19.92 27.67
CA ASP B 238 39.15 20.62 28.89
C ASP B 238 38.71 22.08 28.89
N ARG B 239 37.92 22.50 27.90
CA ARG B 239 37.44 23.87 27.81
C ARG B 239 35.92 23.88 27.91
N VAL B 240 35.39 24.77 28.74
CA VAL B 240 33.95 24.89 28.95
C VAL B 240 33.54 26.34 28.74
N ALA B 241 32.26 26.54 28.43
CA ALA B 241 31.72 27.86 28.17
C ALA B 241 30.50 28.09 29.04
N SER B 242 30.29 29.36 29.40
CA SER B 242 29.14 29.76 30.21
C SER B 242 28.97 31.26 30.06
N PHE B 243 27.72 31.71 29.95
CA PHE B 243 27.41 33.11 29.72
C PHE B 243 26.52 33.65 30.82
N TYR B 244 26.81 34.87 31.26
CA TYR B 244 25.98 35.59 32.23
C TYR B 244 25.63 36.94 31.62
N GLU B 245 24.33 37.22 31.53
CA GLU B 245 23.84 38.44 30.92
C GLU B 245 24.38 38.61 29.50
N GLY B 246 25.24 39.61 29.29
CA GLY B 246 25.83 39.86 28.00
C GLY B 246 27.27 39.41 27.84
N GLN B 247 27.84 38.72 28.83
CA GLN B 247 29.23 38.28 28.78
C GLN B 247 29.29 36.77 28.73
N VAL B 248 30.22 36.24 27.94
CA VAL B 248 30.44 34.81 27.81
C VAL B 248 31.87 34.50 28.27
N ALA B 249 32.00 33.51 29.14
CA ALA B 249 33.28 33.16 29.74
C ALA B 249 33.72 31.78 29.27
N ILE B 250 35.02 31.63 29.03
CA ILE B 250 35.63 30.38 28.62
C ILE B 250 36.43 29.84 29.79
N TRP B 251 36.15 28.59 30.17
CA TRP B 251 36.78 27.97 31.33
C TRP B 251 37.80 26.93 30.91
N ASP B 252 38.61 26.51 31.87
CA ASP B 252 39.61 25.46 31.69
C ASP B 252 39.47 24.47 32.84
N LEU B 253 39.00 23.27 32.54
CA LEU B 253 38.76 22.27 33.58
C LEU B 253 40.03 21.87 34.32
N ARG B 254 41.19 21.93 33.65
CA ARG B 254 42.44 21.61 34.31
C ARG B 254 42.87 22.69 35.28
N LYS B 255 42.36 23.90 35.14
CA LYS B 255 42.67 25.04 36.00
C LYS B 255 41.39 25.69 36.50
N PHE B 256 40.47 24.87 37.00
CA PHE B 256 39.15 25.33 37.38
C PHE B 256 39.17 26.19 38.64
N GLU B 257 39.77 27.36 38.56
CA GLU B 257 39.77 28.34 39.64
C GLU B 257 39.25 29.69 39.21
N LYS B 258 39.59 30.13 38.00
CA LYS B 258 39.16 31.41 37.45
C LYS B 258 38.94 31.24 35.96
N PRO B 259 38.06 32.05 35.36
CA PRO B 259 37.85 31.96 33.91
C PRO B 259 39.10 32.39 33.15
N VAL B 260 39.58 31.51 32.27
CA VAL B 260 40.81 31.79 31.53
C VAL B 260 40.62 33.00 30.62
N LEU B 261 39.49 33.06 29.92
CA LEU B 261 39.21 34.16 29.01
C LEU B 261 37.78 34.64 29.21
N THR B 262 37.61 35.96 29.18
CA THR B 262 36.29 36.59 29.27
C THR B 262 36.09 37.36 27.97
N LEU B 263 35.20 36.85 27.12
CA LEU B 263 35.01 37.41 25.79
C LEU B 263 34.33 38.77 25.88
N THR B 264 34.12 39.39 24.72
CA THR B 264 33.51 40.71 24.66
C THR B 264 32.09 40.67 25.18
N GLU B 265 31.72 41.70 25.94
CA GLU B 265 30.39 41.80 26.54
C GLU B 265 29.48 42.54 25.58
N GLN B 266 28.58 41.80 24.92
CA GLN B 266 27.63 42.42 24.03
C GLN B 266 26.62 43.25 24.82
N PRO B 267 26.08 44.31 24.22
CA PRO B 267 25.08 45.12 24.94
C PRO B 267 23.84 44.34 25.35
N LYS B 268 23.18 43.70 24.38
CA LYS B 268 22.02 42.88 24.70
C LYS B 268 22.46 41.58 25.35
N PRO B 269 21.68 41.06 26.29
CA PRO B 269 22.05 39.78 26.93
C PRO B 269 22.06 38.63 25.94
N LEU B 270 22.97 37.70 26.17
CA LEU B 270 23.08 36.53 25.30
C LEU B 270 21.92 35.57 25.55
N THR B 271 21.47 34.93 24.48
CA THR B 271 20.36 33.99 24.56
C THR B 271 20.77 32.54 24.34
N LYS B 272 21.86 32.28 23.62
CA LYS B 272 22.32 30.91 23.40
C LYS B 272 23.77 30.94 22.96
N VAL B 273 24.63 30.19 23.65
CA VAL B 273 26.03 30.04 23.29
C VAL B 273 26.29 28.56 23.06
N ALA B 274 26.70 28.20 21.85
CA ALA B 274 26.91 26.81 21.47
C ALA B 274 28.23 26.67 20.75
N TRP B 275 28.98 25.63 21.10
CA TRP B 275 30.25 25.36 20.44
C TRP B 275 30.02 24.79 19.04
N CYS B 276 31.09 24.74 18.26
CA CYS B 276 31.02 24.22 16.90
C CYS B 276 31.56 22.80 16.87
N PRO B 277 30.73 21.79 16.61
CA PRO B 277 31.23 20.41 16.50
C PRO B 277 31.87 20.10 15.16
N THR B 278 31.97 21.07 14.25
CA THR B 278 32.59 20.88 12.95
C THR B 278 33.98 21.51 12.86
N ARG B 279 34.12 22.74 13.32
CA ARG B 279 35.39 23.44 13.27
C ARG B 279 36.26 23.00 14.44
N THR B 280 37.40 23.66 14.63
CA THR B 280 38.33 23.36 15.72
C THR B 280 38.14 24.31 16.89
N GLY B 281 36.89 24.70 17.15
CA GLY B 281 36.58 25.64 18.21
C GLY B 281 36.04 26.94 17.68
N LEU B 282 34.72 27.08 17.70
CA LEU B 282 34.05 28.30 17.22
C LEU B 282 32.77 28.46 18.03
N LEU B 283 32.85 29.25 19.10
CA LEU B 283 31.75 29.43 20.03
C LEU B 283 30.84 30.54 19.51
N ALA B 284 29.89 30.16 18.66
CA ALA B 284 28.90 31.11 18.19
C ALA B 284 28.08 31.63 19.35
N THR B 285 27.90 32.95 19.41
CA THR B 285 27.26 33.62 20.55
C THR B 285 26.07 34.42 20.06
N LEU B 286 24.88 33.85 20.17
CA LEU B 286 23.66 34.58 19.85
C LEU B 286 23.40 35.66 20.88
N THR B 287 22.78 36.75 20.44
CA THR B 287 22.40 37.84 21.31
C THR B 287 20.92 38.15 21.12
N ARG B 288 20.26 38.53 22.22
CA ARG B 288 18.83 38.82 22.17
C ARG B 288 18.56 40.04 21.30
N ASP B 289 17.51 39.93 20.47
CA ASP B 289 17.12 41.00 19.55
C ASP B 289 18.27 41.41 18.62
N SER B 290 19.05 40.42 18.21
CA SER B 290 20.18 40.64 17.31
C SER B 290 20.07 39.72 16.11
N ASN B 291 20.23 40.29 14.92
CA ASN B 291 20.15 39.51 13.68
C ASN B 291 21.49 38.96 13.25
N ILE B 292 22.55 39.16 14.03
CA ILE B 292 23.90 38.73 13.68
C ILE B 292 24.37 37.74 14.73
N ILE B 293 24.88 36.60 14.27
CA ILE B 293 25.44 35.57 15.16
C ILE B 293 26.92 35.92 15.33
N ARG B 294 27.28 36.41 16.50
CA ARG B 294 28.66 36.80 16.79
C ARG B 294 29.49 35.54 17.00
N LEU B 295 30.06 35.02 15.93
CA LEU B 295 30.86 33.80 15.99
C LEU B 295 32.26 34.15 16.52
N TYR B 296 32.33 34.29 17.83
CA TYR B 296 33.58 34.62 18.49
C TYR B 296 34.49 33.40 18.55
N ASP B 297 35.29 33.21 17.50
CA ASP B 297 36.16 32.03 17.42
C ASP B 297 37.21 32.07 18.51
N MET B 298 37.28 30.99 19.29
CA MET B 298 38.28 30.84 20.35
C MET B 298 39.55 30.15 19.87
N GLN B 299 39.77 30.10 18.56
CA GLN B 299 40.96 29.45 18.02
C GLN B 299 42.21 30.29 18.27
N ILE B 313 42.02 35.19 19.41
CA ILE B 313 40.59 34.91 19.25
C ILE B 313 39.97 35.87 18.23
N ILE B 314 40.00 35.47 16.96
CA ILE B 314 39.43 36.29 15.91
C ILE B 314 37.91 36.27 16.02
N GLU B 315 37.30 37.46 16.01
CA GLU B 315 35.86 37.60 16.14
C GLU B 315 35.23 37.90 14.78
N ARG B 316 34.22 37.12 14.41
CA ARG B 316 33.50 37.30 13.16
C ARG B 316 32.00 37.25 13.43
N SER B 317 31.24 37.90 12.55
CA SER B 317 29.80 37.96 12.67
C SER B 317 29.14 37.59 11.35
N VAL B 318 27.99 36.94 11.45
CA VAL B 318 27.22 36.51 10.29
C VAL B 318 25.78 36.93 10.49
N GLN B 319 25.19 37.58 9.47
CA GLN B 319 23.80 38.03 9.50
C GLN B 319 23.00 37.21 8.50
N PRO B 320 22.49 36.04 8.88
CA PRO B 320 21.77 35.21 7.89
C PRO B 320 20.33 35.63 7.65
N CYS B 321 19.73 36.41 8.54
CA CYS B 321 18.34 36.81 8.39
C CYS B 321 18.21 38.31 8.62
N ASP B 322 17.19 38.90 8.00
CA ASP B 322 16.92 40.32 8.16
C ASP B 322 16.19 40.65 9.46
N ASN B 323 15.63 39.65 10.13
CA ASN B 323 14.91 39.84 11.38
C ASN B 323 15.72 39.26 12.53
N TYR B 324 15.17 39.40 13.74
CA TYR B 324 15.83 38.89 14.92
C TYR B 324 15.89 37.36 14.90
N ILE B 325 16.87 36.81 15.60
CA ILE B 325 17.11 35.38 15.66
C ILE B 325 16.72 34.85 17.03
N ALA B 326 15.91 33.79 17.06
CA ALA B 326 15.52 33.18 18.32
C ALA B 326 16.60 32.23 18.84
N SER B 327 16.94 31.22 18.04
CA SER B 327 17.96 30.26 18.45
C SER B 327 18.51 29.57 17.21
N PHE B 328 19.82 29.32 17.22
CA PHE B 328 20.49 28.61 16.13
C PHE B 328 20.84 27.19 16.58
N ALA B 329 21.43 26.42 15.67
CA ALA B 329 21.77 25.04 15.95
C ALA B 329 22.84 24.59 14.98
N TRP B 330 24.02 24.23 15.50
CA TRP B 330 25.05 23.63 14.67
C TRP B 330 24.68 22.19 14.34
N HIS B 331 24.93 21.79 13.10
CA HIS B 331 24.65 20.42 12.69
C HIS B 331 25.82 19.53 13.06
N PRO B 332 25.60 18.47 13.85
CA PRO B 332 26.72 17.58 14.20
C PRO B 332 27.37 16.90 13.01
N THR B 333 26.58 16.55 11.98
CA THR B 333 27.09 15.85 10.82
C THR B 333 27.46 16.79 9.67
N SER B 334 26.57 17.71 9.32
CA SER B 334 26.86 18.65 8.24
C SER B 334 28.01 19.56 8.62
N GLN B 335 28.82 19.92 7.63
CA GLN B 335 30.02 20.73 7.86
C GLN B 335 29.59 22.16 8.17
N ASN B 336 29.42 22.46 9.45
CA ASN B 336 29.16 23.82 9.94
C ASN B 336 27.87 24.39 9.33
N ARG B 337 26.76 23.73 9.64
CA ARG B 337 25.44 24.22 9.28
C ARG B 337 24.91 25.11 10.39
N MET B 338 24.11 26.09 10.01
CA MET B 338 23.71 27.20 10.88
C MET B 338 22.22 27.46 10.81
N ILE B 339 21.42 26.41 10.99
CA ILE B 339 19.95 26.55 11.00
C ILE B 339 19.54 27.67 11.94
N VAL B 340 18.84 28.67 11.40
CA VAL B 340 18.41 29.85 12.14
C VAL B 340 16.90 29.91 12.13
N VAL B 341 16.31 30.10 13.31
CA VAL B 341 14.86 30.23 13.46
C VAL B 341 14.55 31.61 14.00
N THR B 342 13.74 32.36 13.27
CA THR B 342 13.23 33.66 13.67
C THR B 342 12.00 33.50 14.54
N PRO B 343 11.62 34.53 15.31
CA PRO B 343 10.36 34.44 16.07
C PRO B 343 9.15 34.19 15.21
N ASN B 344 9.18 34.61 13.94
CA ASN B 344 8.12 34.32 12.99
C ASN B 344 8.30 32.98 12.29
N ARG B 345 9.09 32.07 12.89
CA ARG B 345 9.34 30.73 12.36
C ARG B 345 10.00 30.76 10.98
N THR B 346 10.76 31.81 10.68
CA THR B 346 11.45 31.92 9.39
C THR B 346 12.73 31.09 9.47
N MET B 347 12.56 29.78 9.34
CA MET B 347 13.68 28.85 9.41
C MET B 347 14.58 29.04 8.21
N SER B 348 15.75 29.64 8.42
CA SER B 348 16.71 29.90 7.36
C SER B 348 18.02 29.20 7.68
N ASP B 349 18.55 28.45 6.72
CA ASP B 349 19.82 27.76 6.86
C ASP B 349 20.90 28.66 6.27
N PHE B 350 21.80 29.13 7.12
CA PHE B 350 22.94 29.90 6.63
C PHE B 350 24.16 29.01 6.66
N THR B 351 25.23 29.45 6.01
CA THR B 351 26.50 28.73 6.06
C THR B 351 27.63 29.69 6.39
N VAL B 352 28.49 29.31 7.31
CA VAL B 352 29.58 30.21 7.72
C VAL B 352 30.65 30.36 6.64
N PHE B 353 31.41 29.28 6.38
CA PHE B 353 32.45 29.22 5.35
C PHE B 353 33.66 30.04 5.76
N GLU B 354 34.82 29.39 5.84
CA GLU B 354 36.05 30.07 6.24
C GLU B 354 36.47 31.09 5.18
N ARG B 355 37.24 32.08 5.61
CA ARG B 355 37.70 33.13 4.71
C ARG B 355 38.55 32.55 3.58
N ILE B 356 38.30 33.02 2.37
CA ILE B 356 39.00 32.52 1.19
C ILE B 356 40.28 33.30 0.99
N SER B 357 41.40 32.60 0.92
CA SER B 357 42.72 33.23 0.72
C SER B 357 43.09 33.11 -0.75
N LEU B 358 42.50 33.98 -1.57
CA LEU B 358 42.77 33.98 -3.00
C LEU B 358 44.19 34.44 -3.30
N ALA B 359 44.75 33.87 -4.36
CA ALA B 359 46.07 34.27 -4.83
C ALA B 359 46.20 33.84 -6.29
N TRP B 360 46.26 34.82 -7.19
CA TRP B 360 46.41 34.51 -8.60
C TRP B 360 47.73 33.82 -8.88
N SER B 361 47.83 33.28 -10.09
CA SER B 361 49.01 32.63 -10.63
C SER B 361 49.30 33.22 -11.99
N PRO B 362 50.55 33.12 -12.46
CA PRO B 362 50.86 33.64 -13.80
C PRO B 362 50.04 33.01 -14.92
N ILE B 363 49.55 31.79 -14.72
CA ILE B 363 48.71 31.12 -15.70
C ILE B 363 47.25 31.47 -15.43
N THR B 364 47.03 32.45 -14.56
CA THR B 364 45.69 32.95 -14.21
C THR B 364 44.82 31.84 -13.63
N SER B 365 45.25 31.32 -12.49
CA SER B 365 44.49 30.34 -11.73
C SER B 365 44.30 30.84 -10.31
N LEU B 366 43.05 30.93 -9.88
CA LEU B 366 42.72 31.44 -8.55
C LEU B 366 42.62 30.25 -7.59
N MET B 367 43.65 30.07 -6.77
CA MET B 367 43.70 28.95 -5.82
C MET B 367 42.84 29.30 -4.60
N TRP B 368 41.53 29.25 -4.82
CA TRP B 368 40.59 29.53 -3.74
C TRP B 368 40.76 28.53 -2.61
N ALA B 369 41.04 29.04 -1.41
CA ALA B 369 41.30 28.21 -0.23
C ALA B 369 40.21 28.50 0.80
N CYS B 370 39.22 27.63 0.88
CA CYS B 370 38.15 27.74 1.87
C CYS B 370 38.33 26.61 2.88
N GLY B 371 38.54 26.97 4.14
CA GLY B 371 38.76 25.97 5.17
C GLY B 371 40.09 25.28 4.97
N ARG B 372 40.06 23.95 4.90
CA ARG B 372 41.26 23.13 4.72
C ARG B 372 41.33 22.51 3.33
N HIS B 373 40.63 23.09 2.35
CA HIS B 373 40.60 22.57 0.99
C HIS B 373 41.08 23.63 0.02
N LEU B 374 41.94 23.23 -0.91
CA LEU B 374 42.47 24.13 -1.94
C LEU B 374 41.69 23.87 -3.23
N TYR B 375 40.74 24.75 -3.52
CA TYR B 375 39.93 24.66 -4.73
C TYR B 375 40.55 25.57 -5.79
N GLU B 376 41.29 24.97 -6.71
CA GLU B 376 41.96 25.72 -7.77
C GLU B 376 40.97 25.98 -8.91
N CYS B 377 40.73 27.25 -9.21
CA CYS B 377 39.81 27.60 -10.28
C CYS B 377 40.35 27.16 -11.64
N THR B 378 41.66 27.27 -11.85
CA THR B 378 42.30 26.90 -13.10
C THR B 378 41.67 27.61 -14.29
N GLU B 379 41.44 28.92 -14.12
CA GLU B 379 40.83 29.77 -15.14
C GLU B 379 39.48 29.23 -15.58
N GLU B 380 38.66 28.84 -14.61
CA GLU B 380 37.32 28.32 -14.89
C GLU B 380 36.41 29.41 -15.47
N GLU B 387 35.86 36.27 -23.67
CA GLU B 387 36.61 37.10 -22.73
C GLU B 387 38.02 37.38 -23.25
N LYS B 388 38.88 36.38 -23.18
CA LYS B 388 40.26 36.46 -23.65
C LYS B 388 41.00 37.62 -22.95
N ASP B 389 41.16 37.47 -21.64
CA ASP B 389 41.86 38.46 -20.84
C ASP B 389 43.28 38.64 -21.37
N ILE B 390 43.84 39.84 -21.14
CA ILE B 390 45.16 40.16 -21.68
C ILE B 390 46.22 39.21 -21.13
N ALA B 391 46.09 38.82 -19.86
CA ALA B 391 47.02 37.85 -19.29
C ALA B 391 46.91 36.52 -20.02
N THR B 392 45.68 36.08 -20.30
CA THR B 392 45.48 34.84 -21.05
C THR B 392 45.83 35.02 -22.52
N LYS B 393 45.57 36.22 -23.06
CA LYS B 393 45.82 36.47 -24.47
C LYS B 393 47.29 36.33 -24.82
N MET B 394 48.18 36.88 -23.98
CA MET B 394 49.60 36.86 -24.29
C MET B 394 50.15 35.44 -24.33
N ARG B 395 49.59 34.55 -23.51
CA ARG B 395 50.08 33.18 -23.46
C ARG B 395 49.92 32.48 -24.82
N LEU B 396 48.77 32.66 -25.46
CA LEU B 396 48.57 32.06 -26.77
C LEU B 396 49.39 32.76 -27.84
N ARG B 397 49.60 34.07 -27.71
CA ARG B 397 50.43 34.80 -28.67
C ARG B 397 51.86 34.29 -28.64
N ALA B 398 52.46 34.25 -27.44
CA ALA B 398 53.86 33.81 -27.33
C ALA B 398 54.02 32.35 -27.70
N LEU B 399 52.97 31.53 -27.47
CA LEU B 399 53.03 30.13 -27.86
C LEU B 399 53.11 29.95 -29.36
N SER B 400 52.68 30.94 -30.14
CA SER B 400 52.71 30.88 -31.60
C SER B 400 53.79 31.79 -32.19
N ARG B 401 54.77 32.19 -31.38
CA ARG B 401 55.86 33.07 -31.83
C ARG B 401 55.32 34.36 -32.44
N TYR B 402 54.43 35.02 -31.70
CA TYR B 402 53.86 36.27 -32.15
C TYR B 402 54.94 37.34 -32.29
N GLY B 403 54.85 38.12 -33.36
CA GLY B 403 55.76 39.22 -33.57
C GLY B 403 57.13 38.83 -34.08
N LEU B 404 57.71 37.77 -33.49
CA LEU B 404 59.08 37.37 -33.84
C LEU B 404 59.21 36.97 -35.30
N ASP B 405 58.13 36.53 -35.94
CA ASP B 405 58.15 36.16 -37.35
C ASP B 405 58.17 37.43 -38.21
N THR B 406 59.34 38.06 -38.25
CA THR B 406 59.50 39.32 -38.96
C THR B 406 59.93 39.11 -40.41
N GLU B 407 59.20 38.24 -41.10
CA GLU B 407 59.35 38.09 -42.55
C GLU B 407 58.06 38.47 -43.26
N GLN B 408 56.94 37.83 -42.93
CA GLN B 408 55.63 38.26 -43.38
C GLN B 408 54.95 39.05 -42.26
N VAL B 409 55.41 40.30 -42.10
CA VAL B 409 54.91 41.15 -41.02
C VAL B 409 53.41 41.35 -41.14
N TRP B 410 52.90 41.39 -42.37
CA TRP B 410 51.47 41.51 -42.58
C TRP B 410 50.71 40.29 -42.07
N ARG B 411 51.40 39.17 -41.84
CA ARG B 411 50.78 37.97 -41.31
C ARG B 411 50.94 37.83 -39.80
N ASN B 412 51.55 38.81 -39.13
CA ASN B 412 51.73 38.72 -37.69
C ASN B 412 50.40 38.67 -36.96
N HIS B 413 49.43 39.49 -37.41
CA HIS B 413 48.10 39.44 -36.80
C HIS B 413 47.43 38.10 -37.04
N ILE B 414 47.72 37.45 -38.16
CA ILE B 414 47.24 36.09 -38.38
C ILE B 414 47.88 35.14 -37.36
N LEU B 415 49.18 35.31 -37.11
CA LEU B 415 49.84 34.54 -36.06
C LEU B 415 49.32 34.92 -34.68
N ALA B 416 48.67 36.07 -34.55
CA ALA B 416 48.09 36.49 -33.28
C ALA B 416 46.73 35.86 -33.02
N GLY B 417 46.18 35.13 -33.97
CA GLY B 417 44.88 34.50 -33.79
C GLY B 417 43.73 35.35 -34.30
N ASP B 420 42.15 40.94 -34.24
CA ASP B 420 41.80 42.29 -33.82
C ASP B 420 42.02 43.28 -34.95
N PRO B 421 40.98 44.07 -35.27
CA PRO B 421 41.13 45.08 -36.32
C PRO B 421 42.23 46.08 -36.06
N GLN B 422 42.42 46.48 -34.79
CA GLN B 422 43.52 47.36 -34.46
C GLN B 422 44.86 46.69 -34.72
N LEU B 423 45.01 45.43 -34.31
CA LEU B 423 46.24 44.70 -34.56
C LEU B 423 46.43 44.39 -36.03
N LYS B 424 45.34 44.09 -36.74
CA LYS B 424 45.44 43.80 -38.17
C LYS B 424 45.94 45.01 -38.95
N SER B 425 45.42 46.20 -38.64
CA SER B 425 45.87 47.41 -39.32
C SER B 425 47.25 47.85 -38.85
N LEU B 426 47.63 47.49 -37.62
CA LEU B 426 48.97 47.86 -37.13
C LEU B 426 50.05 47.07 -37.84
N TRP B 427 49.86 45.76 -37.98
CA TRP B 427 50.88 44.93 -38.59
C TRP B 427 51.01 45.20 -40.08
N TYR B 428 49.89 45.50 -40.75
CA TYR B 428 49.98 45.95 -42.14
C TYR B 428 50.79 47.23 -42.23
N THR B 429 50.56 48.18 -41.33
CA THR B 429 51.31 49.43 -41.33
C THR B 429 52.79 49.17 -41.09
N LEU B 430 53.11 48.33 -40.10
CA LEU B 430 54.51 48.01 -39.84
C LEU B 430 55.12 47.22 -41.00
N HIS B 431 54.32 46.40 -41.68
CA HIS B 431 54.81 45.71 -42.87
C HIS B 431 55.15 46.70 -43.97
N PHE B 432 54.29 47.70 -44.19
CA PHE B 432 54.55 48.69 -45.22
C PHE B 432 55.79 49.52 -44.91
N MET B 433 55.98 49.88 -43.64
CA MET B 433 57.23 50.52 -43.25
C MET B 433 58.42 49.61 -43.48
N LYS B 434 58.28 48.32 -43.15
CA LYS B 434 59.34 47.37 -43.43
C LYS B 434 59.49 47.15 -44.93
N GLN B 435 58.39 47.10 -45.67
CA GLN B 435 58.45 46.88 -47.11
C GLN B 435 59.14 48.05 -47.82
N TYR B 436 58.80 49.28 -47.44
CA TYR B 436 59.41 50.44 -48.10
C TYR B 436 60.89 50.55 -47.78
N THR B 437 61.28 50.25 -46.54
CA THR B 437 62.69 50.33 -46.18
C THR B 437 63.52 49.31 -46.94
N GLU B 438 62.99 48.10 -47.13
CA GLU B 438 63.70 47.06 -47.87
C GLU B 438 63.57 47.28 -49.36
N LEU B 451 62.95 58.51 -42.60
CA LEU B 451 61.82 59.42 -42.41
C LEU B 451 60.50 58.68 -42.47
N VAL B 452 60.52 57.49 -43.05
CA VAL B 452 59.30 56.69 -43.15
C VAL B 452 58.82 56.25 -41.77
N TYR B 453 59.75 55.94 -40.87
CA TYR B 453 59.40 55.53 -39.51
C TYR B 453 58.94 56.69 -38.64
N ALA B 454 59.04 57.92 -39.13
CA ALA B 454 58.55 59.08 -38.39
C ALA B 454 57.04 59.22 -38.44
N GLY B 455 56.36 58.41 -39.24
CA GLY B 455 54.92 58.45 -39.34
C GLY B 455 54.43 59.35 -40.46
N ILE B 456 53.13 59.24 -40.74
CA ILE B 456 52.52 60.05 -41.80
C ILE B 456 52.59 61.53 -41.44
N LYS B 457 52.38 61.85 -40.16
CA LYS B 457 52.27 63.26 -39.77
C LYS B 457 53.57 64.01 -40.04
N SER B 458 54.71 63.39 -39.76
CA SER B 458 56.00 64.05 -40.02
C SER B 458 56.35 64.05 -41.50
N ILE B 459 55.90 63.04 -42.25
CA ILE B 459 56.18 62.99 -43.68
C ILE B 459 55.50 64.14 -44.39
N VAL B 460 54.25 64.44 -44.03
CA VAL B 460 53.48 65.47 -44.73
C VAL B 460 53.79 66.88 -44.26
N LYS B 461 54.66 67.04 -43.27
CA LYS B 461 55.05 68.39 -42.85
C LYS B 461 55.85 69.09 -43.94
N SER B 462 56.76 68.38 -44.59
CA SER B 462 57.59 68.94 -45.64
C SER B 462 56.95 68.82 -47.03
N SER B 463 55.74 68.29 -47.10
CA SER B 463 55.06 68.16 -48.39
C SER B 463 54.63 69.53 -48.89
N LEU B 464 55.07 69.89 -50.10
CA LEU B 464 54.75 71.17 -50.69
C LEU B 464 54.36 70.97 -52.15
N GLY B 465 53.51 71.86 -52.65
CA GLY B 465 53.01 71.75 -54.00
C GLY B 465 51.69 71.02 -54.09
N MET B 466 50.73 71.44 -53.26
CA MET B 466 49.41 70.82 -53.21
C MET B 466 48.44 71.61 -54.07
N VAL B 467 47.67 70.90 -54.89
CA VAL B 467 46.68 71.51 -55.78
C VAL B 467 45.32 70.93 -55.46
N GLU B 468 44.30 71.77 -55.52
CA GLU B 468 42.92 71.39 -55.21
C GLU B 468 42.12 71.26 -56.50
N SER B 469 41.41 70.14 -56.63
CA SER B 469 40.59 69.88 -57.80
C SER B 469 39.18 70.43 -57.55
N SER B 470 38.83 71.50 -58.27
CA SER B 470 37.50 72.11 -58.07
C SER B 470 36.39 71.18 -58.55
N ARG B 471 36.61 70.49 -59.66
CA ARG B 471 35.61 69.60 -60.24
C ARG B 471 36.17 68.19 -60.36
N HIS B 472 35.33 67.20 -60.08
CA HIS B 472 35.73 65.80 -60.14
C HIS B 472 35.78 65.36 -61.59
N ASN B 473 36.99 65.11 -62.10
CA ASN B 473 37.19 64.65 -63.47
C ASN B 473 37.43 63.15 -63.45
N TRP B 474 36.48 62.40 -64.01
CA TRP B 474 36.57 60.95 -64.02
C TRP B 474 37.41 60.47 -65.20
N SER B 475 38.38 59.60 -64.91
CA SER B 475 39.25 59.06 -65.94
C SER B 475 38.56 57.93 -66.70
N ILE B 483 47.67 61.10 -60.44
CA ILE B 483 48.29 60.43 -59.31
C ILE B 483 49.76 60.79 -59.23
N GLN B 484 50.41 60.87 -60.40
CA GLN B 484 51.83 61.24 -60.44
C GLN B 484 52.06 62.69 -60.08
N ASN B 485 51.01 63.52 -60.10
CA ASN B 485 51.13 64.93 -59.77
C ASN B 485 51.38 65.14 -58.28
N LEU B 486 51.13 64.13 -57.45
CA LEU B 486 51.29 64.28 -56.01
C LEU B 486 52.76 64.45 -55.64
N ASN B 487 52.98 64.96 -54.44
CA ASN B 487 54.34 65.22 -53.97
C ASN B 487 55.07 63.91 -53.68
N GLU B 488 56.37 64.03 -53.41
CA GLU B 488 57.15 62.86 -53.02
C GLU B 488 56.74 62.34 -51.65
N GLU B 489 56.26 63.23 -50.77
CA GLU B 489 55.77 62.80 -49.47
C GLU B 489 54.40 62.13 -49.60
N ARG B 490 53.53 62.68 -50.45
CA ARG B 490 52.19 62.13 -50.60
C ARG B 490 52.21 60.72 -51.17
N ILE B 491 53.07 60.46 -52.16
CA ILE B 491 53.13 59.14 -52.77
C ILE B 491 53.64 58.12 -51.77
N LEU B 492 54.59 58.51 -50.91
CA LEU B 492 55.04 57.62 -49.85
C LEU B 492 53.91 57.34 -48.86
N ALA B 493 53.11 58.36 -48.54
CA ALA B 493 52.01 58.18 -47.60
C ALA B 493 50.99 57.17 -48.12
N LEU B 494 50.69 57.22 -49.42
CA LEU B 494 49.78 56.24 -49.99
C LEU B 494 50.34 54.83 -49.87
N GLN B 495 51.65 54.68 -50.04
CA GLN B 495 52.27 53.37 -49.87
C GLN B 495 52.13 52.87 -48.44
N LEU B 496 52.35 53.75 -47.47
CA LEU B 496 52.15 53.36 -46.07
C LEU B 496 50.69 53.02 -45.78
N CYS B 497 49.77 53.61 -46.52
CA CYS B 497 48.36 53.24 -46.43
C CYS B 497 48.03 52.02 -47.27
N GLY B 498 48.97 51.53 -48.08
CA GLY B 498 48.76 50.35 -48.89
C GLY B 498 48.05 50.58 -50.19
N TRP B 499 47.69 51.82 -50.51
CA TRP B 499 46.89 52.07 -51.72
C TRP B 499 47.69 51.82 -52.99
N ILE B 500 49.00 52.03 -52.97
CA ILE B 500 49.84 51.81 -54.13
C ILE B 500 50.93 50.81 -53.76
N LYS B 501 51.45 50.13 -54.79
CA LYS B 501 52.50 49.15 -54.59
C LYS B 501 53.85 49.82 -54.39
N LYS B 502 54.84 49.02 -54.01
CA LYS B 502 56.18 49.54 -53.77
C LYS B 502 56.78 50.05 -55.08
N GLY B 503 57.00 51.36 -55.15
CA GLY B 503 57.58 52.00 -56.31
C GLY B 503 56.91 53.33 -56.59
N THR B 504 57.22 53.89 -57.76
CA THR B 504 56.68 55.17 -58.18
C THR B 504 55.52 55.01 -59.17
N ASP B 505 55.02 53.80 -59.35
CA ASP B 505 53.90 53.57 -60.26
C ASP B 505 52.67 54.34 -59.79
N VAL B 506 52.23 55.31 -60.59
CA VAL B 506 51.11 56.17 -60.22
C VAL B 506 49.84 55.46 -60.69
N ASP B 507 49.37 54.53 -59.86
CA ASP B 507 48.16 53.76 -60.14
C ASP B 507 47.79 52.98 -58.89
N VAL B 508 46.51 52.63 -58.80
CA VAL B 508 45.99 51.82 -57.71
C VAL B 508 45.40 50.51 -58.21
N GLY B 509 45.62 50.17 -59.49
CA GLY B 509 45.04 49.00 -60.10
C GLY B 509 45.42 47.69 -59.43
N PRO B 510 46.71 47.46 -59.17
CA PRO B 510 47.09 46.25 -58.43
C PRO B 510 46.43 46.15 -57.07
N PHE B 511 46.25 47.27 -56.38
CA PHE B 511 45.58 47.25 -55.09
C PHE B 511 44.12 46.84 -55.24
N LEU B 512 43.45 47.31 -56.29
CA LEU B 512 42.06 46.95 -56.52
C LEU B 512 41.91 45.44 -56.74
N ASN B 513 42.81 44.84 -57.51
CA ASN B 513 42.70 43.42 -57.81
C ASN B 513 42.81 42.57 -56.55
N SER B 514 43.70 42.95 -55.63
CA SER B 514 43.83 42.22 -54.38
C SER B 514 42.55 42.31 -53.56
N LEU B 515 41.94 43.49 -53.50
CA LEU B 515 40.71 43.66 -52.73
C LEU B 515 39.57 42.82 -53.30
N VAL B 516 39.46 42.77 -54.64
CA VAL B 516 38.46 41.91 -55.26
C VAL B 516 38.77 40.45 -54.95
N GLN B 517 40.04 40.07 -55.02
CA GLN B 517 40.44 38.71 -54.64
C GLN B 517 40.17 38.46 -53.16
N GLU B 518 40.45 39.45 -52.30
CA GLU B 518 40.21 39.30 -50.87
C GLU B 518 38.74 39.30 -50.52
N GLY B 519 37.86 39.68 -51.45
CA GLY B 519 36.44 39.67 -51.22
C GLY B 519 35.86 40.98 -50.72
N GLU B 520 36.70 41.95 -50.38
CA GLU B 520 36.22 43.27 -49.95
C GLU B 520 35.74 44.01 -51.19
N TRP B 521 34.43 43.96 -51.42
CA TRP B 521 33.86 44.47 -52.66
C TRP B 521 33.40 45.92 -52.51
N GLU B 522 32.87 46.28 -51.35
CA GLU B 522 32.47 47.67 -51.12
C GLU B 522 33.68 48.57 -50.90
N ARG B 523 34.76 48.04 -50.32
CA ARG B 523 35.96 48.84 -50.14
C ARG B 523 36.65 49.11 -51.48
N ALA B 524 36.65 48.12 -52.38
CA ALA B 524 37.27 48.30 -53.68
C ALA B 524 36.58 49.40 -54.47
N ALA B 525 35.25 49.45 -54.43
CA ALA B 525 34.53 50.51 -55.12
C ALA B 525 34.90 51.88 -54.56
N ALA B 526 35.01 51.99 -53.24
CA ALA B 526 35.42 53.27 -52.64
C ALA B 526 36.83 53.65 -53.04
N VAL B 527 37.75 52.69 -53.04
CA VAL B 527 39.14 52.99 -53.39
C VAL B 527 39.26 53.36 -54.86
N ALA B 528 38.53 52.64 -55.72
CA ALA B 528 38.53 52.97 -57.14
C ALA B 528 37.92 54.35 -57.39
N LEU B 529 36.82 54.66 -56.69
CA LEU B 529 36.20 55.97 -56.85
C LEU B 529 37.13 57.08 -56.39
N PHE B 530 37.82 56.87 -55.27
CA PHE B 530 38.69 57.92 -54.73
C PHE B 530 39.84 58.25 -55.67
N ASN B 531 40.16 57.36 -56.61
CA ASN B 531 41.12 57.64 -57.67
C ASN B 531 40.46 58.24 -58.91
N LEU B 532 39.25 58.78 -58.76
CA LEU B 532 38.52 59.44 -59.85
C LEU B 532 38.26 58.48 -61.01
N ASP B 533 37.53 57.40 -60.71
CA ASP B 533 37.13 56.44 -61.74
C ASP B 533 35.76 55.87 -61.33
N ILE B 534 34.69 56.49 -61.84
CA ILE B 534 33.36 55.97 -61.60
C ILE B 534 33.19 54.62 -62.30
N ARG B 535 33.62 54.54 -63.56
CA ARG B 535 33.37 53.34 -64.36
C ARG B 535 34.00 52.11 -63.73
N ARG B 536 35.23 52.25 -63.22
CA ARG B 536 35.85 51.13 -62.51
C ARG B 536 35.09 50.80 -61.24
N ALA B 537 34.63 51.83 -60.52
CA ALA B 537 33.82 51.59 -59.32
C ALA B 537 32.52 50.88 -59.67
N ILE B 538 31.87 51.28 -60.78
CA ILE B 538 30.68 50.57 -61.24
C ILE B 538 31.04 49.14 -61.64
N GLN B 539 32.17 48.98 -62.33
CA GLN B 539 32.57 47.64 -62.78
C GLN B 539 32.85 46.72 -61.60
N ILE B 540 33.49 47.23 -60.55
CA ILE B 540 33.77 46.42 -59.37
C ILE B 540 32.47 46.01 -58.69
N LEU B 541 31.57 46.97 -58.50
CA LEU B 541 30.28 46.66 -57.89
C LEU B 541 29.47 45.71 -58.77
N ASN B 542 29.45 45.94 -60.08
CA ASN B 542 28.73 45.04 -60.98
C ASN B 542 29.34 43.65 -60.98
N GLU B 543 30.67 43.56 -61.03
CA GLU B 543 31.32 42.26 -60.93
C GLU B 543 31.06 41.60 -59.59
N GLY B 544 31.12 42.39 -58.51
CA GLY B 544 30.83 41.84 -57.20
C GLY B 544 29.39 41.37 -57.07
N ALA B 545 28.45 42.20 -57.52
CA ALA B 545 27.04 41.81 -57.44
C ALA B 545 26.76 40.57 -58.28
N SER B 546 27.51 40.35 -59.34
CA SER B 546 27.29 39.17 -60.18
C SER B 546 27.59 37.88 -59.42
N SER B 547 28.66 37.88 -58.63
CA SER B 547 29.04 36.71 -57.85
C SER B 547 28.40 36.76 -56.46
N GLU B 548 28.47 35.63 -55.76
CA GLU B 548 27.93 35.49 -54.41
C GLU B 548 26.47 35.92 -54.33
N LEU B 552 22.49 41.14 -54.29
CA LEU B 552 22.30 41.84 -55.56
C LEU B 552 22.13 43.34 -55.33
N ASN B 553 22.38 43.78 -54.11
CA ASN B 553 22.24 45.19 -53.79
C ASN B 553 23.34 46.02 -54.42
N LEU B 554 24.49 45.41 -54.71
CA LEU B 554 25.60 46.16 -55.30
C LEU B 554 25.27 46.62 -56.72
N ASN B 555 24.36 45.91 -57.41
CA ASN B 555 23.90 46.38 -58.71
C ASN B 555 23.23 47.74 -58.60
N VAL B 556 22.36 47.89 -57.60
CA VAL B 556 21.64 49.16 -57.43
C VAL B 556 22.60 50.25 -56.98
N VAL B 557 23.56 49.91 -56.14
CA VAL B 557 24.58 50.89 -55.72
C VAL B 557 25.36 51.38 -56.94
N ALA B 558 25.67 50.47 -57.86
CA ALA B 558 26.32 50.88 -59.10
C ALA B 558 25.41 51.81 -59.90
N MET B 559 24.11 51.49 -59.98
CA MET B 559 23.17 52.38 -60.65
C MET B 559 23.06 53.70 -59.90
N ALA B 560 23.05 53.65 -58.57
CA ALA B 560 22.98 54.88 -57.78
C ALA B 560 24.23 55.71 -57.93
N LEU B 561 25.40 55.07 -58.02
CA LEU B 561 26.65 55.80 -58.19
C LEU B 561 26.79 56.37 -59.59
N SER B 562 26.12 55.79 -60.59
CA SER B 562 26.26 56.26 -61.96
C SER B 562 25.58 57.59 -62.22
N GLY B 563 24.76 58.07 -61.29
CA GLY B 563 24.05 59.31 -61.49
C GLY B 563 24.64 60.49 -60.74
N TYR B 564 25.96 60.59 -60.73
CA TYR B 564 26.63 61.69 -60.05
C TYR B 564 26.45 62.96 -60.88
N THR B 565 25.69 63.93 -60.34
CA THR B 565 25.48 65.22 -60.97
C THR B 565 26.05 66.30 -60.08
N ASP B 566 26.84 67.20 -60.66
CA ASP B 566 27.53 68.23 -59.91
C ASP B 566 26.72 69.52 -59.78
N GLU B 567 25.49 69.54 -60.28
CA GLU B 567 24.65 70.72 -60.11
C GLU B 567 24.35 70.94 -58.63
N LYS B 568 24.43 72.21 -58.21
CA LYS B 568 24.31 72.53 -56.79
C LYS B 568 22.93 72.16 -56.25
N ASN B 569 21.88 72.43 -57.02
CA ASN B 569 20.51 72.15 -56.60
C ASN B 569 19.90 70.97 -57.36
N SER B 570 20.73 70.00 -57.74
CA SER B 570 20.25 68.86 -58.49
C SER B 570 19.40 67.95 -57.61
N LEU B 571 18.54 67.17 -58.27
CA LEU B 571 17.70 66.21 -57.56
C LEU B 571 18.54 65.11 -56.90
N TRP B 572 19.59 64.66 -57.60
CA TRP B 572 20.42 63.59 -57.08
C TRP B 572 21.11 63.99 -55.78
N ARG B 573 21.79 65.15 -55.79
CA ARG B 573 22.46 65.60 -54.58
C ARG B 573 21.48 65.91 -53.47
N GLU B 574 20.23 66.26 -53.81
CA GLU B 574 19.25 66.58 -52.79
C GLU B 574 18.87 65.36 -51.96
N MET B 575 18.74 64.19 -52.61
CA MET B 575 18.29 62.99 -51.93
C MET B 575 19.41 62.03 -51.58
N CYS B 576 20.44 61.93 -52.43
CA CYS B 576 21.55 61.03 -52.13
C CYS B 576 22.28 61.45 -50.86
N SER B 577 22.42 62.76 -50.62
CA SER B 577 23.05 63.23 -49.40
C SER B 577 22.21 62.87 -48.18
N THR B 578 20.88 62.95 -48.29
CA THR B 578 20.02 62.60 -47.17
C THR B 578 19.96 61.08 -46.97
N LEU B 579 19.88 60.33 -48.08
CA LEU B 579 19.66 58.89 -47.99
C LEU B 579 20.97 58.10 -47.83
N ARG B 580 22.13 58.75 -47.92
CA ARG B 580 23.38 58.02 -47.74
C ARG B 580 23.53 57.49 -46.32
N LEU B 581 22.93 58.16 -45.33
CA LEU B 581 23.03 57.73 -43.95
C LEU B 581 22.27 56.45 -43.68
N GLN B 582 21.39 56.02 -44.59
CA GLN B 582 20.61 54.80 -44.41
C GLN B 582 21.19 53.63 -45.20
N LEU B 583 22.51 53.58 -45.32
CA LEU B 583 23.21 52.48 -46.00
C LEU B 583 24.00 51.68 -44.98
N ASN B 584 24.06 50.36 -45.18
CA ASN B 584 24.69 49.48 -44.20
C ASN B 584 26.20 49.64 -44.20
N ASN B 585 26.83 49.37 -45.33
CA ASN B 585 28.29 49.38 -45.37
C ASN B 585 28.82 50.80 -45.26
N PRO B 586 29.76 51.07 -44.36
CA PRO B 586 30.32 52.43 -44.28
C PRO B 586 31.03 52.87 -45.54
N TYR B 587 31.66 51.94 -46.27
CA TYR B 587 32.36 52.33 -47.48
C TYR B 587 31.41 52.82 -48.56
N LEU B 588 30.21 52.24 -48.63
CA LEU B 588 29.20 52.79 -49.54
C LEU B 588 28.77 54.17 -49.10
N CYS B 589 28.67 54.40 -47.78
CA CYS B 589 28.23 55.69 -47.28
C CYS B 589 29.23 56.80 -47.61
N VAL B 590 30.53 56.52 -47.44
CA VAL B 590 31.52 57.56 -47.67
C VAL B 590 31.66 57.89 -49.15
N MET B 591 31.36 56.94 -50.02
CA MET B 591 31.40 57.21 -51.46
C MET B 591 30.39 58.29 -51.82
N PHE B 592 29.16 58.18 -51.32
CA PHE B 592 28.15 59.19 -51.56
C PHE B 592 28.41 60.44 -50.72
N ALA B 593 28.99 60.27 -49.52
CA ALA B 593 29.37 61.43 -48.72
C ALA B 593 30.45 62.24 -49.43
N PHE B 594 31.43 61.57 -50.02
CA PHE B 594 32.47 62.27 -50.76
C PHE B 594 31.92 62.90 -52.03
N LEU B 595 31.00 62.19 -52.71
CA LEU B 595 30.43 62.71 -53.95
C LEU B 595 29.56 63.93 -53.69
N THR B 596 28.67 63.84 -52.71
CA THR B 596 27.71 64.92 -52.45
C THR B 596 28.29 66.08 -51.67
N SER B 597 29.50 65.94 -51.11
CA SER B 597 30.10 67.02 -50.37
C SER B 597 30.61 68.11 -51.32
N GLU B 598 30.47 69.36 -50.90
CA GLU B 598 31.04 70.46 -51.67
C GLU B 598 32.56 70.32 -51.72
N THR B 599 33.13 70.48 -52.91
CA THR B 599 34.55 70.29 -53.09
C THR B 599 35.34 71.27 -52.24
N GLY B 600 36.35 70.76 -51.54
CA GLY B 600 37.16 71.59 -50.67
C GLY B 600 37.04 71.18 -49.20
N SER B 601 35.83 70.85 -48.77
CA SER B 601 35.57 70.44 -47.39
C SER B 601 34.90 69.06 -47.41
N TYR B 602 35.72 68.01 -47.40
CA TYR B 602 35.23 66.64 -47.43
C TYR B 602 35.08 66.06 -46.03
N ASP B 603 34.35 66.78 -45.16
CA ASP B 603 34.20 66.34 -43.78
C ASP B 603 33.26 65.16 -43.61
N GLY B 604 32.45 64.84 -44.63
CA GLY B 604 31.59 63.68 -44.56
C GLY B 604 32.32 62.36 -44.66
N VAL B 605 33.53 62.38 -45.21
CA VAL B 605 34.34 61.17 -45.32
C VAL B 605 35.56 61.19 -44.42
N LEU B 606 36.16 62.37 -44.18
CA LEU B 606 37.38 62.44 -43.38
C LEU B 606 37.13 62.07 -41.93
N TYR B 607 35.89 62.17 -41.46
CA TYR B 607 35.59 61.91 -40.06
C TYR B 607 34.55 60.81 -39.90
N GLU B 608 34.72 59.72 -40.65
CA GLU B 608 33.86 58.54 -40.54
C GLU B 608 34.68 57.44 -39.89
N ASN B 609 34.39 57.15 -38.61
CA ASN B 609 35.20 56.21 -37.85
C ASN B 609 34.99 54.76 -38.27
N LYS B 610 33.96 54.46 -39.05
CA LYS B 610 33.71 53.09 -39.49
C LYS B 610 34.50 52.72 -40.73
N VAL B 611 35.29 53.65 -41.27
CA VAL B 611 36.18 53.39 -42.40
C VAL B 611 37.60 53.39 -41.88
N ALA B 612 38.41 52.45 -42.38
CA ALA B 612 39.77 52.29 -41.90
C ALA B 612 40.55 53.60 -42.03
N VAL B 613 41.40 53.88 -41.03
CA VAL B 613 42.14 55.12 -41.00
C VAL B 613 43.09 55.24 -42.18
N ARG B 614 43.64 54.10 -42.63
CA ARG B 614 44.55 54.14 -43.78
C ARG B 614 43.85 54.66 -45.02
N ASP B 615 42.60 54.22 -45.26
CA ASP B 615 41.85 54.71 -46.41
C ASP B 615 41.53 56.20 -46.28
N ARG B 616 41.13 56.64 -45.08
CA ARG B 616 40.86 58.05 -44.88
C ARG B 616 42.11 58.89 -45.05
N VAL B 617 43.23 58.43 -44.49
CA VAL B 617 44.49 59.16 -44.64
C VAL B 617 44.94 59.16 -46.10
N ALA B 618 44.80 58.02 -46.77
CA ALA B 618 45.14 57.97 -48.20
C ALA B 618 44.24 58.89 -49.01
N PHE B 619 42.95 58.93 -48.68
CA PHE B 619 42.05 59.87 -49.32
C PHE B 619 42.46 61.31 -49.03
N ALA B 620 42.84 61.58 -47.77
CA ALA B 620 43.20 62.94 -47.39
C ALA B 620 44.44 63.43 -48.13
N CYS B 621 45.42 62.54 -48.33
CA CYS B 621 46.65 62.95 -49.00
C CYS B 621 46.40 63.32 -50.46
N LYS B 622 45.29 62.86 -51.03
CA LYS B 622 45.00 63.11 -52.44
C LYS B 622 44.14 64.34 -52.67
N PHE B 623 43.22 64.65 -51.75
CA PHE B 623 42.23 65.70 -51.97
C PHE B 623 42.39 66.91 -51.05
N LEU B 624 43.19 66.81 -50.00
CA LEU B 624 43.36 67.93 -49.08
C LEU B 624 44.61 68.73 -49.45
N SER B 625 44.51 70.04 -49.30
CA SER B 625 45.66 70.91 -49.49
C SER B 625 46.59 70.82 -48.28
N ASP B 626 47.81 71.37 -48.44
CA ASP B 626 48.81 71.27 -47.38
C ASP B 626 48.33 71.94 -46.09
N THR B 627 47.67 73.10 -46.22
CA THR B 627 47.13 73.77 -45.04
C THR B 627 46.04 72.94 -44.37
N GLN B 628 45.16 72.33 -45.18
CA GLN B 628 44.08 71.52 -44.62
C GLN B 628 44.56 70.16 -44.14
N LEU B 629 45.51 69.55 -44.87
CA LEU B 629 45.96 68.21 -44.52
C LEU B 629 46.70 68.20 -43.19
N ASN B 630 47.61 69.17 -42.98
CA ASN B 630 48.38 69.21 -41.75
C ASN B 630 47.48 69.42 -40.53
N ARG B 631 46.48 70.29 -40.66
CA ARG B 631 45.53 70.50 -39.57
C ARG B 631 44.70 69.24 -39.32
N TYR B 632 44.29 68.56 -40.39
CA TYR B 632 43.47 67.36 -40.24
C TYR B 632 44.28 66.21 -39.64
N ILE B 633 45.51 66.01 -40.14
CA ILE B 633 46.34 64.92 -39.63
C ILE B 633 46.67 65.16 -38.16
N GLU B 634 46.96 66.41 -37.80
CA GLU B 634 47.17 66.73 -36.39
C GLU B 634 45.94 66.44 -35.55
N LYS B 635 44.75 66.59 -36.13
CA LYS B 635 43.52 66.24 -35.42
C LYS B 635 43.36 64.72 -35.33
N LEU B 636 43.69 64.00 -36.40
CA LEU B 636 43.56 62.55 -36.37
C LEU B 636 44.65 61.91 -35.52
N THR B 637 45.87 62.48 -35.54
CA THR B 637 46.95 61.98 -34.70
C THR B 637 46.57 62.05 -33.23
N ASN B 638 46.02 63.18 -32.80
CA ASN B 638 45.59 63.32 -31.41
C ASN B 638 44.34 62.51 -31.11
N GLU B 639 43.56 62.13 -32.13
CA GLU B 639 42.39 61.30 -31.90
C GLU B 639 42.78 59.86 -31.59
N MET B 640 43.86 59.37 -32.20
CA MET B 640 44.38 58.05 -31.84
C MET B 640 45.38 58.14 -30.71
N LYS B 641 45.97 59.32 -30.50
CA LYS B 641 46.93 59.50 -29.42
C LYS B 641 46.29 59.21 -28.06
N GLU B 642 45.15 59.85 -27.78
CA GLU B 642 44.52 59.69 -26.47
C GLU B 642 43.70 58.41 -26.39
N ALA B 643 43.11 57.98 -27.51
CA ALA B 643 42.26 56.79 -27.51
C ALA B 643 43.06 55.49 -27.46
N GLY B 644 44.37 55.55 -27.63
CA GLY B 644 45.19 54.35 -27.62
C GLY B 644 44.86 53.39 -28.74
N ASN B 645 44.73 53.91 -29.95
CA ASN B 645 44.37 53.12 -31.12
C ASN B 645 45.63 52.64 -31.82
N LEU B 646 45.72 51.33 -32.08
CA LEU B 646 46.88 50.78 -32.77
C LEU B 646 46.93 51.24 -34.21
N GLU B 647 45.78 51.52 -34.82
CA GLU B 647 45.73 51.98 -36.20
C GLU B 647 46.33 53.36 -36.36
N GLY B 648 46.55 54.10 -35.27
CA GLY B 648 47.20 55.38 -35.30
C GLY B 648 48.72 55.34 -35.37
N ILE B 649 49.30 54.14 -35.34
CA ILE B 649 50.74 53.99 -35.54
C ILE B 649 51.12 54.49 -36.93
N LEU B 650 50.20 54.34 -37.90
CA LEU B 650 50.42 54.88 -39.23
C LEU B 650 50.71 56.37 -39.19
N LEU B 651 49.92 57.12 -38.42
CA LEU B 651 50.10 58.56 -38.35
C LEU B 651 51.20 58.95 -37.39
N THR B 652 51.14 58.45 -36.15
CA THR B 652 52.13 58.83 -35.15
C THR B 652 53.52 58.33 -35.51
N GLY B 653 53.63 57.09 -36.00
CA GLY B 653 54.91 56.51 -36.30
C GLY B 653 55.64 56.08 -35.05
N LEU B 654 56.84 55.56 -35.24
CA LEU B 654 57.68 55.09 -34.14
C LEU B 654 58.60 56.22 -33.68
N THR B 655 57.96 57.25 -33.13
CA THR B 655 58.69 58.41 -32.61
C THR B 655 58.23 58.73 -31.20
N LYS B 656 58.64 59.89 -30.68
CA LYS B 656 58.25 60.27 -29.32
C LYS B 656 56.74 60.30 -29.15
N ASP B 657 56.02 60.73 -30.19
CA ASP B 657 54.56 60.69 -30.13
C ASP B 657 54.04 59.26 -30.16
N GLY B 658 54.73 58.38 -30.90
CA GLY B 658 54.30 56.99 -30.97
C GLY B 658 54.35 56.30 -29.62
N VAL B 659 55.35 56.64 -28.80
CA VAL B 659 55.41 56.13 -27.44
C VAL B 659 54.20 56.61 -26.65
N ASP B 660 53.82 57.88 -26.82
CA ASP B 660 52.66 58.41 -26.11
C ASP B 660 51.39 57.69 -26.52
N LEU B 661 51.21 57.45 -27.83
CA LEU B 661 50.04 56.71 -28.29
C LEU B 661 50.02 55.30 -27.74
N MET B 662 51.14 54.59 -27.88
CA MET B 662 51.24 53.22 -27.41
C MET B 662 51.13 53.15 -25.89
N GLU B 663 51.49 54.23 -25.19
CA GLU B 663 51.24 54.31 -23.75
C GLU B 663 49.75 54.29 -23.45
N SER B 664 48.96 55.03 -24.23
CA SER B 664 47.52 55.02 -24.03
C SER B 664 46.92 53.66 -24.33
N TYR B 665 47.44 52.98 -25.36
CA TYR B 665 46.97 51.64 -25.68
C TYR B 665 47.25 50.68 -24.54
N VAL B 666 48.44 50.78 -23.93
CA VAL B 666 48.76 49.97 -22.77
C VAL B 666 47.83 50.32 -21.61
N ASP B 667 47.65 51.61 -21.36
CA ASP B 667 46.77 52.04 -20.26
C ASP B 667 45.34 51.56 -20.49
N ARG B 668 44.85 51.68 -21.72
CA ARG B 668 43.48 51.25 -22.01
C ARG B 668 43.33 49.74 -21.91
N THR B 669 44.31 48.98 -22.40
CA THR B 669 44.22 47.53 -22.46
C THR B 669 45.22 46.82 -21.56
N GLY B 670 46.51 47.10 -21.72
CA GLY B 670 47.52 46.40 -20.93
C GLY B 670 48.37 45.47 -21.74
N ASP B 671 48.56 45.79 -23.02
CA ASP B 671 49.31 44.93 -23.95
C ASP B 671 50.72 45.45 -24.09
N VAL B 672 51.65 44.85 -23.34
CA VAL B 672 53.07 45.17 -23.48
C VAL B 672 53.76 44.29 -24.51
N GLN B 673 53.24 43.09 -24.76
CA GLN B 673 53.82 42.23 -25.78
C GLN B 673 53.72 42.88 -27.16
N THR B 674 52.56 43.45 -27.48
CA THR B 674 52.45 44.27 -28.68
C THR B 674 53.31 45.53 -28.57
N ALA B 675 53.40 46.10 -27.37
CA ALA B 675 54.19 47.32 -27.19
C ALA B 675 55.67 47.06 -27.43
N SER B 676 56.18 45.93 -26.93
CA SER B 676 57.61 45.66 -27.07
C SER B 676 58.00 45.40 -28.51
N TYR B 677 57.25 44.55 -29.21
CA TYR B 677 57.61 44.16 -30.56
C TYR B 677 57.51 45.34 -31.53
N CYS B 678 56.41 46.09 -31.46
CA CYS B 678 56.20 47.18 -32.42
C CYS B 678 57.20 48.31 -32.21
N MET B 679 57.55 48.60 -30.96
CA MET B 679 58.53 49.64 -30.69
C MET B 679 59.96 49.17 -30.95
N LEU B 680 60.17 47.89 -31.28
CA LEU B 680 61.48 47.37 -31.61
C LEU B 680 61.70 47.23 -33.11
N GLN B 681 60.64 47.30 -33.92
CA GLN B 681 60.74 47.05 -35.35
C GLN B 681 61.05 48.36 -36.08
N GLY B 682 62.33 48.65 -36.23
CA GLY B 682 62.77 49.79 -37.01
C GLY B 682 62.72 51.13 -36.30
N SER B 683 62.41 51.15 -35.01
CA SER B 683 62.39 52.41 -34.28
C SER B 683 63.81 52.95 -34.13
N PRO B 684 63.96 54.28 -34.09
CA PRO B 684 65.30 54.87 -33.95
C PRO B 684 65.85 54.71 -32.55
N LEU B 685 67.17 54.86 -32.44
CA LEU B 685 67.85 54.63 -31.17
C LEU B 685 67.41 55.63 -30.11
N ASP B 686 67.26 56.90 -30.50
CA ASP B 686 66.87 57.92 -29.52
C ASP B 686 65.47 57.67 -28.98
N VAL B 687 64.54 57.30 -29.85
CA VAL B 687 63.18 57.00 -29.40
C VAL B 687 63.15 55.72 -28.57
N LEU B 688 63.87 54.70 -29.03
CA LEU B 688 63.92 53.43 -28.31
C LEU B 688 64.68 53.53 -26.99
N LYS B 689 65.45 54.60 -26.78
CA LYS B 689 66.15 54.81 -25.53
C LYS B 689 65.28 55.49 -24.48
N ASP B 690 64.03 55.81 -24.81
CA ASP B 690 63.14 56.42 -23.84
C ASP B 690 62.85 55.45 -22.70
N GLU B 691 62.54 56.02 -21.53
CA GLU B 691 62.31 55.19 -20.35
C GLU B 691 61.11 54.29 -20.53
N ARG B 692 60.03 54.80 -21.13
CA ARG B 692 58.80 54.03 -21.24
C ARG B 692 58.98 52.79 -22.12
N VAL B 693 59.63 52.96 -23.28
CA VAL B 693 59.78 51.84 -24.21
C VAL B 693 60.74 50.80 -23.64
N GLN B 694 61.81 51.24 -22.97
CA GLN B 694 62.72 50.30 -22.32
C GLN B 694 62.01 49.56 -21.20
N TYR B 695 61.18 50.27 -20.43
CA TYR B 695 60.46 49.65 -19.32
C TYR B 695 59.35 48.74 -19.82
N TRP B 696 58.76 49.05 -20.98
CA TRP B 696 57.79 48.14 -21.58
C TRP B 696 58.41 46.80 -21.90
N ILE B 697 59.65 46.81 -22.39
CA ILE B 697 60.39 45.57 -22.59
C ILE B 697 60.65 44.88 -21.27
N GLU B 698 61.02 45.66 -20.24
CA GLU B 698 61.38 45.06 -18.97
C GLU B 698 60.22 44.30 -18.34
N ASN B 699 59.00 44.83 -18.46
CA ASN B 699 57.84 44.11 -17.96
C ASN B 699 57.63 42.80 -18.72
N TYR B 700 57.63 42.88 -20.05
CA TYR B 700 57.28 41.71 -20.85
C TYR B 700 58.26 40.57 -20.62
N ARG B 701 59.55 40.89 -20.54
CA ARG B 701 60.54 39.86 -20.19
C ARG B 701 60.27 39.31 -18.80
N ASN B 702 60.04 40.19 -17.82
CA ASN B 702 59.69 39.72 -16.48
C ASN B 702 58.34 39.02 -16.48
N LEU B 703 57.37 39.55 -17.24
CA LEU B 703 56.08 38.89 -17.36
C LEU B 703 56.22 37.53 -18.02
N LEU B 704 57.07 37.43 -19.04
CA LEU B 704 57.22 36.17 -19.77
C LEU B 704 58.05 35.16 -18.98
N ASP B 705 58.78 35.61 -17.96
CA ASP B 705 59.50 34.68 -17.10
C ASP B 705 58.53 33.89 -16.22
N ALA B 706 57.51 34.55 -15.68
CA ALA B 706 56.56 33.90 -14.79
C ALA B 706 55.79 32.78 -15.48
N TRP B 707 55.72 32.80 -16.81
CA TRP B 707 55.02 31.79 -17.58
C TRP B 707 55.92 30.63 -17.99
N ARG B 708 57.15 30.58 -17.47
CA ARG B 708 58.12 29.54 -17.77
C ARG B 708 58.47 29.46 -19.25
N PHE B 709 58.28 30.55 -19.99
CA PHE B 709 58.62 30.60 -21.41
C PHE B 709 60.04 31.13 -21.60
N TRP B 710 61.00 30.49 -20.94
CA TRP B 710 62.37 30.97 -20.97
C TRP B 710 62.95 30.89 -22.38
N HIS B 711 62.72 29.78 -23.07
CA HIS B 711 63.20 29.65 -24.45
C HIS B 711 62.53 30.67 -25.36
N LYS B 712 61.23 30.90 -25.16
CA LYS B 712 60.54 31.95 -25.91
C LYS B 712 61.14 33.32 -25.59
N ARG B 713 61.45 33.55 -24.31
CA ARG B 713 62.09 34.81 -23.93
C ARG B 713 63.47 34.92 -24.55
N ALA B 714 64.22 33.81 -24.60
CA ALA B 714 65.54 33.84 -25.21
C ALA B 714 65.47 34.27 -26.67
N GLU B 715 64.40 33.87 -27.37
CA GLU B 715 64.21 34.34 -28.74
C GLU B 715 63.99 35.85 -28.78
N PHE B 716 63.23 36.38 -27.82
CA PHE B 716 62.97 37.82 -27.79
C PHE B 716 64.24 38.61 -27.52
N ASP B 717 65.05 38.16 -26.55
CA ASP B 717 66.29 38.87 -26.25
C ASP B 717 67.25 38.86 -27.43
N ILE B 718 67.36 37.72 -28.12
CA ILE B 718 68.18 37.66 -29.32
C ILE B 718 67.63 38.60 -30.39
N HIS B 719 66.30 38.59 -30.58
CA HIS B 719 65.68 39.50 -31.54
C HIS B 719 65.86 40.95 -31.11
N ARG B 720 65.73 41.22 -29.81
CA ARG B 720 65.89 42.59 -29.32
C ARG B 720 67.31 43.09 -29.48
N SER B 721 68.29 42.23 -29.19
CA SER B 721 69.69 42.65 -29.23
C SER B 721 70.11 43.06 -30.63
N LYS B 722 69.68 42.31 -31.65
CA LYS B 722 70.01 42.66 -33.02
C LYS B 722 69.37 44.00 -33.41
N LEU B 723 68.11 44.21 -33.03
CA LEU B 723 67.43 45.44 -33.37
C LEU B 723 67.90 46.63 -32.53
N ASP B 724 68.38 46.38 -31.31
CA ASP B 724 68.78 47.43 -30.38
C ASP B 724 70.21 47.17 -29.93
N PRO B 725 71.21 47.63 -30.68
CA PRO B 725 72.60 47.46 -30.24
C PRO B 725 72.92 48.15 -28.92
N SER B 726 72.17 49.18 -28.55
CA SER B 726 72.41 49.89 -27.30
C SER B 726 71.97 49.10 -26.08
N SER B 727 71.26 47.99 -26.26
CA SER B 727 70.75 47.18 -25.16
C SER B 727 71.52 45.87 -25.01
N LYS B 728 72.83 45.91 -25.25
CA LYS B 728 73.68 44.74 -25.11
C LYS B 728 73.80 44.32 -23.65
N PRO B 783 91.61 23.12 -15.35
CA PRO B 783 90.83 22.08 -14.66
C PRO B 783 90.57 20.86 -15.54
N ARG B 784 90.24 19.74 -14.92
CA ARG B 784 90.03 18.48 -15.63
C ARG B 784 88.74 17.83 -15.15
N CYS B 785 88.13 17.05 -16.05
CA CYS B 785 86.90 16.35 -15.72
C CYS B 785 87.14 15.35 -14.60
N ALA B 786 86.14 15.17 -13.73
CA ALA B 786 86.26 14.25 -12.61
C ALA B 786 86.05 12.80 -13.00
N LEU B 787 85.53 12.53 -14.20
CA LEU B 787 85.30 11.16 -14.65
C LEU B 787 86.40 10.67 -15.59
N CYS B 788 86.61 11.37 -16.71
CA CYS B 788 87.60 10.96 -17.69
C CYS B 788 88.99 11.55 -17.43
N LEU B 789 89.11 12.46 -16.45
CA LEU B 789 90.37 13.06 -16.05
C LEU B 789 91.06 13.79 -17.19
N ILE B 790 90.31 14.26 -18.18
CA ILE B 790 90.85 15.00 -19.31
C ILE B 790 90.69 16.49 -19.04
N ASN B 791 91.77 17.25 -19.20
CA ASN B 791 91.73 18.67 -18.94
C ASN B 791 90.89 19.39 -20.00
N MET B 792 90.37 20.55 -19.61
CA MET B 792 89.53 21.34 -20.49
C MET B 792 90.33 21.91 -21.67
N GLN B 819 77.34 17.80 -29.58
CA GLN B 819 78.46 18.71 -29.43
C GLN B 819 78.43 19.39 -28.07
N PHE B 820 77.27 19.35 -27.41
CA PHE B 820 77.13 19.94 -26.08
C PHE B 820 77.90 19.16 -25.03
N ASN B 821 78.20 17.87 -25.27
CA ASN B 821 78.87 17.04 -24.28
C ASN B 821 80.28 17.51 -23.96
N ASN B 822 80.89 18.34 -24.80
CA ASN B 822 82.22 18.87 -24.53
C ASN B 822 82.18 20.12 -23.65
N TRP B 823 80.99 20.60 -23.29
CA TRP B 823 80.89 21.73 -22.37
C TRP B 823 81.46 21.35 -21.01
N PHE B 824 82.07 22.33 -20.36
CA PHE B 824 82.72 22.13 -19.07
C PHE B 824 81.80 22.70 -17.99
N THR B 825 81.15 21.80 -17.23
CA THR B 825 80.22 22.20 -16.18
C THR B 825 81.01 22.53 -14.93
N TRP B 826 80.88 23.76 -14.45
CA TRP B 826 81.51 24.19 -13.20
C TRP B 826 80.41 24.43 -12.16
N CYS B 827 80.51 23.71 -11.05
CA CYS B 827 79.54 23.87 -9.97
C CYS B 827 79.86 25.10 -9.15
N HIS B 828 78.85 25.93 -8.90
CA HIS B 828 79.05 27.15 -8.13
C HIS B 828 79.24 26.90 -6.64
N ASN B 829 78.98 25.68 -6.16
CA ASN B 829 79.09 25.38 -4.74
C ASN B 829 80.44 24.79 -4.38
N CYS B 830 80.80 23.66 -4.98
CA CYS B 830 82.04 22.96 -4.64
C CYS B 830 83.14 23.16 -5.67
N ARG B 831 82.89 23.92 -6.73
CA ARG B 831 83.89 24.23 -7.76
C ARG B 831 84.44 22.97 -8.41
N HIS B 832 83.61 21.93 -8.53
CA HIS B 832 83.99 20.69 -9.16
C HIS B 832 83.10 20.43 -10.37
N GLY B 833 83.65 19.77 -11.36
CA GLY B 833 82.89 19.44 -12.55
C GLY B 833 83.80 19.14 -13.72
N GLY B 834 83.17 18.74 -14.83
CA GLY B 834 83.90 18.40 -16.03
C GLY B 834 83.05 18.40 -17.29
N HIS B 835 83.27 17.41 -18.15
CA HIS B 835 82.53 17.33 -19.41
C HIS B 835 81.05 17.14 -19.15
N ALA B 836 80.23 17.86 -19.93
CA ALA B 836 78.79 17.78 -19.75
C ALA B 836 78.27 16.37 -20.01
N GLY B 837 78.77 15.71 -21.06
CA GLY B 837 78.32 14.36 -21.35
C GLY B 837 78.68 13.38 -20.24
N HIS B 838 79.89 13.51 -19.69
CA HIS B 838 80.29 12.64 -18.59
C HIS B 838 79.53 12.99 -17.31
N MET B 839 79.42 14.30 -17.01
CA MET B 839 78.81 14.71 -15.76
C MET B 839 77.34 14.32 -15.70
N LEU B 840 76.60 14.51 -16.80
CA LEU B 840 75.19 14.15 -16.83
C LEU B 840 75.00 12.65 -16.64
N SER B 841 75.88 11.84 -17.22
CA SER B 841 75.78 10.39 -17.05
C SER B 841 75.96 10.00 -15.60
N TRP B 842 76.93 10.60 -14.91
CA TRP B 842 77.12 10.29 -13.50
C TRP B 842 75.95 10.78 -12.65
N PHE B 843 75.44 11.98 -12.95
CA PHE B 843 74.32 12.54 -12.19
C PHE B 843 72.98 11.98 -12.61
N ARG B 844 72.93 11.20 -13.70
CA ARG B 844 71.67 10.61 -14.12
C ARG B 844 71.15 9.60 -13.09
N ASP B 845 72.05 8.79 -12.52
CA ASP B 845 71.67 7.78 -11.54
C ASP B 845 72.16 8.09 -10.13
N HIS B 846 73.06 9.06 -9.97
CA HIS B 846 73.59 9.42 -8.67
C HIS B 846 73.28 10.88 -8.36
N ALA B 847 73.32 11.22 -7.08
CA ALA B 847 73.00 12.57 -6.61
C ALA B 847 74.13 13.14 -5.76
N GLU B 848 75.37 12.77 -6.06
CA GLU B 848 76.52 13.29 -5.33
C GLU B 848 77.61 13.67 -6.33
N CYS B 849 78.46 14.59 -5.91
CA CYS B 849 79.57 15.02 -6.76
C CYS B 849 80.52 13.85 -6.99
N PRO B 850 80.86 13.53 -8.23
CA PRO B 850 81.69 12.34 -8.50
C PRO B 850 83.07 12.40 -7.89
N VAL B 851 83.61 13.59 -7.64
CA VAL B 851 84.95 13.68 -7.05
C VAL B 851 84.89 13.16 -5.61
N SER B 852 86.02 12.61 -5.16
CA SER B 852 86.06 11.96 -3.85
C SER B 852 85.97 12.98 -2.73
N ALA B 853 85.41 12.54 -1.60
CA ALA B 853 85.29 13.35 -0.39
C ALA B 853 84.51 14.64 -0.65
N CYS B 854 83.45 14.54 -1.45
CA CYS B 854 82.57 15.67 -1.72
C CYS B 854 81.13 15.24 -1.50
N THR B 855 80.40 16.02 -0.71
CA THR B 855 79.00 15.73 -0.41
C THR B 855 78.04 16.59 -1.23
N CYS B 856 78.54 17.61 -1.93
CA CYS B 856 77.69 18.51 -2.69
C CYS B 856 76.89 17.75 -3.75
N LYS B 857 75.58 17.98 -3.76
CA LYS B 857 74.68 17.45 -4.78
C LYS B 857 74.53 18.54 -5.84
N CYS B 858 75.43 18.54 -6.83
CA CYS B 858 75.50 19.64 -7.78
C CYS B 858 74.22 19.77 -8.59
N MET B 859 73.67 18.65 -9.06
CA MET B 859 72.47 18.73 -9.90
C MET B 859 71.23 19.04 -9.08
N GLN B 860 71.12 18.46 -7.89
CA GLN B 860 69.93 18.62 -7.06
C GLN B 860 69.92 19.93 -6.28
N LEU B 861 71.06 20.62 -6.18
CA LEU B 861 71.11 21.85 -5.39
C LEU B 861 70.30 22.97 -6.05
N ASP B 862 70.50 23.18 -7.35
CA ASP B 862 69.79 24.24 -8.04
C ASP B 862 68.29 23.97 -8.10
N THR B 863 67.91 22.72 -8.36
CA THR B 863 66.51 22.31 -8.46
C THR B 863 65.74 23.16 -9.46
N PRO C 340 82.35 -11.10 59.99
CA PRO C 340 81.03 -10.64 60.41
C PRO C 340 80.09 -10.37 59.24
N GLU C 341 80.60 -10.57 58.02
CA GLU C 341 79.84 -10.33 56.81
C GLU C 341 79.87 -11.58 55.93
N GLY C 342 78.72 -11.90 55.33
CA GLY C 342 78.62 -13.04 54.44
C GLY C 342 77.90 -12.71 53.15
N LEU C 343 78.58 -12.88 52.02
CA LEU C 343 78.04 -12.56 50.71
C LEU C 343 77.89 -13.82 49.88
N CYS C 344 76.79 -13.90 49.14
CA CYS C 344 76.54 -15.05 48.27
C CYS C 344 75.62 -14.62 47.14
N TYR C 345 75.99 -14.99 45.91
CA TYR C 345 75.17 -14.70 44.74
C TYR C 345 74.28 -15.91 44.47
N GLY C 346 73.26 -15.73 43.65
CA GLY C 346 72.28 -16.79 43.43
C GLY C 346 72.23 -17.36 42.03
N LEU C 347 71.28 -18.26 41.78
CA LEU C 347 71.13 -18.87 40.47
C LEU C 347 70.23 -18.06 39.56
N PHE C 348 69.15 -17.50 40.10
CA PHE C 348 68.23 -16.66 39.34
C PHE C 348 68.65 -15.20 39.32
N GLY C 349 69.91 -14.91 39.61
CA GLY C 349 70.39 -13.54 39.67
C GLY C 349 70.20 -12.87 41.01
N ASP C 350 69.62 -13.54 41.99
CA ASP C 350 69.41 -12.94 43.29
C ASP C 350 70.72 -12.78 44.04
N LEU C 351 70.85 -11.67 44.76
CA LEU C 351 72.02 -11.39 45.58
C LEU C 351 71.62 -11.35 47.05
N ALA C 352 72.42 -11.99 47.89
CA ALA C 352 72.14 -12.08 49.32
C ALA C 352 73.36 -11.66 50.11
N PHE C 353 73.11 -10.92 51.20
CA PHE C 353 74.18 -10.44 52.07
C PHE C 353 73.67 -10.19 53.48
N LEU C 397 69.17 -9.63 56.33
CA LEU C 397 69.63 -10.31 55.13
C LEU C 397 69.05 -9.65 53.87
N SER C 398 69.95 -9.23 52.98
CA SER C 398 69.52 -8.58 51.74
C SER C 398 68.90 -9.59 50.79
N VAL C 399 67.89 -9.14 50.05
CA VAL C 399 67.17 -9.99 49.10
C VAL C 399 67.27 -9.37 47.71
N PHE C 400 68.40 -8.72 47.42
CA PHE C 400 68.61 -8.03 46.15
C PHE C 400 68.29 -8.92 44.97
N GLU C 401 67.27 -8.52 44.20
CA GLU C 401 66.87 -9.30 43.03
C GLU C 401 67.84 -9.06 41.87
N THR C 402 68.34 -7.83 41.73
CA THR C 402 69.24 -7.45 40.64
C THR C 402 68.62 -7.75 39.26
N MET C 409 68.19 -13.58 34.09
CA MET C 409 68.78 -14.43 33.06
C MET C 409 67.71 -15.23 32.34
N ARG C 410 66.64 -14.54 31.92
CA ARG C 410 65.57 -15.20 31.18
C ARG C 410 65.95 -15.50 29.74
N TRP C 411 66.97 -14.81 29.20
CA TRP C 411 67.38 -15.05 27.82
C TRP C 411 67.91 -16.47 27.66
N PHE C 412 68.72 -16.93 28.59
CA PHE C 412 69.26 -18.29 28.52
C PHE C 412 68.12 -19.32 28.55
N VAL C 413 67.16 -19.12 29.45
CA VAL C 413 66.04 -20.06 29.57
C VAL C 413 65.22 -20.07 28.29
N ASP C 414 64.94 -18.89 27.72
CA ASP C 414 64.15 -18.82 26.49
C ASP C 414 64.88 -19.49 25.33
N THR C 415 66.18 -19.21 25.18
CA THR C 415 66.95 -19.82 24.11
C THR C 415 66.98 -21.34 24.24
N ALA C 416 67.15 -21.84 25.47
CA ALA C 416 67.06 -23.28 25.68
C ALA C 416 65.66 -23.78 25.34
N GLU C 417 64.63 -22.99 25.65
CA GLU C 417 63.25 -23.43 25.45
C GLU C 417 62.93 -23.62 23.98
N ARG C 418 63.29 -22.66 23.13
CA ARG C 418 62.89 -22.75 21.73
C ARG C 418 64.07 -22.64 20.76
N TYR C 419 65.14 -23.39 21.01
CA TYR C 419 66.03 -23.78 19.92
C TYR C 419 65.61 -25.12 19.35
N ALA C 420 65.88 -25.30 18.05
CA ALA C 420 65.68 -26.57 17.37
C ALA C 420 67.05 -27.13 17.04
N LEU C 421 67.32 -28.36 17.49
CA LEU C 421 68.65 -28.94 17.39
C LEU C 421 68.74 -30.17 16.49
N ALA C 422 67.61 -30.78 16.14
CA ALA C 422 67.65 -31.97 15.28
C ALA C 422 66.27 -32.15 14.66
N GLY C 423 66.18 -33.13 13.76
CA GLY C 423 64.94 -33.44 13.08
C GLY C 423 64.62 -32.57 11.89
N ARG C 424 65.46 -31.60 11.57
CA ARG C 424 65.25 -30.70 10.45
C ARG C 424 66.58 -30.51 9.73
N PRO C 425 66.54 -30.11 8.46
CA PRO C 425 67.80 -29.84 7.74
C PRO C 425 68.56 -28.68 8.36
N LEU C 426 69.82 -28.55 7.94
CA LEU C 426 70.69 -27.53 8.50
C LEU C 426 70.15 -26.13 8.26
N ALA C 427 69.65 -25.87 7.05
CA ALA C 427 69.14 -24.54 6.73
C ALA C 427 67.95 -24.18 7.61
N GLU C 428 67.01 -25.12 7.78
CA GLU C 428 65.84 -24.86 8.61
C GLU C 428 66.24 -24.62 10.06
N LEU C 429 67.16 -25.44 10.58
CA LEU C 429 67.61 -25.29 11.95
C LEU C 429 68.25 -23.91 12.16
N CYS C 430 69.16 -23.53 11.27
CA CYS C 430 69.82 -22.23 11.40
C CYS C 430 68.82 -21.09 11.28
N ASP C 431 67.88 -21.18 10.35
CA ASP C 431 66.89 -20.11 10.18
C ASP C 431 66.01 -19.98 11.42
N HIS C 432 65.54 -21.10 11.98
CA HIS C 432 64.71 -21.04 13.18
C HIS C 432 65.50 -20.48 14.35
N ASN C 433 66.74 -20.92 14.52
CA ASN C 433 67.56 -20.41 15.62
C ASN C 433 67.80 -18.92 15.49
N ALA C 434 68.09 -18.45 14.27
CA ALA C 434 68.30 -17.03 14.04
C ALA C 434 67.03 -16.24 14.29
N LYS C 435 65.88 -16.75 13.87
CA LYS C 435 64.62 -16.07 14.13
C LYS C 435 64.37 -15.95 15.63
N VAL C 436 64.63 -17.03 16.37
CA VAL C 436 64.45 -16.98 17.82
C VAL C 436 65.39 -15.97 18.46
N ALA C 437 66.66 -15.96 18.02
CA ALA C 437 67.62 -15.03 18.59
C ALA C 437 67.23 -13.59 18.30
N ARG C 438 66.79 -13.30 17.07
CA ARG C 438 66.40 -11.94 16.72
C ARG C 438 65.15 -11.52 17.47
N GLU C 439 64.19 -12.44 17.65
CA GLU C 439 63.01 -12.13 18.44
C GLU C 439 63.37 -11.82 19.88
N LEU C 440 64.31 -12.58 20.45
CA LEU C 440 64.74 -12.32 21.82
C LEU C 440 65.54 -11.03 21.93
N GLY C 441 66.30 -10.69 20.89
CA GLY C 441 67.09 -9.46 20.89
C GLY C 441 68.58 -9.67 20.79
N ARG C 442 69.07 -10.90 20.67
CA ARG C 442 70.51 -11.16 20.50
C ARG C 442 70.80 -11.12 19.01
N ASN C 443 71.11 -9.93 18.50
CA ASN C 443 71.33 -9.76 17.07
C ASN C 443 72.55 -10.55 16.60
N GLN C 444 73.64 -10.53 17.38
CA GLN C 444 74.85 -11.23 16.97
C GLN C 444 74.62 -12.73 16.88
N VAL C 445 73.80 -13.28 17.78
CA VAL C 445 73.52 -14.73 17.73
C VAL C 445 72.77 -15.09 16.46
N ALA C 446 71.75 -14.30 16.11
CA ALA C 446 71.01 -14.56 14.88
C ALA C 446 71.90 -14.42 13.66
N GLN C 447 72.77 -13.40 13.67
CA GLN C 447 73.71 -13.22 12.57
C GLN C 447 74.65 -14.41 12.47
N THR C 448 75.10 -14.95 13.61
CA THR C 448 75.96 -16.11 13.60
C THR C 448 75.25 -17.33 13.02
N TRP C 449 73.99 -17.54 13.40
CA TRP C 449 73.23 -18.66 12.86
C TRP C 449 73.07 -18.55 11.34
N THR C 450 72.66 -17.35 10.87
CA THR C 450 72.53 -17.15 9.43
C THR C 450 73.86 -17.30 8.71
N MET C 451 74.94 -16.80 9.32
CA MET C 451 76.26 -16.92 8.70
C MET C 451 76.68 -18.37 8.60
N LEU C 452 76.38 -19.18 9.62
CA LEU C 452 76.66 -20.61 9.55
C LEU C 452 75.84 -21.26 8.45
N ARG C 453 74.59 -20.85 8.29
CA ARG C 453 73.77 -21.37 7.20
C ARG C 453 74.38 -21.04 5.84
N ILE C 454 74.90 -19.82 5.68
CA ILE C 454 75.59 -19.45 4.45
C ILE C 454 76.85 -20.30 4.26
N ILE C 455 77.61 -20.48 5.34
CA ILE C 455 78.92 -21.11 5.24
C ILE C 455 78.79 -22.58 4.85
N TYR C 456 77.90 -23.30 5.52
CA TYR C 456 77.83 -24.75 5.34
C TYR C 456 76.72 -25.18 4.38
N CYS C 457 75.49 -24.71 4.59
CA CYS C 457 74.37 -25.07 3.71
C CYS C 457 74.37 -24.12 2.51
N SER C 458 75.22 -24.42 1.54
CA SER C 458 75.32 -23.62 0.33
C SER C 458 74.61 -24.30 -0.84
N ARG C 627 85.36 -21.95 -6.53
CA ARG C 627 84.75 -22.05 -5.20
C ARG C 627 85.80 -21.96 -4.11
N LEU C 628 85.37 -21.53 -2.93
CA LEU C 628 86.27 -21.42 -1.79
C LEU C 628 86.69 -22.82 -1.32
N PRO C 629 87.86 -22.95 -0.70
CA PRO C 629 88.30 -24.26 -0.20
C PRO C 629 87.32 -24.84 0.79
N PRO C 630 87.09 -26.16 0.74
CA PRO C 630 86.13 -26.76 1.67
C PRO C 630 86.48 -26.55 3.14
N ASP C 631 87.76 -26.57 3.48
CA ASP C 631 88.20 -26.40 4.86
C ASP C 631 88.68 -24.99 5.16
N PHE C 632 88.27 -24.02 4.35
CA PHE C 632 88.72 -22.64 4.54
C PHE C 632 88.04 -22.01 5.76
N PHE C 633 86.83 -22.48 6.11
CA PHE C 633 86.07 -21.89 7.18
C PHE C 633 86.13 -22.70 8.48
N GLY C 634 86.84 -23.82 8.50
CA GLY C 634 86.90 -24.62 9.71
C GLY C 634 87.56 -23.90 10.88
N VAL C 635 88.69 -23.25 10.61
CA VAL C 635 89.36 -22.47 11.65
C VAL C 635 88.47 -21.34 12.14
N LEU C 636 87.74 -20.71 11.22
CA LEU C 636 86.84 -19.63 11.61
C LEU C 636 85.73 -20.11 12.53
N VAL C 637 85.11 -21.25 12.20
CA VAL C 637 84.03 -21.76 13.04
C VAL C 637 84.57 -22.22 14.40
N ARG C 638 85.75 -22.84 14.41
CA ARG C 638 86.36 -23.20 15.68
C ARG C 638 86.65 -21.98 16.53
N ASP C 639 87.15 -20.91 15.91
CA ASP C 639 87.43 -19.68 16.66
C ASP C 639 86.15 -19.06 17.18
N MET C 640 85.07 -19.09 16.40
CA MET C 640 83.79 -18.58 16.88
C MET C 640 83.29 -19.37 18.07
N LEU C 641 83.39 -20.70 18.00
CA LEU C 641 82.97 -21.54 19.11
C LEU C 641 83.80 -21.25 20.36
N HIS C 642 85.12 -21.10 20.20
CA HIS C 642 85.97 -20.80 21.34
C HIS C 642 85.69 -19.42 21.91
N PHE C 643 85.35 -18.45 21.04
CA PHE C 643 85.03 -17.12 21.51
C PHE C 643 83.74 -17.11 22.31
N TYR C 644 82.73 -17.85 21.85
CA TYR C 644 81.50 -17.98 22.63
C TYR C 644 81.74 -18.70 23.95
N ALA C 645 82.57 -19.75 23.94
CA ALA C 645 82.82 -20.51 25.16
C ALA C 645 83.59 -19.69 26.18
N GLU C 646 84.65 -18.99 25.74
CA GLU C 646 85.52 -18.27 26.65
C GLU C 646 84.80 -17.13 27.36
N GLN C 647 83.75 -16.57 26.77
CA GLN C 647 83.01 -15.47 27.36
C GLN C 647 81.88 -15.96 28.27
N GLY C 648 81.76 -17.26 28.48
CA GLY C 648 80.74 -17.81 29.35
C GLY C 648 79.43 -18.16 28.69
N ASP C 649 79.27 -17.88 27.39
CA ASP C 649 78.04 -18.20 26.67
C ASP C 649 78.24 -19.59 26.09
N VAL C 650 77.79 -20.60 26.84
CA VAL C 650 77.99 -21.98 26.43
C VAL C 650 76.84 -22.53 25.60
N GLN C 651 75.63 -22.01 25.77
CA GLN C 651 74.48 -22.54 25.05
C GLN C 651 74.66 -22.42 23.55
N MET C 652 75.17 -21.28 23.08
CA MET C 652 75.38 -21.08 21.65
C MET C 652 76.41 -22.07 21.10
N ALA C 653 77.51 -22.26 21.83
CA ALA C 653 78.54 -23.18 21.38
C ALA C 653 78.01 -24.61 21.30
N VAL C 654 77.28 -25.04 22.33
CA VAL C 654 76.75 -26.41 22.33
C VAL C 654 75.69 -26.57 21.27
N SER C 655 74.86 -25.55 21.05
CA SER C 655 73.83 -25.62 20.02
C SER C 655 74.45 -25.72 18.63
N VAL C 656 75.52 -24.95 18.40
CA VAL C 656 76.22 -25.04 17.11
C VAL C 656 76.83 -26.42 16.95
N LEU C 657 77.41 -26.97 18.01
CA LEU C 657 77.98 -28.31 17.94
C LEU C 657 76.91 -29.35 17.61
N ILE C 658 75.73 -29.22 18.21
CA ILE C 658 74.65 -30.16 17.93
C ILE C 658 74.17 -30.01 16.49
N VAL C 659 73.93 -28.77 16.04
CA VAL C 659 73.31 -28.54 14.75
C VAL C 659 74.27 -28.92 13.62
N LEU C 660 75.52 -28.46 13.70
CA LEU C 660 76.48 -28.79 12.66
C LEU C 660 76.80 -30.27 12.62
N GLY C 661 76.90 -30.90 13.80
CA GLY C 661 77.20 -32.32 13.86
C GLY C 661 78.66 -32.63 13.65
N GLU C 662 78.95 -33.65 12.84
CA GLU C 662 80.33 -34.05 12.58
C GLU C 662 81.08 -33.03 11.74
N ARG C 663 80.40 -32.05 11.15
CA ARG C 663 81.06 -31.05 10.33
C ARG C 663 82.02 -30.17 11.13
N VAL C 664 81.84 -30.09 12.46
CA VAL C 664 82.67 -29.26 13.32
C VAL C 664 83.21 -30.03 14.52
N ARG C 665 82.71 -31.23 14.78
CA ARG C 665 83.15 -31.97 15.96
C ARG C 665 84.63 -32.32 15.87
N LYS C 666 85.11 -32.68 14.69
CA LYS C 666 86.51 -33.05 14.53
C LYS C 666 87.46 -31.86 14.73
N ASP C 667 86.94 -30.63 14.62
CA ASP C 667 87.79 -29.45 14.77
C ASP C 667 88.06 -29.10 16.22
N ILE C 668 87.32 -29.66 17.17
CA ILE C 668 87.48 -29.37 18.59
C ILE C 668 87.87 -30.66 19.31
N ASP C 669 88.86 -30.56 20.20
CA ASP C 669 89.30 -31.72 20.95
C ASP C 669 88.19 -32.21 21.87
N GLU C 670 88.22 -33.52 22.16
CA GLU C 670 87.15 -34.14 22.93
C GLU C 670 87.09 -33.59 24.36
N GLN C 671 88.23 -33.22 24.94
CA GLN C 671 88.24 -32.72 26.31
C GLN C 671 87.46 -31.41 26.41
N THR C 672 87.76 -30.45 25.55
CA THR C 672 87.07 -29.16 25.59
C THR C 672 85.60 -29.30 25.20
N GLN C 673 85.30 -30.18 24.24
CA GLN C 673 83.91 -30.42 23.86
C GLN C 673 83.12 -30.99 25.02
N GLU C 674 83.68 -31.99 25.71
CA GLU C 674 83.01 -32.55 26.87
C GLU C 674 82.87 -31.51 27.98
N HIS C 675 83.87 -30.65 28.15
CA HIS C 675 83.79 -29.59 29.15
C HIS C 675 82.63 -28.65 28.86
N TRP C 676 82.50 -28.22 27.60
CA TRP C 676 81.40 -27.36 27.21
C TRP C 676 80.06 -28.06 27.44
N TYR C 677 79.99 -29.34 27.05
CA TYR C 677 78.74 -30.08 27.15
C TYR C 677 78.32 -30.20 28.61
N THR C 678 79.27 -30.53 29.49
CA THR C 678 78.98 -30.68 30.91
C THR C 678 78.58 -29.33 31.52
N SER C 679 79.26 -28.26 31.13
CA SER C 679 78.89 -26.95 31.66
C SER C 679 77.47 -26.56 31.27
N TYR C 680 77.12 -26.78 29.99
CA TYR C 680 75.77 -26.45 29.54
C TYR C 680 74.73 -27.34 30.23
N ILE C 681 75.06 -28.62 30.41
CA ILE C 681 74.12 -29.53 31.08
C ILE C 681 73.91 -29.10 32.53
N ASP C 682 74.99 -28.72 33.22
CA ASP C 682 74.87 -28.24 34.59
C ASP C 682 74.05 -26.97 34.67
N LEU C 683 74.26 -26.05 33.72
CA LEU C 683 73.45 -24.83 33.70
C LEU C 683 71.97 -25.15 33.48
N LEU C 684 71.68 -26.07 32.56
CA LEU C 684 70.29 -26.42 32.27
C LEU C 684 69.63 -27.09 33.48
N GLN C 685 70.35 -28.00 34.14
CA GLN C 685 69.80 -28.64 35.33
C GLN C 685 69.64 -27.65 36.47
N ARG C 686 70.48 -26.61 36.50
CA ARG C 686 70.35 -25.58 37.53
C ARG C 686 69.02 -24.84 37.42
N PHE C 687 68.58 -24.57 36.19
CA PHE C 687 67.34 -23.86 35.94
C PHE C 687 66.13 -24.78 35.87
N ARG C 688 66.29 -26.05 36.25
CA ARG C 688 65.20 -27.03 36.24
C ARG C 688 64.60 -27.18 34.85
N LEU C 689 65.48 -27.33 33.86
CA LEU C 689 65.08 -27.59 32.48
C LEU C 689 65.59 -28.98 32.12
N TRP C 690 64.80 -29.99 32.45
CA TRP C 690 65.21 -31.37 32.18
C TRP C 690 65.04 -31.75 30.72
N ASN C 691 64.03 -31.21 30.05
CA ASN C 691 63.78 -31.58 28.66
C ASN C 691 64.95 -31.19 27.77
N VAL C 692 65.39 -29.93 27.86
CA VAL C 692 66.46 -29.46 27.00
C VAL C 692 67.78 -30.14 27.37
N SER C 693 68.00 -30.37 28.67
CA SER C 693 69.21 -31.06 29.10
C SER C 693 69.26 -32.47 28.52
N ASN C 694 68.14 -33.20 28.58
CA ASN C 694 68.13 -34.55 28.03
C ASN C 694 68.25 -34.53 26.52
N GLU C 695 67.67 -33.52 25.86
CA GLU C 695 67.84 -33.41 24.41
C GLU C 695 69.30 -33.20 24.05
N VAL C 696 70.01 -32.35 24.80
CA VAL C 696 71.42 -32.13 24.56
C VAL C 696 72.22 -33.41 24.81
N VAL C 697 71.88 -34.13 25.87
CA VAL C 697 72.57 -35.39 26.17
C VAL C 697 72.36 -36.39 25.04
N LYS C 698 71.12 -36.52 24.57
CA LYS C 698 70.83 -37.48 23.51
C LYS C 698 71.51 -37.11 22.21
N LEU C 699 71.52 -35.83 21.87
CA LEU C 699 72.11 -35.38 20.61
C LEU C 699 73.61 -35.12 20.73
N SER C 700 74.20 -35.36 21.90
CA SER C 700 75.60 -35.04 22.13
C SER C 700 76.51 -35.75 21.13
N THR C 701 77.45 -35.00 20.56
CA THR C 701 78.44 -35.58 19.67
C THR C 701 79.52 -36.36 20.42
N SER C 702 79.61 -36.20 21.73
CA SER C 702 80.57 -36.91 22.55
C SER C 702 79.89 -38.12 23.19
N ARG C 703 80.52 -39.29 23.08
CA ARG C 703 79.93 -40.51 23.62
C ARG C 703 79.84 -40.46 25.14
N ALA C 704 80.76 -39.74 25.79
CA ALA C 704 80.74 -39.66 27.25
C ALA C 704 79.47 -38.99 27.76
N VAL C 705 79.04 -37.91 27.10
CA VAL C 705 77.82 -37.22 27.51
C VAL C 705 76.60 -38.07 27.19
N SER C 706 76.59 -38.70 26.01
CA SER C 706 75.46 -39.54 25.62
C SER C 706 75.29 -40.71 26.57
N CYS C 707 76.41 -41.25 27.06
CA CYS C 707 76.35 -42.36 28.01
C CYS C 707 75.89 -41.92 29.40
N LEU C 708 75.85 -40.62 29.68
CA LEU C 708 75.39 -40.14 30.98
C LEU C 708 73.89 -40.31 31.17
N ASN C 709 73.16 -40.63 30.11
CA ASN C 709 71.72 -40.86 30.20
C ASN C 709 71.37 -42.32 30.47
N GLN C 710 72.37 -43.18 30.64
CA GLN C 710 72.12 -44.60 30.86
C GLN C 710 72.66 -45.04 32.23
N SER C 712 72.36 -46.09 35.24
CA SER C 712 71.37 -46.94 35.89
C SER C 712 69.96 -46.34 35.77
N THR C 713 69.48 -46.25 34.53
CA THR C 713 68.16 -45.70 34.24
C THR C 713 67.18 -46.78 33.78
N THR C 714 67.50 -48.05 33.99
CA THR C 714 66.67 -49.16 33.58
C THR C 714 66.01 -49.77 34.82
N LEU C 715 64.68 -49.79 34.83
CA LEU C 715 63.94 -50.32 35.96
C LEU C 715 63.60 -51.78 35.74
N HIS C 716 63.70 -52.57 36.80
CA HIS C 716 63.37 -53.99 36.76
C HIS C 716 61.98 -54.21 37.35
N VAL C 717 61.16 -54.98 36.64
CA VAL C 717 59.77 -55.19 37.01
C VAL C 717 59.53 -56.67 37.25
N ASN C 718 58.75 -56.98 38.28
CA ASN C 718 58.40 -58.35 38.62
C ASN C 718 56.89 -58.46 38.73
N CYS C 719 56.33 -59.56 38.20
CA CYS C 719 54.91 -59.81 38.33
C CYS C 719 54.58 -60.19 39.77
N SER C 720 53.50 -59.61 40.30
CA SER C 720 53.14 -59.84 41.70
C SER C 720 52.54 -61.21 41.91
N HIS C 721 51.77 -61.71 40.94
CA HIS C 721 51.10 -62.99 41.11
C HIS C 721 52.07 -64.16 41.13
N CYS C 722 53.30 -63.95 40.66
CA CYS C 722 54.30 -65.02 40.63
C CYS C 722 55.61 -64.67 41.30
N LYS C 723 55.86 -63.38 41.56
CA LYS C 723 57.12 -62.92 42.16
C LYS C 723 58.32 -63.38 41.34
N ARG C 724 58.21 -63.28 40.01
CA ARG C 724 59.26 -63.67 39.10
C ARG C 724 59.48 -62.58 38.07
N PRO C 725 60.69 -62.46 37.53
CA PRO C 725 60.97 -61.40 36.55
C PRO C 725 60.21 -61.60 35.25
N MET C 726 59.94 -60.48 34.59
CA MET C 726 59.30 -60.46 33.28
C MET C 726 60.34 -60.14 32.21
N SER C 727 59.99 -60.49 30.97
CA SER C 727 60.86 -60.20 29.85
C SER C 727 61.00 -58.69 29.64
N SER C 728 62.18 -58.27 29.20
CA SER C 728 62.49 -56.87 29.01
C SER C 728 61.89 -56.28 27.74
N ARG C 729 61.03 -57.03 27.04
CA ARG C 729 60.40 -56.53 25.83
C ARG C 729 58.94 -56.95 25.71
N GLY C 730 58.35 -57.57 26.73
CA GLY C 730 57.01 -58.06 26.64
C GLY C 730 56.15 -57.56 27.79
N TRP C 731 54.83 -57.66 27.59
CA TRP C 731 53.85 -57.24 28.58
C TRP C 731 53.08 -58.41 29.18
N VAL C 732 53.46 -59.65 28.87
CA VAL C 732 52.73 -60.83 29.29
C VAL C 732 53.62 -61.65 30.21
N CYS C 733 53.10 -62.00 31.38
CA CYS C 733 53.84 -62.83 32.32
C CYS C 733 53.97 -64.24 31.79
N ASP C 734 55.18 -64.78 31.81
CA ASP C 734 55.42 -66.12 31.29
C ASP C 734 54.83 -67.19 32.23
N ARG C 735 55.04 -67.04 33.54
CA ARG C 735 54.61 -68.06 34.48
C ARG C 735 53.11 -67.99 34.73
N CYS C 736 52.62 -66.84 35.17
CA CYS C 736 51.19 -66.70 35.49
C CYS C 736 50.31 -66.70 34.25
N HIS C 737 50.88 -66.46 33.07
CA HIS C 737 50.15 -66.43 31.81
C HIS C 737 49.02 -65.40 31.83
N ARG C 738 49.22 -64.33 32.59
CA ARG C 738 48.25 -63.24 32.70
C ARG C 738 48.96 -61.91 32.55
N CYS C 739 48.24 -60.93 32.01
CA CYS C 739 48.81 -59.60 31.81
C CYS C 739 48.97 -58.90 33.16
N ALA C 740 50.22 -58.77 33.61
CA ALA C 740 50.51 -58.09 34.86
C ALA C 740 50.53 -56.58 34.71
N SER C 741 50.41 -56.06 33.49
CA SER C 741 50.35 -54.63 33.23
C SER C 741 48.93 -54.14 32.98
N MET C 742 47.94 -54.74 33.66
CA MET C 742 46.55 -54.33 33.51
C MET C 742 46.38 -52.89 33.97
N CYS C 743 45.68 -52.09 33.16
CA CYS C 743 45.41 -50.72 33.53
C CYS C 743 44.46 -50.67 34.73
N ALA C 744 44.72 -49.74 35.63
CA ALA C 744 43.96 -49.64 36.86
C ALA C 744 42.77 -48.70 36.78
N VAL C 745 42.51 -48.10 35.61
CA VAL C 745 41.38 -47.21 35.41
C VAL C 745 40.47 -47.70 34.30
N CYS C 746 40.99 -47.77 33.07
CA CYS C 746 40.20 -48.20 31.92
C CYS C 746 40.27 -49.70 31.68
N HIS C 747 41.09 -50.43 32.44
CA HIS C 747 41.21 -51.89 32.34
C HIS C 747 41.59 -52.32 30.92
N HIS C 748 42.79 -51.89 30.54
CA HIS C 748 43.40 -52.32 29.28
C HIS C 748 44.84 -52.73 29.54
N VAL C 749 45.59 -52.98 28.47
CA VAL C 749 47.00 -53.35 28.59
C VAL C 749 47.85 -52.08 28.51
N VAL C 750 48.68 -51.89 29.53
CA VAL C 750 49.58 -50.73 29.58
C VAL C 750 50.88 -51.16 28.91
N LYS C 751 50.93 -51.03 27.58
CA LYS C 751 52.13 -51.39 26.83
C LYS C 751 53.23 -50.35 26.98
N GLY C 752 52.87 -49.08 27.18
CA GLY C 752 53.86 -48.03 27.26
C GLY C 752 54.09 -47.50 28.66
N LEU C 753 53.80 -46.22 28.87
CA LEU C 753 54.10 -45.58 30.15
C LEU C 753 53.19 -46.14 31.25
N PHE C 754 53.81 -46.63 32.32
CA PHE C 754 53.10 -47.27 33.43
C PHE C 754 53.56 -46.61 34.73
N VAL C 755 52.83 -45.59 35.18
CA VAL C 755 53.15 -44.93 36.44
C VAL C 755 52.86 -45.89 37.59
N TRP C 756 53.71 -45.85 38.61
CA TRP C 756 53.66 -46.81 39.71
C TRP C 756 53.61 -46.07 41.04
N CYS C 757 53.12 -46.77 42.06
CA CYS C 757 53.10 -46.27 43.43
C CYS C 757 53.91 -47.21 44.31
N GLN C 758 54.83 -46.63 45.10
CA GLN C 758 55.70 -47.45 45.93
C GLN C 758 54.93 -48.14 47.05
N GLY C 759 53.86 -47.53 47.54
CA GLY C 759 53.14 -48.08 48.67
C GLY C 759 52.26 -49.26 48.34
N CYS C 760 51.26 -49.06 47.50
CA CYS C 760 50.29 -50.10 47.18
C CYS C 760 50.71 -50.97 46.00
N SER C 761 51.81 -50.63 45.33
CA SER C 761 52.28 -51.38 44.15
C SER C 761 51.21 -51.47 43.08
N HIS C 762 50.49 -50.38 42.86
CA HIS C 762 49.44 -50.32 41.86
C HIS C 762 49.65 -49.12 40.96
N GLY C 763 49.12 -49.21 39.74
CA GLY C 763 49.25 -48.13 38.79
C GLY C 763 48.64 -48.53 37.45
N GLY C 764 48.73 -47.59 36.51
CA GLY C 764 48.19 -47.81 35.18
C GLY C 764 48.70 -46.79 34.18
N HIS C 765 47.85 -46.43 33.22
CA HIS C 765 48.21 -45.40 32.25
C HIS C 765 48.49 -44.08 32.95
N LEU C 766 49.59 -43.43 32.55
CA LEU C 766 49.99 -42.20 33.22
C LEU C 766 48.94 -41.11 33.08
N GLN C 767 48.38 -40.94 31.88
CA GLN C 767 47.33 -39.95 31.68
C GLN C 767 46.09 -40.31 32.48
N HIS C 768 45.73 -41.60 32.49
CA HIS C 768 44.56 -42.03 33.25
C HIS C 768 44.74 -41.79 34.75
N ILE C 769 45.91 -42.12 35.29
CA ILE C 769 46.17 -41.90 36.70
C ILE C 769 46.18 -40.41 37.02
N MET C 770 46.75 -39.60 36.14
CA MET C 770 46.77 -38.16 36.36
C MET C 770 45.35 -37.59 36.38
N LYS C 771 44.49 -38.05 35.46
CA LYS C 771 43.10 -37.60 35.46
C LYS C 771 42.34 -38.11 36.67
N TRP C 772 42.67 -39.31 37.15
CA TRP C 772 41.96 -39.87 38.30
C TRP C 772 42.33 -39.16 39.59
N LEU C 773 43.62 -38.86 39.77
CA LEU C 773 44.06 -38.18 40.99
C LEU C 773 43.56 -36.74 41.06
N GLU C 774 43.10 -36.18 39.94
CA GLU C 774 42.56 -34.83 39.94
C GLU C 774 41.15 -34.74 40.50
N GLY C 775 40.50 -35.88 40.76
CA GLY C 775 39.14 -35.87 41.27
C GLY C 775 38.96 -36.67 42.53
N SER C 776 40.00 -37.38 42.96
CA SER C 776 39.94 -38.21 44.16
C SER C 776 41.34 -38.33 44.74
N SER C 777 41.47 -39.15 45.79
CA SER C 777 42.76 -39.35 46.43
C SER C 777 43.04 -40.83 46.72
N HIS C 778 42.12 -41.72 46.42
CA HIS C 778 42.31 -43.15 46.64
C HIS C 778 42.90 -43.80 45.41
N CYS C 779 43.61 -44.90 45.63
CA CYS C 779 44.19 -45.65 44.53
C CYS C 779 43.08 -46.26 43.69
N PRO C 780 43.09 -46.07 42.36
CA PRO C 780 42.01 -46.61 41.53
C PRO C 780 41.90 -48.13 41.56
N ALA C 781 42.99 -48.84 41.89
CA ALA C 781 42.93 -50.28 41.97
C ALA C 781 42.10 -50.78 43.14
N GLY C 782 41.83 -49.92 44.12
CA GLY C 782 40.97 -50.30 45.22
C GLY C 782 41.70 -51.00 46.36
N CYS C 783 42.69 -50.33 46.95
CA CYS C 783 43.41 -50.87 48.09
C CYS C 783 43.36 -49.98 49.33
N GLY C 784 42.89 -48.74 49.21
CA GLY C 784 42.81 -47.85 50.34
C GLY C 784 44.07 -47.06 50.62
N HIS C 785 45.19 -47.44 50.03
CA HIS C 785 46.44 -46.70 50.16
C HIS C 785 46.27 -45.24 49.77
N LEU C 786 46.54 -44.35 50.71
CA LEU C 786 46.41 -42.91 50.49
C LEU C 786 47.58 -42.47 49.60
N CYS C 787 47.42 -42.69 48.30
CA CYS C 787 48.49 -42.43 47.35
C CYS C 787 48.86 -40.95 47.31
N GLU C 788 47.87 -40.08 47.11
CA GLU C 788 48.11 -38.65 47.06
C GLU C 788 47.86 -37.97 48.40
N TYR C 789 47.46 -38.73 49.43
CA TYR C 789 47.20 -38.20 50.76
C TYR C 789 46.21 -37.04 50.73
N SER C 790 45.57 -36.86 49.57
CA SER C 790 44.60 -35.76 49.43
C SER C 790 45.30 -34.41 49.64
N ASN D 533 128.07 -1.99 -28.73
CA ASN D 533 127.33 -1.76 -27.49
C ASN D 533 125.84 -1.98 -27.70
N ILE D 534 125.36 -1.68 -28.90
CA ILE D 534 123.95 -1.85 -29.24
C ILE D 534 123.65 -3.35 -29.33
N PRO D 535 122.65 -3.85 -28.63
CA PRO D 535 122.33 -5.28 -28.69
C PRO D 535 121.67 -5.63 -30.01
N PHE D 536 121.54 -6.93 -30.24
CA PHE D 536 120.89 -7.42 -31.45
C PHE D 536 119.43 -6.97 -31.45
N PRO D 537 118.90 -6.55 -32.60
CA PRO D 537 117.51 -6.08 -32.64
C PRO D 537 116.54 -7.19 -32.26
N ARG D 538 115.50 -6.81 -31.53
CA ARG D 538 114.51 -7.78 -31.08
C ARG D 538 113.50 -8.06 -32.19
N THR D 539 113.31 -9.34 -32.49
CA THR D 539 112.31 -9.75 -33.46
C THR D 539 111.02 -10.26 -32.83
N SER D 540 111.05 -10.57 -31.54
CA SER D 540 109.87 -11.03 -30.82
C SER D 540 109.72 -10.25 -29.53
N GLY D 541 108.47 -10.07 -29.11
CA GLY D 541 108.18 -9.34 -27.89
C GLY D 541 106.72 -9.39 -27.49
N ALA D 542 106.47 -9.61 -26.21
CA ALA D 542 105.11 -9.69 -25.68
C ALA D 542 104.98 -8.75 -24.49
N ARG D 543 103.95 -7.90 -24.53
CA ARG D 543 103.68 -6.98 -23.43
C ARG D 543 102.19 -6.89 -23.20
N PHE D 544 101.78 -6.94 -21.94
CA PHE D 544 100.37 -6.75 -21.60
C PHE D 544 99.94 -5.33 -21.93
N CYS D 545 98.70 -5.19 -22.39
CA CYS D 545 98.17 -3.90 -22.78
C CYS D 545 96.71 -3.82 -22.40
N GLY D 546 96.22 -2.59 -22.23
CA GLY D 546 94.86 -2.40 -21.78
C GLY D 546 94.65 -3.04 -20.43
N ALA D 547 93.54 -3.77 -20.29
CA ALA D 547 93.22 -4.46 -19.04
C ALA D 547 93.45 -5.97 -19.14
N GLY D 548 92.87 -6.61 -20.14
CA GLY D 548 93.02 -8.05 -20.30
C GLY D 548 93.43 -8.46 -21.70
N TYR D 549 94.26 -7.65 -22.35
CA TYR D 549 94.72 -7.91 -23.71
C TYR D 549 96.22 -8.11 -23.70
N LEU D 550 96.67 -9.15 -24.42
CA LEU D 550 98.08 -9.45 -24.58
C LEU D 550 98.49 -9.23 -26.02
N VAL D 551 99.55 -8.46 -26.23
CA VAL D 551 100.05 -8.14 -27.56
C VAL D 551 101.42 -8.79 -27.71
N TYR D 552 101.56 -9.66 -28.70
CA TYR D 552 102.80 -10.38 -28.94
C TYR D 552 103.02 -10.50 -30.44
N PHE D 553 104.29 -10.64 -30.82
CA PHE D 553 104.66 -10.82 -32.21
C PHE D 553 105.90 -11.70 -32.30
N THR D 554 106.10 -12.31 -33.46
CA THR D 554 107.21 -13.21 -33.68
C THR D 554 107.75 -13.00 -35.09
N ARG D 555 108.97 -13.49 -35.31
CA ARG D 555 109.59 -13.39 -36.61
C ARG D 555 108.78 -14.21 -37.64
N PRO D 556 108.67 -13.73 -38.88
CA PRO D 556 107.90 -14.42 -39.92
C PRO D 556 108.53 -15.75 -40.33
N GLY D 645 106.81 -9.16 -39.93
CA GLY D 645 105.86 -10.19 -39.53
C GLY D 645 104.46 -9.64 -39.27
N LYS D 646 103.74 -10.29 -38.37
CA LYS D 646 102.39 -9.89 -38.02
C LYS D 646 102.24 -9.84 -36.51
N VAL D 647 101.43 -8.90 -36.04
CA VAL D 647 101.17 -8.72 -34.61
C VAL D 647 99.80 -9.31 -34.31
N ILE D 648 99.75 -10.22 -33.34
CA ILE D 648 98.53 -10.90 -32.95
C ILE D 648 98.11 -10.40 -31.57
N ILE D 649 96.90 -9.88 -31.48
CA ILE D 649 96.36 -9.34 -30.24
C ILE D 649 95.45 -10.39 -29.63
N GLN D 650 95.77 -10.82 -28.41
CA GLN D 650 95.05 -11.90 -27.74
C GLN D 650 94.37 -11.34 -26.50
N ASP D 651 93.07 -11.62 -26.37
CA ASP D 651 92.31 -11.25 -25.17
C ASP D 651 92.40 -12.40 -24.18
N ILE D 652 93.09 -12.17 -23.07
CA ILE D 652 93.34 -13.21 -22.08
C ILE D 652 92.74 -12.81 -20.74
N ALA D 653 91.64 -12.07 -20.78
CA ALA D 653 90.97 -11.67 -19.55
C ALA D 653 90.48 -12.86 -18.73
N CYS D 654 90.30 -14.02 -19.37
CA CYS D 654 89.93 -15.23 -18.64
C CYS D 654 91.06 -15.75 -17.76
N LEU D 655 92.29 -15.30 -17.97
CA LEU D 655 93.42 -15.69 -17.14
C LEU D 655 93.71 -14.71 -16.02
N LEU D 656 92.87 -13.69 -15.85
CA LEU D 656 93.08 -12.65 -14.85
C LEU D 656 92.02 -12.74 -13.76
N PRO D 657 92.36 -12.34 -12.52
CA PRO D 657 91.40 -12.35 -11.43
C PRO D 657 90.39 -11.21 -11.45
N VAL D 658 90.39 -10.39 -12.51
CA VAL D 658 89.47 -9.27 -12.64
C VAL D 658 88.67 -9.44 -13.92
N HIS D 659 87.35 -9.31 -13.82
CA HIS D 659 86.45 -9.47 -14.95
C HIS D 659 85.74 -8.15 -15.22
N LYS D 660 85.69 -7.76 -16.50
CA LYS D 660 85.00 -6.54 -16.88
C LYS D 660 83.50 -6.67 -16.63
N SER D 661 82.93 -7.86 -16.86
CA SER D 661 81.51 -8.06 -16.64
C SER D 661 81.15 -7.86 -15.17
N LEU D 662 81.97 -8.38 -14.27
CA LEU D 662 81.71 -8.17 -12.84
C LEU D 662 81.78 -6.71 -12.47
N GLY D 663 82.76 -5.98 -13.02
CA GLY D 663 82.86 -4.56 -12.74
C GLY D 663 81.67 -3.78 -13.26
N GLU D 664 81.16 -4.14 -14.43
CA GLU D 664 79.99 -3.47 -14.98
C GLU D 664 78.73 -3.82 -14.20
N LEU D 665 78.63 -5.05 -13.68
CA LEU D 665 77.43 -5.49 -13.00
C LEU D 665 77.36 -5.03 -11.55
N TYR D 666 78.49 -4.73 -10.92
CA TYR D 666 78.50 -4.33 -9.53
C TYR D 666 77.81 -2.98 -9.34
N ILE D 667 77.23 -2.79 -8.16
CA ILE D 667 76.52 -1.57 -7.82
C ILE D 667 77.08 -1.04 -6.50
N LEU D 668 76.89 0.26 -6.26
CA LEU D 668 77.40 0.89 -5.06
C LEU D 668 76.43 1.99 -4.63
N ASN D 669 75.85 1.83 -3.44
CA ASN D 669 74.98 2.84 -2.84
C ASN D 669 75.21 2.81 -1.33
N VAL D 670 75.86 3.85 -0.81
CA VAL D 670 76.15 3.91 0.62
C VAL D 670 74.89 4.05 1.45
N ASN D 671 73.78 4.47 0.85
CA ASN D 671 72.53 4.62 1.59
C ASN D 671 72.03 3.27 2.12
N ASP D 672 72.05 2.25 1.27
CA ASP D 672 71.63 0.91 1.64
C ASP D 672 72.73 -0.07 1.26
N ILE D 673 73.33 -0.71 2.28
CA ILE D 673 74.44 -1.61 2.03
C ILE D 673 73.97 -3.04 1.80
N GLN D 674 72.92 -3.47 2.51
CA GLN D 674 72.39 -4.81 2.31
C GLN D 674 71.84 -4.99 0.90
N GLU D 675 71.15 -3.96 0.38
CA GLU D 675 70.61 -4.04 -0.97
C GLU D 675 71.72 -4.17 -2.00
N THR D 676 72.79 -3.36 -1.86
CA THR D 676 73.91 -3.45 -2.79
C THR D 676 74.63 -4.79 -2.66
N CYS D 677 74.75 -5.32 -1.45
CA CYS D 677 75.37 -6.63 -1.27
C CYS D 677 74.56 -7.73 -1.94
N GLN D 678 73.22 -7.67 -1.81
CA GLN D 678 72.37 -8.65 -2.47
C GLN D 678 72.48 -8.51 -3.99
N LYS D 679 72.52 -7.28 -4.49
CA LYS D 679 72.67 -7.07 -5.93
C LYS D 679 74.01 -7.62 -6.43
N ASN D 680 75.07 -7.42 -5.66
CA ASN D 680 76.37 -7.97 -6.02
C ASN D 680 76.36 -9.49 -5.99
N ALA D 681 75.67 -10.08 -5.03
CA ALA D 681 75.53 -11.53 -5.00
C ALA D 681 74.80 -12.04 -6.25
N ALA D 682 73.73 -11.35 -6.63
CA ALA D 682 73.01 -11.73 -7.85
C ALA D 682 73.89 -11.59 -9.08
N SER D 683 74.67 -10.52 -9.15
CA SER D 683 75.57 -10.32 -10.29
C SER D 683 76.63 -11.42 -10.34
N ALA D 684 77.18 -11.79 -9.18
CA ALA D 684 78.17 -12.86 -9.15
C ALA D 684 77.56 -14.19 -9.57
N LEU D 685 76.31 -14.45 -9.15
CA LEU D 685 75.61 -15.66 -9.59
C LEU D 685 75.41 -15.64 -11.11
N LEU D 686 75.07 -14.48 -11.67
CA LEU D 686 74.93 -14.36 -13.11
C LEU D 686 76.25 -14.63 -13.82
N VAL D 687 77.35 -14.11 -13.27
CA VAL D 687 78.66 -14.33 -13.88
C VAL D 687 79.05 -15.79 -13.77
N GLY D 688 78.89 -16.38 -12.59
CA GLY D 688 79.15 -17.79 -12.40
C GLY D 688 80.23 -18.13 -11.41
N ARG D 689 80.69 -17.14 -10.65
CA ARG D 689 81.70 -17.37 -9.61
C ARG D 689 81.00 -17.68 -8.30
N LYS D 690 81.02 -18.96 -7.91
CA LYS D 690 80.30 -19.38 -6.71
C LYS D 690 80.93 -18.81 -5.44
N ASP D 691 82.27 -18.73 -5.41
CA ASP D 691 82.93 -18.24 -4.20
C ASP D 691 82.62 -16.77 -3.97
N LEU D 692 82.53 -15.97 -5.04
CA LEU D 692 82.04 -14.61 -4.90
C LEU D 692 80.60 -14.59 -4.37
N VAL D 693 79.77 -15.53 -4.81
CA VAL D 693 78.39 -15.58 -4.31
C VAL D 693 78.38 -15.82 -2.81
N GLN D 694 79.18 -16.79 -2.35
CA GLN D 694 79.23 -17.10 -0.93
C GLN D 694 79.78 -15.92 -0.13
N VAL D 695 80.84 -15.28 -0.64
CA VAL D 695 81.43 -14.15 0.06
C VAL D 695 80.44 -12.99 0.13
N TRP D 696 79.72 -12.74 -0.96
CA TRP D 696 78.78 -11.62 -0.97
C TRP D 696 77.58 -11.89 -0.06
N SER D 697 77.12 -13.14 0.01
CA SER D 697 76.06 -13.46 0.96
C SER D 697 76.55 -13.32 2.40
N LEU D 698 77.78 -13.74 2.67
CA LEU D 698 78.35 -13.57 4.01
C LEU D 698 78.44 -12.10 4.37
N ALA D 699 78.89 -11.27 3.43
CA ALA D 699 78.97 -9.84 3.67
C ALA D 699 77.58 -9.24 3.88
N THR D 700 76.61 -9.68 3.07
CA THR D 700 75.22 -9.24 3.23
C THR D 700 74.75 -9.48 4.66
N VAL D 701 75.02 -10.67 5.18
CA VAL D 701 74.63 -10.99 6.56
C VAL D 701 75.41 -10.13 7.55
N ALA D 702 76.71 -9.96 7.33
CA ALA D 702 77.59 -9.35 8.31
C ALA D 702 77.61 -7.83 8.26
N THR D 703 76.89 -7.20 7.33
CA THR D 703 76.90 -5.76 7.20
C THR D 703 75.57 -5.11 7.60
N ASP D 704 74.64 -5.90 8.14
CA ASP D 704 73.32 -5.35 8.48
C ASP D 704 73.46 -4.29 9.58
N LEU D 705 72.56 -3.31 9.53
CA LEU D 705 72.60 -2.21 10.49
C LEU D 705 72.28 -2.66 11.90
N CYS D 706 71.73 -3.86 12.08
CA CYS D 706 71.46 -4.39 13.42
C CYS D 706 72.73 -4.72 14.18
N LEU D 707 73.89 -4.72 13.51
CA LEU D 707 75.17 -5.05 14.12
C LEU D 707 76.01 -3.81 14.38
N GLY D 708 75.39 -2.64 14.44
CA GLY D 708 76.11 -1.40 14.61
C GLY D 708 76.93 -1.36 15.89
N PRO D 709 78.22 -1.01 15.76
CA PRO D 709 79.06 -0.89 16.95
C PRO D 709 78.54 0.17 17.90
N LYS D 710 78.68 -0.09 19.20
CA LYS D 710 78.21 0.82 20.23
C LYS D 710 79.33 1.76 20.66
N SER D 711 78.94 2.99 21.01
CA SER D 711 79.91 3.96 21.49
C SER D 711 80.52 3.53 22.82
N ASP D 712 79.72 2.98 23.72
CA ASP D 712 80.22 2.54 25.01
C ASP D 712 80.92 1.20 24.86
N PRO D 713 82.20 1.09 25.23
CA PRO D 713 82.88 -0.21 25.12
C PRO D 713 82.25 -1.30 25.99
N ASP D 714 81.71 -0.94 27.15
CA ASP D 714 81.17 -1.91 28.08
C ASP D 714 79.76 -2.36 27.73
N LEU D 715 79.13 -1.76 26.70
CA LEU D 715 77.78 -2.14 26.33
C LEU D 715 77.73 -3.59 25.82
N GLU D 716 78.63 -3.93 24.90
CA GLU D 716 78.69 -5.27 24.33
C GLU D 716 79.99 -5.38 23.54
N THR D 717 80.26 -6.60 23.08
CA THR D 717 81.42 -6.84 22.22
C THR D 717 81.10 -6.45 20.79
N PRO D 718 81.86 -5.56 20.17
CA PRO D 718 81.55 -5.14 18.80
C PRO D 718 81.68 -6.31 17.83
N TRP D 719 80.86 -6.27 16.78
CA TRP D 719 80.87 -7.35 15.79
C TRP D 719 82.22 -7.46 15.09
N ALA D 720 83.01 -6.38 15.05
CA ALA D 720 84.35 -6.48 14.49
C ALA D 720 85.21 -7.43 15.30
N ARG D 721 85.13 -7.36 16.63
CA ARG D 721 85.87 -8.29 17.48
C ARG D 721 85.30 -9.69 17.42
N HIS D 722 84.08 -9.85 16.92
CA HIS D 722 83.51 -11.18 16.72
C HIS D 722 84.30 -11.92 15.63
N PRO D 723 84.53 -13.22 15.80
CA PRO D 723 85.32 -13.96 14.80
C PRO D 723 84.74 -13.90 13.40
N PHE D 724 83.41 -13.84 13.27
CA PHE D 724 82.79 -13.70 11.96
C PHE D 724 82.84 -12.28 11.44
N GLY D 725 83.53 -11.38 12.14
CA GLY D 725 83.69 -10.01 11.70
C GLY D 725 85.04 -9.75 11.08
N ARG D 726 85.96 -9.17 11.87
CA ARG D 726 87.28 -8.84 11.34
C ARG D 726 88.05 -10.09 10.94
N GLN D 727 87.98 -11.15 11.75
CA GLN D 727 88.73 -12.37 11.43
C GLN D 727 88.26 -12.98 10.12
N LEU D 728 86.94 -13.04 9.90
CA LEU D 728 86.42 -13.44 8.61
C LEU D 728 86.92 -12.53 7.50
N LEU D 729 86.78 -11.22 7.69
CA LEU D 729 87.18 -10.28 6.65
C LEU D 729 88.68 -10.31 6.42
N GLU D 730 89.46 -10.40 7.49
CA GLU D 730 90.91 -10.48 7.34
C GLU D 730 91.33 -11.75 6.60
N SER D 731 90.71 -12.89 6.93
CA SER D 731 91.03 -14.13 6.23
C SER D 731 90.64 -14.05 4.76
N LEU D 732 89.47 -13.48 4.47
CA LEU D 732 89.05 -13.32 3.08
C LEU D 732 90.00 -12.42 2.32
N LEU D 733 90.42 -11.31 2.94
CA LEU D 733 91.36 -10.40 2.28
C LEU D 733 92.69 -11.08 2.04
N ALA D 734 93.19 -11.86 3.00
CA ALA D 734 94.44 -12.58 2.79
C ALA D 734 94.32 -13.58 1.66
N HIS D 735 93.21 -14.33 1.61
CA HIS D 735 93.01 -15.30 0.54
C HIS D 735 92.95 -14.63 -0.82
N TYR D 736 92.24 -13.49 -0.91
CA TYR D 736 92.11 -12.83 -2.19
C TYR D 736 93.40 -12.10 -2.59
N CYS D 737 94.20 -11.68 -1.61
CA CYS D 737 95.53 -11.17 -1.92
C CYS D 737 96.42 -12.27 -2.46
N ARG D 738 96.32 -13.48 -1.90
CA ARG D 738 97.02 -14.63 -2.46
C ARG D 738 96.55 -14.91 -3.89
N LEU D 739 95.23 -14.84 -4.12
CA LEU D 739 94.69 -14.95 -5.46
C LEU D 739 94.91 -13.70 -6.29
N ARG D 740 95.38 -12.62 -5.67
CA ARG D 740 95.68 -11.35 -6.35
C ARG D 740 94.43 -10.71 -6.95
N ASP D 741 93.26 -11.02 -6.40
CA ASP D 741 91.99 -10.50 -6.91
C ASP D 741 91.81 -9.08 -6.41
N VAL D 742 92.29 -8.11 -7.20
CA VAL D 742 92.19 -6.70 -6.83
C VAL D 742 90.73 -6.27 -6.73
N GLN D 743 89.91 -6.72 -7.69
CA GLN D 743 88.52 -6.29 -7.76
C GLN D 743 87.76 -6.66 -6.49
N THR D 744 87.82 -7.94 -6.10
CA THR D 744 87.10 -8.38 -4.92
C THR D 744 87.63 -7.73 -3.67
N LEU D 745 88.96 -7.62 -3.54
CA LEU D 745 89.56 -7.00 -2.37
C LEU D 745 89.06 -5.57 -2.19
N ALA D 746 89.18 -4.76 -3.24
CA ALA D 746 88.78 -3.36 -3.15
C ALA D 746 87.29 -3.21 -2.95
N MET D 747 86.49 -4.04 -3.63
CA MET D 747 85.05 -3.93 -3.52
C MET D 747 84.58 -4.30 -2.11
N LEU D 748 85.14 -5.36 -1.54
CA LEU D 748 84.82 -5.71 -0.16
C LEU D 748 85.26 -4.64 0.82
N CYS D 749 86.45 -4.06 0.61
CA CYS D 749 86.91 -2.99 1.48
C CYS D 749 85.97 -1.79 1.42
N SER D 750 85.52 -1.42 0.22
CA SER D 750 84.58 -0.31 0.09
C SER D 750 83.26 -0.62 0.78
N VAL D 751 82.74 -1.84 0.57
CA VAL D 751 81.45 -2.20 1.16
C VAL D 751 81.54 -2.16 2.68
N PHE D 752 82.61 -2.70 3.25
CA PHE D 752 82.71 -2.74 4.70
C PHE D 752 83.08 -1.38 5.30
N GLU D 753 83.76 -0.53 4.55
CA GLU D 753 84.09 0.81 5.04
C GLU D 753 82.93 1.78 4.89
N ALA D 754 81.96 1.49 4.02
CA ALA D 754 80.81 2.37 3.88
C ALA D 754 80.04 2.50 5.18
N GLN D 755 79.83 1.37 5.88
CA GLN D 755 79.15 1.41 7.16
C GLN D 755 79.96 2.20 8.18
N SER D 756 81.28 2.03 8.19
CA SER D 756 82.14 2.75 9.12
C SER D 756 82.43 4.16 8.64
N ARG D 837 90.90 6.50 30.63
CA ARG D 837 89.56 6.36 30.05
C ARG D 837 89.57 6.79 28.59
N GLU D 838 90.24 7.91 28.30
CA GLU D 838 90.34 8.38 26.92
C GLU D 838 91.07 7.37 26.04
N ARG D 839 92.16 6.80 26.55
CA ARG D 839 92.88 5.77 25.81
C ARG D 839 92.00 4.55 25.58
N GLU D 840 91.23 4.16 26.59
CA GLU D 840 90.31 3.04 26.43
C GLU D 840 89.25 3.34 25.38
N ARG D 841 88.73 4.57 25.37
CA ARG D 841 87.74 4.93 24.36
C ARG D 841 88.33 4.91 22.96
N ASP D 842 89.56 5.41 22.81
CA ASP D 842 90.23 5.38 21.51
C ASP D 842 90.46 3.95 21.05
N GLN D 843 90.90 3.09 21.97
CA GLN D 843 91.11 1.68 21.62
C GLN D 843 89.81 1.02 21.22
N HIS D 844 88.72 1.30 21.94
CA HIS D 844 87.43 0.74 21.58
C HIS D 844 86.97 1.22 20.21
N ASP D 845 87.18 2.51 19.91
CA ASP D 845 86.86 3.02 18.59
C ASP D 845 87.70 2.33 17.52
N LYS D 846 88.94 1.99 17.84
CA LYS D 846 89.77 1.25 16.90
C LYS D 846 89.24 -0.16 16.68
N ASN D 847 88.79 -0.83 17.74
CA ASN D 847 88.40 -2.23 17.65
C ASN D 847 87.01 -2.43 17.05
N LYS D 848 86.19 -1.38 16.96
CA LYS D 848 84.82 -1.55 16.51
C LYS D 848 84.68 -1.48 14.99
N ARG D 849 85.76 -1.29 14.26
CA ARG D 849 85.73 -1.22 12.81
C ARG D 849 86.10 -2.58 12.23
N LEU D 850 85.29 -3.07 11.29
CA LEU D 850 85.59 -4.34 10.63
C LEU D 850 86.80 -4.26 9.73
N LEU D 851 87.26 -3.05 9.40
CA LEU D 851 88.51 -2.85 8.67
C LEU D 851 89.55 -2.29 9.63
N ASP D 852 90.81 -2.68 9.41
CA ASP D 852 91.87 -2.33 10.34
C ASP D 852 92.15 -0.83 10.28
N PRO D 853 92.00 -0.10 11.39
CA PRO D 853 92.35 1.32 11.38
C PRO D 853 93.81 1.58 11.09
N ALA D 854 94.70 0.66 11.50
CA ALA D 854 96.12 0.82 11.24
C ALA D 854 96.54 0.33 9.85
N ASN D 855 95.63 -0.27 9.10
CA ASN D 855 95.92 -0.78 7.76
C ASN D 855 95.00 -0.12 6.73
N THR D 856 94.65 1.14 6.96
CA THR D 856 93.80 1.86 6.01
C THR D 856 94.56 2.26 4.75
N GLN D 857 95.88 2.42 4.83
CA GLN D 857 96.66 2.74 3.64
C GLN D 857 96.56 1.63 2.60
N GLN D 858 96.62 0.38 3.04
CA GLN D 858 96.49 -0.73 2.10
C GLN D 858 95.10 -0.75 1.46
N PHE D 859 94.05 -0.50 2.25
CA PHE D 859 92.71 -0.49 1.70
C PHE D 859 92.54 0.64 0.69
N ASP D 860 93.09 1.82 1.00
CA ASP D 860 93.07 2.91 0.03
C ASP D 860 93.82 2.56 -1.23
N ASP D 861 94.94 1.84 -1.09
CA ASP D 861 95.68 1.38 -2.26
C ASP D 861 94.84 0.42 -3.11
N PHE D 862 94.12 -0.50 -2.46
CA PHE D 862 93.23 -1.39 -3.20
C PHE D 862 92.18 -0.61 -3.96
N LYS D 863 91.56 0.37 -3.29
CA LYS D 863 90.52 1.16 -3.95
C LYS D 863 91.08 1.95 -5.12
N LYS D 864 92.25 2.57 -4.96
CA LYS D 864 92.85 3.34 -6.04
C LYS D 864 93.22 2.44 -7.22
N CYS D 865 93.78 1.25 -6.93
CA CYS D 865 94.14 0.35 -8.01
C CYS D 865 92.92 -0.17 -8.74
N TYR D 866 91.83 -0.46 -8.02
CA TYR D 866 90.61 -0.90 -8.69
C TYR D 866 90.02 0.23 -9.53
N GLY D 867 90.09 1.47 -9.05
CA GLY D 867 89.69 2.59 -9.88
C GLY D 867 90.53 2.71 -11.13
N GLU D 868 91.83 2.43 -11.01
CA GLU D 868 92.71 2.43 -12.17
C GLU D 868 92.30 1.34 -13.17
N ILE D 869 91.96 0.15 -12.67
CA ILE D 869 91.52 -0.93 -13.56
C ILE D 869 90.20 -0.56 -14.24
N LEU D 870 89.30 0.07 -13.50
CA LEU D 870 88.02 0.48 -14.08
C LEU D 870 88.23 1.56 -15.14
N TYR D 871 89.15 2.48 -14.90
CA TYR D 871 89.50 3.46 -15.93
C TYR D 871 90.10 2.77 -17.15
N ARG D 872 90.92 1.74 -16.92
CA ARG D 872 91.44 0.95 -18.03
C ARG D 872 90.31 0.35 -18.85
N TRP D 873 89.31 -0.23 -18.18
CA TRP D 873 88.16 -0.79 -18.88
C TRP D 873 87.35 0.28 -19.57
N GLY D 874 87.20 1.45 -18.96
CA GLY D 874 86.42 2.53 -19.52
C GLY D 874 85.19 2.91 -18.72
N LEU D 875 84.89 2.19 -17.64
CA LEU D 875 83.73 2.51 -16.80
C LEU D 875 84.14 3.61 -15.82
N ARG D 876 84.13 4.85 -16.32
CA ARG D 876 84.54 5.98 -15.49
C ARG D 876 83.59 6.19 -14.31
N GLU D 877 82.29 6.00 -14.54
CA GLU D 877 81.31 6.17 -13.47
C GLU D 877 81.55 5.16 -12.34
N LYS D 878 81.82 3.90 -12.70
CA LYS D 878 82.11 2.90 -11.68
C LYS D 878 83.39 3.24 -10.93
N ARG D 879 84.41 3.73 -11.64
CA ARG D 879 85.65 4.13 -10.98
C ARG D 879 85.40 5.26 -9.98
N ALA D 880 84.60 6.24 -10.37
CA ALA D 880 84.28 7.34 -9.46
C ALA D 880 83.49 6.83 -8.26
N GLU D 881 82.55 5.91 -8.48
CA GLU D 881 81.76 5.38 -7.38
C GLU D 881 82.63 4.61 -6.40
N VAL D 882 83.56 3.79 -6.90
CA VAL D 882 84.44 3.03 -6.01
C VAL D 882 85.35 3.97 -5.21
N LEU D 883 85.90 4.99 -5.87
CA LEU D 883 86.84 5.90 -5.22
C LEU D 883 86.21 6.78 -4.15
N LYS D 884 84.87 6.82 -4.07
CA LYS D 884 84.21 7.65 -3.07
C LYS D 884 84.46 7.14 -1.65
N PHE D 885 84.93 5.90 -1.50
CA PHE D 885 85.17 5.31 -0.19
C PHE D 885 86.62 5.41 0.25
N VAL D 886 87.46 6.11 -0.50
CA VAL D 886 88.85 6.28 -0.11
C VAL D 886 88.92 7.14 1.15
N SER D 887 89.71 6.70 2.13
CA SER D 887 89.83 7.44 3.38
C SER D 887 90.43 8.82 3.15
N CYS D 888 91.44 8.91 2.29
CA CYS D 888 92.08 10.17 1.98
C CYS D 888 91.14 11.09 1.19
N PHE D 922 76.20 34.56 -9.48
CA PHE D 922 75.94 34.23 -10.88
C PHE D 922 74.47 33.89 -11.11
N GLN D 923 73.87 34.54 -12.09
CA GLN D 923 72.47 34.34 -12.44
C GLN D 923 72.35 33.71 -13.81
N CYS D 924 71.45 32.74 -13.94
CA CYS D 924 71.26 32.06 -15.21
C CYS D 924 70.80 33.03 -16.28
N ALA D 925 71.27 32.82 -17.50
CA ALA D 925 70.91 33.65 -18.65
C ALA D 925 69.68 33.14 -19.37
N ILE D 926 69.06 32.07 -18.89
CA ILE D 926 67.89 31.48 -19.53
C ILE D 926 66.64 31.66 -18.68
N CYS D 927 66.68 31.22 -17.43
CA CYS D 927 65.54 31.34 -16.53
C CYS D 927 65.71 32.46 -15.50
N HIS D 928 66.87 33.13 -15.48
CA HIS D 928 67.14 34.24 -14.57
C HIS D 928 66.93 33.84 -13.11
N VAL D 929 67.30 32.61 -12.78
CA VAL D 929 67.26 32.10 -11.42
C VAL D 929 68.69 31.90 -10.94
N ALA D 930 68.95 32.26 -9.69
CA ALA D 930 70.29 32.14 -9.14
C ALA D 930 70.78 30.71 -9.22
N VAL D 931 72.00 30.52 -9.71
CA VAL D 931 72.57 29.20 -9.95
C VAL D 931 73.52 28.88 -8.81
N ARG D 932 73.26 27.77 -8.12
CA ARG D 932 74.11 27.31 -7.03
C ARG D 932 74.75 25.96 -7.29
N GLY D 933 74.24 25.18 -8.23
CA GLY D 933 74.78 23.87 -8.50
C GLY D 933 75.54 23.77 -9.82
N SER D 934 75.28 22.73 -10.59
CA SER D 934 75.95 22.54 -11.87
C SER D 934 75.64 23.70 -12.82
N SER D 935 76.66 24.23 -13.45
CA SER D 935 76.50 25.38 -14.33
C SER D 935 77.52 25.34 -15.46
N ASN D 936 77.11 25.79 -16.63
CA ASN D 936 77.98 25.92 -17.79
C ASN D 936 78.18 27.39 -18.10
N PHE D 937 79.44 27.83 -18.18
CA PHE D 937 79.77 29.22 -18.48
C PHE D 937 80.70 29.28 -19.67
N CYS D 938 80.36 30.11 -20.65
CA CYS D 938 81.19 30.29 -21.83
C CYS D 938 82.36 31.22 -21.50
N LEU D 939 83.58 30.79 -21.84
CA LEU D 939 84.74 31.60 -21.51
C LEU D 939 84.86 32.82 -22.42
N THR D 940 84.39 32.71 -23.67
CA THR D 940 84.58 33.80 -24.63
C THR D 940 83.69 35.00 -24.29
N CYS D 941 82.41 34.76 -24.00
CA CYS D 941 81.47 35.84 -23.72
C CYS D 941 81.17 36.02 -22.25
N GLY D 942 80.95 34.94 -21.50
CA GLY D 942 80.75 35.02 -20.08
C GLY D 942 79.33 34.87 -19.58
N HIS D 943 78.40 34.46 -20.43
CA HIS D 943 77.01 34.27 -20.05
C HIS D 943 76.71 32.78 -19.91
N GLY D 944 76.15 32.40 -18.77
CA GLY D 944 75.89 30.99 -18.52
C GLY D 944 74.89 30.81 -17.40
N GLY D 945 74.39 29.59 -17.30
CA GLY D 945 73.40 29.25 -16.29
C GLY D 945 73.32 27.78 -15.96
N HIS D 946 72.12 27.30 -15.66
CA HIS D 946 71.94 25.91 -15.24
C HIS D 946 72.30 24.95 -16.36
N THR D 947 72.85 23.80 -15.98
CA THR D 947 73.32 22.82 -16.96
C THR D 947 72.17 22.30 -17.82
N SER D 948 71.06 21.93 -17.19
CA SER D 948 69.91 21.43 -17.94
C SER D 948 69.34 22.50 -18.86
N HIS D 949 69.29 23.75 -18.37
CA HIS D 949 68.78 24.85 -19.19
C HIS D 949 69.63 25.05 -20.43
N MET D 950 70.95 25.07 -20.27
CA MET D 950 71.83 25.22 -21.42
C MET D 950 71.74 24.03 -22.35
N MET D 951 71.61 22.82 -21.81
CA MET D 951 71.46 21.65 -22.67
C MET D 951 70.21 21.77 -23.53
N GLU D 952 69.08 22.12 -22.92
CA GLU D 952 67.83 22.26 -23.67
C GLU D 952 67.92 23.38 -24.68
N TRP D 953 68.54 24.51 -24.30
CA TRP D 953 68.60 25.67 -25.19
C TRP D 953 69.52 25.41 -26.38
N PHE D 954 70.66 24.75 -26.15
CA PHE D 954 71.62 24.51 -27.21
C PHE D 954 71.31 23.26 -28.04
N ARG D 955 70.39 22.41 -27.57
CA ARG D 955 69.97 21.29 -28.40
C ARG D 955 69.20 21.74 -29.64
N THR D 956 68.65 22.96 -29.62
CA THR D 956 67.90 23.50 -30.75
C THR D 956 68.59 24.70 -31.38
N GLN D 957 68.91 25.73 -30.59
CA GLN D 957 69.55 26.93 -31.08
C GLN D 957 71.06 26.83 -30.92
N GLU D 958 71.76 27.86 -31.42
CA GLU D 958 73.22 27.91 -31.35
C GLU D 958 73.74 29.28 -30.93
N VAL D 959 72.86 30.22 -30.63
CA VAL D 959 73.25 31.57 -30.23
C VAL D 959 73.13 31.67 -28.72
N CYS D 960 73.96 32.54 -28.13
CA CYS D 960 73.96 32.71 -26.69
C CYS D 960 72.60 33.21 -26.22
N PRO D 961 72.03 32.64 -25.15
CA PRO D 961 70.73 33.11 -24.67
C PRO D 961 70.70 34.57 -24.26
N THR D 962 71.82 35.10 -23.77
CA THR D 962 71.87 36.50 -23.35
C THR D 962 71.77 37.48 -24.51
N GLY D 963 71.89 37.00 -25.75
CA GLY D 963 71.78 37.87 -26.90
C GLY D 963 73.05 38.58 -27.30
N CYS D 964 74.20 38.23 -26.70
CA CYS D 964 75.46 38.88 -27.06
C CYS D 964 75.97 38.47 -28.44
N GLY D 965 75.35 37.47 -29.07
CA GLY D 965 75.75 37.03 -30.38
C GLY D 965 76.83 35.97 -30.39
N CYS D 966 77.36 35.60 -29.23
CA CYS D 966 78.41 34.58 -29.17
C CYS D 966 77.84 33.22 -29.57
N HIS D 967 78.54 32.54 -30.47
CA HIS D 967 78.22 31.15 -30.82
C HIS D 967 78.94 30.27 -29.82
N CYS D 968 78.25 29.98 -28.70
CA CYS D 968 78.89 29.32 -27.58
C CYS D 968 79.31 27.90 -27.90
N LEU D 969 78.59 27.21 -28.78
CA LEU D 969 79.00 25.86 -29.18
C LEU D 969 80.35 25.88 -29.87
N LEU D 970 80.53 26.78 -30.84
CA LEU D 970 81.81 26.90 -31.53
C LEU D 970 82.89 27.53 -30.67
N GLU D 971 82.53 28.08 -29.51
CA GLU D 971 83.50 28.76 -28.65
C GLU D 971 83.95 27.92 -27.47
N SER D 972 83.14 26.97 -27.02
CA SER D 972 83.47 26.13 -25.88
C SER D 972 83.75 24.68 -26.24
N THR D 973 82.79 24.09 -26.95
CA THR D 973 82.95 22.67 -27.31
C THR D 973 84.31 22.55 -27.99
N PHE D 974 85.33 22.06 -27.27
CA PHE D 974 86.70 21.98 -27.82
C PHE D 974 87.31 23.38 -27.88
N PHE E 2 11.68 -47.73 21.44
CA PHE E 2 12.70 -48.30 20.56
C PHE E 2 12.71 -47.57 19.22
N VAL E 3 13.37 -46.42 19.18
CA VAL E 3 13.44 -45.58 17.98
C VAL E 3 14.59 -46.07 17.12
N ALA E 4 14.31 -46.29 15.84
CA ALA E 4 15.29 -46.76 14.87
C ALA E 4 15.71 -45.61 13.97
N ARG E 5 17.02 -45.40 13.85
CA ARG E 5 17.56 -44.34 13.02
C ARG E 5 18.75 -44.87 12.23
N SER E 6 18.81 -44.52 10.95
CA SER E 6 19.90 -44.97 10.10
C SER E 6 21.20 -44.28 10.51
N ILE E 7 22.28 -45.05 10.54
CA ILE E 7 23.61 -44.54 10.87
C ILE E 7 24.24 -43.97 9.61
N ALA E 8 25.00 -42.89 9.77
CA ALA E 8 25.64 -42.23 8.63
C ALA E 8 26.83 -43.03 8.13
N ALA E 9 26.57 -44.20 7.56
CA ALA E 9 27.61 -45.06 7.01
C ALA E 9 27.28 -45.39 5.56
N ASP E 10 28.29 -45.35 4.71
CA ASP E 10 28.14 -45.61 3.28
C ASP E 10 28.90 -46.89 2.92
N HIS E 11 28.19 -47.84 2.33
CA HIS E 11 28.77 -49.11 1.91
C HIS E 11 28.42 -49.35 0.44
N LYS E 12 29.43 -49.71 -0.35
CA LYS E 12 29.22 -49.98 -1.77
C LYS E 12 28.77 -51.41 -2.04
N ASP E 13 28.79 -52.28 -1.04
CA ASP E 13 28.39 -53.67 -1.20
C ASP E 13 27.50 -54.08 -0.05
N LEU E 14 26.67 -55.09 -0.30
CA LEU E 14 25.75 -55.58 0.72
C LEU E 14 26.52 -56.18 1.88
N ILE E 15 26.07 -55.87 3.10
CA ILE E 15 26.75 -56.32 4.31
C ILE E 15 26.16 -57.65 4.75
N HIS E 16 27.03 -58.62 5.02
CA HIS E 16 26.60 -59.95 5.45
C HIS E 16 26.44 -60.04 6.95
N ASP E 17 27.46 -59.66 7.71
CA ASP E 17 27.41 -59.71 9.17
C ASP E 17 28.00 -58.43 9.75
N VAL E 18 27.49 -58.04 10.91
CA VAL E 18 27.95 -56.86 11.62
C VAL E 18 28.25 -57.25 13.07
N SER E 19 29.33 -56.71 13.62
CA SER E 19 29.76 -57.06 14.96
C SER E 19 30.29 -55.84 15.68
N PHE E 20 29.74 -55.56 16.86
CA PHE E 20 30.22 -54.48 17.70
C PHE E 20 31.48 -54.90 18.43
N ASP E 21 32.12 -53.93 19.09
CA ASP E 21 33.21 -54.19 20.01
C ASP E 21 32.65 -54.33 21.43
N PHE E 22 33.52 -54.74 22.35
CA PHE E 22 33.10 -54.91 23.74
C PHE E 22 32.62 -53.59 24.33
N HIS E 23 33.32 -52.49 24.03
CA HIS E 23 32.90 -51.18 24.49
C HIS E 23 31.76 -50.60 23.66
N GLY E 24 31.48 -51.16 22.48
CA GLY E 24 30.46 -50.63 21.62
C GLY E 24 30.91 -49.51 20.71
N ARG E 25 32.21 -49.22 20.66
CA ARG E 25 32.73 -48.16 19.80
C ARG E 25 33.15 -48.70 18.44
N ARG E 26 34.13 -49.61 18.43
CA ARG E 26 34.58 -50.21 17.18
C ARG E 26 33.53 -51.20 16.67
N MET E 27 33.53 -51.39 15.35
CA MET E 27 32.59 -52.31 14.73
C MET E 27 33.19 -52.83 13.43
N ALA E 28 32.74 -54.01 13.02
CA ALA E 28 33.24 -54.66 11.81
C ALA E 28 32.08 -55.16 10.96
N THR E 29 32.28 -55.11 9.65
CA THR E 29 31.30 -55.60 8.69
C THR E 29 32.02 -56.37 7.58
N CYS E 30 31.41 -57.46 7.14
CA CYS E 30 31.93 -58.25 6.03
C CYS E 30 30.99 -58.04 4.84
N SER E 31 31.33 -57.08 3.99
CA SER E 31 30.48 -56.71 2.88
C SER E 31 30.48 -57.81 1.81
N SER E 32 29.66 -57.61 0.78
CA SER E 32 29.51 -58.61 -0.27
C SER E 32 30.71 -58.67 -1.20
N ASP E 33 31.54 -57.62 -1.22
CA ASP E 33 32.74 -57.59 -2.07
C ASP E 33 33.97 -58.13 -1.36
N GLN E 34 33.79 -59.02 -0.38
CA GLN E 34 34.89 -59.63 0.37
C GLN E 34 35.75 -58.57 1.04
N SER E 35 35.12 -57.49 1.51
CA SER E 35 35.82 -56.40 2.17
C SER E 35 35.40 -56.35 3.63
N VAL E 36 36.39 -56.40 4.52
CA VAL E 36 36.16 -56.31 5.96
C VAL E 36 36.45 -54.88 6.37
N LYS E 37 35.41 -54.15 6.75
CA LYS E 37 35.51 -52.74 7.10
C LYS E 37 35.43 -52.56 8.61
N VAL E 38 35.99 -51.45 9.08
CA VAL E 38 35.99 -51.09 10.49
C VAL E 38 35.58 -49.63 10.61
N TRP E 39 34.60 -49.36 11.47
CA TRP E 39 34.14 -48.01 11.74
C TRP E 39 34.36 -47.67 13.20
N ASP E 40 34.45 -46.37 13.48
CA ASP E 40 34.76 -45.88 14.81
C ASP E 40 33.77 -44.79 15.21
N LYS E 41 33.64 -44.59 16.51
CA LYS E 41 32.74 -43.57 17.03
C LYS E 41 33.44 -42.22 17.14
N GLY E 45 29.85 -38.28 17.74
CA GLY E 45 28.44 -38.62 17.68
C GLY E 45 28.02 -39.23 16.36
N ASP E 46 29.01 -39.69 15.59
CA ASP E 46 28.78 -40.30 14.28
C ASP E 46 29.76 -41.45 14.09
N TRP E 47 29.71 -42.06 12.91
CA TRP E 47 30.55 -43.19 12.57
C TRP E 47 31.57 -42.76 11.52
N HIS E 48 32.85 -43.02 11.80
CA HIS E 48 33.94 -42.68 10.90
C HIS E 48 34.70 -43.96 10.54
N CYS E 49 34.63 -44.35 9.28
CA CYS E 49 35.36 -45.54 8.83
C CYS E 49 36.85 -45.33 8.97
N THR E 50 37.54 -46.34 9.48
CA THR E 50 38.98 -46.27 9.71
C THR E 50 39.78 -47.35 9.01
N ALA E 51 39.14 -48.40 8.50
CA ALA E 51 39.86 -49.45 7.82
C ALA E 51 38.92 -50.18 6.88
N SER E 52 39.49 -50.70 5.79
CA SER E 52 38.73 -51.48 4.82
C SER E 52 39.72 -52.23 3.94
N TRP E 53 39.56 -53.54 3.83
CA TRP E 53 40.52 -54.34 3.09
C TRP E 53 39.85 -55.62 2.61
N LYS E 54 40.37 -56.15 1.50
CA LYS E 54 39.95 -57.47 1.02
C LYS E 54 40.75 -58.54 1.75
N THR E 55 40.07 -59.63 2.09
CA THR E 55 40.64 -60.65 2.97
C THR E 55 40.90 -61.97 2.26
N HIS E 56 39.88 -62.57 1.66
CA HIS E 56 39.98 -63.93 1.15
C HIS E 56 39.66 -63.97 -0.35
N SER E 57 39.59 -65.18 -0.89
CA SER E 57 39.22 -65.40 -2.27
C SER E 57 37.72 -65.59 -2.44
N GLY E 58 37.07 -66.24 -1.47
CA GLY E 58 35.63 -66.41 -1.47
C GLY E 58 34.93 -65.36 -0.62
N SER E 59 33.62 -65.54 -0.49
CA SER E 59 32.82 -64.62 0.29
C SER E 59 33.12 -64.78 1.78
N VAL E 60 33.12 -63.65 2.49
CA VAL E 60 33.34 -63.64 3.93
C VAL E 60 31.97 -63.68 4.60
N TRP E 61 31.68 -64.76 5.31
CA TRP E 61 30.34 -64.97 5.83
C TRP E 61 30.10 -64.21 7.13
N ARG E 62 30.97 -64.42 8.12
CA ARG E 62 30.80 -63.80 9.43
C ARG E 62 32.11 -63.20 9.90
N VAL E 63 32.03 -62.01 10.48
CA VAL E 63 33.17 -61.32 11.08
C VAL E 63 32.80 -60.93 12.50
N THR E 64 33.71 -61.17 13.44
CA THR E 64 33.44 -60.88 14.84
C THR E 64 34.72 -60.44 15.52
N TRP E 65 34.59 -59.50 16.46
CA TRP E 65 35.74 -58.99 17.19
C TRP E 65 36.16 -59.96 18.29
N ALA E 66 37.38 -59.74 18.79
CA ALA E 66 37.88 -60.43 19.96
C ALA E 66 37.78 -59.49 21.17
N HIS E 67 38.23 -59.98 22.32
CA HIS E 67 38.22 -59.14 23.51
C HIS E 67 39.32 -58.09 23.39
N PRO E 68 39.04 -56.84 23.79
CA PRO E 68 40.06 -55.79 23.67
C PRO E 68 41.30 -56.03 24.52
N GLU E 69 41.23 -56.91 25.52
CA GLU E 69 42.39 -57.16 26.36
C GLU E 69 43.56 -57.71 25.55
N PHE E 70 43.29 -58.65 24.64
CA PHE E 70 44.33 -59.15 23.76
C PHE E 70 44.69 -58.16 22.66
N GLY E 71 43.92 -57.08 22.50
CA GLY E 71 44.12 -56.13 21.43
C GLY E 71 42.98 -56.18 20.43
N GLN E 72 43.04 -55.25 19.49
CA GLN E 72 42.02 -55.17 18.43
C GLN E 72 42.27 -56.30 17.45
N VAL E 73 41.64 -57.44 17.71
CA VAL E 73 41.84 -58.66 16.92
C VAL E 73 40.52 -59.01 16.26
N LEU E 74 40.55 -59.27 14.96
CA LEU E 74 39.37 -59.59 14.17
C LEU E 74 39.54 -60.96 13.53
N ALA E 75 38.44 -61.70 13.42
CA ALA E 75 38.40 -62.97 12.72
C ALA E 75 37.34 -62.91 11.64
N SER E 76 37.51 -63.73 10.60
CA SER E 76 36.60 -63.70 9.46
C SER E 76 36.60 -65.06 8.78
N CYS E 77 35.46 -65.75 8.83
CA CYS E 77 35.28 -66.99 8.10
C CYS E 77 35.01 -66.70 6.63
N SER E 78 35.41 -67.64 5.77
CA SER E 78 35.33 -67.45 4.33
C SER E 78 34.87 -68.74 3.67
N PHE E 79 34.79 -68.69 2.34
CA PHE E 79 34.45 -69.86 1.54
C PHE E 79 35.68 -70.62 1.06
N ASP E 80 36.87 -70.05 1.23
CA ASP E 80 38.11 -70.70 0.82
C ASP E 80 38.67 -71.62 1.88
N ARG E 81 37.83 -72.11 2.80
CA ARG E 81 38.26 -72.98 3.90
C ARG E 81 39.35 -72.32 4.74
N THR E 82 39.23 -71.00 4.93
CA THR E 82 40.20 -70.24 5.69
C THR E 82 39.46 -69.31 6.67
N ALA E 83 40.06 -69.13 7.84
CA ALA E 83 39.53 -68.21 8.86
C ALA E 83 40.69 -67.32 9.30
N ALA E 84 40.90 -66.23 8.57
CA ALA E 84 42.02 -65.35 8.85
C ALA E 84 41.81 -64.61 10.18
N VAL E 85 42.91 -64.38 10.87
CA VAL E 85 42.92 -63.63 12.13
C VAL E 85 43.72 -62.36 11.90
N TRP E 86 43.07 -61.21 12.07
CA TRP E 86 43.67 -59.92 11.79
C TRP E 86 43.97 -59.19 13.10
N GLU E 87 44.96 -58.30 13.03
CA GLU E 87 45.35 -57.48 14.17
C GLU E 87 45.54 -56.04 13.71
N GLU E 88 45.44 -55.12 14.66
CA GLU E 88 45.54 -53.69 14.38
C GLU E 88 46.90 -53.17 14.84
N ILE E 89 47.61 -52.51 13.94
CA ILE E 89 48.91 -51.94 14.27
C ILE E 89 49.02 -50.53 13.70
N SER E 101 46.41 -46.34 11.56
CA SER E 101 45.78 -47.65 11.69
C SER E 101 46.04 -48.51 10.46
N HIS E 102 46.95 -49.47 10.60
CA HIS E 102 47.33 -50.37 9.51
C HIS E 102 47.06 -51.80 9.99
N TRP E 103 45.85 -52.29 9.68
CA TRP E 103 45.48 -53.64 10.08
C TRP E 103 46.31 -54.66 9.30
N VAL E 104 46.90 -55.61 10.02
CA VAL E 104 47.81 -56.59 9.44
C VAL E 104 47.31 -57.98 9.79
N LYS E 105 47.19 -58.85 8.79
CA LYS E 105 46.81 -60.24 9.04
C LYS E 105 47.89 -60.93 9.86
N ARG E 106 47.46 -61.60 10.93
CA ARG E 106 48.41 -62.28 11.81
C ARG E 106 48.65 -63.73 11.43
N THR E 107 47.61 -64.44 11.00
CA THR E 107 47.74 -65.84 10.62
C THR E 107 46.52 -66.24 9.81
N THR E 108 46.59 -67.42 9.21
CA THR E 108 45.48 -68.01 8.47
C THR E 108 45.32 -69.45 8.90
N LEU E 109 44.09 -69.83 9.28
CA LEU E 109 43.81 -71.17 9.79
C LEU E 109 43.13 -71.96 8.67
N VAL E 110 43.97 -72.51 7.78
CA VAL E 110 43.49 -73.20 6.60
C VAL E 110 43.42 -74.71 6.81
N ASP E 111 43.43 -75.17 8.07
CA ASP E 111 43.36 -76.59 8.34
C ASP E 111 42.02 -77.20 7.96
N SER E 112 41.00 -76.38 7.72
CA SER E 112 39.69 -76.91 7.33
C SER E 112 39.72 -77.41 5.89
N ARG E 113 38.79 -78.32 5.59
CA ARG E 113 38.67 -78.90 4.26
C ARG E 113 37.49 -78.37 3.46
N THR E 114 36.44 -77.91 4.12
CA THR E 114 35.26 -77.36 3.46
C THR E 114 35.10 -75.89 3.86
N SER E 115 33.99 -75.29 3.41
CA SER E 115 33.75 -73.88 3.68
C SER E 115 33.53 -73.66 5.18
N VAL E 116 34.21 -72.65 5.73
CA VAL E 116 34.07 -72.29 7.13
C VAL E 116 32.77 -71.51 7.27
N THR E 117 31.74 -72.17 7.81
CA THR E 117 30.41 -71.55 7.85
C THR E 117 30.39 -70.32 8.76
N ASP E 118 31.04 -70.40 9.92
CA ASP E 118 31.05 -69.27 10.84
C ASP E 118 32.21 -69.41 11.80
N VAL E 119 32.65 -68.28 12.34
CA VAL E 119 33.70 -68.23 13.35
C VAL E 119 33.26 -67.25 14.44
N LYS E 120 33.45 -67.65 15.70
CA LYS E 120 33.13 -66.80 16.83
C LYS E 120 34.20 -66.97 17.90
N PHE E 121 34.67 -65.85 18.43
CA PHE E 121 35.72 -65.87 19.44
C PHE E 121 35.20 -66.41 20.76
N ALA E 122 36.08 -67.09 21.49
CA ALA E 122 35.77 -67.62 22.80
C ALA E 122 35.79 -66.50 23.85
N PRO E 123 35.10 -66.70 24.99
CA PRO E 123 35.17 -65.71 26.06
C PRO E 123 36.60 -65.55 26.57
N LYS E 124 36.92 -64.32 26.97
CA LYS E 124 38.28 -63.99 27.39
C LYS E 124 38.66 -64.60 28.74
N HIS E 125 37.71 -65.19 29.46
CA HIS E 125 38.01 -65.72 30.79
C HIS E 125 38.92 -66.94 30.75
N MET E 126 39.15 -67.53 29.58
CA MET E 126 40.03 -68.68 29.44
C MET E 126 41.10 -68.43 28.38
N GLY E 127 41.44 -67.17 28.15
CA GLY E 127 42.42 -66.82 27.13
C GLY E 127 41.78 -66.59 25.78
N LEU E 128 42.64 -66.30 24.81
CA LEU E 128 42.22 -66.01 23.45
C LEU E 128 42.15 -67.32 22.68
N MET E 129 40.94 -67.82 22.48
CA MET E 129 40.70 -69.05 21.74
C MET E 129 39.78 -68.76 20.55
N LEU E 130 39.76 -69.69 19.60
CA LEU E 130 39.03 -69.50 18.36
C LEU E 130 38.47 -70.84 17.90
N ALA E 131 37.22 -70.82 17.43
CA ALA E 131 36.54 -72.00 16.93
C ALA E 131 35.92 -71.70 15.57
N THR E 132 35.97 -72.67 14.67
CA THR E 132 35.45 -72.53 13.32
C THR E 132 34.63 -73.75 12.97
N CYS E 133 33.41 -73.54 12.48
CA CYS E 133 32.57 -74.62 11.99
C CYS E 133 32.69 -74.73 10.48
N SER E 134 33.10 -75.92 10.02
CA SER E 134 33.25 -76.19 8.59
C SER E 134 31.99 -76.83 8.04
N ALA E 135 31.73 -76.57 6.76
CA ALA E 135 30.57 -77.16 6.11
C ALA E 135 30.65 -78.68 6.04
N ASP E 136 31.84 -79.25 6.17
CA ASP E 136 31.99 -80.70 6.19
C ASP E 136 31.44 -81.34 7.45
N GLY E 137 31.13 -80.56 8.47
CA GLY E 137 30.58 -81.08 9.71
C GLY E 137 31.57 -81.26 10.84
N ILE E 138 32.76 -80.67 10.74
CA ILE E 138 33.78 -80.77 11.78
C ILE E 138 34.12 -79.37 12.26
N VAL E 139 34.11 -79.19 13.59
CA VAL E 139 34.39 -77.90 14.20
C VAL E 139 35.77 -77.96 14.85
N ARG E 140 36.66 -77.07 14.39
CA ARG E 140 38.01 -76.98 14.93
C ARG E 140 38.05 -75.92 16.02
N ILE E 141 39.07 -76.02 16.89
CA ILE E 141 39.28 -75.06 17.96
C ILE E 141 40.76 -74.72 18.01
N TYR E 142 41.08 -73.44 17.87
CA TYR E 142 42.45 -72.95 17.85
C TYR E 142 42.70 -72.09 19.07
N GLU E 143 43.91 -72.20 19.63
CA GLU E 143 44.32 -71.37 20.76
C GLU E 143 45.74 -70.86 20.52
N ALA E 144 46.04 -69.71 21.12
CA ALA E 144 47.36 -69.10 21.03
C ALA E 144 48.01 -69.11 22.41
N PRO E 145 48.93 -70.03 22.68
CA PRO E 145 49.56 -70.07 24.02
C PRO E 145 50.29 -68.79 24.38
N ASP E 146 50.89 -68.12 23.41
CA ASP E 146 51.60 -66.86 23.63
C ASP E 146 50.74 -65.73 23.10
N VAL E 147 50.17 -64.93 24.01
CA VAL E 147 49.33 -63.82 23.60
C VAL E 147 50.14 -62.75 22.89
N MET E 148 51.40 -62.54 23.32
CA MET E 148 52.23 -61.50 22.71
C MET E 148 52.56 -61.80 21.26
N ASN E 149 52.49 -63.06 20.83
CA ASN E 149 52.80 -63.46 19.47
C ASN E 149 51.58 -64.18 18.90
N LEU E 150 50.75 -63.44 18.15
CA LEU E 150 49.55 -64.00 17.56
C LEU E 150 49.81 -64.78 16.28
N SER E 151 51.04 -64.78 15.79
CA SER E 151 51.36 -65.50 14.55
C SER E 151 51.30 -67.01 14.70
N GLN E 152 51.21 -67.53 15.93
CA GLN E 152 51.15 -68.96 16.18
C GLN E 152 49.79 -69.34 16.74
N TRP E 153 49.13 -70.29 16.10
CA TRP E 153 47.84 -70.80 16.56
C TRP E 153 47.85 -72.32 16.42
N SER E 154 47.81 -73.03 17.55
CA SER E 154 47.93 -74.48 17.57
C SER E 154 46.54 -75.10 17.66
N LEU E 155 46.20 -75.94 16.69
CA LEU E 155 44.92 -76.65 16.71
C LEU E 155 44.96 -77.71 17.81
N GLN E 156 43.92 -77.74 18.64
CA GLN E 156 43.83 -78.70 19.73
C GLN E 156 42.64 -79.63 19.64
N HIS E 157 41.44 -79.11 19.36
CA HIS E 157 40.21 -79.90 19.39
C HIS E 157 39.60 -79.93 18.00
N GLU E 158 39.24 -81.13 17.55
CA GLU E 158 38.56 -81.36 16.28
C GLU E 158 37.21 -81.98 16.60
N ILE E 159 36.21 -81.13 16.83
CA ILE E 159 34.86 -81.58 17.17
C ILE E 159 34.14 -81.96 15.88
N SER E 160 33.78 -83.24 15.78
CA SER E 160 33.05 -83.76 14.63
C SER E 160 31.56 -83.79 14.98
N CYS E 161 30.78 -82.90 14.37
CA CYS E 161 29.35 -82.81 14.65
C CYS E 161 28.53 -83.87 13.93
N LYS E 162 29.11 -84.55 12.94
CA LYS E 162 28.43 -85.56 12.13
C LYS E 162 27.23 -85.00 11.37
N LEU E 163 27.15 -83.68 11.23
CA LEU E 163 26.08 -83.04 10.48
C LEU E 163 26.60 -81.73 9.93
N SER E 164 25.94 -81.23 8.88
CA SER E 164 26.39 -80.01 8.23
C SER E 164 26.28 -78.82 9.16
N CYS E 165 27.41 -78.35 9.66
CA CYS E 165 27.42 -77.24 10.62
C CYS E 165 26.95 -75.95 9.95
N SER E 166 26.26 -75.12 10.71
CA SER E 166 25.75 -73.85 10.21
C SER E 166 26.18 -72.65 11.03
N CYS E 167 26.27 -72.76 12.35
CA CYS E 167 26.71 -71.66 13.18
C CYS E 167 27.22 -72.20 14.51
N ILE E 168 28.02 -71.38 15.19
CA ILE E 168 28.52 -71.68 16.52
C ILE E 168 28.35 -70.45 17.41
N SER E 169 28.34 -70.69 18.71
CA SER E 169 28.28 -69.61 19.69
C SER E 169 28.88 -70.10 21.00
N TRP E 170 29.83 -69.34 21.52
CA TRP E 170 30.46 -69.71 22.78
C TRP E 170 29.56 -69.32 23.95
N ASN E 171 29.83 -69.95 25.09
CA ASN E 171 29.08 -69.67 26.31
C ASN E 171 29.73 -68.49 27.03
N PRO E 172 29.02 -67.39 27.25
CA PRO E 172 29.64 -66.22 27.88
C PRO E 172 29.84 -66.38 29.38
N SER E 173 29.52 -67.56 29.91
CA SER E 173 29.71 -67.81 31.32
C SER E 173 31.20 -67.82 31.68
N SER E 174 31.53 -67.21 32.82
CA SER E 174 32.92 -67.13 33.27
C SER E 174 33.09 -67.63 34.69
N SER E 175 32.11 -68.35 35.24
CA SER E 175 32.22 -68.86 36.60
C SER E 175 33.02 -70.15 36.61
N ARG E 176 33.63 -70.44 37.77
CA ARG E 176 34.44 -71.64 37.93
C ARG E 176 33.61 -72.91 37.90
N ALA E 177 32.31 -72.82 38.22
CA ALA E 177 31.44 -73.99 38.21
C ALA E 177 30.96 -74.36 36.81
N HIS E 178 31.16 -73.50 35.82
CA HIS E 178 30.73 -73.76 34.45
C HIS E 178 31.96 -74.07 33.60
N SER E 179 31.94 -75.25 32.98
CA SER E 179 33.03 -75.63 32.08
C SER E 179 32.91 -74.87 30.77
N PRO E 180 33.99 -74.78 30.00
CA PRO E 180 33.90 -74.17 28.67
C PRO E 180 32.88 -74.88 27.82
N MET E 181 32.12 -74.10 27.05
CA MET E 181 30.93 -74.60 26.38
C MET E 181 30.80 -73.98 25.01
N ILE E 182 30.54 -74.80 24.00
CA ILE E 182 30.40 -74.34 22.61
C ILE E 182 29.11 -74.90 22.03
N ALA E 183 28.33 -74.04 21.38
CA ALA E 183 27.12 -74.47 20.71
C ALA E 183 27.38 -74.68 19.23
N VAL E 184 26.69 -75.65 18.64
CA VAL E 184 26.81 -75.97 17.23
C VAL E 184 25.42 -76.20 16.65
N GLY E 185 25.13 -75.55 15.52
CA GLY E 185 23.89 -75.76 14.82
C GLY E 185 24.05 -76.71 13.65
N SER E 186 23.00 -76.78 12.82
CA SER E 186 23.02 -77.61 11.63
C SER E 186 22.01 -77.07 10.63
N ASP E 187 22.17 -77.49 9.39
CA ASP E 187 21.27 -77.06 8.31
C ASP E 187 21.24 -78.10 7.18
N LYS E 196 19.47 -81.64 15.53
CA LYS E 196 19.90 -80.54 14.67
C LYS E 196 20.79 -79.57 15.43
N VAL E 197 20.58 -79.50 16.75
CA VAL E 197 21.36 -78.63 17.63
C VAL E 197 22.14 -79.52 18.57
N GLN E 198 23.47 -79.42 18.52
CA GLN E 198 24.35 -80.21 19.38
C GLN E 198 25.25 -79.27 20.15
N ILE E 199 25.27 -79.42 21.47
CA ILE E 199 26.03 -78.56 22.36
C ILE E 199 27.17 -79.38 22.94
N PHE E 200 28.37 -78.82 22.93
CA PHE E 200 29.57 -79.50 23.36
C PHE E 200 30.22 -78.76 24.53
N GLU E 201 30.68 -79.51 25.52
CA GLU E 201 31.27 -78.94 26.72
C GLU E 201 32.64 -79.56 26.97
N TYR E 202 33.53 -78.76 27.53
CA TYR E 202 34.88 -79.22 27.85
C TYR E 202 34.87 -80.08 29.10
N ASN E 203 35.67 -81.14 29.08
CA ASN E 203 35.76 -82.09 30.20
C ASN E 203 37.20 -82.12 30.68
N GLU E 204 37.43 -81.61 31.89
CA GLU E 204 38.77 -81.60 32.46
C GLU E 204 39.26 -82.99 32.83
N ASN E 205 38.34 -83.93 33.08
CA ASN E 205 38.75 -85.28 33.43
C ASN E 205 39.50 -85.95 32.28
N THR E 206 39.02 -85.78 31.05
CA THR E 206 39.67 -86.32 29.87
C THR E 206 40.49 -85.29 29.11
N ARG E 207 40.42 -84.02 29.50
CA ARG E 207 41.16 -82.93 28.84
C ARG E 207 40.87 -82.89 27.35
N LYS E 208 39.61 -83.13 26.98
CA LYS E 208 39.21 -83.14 25.59
C LYS E 208 37.73 -82.81 25.49
N TYR E 209 37.36 -82.05 24.46
CA TYR E 209 35.97 -81.73 24.21
C TYR E 209 35.18 -82.97 23.81
N ALA E 210 33.92 -83.01 24.23
CA ALA E 210 33.02 -84.10 23.90
C ALA E 210 31.61 -83.54 23.74
N LYS E 211 30.66 -84.44 23.50
CA LYS E 211 29.26 -84.04 23.39
C LYS E 211 28.66 -83.83 24.77
N ALA E 212 27.80 -82.82 24.88
CA ALA E 212 27.18 -82.47 26.15
C ALA E 212 25.67 -82.63 26.14
N GLU E 213 24.99 -82.13 25.11
CA GLU E 213 23.55 -82.19 25.06
C GLU E 213 23.10 -82.08 23.61
N THR E 214 21.82 -82.38 23.38
CA THR E 214 21.23 -82.30 22.05
C THR E 214 19.79 -81.83 22.20
N LEU E 215 19.35 -81.00 21.26
CA LEU E 215 18.00 -80.44 21.28
C LEU E 215 17.13 -81.27 20.34
N MET E 216 16.46 -82.28 20.91
CA MET E 216 15.57 -83.12 20.11
C MET E 216 14.37 -82.33 19.61
N THR E 217 13.99 -81.27 20.31
CA THR E 217 12.89 -80.43 19.86
C THR E 217 13.22 -79.62 18.61
N VAL E 218 14.48 -79.57 18.21
CA VAL E 218 14.91 -78.84 17.03
C VAL E 218 15.11 -79.84 15.90
N THR E 219 14.32 -79.70 14.84
CA THR E 219 14.42 -80.58 13.67
C THR E 219 14.62 -79.77 12.41
N ASP E 220 14.03 -78.58 12.36
CA ASP E 220 14.20 -77.71 11.21
C ASP E 220 15.65 -77.21 11.13
N PRO E 221 16.14 -76.90 9.93
CA PRO E 221 17.51 -76.41 9.80
C PRO E 221 17.72 -75.12 10.57
N VAL E 222 18.90 -75.01 11.18
CA VAL E 222 19.26 -73.85 11.99
C VAL E 222 20.18 -72.95 11.17
N HIS E 223 19.93 -71.64 11.24
CA HIS E 223 20.78 -70.67 10.58
C HIS E 223 21.59 -69.81 11.55
N ASP E 224 21.16 -69.70 12.80
CA ASP E 224 21.93 -68.99 13.82
C ASP E 224 21.62 -69.60 15.18
N ILE E 225 22.69 -69.97 15.90
CA ILE E 225 22.57 -70.45 17.27
C ILE E 225 23.39 -69.51 18.15
N ALA E 226 22.80 -69.07 19.26
CA ALA E 226 23.45 -68.10 20.12
C ALA E 226 23.12 -68.37 21.57
N PHE E 227 24.15 -68.44 22.41
CA PHE E 227 23.94 -68.43 23.85
C PHE E 227 23.62 -67.02 24.32
N ALA E 228 23.46 -66.87 25.63
CA ALA E 228 23.19 -65.56 26.19
C ALA E 228 24.18 -65.27 27.31
N PRO E 229 24.54 -63.99 27.51
CA PRO E 229 25.39 -63.64 28.64
C PRO E 229 24.68 -63.95 29.95
N ASN E 230 25.23 -64.91 30.70
CA ASN E 230 24.55 -65.38 31.90
C ASN E 230 24.38 -64.26 32.91
N LEU E 231 25.43 -63.45 33.11
CA LEU E 231 25.40 -62.36 34.08
C LEU E 231 25.03 -62.87 35.47
N GLY E 232 25.61 -64.02 35.85
CA GLY E 232 25.43 -64.56 37.17
C GLY E 232 24.22 -65.45 37.37
N ARG E 233 23.55 -65.86 36.29
CA ARG E 233 22.43 -66.77 36.44
C ARG E 233 22.91 -68.15 36.88
N SER E 234 21.96 -68.95 37.34
CA SER E 234 22.22 -70.33 37.69
C SER E 234 22.06 -71.27 36.50
N PHE E 235 21.77 -70.73 35.31
CA PHE E 235 21.55 -71.54 34.13
C PHE E 235 21.94 -70.73 32.90
N HIS E 236 22.11 -71.44 31.78
CA HIS E 236 22.41 -70.81 30.50
C HIS E 236 21.13 -70.70 29.67
N ILE E 237 21.15 -69.75 28.74
CA ILE E 237 20.03 -69.49 27.85
C ILE E 237 20.49 -69.68 26.42
N LEU E 238 19.73 -70.45 25.64
CA LEU E 238 20.03 -70.73 24.25
C LEU E 238 18.92 -70.21 23.35
N ALA E 239 19.31 -69.50 22.30
CA ALA E 239 18.38 -68.98 21.31
C ALA E 239 18.68 -69.64 19.97
N ILE E 240 17.64 -70.15 19.32
CA ILE E 240 17.79 -70.90 18.07
C ILE E 240 17.05 -70.16 16.96
N ALA E 241 17.71 -70.04 15.81
CA ALA E 241 17.09 -69.45 14.62
C ALA E 241 16.69 -70.57 13.67
N THR E 242 15.39 -70.70 13.43
CA THR E 242 14.82 -71.75 12.61
C THR E 242 13.60 -71.17 11.91
N LYS E 243 12.71 -72.04 11.44
CA LYS E 243 11.41 -71.57 10.92
C LYS E 243 10.65 -70.80 11.99
N ASP E 244 10.91 -71.09 13.26
CA ASP E 244 10.34 -70.34 14.38
C ASP E 244 11.43 -70.13 15.41
N VAL E 245 11.48 -68.92 15.99
CA VAL E 245 12.47 -68.62 17.01
C VAL E 245 12.16 -69.40 18.28
N ARG E 246 13.16 -70.10 18.79
CA ARG E 246 13.02 -70.92 19.99
C ARG E 246 14.08 -70.50 21.01
N ILE E 247 13.66 -70.43 22.27
CA ILE E 247 14.55 -70.08 23.38
C ILE E 247 14.59 -71.24 24.35
N PHE E 248 15.78 -71.75 24.62
CA PHE E 248 15.98 -72.87 25.53
C PHE E 248 16.79 -72.41 26.75
N THR E 249 16.35 -72.82 27.92
CA THR E 249 17.01 -72.49 29.18
C THR E 249 17.72 -73.74 29.69
N LEU E 250 19.02 -73.82 29.43
CA LEU E 250 19.83 -74.97 29.83
C LEU E 250 20.18 -74.84 31.31
N LYS E 251 19.56 -75.65 32.15
CA LYS E 251 19.81 -75.61 33.59
C LYS E 251 20.72 -76.76 33.98
N PRO E 252 21.94 -76.50 34.44
CA PRO E 252 22.81 -77.59 34.87
C PRO E 252 22.28 -78.28 36.12
N VAL E 253 22.64 -79.55 36.27
CA VAL E 253 22.22 -80.33 37.41
C VAL E 253 23.37 -81.19 37.91
N PRO E 263 30.36 -85.56 31.04
CA PRO E 263 29.67 -84.29 30.76
C PRO E 263 28.55 -84.00 31.76
N THR E 264 28.42 -82.73 32.13
CA THR E 264 27.38 -82.33 33.07
C THR E 264 26.00 -82.46 32.42
N LYS E 265 25.08 -83.10 33.13
CA LYS E 265 23.72 -83.25 32.63
C LYS E 265 23.00 -81.91 32.67
N PHE E 266 22.00 -81.77 31.79
CA PHE E 266 21.27 -80.53 31.64
C PHE E 266 19.77 -80.79 31.62
N GLU E 267 19.01 -79.82 32.15
CA GLU E 267 17.56 -79.87 32.14
C GLU E 267 17.10 -78.97 30.99
N ILE E 268 17.11 -79.52 29.78
CA ILE E 268 16.76 -78.76 28.59
C ILE E 268 15.27 -78.49 28.59
N HIS E 269 14.90 -77.21 28.62
CA HIS E 269 13.50 -76.80 28.60
C HIS E 269 13.31 -75.69 27.58
N ILE E 270 12.18 -75.72 26.90
CA ILE E 270 11.83 -74.70 25.92
C ILE E 270 10.84 -73.74 26.55
N VAL E 271 11.17 -72.44 26.53
CA VAL E 271 10.36 -71.42 27.18
C VAL E 271 9.76 -70.45 26.18
N ALA E 272 10.08 -70.56 24.89
CA ALA E 272 9.55 -69.65 23.90
C ALA E 272 9.58 -70.30 22.53
N GLN E 273 8.54 -70.03 21.73
CA GLN E 273 8.46 -70.51 20.36
C GLN E 273 7.62 -69.50 19.58
N PHE E 274 8.29 -68.61 18.86
CA PHE E 274 7.61 -67.51 18.17
C PHE E 274 7.58 -67.78 16.67
N ASP E 275 6.38 -67.72 16.09
CA ASP E 275 6.19 -67.82 14.65
C ASP E 275 5.89 -66.47 14.02
N ASN E 276 6.18 -65.38 14.72
CA ASN E 276 5.89 -64.05 14.20
C ASN E 276 6.69 -63.73 12.95
N HIS E 277 7.86 -64.37 12.79
CA HIS E 277 8.67 -64.14 11.60
C HIS E 277 7.97 -64.66 10.35
N ASN E 278 7.27 -65.80 10.47
CA ASN E 278 6.62 -66.48 9.35
C ASN E 278 7.61 -66.86 8.24
N SER E 279 8.89 -66.94 8.58
CA SER E 279 9.94 -67.30 7.63
C SER E 279 11.14 -67.77 8.41
N GLN E 280 12.09 -68.36 7.69
CA GLN E 280 13.32 -68.84 8.32
C GLN E 280 14.10 -67.68 8.91
N VAL E 281 14.48 -67.80 10.17
CA VAL E 281 15.21 -66.74 10.86
C VAL E 281 16.71 -66.94 10.63
N TRP E 282 17.40 -65.86 10.30
CA TRP E 282 18.81 -65.94 9.92
C TRP E 282 19.78 -65.49 11.00
N ARG E 283 19.39 -64.56 11.86
CA ARG E 283 20.30 -64.07 12.88
C ARG E 283 19.57 -63.95 14.22
N VAL E 284 20.29 -64.27 15.29
CA VAL E 284 19.83 -64.09 16.66
C VAL E 284 20.96 -63.51 17.48
N SER E 285 20.64 -62.58 18.38
CA SER E 285 21.66 -61.89 19.16
C SER E 285 21.06 -61.39 20.46
N TRP E 286 21.84 -61.47 21.54
CA TRP E 286 21.43 -61.04 22.86
C TRP E 286 22.10 -59.73 23.24
N ASN E 287 21.46 -59.00 24.14
CA ASN E 287 22.05 -57.77 24.65
C ASN E 287 23.22 -58.09 25.59
N ILE E 288 23.81 -57.04 26.15
CA ILE E 288 24.98 -57.22 27.01
C ILE E 288 24.60 -57.96 28.29
N THR E 289 23.40 -57.75 28.81
CA THR E 289 22.95 -58.42 30.04
C THR E 289 22.21 -59.72 29.75
N GLY E 290 22.01 -60.07 28.49
CA GLY E 290 21.31 -61.30 28.15
C GLY E 290 19.85 -61.31 28.57
N THR E 291 19.13 -60.23 28.31
CA THR E 291 17.73 -60.13 28.69
C THR E 291 16.79 -59.93 27.51
N VAL E 292 17.19 -59.23 26.47
CA VAL E 292 16.36 -59.04 25.28
C VAL E 292 17.06 -59.68 24.09
N LEU E 293 16.30 -60.40 23.28
CA LEU E 293 16.82 -61.16 22.16
C LEU E 293 16.35 -60.56 20.85
N ALA E 294 17.28 -60.29 19.94
CA ALA E 294 16.98 -59.79 18.62
C ALA E 294 16.98 -60.94 17.63
N SER E 295 15.95 -61.00 16.78
CA SER E 295 15.84 -62.03 15.76
C SER E 295 15.49 -61.38 14.43
N SER E 296 16.32 -61.64 13.41
CA SER E 296 16.10 -61.12 12.07
C SER E 296 15.86 -62.29 11.13
N GLY E 297 14.72 -62.25 10.42
CA GLY E 297 14.36 -63.34 9.55
C GLY E 297 14.26 -62.95 8.09
N ASP E 298 13.76 -63.87 7.26
CA ASP E 298 13.58 -63.59 5.84
C ASP E 298 12.44 -62.61 5.57
N ASP E 299 11.64 -62.27 6.57
CA ASP E 299 10.57 -61.30 6.42
C ASP E 299 11.06 -59.86 6.47
N GLY E 300 12.36 -59.64 6.59
CA GLY E 300 12.89 -58.29 6.65
C GLY E 300 12.46 -57.53 7.88
N CYS E 301 12.33 -58.22 9.01
CA CYS E 301 11.88 -57.60 10.25
C CYS E 301 12.79 -58.02 11.39
N VAL E 302 13.33 -57.03 12.11
CA VAL E 302 14.11 -57.28 13.31
C VAL E 302 13.17 -57.19 14.50
N ARG E 303 13.10 -58.27 15.28
CA ARG E 303 12.13 -58.39 16.37
C ARG E 303 12.87 -58.57 17.69
N LEU E 304 12.48 -57.79 18.70
CA LEU E 304 13.09 -57.84 20.01
C LEU E 304 12.15 -58.55 20.97
N TRP E 305 12.63 -59.63 21.58
CA TRP E 305 11.88 -60.41 22.55
C TRP E 305 12.52 -60.24 23.92
N LYS E 306 11.71 -59.90 24.92
CA LYS E 306 12.20 -59.63 26.26
C LYS E 306 11.36 -60.40 27.29
N ALA E 307 11.98 -60.67 28.43
CA ALA E 307 11.31 -61.39 29.50
C ALA E 307 10.26 -60.51 30.17
N ASN E 308 9.12 -61.11 30.49
CA ASN E 308 8.04 -60.38 31.14
C ASN E 308 7.49 -61.16 32.33
N ASN E 312 8.10 -65.43 31.04
CA ASN E 312 7.33 -65.18 29.84
C ASN E 312 8.07 -64.24 28.90
N TRP E 313 8.12 -64.61 27.62
CA TRP E 313 8.80 -63.84 26.60
C TRP E 313 7.79 -63.31 25.59
N LYS E 314 7.87 -62.02 25.29
CA LYS E 314 6.96 -61.39 24.35
C LYS E 314 7.72 -60.33 23.55
N CYS E 315 7.22 -60.04 22.36
CA CYS E 315 7.86 -59.05 21.51
C CYS E 315 7.73 -57.66 22.09
N THR E 316 8.81 -56.87 21.99
CA THR E 316 8.81 -55.50 22.45
C THR E 316 8.91 -54.48 21.32
N GLY E 317 9.28 -54.91 20.12
CA GLY E 317 9.37 -54.01 18.99
C GLY E 317 9.59 -54.72 17.68
N ILE E 318 8.82 -54.37 16.66
CA ILE E 318 8.92 -54.95 15.33
C ILE E 318 9.50 -53.87 14.41
N LEU E 319 10.63 -54.19 13.79
CA LEU E 319 11.33 -53.26 12.91
C LEU E 319 11.23 -53.74 11.47
N LYS E 320 11.88 -53.00 10.57
CA LYS E 320 11.87 -53.31 9.15
C LYS E 320 13.17 -52.81 8.53
N GLY E 321 13.21 -52.84 7.19
CA GLY E 321 14.39 -52.36 6.50
C GLY E 321 14.63 -50.88 6.67
N ASN E 322 13.56 -50.08 6.54
CA ASN E 322 13.67 -48.64 6.68
C ASN E 322 13.72 -48.17 8.12
N GLY E 323 13.45 -49.06 9.09
CA GLY E 323 13.46 -48.69 10.49
C GLY E 323 12.09 -48.40 11.08
N SER E 324 11.02 -48.59 10.32
CA SER E 324 9.67 -48.34 10.82
C SER E 324 9.15 -49.52 11.62
N ALA F 4 36.51 24.48 -7.92
CA ALA F 4 36.46 23.44 -8.93
C ALA F 4 37.19 22.17 -8.46
N ARG F 5 38.39 21.96 -8.99
CA ARG F 5 39.18 20.80 -8.63
C ARG F 5 39.73 20.98 -7.22
N SER F 6 39.09 20.33 -6.25
CA SER F 6 39.47 20.46 -4.84
C SER F 6 40.64 19.53 -4.56
N ILE F 7 41.84 20.02 -4.86
CA ILE F 7 43.05 19.24 -4.61
C ILE F 7 43.26 19.10 -3.11
N ALA F 8 43.98 18.04 -2.72
CA ALA F 8 44.24 17.79 -1.31
C ALA F 8 45.12 18.88 -0.72
N ALA F 9 44.85 19.24 0.52
CA ALA F 9 45.61 20.27 1.22
C ALA F 9 46.07 19.78 2.59
N LEU F 14 43.09 23.92 8.35
CA LEU F 14 42.60 25.13 7.69
C LEU F 14 43.75 26.01 7.25
N ILE F 15 43.84 26.24 5.94
CA ILE F 15 44.92 27.04 5.38
C ILE F 15 44.61 28.51 5.66
N HIS F 16 45.40 29.14 6.53
CA HIS F 16 45.20 30.55 6.84
C HIS F 16 45.48 31.42 5.61
N ASP F 17 46.53 31.11 4.85
CA ASP F 17 46.87 31.86 3.67
C ASP F 17 47.62 30.96 2.69
N VAL F 18 47.21 30.98 1.43
CA VAL F 18 47.85 30.22 0.37
C VAL F 18 48.24 31.19 -0.74
N SER F 19 49.52 31.17 -1.12
CA SER F 19 50.03 32.08 -2.12
C SER F 19 51.00 31.36 -3.05
N PHE F 20 51.01 31.78 -4.31
CA PHE F 20 51.91 31.25 -5.31
C PHE F 20 53.27 31.93 -5.23
N ASP F 21 54.27 31.29 -5.82
CA ASP F 21 55.56 31.92 -6.04
C ASP F 21 55.50 32.79 -7.29
N PHE F 22 56.66 33.29 -7.71
CA PHE F 22 56.70 34.10 -8.93
C PHE F 22 56.34 33.28 -10.15
N HIS F 23 56.86 32.06 -10.25
CA HIS F 23 56.58 31.19 -11.38
C HIS F 23 55.22 30.51 -11.30
N GLY F 24 54.57 30.53 -10.13
CA GLY F 24 53.29 29.89 -10.00
C GLY F 24 53.31 28.38 -10.07
N ARG F 25 54.46 27.77 -9.78
CA ARG F 25 54.59 26.31 -9.80
C ARG F 25 54.67 25.70 -8.42
N ARG F 26 54.91 26.51 -7.38
CA ARG F 26 54.95 26.02 -6.00
C ARG F 26 54.03 26.88 -5.15
N MET F 27 53.28 26.24 -4.28
CA MET F 27 52.30 26.91 -3.42
C MET F 27 52.71 26.78 -1.97
N ALA F 28 52.74 27.90 -1.26
CA ALA F 28 53.00 27.91 0.18
C ALA F 28 51.69 28.14 0.91
N THR F 29 51.35 27.24 1.82
CA THR F 29 50.11 27.31 2.58
C THR F 29 50.42 27.32 4.07
N CYS F 30 49.78 28.22 4.79
CA CYS F 30 49.95 28.34 6.24
C CYS F 30 48.72 27.74 6.91
N SER F 31 48.89 26.59 7.56
CA SER F 31 47.78 25.91 8.20
C SER F 31 47.40 26.60 9.50
N SER F 32 46.17 26.32 9.94
CA SER F 32 45.67 26.89 11.19
C SER F 32 46.36 26.31 12.43
N ASP F 33 47.12 25.23 12.27
CA ASP F 33 47.83 24.61 13.38
C ASP F 33 49.24 25.17 13.55
N GLN F 34 49.45 26.43 13.15
CA GLN F 34 50.76 27.08 13.22
C GLN F 34 51.80 26.28 12.45
N SER F 35 51.47 25.94 11.21
CA SER F 35 52.37 25.23 10.31
C SER F 35 52.27 25.81 8.91
N VAL F 36 53.41 25.86 8.22
CA VAL F 36 53.49 26.35 6.86
C VAL F 36 54.09 25.25 5.99
N LYS F 37 53.45 24.97 4.86
CA LYS F 37 53.87 23.90 3.97
C LYS F 37 54.03 24.43 2.56
N VAL F 38 55.01 23.90 1.84
CA VAL F 38 55.25 24.26 0.45
C VAL F 38 54.60 23.16 -0.39
N TRP F 39 53.34 23.38 -0.75
CA TRP F 39 52.57 22.39 -1.52
C TRP F 39 52.86 22.58 -2.99
N ASP F 40 53.88 21.88 -3.48
CA ASP F 40 54.25 21.95 -4.89
C ASP F 40 53.54 20.87 -5.70
N ASP F 46 48.25 18.62 -9.54
CA ASP F 46 48.60 17.66 -8.50
C ASP F 46 49.49 18.29 -7.45
N TRP F 47 48.89 19.07 -6.55
CA TRP F 47 49.62 19.74 -5.48
C TRP F 47 49.79 18.77 -4.32
N HIS F 48 51.01 18.30 -4.12
CA HIS F 48 51.34 17.38 -3.03
C HIS F 48 52.26 18.09 -2.05
N CYS F 49 51.96 17.97 -0.76
CA CYS F 49 52.77 18.59 0.27
C CYS F 49 54.19 18.04 0.24
N THR F 50 55.14 18.90 -0.15
CA THR F 50 56.54 18.50 -0.27
C THR F 50 57.40 19.01 0.88
N ALA F 51 56.80 19.54 1.95
CA ALA F 51 57.56 20.07 3.07
C ALA F 51 56.66 20.13 4.30
N SER F 52 57.30 20.26 5.46
CA SER F 52 56.61 20.40 6.74
C SER F 52 57.51 21.20 7.66
N TRP F 53 56.94 22.16 8.39
CA TRP F 53 57.75 23.17 9.06
C TRP F 53 57.43 23.40 10.53
N LYS F 54 56.18 23.25 10.95
CA LYS F 54 55.68 23.63 12.28
C LYS F 54 55.80 25.13 12.55
N THR F 55 56.15 25.91 11.53
CA THR F 55 56.25 27.38 11.58
C THR F 55 57.00 27.79 12.85
N HIS F 56 56.46 28.67 13.68
CA HIS F 56 57.12 29.07 14.92
C HIS F 56 56.24 28.72 16.11
N VAL F 60 51.17 31.42 11.72
CA VAL F 60 51.54 32.05 10.46
C VAL F 60 50.32 32.67 9.80
N TRP F 61 50.10 33.96 10.06
CA TRP F 61 48.95 34.64 9.49
C TRP F 61 49.05 34.73 7.96
N ARG F 62 50.25 35.02 7.45
CA ARG F 62 50.44 35.15 6.01
C ARG F 62 51.80 34.57 5.64
N VAL F 63 51.84 33.80 4.56
CA VAL F 63 53.06 33.20 4.05
C VAL F 63 53.12 33.46 2.54
N THR F 64 54.05 34.31 2.12
CA THR F 64 54.23 34.65 0.72
C THR F 64 55.68 34.46 0.33
N TRP F 65 55.90 34.02 -0.90
CA TRP F 65 57.25 33.73 -1.37
C TRP F 65 58.03 35.03 -1.60
N ALA F 66 59.29 34.86 -2.01
CA ALA F 66 60.15 35.95 -2.45
C ALA F 66 60.47 35.76 -3.92
N HIS F 67 61.17 36.73 -4.49
CA HIS F 67 61.57 36.62 -5.89
C HIS F 67 62.63 35.52 -6.03
N PRO F 68 62.50 34.65 -7.04
CA PRO F 68 63.40 33.49 -7.13
C PRO F 68 64.87 33.87 -7.27
N GLU F 69 65.19 34.97 -7.94
CA GLU F 69 66.59 35.38 -8.06
C GLU F 69 67.21 35.72 -6.71
N PHE F 70 66.40 36.04 -5.71
CA PHE F 70 66.86 36.29 -4.35
C PHE F 70 66.85 35.02 -3.50
N GLY F 71 66.47 33.88 -4.07
CA GLY F 71 66.32 32.65 -3.33
C GLY F 71 64.87 32.35 -2.98
N GLN F 72 64.60 31.07 -2.76
CA GLN F 72 63.24 30.62 -2.44
C GLN F 72 62.97 30.86 -0.96
N VAL F 73 62.74 32.13 -0.63
CA VAL F 73 62.53 32.56 0.74
C VAL F 73 61.04 32.75 0.98
N LEU F 74 60.54 32.16 2.06
CA LEU F 74 59.14 32.28 2.45
C LEU F 74 59.07 33.08 3.73
N ALA F 75 58.30 34.16 3.72
CA ALA F 75 58.13 35.03 4.87
C ALA F 75 56.84 34.67 5.59
N SER F 76 56.95 34.33 6.87
CA SER F 76 55.80 33.95 7.69
C SER F 76 55.60 34.99 8.78
N CYS F 77 54.38 35.53 8.85
CA CYS F 77 54.00 36.49 9.88
C CYS F 77 53.17 35.77 10.93
N SER F 78 53.67 35.71 12.16
CA SER F 78 53.04 34.98 13.24
C SER F 78 52.42 35.93 14.24
N PHE F 79 51.66 35.36 15.18
CA PHE F 79 51.01 36.13 16.23
C PHE F 79 51.86 36.24 17.49
N ASP F 80 53.09 35.73 17.46
CA ASP F 80 54.00 35.76 18.61
C ASP F 80 54.94 36.95 18.57
N ARG F 81 54.51 38.08 18.00
CA ARG F 81 55.33 39.29 17.89
C ARG F 81 56.63 39.01 17.15
N THR F 82 56.53 38.28 16.04
CA THR F 82 57.70 37.95 15.24
C THR F 82 57.27 37.76 13.79
N ALA F 83 58.24 37.90 12.89
CA ALA F 83 58.03 37.69 11.45
C ALA F 83 59.13 36.77 10.96
N ALA F 84 58.89 35.46 11.04
CA ALA F 84 59.90 34.48 10.65
C ALA F 84 60.09 34.47 9.14
N VAL F 85 61.33 34.26 8.72
CA VAL F 85 61.70 34.16 7.31
C VAL F 85 62.48 32.87 7.14
N TRP F 86 61.86 31.87 6.52
CA TRP F 86 62.48 30.58 6.29
C TRP F 86 63.19 30.61 4.94
N GLU F 87 64.52 30.49 4.96
CA GLU F 87 65.35 30.60 3.78
C GLU F 87 65.67 29.22 3.21
N GLU F 88 65.94 29.19 1.92
CA GLU F 88 66.22 27.95 1.20
C GLU F 88 67.49 27.26 1.67
N ILE F 89 67.34 26.17 2.42
CA ILE F 89 68.45 25.29 2.75
C ILE F 89 67.89 23.87 2.72
N VAL F 90 68.16 23.15 1.63
CA VAL F 90 67.54 21.85 1.39
C VAL F 90 68.23 20.77 2.21
N SER F 101 62.82 17.48 3.00
CA SER F 101 63.26 18.87 2.98
C SER F 101 62.60 19.66 4.11
N HIS F 102 63.41 20.46 4.80
CA HIS F 102 62.92 21.31 5.88
C HIS F 102 63.84 22.53 5.91
N TRP F 103 63.35 23.64 5.36
CA TRP F 103 64.22 24.79 5.13
C TRP F 103 64.62 25.42 6.46
N VAL F 104 65.88 25.82 6.56
CA VAL F 104 66.43 26.33 7.82
C VAL F 104 66.28 27.84 7.85
N LYS F 105 65.89 28.37 8.99
CA LYS F 105 65.71 29.81 9.18
C LYS F 105 67.08 30.46 9.37
N ARG F 106 67.66 30.96 8.26
CA ARG F 106 68.89 31.73 8.37
C ARG F 106 68.65 33.02 9.16
N THR F 107 67.54 33.70 8.91
CA THR F 107 67.17 34.91 9.62
C THR F 107 65.88 34.71 10.39
N THR F 108 65.65 35.61 11.35
CA THR F 108 64.41 35.59 12.14
C THR F 108 64.12 37.02 12.56
N LEU F 109 63.22 37.67 11.83
CA LEU F 109 62.84 39.06 12.12
C LEU F 109 61.82 39.05 13.26
N VAL F 110 62.34 38.93 14.47
CA VAL F 110 61.52 38.89 15.69
C VAL F 110 61.61 40.19 16.48
N ASP F 111 62.11 41.26 15.87
CA ASP F 111 62.27 42.53 16.57
C ASP F 111 60.95 43.31 16.68
N SER F 112 59.90 42.87 16.00
CA SER F 112 58.62 43.57 16.05
C SER F 112 58.00 43.43 17.43
N ARG F 113 57.63 44.58 18.02
CA ARG F 113 57.01 44.55 19.35
C ARG F 113 55.65 43.86 19.31
N THR F 114 54.84 44.15 18.31
CA THR F 114 53.51 43.56 18.17
C THR F 114 53.54 42.43 17.17
N SER F 115 52.43 41.69 17.11
CA SER F 115 52.31 40.58 16.17
C SER F 115 52.30 41.08 14.74
N VAL F 116 53.07 40.42 13.88
CA VAL F 116 53.15 40.80 12.47
C VAL F 116 51.88 40.35 11.77
N THR F 117 51.10 41.29 11.27
CA THR F 117 49.86 40.96 10.58
C THR F 117 50.14 40.27 9.23
N ASP F 118 51.14 40.75 8.50
CA ASP F 118 51.47 40.19 7.20
C ASP F 118 52.95 40.40 6.93
N VAL F 119 53.48 39.61 6.01
CA VAL F 119 54.88 39.70 5.59
C VAL F 119 54.92 39.56 4.07
N LYS F 120 55.07 40.68 3.37
CA LYS F 120 55.14 40.69 1.91
C LYS F 120 56.47 41.29 1.48
N PHE F 121 57.20 40.56 0.66
CA PHE F 121 58.51 41.02 0.22
C PHE F 121 58.39 42.18 -0.76
N ALA F 122 59.40 43.05 -0.76
CA ALA F 122 59.45 44.16 -1.67
C ALA F 122 59.78 43.68 -3.09
N PRO F 123 59.46 44.48 -4.11
CA PRO F 123 59.80 44.08 -5.48
C PRO F 123 61.31 43.95 -5.67
N LYS F 124 61.68 43.07 -6.61
CA LYS F 124 63.08 42.66 -6.75
C LYS F 124 63.99 43.83 -7.09
N HIS F 125 63.47 44.90 -7.70
CA HIS F 125 64.34 45.99 -8.10
C HIS F 125 64.88 46.77 -6.91
N MET F 126 64.13 46.83 -5.81
CA MET F 126 64.48 47.64 -4.66
C MET F 126 65.31 46.89 -3.63
N GLY F 127 65.76 45.67 -3.94
CA GLY F 127 66.57 44.90 -3.03
C GLY F 127 65.74 43.99 -2.16
N LEU F 128 66.44 43.32 -1.24
CA LEU F 128 65.83 42.36 -0.33
C LEU F 128 65.22 43.11 0.85
N MET F 129 63.96 43.51 0.71
CA MET F 129 63.24 44.20 1.76
C MET F 129 61.94 43.45 2.05
N LEU F 130 61.63 43.30 3.34
CA LEU F 130 60.40 42.66 3.79
C LEU F 130 59.63 43.61 4.69
N ALA F 131 58.33 43.67 4.49
CA ALA F 131 57.46 44.59 5.24
C ALA F 131 56.56 43.78 6.17
N THR F 132 56.51 44.20 7.43
CA THR F 132 55.67 43.56 8.45
C THR F 132 54.82 44.63 9.10
N CYS F 133 53.67 44.93 8.50
CA CYS F 133 52.76 45.96 9.00
C CYS F 133 51.98 45.38 10.18
N SER F 134 52.61 45.42 11.35
CA SER F 134 52.02 44.89 12.57
C SER F 134 50.79 45.69 12.99
N GLY F 137 51.61 48.68 13.98
CA GLY F 137 51.74 49.70 12.96
C GLY F 137 53.18 49.93 12.54
N ILE F 138 54.11 49.33 13.26
CA ILE F 138 55.54 49.49 12.97
C ILE F 138 55.86 48.73 11.69
N VAL F 139 56.17 49.46 10.62
CA VAL F 139 56.50 48.85 9.34
C VAL F 139 57.99 48.53 9.38
N ARG F 140 58.32 47.34 9.90
CA ARG F 140 59.71 46.91 10.05
C ARG F 140 60.23 46.47 8.69
N ILE F 141 60.69 47.46 7.91
CA ILE F 141 61.22 47.19 6.58
C ILE F 141 62.66 46.70 6.73
N TYR F 142 62.83 45.39 6.87
CA TYR F 142 64.15 44.81 7.06
C TYR F 142 64.87 44.67 5.73
N GLU F 143 66.09 45.18 5.66
CA GLU F 143 66.90 45.14 4.45
C GLU F 143 68.14 44.30 4.69
N ALA F 144 68.47 43.44 3.73
CA ALA F 144 69.65 42.59 3.82
C ALA F 144 70.70 43.05 2.82
N PRO F 145 71.75 43.74 3.27
CA PRO F 145 72.80 44.17 2.33
C PRO F 145 73.49 43.01 1.63
N ASP F 146 73.64 41.87 2.29
CA ASP F 146 74.26 40.69 1.71
C ASP F 146 73.17 39.73 1.25
N VAL F 147 73.04 39.60 -0.07
CA VAL F 147 72.03 38.68 -0.62
C VAL F 147 72.38 37.24 -0.26
N MET F 148 73.65 36.87 -0.36
CA MET F 148 74.05 35.50 -0.03
C MET F 148 73.89 35.20 1.45
N ASN F 149 74.10 36.20 2.31
CA ASN F 149 73.98 36.04 3.76
C ASN F 149 72.83 36.93 4.22
N LEU F 150 71.62 36.39 4.17
CA LEU F 150 70.41 37.11 4.57
C LEU F 150 70.10 36.95 6.06
N SER F 151 70.97 36.28 6.82
CA SER F 151 70.73 36.05 8.23
C SER F 151 70.58 37.34 9.02
N GLN F 152 71.16 38.44 8.54
CA GLN F 152 71.08 39.72 9.22
C GLN F 152 69.99 40.57 8.56
N TRP F 153 69.04 41.03 9.38
CA TRP F 153 67.97 41.91 8.92
C TRP F 153 68.16 43.27 9.57
N SER F 154 68.26 44.31 8.74
CA SER F 154 68.49 45.66 9.21
C SER F 154 67.25 46.51 8.94
N LEU F 155 66.74 47.14 10.01
CA LEU F 155 65.57 48.01 9.90
C LEU F 155 66.00 49.35 9.33
N GLN F 156 66.27 49.36 8.02
CA GLN F 156 66.67 50.58 7.36
C GLN F 156 65.57 51.64 7.42
N HIS F 157 64.31 51.22 7.44
CA HIS F 157 63.19 52.13 7.58
C HIS F 157 62.23 51.56 8.60
N GLU F 158 61.50 52.45 9.27
CA GLU F 158 60.53 52.04 10.29
C GLU F 158 59.48 53.14 10.37
N ILE F 159 58.31 52.90 9.78
CA ILE F 159 57.20 53.84 9.79
C ILE F 159 56.11 53.26 10.69
N SER F 160 55.71 54.03 11.68
CA SER F 160 54.68 53.59 12.62
C SER F 160 53.49 54.56 12.61
N SER F 166 47.41 46.20 9.41
CA SER F 166 46.52 45.10 9.06
C SER F 166 46.90 44.51 7.70
N CYS F 167 47.24 45.39 6.76
CA CYS F 167 47.61 44.98 5.41
C CYS F 167 48.84 45.74 4.96
N ILE F 168 49.74 45.03 4.29
CA ILE F 168 50.96 45.62 3.74
C ILE F 168 50.99 45.33 2.25
N SER F 169 51.04 46.38 1.44
CA SER F 169 51.06 46.26 -0.02
C SER F 169 52.29 46.96 -0.56
N TRP F 170 52.96 46.31 -1.51
CA TRP F 170 54.15 46.85 -2.16
C TRP F 170 53.82 47.30 -3.57
N ASN F 171 54.41 48.44 -3.95
CA ASN F 171 54.25 48.95 -5.30
C ASN F 171 55.22 48.24 -6.23
N PRO F 172 54.74 47.57 -7.28
CA PRO F 172 55.65 46.84 -8.17
C PRO F 172 56.38 47.73 -9.16
N SER F 173 56.21 49.05 -9.08
CA SER F 173 56.88 49.94 -10.01
C SER F 173 58.38 49.86 -9.84
N SER F 174 59.08 49.77 -10.97
CA SER F 174 60.54 49.75 -11.00
C SER F 174 61.09 50.90 -11.82
N SER F 175 60.25 51.89 -12.11
CA SER F 175 60.60 52.96 -13.04
C SER F 175 61.58 53.94 -12.41
N ARG F 176 62.45 54.51 -13.25
CA ARG F 176 63.30 55.60 -12.79
C ARG F 176 62.48 56.84 -12.42
N ALA F 177 61.31 57.01 -13.04
CA ALA F 177 60.41 58.11 -12.71
C ALA F 177 59.40 57.75 -11.63
N HIS F 178 59.38 56.50 -11.17
CA HIS F 178 58.44 56.06 -10.14
C HIS F 178 59.24 55.61 -8.92
N SER F 179 59.20 56.42 -7.87
CA SER F 179 59.89 56.07 -6.64
C SER F 179 59.21 54.88 -5.96
N PRO F 180 59.97 54.04 -5.28
CA PRO F 180 59.35 52.92 -4.56
C PRO F 180 58.39 53.42 -3.48
N MET F 181 57.28 52.70 -3.33
CA MET F 181 56.23 53.08 -2.39
C MET F 181 55.82 51.87 -1.55
N ILE F 182 55.54 52.10 -0.28
CA ILE F 182 55.08 51.08 0.64
C ILE F 182 53.71 51.49 1.17
N ALA F 183 52.75 50.58 1.10
CA ALA F 183 51.39 50.83 1.53
C ALA F 183 51.09 50.03 2.80
N VAL F 184 50.39 50.66 3.74
CA VAL F 184 50.02 50.06 5.01
C VAL F 184 48.52 50.17 5.20
N GLY F 185 47.88 49.06 5.56
CA GLY F 185 46.45 49.02 5.80
C GLY F 185 46.15 48.89 7.28
N SER F 186 45.04 49.47 7.71
CA SER F 186 44.63 49.44 9.11
C SER F 186 43.22 48.88 9.21
N ASP F 187 43.01 48.01 10.18
CA ASP F 187 41.70 47.40 10.39
C ASP F 187 40.88 48.17 11.42
N LYS F 196 41.85 54.10 4.26
CA LYS F 196 42.68 53.61 5.35
C LYS F 196 44.00 53.05 4.83
N VAL F 197 44.45 53.58 3.69
CA VAL F 197 45.69 53.16 3.04
C VAL F 197 46.58 54.37 2.90
N GLN F 198 47.80 54.27 3.40
CA GLN F 198 48.80 55.33 3.31
C GLN F 198 50.01 54.80 2.57
N ILE F 199 50.46 55.54 1.55
CA ILE F 199 51.58 55.14 0.71
C ILE F 199 52.79 55.99 1.10
N PHE F 200 53.84 55.34 1.57
CA PHE F 200 55.08 56.00 1.94
C PHE F 200 56.12 55.76 0.85
N GLU F 201 56.64 56.85 0.28
CA GLU F 201 57.62 56.79 -0.79
C GLU F 201 58.97 57.25 -0.28
N TYR F 202 60.01 56.47 -0.56
CA TYR F 202 61.37 56.82 -0.16
C TYR F 202 61.85 57.95 -1.06
N ASN F 203 61.67 59.19 -0.61
CA ASN F 203 62.06 60.35 -1.40
C ASN F 203 63.56 60.39 -1.60
N GLU F 204 63.99 60.65 -2.83
CA GLU F 204 65.42 60.65 -3.15
C GLU F 204 66.16 61.77 -2.42
N ASN F 205 65.54 62.95 -2.32
CA ASN F 205 66.23 64.09 -1.73
C ASN F 205 66.57 63.84 -0.27
N THR F 206 65.63 63.29 0.50
CA THR F 206 65.86 63.03 1.91
C THR F 206 66.34 61.62 2.21
N ARG F 207 66.32 60.72 1.21
CA ARG F 207 66.74 59.33 1.38
C ARG F 207 65.98 58.64 2.51
N LYS F 208 64.73 59.03 2.73
CA LYS F 208 63.91 58.46 3.79
C LYS F 208 62.49 58.27 3.27
N TYR F 209 61.80 57.28 3.85
CA TYR F 209 60.43 56.99 3.47
C TYR F 209 59.48 58.05 4.04
N ALA F 210 58.59 58.55 3.20
CA ALA F 210 57.63 59.56 3.61
C ALA F 210 56.30 59.39 2.89
N ASP F 220 34.42 51.72 7.16
CA ASP F 220 34.75 50.35 6.77
C ASP F 220 36.22 50.05 7.06
N PRO F 221 36.48 48.92 7.71
CA PRO F 221 37.88 48.56 8.02
C PRO F 221 38.56 47.91 6.82
N VAL F 222 39.86 48.21 6.71
CA VAL F 222 40.66 47.68 5.61
C VAL F 222 41.24 46.34 6.03
N HIS F 223 40.99 45.31 5.22
CA HIS F 223 41.48 43.96 5.48
C HIS F 223 42.71 43.60 4.68
N ASP F 224 42.73 43.92 3.38
CA ASP F 224 43.88 43.61 2.53
C ASP F 224 43.94 44.61 1.39
N ILE F 225 45.15 45.08 1.09
CA ILE F 225 45.38 46.04 0.02
C ILE F 225 46.33 45.41 -0.99
N ALA F 226 46.01 45.53 -2.27
CA ALA F 226 46.81 44.92 -3.32
C ALA F 226 47.04 45.93 -4.44
N PHE F 227 48.28 46.06 -4.86
CA PHE F 227 48.63 46.92 -5.98
C PHE F 227 48.78 46.08 -7.25
N ALA F 228 48.05 46.47 -8.30
CA ALA F 228 48.11 45.73 -9.55
C ALA F 228 49.47 45.90 -10.22
N PRO F 229 49.97 44.87 -10.88
CA PRO F 229 51.19 45.03 -11.67
C PRO F 229 50.96 46.09 -12.73
N ASN F 230 51.96 46.97 -12.88
CA ASN F 230 51.80 48.12 -13.78
C ASN F 230 51.90 47.69 -15.23
N LEU F 231 52.99 47.03 -15.60
CA LEU F 231 53.33 46.76 -16.99
C LEU F 231 53.35 48.04 -17.81
N GLY F 232 54.16 49.00 -17.35
CA GLY F 232 54.36 50.23 -18.08
C GLY F 232 53.21 51.21 -17.99
N ARG F 233 52.24 50.97 -17.14
CA ARG F 233 51.11 51.89 -17.00
C ARG F 233 51.58 53.22 -16.41
N SER F 234 50.87 54.29 -16.76
CA SER F 234 51.12 55.60 -16.19
C SER F 234 50.31 55.84 -14.91
N PHE F 235 49.57 54.84 -14.44
CA PHE F 235 48.75 54.99 -13.25
C PHE F 235 48.74 53.67 -12.50
N HIS F 236 48.40 53.74 -11.21
CA HIS F 236 48.36 52.59 -10.33
C HIS F 236 46.91 52.31 -9.94
N ILE F 237 46.53 51.03 -9.97
CA ILE F 237 45.20 50.59 -9.58
C ILE F 237 45.30 49.98 -8.19
N LEU F 238 44.48 50.48 -7.26
CA LEU F 238 44.50 50.04 -5.87
C LEU F 238 43.25 49.23 -5.60
N ALA F 239 43.43 48.06 -4.99
CA ALA F 239 42.32 47.21 -4.55
C ALA F 239 42.42 47.05 -3.03
N ILE F 240 41.37 47.47 -2.33
CA ILE F 240 41.35 47.46 -0.88
C ILE F 240 40.18 46.61 -0.42
N ALA F 241 40.45 45.70 0.51
CA ALA F 241 39.42 44.83 1.07
C ALA F 241 38.75 45.52 2.25
N THR F 242 37.44 45.72 2.16
CA THR F 242 36.68 46.40 3.19
C THR F 242 35.26 45.85 3.18
N LYS F 243 34.33 46.57 3.80
CA LYS F 243 32.93 46.16 3.75
C LYS F 243 32.41 46.08 2.33
N ASP F 244 32.93 46.94 1.45
CA ASP F 244 32.64 46.88 0.02
C ASP F 244 33.96 46.94 -0.75
N VAL F 245 34.07 46.14 -1.81
CA VAL F 245 35.29 46.12 -2.60
C VAL F 245 35.45 47.46 -3.31
N ARG F 246 36.61 48.07 -3.15
CA ARG F 246 36.89 49.39 -3.71
C ARG F 246 38.09 49.32 -4.64
N ILE F 247 37.99 49.98 -5.79
CA ILE F 247 39.07 50.08 -6.76
C ILE F 247 39.31 51.56 -7.04
N PHE F 248 40.57 51.98 -6.95
CA PHE F 248 40.94 53.37 -7.14
C PHE F 248 42.14 53.46 -8.08
N THR F 249 42.22 54.58 -8.79
CA THR F 249 43.29 54.84 -9.75
C THR F 249 44.14 56.01 -9.26
N LEU F 250 45.44 55.79 -9.15
CA LEU F 250 46.38 56.81 -8.72
C LEU F 250 47.34 57.10 -9.87
N LYS F 251 47.18 58.28 -10.48
CA LYS F 251 48.02 58.68 -11.61
C LYS F 251 48.92 59.83 -11.19
N PRO F 252 50.25 59.65 -11.23
CA PRO F 252 51.21 60.72 -10.88
C PRO F 252 51.09 61.94 -11.78
N HIS F 277 30.02 40.87 -2.71
CA HIS F 277 30.03 40.05 -1.51
C HIS F 277 29.14 40.66 -0.43
N ASN F 278 29.16 42.00 -0.34
CA ASN F 278 28.36 42.73 0.64
C ASN F 278 28.66 42.29 2.06
N SER F 279 29.94 42.02 2.34
CA SER F 279 30.37 41.57 3.66
C SER F 279 31.84 41.94 3.84
N GLN F 280 32.43 41.44 4.92
CA GLN F 280 33.84 41.71 5.22
C GLN F 280 34.71 41.01 4.19
N VAL F 281 35.37 41.81 3.35
CA VAL F 281 36.23 41.26 2.30
C VAL F 281 37.49 40.66 2.90
N TRP F 282 38.26 39.96 2.09
CA TRP F 282 39.47 39.27 2.54
C TRP F 282 40.55 39.48 1.48
N ARG F 283 41.60 38.66 1.54
CA ARG F 283 42.83 38.95 0.80
C ARG F 283 42.61 38.84 -0.71
N VAL F 284 42.31 39.97 -1.34
CA VAL F 284 42.18 40.02 -2.79
C VAL F 284 43.57 40.09 -3.42
N SER F 285 43.72 39.46 -4.58
CA SER F 285 44.99 39.39 -5.27
C SER F 285 44.83 39.87 -6.70
N TRP F 286 45.94 40.32 -7.27
CA TRP F 286 45.99 40.76 -8.66
C TRP F 286 46.69 39.72 -9.52
N ASN F 287 46.21 39.54 -10.74
CA ASN F 287 46.83 38.58 -11.65
C ASN F 287 48.20 39.09 -12.09
N ILE F 288 48.88 38.28 -12.90
CA ILE F 288 50.25 38.60 -13.29
C ILE F 288 50.30 39.88 -14.14
N THR F 289 49.19 40.25 -14.77
CA THR F 289 49.12 41.49 -15.53
C THR F 289 48.30 42.58 -14.84
N GLY F 290 47.65 42.27 -13.73
CA GLY F 290 46.86 43.27 -13.02
C GLY F 290 45.64 43.76 -13.78
N THR F 291 44.94 42.85 -14.46
CA THR F 291 43.71 43.20 -15.18
C THR F 291 42.50 42.49 -14.63
N VAL F 292 42.56 41.16 -14.47
CA VAL F 292 41.47 40.40 -13.88
C VAL F 292 41.68 40.33 -12.37
N LEU F 293 40.60 40.57 -11.62
CA LEU F 293 40.68 40.70 -10.17
C LEU F 293 39.88 39.57 -9.50
N ALA F 294 40.42 39.06 -8.40
CA ALA F 294 39.74 38.08 -7.57
C ALA F 294 39.58 38.66 -6.18
N SER F 295 38.34 38.97 -5.81
CA SER F 295 38.02 39.55 -4.51
C SER F 295 37.17 38.57 -3.73
N SER F 296 37.62 38.21 -2.52
CA SER F 296 36.93 37.28 -1.67
C SER F 296 36.45 37.98 -0.41
N GLY F 297 35.32 37.51 0.12
CA GLY F 297 34.76 38.09 1.33
C GLY F 297 34.10 37.06 2.22
N ASP F 298 33.31 37.53 3.19
CA ASP F 298 32.59 36.62 4.09
C ASP F 298 31.43 35.93 3.42
N ASP F 299 31.06 36.34 2.19
CA ASP F 299 29.97 35.71 1.47
C ASP F 299 30.27 34.27 1.06
N GLY F 300 31.54 33.85 1.12
CA GLY F 300 31.91 32.49 0.78
C GLY F 300 32.11 32.23 -0.69
N CYS F 301 31.98 33.24 -1.54
CA CYS F 301 32.15 33.10 -2.98
C CYS F 301 33.32 33.94 -3.45
N VAL F 302 34.25 33.32 -4.18
CA VAL F 302 35.41 34.01 -4.72
C VAL F 302 34.99 34.62 -6.06
N ARG F 303 34.53 35.86 -6.03
CA ARG F 303 34.05 36.54 -7.24
C ARG F 303 35.23 37.06 -8.04
N LEU F 304 35.23 36.75 -9.33
CA LEU F 304 36.26 37.22 -10.25
C LEU F 304 35.82 38.51 -10.91
N TRP F 305 36.67 39.53 -10.84
CA TRP F 305 36.38 40.84 -11.41
C TRP F 305 37.40 41.19 -12.48
N LYS F 306 37.03 42.16 -13.32
CA LYS F 306 37.91 42.59 -14.40
C LYS F 306 37.51 43.99 -14.83
N ALA F 307 38.21 44.51 -15.83
CA ALA F 307 37.89 45.81 -16.39
C ALA F 307 36.75 45.69 -17.39
N ASN F 308 36.34 46.82 -17.95
CA ASN F 308 35.26 46.88 -18.92
C ASN F 308 35.73 47.66 -20.15
N TYR F 309 34.85 47.76 -21.15
CA TYR F 309 35.17 48.52 -22.35
C TYR F 309 35.33 50.01 -22.05
N MET F 310 34.77 50.49 -20.95
CA MET F 310 34.90 51.88 -20.54
C MET F 310 36.00 52.09 -19.50
N ASP F 311 36.96 51.17 -19.42
CA ASP F 311 38.06 51.23 -18.46
C ASP F 311 37.54 51.36 -17.03
N ASN F 312 36.49 50.59 -16.71
CA ASN F 312 35.88 50.59 -15.39
C ASN F 312 35.80 49.17 -14.87
N TRP F 313 35.84 49.03 -13.55
CA TRP F 313 35.78 47.71 -12.93
C TRP F 313 34.39 47.11 -13.14
N LYS F 314 34.37 45.82 -13.50
CA LYS F 314 33.13 45.11 -13.74
C LYS F 314 33.29 43.65 -13.35
N CYS F 315 32.18 43.02 -13.00
CA CYS F 315 32.20 41.61 -12.65
C CYS F 315 32.49 40.76 -13.89
N THR F 316 33.34 39.75 -13.70
CA THR F 316 33.72 38.86 -14.79
C THR F 316 33.42 37.40 -14.52
N GLY F 317 32.91 37.06 -13.33
CA GLY F 317 32.58 35.69 -13.02
C GLY F 317 32.59 35.40 -11.54
N ILE F 318 31.94 34.30 -11.13
CA ILE F 318 31.86 33.90 -9.73
C ILE F 318 32.32 32.45 -9.63
N LEU F 319 33.24 32.19 -8.71
CA LEU F 319 33.75 30.84 -8.46
C LEU F 319 33.31 30.36 -7.09
N LYS F 320 32.99 29.08 -7.01
CA LYS F 320 32.51 28.46 -5.78
C LYS F 320 33.69 27.92 -4.98
N GLY F 321 33.74 28.27 -3.69
CA GLY F 321 34.81 27.77 -2.85
C GLY F 321 34.76 26.28 -2.65
N ASN F 322 33.56 25.72 -2.46
CA ASN F 322 33.41 24.28 -2.25
C ASN F 322 33.67 23.48 -3.52
N GLY F 323 33.72 24.14 -4.68
CA GLY F 323 33.95 23.46 -5.94
C GLY F 323 32.73 23.19 -6.77
N SER F 324 31.56 23.65 -6.34
CA SER F 324 30.33 23.44 -7.09
C SER F 324 30.31 24.27 -8.37
N ILE G 15 74.38 -13.13 61.49
CA ILE G 15 74.56 -13.93 60.29
C ILE G 15 76.02 -13.90 59.84
N HIS G 16 76.67 -15.06 59.88
CA HIS G 16 78.07 -15.15 59.48
C HIS G 16 78.24 -15.55 58.01
N ASP G 17 77.28 -16.29 57.46
CA ASP G 17 77.38 -16.72 56.07
C ASP G 17 76.00 -17.12 55.56
N VAL G 18 75.80 -16.91 54.26
CA VAL G 18 74.58 -17.33 53.57
C VAL G 18 75.00 -18.11 52.33
N SER G 19 74.26 -19.17 52.02
CA SER G 19 74.56 -19.98 50.84
C SER G 19 73.26 -20.44 50.21
N PHE G 20 73.16 -20.25 48.89
CA PHE G 20 72.03 -20.74 48.11
C PHE G 20 72.26 -22.20 47.74
N ASP G 21 71.15 -22.91 47.51
CA ASP G 21 71.25 -24.28 47.05
C ASP G 21 71.64 -24.31 45.57
N PHE G 22 71.71 -25.52 45.02
CA PHE G 22 72.06 -25.67 43.61
C PHE G 22 71.02 -25.02 42.71
N HIS G 23 69.74 -25.26 43.00
CA HIS G 23 68.66 -24.77 42.14
C HIS G 23 68.33 -23.29 42.36
N GLY G 24 68.93 -22.66 43.38
CA GLY G 24 68.64 -21.26 43.64
C GLY G 24 67.29 -20.99 44.26
N ARG G 25 66.68 -21.98 44.91
CA ARG G 25 65.38 -21.80 45.52
C ARG G 25 65.42 -21.86 47.05
N ARG G 26 66.53 -22.28 47.64
CA ARG G 26 66.66 -22.36 49.08
C ARG G 26 67.96 -21.71 49.52
N MET G 27 67.99 -21.26 50.77
CA MET G 27 69.19 -20.68 51.38
C MET G 27 69.51 -21.42 52.67
N ALA G 28 70.74 -21.23 53.13
CA ALA G 28 71.19 -21.74 54.43
C ALA G 28 71.95 -20.62 55.11
N THR G 29 71.39 -20.08 56.20
CA THR G 29 71.99 -18.98 56.93
C THR G 29 72.43 -19.46 58.30
N CYS G 30 73.69 -19.21 58.65
CA CYS G 30 74.24 -19.56 59.93
C CYS G 30 74.76 -18.30 60.61
N SER G 31 74.54 -18.22 61.93
CA SER G 31 74.92 -17.04 62.69
C SER G 31 75.64 -17.41 63.98
N SER G 32 75.90 -16.42 64.82
CA SER G 32 76.53 -16.64 66.12
C SER G 32 75.52 -17.03 67.20
N ASP G 33 74.23 -17.09 66.87
CA ASP G 33 73.19 -17.45 67.83
C ASP G 33 73.01 -18.97 67.94
N GLN G 34 74.02 -19.75 67.55
CA GLN G 34 74.01 -21.21 67.67
C GLN G 34 72.87 -21.83 66.88
N SER G 35 72.48 -21.20 65.78
CA SER G 35 71.36 -21.69 64.97
C SER G 35 71.72 -21.61 63.50
N VAL G 36 71.33 -22.64 62.75
CA VAL G 36 71.46 -22.67 61.29
C VAL G 36 70.06 -22.78 60.71
N LYS G 37 69.67 -21.82 59.89
CA LYS G 37 68.33 -21.71 59.37
C LYS G 37 68.31 -21.94 57.87
N VAL G 38 67.27 -22.62 57.39
CA VAL G 38 67.08 -22.90 55.97
C VAL G 38 65.80 -22.19 55.53
N TRP G 39 65.93 -21.32 54.52
CA TRP G 39 64.81 -20.56 54.00
C TRP G 39 64.40 -21.09 52.63
N ASP G 40 63.10 -21.28 52.43
CA ASP G 40 62.56 -21.78 51.18
C ASP G 40 61.68 -20.72 50.54
N LYS G 41 61.86 -20.49 49.25
CA LYS G 41 61.08 -19.50 48.52
C LYS G 41 59.62 -19.90 48.43
N TRP G 47 59.94 -16.14 51.93
CA TRP G 47 60.98 -16.98 52.50
C TRP G 47 60.70 -17.32 53.96
N HIS G 48 60.04 -18.46 54.17
CA HIS G 48 59.71 -18.93 55.52
C HIS G 48 60.71 -20.00 55.93
N CYS G 49 61.36 -19.78 57.08
CA CYS G 49 62.35 -20.72 57.59
C CYS G 49 61.66 -22.02 57.96
N THR G 50 61.88 -23.07 57.17
CA THR G 50 61.22 -24.35 57.40
C THR G 50 61.87 -25.17 58.50
N ALA G 51 63.07 -24.78 58.97
CA ALA G 51 63.76 -25.54 60.01
C ALA G 51 64.82 -24.67 60.64
N SER G 52 64.79 -24.55 61.97
CA SER G 52 65.78 -23.80 62.73
C SER G 52 66.21 -24.68 63.90
N TRP G 53 67.42 -25.24 63.79
CA TRP G 53 67.91 -26.20 64.76
C TRP G 53 69.32 -25.83 65.20
N LYS G 54 69.60 -26.04 66.50
CA LYS G 54 70.94 -25.83 67.01
C LYS G 54 71.88 -26.88 66.45
N THR G 55 73.08 -26.46 66.07
CA THR G 55 74.02 -27.32 65.36
C THR G 55 75.28 -27.60 66.15
N HIS G 56 75.99 -26.57 66.61
CA HIS G 56 77.36 -26.72 67.09
C HIS G 56 77.51 -26.13 68.48
N SER G 57 78.53 -26.60 69.19
CA SER G 57 78.86 -26.06 70.50
C SER G 57 79.46 -24.67 70.42
N GLY G 58 79.90 -24.23 69.23
CA GLY G 58 80.42 -22.90 69.04
C GLY G 58 79.73 -22.22 67.87
N SER G 59 80.15 -20.97 67.64
CA SER G 59 79.58 -20.18 66.55
C SER G 59 79.89 -20.83 65.20
N VAL G 60 78.88 -20.93 64.34
CA VAL G 60 79.03 -21.53 63.02
C VAL G 60 79.45 -20.45 62.04
N TRP G 61 80.60 -20.65 61.40
CA TRP G 61 81.14 -19.64 60.51
C TRP G 61 80.51 -19.72 59.12
N ARG G 62 80.75 -20.83 58.42
CA ARG G 62 80.29 -21.02 57.05
C ARG G 62 79.41 -22.25 56.94
N VAL G 63 78.34 -22.14 56.15
CA VAL G 63 77.50 -23.26 55.79
C VAL G 63 77.35 -23.27 54.27
N THR G 64 77.47 -24.45 53.65
CA THR G 64 77.46 -24.57 52.22
C THR G 64 76.54 -25.71 51.79
N TRP G 65 76.00 -25.58 50.58
CA TRP G 65 75.14 -26.61 50.02
C TRP G 65 75.94 -27.60 49.17
N ALA G 66 75.35 -28.75 48.91
CA ALA G 66 75.92 -29.80 48.09
C ALA G 66 75.01 -30.08 46.90
N HIS G 67 75.54 -30.83 45.94
CA HIS G 67 74.79 -31.11 44.73
C HIS G 67 73.53 -31.91 45.04
N PRO G 68 72.41 -31.62 44.38
CA PRO G 68 71.16 -32.33 44.72
C PRO G 68 71.18 -33.80 44.40
N GLU G 69 72.09 -34.26 43.54
CA GLU G 69 72.17 -35.69 43.24
C GLU G 69 72.46 -36.50 44.49
N PHE G 70 73.15 -35.90 45.47
CA PHE G 70 73.37 -36.52 46.77
C PHE G 70 72.25 -36.22 47.76
N GLY G 71 71.24 -35.44 47.34
CA GLY G 71 70.17 -35.05 48.23
C GLY G 71 70.41 -33.70 48.87
N GLN G 72 69.44 -33.29 49.68
CA GLN G 72 69.56 -32.02 50.39
C GLN G 72 70.59 -32.14 51.50
N VAL G 73 71.83 -31.76 51.19
CA VAL G 73 72.96 -31.98 52.09
C VAL G 73 73.60 -30.63 52.42
N LEU G 74 73.82 -30.38 53.70
CA LEU G 74 74.48 -29.17 54.17
C LEU G 74 75.74 -29.53 54.94
N ALA G 75 76.74 -28.66 54.85
CA ALA G 75 77.98 -28.79 55.62
C ALA G 75 78.21 -27.51 56.40
N SER G 76 78.51 -27.64 57.69
CA SER G 76 78.69 -26.49 58.56
C SER G 76 79.99 -26.64 59.33
N CYS G 77 80.79 -25.57 59.33
CA CYS G 77 82.02 -25.50 60.09
C CYS G 77 81.88 -24.44 61.18
N SER G 78 82.42 -24.73 62.36
CA SER G 78 82.22 -23.89 63.53
C SER G 78 83.52 -23.75 64.29
N PHE G 79 83.44 -23.02 65.41
CA PHE G 79 84.59 -22.74 66.26
C PHE G 79 84.95 -23.91 67.17
N ASP G 80 84.07 -24.91 67.30
CA ASP G 80 84.28 -26.02 68.21
C ASP G 80 85.13 -27.13 67.60
N ARG G 81 85.94 -26.81 66.58
CA ARG G 81 86.90 -27.73 65.95
C ARG G 81 86.23 -28.88 65.23
N THR G 82 84.93 -28.81 64.95
CA THR G 82 84.21 -29.89 64.31
C THR G 82 83.46 -29.36 63.09
N ALA G 83 83.40 -30.19 62.06
CA ALA G 83 82.60 -29.92 60.87
C ALA G 83 81.49 -30.96 60.77
N ALA G 84 80.26 -30.49 60.56
CA ALA G 84 79.09 -31.35 60.57
C ALA G 84 78.45 -31.37 59.19
N VAL G 85 77.87 -32.53 58.85
CA VAL G 85 77.15 -32.72 57.60
C VAL G 85 75.70 -33.02 57.95
N TRP G 86 74.79 -32.18 57.45
CA TRP G 86 73.37 -32.33 57.71
C TRP G 86 72.64 -32.77 56.45
N GLU G 87 71.53 -33.47 56.65
CA GLU G 87 70.72 -33.98 55.55
C GLU G 87 69.25 -33.83 55.90
N GLU G 88 68.46 -33.38 54.92
CA GLU G 88 67.02 -33.22 55.11
C GLU G 88 66.32 -34.56 54.85
N ILE G 89 65.47 -34.96 55.80
CA ILE G 89 64.73 -36.21 55.70
C ILE G 89 63.25 -35.92 55.94
N VAL G 90 62.41 -36.73 55.31
CA VAL G 90 60.97 -36.57 55.43
C VAL G 90 60.38 -37.61 56.37
N GLN G 100 57.07 -34.23 58.97
CA GLN G 100 57.31 -33.21 57.97
C GLN G 100 58.74 -33.26 57.46
N SER G 101 59.34 -32.09 57.22
CA SER G 101 60.71 -31.98 56.72
C SER G 101 61.62 -31.66 57.90
N HIS G 102 62.36 -32.66 58.36
CA HIS G 102 63.27 -32.51 59.48
C HIS G 102 64.70 -32.77 59.03
N TRP G 103 65.64 -32.03 59.61
CA TRP G 103 67.06 -32.16 59.30
C TRP G 103 67.74 -33.00 60.36
N VAL G 104 68.57 -33.95 59.92
CA VAL G 104 69.27 -34.85 60.83
C VAL G 104 70.77 -34.59 60.71
N LYS G 105 71.50 -34.99 61.75
CA LYS G 105 72.94 -34.77 61.83
C LYS G 105 73.63 -36.05 61.39
N ARG G 106 74.11 -36.05 60.14
CA ARG G 106 74.63 -37.28 59.55
C ARG G 106 75.98 -37.68 60.15
N THR G 107 76.91 -36.72 60.27
CA THR G 107 78.27 -37.06 60.67
C THR G 107 78.91 -35.86 61.34
N THR G 108 79.85 -36.15 62.25
CA THR G 108 80.71 -35.14 62.86
C THR G 108 82.15 -35.41 62.42
N LEU G 109 82.88 -34.35 62.10
CA LEU G 109 84.27 -34.45 61.67
C LEU G 109 85.14 -33.80 62.74
N VAL G 110 85.62 -34.61 63.67
CA VAL G 110 86.38 -34.13 64.83
C VAL G 110 87.88 -34.20 64.59
N ASP G 111 88.32 -34.37 63.34
CA ASP G 111 89.75 -34.49 63.07
C ASP G 111 90.53 -33.22 63.38
N SER G 112 89.86 -32.07 63.39
CA SER G 112 90.55 -30.80 63.62
C SER G 112 90.80 -30.61 65.11
N ARG G 113 92.04 -30.28 65.46
CA ARG G 113 92.38 -29.97 66.84
C ARG G 113 92.06 -28.52 67.21
N THR G 114 91.83 -27.66 66.21
CA THR G 114 91.47 -26.27 66.43
C THR G 114 90.25 -25.93 65.59
N SER G 115 89.80 -24.68 65.69
CA SER G 115 88.58 -24.26 65.02
C SER G 115 88.69 -24.41 63.51
N VAL G 116 87.59 -24.84 62.89
CA VAL G 116 87.50 -24.98 61.44
C VAL G 116 86.95 -23.67 60.88
N THR G 117 87.67 -23.10 59.91
CA THR G 117 87.32 -21.77 59.40
C THR G 117 86.30 -21.85 58.26
N ASP G 118 86.60 -22.62 57.22
CA ASP G 118 85.73 -22.72 56.06
C ASP G 118 85.59 -24.17 55.61
N VAL G 119 84.42 -24.48 55.05
CA VAL G 119 84.12 -25.81 54.53
C VAL G 119 83.41 -25.65 53.19
N LYS G 120 83.79 -26.48 52.21
CA LYS G 120 83.27 -26.37 50.86
C LYS G 120 83.18 -27.74 50.23
N PHE G 121 82.00 -28.09 49.70
CA PHE G 121 81.89 -29.29 48.88
C PHE G 121 82.66 -29.13 47.57
N ALA G 122 83.26 -30.23 47.12
CA ALA G 122 83.88 -30.26 45.81
C ALA G 122 82.81 -30.30 44.72
N PRO G 123 83.15 -29.92 43.49
CA PRO G 123 82.17 -30.00 42.40
C PRO G 123 81.71 -31.42 42.16
N LYS G 124 80.50 -31.55 41.64
CA LYS G 124 79.87 -32.86 41.49
C LYS G 124 80.66 -33.80 40.58
N HIS G 125 81.51 -33.26 39.70
CA HIS G 125 82.28 -34.11 38.80
C HIS G 125 83.33 -34.93 39.54
N MET G 126 83.68 -34.56 40.76
CA MET G 126 84.57 -35.35 41.60
C MET G 126 83.83 -36.22 42.60
N GLY G 127 82.50 -36.23 42.57
CA GLY G 127 81.73 -36.97 43.55
C GLY G 127 81.60 -36.19 44.85
N LEU G 128 81.10 -36.90 45.86
CA LEU G 128 80.87 -36.31 47.18
C LEU G 128 82.21 -36.19 47.90
N MET G 129 82.85 -35.03 47.78
CA MET G 129 84.12 -34.74 48.44
C MET G 129 83.99 -33.43 49.21
N LEU G 130 84.42 -33.46 50.47
CA LEU G 130 84.35 -32.30 51.34
C LEU G 130 85.76 -31.87 51.74
N ALA G 131 85.98 -30.56 51.81
CA ALA G 131 87.26 -30.01 52.22
C ALA G 131 87.03 -28.99 53.34
N THR G 132 87.77 -29.14 54.43
CA THR G 132 87.70 -28.23 55.56
C THR G 132 89.10 -27.68 55.84
N CYS G 133 89.16 -26.41 56.21
CA CYS G 133 90.41 -25.76 56.59
C CYS G 133 90.37 -25.38 58.06
N SER G 134 91.43 -25.68 58.78
CA SER G 134 91.52 -25.42 60.21
C SER G 134 92.44 -24.23 60.47
N ALA G 135 92.20 -23.57 61.61
CA ALA G 135 92.99 -22.41 62.00
C ALA G 135 94.42 -22.76 62.37
N ASP G 136 94.73 -24.04 62.54
CA ASP G 136 96.08 -24.48 62.88
C ASP G 136 96.98 -24.65 61.65
N GLY G 137 96.46 -24.39 60.45
CA GLY G 137 97.23 -24.55 59.24
C GLY G 137 97.06 -25.87 58.53
N ILE G 138 96.06 -26.66 58.89
CA ILE G 138 95.83 -27.97 58.30
C ILE G 138 94.50 -27.95 57.57
N VAL G 139 94.53 -28.31 56.29
CA VAL G 139 93.33 -28.41 55.47
C VAL G 139 93.02 -29.90 55.29
N ARG G 140 91.89 -30.34 55.83
CA ARG G 140 91.51 -31.73 55.81
C ARG G 140 90.39 -31.95 54.79
N ILE G 141 90.56 -32.95 53.95
CA ILE G 141 89.65 -33.23 52.85
C ILE G 141 89.07 -34.63 53.05
N TYR G 142 87.74 -34.73 53.03
CA TYR G 142 87.04 -35.98 53.29
C TYR G 142 86.27 -36.42 52.05
N GLU G 143 85.84 -37.67 52.08
CA GLU G 143 85.06 -38.24 50.98
C GLU G 143 84.25 -39.42 51.50
N ALA G 144 82.99 -39.49 51.09
CA ALA G 144 82.13 -40.61 51.43
C ALA G 144 82.18 -41.63 50.31
N PRO G 145 82.70 -42.85 50.54
CA PRO G 145 82.75 -43.84 49.46
C PRO G 145 81.40 -44.19 48.88
N ASP G 146 80.35 -44.21 49.70
CA ASP G 146 78.99 -44.51 49.26
C ASP G 146 78.15 -43.24 49.40
N VAL G 147 77.71 -42.70 48.26
CA VAL G 147 76.92 -41.48 48.28
C VAL G 147 75.56 -41.71 48.93
N MET G 148 75.13 -42.97 49.04
CA MET G 148 73.86 -43.30 49.68
C MET G 148 73.98 -43.46 51.19
N ASN G 149 75.19 -43.36 51.74
CA ASN G 149 75.42 -43.49 53.18
C ASN G 149 76.32 -42.31 53.56
N LEU G 150 75.74 -41.26 54.12
CA LEU G 150 76.48 -40.08 54.52
C LEU G 150 77.07 -40.20 55.92
N SER G 151 76.81 -41.29 56.63
CA SER G 151 77.29 -41.45 57.99
C SER G 151 78.78 -41.74 58.07
N GLN G 152 79.44 -42.02 56.95
CA GLN G 152 80.85 -42.36 56.93
C GLN G 152 81.62 -41.41 56.02
N TRP G 153 82.79 -40.98 56.49
CA TRP G 153 83.70 -40.15 55.71
C TRP G 153 85.13 -40.59 56.01
N SER G 154 86.01 -40.41 55.03
CA SER G 154 87.41 -40.80 55.14
C SER G 154 88.29 -39.61 54.78
N LEU G 155 89.28 -39.34 55.64
CA LEU G 155 90.22 -38.24 55.41
C LEU G 155 91.20 -38.67 54.32
N GLN G 156 90.85 -38.39 53.06
CA GLN G 156 91.67 -38.83 51.95
C GLN G 156 93.03 -38.15 51.95
N HIS G 157 93.06 -36.84 52.17
CA HIS G 157 94.30 -36.08 52.17
C HIS G 157 94.26 -35.02 53.27
N GLU G 158 95.46 -34.60 53.67
CA GLU G 158 95.62 -33.50 54.62
C GLU G 158 96.75 -32.61 54.12
N ILE G 159 96.49 -31.31 54.07
CA ILE G 159 97.43 -30.34 53.51
C ILE G 159 97.82 -29.36 54.62
N SER G 160 99.13 -29.11 54.76
CA SER G 160 99.65 -28.17 55.73
C SER G 160 100.05 -26.89 55.00
N CYS G 161 99.35 -25.80 55.31
CA CYS G 161 99.61 -24.50 54.67
C CYS G 161 100.63 -23.67 55.41
N LYS G 162 101.11 -24.12 56.56
CA LYS G 162 102.11 -23.43 57.37
C LYS G 162 101.64 -22.04 57.83
N LEU G 163 100.33 -21.80 57.81
CA LEU G 163 99.79 -20.52 58.24
C LEU G 163 98.31 -20.72 58.57
N SER G 164 97.78 -19.80 59.37
CA SER G 164 96.39 -19.89 59.83
C SER G 164 95.44 -19.72 58.66
N CYS G 165 94.75 -20.79 58.30
CA CYS G 165 93.84 -20.77 57.16
C CYS G 165 92.62 -19.91 57.47
N SER G 166 92.11 -19.22 56.45
CA SER G 166 90.91 -18.40 56.59
C SER G 166 89.75 -18.94 55.76
N CYS G 167 89.93 -19.09 54.45
CA CYS G 167 88.88 -19.62 53.59
C CYS G 167 89.50 -20.39 52.44
N ILE G 168 88.71 -21.32 51.88
CA ILE G 168 89.13 -22.11 50.73
C ILE G 168 88.02 -22.05 49.69
N SER G 169 88.40 -22.37 48.44
CA SER G 169 87.45 -22.38 47.34
C SER G 169 87.88 -23.45 46.34
N TRP G 170 86.98 -24.40 46.08
CA TRP G 170 87.24 -25.42 45.08
C TRP G 170 87.24 -24.82 43.69
N ASN G 171 87.82 -25.57 42.74
CA ASN G 171 87.86 -25.13 41.35
C ASN G 171 86.68 -25.80 40.66
N PRO G 172 85.69 -25.05 40.21
CA PRO G 172 84.47 -25.68 39.67
C PRO G 172 84.59 -26.11 38.21
N SER G 173 85.81 -26.18 37.70
CA SER G 173 86.01 -26.63 36.32
C SER G 173 85.67 -28.11 36.18
N SER G 174 84.75 -28.42 35.27
CA SER G 174 84.39 -29.79 34.97
C SER G 174 85.22 -30.38 33.84
N SER G 175 86.17 -29.62 33.31
CA SER G 175 87.00 -30.11 32.20
C SER G 175 87.95 -31.19 32.70
N ARG G 176 88.14 -32.22 31.87
CA ARG G 176 89.12 -33.26 32.18
C ARG G 176 90.55 -32.78 32.03
N ALA G 177 90.77 -31.65 31.37
CA ALA G 177 92.12 -31.10 31.20
C ALA G 177 92.64 -30.41 32.46
N HIS G 178 91.77 -30.14 33.43
CA HIS G 178 92.18 -29.51 34.69
C HIS G 178 92.02 -30.53 35.81
N SER G 179 93.11 -30.78 36.53
CA SER G 179 93.05 -31.67 37.68
C SER G 179 92.28 -31.01 38.80
N PRO G 180 91.70 -31.80 39.72
CA PRO G 180 91.06 -31.21 40.89
C PRO G 180 92.02 -30.31 41.65
N MET G 181 91.62 -29.06 41.81
CA MET G 181 92.50 -28.01 42.33
C MET G 181 91.79 -27.27 43.45
N ILE G 182 92.50 -27.02 44.54
CA ILE G 182 91.97 -26.29 45.68
C ILE G 182 92.96 -25.20 46.07
N ALA G 183 92.44 -24.00 46.33
CA ALA G 183 93.23 -22.89 46.81
C ALA G 183 92.84 -22.57 48.24
N VAL G 184 93.83 -22.30 49.09
CA VAL G 184 93.62 -22.00 50.49
C VAL G 184 94.13 -20.59 50.76
N GLY G 185 93.27 -19.76 51.36
CA GLY G 185 93.64 -18.41 51.71
C GLY G 185 93.90 -18.24 53.19
N SER G 186 95.11 -17.79 53.54
CA SER G 186 95.50 -17.62 54.93
C SER G 186 95.41 -16.15 55.33
N ASP G 187 94.95 -15.91 56.56
CA ASP G 187 94.85 -14.57 57.13
C ASP G 187 95.89 -14.34 58.22
N ASP G 188 97.06 -14.94 58.07
CA ASP G 188 98.12 -14.81 59.05
C ASP G 188 98.75 -13.42 59.01
N ASN G 192 106.20 -10.46 59.18
CA ASN G 192 106.02 -11.66 58.39
C ASN G 192 105.18 -11.38 57.14
N ALA G 193 105.81 -10.78 56.14
CA ALA G 193 105.13 -10.44 54.89
C ALA G 193 105.35 -11.56 53.86
N MET G 194 104.69 -12.68 54.11
CA MET G 194 104.75 -13.85 53.25
C MET G 194 103.50 -13.93 52.38
N ALA G 195 103.53 -14.87 51.43
CA ALA G 195 102.39 -15.09 50.56
C ALA G 195 101.24 -15.69 51.35
N LYS G 196 100.07 -15.05 51.30
CA LYS G 196 98.91 -15.46 52.06
C LYS G 196 97.95 -16.36 51.27
N VAL G 197 98.26 -16.65 50.01
CA VAL G 197 97.41 -17.49 49.18
C VAL G 197 98.24 -18.67 48.68
N GLN G 198 97.78 -19.88 48.99
CA GLN G 198 98.39 -21.11 48.50
C GLN G 198 97.38 -21.85 47.62
N ILE G 199 97.85 -22.36 46.49
CA ILE G 199 97.00 -23.09 45.55
C ILE G 199 97.58 -24.50 45.40
N PHE G 200 96.73 -25.50 45.58
CA PHE G 200 97.14 -26.90 45.57
C PHE G 200 96.45 -27.62 44.43
N GLU G 201 97.15 -28.58 43.83
CA GLU G 201 96.67 -29.29 42.65
C GLU G 201 96.82 -30.79 42.84
N TYR G 202 95.88 -31.55 42.29
CA TYR G 202 95.95 -32.99 42.32
C TYR G 202 96.97 -33.50 41.30
N ASN G 203 97.79 -34.46 41.72
CA ASN G 203 98.75 -35.12 40.85
C ASN G 203 98.29 -36.56 40.64
N GLU G 204 98.10 -36.93 39.37
CA GLU G 204 97.56 -38.26 39.07
C GLU G 204 98.51 -39.36 39.52
N ASN G 205 99.81 -39.18 39.32
CA ASN G 205 100.77 -40.23 39.68
C ASN G 205 100.87 -40.39 41.19
N THR G 206 101.05 -39.29 41.92
CA THR G 206 101.23 -39.36 43.36
C THR G 206 99.91 -39.52 44.12
N ARG G 207 98.78 -39.23 43.47
CA ARG G 207 97.46 -39.35 44.08
C ARG G 207 97.37 -38.58 45.39
N LYS G 208 97.95 -37.38 45.40
CA LYS G 208 97.94 -36.53 46.58
C LYS G 208 98.10 -35.08 46.15
N TYR G 209 97.42 -34.19 46.86
CA TYR G 209 97.52 -32.76 46.57
C TYR G 209 98.89 -32.23 46.97
N ALA G 210 99.35 -31.23 46.22
CA ALA G 210 100.65 -30.62 46.47
C ALA G 210 100.60 -29.17 46.02
N LYS G 211 101.53 -28.37 46.54
CA LYS G 211 101.59 -26.96 46.20
C LYS G 211 101.83 -26.78 44.70
N ALA G 212 101.03 -25.92 44.08
CA ALA G 212 101.12 -25.66 42.65
C ALA G 212 101.38 -24.20 42.32
N GLU G 213 100.74 -23.27 43.02
CA GLU G 213 100.93 -21.84 42.76
C GLU G 213 101.01 -21.11 44.09
N THR G 214 102.01 -20.23 44.21
CA THR G 214 102.19 -19.39 45.39
C THR G 214 102.19 -17.93 44.95
N LEU G 215 101.21 -17.17 45.43
CA LEU G 215 101.05 -15.77 45.01
C LEU G 215 101.84 -14.88 45.96
N MET G 216 103.13 -14.72 45.65
CA MET G 216 104.00 -13.87 46.48
C MET G 216 103.56 -12.42 46.45
N THR G 217 102.89 -11.99 45.37
CA THR G 217 102.40 -10.62 45.28
C THR G 217 101.25 -10.33 46.24
N VAL G 218 100.66 -11.36 46.83
CA VAL G 218 99.54 -11.19 47.76
C VAL G 218 100.11 -11.40 49.16
N THR G 219 100.50 -10.31 49.82
CA THR G 219 101.02 -10.36 51.18
C THR G 219 100.06 -9.82 52.22
N ASP G 220 99.04 -9.06 51.81
CA ASP G 220 98.04 -8.60 52.75
C ASP G 220 97.20 -9.78 53.24
N PRO G 221 96.61 -9.66 54.43
CA PRO G 221 95.79 -10.76 54.95
C PRO G 221 94.65 -11.09 54.01
N VAL G 222 94.38 -12.38 53.85
CA VAL G 222 93.36 -12.88 52.93
C VAL G 222 92.16 -13.33 53.75
N HIS G 223 91.00 -12.74 53.48
CA HIS G 223 89.78 -13.06 54.20
C HIS G 223 88.89 -14.05 53.49
N ASP G 224 88.96 -14.12 52.16
CA ASP G 224 88.13 -15.04 51.40
C ASP G 224 88.68 -15.15 49.98
N ILE G 225 88.49 -16.31 49.38
CA ILE G 225 88.80 -16.53 47.97
C ILE G 225 87.65 -17.31 47.34
N ALA G 226 87.47 -17.11 46.04
CA ALA G 226 86.36 -17.75 45.33
C ALA G 226 86.72 -17.87 43.86
N PHE G 227 86.97 -19.09 43.41
CA PHE G 227 87.21 -19.32 41.99
C PHE G 227 85.95 -19.03 41.19
N ALA G 228 86.11 -18.35 40.07
CA ALA G 228 84.99 -18.12 39.17
C ALA G 228 84.60 -19.43 38.48
N PRO G 229 83.30 -19.69 38.31
CA PRO G 229 82.89 -20.88 37.57
C PRO G 229 83.51 -20.88 36.17
N ASN G 230 84.08 -22.03 35.81
CA ASN G 230 84.81 -22.12 34.54
C ASN G 230 83.87 -21.88 33.35
N LEU G 231 82.93 -22.79 33.14
CA LEU G 231 81.87 -22.64 32.14
C LEU G 231 82.45 -22.38 30.75
N GLY G 232 83.29 -23.31 30.29
CA GLY G 232 83.82 -23.29 28.95
C GLY G 232 85.13 -22.54 28.79
N ARG G 233 85.56 -21.78 29.79
CA ARG G 233 86.79 -21.01 29.68
C ARG G 233 88.00 -21.94 29.65
N SER G 234 89.07 -21.46 29.04
CA SER G 234 90.33 -22.19 28.96
C SER G 234 91.27 -21.89 30.11
N PHE G 235 90.93 -20.94 30.98
CA PHE G 235 91.77 -20.57 32.10
C PHE G 235 90.91 -20.35 33.34
N HIS G 236 91.55 -20.43 34.50
CA HIS G 236 90.88 -20.31 35.78
C HIS G 236 91.00 -18.89 36.31
N ILE G 237 89.88 -18.32 36.75
CA ILE G 237 89.84 -16.96 37.28
C ILE G 237 89.66 -17.05 38.79
N LEU G 238 90.57 -16.40 39.53
CA LEU G 238 90.57 -16.43 40.98
C LEU G 238 90.28 -15.05 41.53
N ALA G 239 89.36 -14.97 42.48
CA ALA G 239 89.04 -13.73 43.19
C ALA G 239 89.56 -13.85 44.61
N ILE G 240 90.28 -12.83 45.06
CA ILE G 240 90.94 -12.85 46.36
C ILE G 240 90.48 -11.65 47.18
N ALA G 241 90.13 -11.89 48.44
CA ALA G 241 89.74 -10.85 49.37
C ALA G 241 90.95 -10.45 50.22
N THR G 242 91.29 -9.16 50.17
CA THR G 242 92.44 -8.61 50.87
C THR G 242 92.08 -7.19 51.29
N LYS G 243 93.10 -6.38 51.59
CA LYS G 243 92.85 -4.95 51.80
C LYS G 243 92.15 -4.33 50.60
N ASP G 244 92.40 -4.88 49.41
CA ASP G 244 91.64 -4.54 48.21
C ASP G 244 91.06 -5.80 47.60
N VAL G 245 90.48 -5.70 46.40
CA VAL G 245 89.95 -6.85 45.69
C VAL G 245 90.86 -7.14 44.51
N ARG G 246 91.36 -8.37 44.44
CA ARG G 246 92.28 -8.79 43.39
C ARG G 246 91.68 -9.96 42.62
N ILE G 247 91.82 -9.92 41.29
CA ILE G 247 91.33 -10.97 40.41
C ILE G 247 92.51 -11.47 39.58
N PHE G 248 92.74 -12.78 39.61
CA PHE G 248 93.84 -13.41 38.90
C PHE G 248 93.28 -14.38 37.87
N THR G 249 94.00 -14.51 36.75
CA THR G 249 93.64 -15.43 35.68
C THR G 249 94.77 -16.46 35.59
N LEU G 250 94.64 -17.54 36.37
CA LEU G 250 95.66 -18.59 36.42
C LEU G 250 95.57 -19.42 35.14
N LYS G 251 96.21 -18.92 34.10
CA LYS G 251 96.20 -19.61 32.82
C LYS G 251 97.06 -20.86 32.89
N PRO G 252 96.52 -22.04 32.60
CA PRO G 252 97.31 -23.27 32.64
C PRO G 252 98.23 -23.38 31.42
N VAL G 253 99.52 -23.18 31.65
CA VAL G 253 100.50 -23.28 30.57
C VAL G 253 100.82 -24.74 30.30
N ARG G 254 101.25 -25.02 29.08
CA ARG G 254 101.58 -26.37 28.68
C ARG G 254 102.91 -26.81 29.28
N GLY G 262 104.25 -33.86 38.93
CA GLY G 262 104.58 -32.45 38.96
C GLY G 262 103.40 -31.55 38.66
N PRO G 263 103.17 -30.56 39.52
CA PRO G 263 102.06 -29.63 39.29
C PRO G 263 102.26 -28.82 38.03
N THR G 264 101.15 -28.46 37.40
CA THR G 264 101.18 -27.66 36.19
C THR G 264 101.49 -26.20 36.52
N LYS G 265 102.43 -25.62 35.78
CA LYS G 265 102.75 -24.22 35.97
C LYS G 265 101.62 -23.33 35.47
N PHE G 266 101.57 -22.10 35.99
CA PHE G 266 100.53 -21.15 35.65
C PHE G 266 101.14 -19.80 35.32
N GLU G 267 100.50 -19.08 34.39
CA GLU G 267 100.89 -17.72 34.06
C GLU G 267 99.99 -16.77 34.87
N ILE G 268 100.35 -16.59 36.13
CA ILE G 268 99.54 -15.81 37.06
C ILE G 268 99.74 -14.33 36.77
N HIS G 269 98.64 -13.62 36.59
CA HIS G 269 98.69 -12.18 36.30
C HIS G 269 97.41 -11.54 36.81
N ILE G 270 97.54 -10.63 37.78
CA ILE G 270 96.39 -9.93 38.32
C ILE G 270 95.80 -9.02 37.25
N VAL G 271 94.49 -9.06 37.09
CA VAL G 271 93.80 -8.28 36.05
C VAL G 271 92.83 -7.26 36.62
N ALA G 272 92.52 -7.31 37.92
CA ALA G 272 91.56 -6.37 38.50
C ALA G 272 91.97 -6.10 39.94
N GLN G 273 92.59 -4.96 40.18
CA GLN G 273 92.95 -4.50 41.51
C GLN G 273 91.98 -3.39 41.89
N PHE G 274 90.84 -3.77 42.46
CA PHE G 274 89.79 -2.82 42.80
C PHE G 274 90.00 -2.34 44.24
N ASP G 275 90.11 -1.03 44.41
CA ASP G 275 90.32 -0.41 45.72
C ASP G 275 89.20 0.59 46.02
N ASN G 276 88.00 0.29 45.55
CA ASN G 276 86.82 1.11 45.81
C ASN G 276 86.28 0.92 47.21
N HIS G 277 86.74 -0.11 47.92
CA HIS G 277 86.21 -0.43 49.24
C HIS G 277 86.64 0.59 50.28
N ASN G 278 87.89 1.05 50.21
CA ASN G 278 88.49 1.92 51.21
C ASN G 278 88.42 1.30 52.61
N SER G 279 88.44 -0.03 52.66
CA SER G 279 88.34 -0.80 53.90
C SER G 279 88.76 -2.23 53.57
N GLN G 280 88.56 -3.13 54.51
CA GLN G 280 88.89 -4.54 54.33
C GLN G 280 87.74 -5.27 53.66
N VAL G 281 88.08 -6.34 52.95
CA VAL G 281 87.11 -7.13 52.20
C VAL G 281 86.77 -8.38 53.01
N TRP G 282 85.49 -8.70 53.10
CA TRP G 282 85.03 -9.83 53.89
C TRP G 282 84.71 -11.05 53.05
N ARG G 283 83.81 -10.92 52.07
CA ARG G 283 83.38 -12.06 51.27
C ARG G 283 83.29 -11.65 49.81
N VAL G 284 83.55 -12.62 48.93
CA VAL G 284 83.45 -12.44 47.49
C VAL G 284 82.64 -13.60 46.91
N SER G 285 81.71 -13.27 46.02
CA SER G 285 80.85 -14.26 45.38
C SER G 285 80.79 -13.99 43.89
N TRP G 286 80.77 -15.06 43.10
CA TRP G 286 80.82 -14.97 41.65
C TRP G 286 79.43 -15.13 41.04
N ASN G 287 79.34 -14.77 39.76
CA ASN G 287 78.12 -14.99 38.99
C ASN G 287 77.84 -16.48 38.87
N ILE G 288 76.59 -16.80 38.52
CA ILE G 288 76.24 -18.18 38.23
C ILE G 288 76.89 -18.64 36.93
N THR G 289 77.37 -17.71 36.12
CA THR G 289 78.09 -18.01 34.89
C THR G 289 79.56 -17.65 34.94
N GLY G 290 80.05 -17.18 36.09
CA GLY G 290 81.44 -16.78 36.20
C GLY G 290 81.82 -15.57 35.38
N THR G 291 80.98 -14.55 35.37
CA THR G 291 81.25 -13.32 34.63
C THR G 291 81.26 -12.08 35.50
N VAL G 292 80.36 -12.00 36.48
CA VAL G 292 80.24 -10.83 37.35
C VAL G 292 80.59 -11.26 38.77
N LEU G 293 81.54 -10.56 39.38
CA LEU G 293 81.98 -10.86 40.73
C LEU G 293 81.33 -9.89 41.71
N ALA G 294 80.60 -10.44 42.69
CA ALA G 294 80.01 -9.64 43.75
C ALA G 294 81.02 -9.52 44.89
N SER G 295 81.33 -8.28 45.27
CA SER G 295 82.30 -8.00 46.30
C SER G 295 81.66 -7.21 47.43
N SER G 296 81.96 -7.59 48.67
CA SER G 296 81.44 -6.91 49.85
C SER G 296 82.60 -6.60 50.79
N GLY G 297 82.66 -5.35 51.24
CA GLY G 297 83.71 -4.89 52.13
C GLY G 297 83.21 -4.57 53.52
N ASP G 298 84.12 -4.01 54.32
CA ASP G 298 83.79 -3.59 55.68
C ASP G 298 82.90 -2.36 55.71
N ASP G 299 82.71 -1.68 54.58
CA ASP G 299 81.87 -0.49 54.53
C ASP G 299 80.38 -0.82 54.47
N GLY G 300 80.02 -2.09 54.38
CA GLY G 300 78.62 -2.47 54.32
C GLY G 300 77.97 -2.25 52.97
N CYS G 301 78.76 -2.19 51.91
CA CYS G 301 78.26 -1.98 50.55
C CYS G 301 78.67 -3.16 49.68
N VAL G 302 77.72 -3.69 48.91
CA VAL G 302 77.97 -4.80 48.00
C VAL G 302 78.04 -4.25 46.59
N ARG G 303 79.13 -4.55 45.89
CA ARG G 303 79.34 -4.04 44.54
C ARG G 303 79.74 -5.19 43.62
N LEU G 304 79.39 -5.03 42.34
CA LEU G 304 79.61 -6.07 41.33
C LEU G 304 80.68 -5.60 40.35
N TRP G 305 81.52 -6.53 39.92
CA TRP G 305 82.61 -6.23 39.01
C TRP G 305 82.52 -7.14 37.78
N LYS G 306 82.55 -6.53 36.60
CA LYS G 306 82.55 -7.24 35.34
C LYS G 306 83.58 -6.63 34.40
N ALA G 307 84.00 -7.42 33.41
CA ALA G 307 85.05 -7.02 32.49
C ALA G 307 84.48 -6.86 31.09
N ASN G 308 84.88 -5.79 30.42
CA ASN G 308 84.49 -5.57 29.03
C ASN G 308 85.31 -6.47 28.11
N TYR G 309 85.17 -6.26 26.80
CA TYR G 309 85.83 -7.13 25.84
C TYR G 309 87.33 -6.85 25.74
N MET G 310 87.83 -5.79 26.38
CA MET G 310 89.26 -5.55 26.50
C MET G 310 89.86 -6.26 27.71
N ASP G 311 89.06 -7.02 28.46
CA ASP G 311 89.48 -7.60 29.73
C ASP G 311 89.88 -6.51 30.72
N ASN G 312 89.14 -5.39 30.70
CA ASN G 312 89.31 -4.30 31.65
C ASN G 312 88.12 -4.34 32.60
N TRP G 313 88.35 -4.88 33.80
CA TRP G 313 87.26 -5.02 34.77
C TRP G 313 86.83 -3.65 35.28
N LYS G 314 85.51 -3.46 35.39
CA LYS G 314 84.94 -2.22 35.88
C LYS G 314 83.69 -2.53 36.70
N CYS G 315 83.39 -1.65 37.64
CA CYS G 315 82.20 -1.83 38.47
C CYS G 315 80.93 -1.61 37.65
N THR G 316 79.98 -2.53 37.79
CA THR G 316 78.72 -2.45 37.08
C THR G 316 77.54 -2.12 37.98
N GLY G 317 77.79 -1.77 39.24
CA GLY G 317 76.70 -1.44 40.14
C GLY G 317 77.13 -1.36 41.59
N ILE G 318 76.49 -0.46 42.35
CA ILE G 318 76.75 -0.31 43.78
C ILE G 318 75.45 -0.57 44.52
N LEU G 319 75.50 -1.47 45.49
CA LEU G 319 74.32 -1.87 46.26
C LEU G 319 74.61 -1.74 47.75
N LYS G 320 73.56 -1.46 48.52
CA LYS G 320 73.68 -1.31 49.96
C LYS G 320 72.34 -1.55 50.65
N VAL H 4 90.19 -13.59 -27.61
CA VAL H 4 90.07 -13.85 -29.04
C VAL H 4 91.42 -13.66 -29.72
N ILE H 5 91.40 -13.54 -31.05
CA ILE H 5 92.60 -13.35 -31.85
C ILE H 5 92.37 -12.19 -32.80
N ASN H 6 93.31 -11.26 -32.84
CA ASN H 6 93.24 -10.09 -33.72
C ASN H 6 94.54 -10.04 -34.52
N THR H 7 94.56 -10.73 -35.65
CA THR H 7 95.73 -10.74 -36.53
C THR H 7 95.84 -9.40 -37.23
N VAL H 8 96.78 -8.57 -36.78
CA VAL H 8 96.96 -7.22 -37.32
C VAL H 8 98.10 -7.24 -38.32
N ASP H 9 97.81 -6.92 -39.57
CA ASP H 9 98.83 -6.85 -40.61
C ASP H 9 99.68 -5.61 -40.37
N THR H 10 100.95 -5.83 -40.00
CA THR H 10 101.82 -4.72 -39.65
C THR H 10 102.07 -3.80 -40.83
N SER H 11 102.13 -4.35 -42.04
CA SER H 11 102.37 -3.60 -43.27
C SER H 11 103.70 -2.85 -43.23
N HIS H 12 104.62 -3.27 -42.37
CA HIS H 12 105.91 -2.63 -42.26
C HIS H 12 106.85 -3.12 -43.35
N GLU H 13 107.94 -2.38 -43.56
CA GLU H 13 108.95 -2.72 -44.54
C GLU H 13 110.11 -3.51 -43.96
N ASP H 14 110.06 -3.86 -42.68
CA ASP H 14 111.14 -4.59 -42.03
C ASP H 14 110.58 -5.31 -40.81
N MET H 15 111.47 -5.89 -40.02
CA MET H 15 111.06 -6.66 -38.85
C MET H 15 110.57 -5.75 -37.73
N ILE H 16 109.57 -6.22 -36.99
CA ILE H 16 108.97 -5.44 -35.91
C ILE H 16 109.87 -5.51 -34.69
N HIS H 17 109.82 -4.46 -33.86
CA HIS H 17 110.60 -4.39 -32.64
C HIS H 17 109.77 -4.21 -31.39
N ASP H 18 108.62 -3.54 -31.47
CA ASP H 18 107.75 -3.36 -30.32
C ASP H 18 106.32 -3.18 -30.81
N ALA H 19 105.38 -3.48 -29.91
CA ALA H 19 103.96 -3.29 -30.19
C ALA H 19 103.25 -3.05 -28.87
N GLN H 20 102.97 -1.80 -28.56
CA GLN H 20 102.29 -1.41 -27.33
C GLN H 20 100.94 -0.79 -27.67
N MET H 21 99.88 -1.33 -27.07
CA MET H 21 98.54 -0.81 -27.30
C MET H 21 98.26 0.34 -26.34
N ASP H 22 97.19 1.08 -26.62
CA ASP H 22 96.91 2.28 -25.85
C ASP H 22 96.40 1.91 -24.46
N TYR H 23 96.17 2.96 -23.66
CA TYR H 23 95.70 2.78 -22.29
C TYR H 23 94.33 2.11 -22.26
N TYR H 24 93.39 2.61 -23.08
CA TYR H 24 92.05 2.05 -23.13
C TYR H 24 91.99 0.68 -23.77
N GLY H 25 93.08 0.21 -24.37
CA GLY H 25 93.03 -1.01 -25.13
C GLY H 25 92.25 -0.90 -26.42
N THR H 26 92.38 0.22 -27.12
CA THR H 26 91.67 0.46 -28.37
C THR H 26 92.58 0.73 -29.56
N ARG H 27 93.76 1.31 -29.35
CA ARG H 27 94.67 1.67 -30.43
C ARG H 27 96.01 0.99 -30.21
N LEU H 28 96.59 0.48 -31.29
CA LEU H 28 97.88 -0.23 -31.24
C LEU H 28 98.93 0.56 -32.01
N ALA H 29 100.11 0.71 -31.41
CA ALA H 29 101.25 1.39 -32.02
C ALA H 29 102.42 0.42 -32.10
N THR H 30 103.00 0.29 -33.29
CA THR H 30 104.11 -0.62 -33.53
C THR H 30 105.27 0.12 -34.20
N CYS H 31 106.48 -0.37 -33.96
CA CYS H 31 107.68 0.19 -34.56
C CYS H 31 108.50 -0.94 -35.19
N SER H 32 109.26 -0.58 -36.23
CA SER H 32 110.04 -1.57 -36.97
C SER H 32 111.35 -0.91 -37.42
N SER H 33 112.18 -1.70 -38.11
CA SER H 33 113.48 -1.23 -38.57
C SER H 33 113.38 -0.27 -39.75
N ASP H 34 112.19 -0.09 -40.31
CA ASP H 34 112.00 0.83 -41.44
C ASP H 34 111.98 2.29 -41.02
N ARG H 35 112.40 2.61 -39.78
CA ARG H 35 112.45 3.97 -39.28
C ARG H 35 111.06 4.62 -39.31
N SER H 36 110.04 3.84 -39.00
CA SER H 36 108.66 4.32 -39.00
C SER H 36 107.93 3.74 -37.79
N VAL H 37 106.95 4.50 -37.32
CA VAL H 37 106.09 4.06 -36.22
C VAL H 37 104.67 4.41 -36.62
N LYS H 38 103.96 3.44 -37.21
CA LYS H 38 102.58 3.64 -37.64
C LYS H 38 101.63 3.10 -36.57
N ILE H 39 100.64 3.90 -36.21
CA ILE H 39 99.72 3.61 -35.13
C ILE H 39 98.41 3.10 -35.74
N PHE H 40 98.13 1.82 -35.56
CA PHE H 40 96.90 1.21 -36.04
C PHE H 40 95.76 1.43 -35.05
N ASP H 41 94.53 1.29 -35.54
CA ASP H 41 93.34 1.29 -34.71
C ASP H 41 92.77 -0.12 -34.70
N VAL H 42 92.74 -0.74 -33.52
CA VAL H 42 92.35 -2.14 -33.40
C VAL H 42 91.02 -2.25 -32.65
N ARG H 43 90.21 -1.20 -32.74
CA ARG H 43 88.90 -1.21 -32.10
C ARG H 43 87.94 -2.08 -32.90
N ASN H 44 87.19 -2.93 -32.20
CA ASN H 44 86.17 -3.80 -32.80
C ASN H 44 86.77 -4.71 -33.87
N GLY H 45 87.98 -5.21 -33.60
CA GLY H 45 88.61 -6.16 -34.51
C GLY H 45 88.94 -5.62 -35.88
N GLY H 46 89.48 -4.40 -35.96
CA GLY H 46 89.82 -3.82 -37.24
C GLY H 46 91.29 -3.46 -37.36
N GLN H 47 91.74 -3.14 -38.57
CA GLN H 47 93.11 -2.71 -38.85
C GLN H 47 93.03 -1.41 -39.64
N ILE H 48 92.93 -0.29 -38.92
CA ILE H 48 92.83 1.02 -39.53
C ILE H 48 94.07 1.82 -39.14
N LEU H 49 94.80 2.31 -40.14
CA LEU H 49 96.00 3.09 -39.91
C LEU H 49 95.60 4.52 -39.59
N ILE H 50 95.59 4.87 -38.31
CA ILE H 50 95.23 6.23 -37.90
C ILE H 50 96.24 7.23 -38.43
N ALA H 51 97.53 6.93 -38.27
CA ALA H 51 98.58 7.83 -38.73
C ALA H 51 99.89 7.05 -38.86
N ASP H 52 100.62 7.31 -39.94
CA ASP H 52 101.93 6.74 -40.16
C ASP H 52 102.98 7.83 -39.91
N LEU H 53 103.95 7.52 -39.07
CA LEU H 53 104.95 8.49 -38.64
C LEU H 53 106.33 8.09 -39.15
N ARG H 54 107.05 9.06 -39.72
CA ARG H 54 108.40 8.85 -40.23
C ARG H 54 109.22 10.10 -39.91
N GLY H 55 109.90 10.08 -38.77
CA GLY H 55 110.72 11.21 -38.37
C GLY H 55 112.04 10.78 -37.77
N HIS H 56 112.26 9.47 -37.68
CA HIS H 56 113.50 8.92 -37.12
C HIS H 56 114.47 8.59 -38.24
N GLU H 57 115.75 8.82 -37.98
CA GLU H 57 116.80 8.54 -38.94
C GLU H 57 117.26 7.08 -38.92
N GLY H 58 116.72 6.28 -38.01
CA GLY H 58 117.09 4.88 -37.92
C GLY H 58 115.97 4.02 -37.35
N PRO H 59 116.26 2.74 -37.15
CA PRO H 59 115.24 1.84 -36.60
C PRO H 59 114.79 2.27 -35.21
N VAL H 60 113.51 2.07 -34.94
CA VAL H 60 112.90 2.43 -33.66
C VAL H 60 112.83 1.17 -32.79
N TRP H 61 113.35 1.26 -31.58
CA TRP H 61 113.44 0.09 -30.70
C TRP H 61 112.15 -0.14 -29.91
N GLN H 62 111.75 0.84 -29.09
CA GLN H 62 110.62 0.67 -28.20
C GLN H 62 109.74 1.91 -28.24
N VAL H 63 108.43 1.69 -28.06
CA VAL H 63 107.44 2.76 -27.96
C VAL H 63 106.63 2.53 -26.69
N ALA H 64 106.04 3.60 -26.19
CA ALA H 64 105.28 3.54 -24.93
C ALA H 64 104.21 4.61 -24.93
N TRP H 65 102.96 4.19 -24.78
CA TRP H 65 101.84 5.12 -24.70
C TRP H 65 101.86 5.85 -23.35
N ALA H 66 101.37 7.08 -23.36
CA ALA H 66 101.23 7.89 -22.16
C ALA H 66 99.78 7.83 -21.65
N HIS H 67 99.61 8.19 -20.38
CA HIS H 67 98.30 8.15 -19.76
C HIS H 67 97.38 9.19 -20.41
N PRO H 68 96.14 8.82 -20.71
CA PRO H 68 95.21 9.79 -21.33
C PRO H 68 94.85 10.95 -20.41
N MET H 69 95.04 10.81 -19.10
CA MET H 69 94.82 11.93 -18.18
C MET H 69 95.72 13.11 -18.52
N TYR H 70 96.89 12.86 -19.11
CA TYR H 70 97.72 13.88 -19.73
C TYR H 70 97.66 13.84 -21.24
N GLY H 71 96.63 13.23 -21.81
CA GLY H 71 96.44 13.18 -23.25
C GLY H 71 97.06 11.94 -23.88
N ASN H 72 96.48 11.55 -25.01
CA ASN H 72 97.00 10.43 -25.79
C ASN H 72 98.30 10.82 -26.49
N ILE H 73 99.42 10.43 -25.87
CA ILE H 73 100.75 10.81 -26.33
C ILE H 73 101.60 9.54 -26.44
N LEU H 74 102.33 9.42 -27.54
CA LEU H 74 103.21 8.29 -27.78
C LEU H 74 104.65 8.77 -27.90
N ALA H 75 105.57 8.04 -27.27
CA ALA H 75 106.99 8.33 -27.33
C ALA H 75 107.72 7.16 -27.96
N SER H 76 108.76 7.45 -28.73
CA SER H 76 109.51 6.42 -29.44
C SER H 76 111.00 6.68 -29.29
N CYS H 77 111.77 5.63 -29.03
CA CYS H 77 113.22 5.69 -28.97
C CYS H 77 113.80 4.90 -30.14
N SER H 78 114.71 5.52 -30.88
CA SER H 78 115.24 4.94 -32.09
C SER H 78 116.76 4.80 -32.02
N TYR H 79 117.32 4.18 -33.06
CA TYR H 79 118.76 3.97 -33.14
C TYR H 79 119.51 5.28 -33.39
N ASP H 80 118.83 6.31 -33.87
CA ASP H 80 119.46 7.57 -34.24
C ASP H 80 119.84 8.43 -33.04
N ARG H 81 119.84 7.86 -31.84
CA ARG H 81 120.21 8.58 -30.61
C ARG H 81 119.26 9.76 -30.35
N LYS H 82 118.03 9.66 -30.83
CA LYS H 82 117.04 10.71 -30.67
C LYS H 82 115.71 10.10 -30.27
N VAL H 83 115.00 10.78 -29.37
CA VAL H 83 113.69 10.36 -28.91
C VAL H 83 112.68 11.40 -29.37
N ILE H 84 111.69 10.95 -30.14
CA ILE H 84 110.66 11.83 -30.68
C ILE H 84 109.34 11.51 -30.00
N ILE H 85 108.71 12.53 -29.44
CA ILE H 85 107.46 12.38 -28.71
C ILE H 85 106.31 12.82 -29.61
N TRP H 86 105.42 11.90 -29.93
CA TRP H 86 104.30 12.15 -30.83
C TRP H 86 103.04 12.45 -30.03
N ARG H 87 102.27 13.44 -30.47
CA ARG H 87 101.03 13.81 -29.81
C ARG H 87 99.96 14.09 -30.86
N GLU H 88 98.70 13.91 -30.45
CA GLU H 88 97.57 14.20 -31.31
C GLU H 88 97.32 15.69 -31.40
N GLU H 89 96.95 16.15 -32.59
CA GLU H 89 96.58 17.55 -32.83
C GLU H 89 95.41 17.54 -33.81
N ASN H 90 94.20 17.71 -33.29
CA ASN H 90 92.97 17.71 -34.10
C ASN H 90 92.83 16.43 -34.91
N GLY H 91 93.10 15.29 -34.26
CA GLY H 91 92.87 14.00 -34.88
C GLY H 91 93.99 13.46 -35.74
N THR H 92 95.15 14.10 -35.76
CA THR H 92 96.30 13.60 -36.50
C THR H 92 97.53 13.62 -35.62
N TRP H 93 98.43 12.66 -35.87
CA TRP H 93 99.64 12.51 -35.06
C TRP H 93 100.76 13.37 -35.65
N GLU H 94 101.46 14.08 -34.78
CA GLU H 94 102.55 14.95 -35.20
C GLU H 94 103.66 14.88 -34.17
N LYS H 95 104.89 15.16 -34.61
CA LYS H 95 106.05 15.16 -33.72
C LYS H 95 106.06 16.48 -32.95
N SER H 96 105.63 16.43 -31.69
CA SER H 96 105.55 17.63 -30.87
C SER H 96 106.89 18.02 -30.24
N HIS H 97 107.70 17.04 -29.86
CA HIS H 97 108.98 17.33 -29.22
C HIS H 97 109.96 16.22 -29.57
N GLU H 98 111.23 16.61 -29.70
CA GLU H 98 112.32 15.68 -29.98
C GLU H 98 113.45 15.91 -29.00
N HIS H 99 114.01 14.82 -28.49
CA HIS H 99 115.13 14.88 -27.54
C HIS H 99 116.28 14.05 -28.08
N ALA H 100 117.46 14.65 -28.14
CA ALA H 100 118.67 13.98 -28.63
C ALA H 100 119.84 14.27 -27.72
N GLY H 101 119.62 14.24 -26.41
CA GLY H 101 120.66 14.52 -25.44
C GLY H 101 121.61 13.38 -25.16
N HIS H 102 121.40 12.22 -25.77
CA HIS H 102 122.25 11.06 -25.57
C HIS H 102 123.21 10.90 -26.75
N ASP H 103 124.43 10.47 -26.45
CA ASP H 103 125.46 10.28 -27.46
C ASP H 103 125.35 8.93 -28.16
N SER H 104 124.44 8.06 -27.75
CA SER H 104 124.26 6.76 -28.36
C SER H 104 122.76 6.47 -28.50
N SER H 105 122.45 5.34 -29.11
CA SER H 105 121.05 4.99 -29.38
C SER H 105 120.28 4.78 -28.08
N VAL H 106 119.06 5.31 -28.05
CA VAL H 106 118.16 5.14 -26.92
C VAL H 106 117.35 3.87 -27.14
N ASN H 107 117.40 2.95 -26.19
CA ASN H 107 116.81 1.63 -26.34
C ASN H 107 115.49 1.46 -25.60
N SER H 108 115.28 2.17 -24.50
CA SER H 108 114.10 1.99 -23.67
C SER H 108 113.48 3.33 -23.28
N VAL H 109 112.16 3.42 -23.43
CA VAL H 109 111.40 4.57 -22.96
C VAL H 109 110.14 4.06 -22.28
N CYS H 110 109.86 4.59 -21.09
CA CYS H 110 108.65 4.25 -20.35
C CYS H 110 108.16 5.47 -19.60
N TRP H 111 106.89 5.82 -19.79
CA TRP H 111 106.32 6.97 -19.13
C TRP H 111 106.20 6.72 -17.63
N ALA H 112 106.38 7.78 -16.85
CA ALA H 112 106.23 7.69 -15.41
C ALA H 112 104.76 7.46 -15.05
N PRO H 113 104.50 6.91 -13.86
CA PRO H 113 103.11 6.73 -13.43
C PRO H 113 102.36 8.06 -13.39
N HIS H 114 101.07 8.00 -13.69
CA HIS H 114 100.26 9.21 -13.81
C HIS H 114 100.24 10.01 -12.51
N ASP H 115 100.41 9.34 -11.36
CA ASP H 115 100.47 10.06 -10.09
C ASP H 115 101.68 10.98 -10.03
N TYR H 116 102.84 10.50 -10.47
CA TYR H 116 104.05 11.32 -10.45
C TYR H 116 103.93 12.51 -11.38
N GLY H 117 103.40 12.29 -12.59
CA GLY H 117 103.33 13.34 -13.59
C GLY H 117 103.61 12.80 -14.98
N LEU H 118 104.09 13.66 -15.87
CA LEU H 118 104.42 13.28 -17.24
C LEU H 118 105.94 13.31 -17.38
N ILE H 119 106.58 12.20 -17.01
CA ILE H 119 108.04 12.06 -17.08
C ILE H 119 108.36 10.88 -17.97
N LEU H 120 109.18 11.11 -18.99
CA LEU H 120 109.61 10.07 -19.91
C LEU H 120 111.06 9.71 -19.60
N ALA H 121 111.29 8.49 -19.15
CA ALA H 121 112.62 8.00 -18.80
C ALA H 121 113.22 7.31 -20.00
N CYS H 122 114.26 7.90 -20.56
CA CYS H 122 114.95 7.36 -21.73
C CYS H 122 116.25 6.71 -21.30
N GLY H 123 116.40 5.43 -21.64
CA GLY H 123 117.63 4.71 -21.34
C GLY H 123 118.42 4.39 -22.59
N SER H 124 119.54 5.06 -22.76
CA SER H 124 120.33 4.93 -23.98
C SER H 124 121.56 4.06 -23.74
N SER H 125 122.19 3.64 -24.84
CA SER H 125 123.37 2.78 -24.79
C SER H 125 124.63 3.53 -24.41
N ASP H 126 124.58 4.87 -24.32
CA ASP H 126 125.75 5.64 -23.91
C ASP H 126 126.04 5.50 -22.42
N GLY H 127 125.13 4.93 -21.65
CA GLY H 127 125.30 4.81 -20.22
C GLY H 127 124.65 5.91 -19.40
N ALA H 128 123.77 6.71 -20.01
CA ALA H 128 123.10 7.80 -19.31
C ALA H 128 121.59 7.68 -19.48
N ILE H 129 120.86 8.16 -18.48
CA ILE H 129 119.40 8.14 -18.48
C ILE H 129 118.89 9.56 -18.31
N SER H 130 117.97 9.96 -19.18
CA SER H 130 117.38 11.30 -19.14
C SER H 130 115.88 11.19 -18.88
N LEU H 131 115.37 12.07 -18.03
CA LEU H 131 113.96 12.08 -17.65
C LEU H 131 113.33 13.39 -18.12
N LEU H 132 112.43 13.29 -19.09
CA LEU H 132 111.79 14.47 -19.67
C LEU H 132 110.54 14.79 -18.86
N THR H 133 110.67 15.69 -17.89
CA THR H 133 109.55 16.13 -17.09
C THR H 133 108.80 17.23 -17.81
N TYR H 134 107.48 17.10 -17.88
CA TYR H 134 106.65 18.08 -18.58
C TYR H 134 106.34 19.23 -17.63
N THR H 135 106.94 20.39 -17.89
CA THR H 135 106.73 21.57 -17.07
C THR H 135 105.56 22.43 -17.55
N GLY H 136 104.91 22.05 -18.65
CA GLY H 136 103.81 22.80 -19.20
C GLY H 136 104.24 23.75 -20.31
N GLU H 137 103.24 24.24 -21.03
CA GLU H 137 103.42 25.17 -22.14
C GLU H 137 104.36 24.60 -23.21
N GLY H 138 104.30 23.29 -23.41
CA GLY H 138 105.15 22.65 -24.40
C GLY H 138 106.63 22.75 -24.10
N GLN H 139 107.01 22.71 -22.82
CA GLN H 139 108.40 22.80 -22.41
C GLN H 139 108.75 21.58 -21.56
N TRP H 140 109.86 20.93 -21.89
CA TRP H 140 110.31 19.73 -21.19
C TRP H 140 111.61 20.02 -20.46
N GLU H 141 111.69 19.62 -19.20
CA GLU H 141 112.90 19.75 -18.41
C GLU H 141 113.59 18.40 -18.34
N VAL H 142 114.86 18.37 -18.73
CA VAL H 142 115.64 17.13 -18.80
C VAL H 142 116.67 17.14 -17.69
N LYS H 143 116.65 16.11 -16.84
CA LYS H 143 117.63 15.92 -15.79
C LYS H 143 118.38 14.63 -16.12
N LYS H 144 119.42 14.75 -16.93
CA LYS H 144 120.16 13.57 -17.38
C LYS H 144 120.99 13.00 -16.23
N ILE H 145 120.93 11.68 -16.06
CA ILE H 145 121.74 10.97 -15.06
C ILE H 145 122.89 10.35 -15.84
N ASN H 146 124.00 11.09 -15.94
CA ASN H 146 125.15 10.62 -16.70
C ASN H 146 125.84 9.46 -15.98
N ASN H 147 126.47 8.60 -16.77
CA ASN H 147 127.20 7.44 -16.26
C ASN H 147 126.30 6.54 -15.41
N ALA H 148 125.05 6.38 -15.84
CA ALA H 148 124.12 5.51 -15.13
C ALA H 148 124.58 4.06 -15.17
N HIS H 149 125.07 3.59 -16.31
CA HIS H 149 125.53 2.23 -16.47
C HIS H 149 127.00 2.23 -16.90
N THR H 150 127.68 1.11 -16.60
CA THR H 150 129.09 0.99 -16.93
C THR H 150 129.31 1.03 -18.44
N ILE H 151 128.47 0.34 -19.19
CA ILE H 151 128.57 0.28 -20.65
C ILE H 151 127.41 1.01 -21.32
N GLY H 152 126.19 0.72 -20.89
CA GLY H 152 125.03 1.36 -21.46
C GLY H 152 123.71 0.77 -20.97
N CYS H 153 122.74 1.64 -20.68
CA CYS H 153 121.46 1.18 -20.17
C CYS H 153 120.58 0.71 -21.32
N ASN H 154 120.03 -0.49 -21.19
CA ASN H 154 119.17 -1.06 -22.21
C ASN H 154 117.70 -1.13 -21.81
N ALA H 155 117.38 -0.96 -20.53
CA ALA H 155 116.00 -1.07 -20.08
C ALA H 155 115.77 -0.15 -18.89
N VAL H 156 114.62 0.52 -18.88
CA VAL H 156 114.19 1.38 -17.78
C VAL H 156 112.72 1.09 -17.51
N SER H 157 112.37 0.88 -16.25
CA SER H 157 111.00 0.58 -15.86
C SER H 157 110.64 1.38 -14.62
N TRP H 158 109.57 2.17 -14.71
CA TRP H 158 109.10 2.93 -13.56
C TRP H 158 108.40 2.02 -12.56
N ALA H 159 108.27 2.53 -11.32
CA ALA H 159 107.59 1.84 -10.26
C ALA H 159 106.29 2.56 -9.88
N PRO H 160 105.25 1.82 -9.54
CA PRO H 160 103.97 2.46 -9.20
C PRO H 160 104.10 3.33 -7.96
N ALA H 161 103.27 4.37 -7.91
CA ALA H 161 103.30 5.34 -6.82
C ALA H 161 103.03 4.66 -5.47
N VAL H 162 104.04 4.64 -4.61
CA VAL H 162 103.92 4.06 -3.27
C VAL H 162 104.48 5.05 -2.27
N VAL H 163 103.78 5.21 -1.15
CA VAL H 163 104.22 6.15 -0.11
C VAL H 163 104.71 5.37 1.11
N ASN H 177 105.23 13.59 0.25
CA ASN H 177 105.36 13.62 -1.20
C ASN H 177 105.41 12.20 -1.77
N TYR H 178 105.93 12.08 -2.99
CA TYR H 178 106.05 10.81 -3.68
C TYR H 178 107.51 10.42 -3.79
N ILE H 179 107.84 9.19 -3.41
CA ILE H 179 109.20 8.66 -3.53
C ILE H 179 109.29 8.04 -4.93
N LYS H 180 109.67 8.87 -5.89
CA LYS H 180 109.77 8.41 -7.28
C LYS H 180 110.96 7.47 -7.43
N ARG H 181 110.71 6.26 -7.91
CA ARG H 181 111.76 5.28 -8.11
C ARG H 181 111.51 4.51 -9.40
N PHE H 182 112.58 4.01 -9.99
CA PHE H 182 112.49 3.19 -11.19
C PHE H 182 113.68 2.24 -11.23
N ALA H 183 113.53 1.17 -11.99
CA ALA H 183 114.55 0.14 -12.14
C ALA H 183 115.21 0.27 -13.50
N SER H 184 116.53 0.32 -13.51
CA SER H 184 117.32 0.46 -14.73
C SER H 184 118.15 -0.79 -14.94
N GLY H 185 118.04 -1.38 -16.13
CA GLY H 185 118.83 -2.55 -16.48
C GLY H 185 119.66 -2.32 -17.73
N GLY H 186 120.97 -2.39 -17.60
CA GLY H 186 121.88 -2.11 -18.69
C GLY H 186 122.84 -3.27 -18.93
N CYS H 187 123.95 -2.94 -19.57
CA CYS H 187 124.98 -3.91 -19.91
C CYS H 187 126.00 -4.11 -18.79
N ASP H 188 125.83 -3.44 -17.65
CA ASP H 188 126.76 -3.54 -16.53
C ASP H 188 126.57 -4.80 -15.70
N ASN H 189 125.83 -5.78 -16.22
CA ASN H 189 125.59 -7.06 -15.55
C ASN H 189 124.84 -6.89 -14.23
N LEU H 190 124.15 -5.78 -14.04
CA LEU H 190 123.48 -5.50 -12.78
C LEU H 190 122.31 -4.57 -13.02
N ILE H 191 121.43 -4.48 -12.02
CA ILE H 191 120.26 -3.61 -12.06
C ILE H 191 120.44 -2.53 -11.01
N LYS H 192 120.24 -1.28 -11.42
CA LYS H 192 120.37 -0.13 -10.53
C LYS H 192 119.00 0.44 -10.25
N LEU H 193 118.64 0.50 -8.97
CA LEU H 193 117.36 1.08 -8.55
C LEU H 193 117.61 2.52 -8.13
N TRP H 194 117.01 3.45 -8.87
CA TRP H 194 117.24 4.88 -8.67
C TRP H 194 116.12 5.48 -7.83
N LYS H 195 116.48 6.36 -6.90
CA LYS H 195 115.53 7.04 -6.05
C LYS H 195 115.67 8.54 -6.24
N GLU H 196 114.54 9.24 -6.22
CA GLU H 196 114.50 10.69 -6.42
C GLU H 196 114.65 11.36 -5.07
N GLU H 197 115.80 11.99 -4.84
CA GLU H 197 116.07 12.63 -3.56
C GLU H 197 115.21 13.88 -3.37
N GLU H 198 115.12 14.32 -2.12
CA GLU H 198 114.31 15.50 -1.81
C GLU H 198 114.82 16.74 -2.53
N ASP H 199 116.14 16.83 -2.73
CA ASP H 199 116.70 17.97 -3.44
C ASP H 199 116.22 18.01 -4.88
N GLY H 200 116.15 16.87 -5.55
CA GLY H 200 115.70 16.81 -6.93
C GLY H 200 116.57 15.94 -7.80
N GLN H 201 117.83 15.77 -7.41
CA GLN H 201 118.74 14.93 -8.18
C GLN H 201 118.40 13.46 -8.00
N TRP H 202 118.77 12.66 -9.01
CA TRP H 202 118.52 11.22 -8.99
C TRP H 202 119.81 10.48 -8.69
N LYS H 203 119.77 9.63 -7.67
CA LYS H 203 120.93 8.84 -7.27
C LYS H 203 120.50 7.39 -7.06
N GLU H 204 121.42 6.47 -7.36
CA GLU H 204 121.13 5.06 -7.19
C GLU H 204 120.95 4.72 -5.71
N GLU H 205 119.91 3.96 -5.40
CA GLU H 205 119.63 3.55 -4.03
C GLU H 205 120.23 2.18 -3.72
N GLN H 206 119.83 1.16 -4.47
CA GLN H 206 120.34 -0.18 -4.32
C GLN H 206 120.71 -0.76 -5.67
N LYS H 207 121.75 -1.59 -5.68
CA LYS H 207 122.23 -2.23 -6.89
C LYS H 207 121.95 -3.73 -6.80
N LEU H 208 121.25 -4.26 -7.79
CA LEU H 208 120.92 -5.68 -7.85
C LEU H 208 121.79 -6.34 -8.91
N GLU H 209 122.56 -7.35 -8.51
CA GLU H 209 123.53 -8.01 -9.38
C GLU H 209 123.36 -9.52 -9.28
N ALA H 210 122.61 -10.10 -10.21
CA ALA H 210 122.47 -11.56 -10.31
C ALA H 210 122.62 -12.10 -11.72
N HIS H 211 122.42 -11.29 -12.75
CA HIS H 211 122.55 -11.75 -14.13
C HIS H 211 124.01 -11.87 -14.52
N SER H 212 124.31 -12.88 -15.33
CA SER H 212 125.67 -13.12 -15.80
C SER H 212 125.97 -12.45 -17.13
N ASP H 213 124.98 -11.84 -17.77
CA ASP H 213 125.19 -11.17 -19.05
C ASP H 213 124.46 -9.84 -19.10
N TRP H 214 124.39 -9.23 -20.28
CA TRP H 214 123.71 -7.95 -20.44
C TRP H 214 122.24 -8.08 -20.12
N VAL H 215 121.73 -7.16 -19.30
CA VAL H 215 120.31 -7.13 -18.98
C VAL H 215 119.56 -6.44 -20.11
N ARG H 216 118.56 -7.11 -20.66
CA ARG H 216 117.82 -6.59 -21.81
C ARG H 216 116.52 -5.90 -21.42
N ASP H 217 115.77 -6.45 -20.47
CA ASP H 217 114.51 -5.84 -20.05
C ASP H 217 114.35 -5.93 -18.55
N VAL H 218 113.77 -4.89 -17.98
CA VAL H 218 113.32 -4.88 -16.58
C VAL H 218 111.89 -4.37 -16.57
N ALA H 219 111.06 -4.96 -15.71
CA ALA H 219 109.64 -4.60 -15.65
C ALA H 219 109.20 -4.67 -14.19
N TRP H 220 109.05 -3.50 -13.57
CA TRP H 220 108.53 -3.43 -12.21
C TRP H 220 107.08 -3.89 -12.21
N ALA H 221 106.76 -4.82 -11.32
CA ALA H 221 105.39 -5.32 -11.23
C ALA H 221 104.47 -4.23 -10.68
N PRO H 222 103.34 -3.96 -11.32
CA PRO H 222 102.40 -2.99 -10.77
C PRO H 222 101.94 -3.40 -9.39
N SER H 223 101.87 -2.44 -8.48
CA SER H 223 101.50 -2.69 -7.09
C SER H 223 100.01 -2.48 -6.92
N ILE H 224 99.33 -3.51 -6.38
CA ILE H 224 97.91 -3.44 -6.12
C ILE H 224 97.60 -3.02 -4.68
N GLY H 225 98.63 -2.75 -3.89
CA GLY H 225 98.48 -2.51 -2.46
C GLY H 225 99.17 -3.53 -1.59
N LEU H 226 99.74 -4.59 -2.16
CA LEU H 226 100.46 -5.57 -1.38
C LEU H 226 101.79 -5.00 -0.92
N PRO H 227 102.14 -5.12 0.37
CA PRO H 227 103.45 -4.66 0.81
C PRO H 227 104.58 -5.51 0.25
N THR H 228 104.67 -5.60 -1.08
CA THR H 228 105.68 -6.43 -1.72
C THR H 228 105.94 -5.86 -3.12
N SER H 229 107.08 -5.19 -3.29
CA SER H 229 107.50 -4.70 -4.59
C SER H 229 108.20 -5.81 -5.35
N THR H 230 107.73 -6.10 -6.55
CA THR H 230 108.25 -7.20 -7.36
C THR H 230 108.91 -6.65 -8.62
N ILE H 231 110.10 -7.17 -8.92
CA ILE H 231 110.86 -6.78 -10.11
C ILE H 231 111.13 -8.04 -10.92
N ALA H 232 110.81 -7.98 -12.22
CA ALA H 232 111.12 -9.05 -13.15
C ALA H 232 112.10 -8.52 -14.19
N SER H 233 113.19 -9.26 -14.40
CA SER H 233 114.24 -8.86 -15.31
C SER H 233 114.69 -10.05 -16.16
N CYS H 234 115.16 -9.75 -17.36
CA CYS H 234 115.72 -10.76 -18.26
C CYS H 234 117.06 -10.26 -18.77
N SER H 235 117.95 -11.20 -19.05
CA SER H 235 119.32 -10.88 -19.45
C SER H 235 119.67 -11.56 -20.76
N GLN H 236 120.88 -11.27 -21.25
CA GLN H 236 121.35 -11.87 -22.49
C GLN H 236 121.63 -13.36 -22.33
N ASP H 237 122.06 -13.78 -21.14
CA ASP H 237 122.41 -15.18 -20.91
C ASP H 237 121.21 -16.12 -20.99
N GLY H 238 119.99 -15.61 -20.96
CA GLY H 238 118.81 -16.43 -21.05
C GLY H 238 118.12 -16.73 -19.74
N ARG H 239 118.50 -16.06 -18.66
CA ARG H 239 117.91 -16.28 -17.34
C ARG H 239 116.95 -15.14 -17.00
N VAL H 240 115.81 -15.49 -16.43
CA VAL H 240 114.80 -14.53 -16.00
C VAL H 240 114.73 -14.58 -14.49
N PHE H 241 114.93 -13.43 -13.84
CA PHE H 241 114.98 -13.35 -12.39
C PHE H 241 113.79 -12.54 -11.87
N ILE H 242 113.17 -13.05 -10.81
CA ILE H 242 112.05 -12.39 -10.16
C ILE H 242 112.54 -11.88 -8.80
N TRP H 243 112.51 -10.57 -8.61
CA TRP H 243 112.98 -9.94 -7.39
C TRP H 243 111.79 -9.49 -6.57
N THR H 244 111.83 -9.78 -5.26
CA THR H 244 110.75 -9.41 -4.34
C THR H 244 111.33 -8.65 -3.16
N CYS H 245 110.53 -7.72 -2.63
CA CYS H 245 110.90 -6.92 -1.47
C CYS H 245 109.82 -7.05 -0.41
N ASP H 246 110.06 -7.92 0.57
CA ASP H 246 109.09 -8.13 1.64
C ASP H 246 109.11 -6.98 2.65
N SER H 250 112.68 -1.36 4.00
CA SER H 250 113.60 -2.50 4.10
C SER H 250 114.65 -2.46 3.01
N ASN H 251 114.20 -2.26 1.77
CA ASN H 251 115.07 -2.19 0.59
C ASN H 251 115.92 -3.46 0.47
N THR H 252 115.31 -4.60 0.74
CA THR H 252 115.97 -5.90 0.62
C THR H 252 115.29 -6.69 -0.49
N TRP H 253 116.09 -7.18 -1.44
CA TRP H 253 115.60 -7.91 -2.59
C TRP H 253 116.21 -9.30 -2.63
N SER H 254 115.35 -10.31 -2.75
CA SER H 254 115.78 -11.71 -2.82
C SER H 254 115.38 -12.29 -4.17
N PRO H 255 116.29 -12.34 -5.13
CA PRO H 255 115.94 -12.86 -6.46
C PRO H 255 115.58 -14.34 -6.40
N LYS H 256 114.64 -14.72 -7.26
CA LYS H 256 114.22 -16.11 -7.43
C LYS H 256 114.21 -16.42 -8.92
N LEU H 257 115.11 -17.30 -9.35
CA LEU H 257 115.25 -17.62 -10.76
C LEU H 257 113.99 -18.26 -11.32
N LEU H 258 113.26 -17.53 -12.17
CA LEU H 258 112.03 -18.06 -12.74
C LEU H 258 112.32 -19.24 -13.67
N HIS H 259 113.26 -19.06 -14.60
CA HIS H 259 113.61 -20.11 -15.55
C HIS H 259 114.91 -19.72 -16.24
N LYS H 260 115.62 -20.73 -16.75
CA LYS H 260 116.84 -20.54 -17.52
C LYS H 260 116.55 -20.95 -18.95
N PHE H 261 116.16 -19.98 -19.77
CA PHE H 261 115.75 -20.27 -21.14
C PHE H 261 116.96 -20.63 -22.01
N ASN H 262 116.69 -21.42 -23.05
CA ASN H 262 117.76 -21.89 -23.92
C ASN H 262 118.43 -20.75 -24.66
N ASP H 263 117.65 -19.79 -25.15
CA ASP H 263 118.16 -18.68 -25.95
C ASP H 263 118.07 -17.38 -25.16
N VAL H 264 118.46 -16.29 -25.82
CA VAL H 264 118.41 -14.97 -25.18
C VAL H 264 116.95 -14.58 -24.94
N VAL H 265 116.70 -13.93 -23.81
CA VAL H 265 115.39 -13.43 -23.44
C VAL H 265 115.36 -11.92 -23.67
N TRP H 266 114.33 -11.44 -24.37
CA TRP H 266 114.28 -10.05 -24.82
C TRP H 266 113.44 -9.17 -23.91
N HIS H 267 112.18 -9.52 -23.69
CA HIS H 267 111.26 -8.66 -22.96
C HIS H 267 110.51 -9.45 -21.90
N VAL H 268 110.19 -8.76 -20.80
CA VAL H 268 109.36 -9.29 -19.74
C VAL H 268 108.27 -8.27 -19.44
N SER H 269 107.04 -8.75 -19.26
CA SER H 269 105.90 -7.88 -19.00
C SER H 269 104.97 -8.50 -17.99
N TRP H 270 104.51 -7.69 -17.04
CA TRP H 270 103.63 -8.15 -15.99
C TRP H 270 102.16 -8.01 -16.40
N SER H 271 101.31 -8.80 -15.75
CA SER H 271 99.88 -8.70 -15.98
C SER H 271 99.34 -7.43 -15.30
N ILE H 272 98.05 -7.17 -15.55
CA ILE H 272 97.42 -5.97 -14.98
C ILE H 272 97.37 -6.06 -13.46
N THR H 273 97.29 -7.27 -12.92
CA THR H 273 97.35 -7.50 -11.47
C THR H 273 98.72 -7.99 -11.01
N ALA H 274 99.69 -8.04 -11.92
CA ALA H 274 101.05 -8.49 -11.60
C ALA H 274 101.06 -9.92 -11.05
N ASN H 275 100.31 -10.79 -11.71
CA ASN H 275 100.30 -12.21 -11.39
C ASN H 275 100.80 -13.10 -12.51
N ILE H 276 100.64 -12.69 -13.77
CA ILE H 276 101.12 -13.44 -14.92
C ILE H 276 102.18 -12.60 -15.62
N LEU H 277 103.35 -13.19 -15.83
CA LEU H 277 104.47 -12.51 -16.45
C LEU H 277 104.63 -13.00 -17.89
N ALA H 278 104.65 -12.06 -18.83
CA ALA H 278 104.81 -12.38 -20.25
C ALA H 278 106.29 -12.30 -20.59
N VAL H 279 106.89 -13.44 -20.88
CA VAL H 279 108.32 -13.54 -21.18
C VAL H 279 108.48 -13.88 -22.65
N SER H 280 109.18 -13.01 -23.38
CA SER H 280 109.46 -13.22 -24.79
C SER H 280 110.98 -13.24 -25.00
N GLY H 281 111.46 -14.28 -25.67
CA GLY H 281 112.89 -14.44 -25.86
C GLY H 281 113.31 -14.56 -27.31
N GLY H 282 114.58 -14.93 -27.53
CA GLY H 282 115.10 -15.08 -28.87
C GLY H 282 114.67 -16.35 -29.58
N ASP H 283 114.00 -17.25 -28.88
CA ASP H 283 113.51 -18.49 -29.46
C ASP H 283 112.24 -18.31 -30.28
N ASN H 284 111.85 -17.06 -30.57
CA ASN H 284 110.66 -16.76 -31.34
C ASN H 284 109.41 -17.36 -30.69
N LYS H 285 109.38 -17.34 -29.36
CA LYS H 285 108.26 -17.90 -28.60
C LYS H 285 107.88 -16.95 -27.48
N VAL H 286 106.61 -17.02 -27.08
CA VAL H 286 106.08 -16.18 -26.00
C VAL H 286 105.53 -17.10 -24.93
N THR H 287 106.00 -16.92 -23.70
CA THR H 287 105.61 -17.75 -22.57
C THR H 287 104.98 -16.90 -21.48
N LEU H 288 103.92 -17.43 -20.87
CA LEU H 288 103.25 -16.79 -19.75
C LEU H 288 103.48 -17.61 -18.49
N TRP H 289 103.98 -16.97 -17.45
CA TRP H 289 104.34 -17.64 -16.21
C TRP H 289 103.48 -17.11 -15.07
N LYS H 290 102.89 -18.02 -14.29
CA LYS H 290 102.09 -17.67 -13.13
C LYS H 290 102.60 -18.45 -11.92
N GLU H 291 102.46 -17.84 -10.75
CA GLU H 291 102.92 -18.45 -9.51
C GLU H 291 102.01 -19.60 -9.10
N GLN H 296 106.73 -21.36 -6.44
CA GLN H 296 107.44 -21.56 -7.69
C GLN H 296 106.60 -21.06 -8.87
N TRP H 297 107.28 -20.67 -9.95
CA TRP H 297 106.63 -20.18 -11.15
C TRP H 297 106.48 -21.31 -12.16
N VAL H 298 105.28 -21.48 -12.68
CA VAL H 298 104.97 -22.54 -13.63
C VAL H 298 104.43 -21.91 -14.91
N CYS H 299 104.92 -22.38 -16.04
CA CYS H 299 104.49 -21.86 -17.33
C CYS H 299 103.04 -22.22 -17.60
N ILE H 300 102.35 -21.31 -18.29
CA ILE H 300 100.95 -21.50 -18.65
C ILE H 300 100.81 -21.85 -20.13
N SER H 301 101.70 -21.35 -20.97
CA SER H 301 101.66 -21.63 -22.41
C SER H 301 102.08 -23.07 -22.70
N VAL I 352 3.39 -11.50 -58.40
CA VAL I 352 2.75 -11.34 -59.70
C VAL I 352 1.35 -10.76 -59.51
N PHE I 353 1.25 -9.44 -59.62
CA PHE I 353 -0.02 -8.75 -59.45
C PHE I 353 -0.89 -8.94 -60.67
N GLU I 354 -2.19 -9.09 -60.45
CA GLU I 354 -3.12 -9.36 -61.53
C GLU I 354 -3.40 -8.09 -62.34
N ARG I 355 -4.09 -8.28 -63.46
CA ARG I 355 -4.41 -7.16 -64.34
C ARG I 355 -5.37 -6.20 -63.65
N ILE I 356 -5.11 -4.90 -63.80
CA ILE I 356 -5.83 -3.87 -63.08
C ILE I 356 -6.80 -3.17 -64.03
N SER I 357 -8.06 -3.11 -63.66
CA SER I 357 -9.07 -2.37 -64.40
C SER I 357 -9.42 -1.09 -63.65
N LEU I 358 -9.52 0.01 -64.39
CA LEU I 358 -9.65 1.34 -63.80
C LEU I 358 -11.06 1.90 -64.02
N ALA I 359 -11.45 2.80 -63.13
CA ALA I 359 -12.76 3.45 -63.21
C ALA I 359 -12.71 4.75 -62.43
N TRP I 360 -13.03 5.86 -63.10
CA TRP I 360 -13.05 7.16 -62.46
C TRP I 360 -14.46 7.49 -61.96
N SER I 361 -14.52 8.50 -61.11
CA SER I 361 -15.77 8.97 -60.52
C SER I 361 -15.87 10.48 -60.64
N PRO I 362 -17.08 11.04 -60.65
CA PRO I 362 -17.22 12.49 -60.79
C PRO I 362 -16.62 13.28 -59.63
N ILE I 363 -16.38 12.65 -58.49
CA ILE I 363 -15.79 13.31 -57.34
C ILE I 363 -14.28 13.15 -57.31
N THR I 364 -13.68 12.77 -58.44
CA THR I 364 -12.23 12.55 -58.57
C THR I 364 -11.73 11.56 -57.52
N SER I 365 -12.34 10.37 -57.54
CA SER I 365 -11.97 9.26 -56.65
C SER I 365 -11.77 8.04 -57.53
N LEU I 366 -10.56 7.87 -58.07
CA LEU I 366 -10.27 6.73 -58.92
C LEU I 366 -10.39 5.44 -58.12
N MET I 367 -11.07 4.45 -58.70
CA MET I 367 -11.22 3.15 -58.09
C MET I 367 -10.80 2.09 -59.10
N TRP I 368 -9.93 1.18 -58.68
CA TRP I 368 -9.39 0.16 -59.56
C TRP I 368 -9.55 -1.22 -58.93
N ALA I 369 -9.69 -2.22 -59.78
CA ALA I 369 -9.85 -3.61 -59.35
C ALA I 369 -8.58 -4.38 -59.70
N CYS I 370 -7.87 -4.84 -58.67
CA CYS I 370 -6.66 -5.62 -58.83
C CYS I 370 -6.91 -6.99 -58.21
N GLY I 371 -7.21 -7.98 -59.03
CA GLY I 371 -7.49 -9.31 -58.54
C GLY I 371 -8.89 -9.46 -58.01
N ARG I 372 -9.03 -9.73 -56.71
CA ARG I 372 -10.32 -9.92 -56.07
C ARG I 372 -10.68 -8.79 -55.12
N HIS I 373 -9.91 -7.71 -55.10
CA HIS I 373 -10.13 -6.61 -54.17
C HIS I 373 -10.29 -5.30 -54.92
N LEU I 374 -11.14 -4.43 -54.38
CA LEU I 374 -11.38 -3.11 -54.93
C LEU I 374 -10.70 -2.06 -54.07
N TYR I 375 -9.98 -1.15 -54.71
CA TYR I 375 -9.26 -0.10 -54.02
C TYR I 375 -9.68 1.25 -54.58
N GLU I 376 -9.90 2.21 -53.69
CA GLU I 376 -10.33 3.55 -54.07
C GLU I 376 -9.21 4.55 -53.79
N CYS I 377 -8.89 5.37 -54.78
CA CYS I 377 -7.83 6.37 -54.66
C CYS I 377 -8.46 7.75 -54.81
N THR I 378 -8.28 8.60 -53.81
CA THR I 378 -8.82 9.95 -53.78
C THR I 378 -7.70 10.97 -53.62
N GLU I 379 -8.03 12.24 -53.83
CA GLU I 379 -7.05 13.30 -53.68
C GLU I 379 -6.64 13.45 -52.21
N GLU I 380 -5.35 13.63 -52.00
CA GLU I 380 -4.83 13.83 -50.64
C GLU I 380 -5.28 15.18 -50.10
N LEU I 386 -3.80 25.11 -54.34
CA LEU I 386 -3.65 25.45 -55.75
C LEU I 386 -3.11 24.28 -56.59
N GLU I 387 -2.78 23.16 -55.96
CA GLU I 387 -2.25 22.00 -56.67
C GLU I 387 -3.30 20.94 -56.96
N LYS I 388 -4.56 21.20 -56.62
CA LYS I 388 -5.62 20.24 -56.84
C LYS I 388 -6.06 20.24 -58.31
N ASP I 389 -6.76 19.18 -58.70
CA ASP I 389 -7.28 19.08 -60.06
C ASP I 389 -8.39 20.10 -60.27
N ILE I 390 -8.64 20.41 -61.55
CA ILE I 390 -9.64 21.42 -61.87
C ILE I 390 -11.05 20.97 -61.47
N ALA I 391 -11.32 19.66 -61.51
CA ALA I 391 -12.64 19.18 -61.13
C ALA I 391 -12.90 19.39 -59.63
N THR I 392 -11.92 19.06 -58.79
CA THR I 392 -12.07 19.28 -57.35
C THR I 392 -12.20 20.77 -57.03
N LYS I 393 -11.42 21.61 -57.71
CA LYS I 393 -11.52 23.05 -57.51
C LYS I 393 -12.90 23.56 -57.92
N MET I 394 -13.44 23.05 -59.03
CA MET I 394 -14.78 23.44 -59.44
C MET I 394 -15.82 22.99 -58.43
N ARG I 395 -15.67 21.78 -57.89
CA ARG I 395 -16.58 21.31 -56.85
C ARG I 395 -16.55 22.23 -55.63
N LEU I 396 -15.35 22.56 -55.17
CA LEU I 396 -15.22 23.41 -53.99
C LEU I 396 -15.79 24.80 -54.24
N ARG I 397 -15.53 25.36 -55.44
CA ARG I 397 -16.05 26.68 -55.77
C ARG I 397 -17.58 26.67 -55.85
N ALA I 398 -18.15 25.62 -56.44
CA ALA I 398 -19.60 25.52 -56.51
C ALA I 398 -20.21 25.40 -55.12
N LEU I 399 -19.54 24.64 -54.24
CA LEU I 399 -20.03 24.51 -52.86
C LEU I 399 -20.00 25.86 -52.15
N SER I 400 -19.06 26.74 -52.53
CA SER I 400 -18.92 28.05 -51.90
C SER I 400 -19.63 29.15 -52.68
N ARG I 401 -20.50 28.79 -53.62
CA ARG I 401 -21.27 29.76 -54.41
C ARG I 401 -20.35 30.75 -55.13
N TYR I 402 -19.30 30.22 -55.76
CA TYR I 402 -18.35 31.07 -56.47
C TYR I 402 -18.97 31.63 -57.74
N GLY I 403 -18.75 32.92 -57.97
CA GLY I 403 -19.19 33.58 -59.18
C GLY I 403 -20.66 33.94 -59.22
N LEU I 404 -21.43 33.60 -58.19
CA LEU I 404 -22.85 33.91 -58.15
C LEU I 404 -23.16 35.21 -57.41
N ASP I 405 -22.14 35.93 -56.97
CA ASP I 405 -22.34 37.16 -56.21
C ASP I 405 -22.26 38.35 -57.16
N THR I 406 -23.37 39.04 -57.34
CA THR I 406 -23.46 40.19 -58.24
C THR I 406 -23.51 41.52 -57.50
N GLU I 407 -23.51 41.52 -56.17
CA GLU I 407 -23.49 42.78 -55.43
C GLU I 407 -22.22 43.56 -55.73
N GLN I 408 -21.07 42.91 -55.57
CA GLN I 408 -19.80 43.42 -56.08
C GLN I 408 -18.99 42.23 -56.57
N VAL I 409 -18.83 42.16 -57.90
CA VAL I 409 -18.33 40.93 -58.54
C VAL I 409 -16.89 40.63 -58.13
N TRP I 410 -16.14 41.65 -57.71
CA TRP I 410 -14.72 41.44 -57.43
C TRP I 410 -14.47 40.45 -56.30
N ARG I 411 -15.44 40.19 -55.42
CA ARG I 411 -15.23 39.27 -54.32
C ARG I 411 -15.19 37.82 -54.77
N ASN I 412 -15.51 37.53 -56.03
CA ASN I 412 -15.61 36.15 -56.48
C ASN I 412 -14.27 35.42 -56.35
N HIS I 413 -13.15 36.12 -56.55
CA HIS I 413 -11.86 35.44 -56.47
C HIS I 413 -11.54 35.04 -55.04
N ILE I 414 -12.10 35.73 -54.04
CA ILE I 414 -12.02 35.25 -52.68
C ILE I 414 -12.78 33.94 -52.54
N LEU I 415 -13.96 33.87 -53.15
CA LEU I 415 -14.75 32.64 -53.14
C LEU I 415 -14.10 31.52 -53.95
N ALA I 416 -13.09 31.83 -54.78
CA ALA I 416 -12.41 30.80 -55.54
C ALA I 416 -11.57 29.87 -54.67
N GLY I 417 -11.36 30.20 -53.41
CA GLY I 417 -10.64 29.33 -52.51
C GLY I 417 -9.15 29.61 -52.44
N ASN I 418 -8.47 29.55 -53.58
CA ASN I 418 -7.03 29.74 -53.65
C ASN I 418 -6.71 31.11 -54.24
N GLU I 419 -5.45 31.51 -54.09
CA GLU I 419 -4.95 32.79 -54.59
C GLU I 419 -4.56 32.60 -56.05
N ASP I 420 -5.51 32.81 -56.96
CA ASP I 420 -5.26 32.67 -58.39
C ASP I 420 -5.13 34.05 -59.01
N PRO I 421 -3.95 34.45 -59.48
CA PRO I 421 -3.79 35.80 -60.04
C PRO I 421 -4.69 36.07 -61.25
N GLN I 422 -4.84 35.08 -62.14
CA GLN I 422 -5.67 35.29 -63.32
C GLN I 422 -7.14 35.46 -62.94
N LEU I 423 -7.63 34.65 -62.00
CA LEU I 423 -9.00 34.78 -61.55
C LEU I 423 -9.23 36.13 -60.88
N LYS I 424 -8.30 36.55 -60.03
CA LYS I 424 -8.44 37.85 -59.36
C LYS I 424 -8.45 38.98 -60.37
N SER I 425 -7.54 38.94 -61.34
CA SER I 425 -7.50 39.99 -62.35
C SER I 425 -8.79 40.03 -63.17
N LEU I 426 -9.28 38.86 -63.60
CA LEU I 426 -10.50 38.80 -64.39
C LEU I 426 -11.69 39.34 -63.60
N TRP I 427 -11.82 38.93 -62.33
CA TRP I 427 -12.97 39.37 -61.55
C TRP I 427 -12.88 40.86 -61.21
N TYR I 428 -11.68 41.37 -60.96
CA TYR I 428 -11.53 42.80 -60.72
C TYR I 428 -11.87 43.59 -61.98
N THR I 429 -11.46 43.10 -63.15
CA THR I 429 -11.83 43.78 -64.39
C THR I 429 -13.35 43.77 -64.59
N LEU I 430 -13.99 42.63 -64.35
CA LEU I 430 -15.44 42.55 -64.50
C LEU I 430 -16.14 43.49 -63.52
N HIS I 431 -15.63 43.57 -62.29
CA HIS I 431 -16.20 44.50 -61.31
C HIS I 431 -16.04 45.94 -61.76
N PHE I 432 -14.86 46.29 -62.31
CA PHE I 432 -14.65 47.65 -62.78
C PHE I 432 -15.60 48.01 -63.91
N MET I 433 -15.77 47.10 -64.87
CA MET I 433 -16.67 47.37 -65.98
C MET I 433 -18.13 47.43 -65.53
N LYS I 434 -18.52 46.59 -64.56
CA LYS I 434 -19.86 46.68 -64.00
C LYS I 434 -20.07 48.00 -63.28
N GLN I 435 -19.06 48.46 -62.54
CA GLN I 435 -19.15 49.75 -61.87
C GLN I 435 -19.31 50.88 -62.88
N TYR I 436 -18.56 50.82 -63.98
CA TYR I 436 -18.71 51.85 -65.01
C TYR I 436 -20.09 51.81 -65.63
N THR I 437 -20.63 50.62 -65.89
CA THR I 437 -21.99 50.54 -66.42
C THR I 437 -23.01 51.12 -65.46
N GLU I 438 -22.87 50.82 -64.16
CA GLU I 438 -23.79 51.36 -63.18
C GLU I 438 -23.69 52.88 -63.10
N ASP I 439 -22.47 53.41 -63.12
CA ASP I 439 -22.29 54.86 -63.06
C ASP I 439 -22.87 55.54 -64.30
N MET I 440 -22.66 54.94 -65.48
CA MET I 440 -23.23 55.50 -66.70
C MET I 440 -24.75 55.46 -66.68
N ASP I 441 -25.33 54.37 -66.16
CA ASP I 441 -26.78 54.30 -66.03
C ASP I 441 -27.31 55.35 -65.08
N GLN I 442 -26.61 55.56 -63.96
CA GLN I 442 -27.01 56.59 -63.01
C GLN I 442 -26.93 57.98 -63.61
N LYS I 443 -25.88 58.26 -64.37
CA LYS I 443 -25.70 59.56 -65.00
C LYS I 443 -25.33 59.41 -66.48
N SER I 450 -22.13 48.53 -72.11
CA SER I 450 -22.19 48.22 -73.53
C SER I 450 -20.83 48.41 -74.20
N LEU I 451 -20.38 49.66 -74.30
CA LEU I 451 -19.09 49.95 -74.91
C LEU I 451 -17.93 49.54 -74.00
N VAL I 452 -18.09 49.66 -72.69
CA VAL I 452 -17.03 49.29 -71.77
C VAL I 452 -16.78 47.78 -71.80
N TYR I 453 -17.85 47.00 -71.97
CA TYR I 453 -17.72 45.55 -72.03
C TYR I 453 -17.00 45.08 -73.29
N ALA I 454 -16.78 45.96 -74.26
CA ALA I 454 -16.06 45.61 -75.47
C ALA I 454 -14.55 45.55 -75.27
N GLY I 455 -14.05 45.96 -74.11
CA GLY I 455 -12.64 45.86 -73.81
C GLY I 455 -11.84 47.07 -74.24
N ILE I 456 -10.58 47.09 -73.78
CA ILE I 456 -9.69 48.22 -74.05
C ILE I 456 -9.46 48.37 -75.56
N LYS I 457 -9.30 47.25 -76.26
CA LYS I 457 -8.98 47.32 -77.68
C LYS I 457 -10.06 48.07 -78.46
N SER I 458 -11.32 47.78 -78.17
CA SER I 458 -12.40 48.51 -78.81
C SER I 458 -12.57 49.91 -78.24
N ILE I 459 -12.26 50.10 -76.96
CA ILE I 459 -12.37 51.43 -76.36
C ILE I 459 -11.35 52.39 -76.95
N VAL I 460 -10.09 51.95 -77.03
CA VAL I 460 -9.02 52.84 -77.50
C VAL I 460 -8.94 52.91 -79.02
N LYS I 461 -9.74 52.13 -79.73
CA LYS I 461 -9.74 52.21 -81.19
C LYS I 461 -10.24 53.56 -81.69
N SER I 462 -11.18 54.17 -80.96
CA SER I 462 -11.69 55.48 -81.30
C SER I 462 -10.92 56.61 -80.63
N SER I 463 -9.87 56.30 -79.88
CA SER I 463 -9.06 57.32 -79.22
C SER I 463 -8.11 57.99 -80.21
N LEU I 464 -8.52 59.13 -80.74
CA LEU I 464 -7.71 59.88 -81.71
C LEU I 464 -7.39 61.26 -81.15
N GLY I 465 -6.28 61.82 -81.62
CA GLY I 465 -5.89 63.17 -81.24
C GLY I 465 -5.15 63.27 -79.93
N MET I 466 -4.01 62.58 -79.83
CA MET I 466 -3.13 62.70 -78.67
C MET I 466 -1.72 63.02 -79.16
N VAL I 467 -1.04 63.91 -78.43
CA VAL I 467 0.31 64.33 -78.77
C VAL I 467 1.26 63.78 -77.72
N GLU I 468 2.24 62.99 -78.16
CA GLU I 468 3.22 62.43 -77.24
C GLU I 468 4.11 63.53 -76.68
N SER I 469 4.42 63.40 -75.38
CA SER I 469 5.23 64.40 -74.71
C SER I 469 6.71 64.09 -74.93
N SER I 470 7.45 65.07 -75.46
CA SER I 470 8.87 64.86 -75.73
C SER I 470 9.70 64.92 -74.45
N ARG I 471 9.35 65.83 -73.53
CA ARG I 471 10.09 66.01 -72.30
C ARG I 471 9.26 65.52 -71.12
N HIS I 472 9.90 64.76 -70.23
CA HIS I 472 9.23 64.17 -69.07
C HIS I 472 9.42 65.12 -67.88
N ASN I 473 8.62 66.18 -67.85
CA ASN I 473 8.61 67.07 -66.70
C ASN I 473 8.05 66.34 -65.48
N TRP I 474 8.63 66.61 -64.31
CA TRP I 474 8.32 65.86 -63.10
C TRP I 474 7.56 66.68 -62.07
N SER I 475 6.68 67.57 -62.53
CA SER I 475 5.87 68.42 -61.65
C SER I 475 6.73 69.23 -60.69
N ILE I 483 -3.70 64.27 -66.35
CA ILE I 483 -4.60 63.15 -66.61
C ILE I 483 -5.83 63.63 -67.37
N GLN I 484 -6.42 64.74 -66.90
CA GLN I 484 -7.62 65.26 -67.52
C GLN I 484 -7.39 65.75 -68.95
N ASN I 485 -6.13 66.00 -69.33
CA ASN I 485 -5.84 66.40 -70.70
C ASN I 485 -5.92 65.25 -71.69
N LEU I 486 -6.05 64.01 -71.19
CA LEU I 486 -6.11 62.85 -72.06
C LEU I 486 -7.49 62.72 -72.69
N ASN I 487 -7.59 61.84 -73.68
CA ASN I 487 -8.86 61.58 -74.33
C ASN I 487 -9.79 60.81 -73.39
N GLU I 488 -11.10 60.89 -73.69
CA GLU I 488 -12.09 60.20 -72.86
C GLU I 488 -11.90 58.69 -72.89
N GLU I 489 -11.56 58.15 -74.07
CA GLU I 489 -11.32 56.72 -74.18
C GLU I 489 -10.13 56.29 -73.33
N ARG I 490 -9.07 57.11 -73.32
CA ARG I 490 -7.91 56.80 -72.49
C ARG I 490 -8.27 56.87 -71.00
N ILE I 491 -9.11 57.83 -70.61
CA ILE I 491 -9.56 57.91 -69.22
C ILE I 491 -10.36 56.67 -68.84
N LEU I 492 -11.24 56.22 -69.74
CA LEU I 492 -11.99 54.99 -69.48
C LEU I 492 -11.06 53.79 -69.36
N ALA I 493 -10.03 53.72 -70.21
CA ALA I 493 -9.07 52.63 -70.12
C ALA I 493 -8.32 52.67 -68.79
N LEU I 494 -7.95 53.87 -68.34
CA LEU I 494 -7.30 54.00 -67.05
C LEU I 494 -8.21 53.55 -65.92
N GLN I 495 -9.48 53.92 -65.99
CA GLN I 495 -10.44 53.49 -64.97
C GLN I 495 -10.58 51.97 -64.96
N LEU I 496 -10.61 51.35 -66.14
CA LEU I 496 -10.68 49.89 -66.20
C LEU I 496 -9.41 49.26 -65.64
N CYS I 497 -8.26 49.90 -65.85
CA CYS I 497 -7.02 49.45 -65.24
C CYS I 497 -6.96 49.76 -63.75
N GLY I 498 -7.86 50.60 -63.24
CA GLY I 498 -7.92 50.90 -61.84
C GLY I 498 -6.99 51.98 -61.34
N TRP I 499 -6.30 52.68 -62.24
CA TRP I 499 -5.38 53.73 -61.81
C TRP I 499 -6.12 54.93 -61.25
N ILE I 500 -7.31 55.22 -61.78
CA ILE I 500 -8.13 56.32 -61.32
C ILE I 500 -9.54 55.81 -61.06
N LYS I 501 -10.16 56.31 -59.99
CA LYS I 501 -11.53 55.95 -59.69
C LYS I 501 -12.48 56.54 -60.74
N LYS I 502 -13.66 55.95 -60.84
CA LYS I 502 -14.65 56.39 -61.81
C LYS I 502 -15.05 57.83 -61.57
N GLY I 503 -15.20 58.59 -62.65
CA GLY I 503 -15.57 59.99 -62.59
C GLY I 503 -14.57 60.88 -63.29
N THR I 504 -14.50 62.13 -62.84
CA THR I 504 -13.62 63.13 -63.42
C THR I 504 -12.34 63.32 -62.61
N ASP I 505 -11.85 62.25 -61.97
CA ASP I 505 -10.62 62.34 -61.21
C ASP I 505 -9.44 62.64 -62.14
N VAL I 506 -8.55 63.51 -61.68
CA VAL I 506 -7.39 63.93 -62.45
C VAL I 506 -6.09 63.57 -61.73
N ASP I 507 -6.13 62.61 -60.82
CA ASP I 507 -4.95 62.21 -60.08
C ASP I 507 -5.08 60.75 -59.67
N VAL I 508 -3.93 60.13 -59.40
CA VAL I 508 -3.87 58.75 -58.93
C VAL I 508 -3.51 58.68 -57.45
N GLY I 509 -3.73 59.78 -56.73
CA GLY I 509 -3.38 59.84 -55.32
C GLY I 509 -4.06 58.79 -54.47
N PRO I 510 -5.39 58.63 -54.60
CA PRO I 510 -6.05 57.52 -53.91
C PRO I 510 -5.49 56.16 -54.28
N PHE I 511 -5.16 55.94 -55.55
CA PHE I 511 -4.59 54.65 -55.95
C PHE I 511 -3.22 54.44 -55.35
N LEU I 512 -2.38 55.48 -55.34
CA LEU I 512 -1.06 55.37 -54.72
C LEU I 512 -1.18 55.09 -53.23
N ASN I 513 -2.11 55.77 -52.55
CA ASN I 513 -2.31 55.53 -51.13
C ASN I 513 -2.80 54.11 -50.87
N SER I 514 -3.70 53.62 -51.71
CA SER I 514 -4.18 52.23 -51.55
C SER I 514 -3.05 51.23 -51.77
N LEU I 515 -2.20 51.48 -52.77
CA LEU I 515 -1.06 50.59 -53.00
C LEU I 515 -0.08 50.63 -51.84
N VAL I 516 0.15 51.82 -51.28
CA VAL I 516 1.03 51.93 -50.12
C VAL I 516 0.45 51.16 -48.93
N GLN I 517 -0.85 51.31 -48.69
CA GLN I 517 -1.48 50.61 -47.57
C GLN I 517 -1.44 49.10 -47.77
N GLU I 518 -1.64 48.64 -49.01
CA GLU I 518 -1.61 47.20 -49.28
C GLU I 518 -0.22 46.62 -49.00
N GLY I 519 0.83 47.33 -49.39
CA GLY I 519 2.19 46.88 -49.16
C GLY I 519 3.00 46.69 -50.41
N GLU I 520 2.47 47.13 -51.55
CA GLU I 520 3.18 47.02 -52.83
C GLU I 520 3.97 48.31 -53.04
N TRP I 521 5.15 48.34 -52.43
CA TRP I 521 5.99 49.55 -52.48
C TRP I 521 6.54 49.77 -53.89
N GLU I 522 7.09 48.72 -54.51
CA GLU I 522 7.68 48.87 -55.83
C GLU I 522 6.62 49.23 -56.87
N ARG I 523 5.45 48.59 -56.80
CA ARG I 523 4.39 48.91 -57.75
C ARG I 523 3.91 50.35 -57.55
N ALA I 524 3.78 50.79 -56.29
CA ALA I 524 3.38 52.17 -56.04
C ALA I 524 4.40 53.15 -56.58
N ALA I 525 5.69 52.85 -56.40
CA ALA I 525 6.74 53.73 -56.94
C ALA I 525 6.68 53.78 -58.46
N ALA I 526 6.47 52.61 -59.10
CA ALA I 526 6.39 52.59 -60.55
C ALA I 526 5.19 53.39 -61.05
N VAL I 527 4.04 53.26 -60.37
CA VAL I 527 2.86 54.02 -60.77
C VAL I 527 3.09 55.51 -60.57
N ALA I 528 3.71 55.90 -59.45
CA ALA I 528 3.98 57.31 -59.20
C ALA I 528 4.95 57.88 -60.23
N LEU I 529 5.92 57.09 -60.67
CA LEU I 529 6.83 57.58 -61.70
C LEU I 529 6.13 57.66 -63.05
N PHE I 530 5.24 56.71 -63.35
CA PHE I 530 4.48 56.76 -64.59
C PHE I 530 3.55 57.97 -64.64
N ASN I 531 3.26 58.58 -63.49
CA ASN I 531 2.48 59.81 -63.44
C ASN I 531 3.37 61.05 -63.40
N LEU I 532 4.63 60.91 -63.80
CA LEU I 532 5.58 62.02 -63.85
C LEU I 532 5.77 62.67 -62.48
N ASP I 533 6.24 61.86 -61.53
CA ASP I 533 6.53 62.36 -60.19
C ASP I 533 7.66 61.51 -59.61
N ILE I 534 8.89 61.99 -59.78
CA ILE I 534 10.04 61.32 -59.18
C ILE I 534 10.03 61.48 -57.67
N ARG I 535 9.64 62.66 -57.19
CA ARG I 535 9.66 62.93 -55.75
C ARG I 535 8.72 61.99 -55.01
N ARG I 536 7.52 61.78 -55.53
CA ARG I 536 6.58 60.87 -54.89
C ARG I 536 7.10 59.44 -54.90
N ALA I 537 7.72 59.02 -56.00
CA ALA I 537 8.28 57.68 -56.07
C ALA I 537 9.39 57.49 -55.04
N ILE I 538 10.27 58.49 -54.90
CA ILE I 538 11.34 58.40 -53.91
C ILE I 538 10.77 58.38 -52.50
N GLN I 539 9.74 59.19 -52.23
CA GLN I 539 9.12 59.18 -50.92
C GLN I 539 8.49 57.83 -50.61
N ILE I 540 7.81 57.24 -51.59
CA ILE I 540 7.18 55.93 -51.39
C ILE I 540 8.24 54.87 -51.14
N LEU I 541 9.33 54.90 -51.90
CA LEU I 541 10.39 53.91 -51.73
C LEU I 541 11.08 54.07 -50.38
N ASN I 542 11.26 55.32 -49.93
CA ASN I 542 11.84 55.54 -48.60
C ASN I 542 10.92 55.03 -47.51
N GLU I 543 9.61 55.26 -47.65
CA GLU I 543 8.65 54.73 -46.69
C GLU I 543 8.69 53.21 -46.66
N GLY I 544 8.80 52.58 -47.83
CA GLY I 544 8.91 51.13 -47.88
C GLY I 544 10.18 50.62 -47.25
N ALA I 545 11.31 51.31 -47.49
CA ALA I 545 12.57 50.92 -46.87
C ALA I 545 12.52 51.09 -45.36
N SER I 546 11.73 52.05 -44.87
CA SER I 546 11.53 52.17 -43.43
C SER I 546 10.89 50.92 -42.85
N SER I 547 9.91 50.36 -43.54
CA SER I 547 9.29 49.11 -43.15
C SER I 547 10.11 47.94 -43.69
N GLU I 548 9.61 46.73 -43.45
CA GLU I 548 10.26 45.49 -43.91
C GLU I 548 11.71 45.39 -43.44
N LEU I 552 15.86 47.49 -47.07
CA LEU I 552 17.10 48.26 -47.13
C LEU I 552 17.46 48.61 -48.58
N ASN I 553 17.16 47.70 -49.50
CA ASN I 553 17.46 47.93 -50.90
C ASN I 553 16.55 48.98 -51.52
N LEU I 554 15.39 49.25 -50.93
CA LEU I 554 14.51 50.27 -51.50
C LEU I 554 15.10 51.67 -51.37
N ASN I 555 15.86 51.91 -50.30
CA ASN I 555 16.52 53.20 -50.15
C ASN I 555 17.50 53.45 -51.29
N VAL I 556 18.35 52.46 -51.58
CA VAL I 556 19.31 52.63 -52.66
C VAL I 556 18.64 52.60 -54.02
N VAL I 557 17.47 51.94 -54.14
CA VAL I 557 16.72 52.00 -55.39
C VAL I 557 16.19 53.42 -55.62
N ALA I 558 15.60 54.03 -54.59
CA ALA I 558 15.12 55.40 -54.71
C ALA I 558 16.25 56.37 -54.96
N MET I 559 17.39 56.18 -54.29
CA MET I 559 18.55 57.03 -54.54
C MET I 559 19.08 56.84 -55.95
N ALA I 560 19.01 55.61 -56.48
CA ALA I 560 19.35 55.38 -57.87
C ALA I 560 18.35 56.04 -58.81
N LEU I 561 17.07 56.01 -58.46
CA LEU I 561 16.04 56.62 -59.30
C LEU I 561 16.20 58.13 -59.40
N SER I 562 16.88 58.75 -58.43
CA SER I 562 17.04 60.21 -58.43
C SER I 562 18.09 60.69 -59.41
N GLY I 563 18.82 59.79 -60.06
CA GLY I 563 19.87 60.19 -60.98
C GLY I 563 19.42 60.28 -62.42
N TYR I 564 18.12 60.41 -62.64
CA TYR I 564 17.59 60.49 -63.99
C TYR I 564 18.13 61.70 -64.73
N THR I 565 18.66 61.47 -65.93
CA THR I 565 19.25 62.52 -66.74
C THR I 565 18.71 62.42 -68.16
N ASP I 566 18.52 63.57 -68.79
CA ASP I 566 17.98 63.61 -70.16
C ASP I 566 19.05 63.42 -71.22
N GLU I 567 20.33 63.48 -70.87
CA GLU I 567 21.40 63.34 -71.86
C GLU I 567 21.39 61.93 -72.44
N LYS I 568 21.52 61.84 -73.77
CA LYS I 568 21.52 60.54 -74.44
C LYS I 568 22.78 59.76 -74.11
N ASN I 569 23.92 60.44 -74.00
CA ASN I 569 25.20 59.80 -73.73
C ASN I 569 25.57 59.85 -72.25
N SER I 570 24.62 60.15 -71.38
CA SER I 570 24.89 60.24 -69.95
C SER I 570 25.29 58.88 -69.39
N LEU I 571 26.18 58.92 -68.39
CA LEU I 571 26.65 57.69 -67.76
C LEU I 571 25.52 56.96 -67.05
N TRP I 572 24.67 57.69 -66.35
CA TRP I 572 23.56 57.07 -65.63
C TRP I 572 22.63 56.33 -66.58
N ARG I 573 22.32 56.94 -67.72
CA ARG I 573 21.46 56.30 -68.71
C ARG I 573 22.03 54.96 -69.14
N GLU I 574 23.30 54.95 -69.54
CA GLU I 574 23.92 53.72 -70.03
C GLU I 574 23.95 52.65 -68.95
N MET I 575 24.41 53.03 -67.75
CA MET I 575 24.55 52.04 -66.68
C MET I 575 23.21 51.47 -66.27
N CYS I 576 22.21 52.33 -66.07
CA CYS I 576 20.89 51.86 -65.65
C CYS I 576 20.23 51.02 -66.74
N SER I 577 20.44 51.37 -68.01
CA SER I 577 19.92 50.53 -69.09
C SER I 577 20.60 49.16 -69.09
N THR I 578 21.90 49.12 -68.84
CA THR I 578 22.62 47.86 -68.89
C THR I 578 22.23 46.94 -67.74
N LEU I 579 22.20 47.46 -66.50
CA LEU I 579 22.06 46.61 -65.33
C LEU I 579 20.65 46.59 -64.76
N ARG I 580 19.66 47.15 -65.47
CA ARG I 580 18.29 47.10 -64.96
C ARG I 580 17.75 45.67 -64.92
N LEU I 581 18.21 44.81 -65.83
CA LEU I 581 17.73 43.43 -65.85
C LEU I 581 18.14 42.65 -64.62
N GLN I 582 19.20 43.06 -63.93
CA GLN I 582 19.68 42.35 -62.76
C GLN I 582 18.89 42.66 -61.50
N LEU I 583 18.03 43.69 -61.53
CA LEU I 583 17.17 43.96 -60.39
C LEU I 583 16.11 42.87 -60.26
N ASN I 584 15.88 42.42 -59.03
CA ASN I 584 14.99 41.29 -58.80
C ASN I 584 13.54 41.64 -59.14
N ASN I 585 13.09 42.81 -58.73
CA ASN I 585 11.68 43.17 -58.87
C ASN I 585 11.40 43.66 -60.28
N PRO I 586 10.46 43.06 -61.02
CA PRO I 586 10.17 43.53 -62.38
C PRO I 586 9.66 44.96 -62.44
N TYR I 587 8.91 45.40 -61.41
CA TYR I 587 8.40 46.77 -61.43
C TYR I 587 9.54 47.79 -61.37
N LEU I 588 10.57 47.51 -60.58
CA LEU I 588 11.76 48.38 -60.60
C LEU I 588 12.43 48.35 -61.97
N CYS I 589 12.45 47.18 -62.61
CA CYS I 589 13.07 47.07 -63.93
C CYS I 589 12.34 47.95 -64.95
N VAL I 590 11.01 47.89 -64.97
CA VAL I 590 10.27 48.72 -65.92
C VAL I 590 10.34 50.19 -65.50
N MET I 591 10.41 50.45 -64.19
CA MET I 591 10.57 51.83 -63.71
C MET I 591 11.84 52.46 -64.24
N PHE I 592 12.94 51.69 -64.25
CA PHE I 592 14.19 52.21 -64.79
C PHE I 592 14.20 52.20 -66.31
N ALA I 593 13.55 51.24 -66.95
CA ALA I 593 13.50 51.21 -68.40
C ALA I 593 12.70 52.37 -68.97
N PHE I 594 11.66 52.80 -68.27
CA PHE I 594 10.89 53.96 -68.71
C PHE I 594 11.75 55.21 -68.71
N LEU I 595 12.63 55.34 -67.71
CA LEU I 595 13.53 56.49 -67.65
C LEU I 595 14.61 56.39 -68.73
N THR I 596 15.22 55.21 -68.88
CA THR I 596 16.37 55.08 -69.78
C THR I 596 15.97 55.05 -71.24
N SER I 597 14.81 54.48 -71.57
CA SER I 597 14.40 54.38 -72.96
C SER I 597 14.20 55.76 -73.58
N GLU I 598 14.53 55.89 -74.85
CA GLU I 598 14.35 57.15 -75.56
C GLU I 598 12.87 57.49 -75.66
N THR I 599 12.58 58.79 -75.66
CA THR I 599 11.21 59.25 -75.74
C THR I 599 10.54 58.75 -77.02
N GLY I 600 9.34 58.21 -76.89
CA GLY I 600 8.61 57.63 -77.99
C GLY I 600 8.79 56.13 -78.13
N SER I 601 9.83 55.57 -77.54
CA SER I 601 10.09 54.13 -77.56
C SER I 601 10.01 53.60 -76.13
N TYR I 602 9.11 52.64 -75.89
CA TYR I 602 8.92 52.07 -74.57
C TYR I 602 8.76 50.56 -74.67
N ASP I 603 9.59 49.92 -75.48
CA ASP I 603 9.47 48.48 -75.69
C ASP I 603 9.75 47.71 -74.39
N GLY I 604 10.73 48.17 -73.62
CA GLY I 604 11.07 47.45 -72.39
C GLY I 604 9.95 47.47 -71.38
N VAL I 605 9.29 48.62 -71.20
CA VAL I 605 8.18 48.72 -70.26
C VAL I 605 6.97 47.96 -70.79
N LEU I 606 6.66 48.12 -72.08
CA LEU I 606 5.42 47.57 -72.62
C LEU I 606 5.49 46.06 -72.81
N TYR I 607 6.67 45.51 -73.08
CA TYR I 607 6.82 44.09 -73.39
C TYR I 607 7.42 43.31 -72.22
N GLU I 608 7.11 43.70 -70.99
CA GLU I 608 7.59 43.00 -69.81
C GLU I 608 6.51 42.03 -69.36
N ASN I 609 6.80 40.73 -69.45
CA ASN I 609 5.82 39.70 -69.12
C ASN I 609 5.68 39.48 -67.62
N LYS I 610 6.56 40.07 -66.80
CA LYS I 610 6.52 39.90 -65.36
C LYS I 610 5.79 41.04 -64.65
N VAL I 611 5.20 41.96 -65.41
CA VAL I 611 4.48 43.09 -64.86
C VAL I 611 3.01 42.97 -65.25
N ALA I 612 2.12 43.33 -64.33
CA ALA I 612 0.68 43.17 -64.56
C ALA I 612 0.25 43.93 -65.80
N VAL I 613 -0.63 43.28 -66.59
CA VAL I 613 -1.07 43.86 -67.86
C VAL I 613 -1.80 45.18 -67.63
N ARG I 614 -2.48 45.32 -66.51
CA ARG I 614 -3.23 46.56 -66.24
C ARG I 614 -2.30 47.76 -66.19
N ASP I 615 -1.17 47.63 -65.49
CA ASP I 615 -0.23 48.75 -65.37
C ASP I 615 0.39 49.10 -66.71
N ARG I 616 0.81 48.09 -67.48
CA ARG I 616 1.40 48.36 -68.78
C ARG I 616 0.40 48.99 -69.73
N VAL I 617 -0.85 48.54 -69.69
CA VAL I 617 -1.89 49.11 -70.54
C VAL I 617 -2.17 50.55 -70.16
N ALA I 618 -2.24 50.84 -68.86
CA ALA I 618 -2.45 52.22 -68.42
C ALA I 618 -1.29 53.10 -68.84
N PHE I 619 -0.06 52.60 -68.71
CA PHE I 619 1.12 53.35 -69.12
C PHE I 619 1.08 53.64 -70.61
N ALA I 620 0.71 52.64 -71.42
CA ALA I 620 0.58 52.86 -72.86
C ALA I 620 -0.50 53.89 -73.16
N CYS I 621 -1.63 53.81 -72.47
CA CYS I 621 -2.72 54.74 -72.73
C CYS I 621 -2.31 56.18 -72.41
N LYS I 622 -1.60 56.39 -71.31
CA LYS I 622 -1.25 57.75 -70.94
C LYS I 622 0.04 58.25 -71.57
N PHE I 623 0.83 57.37 -72.19
CA PHE I 623 2.05 57.80 -72.87
C PHE I 623 2.05 57.49 -74.35
N LEU I 624 1.78 56.24 -74.73
CA LEU I 624 1.97 55.82 -76.10
C LEU I 624 0.91 56.44 -77.00
N SER I 625 1.32 56.90 -78.18
CA SER I 625 0.41 57.63 -79.06
C SER I 625 -0.54 56.67 -79.77
N ASP I 626 -1.63 57.24 -80.29
CA ASP I 626 -2.76 56.44 -80.75
C ASP I 626 -2.37 55.50 -81.88
N THR I 627 -1.65 56.01 -82.89
CA THR I 627 -1.31 55.20 -84.05
C THR I 627 -0.45 54.00 -83.68
N GLN I 628 0.30 54.07 -82.58
CA GLN I 628 1.04 52.93 -82.07
C GLN I 628 0.41 52.32 -80.83
N LEU I 629 -0.44 53.07 -80.12
CA LEU I 629 -1.21 52.45 -79.04
C LEU I 629 -2.12 51.37 -79.57
N ASN I 630 -2.78 51.62 -80.71
CA ASN I 630 -3.63 50.60 -81.31
C ASN I 630 -2.81 49.37 -81.68
N ARG I 631 -1.63 49.56 -82.26
CA ARG I 631 -0.78 48.44 -82.64
C ARG I 631 -0.35 47.64 -81.42
N TYR I 632 0.08 48.33 -80.36
CA TYR I 632 0.51 47.62 -79.15
C TYR I 632 -0.64 46.87 -78.51
N ILE I 633 -1.82 47.49 -78.44
CA ILE I 633 -2.98 46.83 -77.84
C ILE I 633 -3.37 45.61 -78.67
N GLU I 634 -3.33 45.74 -80.00
CA GLU I 634 -3.66 44.60 -80.85
C GLU I 634 -2.68 43.45 -80.66
N LYS I 635 -1.39 43.76 -80.61
CA LYS I 635 -0.39 42.71 -80.43
C LYS I 635 -0.53 42.04 -79.06
N LEU I 636 -0.74 42.84 -78.01
CA LEU I 636 -0.92 42.28 -76.67
C LEU I 636 -2.16 41.43 -76.59
N THR I 637 -3.27 41.88 -77.21
CA THR I 637 -4.49 41.10 -77.23
C THR I 637 -4.28 39.78 -77.96
N ASN I 638 -3.59 39.82 -79.10
CA ASN I 638 -3.35 38.59 -79.85
C ASN I 638 -2.50 37.61 -79.06
N GLU I 639 -1.42 38.08 -78.43
CA GLU I 639 -0.57 37.17 -77.68
C GLU I 639 -1.26 36.64 -76.43
N MET I 640 -2.12 37.45 -75.80
CA MET I 640 -2.90 36.95 -74.68
C MET I 640 -3.91 35.91 -75.13
N LYS I 641 -4.56 36.14 -76.28
CA LYS I 641 -5.51 35.16 -76.79
C LYS I 641 -4.83 33.84 -77.10
N GLU I 642 -3.65 33.89 -77.72
CA GLU I 642 -2.91 32.65 -77.98
C GLU I 642 -2.46 31.99 -76.67
N ALA I 643 -2.02 32.80 -75.70
CA ALA I 643 -1.56 32.26 -74.43
C ALA I 643 -2.72 31.80 -73.54
N GLY I 644 -3.90 32.40 -73.69
CA GLY I 644 -5.02 32.04 -72.87
C GLY I 644 -5.04 32.65 -71.50
N ASN I 645 -4.43 33.81 -71.31
CA ASN I 645 -4.36 34.44 -70.00
C ASN I 645 -5.63 35.24 -69.73
N LEU I 646 -6.24 34.99 -68.56
CA LEU I 646 -7.46 35.69 -68.19
C LEU I 646 -7.26 37.19 -68.04
N GLU I 647 -6.01 37.64 -67.87
CA GLU I 647 -5.74 39.07 -67.76
C GLU I 647 -6.03 39.80 -69.06
N GLY I 648 -6.19 39.08 -70.16
CA GLY I 648 -6.56 39.69 -71.43
C GLY I 648 -8.01 40.05 -71.58
N ILE I 649 -8.86 39.61 -70.66
CA ILE I 649 -10.28 39.99 -70.70
C ILE I 649 -10.42 41.50 -70.55
N LEU I 650 -9.48 42.14 -69.86
CA LEU I 650 -9.45 43.60 -69.82
C LEU I 650 -9.30 44.18 -71.22
N LEU I 651 -8.46 43.56 -72.04
CA LEU I 651 -8.18 44.05 -73.39
C LEU I 651 -9.23 43.57 -74.39
N THR I 652 -9.39 42.26 -74.52
CA THR I 652 -10.37 41.71 -75.46
C THR I 652 -11.79 42.11 -75.08
N GLY I 653 -12.11 42.06 -73.79
CA GLY I 653 -13.47 42.30 -73.35
C GLY I 653 -14.35 41.10 -73.60
N LEU I 654 -15.61 41.22 -73.20
CA LEU I 654 -16.60 40.17 -73.43
C LEU I 654 -17.10 40.27 -74.88
N THR I 655 -16.19 39.98 -75.81
CA THR I 655 -16.49 40.01 -77.23
C THR I 655 -16.02 38.72 -77.89
N LYS I 656 -16.02 38.69 -79.23
CA LYS I 656 -15.57 37.50 -79.93
C LYS I 656 -14.11 37.20 -79.61
N ASP I 657 -13.27 38.24 -79.54
CA ASP I 657 -11.90 38.04 -79.08
C ASP I 657 -11.87 37.50 -77.66
N GLY I 658 -12.79 37.97 -76.82
CA GLY I 658 -12.89 37.42 -75.48
C GLY I 658 -13.31 35.97 -75.48
N VAL I 659 -14.20 35.59 -76.39
CA VAL I 659 -14.61 34.19 -76.50
C VAL I 659 -13.42 33.33 -76.93
N ASP I 660 -12.62 33.82 -77.88
CA ASP I 660 -11.44 33.07 -78.31
C ASP I 660 -10.43 32.94 -77.17
N LEU I 661 -10.22 34.02 -76.43
CA LEU I 661 -9.30 33.96 -75.29
C LEU I 661 -9.79 32.98 -74.23
N MET I 662 -11.09 32.98 -73.95
CA MET I 662 -11.63 32.03 -72.98
C MET I 662 -11.54 30.60 -73.50
N GLU I 663 -11.67 30.41 -74.81
CA GLU I 663 -11.49 29.08 -75.39
C GLU I 663 -10.06 28.60 -75.17
N SER I 664 -9.09 29.49 -75.38
CA SER I 664 -7.70 29.13 -75.10
C SER I 664 -7.50 28.82 -73.62
N TYR I 665 -8.15 29.60 -72.75
CA TYR I 665 -8.06 29.34 -71.31
C TYR I 665 -8.63 27.97 -70.96
N VAL I 666 -9.77 27.62 -71.54
CA VAL I 666 -10.39 26.33 -71.25
C VAL I 666 -9.54 25.20 -71.79
N ASP I 667 -8.94 25.39 -72.96
CA ASP I 667 -8.00 24.39 -73.47
C ASP I 667 -6.82 24.22 -72.52
N ARG I 668 -6.33 25.32 -71.96
CA ARG I 668 -5.19 25.26 -71.06
C ARG I 668 -5.53 24.56 -69.75
N THR I 669 -6.71 24.85 -69.18
CA THR I 669 -7.03 24.37 -67.84
C THR I 669 -8.36 23.64 -67.71
N GLY I 670 -9.27 23.75 -68.66
CA GLY I 670 -10.53 23.04 -68.55
C GLY I 670 -11.51 23.61 -67.53
N ASP I 671 -11.39 24.90 -67.21
CA ASP I 671 -12.26 25.54 -66.23
C ASP I 671 -13.47 26.12 -66.94
N VAL I 672 -14.52 25.30 -67.05
CA VAL I 672 -15.76 25.78 -67.66
C VAL I 672 -16.59 26.61 -66.69
N GLN I 673 -16.36 26.46 -65.38
CA GLN I 673 -17.08 27.27 -64.40
C GLN I 673 -16.77 28.75 -64.58
N THR I 674 -15.48 29.07 -64.71
CA THR I 674 -15.10 30.46 -64.94
C THR I 674 -15.63 30.97 -66.27
N ALA I 675 -15.64 30.12 -67.30
CA ALA I 675 -16.19 30.52 -68.58
C ALA I 675 -17.67 30.90 -68.46
N SER I 676 -18.45 30.03 -67.82
CA SER I 676 -19.88 30.28 -67.67
C SER I 676 -20.13 31.52 -66.82
N TYR I 677 -19.37 31.71 -65.74
CA TYR I 677 -19.61 32.85 -64.87
C TYR I 677 -19.03 34.14 -65.40
N CYS I 678 -18.13 34.09 -66.39
CA CYS I 678 -17.55 35.30 -66.94
C CYS I 678 -18.30 35.77 -68.18
N MET I 679 -18.55 34.85 -69.12
CA MET I 679 -19.21 35.24 -70.37
C MET I 679 -20.68 35.58 -70.17
N LEU I 680 -21.25 35.32 -68.99
CA LEU I 680 -22.61 35.70 -68.69
C LEU I 680 -22.72 37.11 -68.14
N GLN I 681 -21.60 37.76 -67.83
CA GLN I 681 -21.61 39.07 -67.17
C GLN I 681 -22.00 40.16 -68.18
N GLY I 682 -23.27 40.13 -68.57
CA GLY I 682 -23.80 41.16 -69.46
C GLY I 682 -23.13 41.22 -70.82
N SER I 683 -22.73 40.07 -71.35
CA SER I 683 -22.11 40.04 -72.66
C SER I 683 -23.15 40.35 -73.74
N PRO I 684 -22.71 40.88 -74.89
CA PRO I 684 -23.65 41.11 -75.99
C PRO I 684 -24.23 39.81 -76.50
N LEU I 685 -25.43 39.90 -77.08
CA LEU I 685 -26.16 38.71 -77.49
C LEU I 685 -25.39 37.90 -78.52
N ASP I 686 -24.50 38.54 -79.28
CA ASP I 686 -23.68 37.79 -80.23
C ASP I 686 -22.74 36.84 -79.51
N VAL I 687 -22.18 37.27 -78.37
CA VAL I 687 -21.32 36.40 -77.58
C VAL I 687 -22.13 35.29 -76.94
N LEU I 688 -23.28 35.62 -76.37
CA LEU I 688 -24.10 34.61 -75.70
C LEU I 688 -24.67 33.61 -76.71
N LYS I 689 -24.87 34.02 -77.95
CA LYS I 689 -25.33 33.11 -78.99
C LYS I 689 -24.20 32.28 -79.58
N ASP I 690 -22.95 32.55 -79.22
CA ASP I 690 -21.84 31.76 -79.74
C ASP I 690 -21.92 30.33 -79.25
N GLU I 691 -21.52 29.39 -80.10
CA GLU I 691 -21.60 27.98 -79.75
C GLU I 691 -20.68 27.64 -78.58
N ARG I 692 -19.49 28.24 -78.56
CA ARG I 692 -18.51 27.87 -77.54
C ARG I 692 -18.98 28.26 -76.14
N VAL I 693 -19.56 29.45 -75.98
CA VAL I 693 -19.98 29.90 -74.66
C VAL I 693 -21.10 29.02 -74.13
N GLN I 694 -22.10 28.74 -74.96
CA GLN I 694 -23.20 27.89 -74.53
C GLN I 694 -22.74 26.46 -74.30
N TYR I 695 -21.74 26.01 -75.06
CA TYR I 695 -21.17 24.68 -74.81
C TYR I 695 -20.49 24.62 -73.46
N TRP I 696 -19.73 25.67 -73.10
CA TRP I 696 -19.13 25.72 -71.77
C TRP I 696 -20.19 25.72 -70.69
N ILE I 697 -21.27 26.48 -70.89
CA ILE I 697 -22.34 26.53 -69.91
C ILE I 697 -22.99 25.17 -69.74
N GLU I 698 -23.27 24.49 -70.86
CA GLU I 698 -23.89 23.17 -70.80
C GLU I 698 -22.95 22.16 -70.14
N ASN I 699 -21.65 22.25 -70.42
CA ASN I 699 -20.69 21.36 -69.78
C ASN I 699 -20.62 21.59 -68.28
N TYR I 700 -20.68 22.87 -67.86
CA TYR I 700 -20.68 23.15 -66.43
C TYR I 700 -21.95 22.62 -65.76
N ARG I 701 -23.09 22.76 -66.43
CA ARG I 701 -24.33 22.22 -65.87
C ARG I 701 -24.29 20.70 -65.80
N ASN I 702 -23.68 20.06 -66.81
CA ASN I 702 -23.51 18.61 -66.77
C ASN I 702 -22.59 18.19 -65.64
N LEU I 703 -21.53 18.96 -65.38
CA LEU I 703 -20.67 18.70 -64.24
C LEU I 703 -21.44 18.82 -62.93
N LEU I 704 -22.27 19.86 -62.81
CA LEU I 704 -23.06 20.04 -61.61
C LEU I 704 -24.04 18.89 -61.42
N ASP I 705 -24.62 18.38 -62.51
CA ASP I 705 -25.50 17.23 -62.42
C ASP I 705 -24.73 15.97 -62.03
N ALA I 706 -23.49 15.83 -62.53
CA ALA I 706 -22.70 14.64 -62.21
C ALA I 706 -22.38 14.58 -60.71
N TRP I 707 -22.13 15.73 -60.09
CA TRP I 707 -21.90 15.80 -58.66
C TRP I 707 -23.19 15.82 -57.85
N ARG I 708 -24.35 15.74 -58.52
CA ARG I 708 -25.66 15.83 -57.87
C ARG I 708 -25.84 17.17 -57.17
N PHE I 709 -25.25 18.23 -57.72
CA PHE I 709 -25.45 19.59 -57.21
C PHE I 709 -26.67 20.21 -57.90
N TRP I 710 -27.80 19.53 -57.75
CA TRP I 710 -29.01 19.90 -58.49
C TRP I 710 -29.53 21.27 -58.08
N HIS I 711 -29.53 21.56 -56.78
CA HIS I 711 -29.99 22.88 -56.33
C HIS I 711 -29.05 23.99 -56.80
N LYS I 712 -27.74 23.73 -56.75
CA LYS I 712 -26.79 24.73 -57.24
C LYS I 712 -26.90 24.90 -58.74
N ARG I 713 -27.17 23.80 -59.47
CA ARG I 713 -27.42 23.91 -60.90
C ARG I 713 -28.66 24.74 -61.17
N ALA I 714 -29.71 24.58 -60.35
CA ALA I 714 -30.91 25.39 -60.52
C ALA I 714 -30.62 26.86 -60.24
N GLU I 715 -29.80 27.14 -59.23
CA GLU I 715 -29.41 28.53 -58.97
C GLU I 715 -28.64 29.11 -60.15
N PHE I 716 -27.72 28.32 -60.73
CA PHE I 716 -27.00 28.78 -61.91
C PHE I 716 -27.95 28.99 -63.08
N ASP I 717 -28.97 28.14 -63.22
CA ASP I 717 -29.96 28.31 -64.27
C ASP I 717 -30.74 29.61 -64.11
N ILE I 718 -31.14 29.91 -62.87
CA ILE I 718 -31.82 31.18 -62.60
C ILE I 718 -30.92 32.36 -62.96
N HIS I 719 -29.65 32.27 -62.55
CA HIS I 719 -28.69 33.33 -62.85
C HIS I 719 -28.54 33.53 -64.36
N ARG I 720 -28.40 32.42 -65.10
CA ARG I 720 -28.24 32.48 -66.54
C ARG I 720 -29.48 33.06 -67.23
N SER I 721 -30.66 32.63 -66.79
CA SER I 721 -31.89 33.15 -67.38
C SER I 721 -32.04 34.64 -67.10
N LYS I 722 -31.65 35.08 -65.90
CA LYS I 722 -31.69 36.51 -65.59
C LYS I 722 -30.72 37.29 -66.46
N LEU I 723 -29.52 36.75 -66.68
CA LEU I 723 -28.50 37.47 -67.43
C LEU I 723 -28.60 37.23 -68.94
N ASP I 724 -28.95 36.03 -69.37
CA ASP I 724 -29.05 35.71 -70.78
C ASP I 724 -30.48 35.35 -71.14
N PRO I 725 -31.26 36.27 -71.72
CA PRO I 725 -32.66 35.94 -72.05
C PRO I 725 -32.81 34.87 -73.12
N SER I 726 -31.77 34.63 -73.93
CA SER I 726 -31.84 33.62 -74.98
C SER I 726 -31.80 32.19 -74.45
N SER I 727 -31.49 32.00 -73.16
CA SER I 727 -31.46 30.67 -72.58
C SER I 727 -32.88 30.18 -72.37
N LYS I 728 -33.39 29.42 -73.33
CA LYS I 728 -34.73 28.87 -73.20
C LYS I 728 -34.78 27.86 -72.06
N PRO I 729 -35.71 27.98 -71.12
CA PRO I 729 -35.78 27.02 -70.02
C PRO I 729 -36.14 25.63 -70.54
N LEU I 730 -35.88 24.64 -69.69
CA LEU I 730 -36.15 23.25 -70.05
C LEU I 730 -37.62 23.08 -70.42
N ALA I 731 -37.86 22.49 -71.58
CA ALA I 731 -39.21 22.29 -72.09
C ALA I 731 -39.78 21.00 -71.51
N GLN I 732 -40.76 21.11 -70.64
CA GLN I 732 -41.37 19.98 -69.97
C GLN I 732 -42.83 19.87 -70.36
N VAL I 733 -43.50 18.84 -69.84
CA VAL I 733 -44.87 18.56 -70.26
C VAL I 733 -45.82 19.62 -69.71
N PHE I 734 -46.97 19.74 -70.38
CA PHE I 734 -48.04 20.61 -69.93
C PHE I 734 -49.37 19.88 -70.07
N VAL I 735 -50.32 20.26 -69.22
CA VAL I 735 -51.65 19.64 -69.23
C VAL I 735 -52.50 20.31 -70.29
N SER I 736 -53.32 19.51 -70.98
CA SER I 736 -54.22 20.00 -72.02
C SER I 736 -55.65 19.64 -71.64
N CYS I 737 -56.58 20.54 -71.97
CA CYS I 737 -57.99 20.28 -71.71
C CYS I 737 -58.46 19.08 -72.51
N ASN I 738 -59.27 18.23 -71.87
CA ASN I 738 -59.73 17.01 -72.52
C ASN I 738 -60.61 17.30 -73.73
N PHE I 739 -61.38 18.39 -73.69
CA PHE I 739 -62.31 18.72 -74.76
C PHE I 739 -61.70 19.66 -75.79
N CYS I 740 -61.25 20.84 -75.35
CA CYS I 740 -60.68 21.80 -76.29
C CYS I 740 -59.38 21.30 -76.89
N GLY I 741 -58.53 20.68 -76.08
CA GLY I 741 -57.21 20.25 -76.53
C GLY I 741 -56.13 21.30 -76.41
N LYS I 742 -56.47 22.53 -76.03
CA LYS I 742 -55.49 23.58 -75.86
C LYS I 742 -54.84 23.50 -74.49
N SER I 743 -53.62 24.03 -74.39
CA SER I 743 -52.92 24.04 -73.11
C SER I 743 -53.67 24.88 -72.09
N ILE I 744 -53.75 24.36 -70.86
CA ILE I 744 -54.42 25.07 -69.78
C ILE I 744 -53.47 25.99 -69.02
N SER I 745 -52.22 26.10 -69.45
CA SER I 745 -51.27 26.96 -68.78
C SER I 745 -51.56 28.43 -69.10
N TYR I 746 -50.89 29.31 -68.37
CA TYR I 746 -51.05 30.75 -68.56
C TYR I 746 -50.18 31.25 -69.71
N SER I 770 -64.70 34.27 -64.05
CA SER I 770 -63.56 33.45 -64.45
C SER I 770 -63.21 32.42 -63.38
N LYS I 771 -63.86 31.26 -63.46
CA LYS I 771 -63.62 30.21 -62.49
C LYS I 771 -62.22 29.62 -62.65
N VAL I 772 -61.56 29.38 -61.52
CA VAL I 772 -60.22 28.80 -61.55
C VAL I 772 -60.28 27.36 -62.03
N THR I 773 -61.31 26.62 -61.63
CA THR I 773 -61.44 25.21 -61.94
C THR I 773 -61.91 24.94 -63.37
N SER I 774 -61.95 25.97 -64.22
CA SER I 774 -62.41 25.83 -65.60
C SER I 774 -61.27 26.12 -66.56
N CYS I 775 -61.31 25.46 -67.71
CA CYS I 775 -60.29 25.66 -68.73
C CYS I 775 -60.35 27.10 -69.24
N PRO I 776 -59.22 27.79 -69.36
CA PRO I 776 -59.26 29.19 -69.82
C PRO I 776 -59.82 29.35 -71.22
N GLY I 777 -59.64 28.36 -72.09
CA GLY I 777 -60.07 28.48 -73.47
C GLY I 777 -61.56 28.27 -73.70
N CYS I 778 -62.03 27.06 -73.42
CA CYS I 778 -63.41 26.68 -73.71
C CYS I 778 -64.30 26.70 -72.47
N ARG I 779 -63.81 27.20 -71.34
CA ARG I 779 -64.54 27.31 -70.09
C ARG I 779 -65.01 25.96 -69.55
N LYS I 780 -64.46 24.86 -70.07
CA LYS I 780 -64.86 23.53 -69.66
C LYS I 780 -64.19 23.17 -68.33
N PRO I 781 -64.81 22.26 -67.56
CA PRO I 781 -64.22 21.88 -66.27
C PRO I 781 -62.86 21.22 -66.44
N LEU I 782 -61.95 21.54 -65.53
CA LEU I 782 -60.63 20.93 -65.50
C LEU I 782 -60.70 19.56 -64.83
N PRO I 783 -59.68 18.72 -65.06
CA PRO I 783 -59.65 17.43 -64.35
C PRO I 783 -59.63 17.62 -62.85
N ARG I 784 -60.30 16.71 -62.15
CA ARG I 784 -60.49 16.83 -60.71
C ARG I 784 -59.53 15.91 -59.96
N CYS I 785 -59.17 16.34 -58.75
CA CYS I 785 -58.31 15.54 -57.90
C CYS I 785 -58.97 14.21 -57.57
N ALA I 786 -58.18 13.14 -57.65
CA ALA I 786 -58.70 11.80 -57.38
C ALA I 786 -59.05 11.58 -55.91
N LEU I 787 -58.65 12.48 -55.02
CA LEU I 787 -58.86 12.31 -53.58
C LEU I 787 -60.00 13.17 -53.06
N CYS I 788 -59.93 14.48 -53.28
CA CYS I 788 -60.97 15.38 -52.80
C CYS I 788 -62.12 15.53 -53.78
N LEU I 789 -61.98 15.00 -54.99
CA LEU I 789 -63.00 15.05 -56.04
C LEU I 789 -63.36 16.48 -56.44
N ILE I 790 -62.61 17.46 -55.98
CA ILE I 790 -62.82 18.86 -56.36
C ILE I 790 -61.98 19.15 -57.60
N ASN I 791 -62.58 19.82 -58.57
CA ASN I 791 -61.89 20.10 -59.82
C ASN I 791 -60.61 20.89 -59.56
N MET I 792 -59.50 20.41 -60.12
CA MET I 792 -58.22 21.04 -59.91
C MET I 792 -58.15 22.39 -60.63
N GLY I 793 -57.29 23.25 -60.13
CA GLY I 793 -57.09 24.55 -60.73
C GLY I 793 -56.08 25.35 -59.93
N THR I 794 -55.54 26.36 -60.58
CA THR I 794 -54.56 27.23 -59.96
C THR I 794 -54.67 28.63 -60.57
N PRO I 795 -55.00 29.64 -59.78
CA PRO I 795 -55.13 31.00 -60.33
C PRO I 795 -53.80 31.48 -60.91
N VAL I 796 -53.91 32.19 -62.04
CA VAL I 796 -52.74 32.64 -62.77
C VAL I 796 -52.85 34.15 -62.99
N SER I 797 -51.70 34.78 -63.19
CA SER I 797 -51.64 36.22 -63.42
C SER I 797 -50.67 36.54 -64.55
N SER I 812 -41.52 37.81 -50.86
CA SER I 812 -42.49 38.90 -50.95
C SER I 812 -43.25 39.08 -49.63
N LYS I 813 -43.24 38.02 -48.81
CA LYS I 813 -43.90 38.01 -47.51
C LYS I 813 -45.40 38.28 -47.63
N ASP I 814 -45.98 37.95 -48.78
CA ASP I 814 -47.40 38.13 -49.04
C ASP I 814 -48.10 36.78 -49.06
N LYS I 815 -49.42 36.81 -49.21
CA LYS I 815 -50.19 35.58 -49.30
C LYS I 815 -49.83 34.82 -50.57
N LYS I 816 -49.59 33.52 -50.43
CA LYS I 816 -49.24 32.68 -51.58
C LYS I 816 -50.46 32.54 -52.49
N LEU I 817 -50.44 33.23 -53.63
CA LEU I 817 -51.55 33.15 -54.56
C LEU I 817 -51.74 31.75 -55.09
N ALA I 818 -50.66 30.98 -55.24
CA ALA I 818 -50.72 29.60 -55.73
C ALA I 818 -49.81 28.75 -54.84
N GLN I 819 -50.37 28.20 -53.77
CA GLN I 819 -49.61 27.35 -52.89
C GLN I 819 -49.23 26.04 -53.58
N PHE I 820 -48.16 25.43 -53.09
CA PHE I 820 -47.68 24.18 -53.70
C PHE I 820 -48.71 23.06 -53.57
N ASN I 821 -49.39 22.99 -52.43
CA ASN I 821 -50.34 21.92 -52.17
C ASN I 821 -51.56 21.96 -53.07
N ASN I 822 -51.66 22.93 -53.98
CA ASN I 822 -52.75 23.00 -54.93
C ASN I 822 -52.29 22.80 -56.37
N TRP I 823 -51.02 22.50 -56.58
CA TRP I 823 -50.49 22.31 -57.93
C TRP I 823 -51.05 21.04 -58.58
N PHE I 824 -51.10 21.06 -59.90
CA PHE I 824 -51.40 19.85 -60.64
C PHE I 824 -50.33 18.80 -60.38
N THR I 825 -50.76 17.56 -60.17
CA THR I 825 -49.83 16.47 -59.92
C THR I 825 -50.46 15.17 -60.41
N TRP I 826 -49.70 14.42 -61.20
CA TRP I 826 -50.20 13.18 -61.78
C TRP I 826 -49.05 12.20 -61.88
N CYS I 827 -49.38 10.91 -61.81
CA CYS I 827 -48.40 9.89 -62.18
C CYS I 827 -48.20 9.92 -63.68
N HIS I 828 -46.94 9.93 -64.11
CA HIS I 828 -46.65 10.00 -65.54
C HIS I 828 -46.94 8.70 -66.26
N ASN I 829 -47.25 7.63 -65.53
CA ASN I 829 -47.52 6.33 -66.15
C ASN I 829 -49.02 6.12 -66.39
N CYS I 830 -49.83 6.22 -65.33
CA CYS I 830 -51.26 5.99 -65.44
C CYS I 830 -52.06 7.28 -65.65
N ARG I 831 -51.40 8.44 -65.63
CA ARG I 831 -51.99 9.74 -65.93
C ARG I 831 -53.09 10.14 -64.96
N HIS I 832 -53.33 9.38 -63.91
CA HIS I 832 -54.30 9.76 -62.89
C HIS I 832 -53.69 10.84 -62.01
N GLY I 833 -54.44 11.93 -61.80
CA GLY I 833 -53.88 13.14 -61.22
C GLY I 833 -54.64 13.61 -60.01
N GLY I 834 -54.03 14.57 -59.32
CA GLY I 834 -54.65 15.18 -58.16
C GLY I 834 -53.80 16.32 -57.65
N HIS I 835 -54.26 16.94 -56.57
CA HIS I 835 -53.50 18.02 -55.95
C HIS I 835 -52.18 17.48 -55.40
N ALA I 836 -51.17 18.34 -55.36
CA ALA I 836 -49.84 17.92 -54.92
C ALA I 836 -49.87 17.48 -53.46
N GLY I 837 -50.46 18.30 -52.59
CA GLY I 837 -50.51 17.93 -51.19
C GLY I 837 -51.35 16.70 -50.92
N HIS I 838 -52.49 16.60 -51.60
CA HIS I 838 -53.38 15.46 -51.39
C HIS I 838 -52.70 14.15 -51.76
N MET I 839 -52.16 14.07 -52.98
CA MET I 839 -51.50 12.84 -53.41
C MET I 839 -50.22 12.60 -52.63
N LEU I 840 -49.53 13.66 -52.21
CA LEU I 840 -48.36 13.49 -51.36
C LEU I 840 -48.72 12.78 -50.07
N SER I 841 -49.79 13.25 -49.41
CA SER I 841 -50.23 12.58 -48.18
C SER I 841 -50.70 11.16 -48.47
N TRP I 842 -51.44 10.96 -49.57
CA TRP I 842 -51.97 9.64 -49.87
C TRP I 842 -50.85 8.62 -50.08
N PHE I 843 -49.84 8.97 -50.88
CA PHE I 843 -48.73 8.07 -51.11
C PHE I 843 -47.75 8.02 -49.95
N ARG I 844 -47.81 8.99 -49.02
CA ARG I 844 -47.14 8.81 -47.75
C ARG I 844 -47.83 7.73 -46.92
N ASP I 845 -49.16 7.68 -46.99
CA ASP I 845 -49.91 6.66 -46.26
C ASP I 845 -49.93 5.34 -47.03
N HIS I 846 -50.49 5.34 -48.23
CA HIS I 846 -50.63 4.15 -49.05
C HIS I 846 -49.54 4.10 -50.11
N ALA I 847 -49.62 3.11 -51.01
CA ALA I 847 -48.64 2.99 -52.08
C ALA I 847 -49.28 2.62 -53.41
N GLU I 848 -50.57 2.89 -53.60
CA GLU I 848 -51.27 2.57 -54.82
C GLU I 848 -51.95 3.82 -55.37
N CYS I 849 -52.25 3.78 -56.66
CA CYS I 849 -52.87 4.92 -57.32
C CYS I 849 -54.24 5.19 -56.70
N PRO I 850 -54.57 6.44 -56.38
CA PRO I 850 -55.87 6.73 -55.76
C PRO I 850 -57.06 6.34 -56.63
N VAL I 851 -56.94 6.43 -57.94
CA VAL I 851 -58.08 6.12 -58.82
C VAL I 851 -58.40 4.64 -58.73
N SER I 852 -59.68 4.33 -58.60
CA SER I 852 -60.12 2.95 -58.47
C SER I 852 -59.80 2.16 -59.73
N ALA I 853 -59.61 0.84 -59.55
CA ALA I 853 -59.28 -0.07 -60.65
C ALA I 853 -57.97 0.31 -61.35
N CYS I 854 -57.05 0.91 -60.61
CA CYS I 854 -55.70 1.19 -61.10
C CYS I 854 -54.70 0.56 -60.14
N THR I 855 -53.84 -0.31 -60.66
CA THR I 855 -52.86 -1.03 -59.86
C THR I 855 -51.48 -0.40 -59.93
N CYS I 856 -51.36 0.79 -60.53
CA CYS I 856 -50.06 1.43 -60.65
C CYS I 856 -49.52 1.86 -59.30
N LYS I 857 -48.22 1.68 -59.12
CA LYS I 857 -47.51 2.12 -57.91
C LYS I 857 -46.75 3.39 -58.29
N CYS I 858 -47.44 4.53 -58.16
CA CYS I 858 -46.95 5.78 -58.76
C CYS I 858 -45.61 6.20 -58.16
N MET I 859 -45.53 6.29 -56.84
CA MET I 859 -44.30 6.76 -56.22
C MET I 859 -43.17 5.73 -56.32
N GLN I 860 -43.50 4.44 -56.31
CA GLN I 860 -42.46 3.42 -56.42
C GLN I 860 -41.78 3.43 -57.78
N LEU I 861 -42.41 4.02 -58.80
CA LEU I 861 -41.79 4.08 -60.12
C LEU I 861 -40.56 4.98 -60.12
N ASP I 862 -40.64 6.11 -59.38
CA ASP I 862 -39.54 7.07 -59.40
C ASP I 862 -38.30 6.50 -58.70
N THR I 863 -38.49 5.91 -57.52
CA THR I 863 -37.37 5.36 -56.76
C THR I 863 -37.70 3.97 -56.22
N ASN J 339 -88.38 37.18 -36.89
CA ASN J 339 -87.25 36.26 -36.72
C ASN J 339 -85.94 37.02 -36.55
N PRO J 340 -85.72 37.54 -35.35
CA PRO J 340 -84.48 38.31 -35.09
C PRO J 340 -83.32 37.43 -34.64
N GLU J 341 -83.43 36.12 -34.84
CA GLU J 341 -82.47 35.18 -34.30
C GLU J 341 -81.89 34.31 -35.41
N GLY J 342 -80.64 33.90 -35.23
CA GLY J 342 -79.99 32.97 -36.14
C GLY J 342 -79.31 31.87 -35.36
N LEU J 343 -79.31 30.67 -35.95
CA LEU J 343 -78.81 29.49 -35.25
C LEU J 343 -78.33 28.45 -36.25
N CYS J 344 -77.16 27.86 -35.98
CA CYS J 344 -76.61 26.81 -36.83
C CYS J 344 -75.44 26.09 -36.18
N TYR J 345 -75.50 24.75 -36.12
CA TYR J 345 -74.32 23.98 -35.74
C TYR J 345 -73.27 24.02 -36.83
N GLY J 346 -72.00 23.95 -36.40
CA GLY J 346 -70.91 23.65 -37.29
C GLY J 346 -70.61 22.16 -37.32
N LEU J 347 -69.61 21.80 -38.13
CA LEU J 347 -69.24 20.40 -38.25
C LEU J 347 -68.68 19.85 -36.94
N PHE J 348 -67.81 20.61 -36.28
CA PHE J 348 -67.07 20.13 -35.12
C PHE J 348 -67.85 20.30 -33.81
N GLY J 349 -69.18 20.43 -33.88
CA GLY J 349 -69.99 20.57 -32.69
C GLY J 349 -70.20 21.99 -32.22
N ASP J 350 -69.41 22.95 -32.72
CA ASP J 350 -69.62 24.34 -32.34
C ASP J 350 -70.94 24.86 -32.92
N LEU J 351 -71.54 25.80 -32.19
CA LEU J 351 -72.89 26.27 -32.52
C LEU J 351 -72.89 27.79 -32.44
N ALA J 352 -73.24 28.44 -33.55
CA ALA J 352 -73.34 29.89 -33.61
C ALA J 352 -74.78 30.31 -33.35
N PHE J 353 -74.97 31.26 -32.44
CA PHE J 353 -76.31 31.70 -32.05
C PHE J 353 -76.29 33.23 -31.98
N ALA J 354 -76.89 33.88 -32.98
CA ALA J 354 -77.00 35.33 -33.02
C ALA J 354 -78.47 35.70 -32.84
N ALA J 355 -78.76 36.49 -31.80
CA ALA J 355 -80.11 36.91 -31.49
C ALA J 355 -80.14 38.42 -31.30
N LYS J 356 -81.34 38.95 -31.09
CA LYS J 356 -81.51 40.36 -30.82
C LYS J 356 -80.78 40.72 -29.52
N GLU J 357 -80.17 41.90 -29.51
CA GLU J 357 -79.39 42.31 -28.34
C GLU J 357 -80.25 42.42 -27.10
N SER J 395 -77.45 43.14 -32.07
CA SER J 395 -77.32 41.69 -32.09
C SER J 395 -75.92 41.25 -31.70
N ALA J 396 -75.83 40.15 -30.94
CA ALA J 396 -74.57 39.62 -30.47
C ALA J 396 -74.30 38.27 -31.11
N LEU J 397 -73.15 38.12 -31.75
CA LEU J 397 -72.74 36.87 -32.37
C LEU J 397 -71.94 36.05 -31.37
N SER J 398 -72.48 34.90 -30.98
CA SER J 398 -71.83 34.01 -30.03
C SER J 398 -71.74 32.61 -30.62
N VAL J 399 -70.55 32.02 -30.56
CA VAL J 399 -70.32 30.67 -31.05
C VAL J 399 -70.20 29.76 -29.84
N PHE J 400 -71.22 28.95 -29.61
CA PHE J 400 -71.28 28.06 -28.44
C PHE J 400 -70.53 26.78 -28.80
N GLU J 401 -69.22 26.79 -28.58
CA GLU J 401 -68.39 25.64 -28.93
C GLU J 401 -68.53 24.53 -27.88
N THR J 402 -68.36 23.30 -28.34
CA THR J 402 -68.36 22.15 -27.43
C THR J 402 -67.09 22.15 -26.58
N GLY J 408 -66.60 16.29 -29.52
CA GLY J 408 -67.85 15.87 -30.14
C GLY J 408 -67.71 14.67 -31.05
N MET J 409 -67.15 14.89 -32.24
CA MET J 409 -66.93 13.84 -33.22
C MET J 409 -65.47 13.44 -33.33
N ARG J 410 -64.68 13.68 -32.28
CA ARG J 410 -63.29 13.28 -32.29
C ARG J 410 -63.16 11.76 -32.40
N TRP J 411 -64.07 11.04 -31.76
CA TRP J 411 -64.08 9.58 -31.86
C TRP J 411 -64.27 9.15 -33.32
N PHE J 412 -65.14 9.84 -34.05
CA PHE J 412 -65.33 9.53 -35.46
C PHE J 412 -64.05 9.72 -36.25
N VAL J 413 -63.34 10.82 -36.02
CA VAL J 413 -62.11 11.09 -36.75
C VAL J 413 -61.08 9.99 -36.47
N ASP J 414 -60.87 9.69 -35.18
CA ASP J 414 -59.88 8.68 -34.83
C ASP J 414 -60.25 7.31 -35.37
N THR J 415 -61.53 6.95 -35.25
CA THR J 415 -62.00 5.65 -35.73
C THR J 415 -61.81 5.53 -37.23
N ALA J 416 -62.15 6.57 -37.99
CA ALA J 416 -61.94 6.54 -39.43
C ALA J 416 -60.47 6.46 -39.77
N GLU J 417 -59.62 7.14 -38.98
CA GLU J 417 -58.21 7.20 -39.31
C GLU J 417 -57.48 5.88 -39.03
N ARG J 418 -57.87 5.16 -37.97
CA ARG J 418 -57.05 4.03 -37.52
C ARG J 418 -57.74 2.68 -37.58
N TYR J 419 -58.80 2.52 -38.39
CA TYR J 419 -59.15 1.19 -38.85
C TYR J 419 -58.31 0.77 -40.06
N ALA J 420 -58.21 -0.53 -40.25
CA ALA J 420 -57.70 -1.14 -41.48
C ALA J 420 -58.82 -1.96 -42.08
N LEU J 421 -59.14 -1.69 -43.35
CA LEU J 421 -60.29 -2.31 -44.00
C LEU J 421 -59.94 -3.40 -45.00
N ALA J 422 -58.68 -3.51 -45.40
CA ALA J 422 -58.26 -4.53 -46.35
C ALA J 422 -56.77 -4.77 -46.20
N GLY J 423 -56.28 -5.78 -46.90
CA GLY J 423 -54.88 -6.13 -46.88
C GLY J 423 -54.48 -7.13 -45.81
N ARG J 424 -55.40 -7.52 -44.94
CA ARG J 424 -55.15 -8.48 -43.88
C ARG J 424 -56.31 -9.45 -43.84
N PRO J 425 -56.10 -10.64 -43.27
CA PRO J 425 -57.22 -11.59 -43.15
C PRO J 425 -58.34 -11.02 -42.29
N LEU J 426 -59.52 -11.62 -42.44
CA LEU J 426 -60.71 -11.13 -41.76
C LEU J 426 -60.52 -11.10 -40.25
N ALA J 427 -59.92 -12.16 -39.69
CA ALA J 427 -59.71 -12.21 -38.25
C ALA J 427 -58.82 -11.08 -37.78
N GLU J 428 -57.70 -10.84 -38.48
CA GLU J 428 -56.78 -9.80 -38.08
C GLU J 428 -57.44 -8.43 -38.16
N LEU J 429 -58.20 -8.18 -39.23
CA LEU J 429 -58.91 -6.91 -39.36
C LEU J 429 -59.90 -6.72 -38.23
N CYS J 430 -60.63 -7.79 -37.88
CA CYS J 430 -61.61 -7.69 -36.81
C CYS J 430 -60.95 -7.42 -35.46
N ASP J 431 -59.85 -8.10 -35.16
CA ASP J 431 -59.16 -7.82 -33.91
C ASP J 431 -58.59 -6.41 -33.87
N HIS J 432 -58.04 -5.93 -34.99
CA HIS J 432 -57.50 -4.58 -35.02
C HIS J 432 -58.60 -3.55 -34.79
N ASN J 433 -59.73 -3.71 -35.47
CA ASN J 433 -60.83 -2.77 -35.31
C ASN J 433 -61.42 -2.84 -33.91
N ALA J 434 -61.51 -4.03 -33.33
CA ALA J 434 -61.99 -4.16 -31.96
C ALA J 434 -61.04 -3.50 -30.98
N LYS J 435 -59.74 -3.65 -31.19
CA LYS J 435 -58.77 -2.99 -30.33
C LYS J 435 -58.90 -1.47 -30.43
N VAL J 436 -59.11 -0.96 -31.66
CA VAL J 436 -59.34 0.46 -31.83
C VAL J 436 -60.57 0.91 -31.05
N ALA J 437 -61.68 0.19 -31.21
CA ALA J 437 -62.92 0.58 -30.55
C ALA J 437 -62.78 0.54 -29.04
N ARG J 438 -62.09 -0.47 -28.51
CA ARG J 438 -61.88 -0.56 -27.07
C ARG J 438 -60.97 0.56 -26.57
N GLU J 439 -59.94 0.89 -27.35
CA GLU J 439 -59.05 1.99 -26.95
C GLU J 439 -59.79 3.31 -26.92
N LEU J 440 -60.67 3.54 -27.90
CA LEU J 440 -61.44 4.78 -27.93
C LEU J 440 -62.60 4.79 -26.94
N GLY J 441 -62.88 3.66 -26.28
CA GLY J 441 -63.93 3.59 -25.30
C GLY J 441 -65.26 3.08 -25.82
N ARG J 442 -65.32 2.60 -27.06
CA ARG J 442 -66.55 2.07 -27.65
C ARG J 442 -66.54 0.55 -27.46
N ASN J 443 -66.97 0.13 -26.26
CA ASN J 443 -66.95 -1.29 -25.93
C ASN J 443 -67.90 -2.08 -26.81
N GLN J 444 -69.09 -1.54 -27.08
CA GLN J 444 -70.07 -2.25 -27.89
C GLN J 444 -69.53 -2.50 -29.30
N VAL J 445 -68.87 -1.50 -29.88
CA VAL J 445 -68.30 -1.66 -31.21
C VAL J 445 -67.20 -2.72 -31.21
N ALA J 446 -66.35 -2.72 -30.17
CA ALA J 446 -65.28 -3.70 -30.09
C ALA J 446 -65.85 -5.12 -29.98
N GLN J 447 -66.86 -5.30 -29.14
CA GLN J 447 -67.48 -6.61 -29.03
C GLN J 447 -68.20 -7.01 -30.30
N THR J 448 -68.78 -6.04 -31.03
CA THR J 448 -69.38 -6.35 -32.31
C THR J 448 -68.33 -6.85 -33.30
N TRP J 449 -67.16 -6.20 -33.33
CA TRP J 449 -66.09 -6.66 -34.22
C TRP J 449 -65.63 -8.06 -33.84
N THR J 450 -65.44 -8.32 -32.55
CA THR J 450 -65.03 -9.65 -32.12
C THR J 450 -66.10 -10.70 -32.45
N MET J 451 -67.37 -10.33 -32.28
CA MET J 451 -68.47 -11.22 -32.62
C MET J 451 -68.48 -11.54 -34.11
N LEU J 452 -68.23 -10.53 -34.95
CA LEU J 452 -68.14 -10.79 -36.38
C LEU J 452 -67.00 -11.72 -36.70
N ARG J 453 -65.85 -11.52 -36.04
CA ARG J 453 -64.71 -12.42 -36.24
C ARG J 453 -65.07 -13.86 -35.91
N ILE J 454 -65.76 -14.06 -34.78
CA ILE J 454 -66.10 -15.43 -34.38
C ILE J 454 -67.16 -16.00 -35.31
N ILE J 455 -68.15 -15.21 -35.70
CA ILE J 455 -69.23 -15.69 -36.55
C ILE J 455 -68.69 -16.14 -37.90
N TYR J 456 -67.83 -15.32 -38.52
CA TYR J 456 -67.41 -15.58 -39.89
C TYR J 456 -66.09 -16.34 -39.95
N CYS J 457 -65.06 -15.85 -39.26
CA CYS J 457 -63.75 -16.50 -39.27
C CYS J 457 -63.71 -17.51 -38.12
N SER J 458 -64.35 -18.66 -38.35
CA SER J 458 -64.38 -19.73 -37.36
C SER J 458 -63.09 -20.54 -37.39
N SER J 626 -72.82 -31.23 -37.49
CA SER J 626 -72.57 -31.02 -36.06
C SER J 626 -72.16 -29.58 -35.78
N ARG J 627 -72.53 -28.67 -36.68
CA ARG J 627 -72.19 -27.26 -36.55
C ARG J 627 -73.43 -26.42 -36.84
N LEU J 628 -73.29 -25.12 -36.63
CA LEU J 628 -74.38 -24.19 -36.89
C LEU J 628 -74.64 -24.09 -38.39
N PRO J 629 -75.86 -23.70 -38.77
CA PRO J 629 -76.16 -23.55 -40.20
C PRO J 629 -75.25 -22.51 -40.81
N PRO J 630 -74.88 -22.69 -42.09
CA PRO J 630 -73.93 -21.75 -42.71
C PRO J 630 -74.41 -20.31 -42.75
N ASP J 631 -75.70 -20.08 -42.92
CA ASP J 631 -76.26 -18.73 -42.98
C ASP J 631 -77.10 -18.42 -41.74
N PHE J 632 -76.66 -18.92 -40.58
CA PHE J 632 -77.40 -18.72 -39.35
C PHE J 632 -77.40 -17.26 -38.92
N PHE J 633 -76.26 -16.59 -39.04
CA PHE J 633 -76.09 -15.24 -38.51
C PHE J 633 -76.26 -14.14 -39.55
N GLY J 634 -76.58 -14.48 -40.81
CA GLY J 634 -76.71 -13.46 -41.83
C GLY J 634 -77.78 -12.43 -41.52
N VAL J 635 -78.95 -12.91 -41.06
CA VAL J 635 -80.01 -12.00 -40.67
C VAL J 635 -79.56 -11.10 -39.53
N LEU J 636 -78.85 -11.66 -38.56
CA LEU J 636 -78.40 -10.88 -37.42
C LEU J 636 -77.34 -9.86 -37.82
N VAL J 637 -76.45 -10.22 -38.76
CA VAL J 637 -75.46 -9.26 -39.23
C VAL J 637 -76.13 -8.12 -39.99
N ARG J 638 -77.13 -8.45 -40.82
CA ARG J 638 -77.88 -7.40 -41.51
C ARG J 638 -78.59 -6.50 -40.51
N ASP J 639 -79.18 -7.08 -39.46
CA ASP J 639 -79.86 -6.29 -38.45
C ASP J 639 -78.88 -5.40 -37.70
N MET J 640 -77.68 -5.90 -37.42
CA MET J 640 -76.67 -5.08 -36.76
C MET J 640 -76.25 -3.91 -37.65
N LEU J 641 -76.07 -4.17 -38.95
CA LEU J 641 -75.71 -3.11 -39.88
C LEU J 641 -76.81 -2.04 -39.92
N HIS J 642 -78.06 -2.47 -40.01
CA HIS J 642 -79.16 -1.52 -40.05
C HIS J 642 -79.30 -0.77 -38.74
N PHE J 643 -79.03 -1.44 -37.62
CA PHE J 643 -79.11 -0.79 -36.32
C PHE J 643 -78.05 0.30 -36.19
N TYR J 644 -76.84 0.03 -36.67
CA TYR J 644 -75.79 1.04 -36.62
C TYR J 644 -76.04 2.16 -37.62
N ALA J 645 -76.66 1.86 -38.75
CA ALA J 645 -76.92 2.90 -39.75
C ALA J 645 -78.08 3.81 -39.35
N GLU J 646 -79.13 3.25 -38.75
CA GLU J 646 -80.31 4.03 -38.44
C GLU J 646 -80.08 5.02 -37.30
N GLN J 647 -79.02 4.86 -36.52
CA GLN J 647 -78.71 5.77 -35.44
C GLN J 647 -77.60 6.75 -35.79
N GLY J 648 -77.25 6.86 -37.08
CA GLY J 648 -76.25 7.81 -37.52
C GLY J 648 -74.84 7.26 -37.57
N ASP J 649 -74.60 6.06 -37.06
CA ASP J 649 -73.26 5.45 -37.09
C ASP J 649 -73.06 4.71 -38.40
N VAL J 650 -73.07 5.48 -39.49
CA VAL J 650 -72.85 4.91 -40.82
C VAL J 650 -71.41 4.44 -40.96
N GLN J 651 -70.49 5.04 -40.21
CA GLN J 651 -69.09 4.65 -40.27
C GLN J 651 -68.91 3.18 -39.93
N MET J 652 -69.52 2.73 -38.83
CA MET J 652 -69.40 1.33 -38.43
C MET J 652 -70.02 0.40 -39.46
N ALA J 653 -71.18 0.76 -39.99
CA ALA J 653 -71.84 -0.07 -40.98
C ALA J 653 -70.99 -0.22 -42.24
N VAL J 654 -70.43 0.90 -42.72
CA VAL J 654 -69.60 0.85 -43.92
C VAL J 654 -68.33 0.06 -43.67
N SER J 655 -67.72 0.24 -42.49
CA SER J 655 -66.51 -0.51 -42.18
C SER J 655 -66.79 -2.01 -42.13
N VAL J 656 -67.90 -2.40 -41.52
CA VAL J 656 -68.26 -3.82 -41.47
C VAL J 656 -68.54 -4.34 -42.87
N LEU J 657 -69.25 -3.56 -43.70
CA LEU J 657 -69.54 -3.99 -45.06
C LEU J 657 -68.25 -4.20 -45.86
N ILE J 658 -67.29 -3.29 -45.71
CA ILE J 658 -66.05 -3.40 -46.45
C ILE J 658 -65.22 -4.58 -45.95
N VAL J 659 -65.13 -4.76 -44.64
CA VAL J 659 -64.33 -5.85 -44.09
C VAL J 659 -64.92 -7.20 -44.45
N LEU J 660 -66.24 -7.36 -44.30
CA LEU J 660 -66.87 -8.63 -44.62
C LEU J 660 -66.90 -8.86 -46.13
N GLY J 661 -67.12 -7.82 -46.91
CA GLY J 661 -67.16 -7.99 -48.35
C GLY J 661 -68.38 -8.79 -48.78
N GLU J 662 -68.15 -9.81 -49.60
CA GLU J 662 -69.23 -10.57 -50.21
C GLU J 662 -70.01 -11.42 -49.21
N ARG J 663 -69.50 -11.59 -47.99
CA ARG J 663 -70.22 -12.42 -47.01
C ARG J 663 -71.52 -11.77 -46.57
N VAL J 664 -71.65 -10.45 -46.73
CA VAL J 664 -72.88 -9.77 -46.32
C VAL J 664 -73.33 -8.84 -47.44
N ARG J 665 -72.50 -8.68 -48.47
CA ARG J 665 -72.83 -7.76 -49.56
C ARG J 665 -74.07 -8.22 -50.30
N LYS J 666 -74.19 -9.53 -50.56
CA LYS J 666 -75.33 -10.05 -51.29
C LYS J 666 -76.63 -10.02 -50.48
N ASP J 667 -76.55 -9.73 -49.18
CA ASP J 667 -77.74 -9.71 -48.32
C ASP J 667 -78.32 -8.32 -48.13
N ILE J 668 -77.51 -7.26 -48.29
CA ILE J 668 -77.99 -5.89 -48.20
C ILE J 668 -78.22 -5.37 -49.61
N ASP J 669 -79.36 -4.73 -49.83
CA ASP J 669 -79.70 -4.24 -51.16
C ASP J 669 -78.75 -3.12 -51.59
N GLU J 670 -78.64 -2.94 -52.91
CA GLU J 670 -77.65 -2.01 -53.46
C GLU J 670 -77.95 -0.58 -53.09
N GLN J 671 -79.22 -0.19 -53.07
CA GLN J 671 -79.57 1.21 -52.81
C GLN J 671 -79.17 1.63 -51.39
N THR J 672 -79.46 0.79 -50.40
CA THR J 672 -79.11 1.13 -49.02
C THR J 672 -77.59 1.14 -48.84
N GLN J 673 -76.89 0.20 -49.47
CA GLN J 673 -75.43 0.20 -49.42
C GLN J 673 -74.86 1.48 -50.02
N GLU J 674 -75.39 1.90 -51.17
CA GLU J 674 -74.92 3.14 -51.79
C GLU J 674 -75.22 4.34 -50.89
N HIS J 675 -76.39 4.36 -50.26
CA HIS J 675 -76.73 5.45 -49.36
C HIS J 675 -75.75 5.53 -48.20
N TRP J 676 -75.44 4.38 -47.59
CA TRP J 676 -74.47 4.35 -46.50
C TRP J 676 -73.10 4.81 -46.97
N TYR J 677 -72.66 4.33 -48.13
CA TYR J 677 -71.34 4.70 -48.62
C TYR J 677 -71.26 6.21 -48.88
N THR J 678 -72.29 6.78 -49.51
CA THR J 678 -72.27 8.21 -49.78
C THR J 678 -72.34 9.02 -48.50
N SER J 679 -73.14 8.60 -47.52
CA SER J 679 -73.19 9.33 -46.26
C SER J 679 -71.84 9.30 -45.55
N TYR J 680 -71.21 8.13 -45.50
CA TYR J 680 -69.90 8.03 -44.86
C TYR J 680 -68.85 8.86 -45.60
N ILE J 681 -68.90 8.85 -46.94
CA ILE J 681 -67.94 9.63 -47.72
C ILE J 681 -68.15 11.12 -47.48
N ASP J 682 -69.41 11.56 -47.39
CA ASP J 682 -69.67 12.97 -47.10
C ASP J 682 -69.17 13.35 -45.71
N LEU J 683 -69.39 12.48 -44.73
CA LEU J 683 -68.86 12.74 -43.39
C LEU J 683 -67.34 12.85 -43.40
N LEU J 684 -66.69 11.94 -44.10
CA LEU J 684 -65.22 11.96 -44.17
C LEU J 684 -64.72 13.21 -44.86
N GLN J 685 -65.36 13.61 -45.96
CA GLN J 685 -64.94 14.80 -46.69
C GLN J 685 -65.19 16.06 -45.87
N ARG J 686 -66.24 16.09 -45.06
CA ARG J 686 -66.49 17.23 -44.20
C ARG J 686 -65.34 17.43 -43.22
N PHE J 687 -64.89 16.35 -42.60
CA PHE J 687 -63.74 16.39 -41.69
C PHE J 687 -62.42 16.45 -42.42
N ARG J 688 -62.47 16.56 -43.74
CA ARG J 688 -61.29 16.72 -44.57
C ARG J 688 -60.35 15.52 -44.41
N LEU J 689 -60.92 14.33 -44.33
CA LEU J 689 -60.17 13.07 -44.29
C LEU J 689 -60.25 12.47 -45.69
N TRP J 690 -59.39 12.94 -46.59
CA TRP J 690 -59.44 12.49 -47.97
C TRP J 690 -58.91 11.07 -48.14
N ASN J 691 -57.89 10.71 -47.36
CA ASN J 691 -57.29 9.37 -47.49
C ASN J 691 -58.30 8.29 -47.15
N VAL J 692 -59.03 8.46 -46.05
CA VAL J 692 -60.01 7.46 -45.63
C VAL J 692 -61.16 7.39 -46.64
N SER J 693 -61.61 8.55 -47.14
CA SER J 693 -62.68 8.56 -48.12
C SER J 693 -62.27 7.82 -49.39
N ASN J 694 -61.05 8.07 -49.86
CA ASN J 694 -60.58 7.40 -51.07
C ASN J 694 -60.37 5.91 -50.83
N GLU J 695 -59.92 5.52 -49.64
CA GLU J 695 -59.79 4.11 -49.31
C GLU J 695 -61.16 3.43 -49.33
N VAL J 696 -62.17 4.10 -48.78
CA VAL J 696 -63.52 3.55 -48.79
C VAL J 696 -64.02 3.42 -50.22
N VAL J 697 -63.76 4.43 -51.07
CA VAL J 697 -64.19 4.37 -52.45
C VAL J 697 -63.52 3.22 -53.17
N LYS J 698 -62.22 3.06 -52.98
CA LYS J 698 -61.49 1.97 -53.64
C LYS J 698 -61.98 0.61 -53.17
N LEU J 699 -62.22 0.46 -51.88
CA LEU J 699 -62.67 -0.81 -51.31
C LEU J 699 -64.19 -0.95 -51.29
N SER J 700 -64.92 0.01 -51.86
CA SER J 700 -66.37 -0.03 -51.82
C SER J 700 -66.90 -1.28 -52.53
N THR J 701 -67.85 -1.95 -51.90
CA THR J 701 -68.49 -3.14 -52.48
C THR J 701 -69.49 -2.78 -53.57
N SER J 702 -69.83 -1.50 -53.73
CA SER J 702 -70.80 -1.06 -54.72
C SER J 702 -70.07 -0.48 -55.92
N ARG J 703 -70.50 -0.88 -57.12
CA ARG J 703 -69.84 -0.42 -58.34
C ARG J 703 -70.03 1.09 -58.53
N ALA J 704 -71.22 1.61 -58.19
CA ALA J 704 -71.48 3.03 -58.39
C ALA J 704 -70.56 3.89 -57.53
N VAL J 705 -70.34 3.48 -56.28
CA VAL J 705 -69.44 4.23 -55.41
C VAL J 705 -68.00 4.11 -55.89
N SER J 706 -67.63 2.93 -56.39
CA SER J 706 -66.27 2.74 -56.93
C SER J 706 -66.02 3.64 -58.13
N CYS J 707 -67.03 3.80 -58.99
CA CYS J 707 -66.90 4.64 -60.17
C CYS J 707 -66.86 6.12 -59.84
N LEU J 708 -67.14 6.51 -58.60
CA LEU J 708 -67.11 7.91 -58.21
C LEU J 708 -65.71 8.50 -58.29
N ASN J 709 -64.68 7.66 -58.29
CA ASN J 709 -63.30 8.13 -58.26
C ASN J 709 -62.71 8.29 -59.65
N GLN J 710 -63.23 7.58 -60.65
CA GLN J 710 -62.66 7.56 -61.99
C GLN J 710 -63.22 8.62 -62.90
N ALA J 711 -64.04 9.54 -62.38
CA ALA J 711 -64.71 10.55 -63.20
C ALA J 711 -63.78 11.76 -63.36
N SER J 712 -63.31 11.96 -64.59
CA SER J 712 -62.53 13.14 -64.96
C SER J 712 -61.28 13.31 -64.09
N THR J 713 -60.61 12.19 -63.79
CA THR J 713 -59.37 12.21 -63.03
C THR J 713 -58.17 11.83 -63.87
N THR J 714 -58.31 11.82 -65.19
CA THR J 714 -57.23 11.49 -66.11
C THR J 714 -56.73 12.76 -66.79
N LEU J 715 -55.42 12.97 -66.77
CA LEU J 715 -54.81 14.19 -67.30
C LEU J 715 -54.14 13.89 -68.63
N HIS J 716 -54.41 14.73 -69.63
CA HIS J 716 -53.82 14.62 -70.96
C HIS J 716 -52.62 15.56 -71.02
N VAL J 717 -51.42 14.99 -71.10
CA VAL J 717 -50.19 15.77 -71.08
C VAL J 717 -49.57 15.76 -72.48
N ASN J 718 -48.97 16.89 -72.84
CA ASN J 718 -48.35 17.06 -74.15
C ASN J 718 -46.90 17.50 -74.00
N CYS J 719 -46.13 17.27 -75.04
CA CYS J 719 -44.75 17.74 -75.11
C CYS J 719 -44.74 19.21 -75.50
N SER J 720 -44.06 20.04 -74.69
CA SER J 720 -44.00 21.47 -74.99
C SER J 720 -43.24 21.74 -76.28
N HIS J 721 -42.16 21.00 -76.52
CA HIS J 721 -41.36 21.22 -77.72
C HIS J 721 -42.15 20.93 -78.98
N CYS J 722 -42.98 19.88 -78.95
CA CYS J 722 -43.74 19.45 -80.13
C CYS J 722 -45.20 19.89 -80.10
N LYS J 723 -45.73 20.27 -78.94
CA LYS J 723 -47.13 20.69 -78.80
C LYS J 723 -48.09 19.61 -79.31
N ARG J 724 -47.76 18.36 -79.04
CA ARG J 724 -48.59 17.23 -79.43
C ARG J 724 -48.82 16.31 -78.24
N PRO J 725 -49.96 15.63 -78.18
CA PRO J 725 -50.24 14.75 -77.05
C PRO J 725 -49.28 13.58 -76.98
N MET J 726 -49.03 13.12 -75.75
CA MET J 726 -48.14 12.01 -75.50
C MET J 726 -48.94 10.73 -75.28
N SER J 727 -48.22 9.60 -75.25
CA SER J 727 -48.85 8.31 -75.01
C SER J 727 -49.39 8.23 -73.59
N SER J 728 -50.43 7.41 -73.42
CA SER J 728 -51.12 7.29 -72.14
C SER J 728 -50.32 6.54 -71.08
N ARG J 729 -49.25 5.85 -71.48
CA ARG J 729 -48.42 5.08 -70.56
C ARG J 729 -46.95 5.32 -70.86
N GLY J 730 -46.57 6.59 -71.07
CA GLY J 730 -45.27 6.91 -71.59
C GLY J 730 -44.55 7.97 -70.78
N TRP J 731 -43.23 8.01 -70.99
CA TRP J 731 -42.36 9.03 -70.42
C TRP J 731 -41.40 9.63 -71.44
N VAL J 732 -41.60 9.32 -72.73
CA VAL J 732 -40.79 9.88 -73.81
C VAL J 732 -41.74 10.40 -74.88
N CYS J 733 -41.34 11.49 -75.54
CA CYS J 733 -42.18 12.08 -76.57
C CYS J 733 -42.21 11.20 -77.81
N ASP J 734 -43.38 11.08 -78.41
CA ASP J 734 -43.53 10.24 -79.60
C ASP J 734 -42.87 10.89 -80.81
N ARG J 735 -42.99 12.21 -80.95
CA ARG J 735 -42.48 12.90 -82.13
C ARG J 735 -41.06 13.43 -81.92
N CYS J 736 -40.87 14.27 -80.90
CA CYS J 736 -39.57 14.88 -80.67
C CYS J 736 -38.50 13.89 -80.24
N HIS J 737 -38.91 12.69 -79.79
CA HIS J 737 -37.98 11.68 -79.29
C HIS J 737 -37.12 12.24 -78.15
N ARG J 738 -37.74 13.06 -77.29
CA ARG J 738 -37.05 13.68 -76.17
C ARG J 738 -37.74 13.28 -74.87
N CYS J 739 -36.94 13.14 -73.82
CA CYS J 739 -37.47 12.84 -72.48
C CYS J 739 -38.10 14.10 -71.93
N ALA J 740 -39.36 14.35 -72.31
CA ALA J 740 -40.06 15.54 -71.88
C ALA J 740 -40.45 15.51 -70.41
N SER J 741 -40.33 14.36 -69.75
CA SER J 741 -40.67 14.22 -68.34
C SER J 741 -39.47 14.40 -67.42
N MET J 742 -38.46 15.12 -67.87
CA MET J 742 -37.27 15.35 -67.06
C MET J 742 -37.60 16.26 -65.88
N CYS J 743 -37.13 15.89 -64.70
CA CYS J 743 -37.30 16.74 -63.53
C CYS J 743 -36.49 18.02 -63.68
N ALA J 744 -37.08 19.14 -63.30
CA ALA J 744 -36.39 20.42 -63.39
C ALA J 744 -35.26 20.53 -62.39
N VAL J 745 -35.27 19.73 -61.33
CA VAL J 745 -34.24 19.81 -60.29
C VAL J 745 -33.12 18.83 -60.59
N CYS J 746 -33.44 17.54 -60.62
CA CYS J 746 -32.42 16.50 -60.74
C CYS J 746 -32.09 16.13 -62.18
N HIS J 747 -32.86 16.60 -63.16
CA HIS J 747 -32.65 16.27 -64.57
C HIS J 747 -32.66 14.75 -64.80
N HIS J 748 -33.56 14.06 -64.13
CA HIS J 748 -33.78 12.64 -64.34
C HIS J 748 -35.21 12.41 -64.78
N VAL J 749 -35.43 11.29 -65.47
CA VAL J 749 -36.76 10.98 -65.98
C VAL J 749 -37.72 10.76 -64.82
N VAL J 750 -38.84 11.48 -64.86
CA VAL J 750 -39.90 11.33 -63.86
C VAL J 750 -40.87 10.29 -64.40
N LYS J 751 -40.66 9.03 -64.01
CA LYS J 751 -41.57 7.97 -64.44
C LYS J 751 -42.87 8.02 -63.66
N GLY J 752 -42.79 8.34 -62.37
CA GLY J 752 -43.97 8.31 -61.51
C GLY J 752 -44.65 9.64 -61.32
N LEU J 753 -44.65 10.14 -60.08
CA LEU J 753 -45.41 11.33 -59.75
C LEU J 753 -44.74 12.58 -60.30
N PHE J 754 -45.51 13.39 -61.02
CA PHE J 754 -45.02 14.63 -61.61
C PHE J 754 -45.89 15.77 -61.13
N VAL J 755 -45.28 16.78 -60.53
CA VAL J 755 -45.96 18.00 -60.11
C VAL J 755 -45.62 19.11 -61.08
N TRP J 756 -46.62 19.89 -61.47
CA TRP J 756 -46.50 20.77 -62.63
C TRP J 756 -47.09 22.13 -62.30
N CYS J 757 -46.27 23.17 -62.36
CA CYS J 757 -46.76 24.54 -62.23
C CYS J 757 -47.60 24.91 -63.44
N GLN J 758 -48.70 25.60 -63.20
CA GLN J 758 -49.57 26.05 -64.29
C GLN J 758 -49.14 27.40 -64.86
N GLY J 759 -48.22 28.10 -64.23
CA GLY J 759 -47.77 29.39 -64.73
C GLY J 759 -46.66 29.28 -65.75
N CYS J 760 -45.56 28.64 -65.37
CA CYS J 760 -44.39 28.51 -66.23
C CYS J 760 -44.33 27.17 -66.96
N SER J 761 -45.29 26.28 -66.72
CA SER J 761 -45.33 24.97 -67.37
C SER J 761 -44.06 24.17 -67.09
N HIS J 762 -43.55 24.26 -65.86
CA HIS J 762 -42.36 23.53 -65.46
C HIS J 762 -42.63 22.77 -64.17
N GLY J 763 -41.90 21.67 -63.99
CA GLY J 763 -42.08 20.87 -62.80
C GLY J 763 -41.07 19.75 -62.75
N GLY J 764 -41.37 18.74 -61.94
CA GLY J 764 -40.49 17.60 -61.80
C GLY J 764 -40.95 16.59 -60.78
N HIS J 765 -40.01 15.93 -60.12
CA HIS J 765 -40.36 15.02 -59.03
C HIS J 765 -41.09 15.77 -57.93
N LEU J 766 -42.10 15.13 -57.36
CA LEU J 766 -42.91 15.78 -56.32
C LEU J 766 -42.06 16.17 -55.13
N GLN J 767 -41.24 15.24 -54.64
CA GLN J 767 -40.37 15.54 -53.50
C GLN J 767 -39.35 16.62 -53.86
N HIS J 768 -38.77 16.54 -55.05
CA HIS J 768 -37.75 17.50 -55.45
C HIS J 768 -38.31 18.91 -55.55
N ILE J 769 -39.48 19.05 -56.18
CA ILE J 769 -40.10 20.37 -56.30
C ILE J 769 -40.53 20.88 -54.93
N MET J 770 -41.06 19.99 -54.09
CA MET J 770 -41.41 20.38 -52.72
C MET J 770 -40.20 20.96 -52.00
N LYS J 771 -39.07 20.25 -52.05
CA LYS J 771 -37.88 20.72 -51.34
C LYS J 771 -37.37 22.03 -51.94
N TRP J 772 -37.37 22.15 -53.26
CA TRP J 772 -36.87 23.38 -53.89
C TRP J 772 -37.73 24.57 -53.52
N LEU J 773 -39.05 24.40 -53.54
CA LEU J 773 -39.94 25.51 -53.15
C LEU J 773 -39.87 25.79 -51.66
N GLU J 774 -39.51 24.80 -50.85
CA GLU J 774 -39.25 25.06 -49.45
C GLU J 774 -37.96 25.87 -49.28
N GLY J 775 -36.99 25.69 -50.17
CA GLY J 775 -35.73 26.39 -50.05
C GLY J 775 -35.62 27.65 -50.88
N SER J 776 -36.55 27.88 -51.78
CA SER J 776 -36.51 29.06 -52.64
C SER J 776 -37.91 29.33 -53.18
N SER J 777 -38.07 30.52 -53.78
CA SER J 777 -39.34 30.92 -54.36
C SER J 777 -39.31 31.00 -55.88
N HIS J 778 -38.18 30.70 -56.51
CA HIS J 778 -38.06 30.73 -57.96
C HIS J 778 -38.39 29.38 -58.56
N CYS J 779 -38.62 29.37 -59.87
CA CYS J 779 -38.82 28.12 -60.58
C CYS J 779 -37.51 27.36 -60.66
N PRO J 780 -37.49 26.07 -60.36
CA PRO J 780 -36.22 25.31 -60.46
C PRO J 780 -35.63 25.31 -61.86
N ALA J 781 -36.48 25.29 -62.89
CA ALA J 781 -35.99 25.32 -64.26
C ALA J 781 -35.40 26.65 -64.66
N GLY J 782 -35.63 27.71 -63.87
CA GLY J 782 -35.05 29.00 -64.15
C GLY J 782 -35.73 29.75 -65.28
N CYS J 783 -36.99 30.12 -65.08
CA CYS J 783 -37.73 30.93 -66.05
C CYS J 783 -38.18 32.24 -65.44
N GLY J 784 -37.58 32.67 -64.34
CA GLY J 784 -37.93 33.93 -63.71
C GLY J 784 -39.34 34.00 -63.17
N HIS J 785 -39.93 32.85 -62.85
CA HIS J 785 -41.30 32.78 -62.36
C HIS J 785 -41.29 32.47 -60.87
N LEU J 786 -41.90 33.36 -60.08
CA LEU J 786 -42.17 33.09 -58.67
C LEU J 786 -43.42 32.23 -58.62
N CYS J 787 -43.23 30.92 -58.71
CA CYS J 787 -44.35 29.99 -58.87
C CYS J 787 -45.29 30.03 -57.67
N GLU J 788 -44.74 30.23 -56.47
CA GLU J 788 -45.46 30.08 -55.21
C GLU J 788 -45.27 31.36 -54.40
N TYR J 789 -45.61 32.51 -55.01
CA TYR J 789 -45.22 33.83 -54.56
C TYR J 789 -45.14 33.94 -53.04
N SER J 790 -43.98 34.39 -52.56
CA SER J 790 -43.70 34.46 -51.12
C SER J 790 -43.85 33.09 -50.47
N ASP K 531 -113.04 -61.72 -19.79
CA ASP K 531 -111.72 -61.43 -20.35
C ASP K 531 -111.81 -60.90 -21.77
N ALA K 532 -113.00 -60.43 -22.14
CA ALA K 532 -113.19 -59.86 -23.48
C ALA K 532 -112.60 -58.46 -23.58
N ASN K 533 -112.70 -57.67 -22.51
CA ASN K 533 -112.27 -56.28 -22.54
C ASN K 533 -110.80 -56.10 -22.21
N ILE K 534 -110.13 -57.11 -21.66
CA ILE K 534 -108.72 -56.99 -21.30
C ILE K 534 -107.90 -56.93 -22.59
N PRO K 535 -106.81 -56.16 -22.62
CA PRO K 535 -105.96 -56.12 -23.81
C PRO K 535 -105.16 -57.39 -23.98
N PHE K 536 -104.78 -57.65 -25.23
CA PHE K 536 -103.93 -58.80 -25.52
C PHE K 536 -102.56 -58.61 -24.87
N PRO K 537 -101.99 -59.66 -24.28
CA PRO K 537 -100.70 -59.50 -23.60
C PRO K 537 -99.61 -59.04 -24.56
N ARG K 538 -98.72 -58.20 -24.04
CA ARG K 538 -97.57 -57.72 -24.80
C ARG K 538 -96.41 -58.69 -24.67
N THR K 539 -95.81 -59.05 -25.81
CA THR K 539 -94.62 -59.88 -25.82
C THR K 539 -93.35 -59.12 -26.14
N SER K 540 -93.47 -57.91 -26.71
CA SER K 540 -92.32 -57.07 -27.00
C SER K 540 -92.65 -55.63 -26.61
N GLY K 541 -91.63 -54.89 -26.21
CA GLY K 541 -91.83 -53.51 -25.83
C GLY K 541 -90.50 -52.78 -25.76
N ALA K 542 -90.58 -51.46 -25.90
CA ALA K 542 -89.42 -50.59 -25.83
C ALA K 542 -89.74 -49.41 -24.91
N ARG K 543 -88.77 -49.05 -24.07
CA ARG K 543 -88.98 -47.97 -23.12
C ARG K 543 -87.65 -47.26 -22.87
N PHE K 544 -87.72 -45.93 -22.81
CA PHE K 544 -86.56 -45.13 -22.44
C PHE K 544 -86.44 -45.09 -20.93
N CYS K 545 -85.37 -45.67 -20.40
CA CYS K 545 -85.14 -45.73 -18.97
C CYS K 545 -83.80 -45.08 -18.65
N GLY K 546 -83.68 -44.57 -17.44
CA GLY K 546 -82.50 -43.78 -17.14
C GLY K 546 -82.48 -42.52 -17.98
N ALA K 547 -81.29 -42.05 -18.30
CA ALA K 547 -81.12 -40.86 -19.12
C ALA K 547 -80.84 -41.18 -20.59
N GLY K 548 -79.90 -42.08 -20.86
CA GLY K 548 -79.55 -42.41 -22.22
C GLY K 548 -79.55 -43.90 -22.50
N TYR K 549 -80.49 -44.62 -21.92
CA TYR K 549 -80.59 -46.07 -22.08
C TYR K 549 -81.95 -46.42 -22.66
N LEU K 550 -81.98 -47.47 -23.47
CA LEU K 550 -83.21 -47.98 -24.09
C LEU K 550 -83.39 -49.43 -23.67
N VAL K 551 -84.48 -49.73 -22.99
CA VAL K 551 -84.77 -51.06 -22.48
C VAL K 551 -85.83 -51.66 -23.40
N TYR K 552 -85.39 -52.41 -24.41
CA TYR K 552 -86.30 -53.05 -25.34
C TYR K 552 -86.16 -54.56 -25.24
N PHE K 553 -87.30 -55.25 -25.19
CA PHE K 553 -87.35 -56.69 -25.15
C PHE K 553 -88.23 -57.18 -26.30
N THR K 554 -87.90 -58.35 -26.82
CA THR K 554 -88.61 -58.90 -27.97
C THR K 554 -89.03 -60.33 -27.67
N ARG K 555 -90.08 -60.77 -28.35
CA ARG K 555 -90.53 -62.15 -28.23
C ARG K 555 -89.43 -63.08 -28.74
N PRO K 556 -89.12 -64.16 -28.00
CA PRO K 556 -88.00 -65.02 -28.40
C PRO K 556 -88.17 -65.63 -29.79
N MET K 557 -89.40 -65.96 -30.17
CA MET K 557 -89.69 -66.52 -31.49
C MET K 557 -88.87 -67.78 -31.77
N ALA K 643 -90.04 -70.00 -22.99
CA ALA K 643 -88.68 -69.97 -22.46
C ALA K 643 -88.27 -68.53 -22.14
N ALA K 644 -89.26 -67.65 -22.02
CA ALA K 644 -89.07 -66.24 -21.67
C ALA K 644 -88.34 -65.47 -22.77
N GLY K 645 -88.52 -64.16 -22.79
CA GLY K 645 -87.87 -63.31 -23.76
C GLY K 645 -86.49 -62.87 -23.30
N LYS K 646 -85.94 -61.90 -24.04
CA LYS K 646 -84.62 -61.36 -23.74
C LYS K 646 -84.73 -59.85 -23.60
N VAL K 647 -84.17 -59.31 -22.52
CA VAL K 647 -84.20 -57.87 -22.25
C VAL K 647 -82.82 -57.30 -22.58
N ILE K 648 -82.80 -56.26 -23.41
CA ILE K 648 -81.58 -55.65 -23.89
C ILE K 648 -81.56 -54.19 -23.47
N ILE K 649 -80.43 -53.75 -22.91
CA ILE K 649 -80.23 -52.35 -22.52
C ILE K 649 -79.20 -51.78 -23.47
N GLN K 650 -79.61 -50.79 -24.27
CA GLN K 650 -78.77 -50.21 -25.30
C GLN K 650 -78.49 -48.75 -24.96
N ASP K 651 -77.21 -48.38 -24.98
CA ASP K 651 -76.82 -46.99 -24.75
C ASP K 651 -77.12 -46.16 -25.99
N ILE K 652 -77.87 -45.07 -25.80
CA ILE K 652 -78.29 -44.23 -26.91
C ILE K 652 -77.92 -42.78 -26.63
N ALA K 653 -76.82 -42.58 -25.89
CA ALA K 653 -76.38 -41.23 -25.55
C ALA K 653 -76.06 -40.40 -26.78
N CYS K 654 -75.72 -41.04 -27.91
CA CYS K 654 -75.46 -40.30 -29.14
C CYS K 654 -76.73 -39.79 -29.80
N LEU K 655 -77.86 -40.46 -29.59
CA LEU K 655 -79.13 -40.01 -30.17
C LEU K 655 -79.63 -38.74 -29.53
N LEU K 656 -79.43 -38.58 -28.22
CA LEU K 656 -79.93 -37.42 -27.50
C LEU K 656 -79.11 -36.18 -27.83
N PRO K 657 -79.72 -35.00 -27.74
CA PRO K 657 -78.96 -33.76 -27.97
C PRO K 657 -78.10 -33.35 -26.79
N VAL K 658 -78.25 -33.97 -25.62
CA VAL K 658 -77.47 -33.64 -24.44
C VAL K 658 -76.36 -34.67 -24.28
N HIS K 659 -75.29 -34.26 -23.61
CA HIS K 659 -74.13 -35.11 -23.39
C HIS K 659 -73.83 -35.19 -21.90
N LYS K 660 -73.66 -36.42 -21.40
CA LYS K 660 -73.27 -36.60 -20.01
C LYS K 660 -71.88 -36.04 -19.73
N SER K 661 -70.96 -36.24 -20.68
CA SER K 661 -69.61 -35.71 -20.51
C SER K 661 -69.62 -34.19 -20.45
N LEU K 662 -70.44 -33.56 -21.29
CA LEU K 662 -70.56 -32.10 -21.22
C LEU K 662 -71.12 -31.66 -19.88
N GLY K 663 -72.10 -32.41 -19.36
CA GLY K 663 -72.63 -32.08 -18.04
C GLY K 663 -71.59 -32.20 -16.94
N GLU K 664 -70.72 -33.20 -17.05
CA GLU K 664 -69.62 -33.31 -16.09
C GLU K 664 -68.63 -32.16 -16.24
N LEU K 665 -68.37 -31.73 -17.48
CA LEU K 665 -67.33 -30.75 -17.74
C LEU K 665 -67.80 -29.31 -17.61
N TYR K 666 -69.09 -29.03 -17.80
CA TYR K 666 -69.59 -27.67 -17.62
C TYR K 666 -69.46 -27.21 -16.18
N ILE K 667 -69.14 -25.93 -16.01
CA ILE K 667 -69.06 -25.29 -14.71
C ILE K 667 -69.90 -24.02 -14.76
N LEU K 668 -70.32 -23.56 -13.58
CA LEU K 668 -71.18 -22.39 -13.46
C LEU K 668 -70.75 -21.59 -12.24
N ASN K 669 -69.87 -20.62 -12.44
CA ASN K 669 -69.42 -19.71 -11.40
C ASN K 669 -70.10 -18.36 -11.63
N VAL K 670 -70.88 -17.91 -10.64
CA VAL K 670 -71.58 -16.63 -10.78
C VAL K 670 -70.60 -15.47 -10.78
N ASN K 671 -69.53 -15.58 -9.97
CA ASN K 671 -68.59 -14.46 -9.83
C ASN K 671 -67.90 -14.14 -11.14
N ASP K 672 -67.43 -15.16 -11.86
CA ASP K 672 -66.72 -14.99 -13.11
C ASP K 672 -67.50 -15.69 -14.22
N ILE K 673 -67.90 -14.94 -15.23
CA ILE K 673 -68.66 -15.46 -16.36
C ILE K 673 -67.76 -15.75 -17.56
N GLN K 674 -66.79 -14.87 -17.82
CA GLN K 674 -65.87 -15.08 -18.94
C GLN K 674 -65.08 -16.37 -18.75
N GLU K 675 -64.62 -16.63 -17.53
CA GLU K 675 -63.85 -17.84 -17.26
C GLU K 675 -64.70 -19.09 -17.47
N THR K 676 -65.95 -19.06 -16.99
CA THR K 676 -66.84 -20.20 -17.19
C THR K 676 -67.14 -20.42 -18.66
N CYS K 677 -67.35 -19.33 -19.40
CA CYS K 677 -67.61 -19.46 -20.83
C CYS K 677 -66.40 -20.05 -21.56
N GLN K 678 -65.19 -19.62 -21.19
CA GLN K 678 -63.99 -20.14 -21.81
C GLN K 678 -63.82 -21.63 -21.51
N LYS K 679 -64.02 -22.03 -20.25
CA LYS K 679 -63.92 -23.45 -19.92
C LYS K 679 -65.01 -24.25 -20.60
N ASN K 680 -66.22 -23.71 -20.73
CA ASN K 680 -67.29 -24.42 -21.42
C ASN K 680 -66.97 -24.60 -22.89
N ALA K 681 -66.39 -23.57 -23.53
CA ALA K 681 -65.98 -23.71 -24.92
C ALA K 681 -64.89 -24.76 -25.06
N ALA K 682 -63.92 -24.77 -24.15
CA ALA K 682 -62.88 -25.78 -24.19
C ALA K 682 -63.45 -27.18 -24.03
N SER K 683 -64.40 -27.35 -23.10
CA SER K 683 -65.02 -28.66 -22.89
C SER K 683 -65.84 -29.09 -24.10
N ALA K 684 -66.53 -28.14 -24.74
CA ALA K 684 -67.29 -28.45 -25.95
C ALA K 684 -66.36 -28.89 -27.07
N LEU K 685 -65.21 -28.22 -27.22
CA LEU K 685 -64.22 -28.66 -28.20
C LEU K 685 -63.69 -30.04 -27.87
N LEU K 686 -63.49 -30.32 -26.57
CA LEU K 686 -63.04 -31.64 -26.15
C LEU K 686 -64.05 -32.71 -26.54
N VAL K 687 -65.34 -32.44 -26.32
CA VAL K 687 -66.38 -33.39 -26.71
C VAL K 687 -66.50 -33.47 -28.23
N GLY K 688 -66.47 -32.32 -28.90
CA GLY K 688 -66.50 -32.30 -30.35
C GLY K 688 -67.71 -31.62 -30.95
N ARG K 689 -68.26 -30.64 -30.23
CA ARG K 689 -69.41 -29.87 -30.70
C ARG K 689 -68.91 -28.52 -31.17
N LYS K 690 -68.75 -28.36 -32.49
CA LYS K 690 -68.27 -27.11 -33.05
C LYS K 690 -69.27 -25.98 -32.82
N ASP K 691 -70.57 -26.27 -32.97
CA ASP K 691 -71.59 -25.25 -32.74
C ASP K 691 -71.57 -24.79 -31.29
N LEU K 692 -71.37 -25.72 -30.35
CA LEU K 692 -71.27 -25.33 -28.95
C LEU K 692 -70.05 -24.46 -28.70
N VAL K 693 -68.94 -24.77 -29.37
CA VAL K 693 -67.74 -23.93 -29.23
C VAL K 693 -68.03 -22.51 -29.71
N GLN K 694 -68.67 -22.40 -30.88
CA GLN K 694 -68.99 -21.08 -31.41
C GLN K 694 -69.94 -20.33 -30.48
N VAL K 695 -70.98 -21.01 -29.98
CA VAL K 695 -71.95 -20.36 -29.12
C VAL K 695 -71.31 -19.91 -27.81
N TRP K 696 -70.42 -20.74 -27.25
CA TRP K 696 -69.76 -20.38 -26.00
C TRP K 696 -68.78 -19.24 -26.19
N SER K 697 -68.08 -19.18 -27.32
CA SER K 697 -67.25 -18.02 -27.60
C SER K 697 -68.09 -16.76 -27.77
N LEU K 698 -69.25 -16.88 -28.44
CA LEU K 698 -70.15 -15.74 -28.57
C LEU K 698 -70.63 -15.27 -27.20
N ALA K 699 -70.93 -16.20 -26.31
CA ALA K 699 -71.32 -15.84 -24.95
C ALA K 699 -70.16 -15.19 -24.19
N THR K 700 -68.94 -15.68 -24.42
CA THR K 700 -67.77 -15.07 -23.80
C THR K 700 -67.66 -13.60 -24.21
N VAL K 701 -67.86 -13.32 -25.49
CA VAL K 701 -67.76 -11.94 -25.97
C VAL K 701 -68.93 -11.10 -25.47
N ALA K 702 -70.14 -11.66 -25.50
CA ALA K 702 -71.35 -10.89 -25.25
C ALA K 702 -71.70 -10.77 -23.77
N THR K 703 -71.03 -11.50 -22.88
CA THR K 703 -71.28 -11.38 -21.45
C THR K 703 -70.16 -10.64 -20.73
N ASP K 704 -69.39 -9.83 -21.45
CA ASP K 704 -68.30 -9.08 -20.84
C ASP K 704 -68.84 -8.08 -19.84
N LEU K 705 -68.09 -7.90 -18.74
CA LEU K 705 -68.54 -7.03 -17.66
C LEU K 705 -68.53 -5.57 -18.03
N CYS K 706 -67.81 -5.19 -19.09
CA CYS K 706 -67.77 -3.79 -19.52
C CYS K 706 -68.99 -3.41 -20.36
N LEU K 707 -69.92 -4.34 -20.59
CA LEU K 707 -71.14 -4.07 -21.33
C LEU K 707 -72.35 -3.90 -20.43
N GLY K 708 -72.14 -3.78 -19.12
CA GLY K 708 -73.22 -3.58 -18.18
C GLY K 708 -74.02 -2.33 -18.48
N PRO K 709 -75.33 -2.47 -18.54
CA PRO K 709 -76.18 -1.31 -18.86
C PRO K 709 -76.15 -0.27 -17.76
N LYS K 710 -76.32 0.98 -18.15
CA LYS K 710 -76.36 2.09 -17.21
C LYS K 710 -77.79 2.31 -16.72
N SER K 711 -77.91 2.84 -15.50
CA SER K 711 -79.22 3.10 -14.93
C SER K 711 -79.98 4.14 -15.73
N ASP K 712 -79.31 5.20 -16.15
CA ASP K 712 -79.96 6.25 -16.93
C ASP K 712 -80.14 5.77 -18.37
N PRO K 713 -81.36 5.73 -18.90
CA PRO K 713 -81.54 5.28 -20.29
C PRO K 713 -80.97 6.24 -21.32
N ASP K 714 -80.70 7.49 -20.95
CA ASP K 714 -80.23 8.48 -21.90
C ASP K 714 -78.73 8.41 -22.15
N LEU K 715 -78.00 7.60 -21.39
CA LEU K 715 -76.53 7.59 -21.51
C LEU K 715 -76.10 6.83 -22.75
N GLU K 716 -76.61 5.62 -22.95
CA GLU K 716 -76.21 4.81 -24.10
C GLU K 716 -77.28 3.76 -24.36
N THR K 717 -77.25 3.21 -25.57
CA THR K 717 -78.15 2.13 -25.93
C THR K 717 -77.70 0.84 -25.26
N PRO K 718 -78.57 0.15 -24.52
CA PRO K 718 -78.15 -1.07 -23.83
C PRO K 718 -77.77 -2.16 -24.82
N TRP K 719 -76.85 -3.02 -24.38
CA TRP K 719 -76.42 -4.14 -25.21
C TRP K 719 -77.56 -5.09 -25.54
N ALA K 720 -78.59 -5.14 -24.69
CA ALA K 720 -79.75 -5.97 -25.01
C ALA K 720 -80.45 -5.48 -26.27
N ARG K 721 -80.59 -4.17 -26.42
CA ARG K 721 -81.19 -3.63 -27.64
C ARG K 721 -80.32 -3.82 -28.87
N HIS K 722 -79.02 -4.04 -28.67
CA HIS K 722 -78.14 -4.35 -29.79
C HIS K 722 -78.54 -5.68 -30.42
N PRO K 723 -78.51 -5.80 -31.74
CA PRO K 723 -78.91 -7.06 -32.38
C PRO K 723 -78.04 -8.24 -31.98
N PHE K 724 -76.82 -8.00 -31.49
CA PHE K 724 -75.96 -9.06 -30.98
C PHE K 724 -76.24 -9.39 -29.53
N GLY K 725 -77.25 -8.77 -28.92
CA GLY K 725 -77.61 -9.06 -27.55
C GLY K 725 -78.84 -9.91 -27.42
N ARG K 726 -79.99 -9.28 -27.16
CA ARG K 726 -81.22 -10.02 -26.96
C ARG K 726 -81.63 -10.78 -28.22
N GLN K 727 -81.45 -10.17 -29.39
CA GLN K 727 -81.80 -10.87 -30.63
C GLN K 727 -80.92 -12.08 -30.86
N LEU K 728 -79.60 -11.94 -30.61
CA LEU K 728 -78.70 -13.08 -30.68
C LEU K 728 -79.14 -14.20 -29.75
N LEU K 729 -79.40 -13.85 -28.48
CA LEU K 729 -79.76 -14.87 -27.50
C LEU K 729 -81.07 -15.54 -27.87
N GLU K 730 -82.05 -14.78 -28.35
CA GLU K 730 -83.32 -15.35 -28.75
C GLU K 730 -83.16 -16.28 -29.94
N SER K 731 -82.32 -15.90 -30.91
CA SER K 731 -82.08 -16.77 -32.07
C SER K 731 -81.41 -18.07 -31.64
N LEU K 732 -80.40 -17.99 -30.76
CA LEU K 732 -79.73 -19.19 -30.29
C LEU K 732 -80.69 -20.09 -29.50
N LEU K 733 -81.50 -19.48 -28.64
CA LEU K 733 -82.46 -20.25 -27.86
C LEU K 733 -83.49 -20.92 -28.76
N ALA K 734 -83.94 -20.21 -29.81
CA ALA K 734 -84.88 -20.80 -30.75
C ALA K 734 -84.24 -21.98 -31.49
N HIS K 735 -82.98 -21.83 -31.90
CA HIS K 735 -82.32 -22.92 -32.61
C HIS K 735 -82.17 -24.15 -31.73
N TYR K 736 -81.73 -23.98 -30.48
CA TYR K 736 -81.60 -25.14 -29.60
C TYR K 736 -82.93 -25.61 -29.02
N CYS K 737 -84.00 -24.82 -29.13
CA CYS K 737 -85.32 -25.35 -28.86
C CYS K 737 -85.80 -26.23 -30.01
N ARG K 738 -85.46 -25.84 -31.24
CA ARG K 738 -85.70 -26.71 -32.39
C ARG K 738 -84.91 -28.01 -32.24
N LEU K 739 -83.66 -27.92 -31.79
CA LEU K 739 -82.87 -29.11 -31.52
C LEU K 739 -83.23 -29.77 -30.19
N ARG K 740 -84.04 -29.11 -29.36
CA ARG K 740 -84.43 -29.63 -28.05
C ARG K 740 -83.20 -29.95 -27.19
N ASP K 741 -82.25 -29.03 -27.19
CA ASP K 741 -81.02 -29.17 -26.41
C ASP K 741 -81.22 -28.46 -25.08
N VAL K 742 -81.76 -29.19 -24.10
CA VAL K 742 -82.02 -28.61 -22.79
C VAL K 742 -80.72 -28.17 -22.14
N GLN K 743 -79.64 -28.92 -22.37
CA GLN K 743 -78.34 -28.58 -21.81
C GLN K 743 -77.91 -27.17 -22.20
N THR K 744 -77.80 -26.92 -23.50
CA THR K 744 -77.32 -25.62 -23.96
C THR K 744 -78.31 -24.51 -23.61
N LEU K 745 -79.61 -24.81 -23.66
CA LEU K 745 -80.61 -23.80 -23.30
C LEU K 745 -80.44 -23.36 -21.85
N ALA K 746 -80.35 -24.32 -20.93
CA ALA K 746 -80.16 -23.97 -19.52
C ALA K 746 -78.81 -23.28 -19.30
N MET K 747 -77.77 -23.73 -20.01
CA MET K 747 -76.46 -23.12 -19.85
C MET K 747 -76.49 -21.66 -20.25
N LEU K 748 -77.10 -21.35 -21.40
CA LEU K 748 -77.19 -19.97 -21.85
C LEU K 748 -78.08 -19.15 -20.93
N CYS K 749 -79.22 -19.70 -20.51
CA CYS K 749 -80.14 -18.96 -19.66
C CYS K 749 -79.58 -18.75 -18.26
N SER K 750 -78.56 -19.51 -17.87
CA SER K 750 -77.88 -19.24 -16.61
C SER K 750 -76.72 -18.27 -16.78
N VAL K 751 -75.94 -18.41 -17.85
CA VAL K 751 -74.81 -17.52 -18.09
C VAL K 751 -75.30 -16.09 -18.31
N PHE K 752 -76.35 -15.92 -19.11
CA PHE K 752 -76.85 -14.57 -19.39
C PHE K 752 -77.74 -14.05 -18.27
N GLU K 753 -78.08 -14.86 -17.28
CA GLU K 753 -78.81 -14.37 -16.11
C GLU K 753 -77.87 -13.99 -14.97
N ALA K 754 -76.74 -14.69 -14.83
CA ALA K 754 -75.77 -14.31 -13.80
C ALA K 754 -75.22 -12.92 -14.04
N GLN K 755 -75.06 -12.51 -15.31
CA GLN K 755 -74.66 -11.15 -15.60
C GLN K 755 -75.70 -10.16 -15.11
N SER K 756 -76.98 -10.49 -15.26
CA SER K 756 -78.05 -9.65 -14.73
C SER K 756 -78.09 -9.67 -13.21
N ARG K 757 -77.39 -10.61 -12.58
CA ARG K 757 -77.32 -10.72 -11.12
C ARG K 757 -78.70 -10.86 -10.49
N ARG K 837 -90.97 9.34 -16.58
CA ARG K 837 -89.74 9.20 -15.81
C ARG K 837 -89.64 7.82 -15.18
N GLU K 838 -90.50 7.56 -14.17
CA GLU K 838 -90.50 6.26 -13.52
C GLU K 838 -90.91 5.15 -14.50
N ARG K 839 -91.94 5.41 -15.31
CA ARG K 839 -92.35 4.42 -16.31
C ARG K 839 -91.24 4.18 -17.32
N GLU K 840 -90.58 5.24 -17.78
CA GLU K 840 -89.46 5.08 -18.71
C GLU K 840 -88.32 4.33 -18.06
N ARG K 841 -88.04 4.59 -16.78
CA ARG K 841 -86.98 3.87 -16.09
C ARG K 841 -87.30 2.39 -15.98
N ASP K 842 -88.54 2.05 -15.65
CA ASP K 842 -88.93 0.65 -15.57
C ASP K 842 -88.85 -0.03 -16.94
N GLN K 843 -89.28 0.67 -17.99
CA GLN K 843 -89.20 0.12 -19.33
C GLN K 843 -87.74 -0.10 -19.74
N HIS K 844 -86.86 0.83 -19.37
CA HIS K 844 -85.43 0.66 -19.65
C HIS K 844 -84.85 -0.51 -18.89
N ASP K 845 -85.26 -0.70 -17.64
CA ASP K 845 -84.80 -1.86 -16.87
C ASP K 845 -85.27 -3.14 -17.53
N LYS K 846 -86.50 -3.16 -18.04
CA LYS K 846 -86.99 -4.31 -18.78
C LYS K 846 -86.29 -4.50 -20.11
N ASN K 847 -85.76 -3.43 -20.70
CA ASN K 847 -85.14 -3.48 -22.02
C ASN K 847 -83.63 -3.65 -21.99
N LYS K 848 -83.01 -3.64 -20.81
CA LYS K 848 -81.56 -3.73 -20.71
C LYS K 848 -81.07 -5.12 -20.34
N ARG K 849 -81.94 -6.12 -20.37
CA ARG K 849 -81.60 -7.49 -20.01
C ARG K 849 -81.57 -8.35 -21.26
N LEU K 850 -80.47 -9.07 -21.47
CA LEU K 850 -80.34 -9.94 -22.62
C LEU K 850 -81.32 -11.10 -22.58
N LEU K 851 -81.84 -11.44 -21.40
CA LEU K 851 -82.90 -12.42 -21.26
C LEU K 851 -84.22 -11.69 -21.08
N ASP K 852 -85.20 -12.05 -21.89
CA ASP K 852 -86.48 -11.36 -21.89
C ASP K 852 -87.19 -11.55 -20.56
N PRO K 853 -87.50 -10.49 -19.82
CA PRO K 853 -88.22 -10.66 -18.55
C PRO K 853 -89.59 -11.29 -18.73
N ALA K 854 -90.24 -11.08 -19.87
CA ALA K 854 -91.55 -11.66 -20.13
C ALA K 854 -91.49 -13.14 -20.45
N ASN K 855 -90.33 -13.77 -20.32
CA ASN K 855 -90.19 -15.20 -20.61
C ASN K 855 -89.34 -15.91 -19.55
N THR K 856 -89.30 -15.35 -18.33
CA THR K 856 -88.49 -15.95 -17.29
C THR K 856 -89.02 -17.32 -16.89
N GLN K 857 -90.32 -17.56 -17.06
CA GLN K 857 -90.88 -18.88 -16.76
C GLN K 857 -90.27 -19.95 -17.65
N GLN K 858 -90.10 -19.66 -18.94
CA GLN K 858 -89.50 -20.63 -19.84
C GLN K 858 -88.04 -20.91 -19.48
N PHE K 859 -87.29 -19.87 -19.11
CA PHE K 859 -85.90 -20.06 -18.72
C PHE K 859 -85.80 -20.89 -17.44
N ASP K 860 -86.66 -20.62 -16.47
CA ASP K 860 -86.67 -21.41 -15.25
C ASP K 860 -87.07 -22.85 -15.53
N ASP K 861 -87.99 -23.07 -16.47
CA ASP K 861 -88.34 -24.43 -16.86
C ASP K 861 -87.14 -25.13 -17.52
N PHE K 862 -86.39 -24.41 -18.36
CA PHE K 862 -85.18 -24.96 -18.94
C PHE K 862 -84.21 -25.41 -17.85
N LYS K 863 -83.97 -24.53 -16.87
CA LYS K 863 -83.03 -24.85 -15.81
C LYS K 863 -83.53 -26.02 -14.96
N LYS K 864 -84.83 -26.06 -14.67
CA LYS K 864 -85.38 -27.17 -13.88
C LYS K 864 -85.27 -28.50 -14.62
N CYS K 865 -85.57 -28.50 -15.92
CA CYS K 865 -85.46 -29.73 -16.70
C CYS K 865 -84.01 -30.20 -16.78
N TYR K 866 -83.07 -29.27 -16.97
CA TYR K 866 -81.68 -29.67 -16.99
C TYR K 866 -81.20 -30.16 -15.62
N GLY K 867 -81.71 -29.56 -14.54
CA GLY K 867 -81.39 -30.07 -13.22
C GLY K 867 -81.92 -31.46 -13.00
N GLU K 868 -83.13 -31.74 -13.47
CA GLU K 868 -83.66 -33.10 -13.39
C GLU K 868 -82.82 -34.08 -14.20
N ILE K 869 -82.36 -33.66 -15.38
CA ILE K 869 -81.50 -34.51 -16.20
C ILE K 869 -80.19 -34.78 -15.46
N LEU K 870 -79.60 -33.75 -14.85
CA LEU K 870 -78.35 -33.93 -14.12
C LEU K 870 -78.54 -34.86 -12.93
N TYR K 871 -79.66 -34.73 -12.22
CA TYR K 871 -79.97 -35.64 -11.13
C TYR K 871 -80.12 -37.07 -11.64
N ARG K 872 -80.75 -37.22 -12.81
CA ARG K 872 -80.88 -38.54 -13.42
C ARG K 872 -79.51 -39.13 -13.74
N TRP K 873 -78.59 -38.30 -14.24
CA TRP K 873 -77.22 -38.76 -14.46
C TRP K 873 -76.54 -39.12 -13.15
N GLY K 874 -76.79 -38.35 -12.10
CA GLY K 874 -76.15 -38.55 -10.81
C GLY K 874 -75.32 -37.37 -10.33
N LEU K 875 -75.31 -36.26 -11.07
CA LEU K 875 -74.49 -35.10 -10.70
C LEU K 875 -75.35 -34.16 -9.86
N ARG K 876 -75.50 -34.52 -8.58
CA ARG K 876 -76.30 -33.70 -7.67
C ARG K 876 -75.65 -32.33 -7.47
N GLU K 877 -74.33 -32.28 -7.41
CA GLU K 877 -73.65 -30.99 -7.28
C GLU K 877 -73.89 -30.12 -8.50
N LYS K 878 -73.83 -30.70 -9.70
CA LYS K 878 -74.11 -29.93 -10.91
C LYS K 878 -75.56 -29.45 -10.95
N ARG K 879 -76.49 -30.32 -10.53
CA ARG K 879 -77.89 -29.91 -10.50
C ARG K 879 -78.12 -28.76 -9.54
N ALA K 880 -77.49 -28.82 -8.36
CA ALA K 880 -77.63 -27.73 -7.40
C ALA K 880 -76.98 -26.46 -7.92
N GLU K 881 -75.86 -26.59 -8.63
CA GLU K 881 -75.20 -25.41 -9.19
C GLU K 881 -76.08 -24.75 -10.26
N VAL K 882 -76.70 -25.56 -11.12
CA VAL K 882 -77.56 -25.00 -12.17
C VAL K 882 -78.80 -24.37 -11.56
N LEU K 883 -79.41 -25.03 -10.58
CA LEU K 883 -80.66 -24.55 -9.99
C LEU K 883 -80.50 -23.26 -9.21
N LYS K 884 -79.26 -22.85 -8.89
CA LYS K 884 -79.07 -21.59 -8.18
C LYS K 884 -79.35 -20.38 -9.07
N PHE K 885 -79.40 -20.58 -10.38
CA PHE K 885 -79.66 -19.49 -11.32
C PHE K 885 -81.14 -19.30 -11.60
N VAL K 886 -82.01 -20.15 -11.04
CA VAL K 886 -83.43 -20.00 -11.24
C VAL K 886 -83.93 -18.79 -10.45
N SER K 887 -84.69 -17.92 -11.12
CA SER K 887 -85.18 -16.72 -10.47
C SER K 887 -86.18 -17.05 -9.35
N CYS K 888 -87.16 -17.88 -9.65
CA CYS K 888 -88.15 -18.25 -8.64
C CYS K 888 -87.62 -19.44 -7.82
N PRO K 889 -87.56 -19.31 -6.48
CA PRO K 889 -87.10 -20.40 -5.62
C PRO K 889 -88.12 -21.53 -5.49
N PHE K 922 -76.46 -23.12 20.90
CA PHE K 922 -75.86 -24.38 20.46
C PHE K 922 -74.34 -24.26 20.43
N GLN K 923 -73.68 -24.91 21.38
CA GLN K 923 -72.23 -24.86 21.53
C GLN K 923 -71.65 -26.23 21.24
N CYS K 924 -70.54 -26.25 20.50
CA CYS K 924 -69.93 -27.53 20.10
C CYS K 924 -69.47 -28.31 21.32
N ALA K 925 -69.74 -29.61 21.30
CA ALA K 925 -69.30 -30.50 22.37
C ALA K 925 -67.80 -30.79 22.32
N ILE K 926 -67.11 -30.37 21.26
CA ILE K 926 -65.69 -30.62 21.09
C ILE K 926 -64.86 -29.37 21.33
N CYS K 927 -65.06 -28.33 20.53
CA CYS K 927 -64.28 -27.10 20.66
C CYS K 927 -64.87 -26.12 21.66
N HIS K 928 -66.10 -26.35 22.11
CA HIS K 928 -66.77 -25.47 23.08
C HIS K 928 -66.78 -24.02 22.60
N VAL K 929 -67.04 -23.85 21.30
CA VAL K 929 -67.24 -22.54 20.71
C VAL K 929 -68.66 -22.49 20.15
N ALA K 930 -69.25 -21.31 20.14
CA ALA K 930 -70.62 -21.16 19.66
C ALA K 930 -70.71 -21.62 18.21
N VAL K 931 -71.74 -22.41 17.91
CA VAL K 931 -71.93 -22.99 16.58
C VAL K 931 -73.08 -22.25 15.91
N ARG K 932 -72.80 -21.65 14.76
CA ARG K 932 -73.80 -20.90 14.01
C ARG K 932 -73.94 -21.34 12.56
N GLY K 933 -72.94 -21.99 11.98
CA GLY K 933 -73.05 -22.48 10.62
C GLY K 933 -73.54 -23.91 10.56
N SER K 934 -72.91 -24.74 9.74
CA SER K 934 -73.29 -26.14 9.64
C SER K 934 -73.05 -26.85 10.97
N SER K 935 -73.99 -27.73 11.34
CA SER K 935 -73.92 -28.39 12.63
C SER K 935 -74.60 -29.75 12.55
N ASN K 936 -74.03 -30.71 13.27
CA ASN K 936 -74.61 -32.05 13.40
C ASN K 936 -75.00 -32.27 14.86
N PHE K 937 -76.27 -32.62 15.08
CA PHE K 937 -76.77 -32.87 16.42
C PHE K 937 -77.42 -34.24 16.46
N CYS K 938 -76.98 -35.08 17.39
CA CYS K 938 -77.53 -36.43 17.48
C CYS K 938 -78.99 -36.39 17.92
N LEU K 939 -79.81 -37.23 17.28
CA LEU K 939 -81.22 -37.28 17.64
C LEU K 939 -81.43 -37.95 18.99
N THR K 940 -80.62 -38.97 19.30
CA THR K 940 -80.83 -39.75 20.52
C THR K 940 -80.48 -38.93 21.76
N CYS K 941 -79.31 -38.29 21.77
CA CYS K 941 -78.85 -37.57 22.95
C CYS K 941 -79.01 -36.06 22.84
N GLY K 942 -78.62 -35.46 21.72
CA GLY K 942 -78.81 -34.04 21.51
C GLY K 942 -77.58 -33.17 21.63
N HIS K 943 -76.39 -33.76 21.70
CA HIS K 943 -75.15 -33.00 21.79
C HIS K 943 -74.44 -33.02 20.44
N GLY K 944 -73.97 -31.88 20.01
CA GLY K 944 -73.31 -31.75 18.73
C GLY K 944 -72.43 -30.54 18.65
N GLY K 945 -72.38 -29.94 17.47
CA GLY K 945 -71.50 -28.79 17.23
C GLY K 945 -71.13 -28.70 15.76
N HIS K 946 -69.94 -28.14 15.52
CA HIS K 946 -69.49 -27.90 14.15
C HIS K 946 -69.34 -29.20 13.38
N THR K 947 -69.67 -29.15 12.09
CA THR K 947 -69.70 -30.36 11.27
C THR K 947 -68.32 -30.98 11.15
N SER K 948 -67.29 -30.17 10.90
CA SER K 948 -65.95 -30.70 10.75
C SER K 948 -65.46 -31.33 12.05
N HIS K 949 -65.89 -30.79 13.19
CA HIS K 949 -65.46 -31.33 14.48
C HIS K 949 -65.95 -32.76 14.66
N MET K 950 -67.24 -33.01 14.39
CA MET K 950 -67.74 -34.38 14.45
C MET K 950 -67.16 -35.25 13.34
N MET K 951 -66.88 -34.67 12.17
CA MET K 951 -66.26 -35.45 11.12
C MET K 951 -64.90 -35.98 11.55
N GLU K 952 -64.13 -35.16 12.26
CA GLU K 952 -62.84 -35.61 12.77
C GLU K 952 -63.00 -36.54 13.96
N TRP K 953 -63.96 -36.25 14.85
CA TRP K 953 -64.08 -36.98 16.11
C TRP K 953 -64.62 -38.39 15.89
N PHE K 954 -65.67 -38.53 15.08
CA PHE K 954 -66.32 -39.81 14.89
C PHE K 954 -65.57 -40.72 13.93
N ARG K 955 -64.58 -40.20 13.21
CA ARG K 955 -63.74 -41.06 12.38
C ARG K 955 -62.89 -42.01 13.22
N THR K 956 -62.66 -41.67 14.49
CA THR K 956 -61.89 -42.51 15.39
C THR K 956 -62.72 -43.06 16.54
N GLN K 957 -63.40 -42.19 17.28
CA GLN K 957 -64.21 -42.61 18.42
C GLN K 957 -65.60 -43.01 17.94
N GLU K 958 -66.41 -43.53 18.88
CA GLU K 958 -67.77 -43.97 18.57
C GLU K 958 -68.81 -43.42 19.53
N VAL K 959 -68.42 -42.86 20.67
CA VAL K 959 -69.36 -42.34 21.65
C VAL K 959 -69.45 -40.83 21.49
N CYS K 960 -70.45 -40.24 22.13
CA CYS K 960 -70.65 -38.80 22.04
C CYS K 960 -69.47 -38.08 22.69
N PRO K 961 -68.95 -37.01 22.10
CA PRO K 961 -67.75 -36.36 22.64
C PRO K 961 -67.96 -35.70 23.99
N THR K 962 -69.20 -35.54 24.45
CA THR K 962 -69.46 -34.96 25.76
C THR K 962 -69.51 -36.02 26.87
N GLY K 963 -69.26 -37.28 26.54
CA GLY K 963 -69.22 -38.33 27.54
C GLY K 963 -70.56 -38.89 27.94
N CYS K 964 -71.64 -38.54 27.25
CA CYS K 964 -72.95 -39.07 27.60
C CYS K 964 -73.09 -40.55 27.28
N GLY K 965 -72.16 -41.13 26.54
CA GLY K 965 -72.18 -42.55 26.23
C GLY K 965 -73.02 -42.95 25.05
N CYS K 966 -73.71 -42.00 24.41
CA CYS K 966 -74.54 -42.32 23.26
C CYS K 966 -73.68 -42.73 22.07
N HIS K 967 -73.99 -43.89 21.48
CA HIS K 967 -73.36 -44.32 20.24
C HIS K 967 -74.03 -43.56 19.10
N CYS K 968 -73.58 -42.32 18.90
CA CYS K 968 -74.26 -41.41 17.99
C CYS K 968 -74.19 -41.92 16.54
N LEU K 969 -73.07 -42.51 16.15
CA LEU K 969 -72.97 -43.04 14.79
C LEU K 969 -73.99 -44.15 14.55
N LEU K 970 -74.20 -45.02 15.53
CA LEU K 970 -75.15 -46.11 15.37
C LEU K 970 -76.59 -45.64 15.50
N GLU K 971 -76.85 -44.65 16.35
CA GLU K 971 -78.20 -44.24 16.70
C GLU K 971 -78.66 -42.99 15.96
N SER K 972 -77.85 -42.44 15.05
CA SER K 972 -78.23 -41.23 14.35
C SER K 972 -78.12 -41.41 12.84
N THR K 973 -77.14 -42.19 12.39
CA THR K 973 -76.95 -42.45 10.97
C THR K 973 -77.85 -43.61 10.51
N PHE K 974 -79.15 -43.36 10.59
CA PHE K 974 -80.14 -44.35 10.20
C PHE K 974 -80.25 -44.47 8.69
N MET L 1 -0.50 14.72 -56.10
CA MET L 1 -0.63 14.08 -54.80
C MET L 1 -1.96 13.33 -54.68
N PHE L 2 -1.87 12.05 -54.31
CA PHE L 2 -3.06 11.21 -54.20
C PHE L 2 -2.84 10.21 -53.09
N VAL L 3 -3.94 9.68 -52.56
CA VAL L 3 -3.90 8.70 -51.48
C VAL L 3 -4.75 7.50 -51.87
N ALA L 4 -4.41 6.35 -51.32
CA ALA L 4 -5.07 5.09 -51.65
C ALA L 4 -5.66 4.45 -50.39
N ARG L 5 -6.73 3.68 -50.59
CA ARG L 5 -7.36 2.94 -49.51
C ARG L 5 -8.13 1.78 -50.11
N SER L 6 -8.39 0.78 -49.28
CA SER L 6 -9.09 -0.42 -49.71
C SER L 6 -10.59 -0.29 -49.45
N ILE L 7 -11.38 -0.88 -50.34
CA ILE L 7 -12.83 -0.84 -50.25
C ILE L 7 -13.34 -2.18 -49.72
N ALA L 8 -14.27 -2.12 -48.78
CA ALA L 8 -14.86 -3.33 -48.19
C ALA L 8 -15.84 -3.98 -49.17
N ALA L 9 -15.28 -4.47 -50.27
CA ALA L 9 -16.03 -5.16 -51.31
C ALA L 9 -15.18 -6.34 -51.78
N ASP L 10 -15.59 -7.55 -51.44
CA ASP L 10 -14.81 -8.75 -51.70
C ASP L 10 -15.47 -9.59 -52.79
N HIS L 11 -14.65 -10.16 -53.67
CA HIS L 11 -15.12 -11.04 -54.72
C HIS L 11 -14.45 -12.40 -54.56
N LYS L 12 -15.23 -13.48 -54.74
CA LYS L 12 -14.67 -14.81 -54.63
C LYS L 12 -13.73 -15.15 -55.79
N ASP L 13 -13.75 -14.35 -56.86
CA ASP L 13 -12.92 -14.62 -58.02
C ASP L 13 -12.31 -13.30 -58.50
N LEU L 14 -11.56 -13.38 -59.59
CA LEU L 14 -10.81 -12.24 -60.09
C LEU L 14 -11.72 -11.28 -60.86
N ILE L 15 -11.64 -10.00 -60.53
CA ILE L 15 -12.41 -8.97 -61.22
C ILE L 15 -11.78 -8.68 -62.57
N HIS L 16 -12.62 -8.53 -63.59
CA HIS L 16 -12.13 -8.24 -64.94
C HIS L 16 -12.32 -6.80 -65.36
N ASP L 17 -13.36 -6.13 -64.87
CA ASP L 17 -13.58 -4.73 -65.19
C ASP L 17 -14.50 -4.10 -64.17
N VAL L 18 -14.15 -2.89 -63.73
CA VAL L 18 -14.96 -2.10 -62.82
C VAL L 18 -15.39 -0.83 -63.55
N SER L 19 -16.67 -0.49 -63.44
CA SER L 19 -17.21 0.65 -64.16
C SER L 19 -18.21 1.38 -63.28
N PHE L 20 -18.02 2.69 -63.12
CA PHE L 20 -18.94 3.53 -62.38
C PHE L 20 -20.12 3.94 -63.27
N ASP L 21 -21.14 4.49 -62.62
CA ASP L 21 -22.26 5.08 -63.34
C ASP L 21 -21.98 6.57 -63.54
N PHE L 22 -23.01 7.32 -63.96
CA PHE L 22 -22.82 8.74 -64.21
C PHE L 22 -22.47 9.50 -62.93
N HIS L 23 -23.15 9.18 -61.83
CA HIS L 23 -22.97 9.91 -60.57
C HIS L 23 -21.91 9.29 -59.68
N GLY L 24 -21.34 8.15 -60.05
CA GLY L 24 -20.37 7.50 -59.19
C GLY L 24 -20.96 6.84 -57.97
N ARG L 25 -22.29 6.70 -57.91
CA ARG L 25 -22.95 6.03 -56.79
C ARG L 25 -23.12 4.54 -57.00
N ARG L 26 -23.40 4.10 -58.21
CA ARG L 26 -23.51 2.68 -58.52
C ARG L 26 -22.17 2.18 -59.06
N MET L 27 -22.15 0.91 -59.44
CA MET L 27 -20.91 0.27 -59.89
C MET L 27 -21.30 -1.06 -60.53
N ALA L 28 -20.36 -1.62 -61.31
CA ALA L 28 -20.57 -2.90 -61.97
C ALA L 28 -19.23 -3.56 -62.16
N THR L 29 -19.02 -4.71 -61.51
CA THR L 29 -17.76 -5.44 -61.58
C THR L 29 -18.04 -6.84 -62.12
N CYS L 30 -17.39 -7.19 -63.22
CA CYS L 30 -17.47 -8.53 -63.77
C CYS L 30 -16.32 -9.37 -63.25
N SER L 31 -16.64 -10.53 -62.68
CA SER L 31 -15.64 -11.40 -62.09
C SER L 31 -15.30 -12.55 -63.02
N SER L 32 -14.31 -13.36 -62.61
CA SER L 32 -13.82 -14.45 -63.45
C SER L 32 -14.86 -15.55 -63.63
N ASP L 33 -15.85 -15.64 -62.75
CA ASP L 33 -16.89 -16.66 -62.85
C ASP L 33 -18.12 -16.18 -63.60
N GLN L 34 -17.95 -15.27 -64.56
CA GLN L 34 -19.03 -14.74 -65.38
C GLN L 34 -20.12 -14.08 -64.54
N SER L 35 -19.74 -13.56 -63.38
CA SER L 35 -20.67 -12.93 -62.45
C SER L 35 -20.49 -11.42 -62.51
N VAL L 36 -21.58 -10.70 -62.77
CA VAL L 36 -21.59 -9.25 -62.78
C VAL L 36 -22.24 -8.79 -61.49
N LYS L 37 -21.52 -7.99 -60.71
CA LYS L 37 -21.98 -7.53 -59.40
C LYS L 37 -22.18 -6.02 -59.45
N VAL L 38 -23.36 -5.57 -59.04
CA VAL L 38 -23.70 -4.15 -59.02
C VAL L 38 -23.64 -3.68 -57.57
N TRP L 39 -22.76 -2.72 -57.31
CA TRP L 39 -22.55 -2.19 -55.96
C TRP L 39 -23.11 -0.79 -55.88
N ASP L 40 -23.93 -0.53 -54.85
CA ASP L 40 -24.53 0.77 -54.62
C ASP L 40 -23.89 1.37 -53.37
N LYS L 41 -23.32 2.56 -53.51
CA LYS L 41 -22.71 3.23 -52.37
C LYS L 41 -23.80 3.78 -51.45
N SER L 42 -23.73 3.41 -50.17
CA SER L 42 -24.71 3.87 -49.21
C SER L 42 -24.51 5.35 -48.90
N GLU L 43 -25.49 5.93 -48.21
CA GLU L 43 -25.40 7.34 -47.82
C GLU L 43 -24.23 7.57 -46.90
N SER L 44 -23.94 6.60 -46.01
CA SER L 44 -22.79 6.71 -45.13
C SER L 44 -21.47 6.58 -45.87
N GLY L 45 -21.46 5.92 -47.02
CA GLY L 45 -20.24 5.75 -47.79
C GLY L 45 -19.72 4.32 -47.82
N ASP L 46 -20.64 3.35 -47.83
CA ASP L 46 -20.29 1.94 -47.83
C ASP L 46 -20.86 1.28 -49.08
N TRP L 47 -20.11 0.33 -49.63
CA TRP L 47 -20.49 -0.36 -50.85
C TRP L 47 -21.15 -1.69 -50.51
N HIS L 48 -22.36 -1.89 -51.00
CA HIS L 48 -23.12 -3.12 -50.78
C HIS L 48 -23.43 -3.75 -52.12
N CYS L 49 -23.19 -5.06 -52.22
CA CYS L 49 -23.48 -5.81 -53.45
C CYS L 49 -24.99 -6.01 -53.53
N THR L 50 -25.66 -5.14 -54.30
CA THR L 50 -27.11 -5.18 -54.43
C THR L 50 -27.58 -6.09 -55.54
N ALA L 51 -26.67 -6.70 -56.31
CA ALA L 51 -27.05 -7.59 -57.38
C ALA L 51 -25.85 -8.43 -57.77
N SER L 52 -26.12 -9.66 -58.19
CA SER L 52 -25.09 -10.59 -58.64
C SER L 52 -25.72 -11.76 -59.39
N TRP L 53 -25.22 -12.04 -60.60
CA TRP L 53 -25.80 -13.10 -61.41
C TRP L 53 -24.79 -13.52 -62.46
N LYS L 54 -25.00 -14.72 -63.00
CA LYS L 54 -24.21 -15.18 -64.14
C LYS L 54 -24.81 -14.66 -65.43
N THR L 55 -23.95 -14.25 -66.36
CA THR L 55 -24.38 -13.55 -67.56
C THR L 55 -24.17 -14.38 -68.83
N HIS L 56 -22.93 -14.81 -69.09
CA HIS L 56 -22.59 -15.46 -70.34
C HIS L 56 -21.89 -16.78 -70.07
N SER L 57 -21.97 -17.68 -71.07
CA SER L 57 -21.23 -18.93 -70.97
C SER L 57 -19.72 -18.69 -70.95
N GLY L 58 -19.24 -17.80 -71.82
CA GLY L 58 -17.84 -17.45 -71.84
C GLY L 58 -17.49 -16.36 -70.86
N SER L 59 -16.19 -16.10 -70.74
CA SER L 59 -15.71 -15.09 -69.81
C SER L 59 -16.17 -13.69 -70.23
N VAL L 60 -16.35 -12.82 -69.24
CA VAL L 60 -16.82 -11.46 -69.47
C VAL L 60 -15.63 -10.52 -69.32
N TRP L 61 -15.34 -9.78 -70.40
CA TRP L 61 -14.19 -8.87 -70.37
C TRP L 61 -14.55 -7.53 -69.76
N ARG L 62 -15.57 -6.86 -70.29
CA ARG L 62 -15.95 -5.53 -69.85
C ARG L 62 -17.44 -5.47 -69.57
N VAL L 63 -17.79 -4.73 -68.53
CA VAL L 63 -19.18 -4.34 -68.25
C VAL L 63 -19.23 -2.82 -68.16
N THR L 64 -20.20 -2.21 -68.84
CA THR L 64 -20.25 -0.77 -68.95
C THR L 64 -21.64 -0.25 -68.59
N TRP L 65 -21.68 0.95 -68.04
CA TRP L 65 -22.93 1.60 -67.65
C TRP L 65 -23.48 2.45 -68.79
N ALA L 66 -24.73 2.86 -68.63
CA ALA L 66 -25.39 3.76 -69.56
C ALA L 66 -25.91 4.97 -68.79
N HIS L 67 -26.22 6.04 -69.52
CA HIS L 67 -26.66 7.26 -68.88
C HIS L 67 -27.99 7.03 -68.16
N PRO L 68 -28.17 7.61 -66.97
CA PRO L 68 -29.43 7.38 -66.23
C PRO L 68 -30.65 7.90 -66.94
N GLU L 69 -30.50 8.79 -67.93
CA GLU L 69 -31.64 9.24 -68.71
C GLU L 69 -32.34 8.07 -69.39
N PHE L 70 -31.60 7.02 -69.71
CA PHE L 70 -32.15 5.81 -70.30
C PHE L 70 -32.40 4.73 -69.26
N GLY L 71 -32.34 5.07 -67.98
CA GLY L 71 -32.51 4.10 -66.92
C GLY L 71 -31.21 3.40 -66.56
N GLN L 72 -31.26 2.66 -65.46
CA GLN L 72 -30.10 1.90 -65.00
C GLN L 72 -29.88 0.75 -65.95
N VAL L 73 -28.94 0.92 -66.88
CA VAL L 73 -28.71 -0.03 -67.96
C VAL L 73 -27.24 -0.40 -67.98
N LEU L 74 -26.96 -1.69 -68.07
CA LEU L 74 -25.61 -2.21 -68.21
C LEU L 74 -25.41 -2.83 -69.59
N ALA L 75 -24.17 -3.21 -69.87
CA ALA L 75 -23.84 -3.91 -71.10
C ALA L 75 -22.53 -4.65 -70.89
N SER L 76 -22.52 -5.95 -71.14
CA SER L 76 -21.37 -6.79 -70.87
C SER L 76 -20.96 -7.51 -72.15
N CYS L 77 -19.75 -7.21 -72.62
CA CYS L 77 -19.15 -7.97 -73.71
C CYS L 77 -18.49 -9.22 -73.13
N SER L 78 -18.55 -10.31 -73.90
CA SER L 78 -18.07 -11.60 -73.42
C SER L 78 -17.35 -12.33 -74.54
N PHE L 79 -16.77 -13.48 -74.18
CA PHE L 79 -16.02 -14.31 -75.12
C PHE L 79 -16.93 -15.12 -76.05
N ASP L 80 -18.22 -15.24 -75.72
CA ASP L 80 -19.13 -16.08 -76.48
C ASP L 80 -19.85 -15.30 -77.59
N ARG L 81 -19.21 -14.26 -78.13
CA ARG L 81 -19.72 -13.52 -79.28
C ARG L 81 -21.07 -12.87 -78.99
N THR L 82 -21.28 -12.44 -77.76
CA THR L 82 -22.52 -11.79 -77.35
C THR L 82 -22.21 -10.55 -76.53
N ALA L 83 -23.17 -9.62 -76.52
CA ALA L 83 -23.08 -8.41 -75.71
C ALA L 83 -24.49 -8.13 -75.17
N ALA L 84 -24.76 -8.66 -73.98
CA ALA L 84 -26.08 -8.48 -73.38
C ALA L 84 -26.27 -7.06 -72.89
N VAL L 85 -27.53 -6.67 -72.76
CA VAL L 85 -27.91 -5.34 -72.26
C VAL L 85 -28.86 -5.55 -71.09
N TRP L 86 -28.38 -5.31 -69.89
CA TRP L 86 -29.13 -5.55 -68.66
C TRP L 86 -29.77 -4.26 -68.18
N GLU L 87 -31.09 -4.27 -68.00
CA GLU L 87 -31.82 -3.14 -67.47
C GLU L 87 -32.36 -3.50 -66.09
N GLU L 88 -32.08 -2.65 -65.11
CA GLU L 88 -32.51 -2.90 -63.74
C GLU L 88 -34.00 -2.60 -63.61
N ILE L 89 -34.76 -3.55 -63.06
CA ILE L 89 -36.16 -3.38 -62.77
C ILE L 89 -36.40 -3.83 -61.33
N VAL L 90 -37.24 -3.08 -60.61
CA VAL L 90 -37.51 -3.34 -59.20
C VAL L 90 -39.02 -3.47 -59.01
N GLY L 91 -39.42 -4.43 -58.18
CA GLY L 91 -40.83 -4.66 -57.90
C GLY L 91 -41.07 -5.22 -56.51
N GLY L 99 -37.34 -2.07 -52.11
CA GLY L 99 -37.52 -3.03 -53.19
C GLY L 99 -36.24 -3.74 -53.58
N GLN L 100 -36.35 -5.06 -53.81
CA GLN L 100 -35.20 -5.86 -54.18
C GLN L 100 -34.84 -5.63 -55.64
N SER L 101 -33.56 -5.36 -55.90
CA SER L 101 -33.10 -5.17 -57.28
C SER L 101 -33.13 -6.50 -58.03
N HIS L 102 -33.58 -6.45 -59.28
CA HIS L 102 -33.67 -7.63 -60.14
C HIS L 102 -33.29 -7.23 -61.55
N TRP L 103 -32.01 -7.41 -61.89
CA TRP L 103 -31.54 -7.04 -63.22
C TRP L 103 -32.01 -8.07 -64.25
N VAL L 104 -32.58 -7.58 -65.35
CA VAL L 104 -33.19 -8.44 -66.37
C VAL L 104 -32.50 -8.13 -67.70
N LYS L 105 -32.06 -9.19 -68.37
CA LYS L 105 -31.49 -9.04 -69.71
C LYS L 105 -32.58 -8.59 -70.69
N ARG L 106 -32.27 -7.60 -71.51
CA ARG L 106 -33.22 -7.10 -72.49
C ARG L 106 -32.96 -7.62 -73.89
N THR L 107 -31.70 -7.83 -74.26
CA THR L 107 -31.38 -8.32 -75.60
C THR L 107 -30.03 -9.01 -75.55
N THR L 108 -29.77 -9.81 -76.59
CA THR L 108 -28.50 -10.51 -76.75
C THR L 108 -28.03 -10.29 -78.18
N LEU L 109 -27.05 -9.41 -78.35
CA LEU L 109 -26.54 -9.05 -79.67
C LEU L 109 -25.56 -10.14 -80.12
N VAL L 110 -26.08 -11.10 -80.90
CA VAL L 110 -25.29 -12.25 -81.33
C VAL L 110 -24.73 -12.07 -82.73
N ASP L 111 -24.78 -10.84 -83.27
CA ASP L 111 -24.32 -10.61 -84.64
C ASP L 111 -22.81 -10.79 -84.78
N SER L 112 -22.06 -10.76 -83.70
CA SER L 112 -20.61 -10.92 -83.76
C SER L 112 -20.24 -12.38 -83.99
N ARG L 113 -19.25 -12.60 -84.85
CA ARG L 113 -18.76 -13.94 -85.14
C ARG L 113 -17.53 -14.32 -84.34
N THR L 114 -16.95 -13.38 -83.59
CA THR L 114 -15.78 -13.65 -82.78
C THR L 114 -15.99 -13.04 -81.40
N SER L 115 -15.00 -13.21 -80.53
CA SER L 115 -15.09 -12.71 -79.17
C SER L 115 -15.23 -11.19 -79.17
N VAL L 116 -16.19 -10.68 -78.39
CA VAL L 116 -16.43 -9.25 -78.29
C VAL L 116 -15.49 -8.71 -77.21
N THR L 117 -14.44 -8.03 -77.65
CA THR L 117 -13.39 -7.59 -76.73
C THR L 117 -13.81 -6.41 -75.87
N ASP L 118 -14.61 -5.49 -76.41
CA ASP L 118 -15.01 -4.31 -75.65
C ASP L 118 -16.37 -3.82 -76.13
N VAL L 119 -17.15 -3.31 -75.18
CA VAL L 119 -18.45 -2.72 -75.46
C VAL L 119 -18.49 -1.34 -74.80
N LYS L 120 -18.97 -0.34 -75.54
CA LYS L 120 -19.03 1.03 -75.04
C LYS L 120 -20.36 1.66 -75.44
N PHE L 121 -20.98 2.37 -74.50
CA PHE L 121 -22.18 3.12 -74.79
C PHE L 121 -21.84 4.48 -75.38
N ALA L 122 -22.58 4.87 -76.41
CA ALA L 122 -22.35 6.15 -77.05
C ALA L 122 -22.76 7.29 -76.13
N PRO L 123 -22.23 8.49 -76.37
CA PRO L 123 -22.62 9.65 -75.55
C PRO L 123 -24.11 9.92 -75.65
N LYS L 124 -24.66 10.49 -74.57
CA LYS L 124 -26.10 10.66 -74.44
C LYS L 124 -26.68 11.50 -75.58
N HIS L 125 -25.91 12.45 -76.11
CA HIS L 125 -26.43 13.31 -77.18
C HIS L 125 -26.67 12.56 -78.48
N MET L 126 -26.18 11.32 -78.59
CA MET L 126 -26.39 10.49 -79.77
C MET L 126 -27.54 9.51 -79.58
N GLY L 127 -28.35 9.68 -78.55
CA GLY L 127 -29.35 8.69 -78.23
C GLY L 127 -28.73 7.49 -77.54
N LEU L 128 -29.50 6.41 -77.48
CA LEU L 128 -29.04 5.18 -76.85
C LEU L 128 -28.40 4.30 -77.92
N MET L 129 -27.11 4.51 -78.14
CA MET L 129 -26.35 3.71 -79.09
C MET L 129 -25.27 2.92 -78.35
N LEU L 130 -24.94 1.76 -78.90
CA LEU L 130 -23.97 0.85 -78.31
C LEU L 130 -23.03 0.36 -79.39
N ALA L 131 -21.75 0.22 -79.04
CA ALA L 131 -20.72 -0.19 -79.98
C ALA L 131 -19.95 -1.37 -79.42
N THR L 132 -19.70 -2.36 -80.27
CA THR L 132 -18.97 -3.56 -79.90
C THR L 132 -17.81 -3.77 -80.87
N CYS L 133 -16.63 -4.06 -80.33
CA CYS L 133 -15.46 -4.42 -81.12
C CYS L 133 -15.19 -5.91 -80.94
N SER L 134 -14.94 -6.60 -82.04
CA SER L 134 -14.76 -8.04 -82.04
C SER L 134 -13.38 -8.40 -82.57
N ALA L 135 -12.95 -9.63 -82.26
CA ALA L 135 -11.63 -10.09 -82.66
C ALA L 135 -11.50 -10.30 -84.17
N ASP L 136 -12.61 -10.33 -84.90
CA ASP L 136 -12.55 -10.51 -86.34
C ASP L 136 -12.18 -9.24 -87.09
N GLY L 137 -12.16 -8.10 -86.41
CA GLY L 137 -11.89 -6.83 -87.06
C GLY L 137 -13.12 -6.03 -87.45
N ILE L 138 -14.25 -6.25 -86.79
CA ILE L 138 -15.51 -5.61 -87.13
C ILE L 138 -16.01 -4.84 -85.92
N VAL L 139 -16.38 -3.58 -86.14
CA VAL L 139 -16.98 -2.73 -85.12
C VAL L 139 -18.43 -2.50 -85.52
N ARG L 140 -19.36 -2.87 -84.66
CA ARG L 140 -20.78 -2.80 -84.94
C ARG L 140 -21.43 -1.83 -83.97
N ILE L 141 -22.24 -0.93 -84.51
CA ILE L 141 -22.90 0.12 -83.74
C ILE L 141 -24.39 -0.19 -83.72
N TYR L 142 -24.91 -0.54 -82.55
CA TYR L 142 -26.33 -0.82 -82.38
C TYR L 142 -27.04 0.38 -81.80
N GLU L 143 -28.32 0.54 -82.16
CA GLU L 143 -29.12 1.66 -81.73
C GLU L 143 -30.53 1.17 -81.42
N ALA L 144 -31.12 1.72 -80.37
CA ALA L 144 -32.51 1.42 -80.01
C ALA L 144 -33.37 2.63 -80.34
N PRO L 145 -34.18 2.58 -81.39
CA PRO L 145 -35.00 3.75 -81.75
C PRO L 145 -35.96 4.17 -80.64
N ASP L 146 -36.50 3.23 -79.88
CA ASP L 146 -37.39 3.51 -78.77
C ASP L 146 -36.66 3.20 -77.48
N VAL L 147 -36.40 4.22 -76.67
CA VAL L 147 -35.72 4.02 -75.39
C VAL L 147 -36.60 3.19 -74.45
N MET L 148 -37.92 3.26 -74.63
CA MET L 148 -38.82 2.47 -73.79
C MET L 148 -38.58 0.98 -73.97
N ASN L 149 -38.43 0.54 -75.22
CA ASN L 149 -38.32 -0.87 -75.54
C ASN L 149 -36.85 -1.20 -75.79
N LEU L 150 -36.17 -1.63 -74.73
CA LEU L 150 -34.78 -2.07 -74.85
C LEU L 150 -34.67 -3.52 -75.31
N SER L 151 -35.80 -4.21 -75.48
CA SER L 151 -35.76 -5.58 -75.97
C SER L 151 -35.43 -5.65 -77.46
N GLN L 152 -35.60 -4.56 -78.18
CA GLN L 152 -35.33 -4.51 -79.62
C GLN L 152 -34.16 -3.57 -79.90
N TRP L 153 -33.22 -4.03 -80.71
CA TRP L 153 -32.08 -3.22 -81.12
C TRP L 153 -31.82 -3.46 -82.60
N SER L 154 -31.34 -2.42 -83.27
CA SER L 154 -31.04 -2.48 -84.70
C SER L 154 -29.56 -2.19 -84.92
N LEU L 155 -28.99 -2.85 -85.94
CA LEU L 155 -27.60 -2.63 -86.31
C LEU L 155 -27.56 -1.65 -87.47
N GLN L 156 -27.11 -0.42 -87.20
CA GLN L 156 -27.11 0.63 -88.21
C GLN L 156 -25.80 0.63 -89.02
N HIS L 157 -24.67 0.78 -88.35
CA HIS L 157 -23.37 0.90 -89.00
C HIS L 157 -22.49 -0.27 -88.64
N GLU L 158 -21.91 -0.92 -89.64
CA GLU L 158 -20.93 -1.99 -89.46
C GLU L 158 -19.64 -1.56 -90.13
N ILE L 159 -18.55 -1.55 -89.36
CA ILE L 159 -17.28 -1.01 -89.81
C ILE L 159 -16.24 -2.12 -89.81
N SER L 160 -15.52 -2.24 -90.92
CA SER L 160 -14.44 -3.22 -91.05
C SER L 160 -13.11 -2.53 -90.74
N CYS L 161 -12.37 -3.08 -89.77
CA CYS L 161 -11.11 -2.50 -89.34
C CYS L 161 -9.89 -3.19 -89.92
N LYS L 162 -10.05 -4.39 -90.48
CA LYS L 162 -9.01 -5.21 -91.09
C LYS L 162 -7.97 -5.70 -90.08
N LEU L 163 -8.10 -5.36 -88.80
CA LEU L 163 -7.22 -5.84 -87.76
C LEU L 163 -8.05 -6.24 -86.55
N SER L 164 -7.52 -7.18 -85.77
CA SER L 164 -8.27 -7.71 -84.63
C SER L 164 -8.54 -6.63 -83.60
N CYS L 165 -9.78 -6.16 -83.54
CA CYS L 165 -10.14 -5.10 -82.62
C CYS L 165 -10.12 -5.61 -81.18
N SER L 166 -9.56 -4.79 -80.30
CA SER L 166 -9.49 -5.11 -78.88
C SER L 166 -10.07 -4.05 -77.97
N CYS L 167 -10.33 -2.84 -78.48
CA CYS L 167 -10.72 -1.74 -77.64
C CYS L 167 -11.31 -0.62 -78.49
N ILE L 168 -12.31 0.07 -77.94
CA ILE L 168 -12.95 1.21 -78.59
C ILE L 168 -13.18 2.31 -77.56
N SER L 169 -13.46 3.50 -78.06
CA SER L 169 -13.77 4.64 -77.19
C SER L 169 -14.52 5.68 -78.01
N TRP L 170 -15.73 6.02 -77.58
CA TRP L 170 -16.48 7.09 -78.22
C TRP L 170 -15.87 8.44 -77.88
N ASN L 171 -16.15 9.43 -78.74
CA ASN L 171 -15.76 10.80 -78.47
C ASN L 171 -16.86 11.46 -77.66
N PRO L 172 -16.62 11.84 -76.40
CA PRO L 172 -17.70 12.34 -75.55
C PRO L 172 -18.18 13.75 -75.91
N SER L 173 -17.58 14.40 -76.91
CA SER L 173 -17.98 15.74 -77.27
C SER L 173 -19.44 15.78 -77.69
N SER L 174 -20.20 16.71 -77.11
CA SER L 174 -21.60 16.89 -77.44
C SER L 174 -21.86 18.15 -78.24
N SER L 175 -20.80 18.83 -78.70
CA SER L 175 -20.96 20.04 -79.48
C SER L 175 -21.49 19.71 -80.87
N ARG L 176 -22.13 20.69 -81.49
CA ARG L 176 -22.66 20.53 -82.84
C ARG L 176 -21.57 20.63 -83.91
N ALA L 177 -20.39 21.11 -83.56
CA ALA L 177 -19.27 21.23 -84.51
C ALA L 177 -18.40 19.99 -84.55
N HIS L 178 -18.66 18.99 -83.71
CA HIS L 178 -17.91 17.75 -83.67
C HIS L 178 -18.82 16.61 -84.09
N SER L 179 -18.55 16.03 -85.27
CA SER L 179 -19.31 14.89 -85.72
C SER L 179 -19.03 13.68 -84.83
N PRO L 180 -19.96 12.74 -84.75
CA PRO L 180 -19.73 11.54 -83.93
C PRO L 180 -18.46 10.81 -84.38
N MET L 181 -17.71 10.32 -83.40
CA MET L 181 -16.39 9.76 -83.64
C MET L 181 -16.19 8.52 -82.78
N ILE L 182 -15.51 7.53 -83.33
CA ILE L 182 -15.15 6.32 -82.61
C ILE L 182 -13.74 5.92 -82.99
N ALA L 183 -12.94 5.53 -82.00
CA ALA L 183 -11.56 5.12 -82.20
C ALA L 183 -11.40 3.66 -81.79
N VAL L 184 -10.80 2.86 -82.67
CA VAL L 184 -10.67 1.42 -82.46
C VAL L 184 -9.19 1.06 -82.42
N GLY L 185 -8.80 0.29 -81.40
CA GLY L 185 -7.46 -0.22 -81.29
C GLY L 185 -7.38 -1.70 -81.65
N SER L 186 -6.14 -2.15 -81.86
CA SER L 186 -5.88 -3.53 -82.24
C SER L 186 -4.78 -4.11 -81.36
N ASP L 187 -4.82 -5.42 -81.17
CA ASP L 187 -3.88 -6.11 -80.30
C ASP L 187 -3.07 -7.18 -81.02
N ASP L 188 -3.13 -7.23 -82.35
CA ASP L 188 -2.39 -8.24 -83.11
C ASP L 188 -0.92 -7.86 -83.23
N MET L 194 1.99 -2.44 -88.83
CA MET L 194 1.01 -1.48 -89.31
C MET L 194 0.40 -0.70 -88.15
N ALA L 195 -0.35 0.35 -88.48
CA ALA L 195 -1.00 1.17 -87.46
C ALA L 195 -2.10 0.38 -86.77
N LYS L 196 -2.22 0.57 -85.46
CA LYS L 196 -3.16 -0.20 -84.65
C LYS L 196 -4.38 0.60 -84.22
N VAL L 197 -4.34 1.93 -84.30
CA VAL L 197 -5.46 2.78 -83.89
C VAL L 197 -6.08 3.38 -85.14
N GLN L 198 -7.35 3.05 -85.38
CA GLN L 198 -8.14 3.62 -86.46
C GLN L 198 -9.27 4.44 -85.89
N ILE L 199 -9.42 5.66 -86.39
CA ILE L 199 -10.41 6.61 -85.88
C ILE L 199 -11.44 6.85 -86.97
N PHE L 200 -12.70 6.55 -86.68
CA PHE L 200 -13.79 6.70 -87.62
C PHE L 200 -14.68 7.86 -87.22
N GLU L 201 -15.06 8.68 -88.20
CA GLU L 201 -15.89 9.86 -87.97
C GLU L 201 -17.19 9.70 -88.75
N TYR L 202 -18.31 9.97 -88.07
CA TYR L 202 -19.61 9.92 -88.74
C TYR L 202 -19.70 10.98 -89.82
N ASN L 203 -20.22 10.58 -90.97
CA ASN L 203 -20.37 11.47 -92.13
C ASN L 203 -21.85 11.73 -92.33
N GLU L 204 -22.29 12.95 -91.99
CA GLU L 204 -23.69 13.31 -92.17
C GLU L 204 -24.11 13.33 -93.63
N ASN L 205 -23.17 13.52 -94.55
CA ASN L 205 -23.51 13.56 -95.97
C ASN L 205 -23.90 12.18 -96.49
N THR L 206 -23.29 11.12 -95.99
CA THR L 206 -23.52 9.77 -96.49
C THR L 206 -24.17 8.85 -95.47
N ARG L 207 -24.49 9.33 -94.27
CA ARG L 207 -25.06 8.51 -93.19
C ARG L 207 -24.19 7.30 -92.87
N LYS L 208 -22.88 7.46 -92.95
CA LYS L 208 -21.97 6.34 -92.74
C LYS L 208 -20.74 6.82 -91.97
N TYR L 209 -20.06 5.86 -91.34
CA TYR L 209 -18.82 6.14 -90.62
C TYR L 209 -17.64 5.97 -91.58
N ALA L 210 -16.89 7.05 -91.78
CA ALA L 210 -15.75 7.06 -92.68
C ALA L 210 -14.47 7.20 -91.87
N LYS L 211 -13.48 6.35 -92.19
CA LYS L 211 -12.19 6.41 -91.52
C LYS L 211 -11.55 7.77 -91.73
N ALA L 212 -11.41 8.54 -90.65
CA ALA L 212 -10.92 9.91 -90.75
C ALA L 212 -9.40 9.97 -90.66
N GLU L 213 -8.83 9.49 -89.56
CA GLU L 213 -7.39 9.39 -89.42
C GLU L 213 -7.01 8.05 -88.83
N THR L 214 -5.79 7.61 -89.13
CA THR L 214 -5.23 6.38 -88.60
C THR L 214 -3.88 6.70 -87.96
N LEU L 215 -3.73 6.33 -86.69
CA LEU L 215 -2.53 6.69 -85.92
C LEU L 215 -1.36 5.82 -86.39
N MET L 216 -0.72 6.27 -87.46
CA MET L 216 0.42 5.54 -88.01
C MET L 216 1.59 5.49 -87.03
N THR L 217 1.72 6.52 -86.18
CA THR L 217 2.82 6.55 -85.23
C THR L 217 2.73 5.46 -84.17
N VAL L 218 1.56 4.84 -84.02
CA VAL L 218 1.36 3.76 -83.04
C VAL L 218 1.37 2.44 -83.80
N THR L 219 2.36 1.60 -83.52
CA THR L 219 2.50 0.30 -84.16
C THR L 219 2.46 -0.87 -83.19
N ASP L 220 2.75 -0.66 -81.91
CA ASP L 220 2.65 -1.72 -80.93
C ASP L 220 1.18 -2.05 -80.68
N PRO L 221 0.88 -3.28 -80.25
CA PRO L 221 -0.52 -3.65 -80.01
C PRO L 221 -1.16 -2.76 -78.95
N VAL L 222 -2.42 -2.41 -79.19
CA VAL L 222 -3.18 -1.53 -78.32
C VAL L 222 -4.08 -2.37 -77.43
N HIS L 223 -3.96 -2.18 -76.12
CA HIS L 223 -4.79 -2.93 -75.17
C HIS L 223 -6.01 -2.15 -74.72
N ASP L 224 -5.96 -0.82 -74.75
CA ASP L 224 -7.12 -0.01 -74.42
C ASP L 224 -6.96 1.36 -75.06
N ILE L 225 -8.09 2.05 -75.22
CA ILE L 225 -8.12 3.41 -75.75
C ILE L 225 -9.21 4.15 -74.99
N ALA L 226 -9.00 5.45 -74.81
CA ALA L 226 -9.96 6.26 -74.05
C ALA L 226 -9.87 7.70 -74.51
N PHE L 227 -10.93 8.21 -75.11
CA PHE L 227 -11.02 9.63 -75.39
C PHE L 227 -11.20 10.41 -74.09
N ALA L 228 -10.96 11.70 -74.16
CA ALA L 228 -11.16 12.51 -72.96
C ALA L 228 -12.42 13.35 -73.11
N PRO L 229 -13.14 13.58 -72.01
CA PRO L 229 -14.31 14.47 -72.09
C PRO L 229 -13.91 15.83 -72.63
N ASN L 230 -14.59 16.25 -73.71
CA ASN L 230 -14.20 17.46 -74.41
C ASN L 230 -14.24 18.67 -73.49
N LEU L 231 -15.34 18.83 -72.75
CA LEU L 231 -15.47 19.87 -71.74
C LEU L 231 -15.23 21.27 -72.32
N GLY L 232 -15.64 21.48 -73.57
CA GLY L 232 -15.50 22.77 -74.20
C GLY L 232 -14.17 23.03 -74.89
N ARG L 233 -13.25 22.07 -74.87
CA ARG L 233 -11.97 22.28 -75.55
C ARG L 233 -12.16 22.27 -77.06
N SER L 234 -11.21 22.89 -77.75
CA SER L 234 -11.23 22.93 -79.20
C SER L 234 -10.67 21.67 -79.85
N PHE L 235 -9.99 20.81 -79.09
CA PHE L 235 -9.37 19.62 -79.62
C PHE L 235 -9.74 18.42 -78.76
N HIS L 236 -9.67 17.24 -79.37
CA HIS L 236 -9.96 15.99 -78.68
C HIS L 236 -8.65 15.35 -78.21
N ILE L 237 -8.65 14.88 -76.96
CA ILE L 237 -7.48 14.26 -76.36
C ILE L 237 -7.71 12.77 -76.33
N LEU L 238 -6.79 12.02 -76.92
CA LEU L 238 -6.89 10.56 -77.02
C LEU L 238 -5.75 9.92 -76.25
N ALA L 239 -6.08 8.90 -75.45
CA ALA L 239 -5.10 8.17 -74.66
C ALA L 239 -5.04 6.73 -75.16
N ILE L 240 -3.84 6.27 -75.53
CA ILE L 240 -3.63 4.94 -76.07
C ILE L 240 -2.94 4.10 -75.01
N ALA L 241 -3.43 2.88 -74.80
CA ALA L 241 -2.81 1.93 -73.89
C ALA L 241 -2.00 0.93 -74.71
N THR L 242 -0.68 1.04 -74.63
CA THR L 242 0.24 0.21 -75.39
C THR L 242 1.39 -0.16 -74.46
N LYS L 243 2.51 -0.59 -75.03
CA LYS L 243 3.73 -0.76 -74.25
C LYS L 243 4.13 0.53 -73.53
N ASP L 244 3.57 1.67 -73.91
CA ASP L 244 3.80 2.94 -73.24
C ASP L 244 2.54 3.79 -73.36
N VAL L 245 2.26 4.58 -72.33
CA VAL L 245 1.11 5.47 -72.37
C VAL L 245 1.35 6.58 -73.39
N ARG L 246 0.40 6.77 -74.30
CA ARG L 246 0.52 7.77 -75.35
C ARG L 246 -0.72 8.64 -75.33
N ILE L 247 -0.51 9.96 -75.34
CA ILE L 247 -1.59 10.94 -75.29
C ILE L 247 -1.49 11.82 -76.53
N PHE L 248 -2.61 11.93 -77.26
CA PHE L 248 -2.67 12.70 -78.49
C PHE L 248 -3.65 13.84 -78.35
N THR L 249 -3.57 14.80 -79.28
CA THR L 249 -4.48 15.95 -79.33
C THR L 249 -5.00 16.05 -80.76
N LEU L 250 -6.16 15.44 -81.01
CA LEU L 250 -6.77 15.42 -82.34
C LEU L 250 -7.45 16.75 -82.58
N LYS L 251 -6.65 17.74 -82.96
CA LYS L 251 -7.18 19.08 -83.21
C LYS L 251 -7.80 19.16 -84.59
N PRO L 252 -9.08 19.53 -84.71
CA PRO L 252 -9.71 19.63 -86.01
C PRO L 252 -9.22 20.86 -86.78
N VAL L 253 -9.61 20.92 -88.05
CA VAL L 253 -9.28 22.04 -88.91
C VAL L 253 -10.58 22.73 -89.32
N ARG L 254 -10.45 24.01 -89.67
CA ARG L 254 -11.61 24.81 -90.06
C ARG L 254 -12.09 24.44 -91.45
N GLY L 262 -16.62 14.57 -96.99
CA GLY L 262 -15.40 13.92 -96.55
C GLY L 262 -15.16 14.05 -95.06
N PRO L 263 -14.43 13.08 -94.49
CA PRO L 263 -14.13 13.15 -93.05
C PRO L 263 -13.28 14.36 -92.71
N THR L 264 -13.51 14.91 -91.53
CA THR L 264 -12.77 16.09 -91.09
C THR L 264 -11.31 15.74 -90.86
N LYS L 265 -10.41 16.60 -91.36
CA LYS L 265 -8.99 16.40 -91.18
C LYS L 265 -8.55 16.92 -89.82
N PHE L 266 -7.68 16.16 -89.16
CA PHE L 266 -7.21 16.49 -87.83
C PHE L 266 -5.70 16.72 -87.84
N GLU L 267 -5.23 17.41 -86.81
CA GLU L 267 -3.80 17.66 -86.60
C GLU L 267 -3.37 16.82 -85.40
N ILE L 268 -2.88 15.62 -85.67
CA ILE L 268 -2.55 14.65 -84.63
C ILE L 268 -1.19 14.98 -84.04
N HIS L 269 -1.17 15.79 -82.98
CA HIS L 269 0.06 16.15 -82.28
C HIS L 269 0.14 15.35 -80.99
N ILE L 270 1.11 14.44 -80.91
CA ILE L 270 1.33 13.68 -79.68
C ILE L 270 1.97 14.59 -78.64
N VAL L 271 1.38 14.63 -77.45
CA VAL L 271 1.83 15.54 -76.39
C VAL L 271 2.43 14.83 -75.20
N ALA L 272 2.34 13.50 -75.13
CA ALA L 272 2.92 12.78 -74.01
C ALA L 272 3.23 11.36 -74.44
N GLN L 273 4.26 10.78 -73.79
CA GLN L 273 4.62 9.38 -74.02
C GLN L 273 5.40 8.92 -72.80
N PHE L 274 4.81 8.04 -72.01
CA PHE L 274 5.41 7.58 -70.76
C PHE L 274 5.71 6.09 -70.84
N ASP L 275 6.97 5.73 -70.59
CA ASP L 275 7.38 4.33 -70.48
C ASP L 275 7.65 3.94 -69.04
N ASN L 276 7.07 4.66 -68.08
CA ASN L 276 7.32 4.40 -66.66
C ASN L 276 6.81 3.04 -66.21
N HIS L 277 5.84 2.46 -66.93
CA HIS L 277 5.32 1.16 -66.53
C HIS L 277 6.28 0.02 -66.82
N ASN L 278 7.22 0.22 -67.76
CA ASN L 278 8.17 -0.82 -68.16
C ASN L 278 7.44 -2.09 -68.60
N SER L 279 6.20 -1.94 -69.06
CA SER L 279 5.38 -3.06 -69.47
C SER L 279 4.23 -2.52 -70.31
N GLN L 280 3.46 -3.44 -70.89
CA GLN L 280 2.32 -3.05 -71.70
C GLN L 280 1.21 -2.48 -70.81
N VAL L 281 0.78 -1.26 -71.12
CA VAL L 281 -0.29 -0.64 -70.35
C VAL L 281 -1.62 -1.26 -70.75
N TRP L 282 -2.38 -1.71 -69.75
CA TRP L 282 -3.60 -2.48 -70.02
C TRP L 282 -4.86 -1.64 -69.99
N ARG L 283 -4.88 -0.50 -69.30
CA ARG L 283 -6.08 0.31 -69.19
C ARG L 283 -5.70 1.78 -69.13
N VAL L 284 -6.54 2.61 -69.74
CA VAL L 284 -6.43 4.06 -69.63
C VAL L 284 -7.83 4.62 -69.36
N SER L 285 -7.92 5.56 -68.43
CA SER L 285 -9.21 6.12 -68.03
C SER L 285 -9.05 7.57 -67.65
N TRP L 286 -9.99 8.39 -68.07
CA TRP L 286 -9.99 9.82 -67.78
C TRP L 286 -11.03 10.16 -66.71
N ASN L 287 -10.78 11.23 -65.98
CA ASN L 287 -11.71 11.71 -64.97
C ASN L 287 -12.86 12.46 -65.65
N ILE L 288 -13.72 13.08 -64.83
CA ILE L 288 -14.91 13.73 -65.38
C ILE L 288 -14.52 14.93 -66.23
N THR L 289 -13.46 15.65 -65.85
CA THR L 289 -13.02 16.83 -66.58
C THR L 289 -11.97 16.52 -67.63
N GLY L 290 -11.55 15.27 -67.76
CA GLY L 290 -10.57 14.91 -68.77
C GLY L 290 -9.22 15.59 -68.60
N THR L 291 -8.76 15.74 -67.36
CA THR L 291 -7.47 16.34 -67.09
C THR L 291 -6.49 15.41 -66.38
N VAL L 292 -6.98 14.35 -65.73
CA VAL L 292 -6.14 13.36 -65.07
C VAL L 292 -6.42 12.00 -65.70
N LEU L 293 -5.36 11.32 -66.12
CA LEU L 293 -5.47 10.03 -66.78
C LEU L 293 -4.87 8.95 -65.90
N ALA L 294 -5.61 7.86 -65.72
CA ALA L 294 -5.16 6.72 -64.93
C ALA L 294 -4.74 5.60 -65.87
N SER L 295 -3.58 5.01 -65.60
CA SER L 295 -3.05 3.94 -66.43
C SER L 295 -2.59 2.78 -65.56
N SER L 296 -2.76 1.57 -66.07
CA SER L 296 -2.38 0.36 -65.35
C SER L 296 -1.61 -0.56 -66.29
N GLY L 297 -0.54 -1.16 -65.78
CA GLY L 297 0.29 -2.03 -66.58
C GLY L 297 0.42 -3.43 -66.03
N ASP L 298 1.42 -4.17 -66.50
CA ASP L 298 1.66 -5.54 -66.04
C ASP L 298 2.53 -5.60 -64.80
N ASP L 299 2.97 -4.46 -64.28
CA ASP L 299 3.74 -4.40 -63.05
C ASP L 299 2.86 -4.24 -61.82
N GLY L 300 1.54 -4.29 -61.97
CA GLY L 300 0.64 -4.07 -60.86
C GLY L 300 0.69 -2.65 -60.34
N CYS L 301 0.83 -1.67 -61.22
CA CYS L 301 0.95 -0.28 -60.84
C CYS L 301 -0.14 0.55 -61.49
N VAL L 302 -0.60 1.57 -60.76
CA VAL L 302 -1.58 2.52 -61.25
C VAL L 302 -0.95 3.91 -61.18
N ARG L 303 -0.94 4.61 -62.31
CA ARG L 303 -0.27 5.91 -62.42
C ARG L 303 -1.25 6.96 -62.91
N LEU L 304 -1.14 8.16 -62.36
CA LEU L 304 -2.02 9.27 -62.71
C LEU L 304 -1.20 10.37 -63.38
N TRP L 305 -1.64 10.77 -64.58
CA TRP L 305 -0.94 11.77 -65.37
C TRP L 305 -1.81 13.02 -65.47
N LYS L 306 -1.24 14.16 -65.09
CA LYS L 306 -1.94 15.44 -65.14
C LYS L 306 -1.03 16.50 -65.75
N ALA L 307 -1.64 17.42 -66.48
CA ALA L 307 -0.90 18.53 -67.06
C ALA L 307 -0.50 19.52 -65.98
N ASN L 308 0.49 20.35 -66.29
CA ASN L 308 1.01 21.35 -65.37
C ASN L 308 0.79 22.75 -65.97
N TYR L 309 1.35 23.76 -65.30
CA TYR L 309 1.24 25.13 -65.79
C TYR L 309 1.94 25.32 -67.13
N MET L 310 2.87 24.44 -67.49
CA MET L 310 3.56 24.48 -68.76
C MET L 310 2.87 23.65 -69.84
N ASP L 311 1.67 23.13 -69.55
CA ASP L 311 0.92 22.28 -70.48
C ASP L 311 1.74 21.05 -70.89
N ASN L 312 2.46 20.49 -69.92
CA ASN L 312 3.25 19.28 -70.11
C ASN L 312 2.72 18.20 -69.19
N TRP L 313 2.56 16.99 -69.74
CA TRP L 313 1.97 15.89 -68.98
C TRP L 313 3.04 15.20 -68.13
N LYS L 314 2.78 15.11 -66.83
CA LYS L 314 3.69 14.47 -65.90
C LYS L 314 2.89 13.66 -64.88
N CYS L 315 3.54 12.64 -64.33
CA CYS L 315 2.89 11.77 -63.36
C CYS L 315 2.64 12.52 -62.07
N THR L 316 1.41 12.41 -61.55
CA THR L 316 1.03 13.05 -60.29
C THR L 316 0.72 12.03 -59.20
N GLY L 317 0.92 10.75 -59.47
CA GLY L 317 0.66 9.72 -58.47
C GLY L 317 1.05 8.33 -58.93
N ILE L 318 1.74 7.59 -58.07
CA ILE L 318 2.13 6.21 -58.33
C ILE L 318 1.51 5.33 -57.26
N LEU L 319 0.80 4.28 -57.69
CA LEU L 319 0.07 3.42 -56.78
C LEU L 319 0.32 1.97 -57.14
N LYS L 320 0.20 1.09 -56.15
CA LYS L 320 0.36 -0.34 -56.32
C LYS L 320 -0.98 -1.05 -56.11
N GLY L 321 -1.00 -2.33 -56.44
CA GLY L 321 -2.22 -3.10 -56.29
C GLY L 321 -2.68 -3.20 -54.85
N ASN L 322 -1.73 -3.40 -53.92
CA ASN L 322 -2.08 -3.55 -52.51
C ASN L 322 -2.58 -2.25 -51.88
N GLY L 323 -2.44 -1.11 -52.56
CA GLY L 323 -2.90 0.16 -52.03
C GLY L 323 -1.84 1.00 -51.35
N SER L 324 -0.55 0.64 -51.49
CA SER L 324 0.52 1.42 -50.88
C SER L 324 1.13 2.32 -51.95
N PRO L 325 0.94 3.63 -51.88
CA PRO L 325 1.53 4.52 -52.90
C PRO L 325 3.05 4.53 -52.82
N VAL L 326 3.67 4.76 -53.98
CA VAL L 326 5.12 4.81 -54.08
C VAL L 326 5.57 6.19 -54.50
N PHE M 2 -35.64 -19.28 27.43
CA PHE M 2 -36.44 -18.21 26.87
C PHE M 2 -35.72 -17.54 25.69
N VAL M 3 -36.09 -17.95 24.48
CA VAL M 3 -35.51 -17.41 23.25
C VAL M 3 -36.58 -16.60 22.53
N ALA M 4 -36.27 -15.34 22.23
CA ALA M 4 -37.22 -14.42 21.61
C ALA M 4 -36.97 -14.37 20.11
N ARG M 5 -38.04 -14.58 19.33
CA ARG M 5 -37.99 -14.51 17.88
C ARG M 5 -38.85 -13.37 17.40
N SER M 6 -38.31 -12.57 16.48
CA SER M 6 -39.01 -11.39 15.96
C SER M 6 -39.92 -11.82 14.83
N ILE M 7 -41.22 -11.91 15.11
CA ILE M 7 -42.21 -12.25 14.10
C ILE M 7 -42.35 -11.07 13.14
N ALA M 8 -43.01 -11.29 12.00
CA ALA M 8 -43.14 -10.23 11.02
C ALA M 8 -44.05 -9.11 11.52
N ALA M 9 -45.32 -9.41 11.75
CA ALA M 9 -46.31 -8.47 12.28
C ALA M 9 -46.20 -7.11 11.60
N ASP M 10 -46.42 -7.12 10.29
CA ASP M 10 -46.28 -5.92 9.47
C ASP M 10 -47.20 -4.81 9.96
N HIS M 11 -46.61 -3.75 10.51
CA HIS M 11 -47.36 -2.61 11.02
C HIS M 11 -46.51 -1.36 10.89
N LYS M 12 -47.12 -0.28 10.42
CA LYS M 12 -46.40 0.99 10.24
C LYS M 12 -46.44 1.83 11.52
N ASP M 13 -47.62 2.01 12.11
CA ASP M 13 -47.75 2.80 13.32
C ASP M 13 -47.31 2.01 14.53
N LEU M 14 -47.07 2.72 15.63
CA LEU M 14 -46.65 2.09 16.88
C LEU M 14 -47.80 1.30 17.49
N ILE M 15 -47.48 0.13 18.04
CA ILE M 15 -48.47 -0.72 18.68
C ILE M 15 -48.53 -0.35 20.17
N HIS M 16 -49.74 -0.03 20.64
CA HIS M 16 -49.92 0.38 22.02
C HIS M 16 -50.27 -0.78 22.94
N ASP M 17 -51.14 -1.68 22.50
CA ASP M 17 -51.51 -2.83 23.31
C ASP M 17 -51.85 -4.00 22.40
N VAL M 18 -51.34 -5.18 22.75
CA VAL M 18 -51.58 -6.40 22.00
C VAL M 18 -52.23 -7.41 22.95
N SER M 19 -53.38 -7.94 22.55
CA SER M 19 -54.10 -8.91 23.35
C SER M 19 -54.34 -10.17 22.53
N PHE M 20 -54.15 -11.32 23.17
CA PHE M 20 -54.33 -12.61 22.52
C PHE M 20 -55.73 -13.16 22.79
N ASP M 21 -56.26 -13.88 21.81
CA ASP M 21 -57.50 -14.60 22.00
C ASP M 21 -57.27 -15.76 22.99
N PHE M 22 -58.37 -16.27 23.54
CA PHE M 22 -58.27 -17.32 24.54
C PHE M 22 -57.58 -18.56 23.97
N HIS M 23 -57.92 -18.94 22.73
CA HIS M 23 -57.23 -20.04 22.08
C HIS M 23 -55.83 -19.68 21.62
N GLY M 24 -55.49 -18.40 21.60
CA GLY M 24 -54.18 -17.98 21.13
C GLY M 24 -53.98 -18.06 19.64
N ARG M 25 -55.07 -18.00 18.86
CA ARG M 25 -54.97 -18.05 17.40
C ARG M 25 -55.12 -16.69 16.74
N ARG M 26 -55.62 -15.68 17.47
CA ARG M 26 -55.78 -14.34 16.95
C ARG M 26 -55.26 -13.33 17.97
N MET M 27 -54.61 -12.29 17.46
CA MET M 27 -54.06 -11.23 18.29
C MET M 27 -54.59 -9.88 17.81
N ALA M 28 -55.12 -9.10 18.74
CA ALA M 28 -55.65 -7.77 18.43
C ALA M 28 -54.65 -6.73 18.91
N THR M 29 -54.19 -5.88 18.00
CA THR M 29 -53.23 -4.83 18.31
C THR M 29 -53.88 -3.47 18.11
N CYS M 30 -53.86 -2.65 19.15
CA CYS M 30 -54.43 -1.30 19.10
C CYS M 30 -53.30 -0.35 18.72
N SER M 31 -53.17 -0.07 17.42
CA SER M 31 -52.09 0.76 16.93
C SER M 31 -52.27 2.21 17.38
N SER M 32 -51.17 2.95 17.36
CA SER M 32 -51.18 4.36 17.75
C SER M 32 -51.91 5.23 16.75
N ASP M 33 -52.21 4.72 15.55
CA ASP M 33 -52.94 5.45 14.53
C ASP M 33 -54.45 5.25 14.64
N GLN M 34 -54.95 4.94 15.85
CA GLN M 34 -56.36 4.68 16.08
C GLN M 34 -56.88 3.56 15.18
N SER M 35 -56.07 2.52 15.01
CA SER M 35 -56.43 1.38 14.18
C SER M 35 -56.29 0.10 14.98
N VAL M 36 -57.24 -0.82 14.79
CA VAL M 36 -57.25 -2.12 15.47
C VAL M 36 -57.18 -3.20 14.41
N LYS M 37 -56.23 -4.13 14.57
CA LYS M 37 -56.02 -5.20 13.62
C LYS M 37 -56.08 -6.54 14.33
N VAL M 38 -56.97 -7.41 13.87
CA VAL M 38 -57.12 -8.75 14.42
C VAL M 38 -56.20 -9.65 13.60
N TRP M 39 -54.92 -9.70 13.98
CA TRP M 39 -53.94 -10.50 13.27
C TRP M 39 -54.07 -11.96 13.67
N ASP M 40 -54.13 -12.84 12.66
CA ASP M 40 -54.29 -14.27 12.86
C ASP M 40 -53.07 -15.01 12.32
N LYS M 41 -52.63 -16.02 13.05
CA LYS M 41 -51.46 -16.80 12.64
C LYS M 41 -51.86 -17.90 11.66
N SER M 42 -51.00 -18.15 10.69
CA SER M 42 -51.21 -19.23 9.74
C SER M 42 -50.69 -20.54 10.30
N GLU M 43 -51.00 -21.63 9.59
CA GLU M 43 -50.54 -22.95 10.01
C GLU M 43 -49.02 -23.04 10.00
N SER M 44 -48.38 -22.47 8.97
CA SER M 44 -46.93 -22.47 8.89
C SER M 44 -46.27 -21.54 9.89
N GLY M 45 -47.04 -20.70 10.58
CA GLY M 45 -46.50 -19.76 11.54
C GLY M 45 -46.46 -18.32 11.08
N ASP M 46 -47.01 -18.02 9.91
CA ASP M 46 -47.04 -16.64 9.43
C ASP M 46 -48.20 -15.88 10.06
N TRP M 47 -47.91 -14.72 10.63
CA TRP M 47 -48.91 -13.87 11.28
C TRP M 47 -49.36 -12.82 10.27
N HIS M 48 -50.56 -12.99 9.74
CA HIS M 48 -51.14 -12.06 8.79
C HIS M 48 -52.45 -11.51 9.34
N CYS M 49 -52.65 -10.21 9.16
CA CYS M 49 -53.85 -9.56 9.69
C CYS M 49 -55.09 -10.06 8.95
N THR M 50 -56.10 -10.48 9.71
CA THR M 50 -57.35 -10.92 9.12
C THR M 50 -58.30 -9.76 8.82
N ALA M 51 -58.03 -8.57 9.35
CA ALA M 51 -58.84 -7.39 9.12
C ALA M 51 -58.09 -6.19 9.66
N SER M 52 -58.64 -5.00 9.41
CA SER M 52 -58.07 -3.75 9.92
C SER M 52 -59.09 -2.62 9.75
N TRP M 53 -59.27 -1.83 10.80
CA TRP M 53 -60.25 -0.74 10.74
C TRP M 53 -59.93 0.27 11.83
N LYS M 54 -60.36 1.50 11.61
CA LYS M 54 -60.26 2.53 12.65
C LYS M 54 -61.22 2.20 13.79
N THR M 55 -60.71 2.33 15.02
CA THR M 55 -61.51 2.00 16.19
C THR M 55 -62.37 3.17 16.65
N HIS M 56 -61.79 4.36 16.73
CA HIS M 56 -62.50 5.56 17.16
C HIS M 56 -61.70 6.78 16.75
N SER M 57 -62.27 7.95 17.04
CA SER M 57 -61.57 9.20 16.74
C SER M 57 -60.27 9.31 17.53
N GLY M 58 -60.31 8.97 18.82
CA GLY M 58 -59.13 9.00 19.65
C GLY M 58 -58.28 7.76 19.47
N SER M 59 -57.08 7.81 20.06
CA SER M 59 -56.16 6.68 19.99
C SER M 59 -56.69 5.52 20.83
N VAL M 60 -56.60 4.32 20.26
CA VAL M 60 -57.06 3.11 20.94
C VAL M 60 -56.02 2.76 22.00
N TRP M 61 -56.31 3.12 23.26
CA TRP M 61 -55.35 2.92 24.33
C TRP M 61 -55.08 1.44 24.58
N ARG M 62 -56.11 0.61 24.58
CA ARG M 62 -55.94 -0.81 24.83
C ARG M 62 -57.09 -1.58 24.20
N VAL M 63 -56.80 -2.81 23.81
CA VAL M 63 -57.78 -3.72 23.23
C VAL M 63 -57.78 -5.00 24.05
N THR M 64 -58.97 -5.54 24.30
CA THR M 64 -59.12 -6.72 25.12
C THR M 64 -60.15 -7.65 24.49
N TRP M 65 -59.75 -8.89 24.20
CA TRP M 65 -60.67 -9.87 23.68
C TRP M 65 -61.67 -10.30 24.76
N ALA M 66 -62.79 -10.85 24.30
CA ALA M 66 -63.75 -11.52 25.16
C ALA M 66 -63.62 -13.03 24.97
N HIS M 67 -64.42 -13.77 25.71
CA HIS M 67 -64.38 -15.22 25.59
C HIS M 67 -64.91 -15.64 24.22
N PRO M 68 -64.26 -16.60 23.55
CA PRO M 68 -64.72 -17.01 22.23
C PRO M 68 -66.14 -17.55 22.21
N GLU M 69 -66.58 -18.19 23.30
CA GLU M 69 -67.95 -18.67 23.35
C GLU M 69 -68.96 -17.53 23.28
N PHE M 70 -68.54 -16.32 23.67
CA PHE M 70 -69.40 -15.15 23.60
C PHE M 70 -69.26 -14.38 22.30
N GLY M 71 -68.42 -14.86 21.38
CA GLY M 71 -68.16 -14.18 20.14
C GLY M 71 -66.91 -13.31 20.21
N GLN M 72 -66.29 -13.13 19.04
CA GLN M 72 -65.06 -12.34 18.97
C GLN M 72 -65.37 -10.85 19.10
N VAL M 73 -65.40 -10.35 20.32
CA VAL M 73 -65.72 -8.95 20.60
C VAL M 73 -64.52 -8.31 21.29
N LEU M 74 -64.07 -7.19 20.76
CA LEU M 74 -62.94 -6.45 21.30
C LEU M 74 -63.41 -5.12 21.85
N ALA M 75 -63.10 -4.85 23.12
CA ALA M 75 -63.49 -3.62 23.80
C ALA M 75 -62.30 -2.67 23.75
N SER M 76 -62.09 -2.05 22.60
CA SER M 76 -60.96 -1.15 22.39
C SER M 76 -61.25 0.18 23.07
N CYS M 77 -60.55 0.45 24.17
CA CYS M 77 -60.69 1.72 24.87
C CYS M 77 -60.00 2.82 24.08
N SER M 78 -60.71 3.95 23.90
CA SER M 78 -60.22 5.06 23.10
C SER M 78 -60.07 6.30 23.95
N PHE M 79 -59.14 7.17 23.54
CA PHE M 79 -58.91 8.43 24.24
C PHE M 79 -59.97 9.48 23.95
N ASP M 80 -61.03 9.12 23.24
CA ASP M 80 -62.12 10.04 22.92
C ASP M 80 -63.27 9.93 23.91
N ARG M 81 -62.99 9.60 25.17
CA ARG M 81 -64.00 9.46 26.22
C ARG M 81 -65.04 8.40 25.86
N THR M 82 -64.61 7.35 25.16
CA THR M 82 -65.49 6.26 24.77
C THR M 82 -64.70 4.97 24.69
N ALA M 83 -65.35 3.87 25.05
CA ALA M 83 -64.76 2.52 24.98
C ALA M 83 -65.71 1.66 24.16
N ALA M 84 -65.52 1.69 22.84
CA ALA M 84 -66.41 0.95 21.95
C ALA M 84 -66.19 -0.55 22.07
N VAL M 85 -67.23 -1.31 21.78
CA VAL M 85 -67.20 -2.77 21.82
C VAL M 85 -67.35 -3.26 20.39
N TRP M 86 -66.23 -3.49 19.71
CA TRP M 86 -66.24 -3.98 18.34
C TRP M 86 -66.44 -5.49 18.35
N GLU M 87 -67.52 -5.95 17.74
CA GLU M 87 -67.84 -7.37 17.69
C GLU M 87 -67.48 -7.94 16.33
N GLU M 88 -67.60 -9.27 16.23
CA GLU M 88 -67.31 -10.00 14.99
C GLU M 88 -68.53 -9.99 14.08
N ILE M 89 -69.04 -8.79 13.81
CA ILE M 89 -70.20 -8.60 12.95
C ILE M 89 -69.66 -8.44 11.54
N VAL M 90 -69.45 -9.57 10.87
CA VAL M 90 -68.91 -9.57 9.51
C VAL M 90 -69.58 -10.66 8.68
N SER M 101 -63.22 -10.13 6.08
CA SER M 101 -63.68 -9.85 7.44
C SER M 101 -63.81 -8.35 7.67
N HIS M 102 -65.05 -7.88 7.78
CA HIS M 102 -65.36 -6.47 8.02
C HIS M 102 -66.20 -6.38 9.29
N TRP M 103 -65.53 -6.29 10.43
CA TRP M 103 -66.22 -6.22 11.70
C TRP M 103 -67.00 -4.92 11.82
N VAL M 104 -68.21 -4.99 12.38
CA VAL M 104 -69.09 -3.85 12.55
C VAL M 104 -69.31 -3.62 14.04
N LYS M 105 -69.17 -2.36 14.46
CA LYS M 105 -69.35 -2.02 15.87
C LYS M 105 -70.75 -2.38 16.33
N ARG M 106 -70.83 -3.30 17.30
CA ARG M 106 -72.11 -3.72 17.86
C ARG M 106 -72.51 -2.91 19.09
N THR M 107 -71.67 -1.98 19.54
CA THR M 107 -71.98 -1.19 20.72
C THR M 107 -71.13 0.08 20.68
N THR M 108 -71.49 1.03 21.55
CA THR M 108 -70.73 2.27 21.70
C THR M 108 -70.96 2.76 23.13
N LEU M 109 -69.99 2.49 24.00
CA LEU M 109 -70.08 2.87 25.41
C LEU M 109 -69.46 4.25 25.59
N VAL M 110 -70.29 5.23 25.93
CA VAL M 110 -69.82 6.60 26.14
C VAL M 110 -70.34 7.10 27.48
N ASP M 111 -70.63 6.18 28.40
CA ASP M 111 -71.15 6.56 29.71
C ASP M 111 -70.10 7.32 30.52
N SER M 112 -68.83 6.96 30.38
CA SER M 112 -67.78 7.64 31.13
C SER M 112 -67.64 9.10 30.69
N ARG M 113 -67.47 9.99 31.66
CA ARG M 113 -67.34 11.41 31.37
C ARG M 113 -65.93 11.82 30.98
N THR M 114 -64.95 10.93 31.14
CA THR M 114 -63.56 11.21 30.82
C THR M 114 -63.04 10.14 29.87
N SER M 115 -61.78 10.29 29.46
CA SER M 115 -61.17 9.33 28.54
C SER M 115 -61.01 7.98 29.22
N VAL M 116 -61.36 6.92 28.50
CA VAL M 116 -61.24 5.56 29.04
C VAL M 116 -59.78 5.16 29.01
N THR M 117 -59.14 5.17 30.18
CA THR M 117 -57.71 4.84 30.25
C THR M 117 -57.46 3.39 29.87
N ASP M 118 -58.32 2.48 30.31
CA ASP M 118 -58.15 1.06 30.01
C ASP M 118 -59.51 0.38 29.99
N VAL M 119 -59.56 -0.76 29.32
CA VAL M 119 -60.77 -1.57 29.25
C VAL M 119 -60.40 -3.02 29.57
N LYS M 120 -61.41 -3.80 29.93
CA LYS M 120 -61.20 -5.19 30.29
C LYS M 120 -62.51 -5.95 30.12
N PHE M 121 -62.41 -7.27 30.13
CA PHE M 121 -63.56 -8.15 30.03
C PHE M 121 -63.65 -9.02 31.27
N ALA M 122 -64.87 -9.19 31.77
CA ALA M 122 -65.09 -10.05 32.93
C ALA M 122 -64.87 -11.51 32.55
N PRO M 123 -64.55 -12.37 33.52
CA PRO M 123 -64.39 -13.79 33.22
C PRO M 123 -65.69 -14.39 32.71
N LYS M 124 -65.55 -15.46 31.91
CA LYS M 124 -66.70 -16.07 31.26
C LYS M 124 -67.77 -16.51 32.26
N HIS M 125 -67.36 -16.87 33.47
CA HIS M 125 -68.34 -17.25 34.49
C HIS M 125 -69.15 -16.06 34.99
N MET M 126 -68.66 -14.83 34.78
CA MET M 126 -69.35 -13.64 35.25
C MET M 126 -70.27 -13.04 34.20
N GLY M 127 -70.41 -13.68 33.04
CA GLY M 127 -71.27 -13.17 31.98
C GLY M 127 -70.58 -12.15 31.09
N LEU M 128 -71.34 -11.67 30.12
CA LEU M 128 -70.82 -10.71 29.13
C LEU M 128 -70.80 -9.32 29.77
N MET M 129 -69.72 -9.06 30.51
CA MET M 129 -69.50 -7.77 31.15
C MET M 129 -68.15 -7.23 30.70
N LEU M 130 -68.14 -5.95 30.32
CA LEU M 130 -66.92 -5.28 29.86
C LEU M 130 -66.70 -4.05 30.74
N ALA M 131 -65.87 -4.20 31.76
CA ALA M 131 -65.55 -3.09 32.65
C ALA M 131 -64.72 -2.05 31.94
N THR M 132 -64.81 -0.81 32.41
CA THR M 132 -64.05 0.30 31.86
C THR M 132 -63.67 1.26 32.97
N CYS M 133 -62.39 1.63 33.02
CA CYS M 133 -61.88 2.57 34.00
C CYS M 133 -61.62 3.92 33.32
N SER M 134 -62.27 4.96 33.81
CA SER M 134 -62.14 6.28 33.23
C SER M 134 -61.00 7.05 33.89
N ALA M 135 -60.61 8.15 33.24
CA ALA M 135 -59.55 8.99 33.78
C ALA M 135 -59.97 9.68 35.07
N ASP M 136 -61.25 10.03 35.19
CA ASP M 136 -61.75 10.69 36.40
C ASP M 136 -61.78 9.76 37.61
N GLY M 137 -61.59 8.47 37.42
CA GLY M 137 -61.60 7.51 38.51
C GLY M 137 -62.90 6.74 38.68
N ILE M 138 -63.84 6.88 37.76
CA ILE M 138 -65.12 6.17 37.82
C ILE M 138 -64.98 4.89 37.03
N VAL M 139 -65.05 3.75 37.72
CA VAL M 139 -64.90 2.44 37.09
C VAL M 139 -66.30 2.03 36.64
N ARG M 140 -66.68 2.46 35.43
CA ARG M 140 -67.99 2.16 34.88
C ARG M 140 -68.02 0.69 34.48
N ILE M 141 -68.56 -0.16 35.35
CA ILE M 141 -68.60 -1.60 35.11
C ILE M 141 -69.88 -1.87 34.32
N TYR M 142 -69.79 -1.72 33.00
CA TYR M 142 -70.91 -2.00 32.13
C TYR M 142 -71.08 -3.50 31.95
N GLU M 143 -72.26 -3.88 31.45
CA GLU M 143 -72.59 -5.29 31.24
C GLU M 143 -73.57 -5.42 30.09
N ALA M 144 -73.60 -6.61 29.49
CA ALA M 144 -74.52 -6.90 28.41
C ALA M 144 -75.49 -7.99 28.84
N PRO M 145 -76.72 -7.65 29.24
CA PRO M 145 -77.67 -8.69 29.69
C PRO M 145 -78.01 -9.70 28.61
N ASP M 146 -78.02 -9.30 27.35
CA ASP M 146 -78.40 -10.18 26.24
C ASP M 146 -77.16 -10.59 25.46
N VAL M 147 -76.97 -11.90 25.31
CA VAL M 147 -75.83 -12.41 24.55
C VAL M 147 -76.00 -12.11 23.07
N MET M 148 -77.22 -12.26 22.55
CA MET M 148 -77.48 -12.02 21.14
C MET M 148 -77.70 -10.55 20.81
N ASN M 149 -77.85 -9.70 21.81
CA ASN M 149 -78.04 -8.26 21.61
C ASN M 149 -76.94 -7.52 22.36
N LEU M 150 -75.90 -7.11 21.64
CA LEU M 150 -74.76 -6.44 22.22
C LEU M 150 -74.89 -4.92 22.19
N SER M 151 -76.03 -4.40 21.75
CA SER M 151 -76.19 -2.97 21.53
C SER M 151 -76.42 -2.17 22.82
N GLN M 152 -76.71 -2.82 23.93
CA GLN M 152 -77.04 -2.14 25.17
C GLN M 152 -76.01 -2.47 26.25
N TRP M 153 -75.56 -1.45 26.96
CA TRP M 153 -74.65 -1.62 28.09
C TRP M 153 -75.16 -0.77 29.25
N SER M 154 -75.30 -1.39 30.43
CA SER M 154 -75.82 -0.73 31.62
C SER M 154 -74.72 -0.64 32.66
N LEU M 155 -74.53 0.56 33.21
CA LEU M 155 -73.54 0.79 34.26
C LEU M 155 -74.09 0.26 35.59
N GLN M 156 -74.13 -1.06 35.69
CA GLN M 156 -74.70 -1.71 36.88
C GLN M 156 -73.91 -1.40 38.14
N HIS M 157 -72.62 -1.10 38.00
CA HIS M 157 -71.78 -0.79 39.15
C HIS M 157 -70.86 0.36 38.80
N GLU M 158 -70.44 1.09 39.85
CA GLU M 158 -69.54 2.22 39.68
C GLU M 158 -68.83 2.47 41.00
N ILE M 159 -67.60 2.97 40.92
CA ILE M 159 -66.81 3.29 42.11
C ILE M 159 -65.83 4.40 41.74
N SER M 160 -65.68 5.36 42.65
CA SER M 160 -64.75 6.47 42.47
C SER M 160 -63.69 6.41 43.56
N CYS M 161 -62.42 6.38 43.14
CA CYS M 161 -61.29 6.32 44.06
C CYS M 161 -60.62 7.67 44.25
N LYS M 162 -61.20 8.74 43.70
CA LYS M 162 -60.63 10.09 43.79
C LYS M 162 -59.22 10.16 43.22
N LEU M 163 -58.94 9.34 42.21
CA LEU M 163 -57.63 9.32 41.58
C LEU M 163 -57.78 8.77 40.18
N SER M 164 -56.77 9.01 39.35
CA SER M 164 -56.79 8.56 37.97
C SER M 164 -56.66 7.04 37.91
N CYS M 165 -57.70 6.38 37.40
CA CYS M 165 -57.70 4.93 37.28
C CYS M 165 -56.85 4.53 36.07
N SER M 166 -55.83 3.72 36.32
CA SER M 166 -54.90 3.32 35.26
C SER M 166 -55.26 1.98 34.62
N CYS M 167 -55.69 1.00 35.42
CA CYS M 167 -56.02 -0.31 34.88
C CYS M 167 -56.99 -1.01 35.83
N ILE M 168 -57.96 -1.72 35.24
CA ILE M 168 -58.93 -2.51 35.99
C ILE M 168 -58.78 -3.96 35.55
N SER M 169 -58.57 -4.85 36.52
CA SER M 169 -58.34 -6.27 36.25
C SER M 169 -59.31 -7.11 37.07
N TRP M 170 -60.07 -7.96 36.39
CA TRP M 170 -60.96 -8.88 37.07
C TRP M 170 -60.18 -10.03 37.70
N ASN M 171 -60.76 -10.62 38.73
CA ASN M 171 -60.19 -11.82 39.32
C ASN M 171 -60.60 -13.03 38.49
N PRO M 172 -59.65 -13.80 37.97
CA PRO M 172 -60.01 -14.91 37.06
C PRO M 172 -60.61 -16.10 37.79
N SER M 173 -60.82 -15.99 39.09
CA SER M 173 -61.42 -17.07 39.85
C SER M 173 -62.87 -17.28 39.43
N SER M 174 -63.25 -18.55 39.26
CA SER M 174 -64.61 -18.90 38.90
C SER M 174 -65.27 -19.83 39.91
N SER M 175 -64.60 -20.13 41.02
CA SER M 175 -65.18 -21.00 42.03
C SER M 175 -66.33 -20.29 42.76
N ARG M 176 -67.30 -21.09 43.21
CA ARG M 176 -68.45 -20.54 43.92
C ARG M 176 -68.07 -19.91 45.25
N ALA M 177 -66.94 -20.27 45.82
CA ALA M 177 -66.50 -19.74 47.11
C ALA M 177 -65.73 -18.43 46.97
N HIS M 178 -65.47 -17.97 45.75
CA HIS M 178 -64.75 -16.72 45.52
C HIS M 178 -65.71 -15.72 44.89
N SER M 179 -65.99 -14.63 45.59
CA SER M 179 -66.84 -13.59 45.05
C SER M 179 -66.11 -12.84 43.94
N PRO M 180 -66.85 -12.33 42.95
CA PRO M 180 -66.21 -11.57 41.86
C PRO M 180 -65.53 -10.32 42.39
N MET M 181 -64.20 -10.29 42.26
CA MET M 181 -63.38 -9.20 42.75
C MET M 181 -62.76 -8.46 41.57
N ILE M 182 -62.90 -7.13 41.57
CA ILE M 182 -62.33 -6.28 40.54
C ILE M 182 -61.49 -5.21 41.23
N ALA M 183 -60.25 -5.03 40.78
CA ALA M 183 -59.33 -4.06 41.36
C ALA M 183 -59.05 -2.96 40.35
N VAL M 184 -59.09 -1.71 40.80
CA VAL M 184 -58.82 -0.55 39.97
C VAL M 184 -57.51 0.07 40.45
N GLY M 185 -56.58 0.27 39.52
CA GLY M 185 -55.29 0.83 39.85
C GLY M 185 -55.31 2.34 39.95
N SER M 186 -54.14 2.91 40.21
CA SER M 186 -53.97 4.34 40.34
C SER M 186 -52.75 4.78 39.53
N ASP M 187 -52.83 5.99 38.98
CA ASP M 187 -51.74 6.55 38.18
C ASP M 187 -51.28 7.88 38.75
N LYS M 196 -54.23 2.65 47.34
CA LYS M 196 -53.73 2.63 45.97
C LYS M 196 -54.68 1.87 45.06
N VAL M 197 -54.93 0.60 45.37
CA VAL M 197 -55.81 -0.27 44.61
C VAL M 197 -56.89 -0.80 45.54
N GLN M 198 -58.14 -0.67 45.13
CA GLN M 198 -59.28 -1.14 45.92
C GLN M 198 -59.93 -2.33 45.24
N ILE M 199 -60.21 -3.37 46.02
CA ILE M 199 -60.82 -4.59 45.50
C ILE M 199 -62.31 -4.51 45.79
N PHE M 200 -63.11 -4.49 44.72
CA PHE M 200 -64.56 -4.39 44.84
C PHE M 200 -65.19 -5.76 44.62
N GLU M 201 -66.01 -6.19 45.58
CA GLU M 201 -66.67 -7.48 45.55
C GLU M 201 -68.17 -7.28 45.41
N TYR M 202 -68.78 -8.00 44.48
CA TYR M 202 -70.22 -7.92 44.26
C TYR M 202 -70.92 -8.92 45.18
N ASN M 203 -71.65 -8.42 46.17
CA ASN M 203 -72.35 -9.25 47.14
C ASN M 203 -73.80 -9.43 46.71
N GLU M 204 -74.28 -10.68 46.78
CA GLU M 204 -75.63 -10.96 46.33
C GLU M 204 -76.68 -10.23 47.15
N ASN M 205 -76.48 -10.17 48.48
CA ASN M 205 -77.45 -9.51 49.34
C ASN M 205 -77.54 -8.01 49.09
N THR M 206 -76.51 -7.41 48.48
CA THR M 206 -76.50 -5.98 48.21
C THR M 206 -76.50 -5.65 46.73
N ARG M 207 -76.01 -6.55 45.88
CA ARG M 207 -75.91 -6.30 44.43
C ARG M 207 -75.11 -5.03 44.13
N LYS M 208 -74.06 -4.80 44.91
CA LYS M 208 -73.23 -3.62 44.76
C LYS M 208 -71.79 -3.97 45.09
N TYR M 209 -70.86 -3.15 44.60
CA TYR M 209 -69.43 -3.34 44.80
C TYR M 209 -68.85 -2.14 45.52
N ALA M 210 -67.97 -2.41 46.49
CA ALA M 210 -67.34 -1.34 47.26
C ALA M 210 -65.94 -1.80 47.66
N LYS M 211 -65.12 -0.82 48.04
CA LYS M 211 -63.73 -1.10 48.41
C LYS M 211 -63.69 -2.00 49.64
N ALA M 212 -62.86 -3.04 49.58
CA ALA M 212 -62.69 -3.99 50.66
C ALA M 212 -61.28 -3.96 51.24
N GLU M 213 -60.26 -4.09 50.39
CA GLU M 213 -58.87 -4.07 50.82
C GLU M 213 -58.09 -3.10 49.96
N THR M 214 -57.26 -2.28 50.59
CA THR M 214 -56.43 -1.29 49.91
C THR M 214 -54.96 -1.62 50.13
N LEU M 215 -54.18 -1.61 49.06
CA LEU M 215 -52.76 -1.92 49.13
C LEU M 215 -51.96 -0.70 49.59
N THR M 219 -47.52 4.29 47.17
CA THR M 219 -47.86 5.65 46.77
C THR M 219 -47.45 5.92 45.32
N ASP M 220 -46.49 5.14 44.84
CA ASP M 220 -46.04 5.28 43.46
C ASP M 220 -47.17 4.90 42.50
N PRO M 221 -47.25 5.57 41.35
CA PRO M 221 -48.31 5.24 40.39
C PRO M 221 -48.16 3.82 39.86
N VAL M 222 -49.29 3.17 39.64
CA VAL M 222 -49.32 1.80 39.14
C VAL M 222 -49.71 1.86 37.66
N HIS M 223 -48.78 1.49 36.78
CA HIS M 223 -49.05 1.52 35.36
C HIS M 223 -50.14 0.52 34.98
N ASP M 224 -50.09 -0.68 35.56
CA ASP M 224 -51.08 -1.70 35.27
C ASP M 224 -51.16 -2.68 36.43
N ILE M 225 -52.38 -3.14 36.71
CA ILE M 225 -52.63 -4.16 37.73
C ILE M 225 -53.15 -5.40 37.01
N ALA M 226 -52.56 -6.56 37.31
CA ALA M 226 -52.90 -7.79 36.63
C ALA M 226 -53.06 -8.91 37.65
N PHE M 227 -54.27 -9.44 37.76
CA PHE M 227 -54.49 -10.65 38.54
C PHE M 227 -53.91 -11.86 37.81
N ALA M 228 -53.74 -12.93 38.55
CA ALA M 228 -53.27 -14.18 37.95
C ALA M 228 -54.40 -15.18 37.87
N PRO M 229 -54.39 -16.06 36.87
CA PRO M 229 -55.43 -17.09 36.78
C PRO M 229 -55.44 -17.96 38.02
N ASN M 230 -56.64 -18.27 38.51
CA ASN M 230 -56.77 -19.00 39.76
C ASN M 230 -56.17 -20.40 39.66
N LEU M 231 -56.47 -21.12 38.57
CA LEU M 231 -55.96 -22.46 38.34
C LEU M 231 -56.32 -23.40 39.49
N GLY M 232 -57.44 -23.13 40.15
CA GLY M 232 -57.88 -23.95 41.26
C GLY M 232 -57.20 -23.67 42.58
N ARG M 233 -56.32 -22.68 42.65
CA ARG M 233 -55.64 -22.36 43.89
C ARG M 233 -56.61 -21.78 44.90
N SER M 234 -56.24 -21.89 46.19
CA SER M 234 -57.06 -21.36 47.26
C SER M 234 -56.88 -19.86 47.46
N PHE M 235 -55.86 -19.26 46.86
CA PHE M 235 -55.59 -17.85 47.04
C PHE M 235 -55.38 -17.18 45.68
N HIS M 236 -55.62 -15.88 45.64
CA HIS M 236 -55.48 -15.09 44.42
C HIS M 236 -54.13 -14.39 44.43
N ILE M 237 -53.40 -14.51 43.32
CA ILE M 237 -52.08 -13.90 43.17
C ILE M 237 -52.26 -12.60 42.41
N LEU M 238 -51.94 -11.47 43.04
CA LEU M 238 -52.06 -10.15 42.45
C LEU M 238 -50.67 -9.62 42.10
N ALA M 239 -50.52 -9.11 40.88
CA ALA M 239 -49.29 -8.47 40.45
C ALA M 239 -49.59 -7.03 40.10
N ILE M 240 -48.86 -6.10 40.72
CA ILE M 240 -49.03 -4.67 40.49
C ILE M 240 -47.75 -4.13 39.86
N ALA M 241 -47.89 -3.46 38.72
CA ALA M 241 -46.74 -2.91 38.00
C ALA M 241 -46.46 -1.51 38.52
N THR M 242 -45.26 -1.31 39.05
CA THR M 242 -44.84 -0.03 39.61
C THR M 242 -43.33 0.07 39.43
N LYS M 243 -42.70 0.96 40.20
CA LYS M 243 -41.24 1.01 40.20
C LYS M 243 -40.64 -0.33 40.59
N ASP M 244 -41.37 -1.12 41.39
CA ASP M 244 -40.98 -2.48 41.74
C ASP M 244 -42.14 -3.41 41.46
N VAL M 245 -41.87 -4.51 40.76
CA VAL M 245 -42.90 -5.48 40.40
C VAL M 245 -43.17 -6.36 41.63
N ARG M 246 -44.37 -6.27 42.17
CA ARG M 246 -44.75 -6.98 43.39
C ARG M 246 -45.75 -8.07 43.06
N ILE M 247 -45.43 -9.31 43.44
CA ILE M 247 -46.34 -10.43 43.31
C ILE M 247 -46.97 -10.65 44.68
N PHE M 248 -48.20 -10.17 44.84
CA PHE M 248 -48.90 -10.24 46.12
C PHE M 248 -49.85 -11.43 46.14
N THR M 249 -49.73 -12.25 47.17
CA THR M 249 -50.57 -13.44 47.34
C THR M 249 -51.67 -13.09 48.35
N LEU M 250 -52.77 -12.54 47.84
CA LEU M 250 -53.89 -12.13 48.70
C LEU M 250 -54.67 -13.38 49.12
N LYS M 251 -54.16 -14.04 50.15
CA LYS M 251 -54.78 -15.25 50.66
C LYS M 251 -56.09 -14.90 51.38
N PRO M 252 -57.20 -15.57 51.07
CA PRO M 252 -58.46 -15.26 51.75
C PRO M 252 -58.46 -15.75 53.19
N VAL M 253 -59.31 -15.13 53.99
CA VAL M 253 -59.50 -15.48 55.39
C VAL M 253 -60.83 -16.19 55.54
N ARG M 254 -60.81 -17.38 56.11
CA ARG M 254 -62.02 -18.17 56.28
C ARG M 254 -62.98 -17.52 57.27
N THR M 264 -65.45 -9.95 52.86
CA THR M 264 -64.49 -11.05 52.78
C THR M 264 -63.08 -10.56 53.08
N LYS M 265 -62.59 -10.87 54.27
CA LYS M 265 -61.25 -10.47 54.66
C LYS M 265 -60.20 -11.25 53.87
N PHE M 266 -59.16 -10.56 53.43
CA PHE M 266 -58.07 -11.16 52.67
C PHE M 266 -56.76 -10.94 53.43
N GLU M 267 -56.04 -12.03 53.69
CA GLU M 267 -54.75 -11.96 54.38
C GLU M 267 -53.69 -11.54 53.37
N ILE M 268 -53.55 -10.23 53.19
CA ILE M 268 -52.68 -9.67 52.17
C ILE M 268 -51.24 -9.83 52.60
N HIS M 269 -50.48 -10.64 51.86
CA HIS M 269 -49.04 -10.79 52.07
C HIS M 269 -48.30 -10.39 50.81
N ILE M 270 -46.99 -10.19 50.96
CA ILE M 270 -46.11 -9.94 49.82
C ILE M 270 -45.10 -11.08 49.76
N VAL M 271 -45.43 -12.12 48.98
CA VAL M 271 -44.55 -13.28 48.89
C VAL M 271 -43.24 -12.92 48.21
N ALA M 272 -43.28 -11.96 47.28
CA ALA M 272 -42.07 -11.53 46.58
C ALA M 272 -42.22 -10.08 46.15
N GLN M 273 -41.10 -9.38 46.11
CA GLN M 273 -41.05 -7.98 45.68
C GLN M 273 -39.77 -7.78 44.89
N PHE M 274 -39.89 -7.50 43.60
CA PHE M 274 -38.75 -7.37 42.70
C PHE M 274 -38.68 -5.96 42.15
N ASP M 275 -37.49 -5.35 42.22
CA ASP M 275 -37.21 -4.06 41.60
C ASP M 275 -36.03 -4.15 40.65
N ASN M 276 -35.69 -5.35 40.18
CA ASN M 276 -34.54 -5.56 39.32
C ASN M 276 -34.68 -4.91 37.95
N HIS M 277 -35.89 -4.49 37.57
CA HIS M 277 -36.08 -3.85 36.27
C HIS M 277 -35.36 -2.51 36.17
N ASN M 278 -35.01 -1.91 37.30
CA ASN M 278 -34.29 -0.63 37.33
C ASN M 278 -35.07 0.47 36.61
N SER M 279 -36.39 0.36 36.60
CA SER M 279 -37.25 1.33 35.94
C SER M 279 -38.67 1.14 36.48
N GLN M 280 -39.64 1.77 35.83
CA GLN M 280 -41.04 1.64 36.20
C GLN M 280 -41.68 0.57 35.31
N VAL M 281 -42.23 -0.46 35.94
CA VAL M 281 -42.88 -1.53 35.19
C VAL M 281 -44.16 -1.00 34.56
N TRP M 282 -44.31 -1.23 33.25
CA TRP M 282 -45.44 -0.70 32.51
C TRP M 282 -46.36 -1.77 31.94
N ARG M 283 -46.07 -3.04 32.18
CA ARG M 283 -46.91 -4.12 31.67
C ARG M 283 -46.73 -5.35 32.54
N VAL M 284 -47.85 -5.89 33.02
CA VAL M 284 -47.84 -7.11 33.82
C VAL M 284 -48.78 -8.12 33.17
N SER M 285 -48.27 -9.31 32.90
CA SER M 285 -49.05 -10.37 32.29
C SER M 285 -48.73 -11.68 32.97
N TRP M 286 -49.71 -12.57 33.01
CA TRP M 286 -49.57 -13.87 33.66
C TRP M 286 -49.78 -14.98 32.65
N ASN M 287 -49.08 -16.09 32.86
CA ASN M 287 -49.27 -17.26 32.02
C ASN M 287 -50.68 -17.81 32.20
N ILE M 288 -51.05 -18.76 31.33
CA ILE M 288 -52.36 -19.38 31.44
C ILE M 288 -52.53 -20.06 32.78
N THR M 289 -51.44 -20.59 33.34
CA THR M 289 -51.46 -21.15 34.68
C THR M 289 -51.16 -20.14 35.77
N GLY M 290 -50.73 -18.93 35.40
CA GLY M 290 -50.38 -17.94 36.39
C GLY M 290 -49.14 -18.27 37.20
N THR M 291 -48.27 -19.13 36.68
CA THR M 291 -47.03 -19.47 37.36
C THR M 291 -45.83 -18.67 36.85
N VAL M 292 -46.00 -17.90 35.77
CA VAL M 292 -44.94 -17.07 35.21
C VAL M 292 -45.50 -15.67 35.01
N LEU M 293 -44.80 -14.67 35.54
CA LEU M 293 -45.21 -13.27 35.43
C LEU M 293 -44.22 -12.53 34.55
N ALA M 294 -44.73 -11.85 33.52
CA ALA M 294 -43.91 -11.09 32.59
C ALA M 294 -44.02 -9.61 32.92
N SER M 295 -42.88 -8.96 33.14
CA SER M 295 -42.83 -7.54 33.46
C SER M 295 -42.09 -6.79 32.36
N SER M 296 -42.72 -5.77 31.82
CA SER M 296 -42.13 -4.91 30.80
C SER M 296 -42.09 -3.49 31.32
N GLY M 297 -40.91 -2.89 31.34
CA GLY M 297 -40.75 -1.56 31.89
C GLY M 297 -40.07 -0.59 30.94
N ASP M 298 -39.61 0.54 31.47
CA ASP M 298 -38.94 1.55 30.66
C ASP M 298 -37.56 1.11 30.19
N ASP M 299 -37.01 0.03 30.76
CA ASP M 299 -35.70 -0.45 30.33
C ASP M 299 -35.74 -1.12 28.96
N GLY M 300 -36.93 -1.37 28.41
CA GLY M 300 -37.04 -1.99 27.11
C GLY M 300 -36.82 -3.49 27.08
N CYS M 301 -36.68 -4.12 28.24
CA CYS M 301 -36.46 -5.56 28.34
C CYS M 301 -37.62 -6.20 29.10
N VAL M 302 -38.18 -7.26 28.55
CA VAL M 302 -39.27 -8.01 29.17
C VAL M 302 -38.66 -9.14 29.99
N ARG M 303 -39.00 -9.19 31.27
CA ARG M 303 -38.48 -10.19 32.18
C ARG M 303 -39.61 -11.11 32.63
N LEU M 304 -39.41 -12.41 32.49
CA LEU M 304 -40.40 -13.41 32.88
C LEU M 304 -40.03 -13.94 34.26
N TRP M 305 -40.82 -13.55 35.26
CA TRP M 305 -40.60 -13.96 36.64
C TRP M 305 -41.44 -15.20 36.94
N LYS M 306 -40.79 -16.26 37.40
CA LYS M 306 -41.45 -17.53 37.66
C LYS M 306 -41.12 -18.02 39.05
N ALA M 307 -41.98 -18.89 39.57
CA ALA M 307 -41.79 -19.45 40.91
C ALA M 307 -40.66 -20.47 40.90
N ASN M 308 -40.18 -20.80 42.10
CA ASN M 308 -39.09 -21.74 42.30
C ASN M 308 -39.58 -22.93 43.11
N ASP M 311 -41.41 -22.26 46.54
CA ASP M 311 -42.56 -21.37 46.40
C ASP M 311 -42.17 -19.91 46.55
N ASN M 312 -40.95 -19.58 46.15
CA ASN M 312 -40.45 -18.21 46.17
C ASN M 312 -40.17 -17.76 44.75
N TRP M 313 -40.71 -16.60 44.37
CA TRP M 313 -40.56 -16.13 43.01
C TRP M 313 -39.11 -15.77 42.72
N LYS M 314 -38.74 -15.90 41.44
CA LYS M 314 -37.37 -15.62 41.02
C LYS M 314 -37.37 -15.36 39.52
N CYS M 315 -36.26 -14.81 39.04
CA CYS M 315 -36.13 -14.54 37.61
C CYS M 315 -35.95 -15.84 36.85
N THR M 316 -36.73 -16.01 35.78
CA THR M 316 -36.62 -17.18 34.92
C THR M 316 -35.97 -16.90 33.58
N GLY M 317 -35.85 -15.64 33.20
CA GLY M 317 -35.20 -15.30 31.94
C GLY M 317 -35.31 -13.81 31.68
N ILE M 318 -34.47 -13.34 30.78
CA ILE M 318 -34.43 -11.94 30.37
C ILE M 318 -34.48 -11.89 28.84
N LEU M 319 -35.40 -11.09 28.31
CA LEU M 319 -35.55 -10.93 26.87
C LEU M 319 -35.44 -9.46 26.51
N LYS M 320 -34.87 -9.20 25.33
CA LYS M 320 -34.68 -7.84 24.83
C LYS M 320 -35.53 -7.63 23.58
N GLY M 321 -36.18 -6.48 23.51
CA GLY M 321 -37.03 -6.15 22.39
C GLY M 321 -36.27 -5.92 21.09
N PHE N 2 -71.47 23.18 -22.74
CA PHE N 2 -70.87 23.96 -23.81
C PHE N 2 -70.21 25.22 -23.26
N VAL N 3 -69.09 25.60 -23.87
CA VAL N 3 -68.34 26.78 -23.48
C VAL N 3 -68.68 27.91 -24.45
N ALA N 4 -69.26 28.99 -23.93
CA ALA N 4 -69.72 30.09 -24.75
C ALA N 4 -68.62 31.12 -24.96
N ARG N 5 -68.51 31.61 -26.19
CA ARG N 5 -67.59 32.70 -26.52
C ARG N 5 -68.28 33.64 -27.49
N SER N 6 -68.11 34.94 -27.27
CA SER N 6 -68.75 35.95 -28.09
C SER N 6 -67.84 36.40 -29.22
N ILE N 7 -68.45 36.90 -30.30
CA ILE N 7 -67.74 37.40 -31.46
C ILE N 7 -68.15 38.84 -31.70
N ALA N 8 -67.15 39.71 -31.90
CA ALA N 8 -67.43 41.11 -32.21
C ALA N 8 -67.93 41.22 -33.66
N ALA N 9 -69.25 41.06 -33.84
CA ALA N 9 -69.82 41.07 -35.19
C ALA N 9 -69.64 42.41 -35.86
N ASP N 10 -69.79 43.51 -35.11
CA ASP N 10 -69.71 44.87 -35.65
C ASP N 10 -70.70 45.07 -36.80
N HIS N 11 -71.91 44.55 -36.63
CA HIS N 11 -72.97 44.69 -37.61
C HIS N 11 -73.87 45.84 -37.21
N LYS N 12 -74.17 46.72 -38.17
CA LYS N 12 -74.96 47.92 -37.89
C LYS N 12 -76.40 47.62 -37.52
N ASP N 13 -76.88 46.40 -37.76
CA ASP N 13 -78.26 46.04 -37.45
C ASP N 13 -78.27 44.61 -36.91
N LEU N 14 -79.47 44.08 -36.71
CA LEU N 14 -79.64 42.74 -36.16
C LEU N 14 -79.17 41.69 -37.17
N ILE N 15 -78.46 40.68 -36.67
CA ILE N 15 -78.01 39.57 -37.51
C ILE N 15 -79.18 38.63 -37.74
N HIS N 16 -79.59 38.46 -38.99
CA HIS N 16 -80.78 37.68 -39.31
C HIS N 16 -80.49 36.20 -39.49
N ASP N 17 -79.30 35.84 -39.97
CA ASP N 17 -78.99 34.43 -40.20
C ASP N 17 -77.48 34.22 -40.13
N VAL N 18 -77.09 33.06 -39.61
CA VAL N 18 -75.70 32.63 -39.57
C VAL N 18 -75.64 31.22 -40.13
N SER N 19 -74.73 30.99 -41.07
CA SER N 19 -74.62 29.70 -41.75
C SER N 19 -73.17 29.30 -41.86
N PHE N 20 -72.84 28.14 -41.28
CA PHE N 20 -71.52 27.57 -41.47
C PHE N 20 -71.37 27.03 -42.90
N ASP N 21 -70.13 26.82 -43.31
CA ASP N 21 -69.85 26.26 -44.62
C ASP N 21 -69.95 24.73 -44.54
N PHE N 22 -69.60 24.06 -45.64
CA PHE N 22 -69.66 22.61 -45.67
C PHE N 22 -68.66 21.98 -44.70
N HIS N 23 -67.43 22.51 -44.67
CA HIS N 23 -66.38 21.94 -43.84
C HIS N 23 -66.44 22.41 -42.39
N GLY N 24 -67.26 23.40 -42.08
CA GLY N 24 -67.36 23.91 -40.73
C GLY N 24 -66.29 24.92 -40.36
N ARG N 25 -65.35 25.21 -41.25
CA ARG N 25 -64.26 26.13 -40.96
C ARG N 25 -64.59 27.58 -41.31
N ARG N 26 -65.70 27.83 -41.99
CA ARG N 26 -66.06 29.18 -42.42
C ARG N 26 -67.48 29.49 -41.98
N MET N 27 -67.77 30.80 -41.90
CA MET N 27 -69.06 31.29 -41.44
C MET N 27 -69.51 32.40 -42.36
N ALA N 28 -70.83 32.60 -42.42
CA ALA N 28 -71.42 33.69 -43.19
C ALA N 28 -72.61 34.23 -42.41
N THR N 29 -72.56 35.52 -42.08
CA THR N 29 -73.61 36.17 -41.31
C THR N 29 -74.20 37.31 -42.13
N CYS N 30 -75.52 37.31 -42.24
CA CYS N 30 -76.26 38.35 -42.95
C CYS N 30 -77.15 39.11 -41.97
N SER N 31 -77.12 40.44 -42.07
CA SER N 31 -77.86 41.30 -41.15
C SER N 31 -78.80 42.20 -41.94
N SER N 32 -79.51 43.06 -41.20
CA SER N 32 -80.44 44.00 -41.82
C SER N 32 -79.74 45.24 -42.37
N ASP N 33 -78.43 45.38 -42.16
CA ASP N 33 -77.67 46.51 -42.69
C ASP N 33 -77.22 46.29 -44.13
N GLN N 34 -77.88 45.40 -44.86
CA GLN N 34 -77.56 45.10 -46.25
C GLN N 34 -76.11 44.66 -46.41
N SER N 35 -75.59 43.96 -45.41
CA SER N 35 -74.20 43.51 -45.41
C SER N 35 -74.14 42.03 -45.07
N VAL N 36 -73.30 41.31 -45.81
CA VAL N 36 -73.02 39.90 -45.55
C VAL N 36 -71.53 39.77 -45.25
N LYS N 37 -71.19 39.18 -44.11
CA LYS N 37 -69.82 39.07 -43.65
C LYS N 37 -69.44 37.60 -43.59
N VAL N 38 -68.28 37.27 -44.15
CA VAL N 38 -67.77 35.90 -44.18
C VAL N 38 -66.63 35.81 -43.16
N TRP N 39 -66.74 34.86 -42.24
CA TRP N 39 -65.77 34.67 -41.17
C TRP N 39 -65.00 33.37 -41.40
N ASP N 40 -63.67 33.47 -41.38
CA ASP N 40 -62.80 32.32 -41.48
C ASP N 40 -61.93 32.24 -40.23
N LYS N 41 -61.92 31.09 -39.58
CA LYS N 41 -61.15 30.89 -38.36
C LYS N 41 -59.79 30.29 -38.67
N SER N 42 -58.80 30.67 -37.88
CA SER N 42 -57.43 30.19 -38.04
C SER N 42 -57.11 29.17 -36.94
N GLU N 43 -55.85 28.74 -36.89
CA GLU N 43 -55.44 27.78 -35.87
C GLU N 43 -55.57 28.35 -34.47
N SER N 44 -55.52 29.68 -34.33
CA SER N 44 -55.70 30.31 -33.03
C SER N 44 -57.12 30.15 -32.50
N GLY N 45 -58.08 29.83 -33.36
CA GLY N 45 -59.46 29.67 -32.97
C GLY N 45 -60.30 30.92 -33.04
N ASP N 46 -59.71 32.07 -33.36
CA ASP N 46 -60.47 33.31 -33.47
C ASP N 46 -61.06 33.44 -34.87
N TRP N 47 -62.32 33.87 -34.92
CA TRP N 47 -63.03 34.05 -36.19
C TRP N 47 -62.70 35.45 -36.72
N HIS N 48 -62.07 35.50 -37.88
CA HIS N 48 -61.69 36.77 -38.51
C HIS N 48 -62.63 37.05 -39.67
N CYS N 49 -63.19 38.27 -39.69
CA CYS N 49 -64.06 38.68 -40.78
C CYS N 49 -63.24 38.95 -42.03
N THR N 50 -63.11 37.95 -42.90
CA THR N 50 -62.26 38.07 -44.07
C THR N 50 -62.93 38.79 -45.24
N ALA N 51 -64.22 39.10 -45.13
CA ALA N 51 -64.92 39.79 -46.21
C ALA N 51 -66.18 40.43 -45.65
N SER N 52 -66.50 41.63 -46.15
CA SER N 52 -67.69 42.35 -45.73
C SER N 52 -68.07 43.30 -46.86
N TRP N 53 -69.14 42.97 -47.58
CA TRP N 53 -69.56 43.77 -48.73
C TRP N 53 -71.07 43.97 -48.68
N LYS N 54 -71.51 45.13 -49.15
CA LYS N 54 -72.94 45.38 -49.28
C LYS N 54 -73.51 44.50 -50.39
N THR N 55 -74.70 43.94 -50.14
CA THR N 55 -75.28 42.94 -51.04
C THR N 55 -76.55 43.43 -51.71
N HIS N 56 -77.55 43.84 -50.93
CA HIS N 56 -78.88 44.14 -51.46
C HIS N 56 -79.30 45.54 -51.05
N SER N 57 -80.55 45.88 -51.39
CA SER N 57 -81.13 47.17 -51.03
C SER N 57 -81.90 47.11 -49.72
N GLY N 58 -82.69 46.05 -49.51
CA GLY N 58 -83.42 45.86 -48.28
C GLY N 58 -82.71 44.90 -47.33
N SER N 59 -83.39 44.61 -46.24
CA SER N 59 -82.84 43.71 -45.23
C SER N 59 -82.61 42.32 -45.82
N VAL N 60 -81.45 41.74 -45.48
CA VAL N 60 -81.06 40.42 -45.97
C VAL N 60 -81.46 39.40 -44.91
N TRP N 61 -82.31 38.44 -45.30
CA TRP N 61 -82.87 37.49 -44.36
C TRP N 61 -81.98 36.26 -44.18
N ARG N 62 -81.67 35.56 -45.27
CA ARG N 62 -80.99 34.27 -45.20
C ARG N 62 -79.76 34.28 -46.08
N VAL N 63 -78.67 33.69 -45.59
CA VAL N 63 -77.47 33.43 -46.36
C VAL N 63 -77.14 31.95 -46.22
N THR N 64 -76.87 31.29 -47.35
CA THR N 64 -76.63 29.85 -47.36
C THR N 64 -75.41 29.52 -48.21
N TRP N 65 -74.71 28.47 -47.82
CA TRP N 65 -73.51 28.01 -48.52
C TRP N 65 -73.86 26.94 -49.54
N ALA N 66 -72.99 26.81 -50.53
CA ALA N 66 -73.06 25.74 -51.52
C ALA N 66 -71.95 24.73 -51.27
N HIS N 67 -72.09 23.55 -51.88
CA HIS N 67 -71.10 22.51 -51.69
C HIS N 67 -69.77 22.97 -52.28
N PRO N 68 -68.64 22.65 -51.63
CA PRO N 68 -67.34 23.17 -52.09
C PRO N 68 -66.93 22.70 -53.48
N GLU N 69 -67.50 21.61 -53.99
CA GLU N 69 -67.16 21.19 -55.34
C GLU N 69 -67.58 22.22 -56.38
N PHE N 70 -68.56 23.06 -56.06
CA PHE N 70 -68.95 24.17 -56.92
C PHE N 70 -68.18 25.44 -56.60
N GLY N 71 -67.24 25.38 -55.65
CA GLY N 71 -66.51 26.55 -55.22
C GLY N 71 -67.15 27.21 -54.01
N GLN N 72 -66.46 28.22 -53.49
CA GLN N 72 -66.99 28.99 -52.37
C GLN N 72 -68.13 29.87 -52.86
N VAL N 73 -69.36 29.38 -52.75
CA VAL N 73 -70.53 30.03 -53.32
C VAL N 73 -71.52 30.34 -52.21
N LEU N 74 -72.01 31.57 -52.18
CA LEU N 74 -72.98 32.02 -51.20
C LEU N 74 -74.23 32.52 -51.90
N ALA N 75 -75.39 32.18 -51.37
CA ALA N 75 -76.67 32.66 -51.87
C ALA N 75 -77.38 33.41 -50.76
N SER N 76 -77.82 34.63 -51.05
CA SER N 76 -78.45 35.49 -50.06
C SER N 76 -79.77 36.03 -50.62
N CYS N 77 -80.84 35.84 -49.86
CA CYS N 77 -82.13 36.43 -50.17
C CYS N 77 -82.39 37.62 -49.26
N SER N 78 -83.14 38.60 -49.77
CA SER N 78 -83.33 39.86 -49.07
C SER N 78 -84.74 40.37 -49.29
N PHE N 79 -85.00 41.57 -48.75
CA PHE N 79 -86.29 42.22 -48.82
C PHE N 79 -86.57 42.80 -50.20
N ASP N 80 -85.55 42.94 -51.05
CA ASP N 80 -85.71 43.55 -52.37
C ASP N 80 -86.11 42.55 -53.44
N ARG N 81 -86.75 41.44 -53.05
CA ARG N 81 -87.29 40.46 -53.98
C ARG N 81 -86.21 39.85 -54.86
N THR N 82 -84.99 39.75 -54.34
CA THR N 82 -83.86 39.20 -55.09
C THR N 82 -83.14 38.15 -54.25
N ALA N 83 -82.59 37.16 -54.93
CA ALA N 83 -81.75 36.14 -54.32
C ALA N 83 -80.44 36.07 -55.10
N ALA N 84 -79.42 36.77 -54.60
CA ALA N 84 -78.15 36.89 -55.30
C ALA N 84 -77.25 35.70 -54.98
N VAL N 85 -76.40 35.34 -55.94
CA VAL N 85 -75.45 34.26 -55.80
C VAL N 85 -74.04 34.85 -55.86
N TRP N 86 -73.26 34.64 -54.81
CA TRP N 86 -71.94 35.25 -54.67
C TRP N 86 -70.86 34.17 -54.74
N GLU N 87 -69.83 34.43 -55.53
CA GLU N 87 -68.70 33.52 -55.69
C GLU N 87 -67.41 34.22 -55.27
N GLU N 88 -66.48 33.45 -54.72
CA GLU N 88 -65.21 33.96 -54.24
C GLU N 88 -64.13 33.72 -55.30
N ILE N 89 -63.38 34.77 -55.63
CA ILE N 89 -62.29 34.71 -56.58
C ILE N 89 -61.02 35.19 -55.89
N VAL N 90 -59.96 34.39 -55.99
CA VAL N 90 -58.68 34.75 -55.41
C VAL N 90 -57.73 35.26 -56.49
N GLN N 100 -56.49 38.44 -53.55
CA GLN N 100 -57.07 38.45 -52.21
C GLN N 100 -58.44 37.77 -52.21
N SER N 101 -59.14 37.89 -51.09
CA SER N 101 -60.46 37.27 -50.93
C SER N 101 -61.50 38.26 -51.44
N HIS N 102 -61.87 38.11 -52.71
CA HIS N 102 -62.84 38.98 -53.35
C HIS N 102 -64.10 38.18 -53.70
N TRP N 103 -65.25 38.68 -53.27
CA TRP N 103 -66.53 38.04 -53.54
C TRP N 103 -67.27 38.84 -54.62
N VAL N 104 -67.71 38.14 -55.66
CA VAL N 104 -68.35 38.76 -56.81
C VAL N 104 -69.77 38.23 -56.93
N LYS N 105 -70.69 39.09 -57.34
CA LYS N 105 -72.07 38.68 -57.58
C LYS N 105 -72.17 37.99 -58.93
N ARG N 106 -72.73 36.77 -58.94
CA ARG N 106 -72.86 36.01 -60.17
C ARG N 106 -74.19 36.26 -60.87
N THR N 107 -75.29 36.00 -60.18
CA THR N 107 -76.62 36.17 -60.76
C THR N 107 -77.57 36.75 -59.71
N THR N 108 -78.40 37.69 -60.13
CA THR N 108 -79.47 38.22 -59.30
C THR N 108 -80.78 37.58 -59.74
N LEU N 109 -81.43 36.87 -58.83
CA LEU N 109 -82.66 36.14 -59.13
C LEU N 109 -83.84 37.06 -58.82
N VAL N 110 -84.45 37.61 -59.87
CA VAL N 110 -85.47 38.64 -59.72
C VAL N 110 -86.85 38.12 -60.13
N ASP N 111 -87.05 36.80 -60.17
CA ASP N 111 -88.33 36.25 -60.57
C ASP N 111 -89.42 36.54 -59.54
N SER N 112 -89.07 36.55 -58.26
CA SER N 112 -90.06 36.78 -57.22
C SER N 112 -90.56 38.22 -57.25
N ARG N 113 -91.87 38.39 -57.21
CA ARG N 113 -92.48 39.72 -57.18
C ARG N 113 -92.59 40.30 -55.78
N THR N 114 -92.28 39.52 -54.75
CA THR N 114 -92.37 39.98 -53.38
C THR N 114 -91.11 39.52 -52.63
N SER N 115 -91.06 39.84 -51.34
CA SER N 115 -89.88 39.56 -50.54
C SER N 115 -89.59 38.06 -50.51
N VAL N 116 -88.32 37.71 -50.68
CA VAL N 116 -87.87 36.32 -50.62
C VAL N 116 -87.43 36.06 -49.18
N THR N 117 -88.21 35.24 -48.47
CA THR N 117 -87.94 35.04 -47.04
C THR N 117 -86.72 34.15 -46.81
N ASP N 118 -86.60 33.06 -47.59
CA ASP N 118 -85.52 32.11 -47.37
C ASP N 118 -84.97 31.63 -48.70
N VAL N 119 -83.68 31.32 -48.70
CA VAL N 119 -82.99 30.72 -49.84
C VAL N 119 -82.12 29.59 -49.32
N LYS N 120 -82.15 28.45 -50.01
CA LYS N 120 -81.40 27.28 -49.56
C LYS N 120 -80.89 26.50 -50.76
N PHE N 121 -79.61 26.13 -50.72
CA PHE N 121 -79.04 25.30 -51.77
C PHE N 121 -79.52 23.86 -51.63
N ALA N 122 -79.78 23.22 -52.76
CA ALA N 122 -80.15 21.82 -52.78
C ALA N 122 -78.94 20.95 -52.45
N PRO N 123 -79.17 19.70 -52.03
CA PRO N 123 -78.04 18.81 -51.72
C PRO N 123 -77.13 18.61 -52.92
N LYS N 124 -75.93 18.07 -52.62
CA LYS N 124 -74.90 17.94 -53.64
C LYS N 124 -75.33 17.01 -54.77
N HIS N 125 -75.99 15.89 -54.44
CA HIS N 125 -76.29 14.87 -55.43
C HIS N 125 -77.27 15.36 -56.50
N MET N 126 -77.95 16.48 -56.29
CA MET N 126 -78.79 17.08 -57.31
C MET N 126 -78.03 18.01 -58.25
N GLY N 127 -76.74 18.22 -58.02
CA GLY N 127 -76.01 19.24 -58.75
C GLY N 127 -76.02 20.56 -58.00
N LEU N 128 -76.09 21.67 -58.72
CA LEU N 128 -76.15 22.99 -58.11
C LEU N 128 -77.55 23.54 -58.34
N MET N 129 -78.46 23.24 -57.42
CA MET N 129 -79.84 23.66 -57.49
C MET N 129 -80.16 24.57 -56.31
N LEU N 130 -80.98 25.59 -56.57
CA LEU N 130 -81.32 26.60 -55.56
C LEU N 130 -82.82 26.74 -55.46
N ALA N 131 -83.31 26.84 -54.23
CA ALA N 131 -84.73 27.03 -53.95
C ALA N 131 -84.93 28.31 -53.18
N THR N 132 -85.87 29.13 -53.63
CA THR N 132 -86.21 30.39 -52.97
C THR N 132 -87.70 30.44 -52.71
N CYS N 133 -88.09 30.85 -51.51
CA CYS N 133 -89.49 30.98 -51.13
C CYS N 133 -89.82 32.45 -50.94
N SER N 134 -90.94 32.89 -51.50
CA SER N 134 -91.37 34.27 -51.44
C SER N 134 -92.59 34.42 -50.56
N ALA N 135 -92.89 35.66 -50.19
CA ALA N 135 -94.01 35.94 -49.28
C ALA N 135 -95.36 35.78 -49.94
N ASP N 136 -95.42 35.63 -51.26
CA ASP N 136 -96.70 35.49 -51.96
C ASP N 136 -97.12 34.04 -52.11
N GLY N 137 -96.36 33.09 -51.58
CA GLY N 137 -96.70 31.69 -51.69
C GLY N 137 -96.08 30.95 -52.85
N ILE N 138 -95.07 31.51 -53.49
CA ILE N 138 -94.42 30.89 -54.63
C ILE N 138 -93.02 30.44 -54.20
N VAL N 139 -92.75 29.15 -54.35
CA VAL N 139 -91.44 28.58 -54.08
C VAL N 139 -90.81 28.24 -55.42
N ARG N 140 -89.70 28.91 -55.75
CA ARG N 140 -89.06 28.78 -57.04
C ARG N 140 -87.78 27.98 -56.89
N ILE N 141 -87.60 26.98 -57.74
CA ILE N 141 -86.45 26.08 -57.69
C ILE N 141 -85.63 26.31 -58.94
N TYR N 142 -84.38 26.74 -58.76
CA TYR N 142 -83.50 27.07 -59.86
C TYR N 142 -82.48 25.95 -60.08
N GLU N 143 -81.68 26.10 -61.14
CA GLU N 143 -80.64 25.14 -61.46
C GLU N 143 -79.60 25.80 -62.35
N ALA N 144 -78.35 25.40 -62.17
CA ALA N 144 -77.28 25.83 -63.06
C ALA N 144 -76.86 24.65 -63.93
N PRO N 145 -77.23 24.62 -65.21
CA PRO N 145 -76.87 23.47 -66.05
C PRO N 145 -75.37 23.25 -66.15
N ASP N 146 -74.58 24.31 -66.15
CA ASP N 146 -73.12 24.21 -66.21
C ASP N 146 -72.57 24.76 -64.90
N VAL N 147 -72.01 23.88 -64.07
CA VAL N 147 -71.48 24.28 -62.77
C VAL N 147 -70.28 25.21 -62.89
N MET N 148 -69.66 25.30 -64.07
CA MET N 148 -68.55 26.21 -64.29
C MET N 148 -69.00 27.60 -64.70
N ASN N 149 -70.28 27.79 -64.99
CA ASN N 149 -70.85 29.09 -65.38
C ASN N 149 -71.98 29.40 -64.41
N LEU N 150 -71.66 30.07 -63.31
CA LEU N 150 -72.63 30.40 -62.28
C LEU N 150 -73.41 31.67 -62.59
N SER N 151 -73.10 32.35 -63.69
CA SER N 151 -73.84 33.54 -64.10
C SER N 151 -75.09 33.21 -64.88
N GLN N 152 -75.35 31.93 -65.17
CA GLN N 152 -76.51 31.51 -65.93
C GLN N 152 -77.31 30.51 -65.10
N TRP N 153 -78.45 30.95 -64.60
CA TRP N 153 -79.37 30.11 -63.84
C TRP N 153 -80.69 30.00 -64.59
N SER N 154 -81.20 28.79 -64.73
CA SER N 154 -82.47 28.53 -65.40
C SER N 154 -83.49 28.06 -64.38
N LEU N 155 -84.64 28.74 -64.32
CA LEU N 155 -85.70 28.38 -63.39
C LEU N 155 -86.34 27.08 -63.84
N GLN N 156 -86.19 26.03 -63.03
CA GLN N 156 -86.75 24.72 -63.39
C GLN N 156 -88.24 24.63 -63.04
N HIS N 157 -88.58 24.83 -61.78
CA HIS N 157 -89.96 24.73 -61.32
C HIS N 157 -90.29 25.90 -60.40
N GLU N 158 -91.57 26.24 -60.37
CA GLU N 158 -92.12 27.18 -59.40
C GLU N 158 -93.39 26.57 -58.82
N ILE N 159 -93.50 26.60 -57.50
CA ILE N 159 -94.58 25.92 -56.78
C ILE N 159 -95.40 26.96 -56.03
N SER N 160 -96.71 26.93 -56.21
CA SER N 160 -97.61 27.82 -55.49
C SER N 160 -98.05 27.15 -54.20
N CYS N 161 -97.69 27.75 -53.07
CA CYS N 161 -97.96 27.19 -51.76
C CYS N 161 -99.20 27.77 -51.10
N LYS N 162 -99.93 28.66 -51.78
CA LYS N 162 -101.20 29.24 -51.34
C LYS N 162 -101.12 29.83 -49.92
N LEU N 163 -99.92 30.06 -49.42
CA LEU N 163 -99.71 30.64 -48.10
C LEU N 163 -98.37 31.35 -48.09
N SER N 164 -98.28 32.42 -47.28
CA SER N 164 -97.07 33.23 -47.25
C SER N 164 -95.89 32.41 -46.73
N CYS N 165 -94.98 32.04 -47.64
CA CYS N 165 -93.86 31.20 -47.26
C CYS N 165 -92.89 31.95 -46.38
N SER N 166 -92.29 31.24 -45.42
CA SER N 166 -91.31 31.82 -44.52
C SER N 166 -90.05 30.98 -44.35
N CYS N 167 -90.09 29.68 -44.65
CA CYS N 167 -88.92 28.83 -44.49
C CYS N 167 -89.06 27.61 -45.37
N ILE N 168 -87.94 27.16 -45.92
CA ILE N 168 -87.87 25.93 -46.70
C ILE N 168 -86.71 25.10 -46.19
N SER N 169 -86.75 23.81 -46.52
CA SER N 169 -85.70 22.89 -46.08
C SER N 169 -85.67 21.70 -47.03
N TRP N 170 -84.57 21.56 -47.77
CA TRP N 170 -84.40 20.39 -48.62
C TRP N 170 -84.23 19.13 -47.80
N ASN N 171 -84.54 18.00 -48.42
CA ASN N 171 -84.27 16.70 -47.81
C ASN N 171 -82.83 16.32 -48.10
N PRO N 172 -81.95 16.28 -47.09
CA PRO N 172 -80.54 15.98 -47.35
C PRO N 172 -80.22 14.51 -47.60
N SER N 173 -81.23 13.68 -47.85
CA SER N 173 -80.99 12.28 -48.11
C SER N 173 -80.28 12.10 -49.44
N SER N 174 -79.19 11.34 -49.43
CA SER N 174 -78.44 11.02 -50.64
C SER N 174 -78.83 9.68 -51.23
N SER N 175 -79.81 9.00 -50.65
CA SER N 175 -80.23 7.70 -51.15
C SER N 175 -81.00 7.84 -52.45
N ARG N 176 -80.87 6.83 -53.30
CA ARG N 176 -81.65 6.76 -54.53
C ARG N 176 -83.07 6.26 -54.26
N ALA N 177 -83.35 5.73 -53.07
CA ALA N 177 -84.69 5.29 -52.74
C ALA N 177 -85.59 6.43 -52.31
N HIS N 178 -85.03 7.60 -52.00
CA HIS N 178 -85.80 8.76 -51.58
C HIS N 178 -85.83 9.75 -52.74
N SER N 179 -87.04 10.08 -53.20
CA SER N 179 -87.20 11.09 -54.22
C SER N 179 -86.88 12.47 -53.65
N PRO N 180 -86.53 13.43 -54.50
CA PRO N 180 -86.29 14.79 -54.01
C PRO N 180 -87.50 15.32 -53.27
N MET N 181 -87.24 16.02 -52.16
CA MET N 181 -88.30 16.47 -51.28
C MET N 181 -87.93 17.80 -50.67
N ILE N 182 -88.84 18.77 -50.73
CA ILE N 182 -88.67 20.08 -50.14
C ILE N 182 -89.90 20.41 -49.32
N ALA N 183 -89.70 20.80 -48.06
CA ALA N 183 -90.77 21.24 -47.19
C ALA N 183 -90.87 22.76 -47.22
N VAL N 184 -92.08 23.27 -47.07
CA VAL N 184 -92.33 24.71 -47.09
C VAL N 184 -93.19 25.05 -45.88
N GLY N 185 -92.66 25.92 -45.02
CA GLY N 185 -93.39 26.41 -43.86
C GLY N 185 -93.93 27.81 -44.10
N SER N 186 -95.02 28.14 -43.42
CA SER N 186 -95.66 29.44 -43.55
C SER N 186 -95.80 30.08 -42.18
N ASP N 187 -95.50 31.38 -42.11
CA ASP N 187 -95.62 32.16 -40.88
C ASP N 187 -96.90 32.98 -40.84
N ASP N 188 -97.83 32.74 -41.76
CA ASP N 188 -99.07 33.49 -41.80
C ASP N 188 -99.88 33.23 -40.53
N SER N 189 -100.49 34.29 -40.00
CA SER N 189 -101.23 34.23 -38.74
C SER N 189 -102.72 34.49 -38.95
N SER N 190 -103.29 33.90 -39.99
CA SER N 190 -104.71 34.04 -40.24
C SER N 190 -105.51 33.38 -39.12
N PRO N 191 -106.66 33.94 -38.74
CA PRO N 191 -107.49 33.30 -37.70
C PRO N 191 -107.94 31.90 -38.04
N ASN N 192 -108.16 31.62 -39.32
CA ASN N 192 -108.56 30.29 -39.74
C ASN N 192 -107.42 29.30 -39.50
N ALA N 193 -107.79 28.05 -39.23
CA ALA N 193 -106.83 27.00 -38.89
C ALA N 193 -106.59 26.15 -40.15
N MET N 194 -105.49 26.44 -40.84
CA MET N 194 -105.04 25.64 -41.97
C MET N 194 -103.59 25.22 -41.73
N ALA N 195 -103.21 24.12 -42.36
CA ALA N 195 -101.85 23.60 -42.20
C ALA N 195 -100.83 24.61 -42.69
N LYS N 196 -99.81 24.86 -41.88
CA LYS N 196 -98.78 25.84 -42.19
C LYS N 196 -97.52 25.23 -42.78
N VAL N 197 -97.48 23.90 -42.96
CA VAL N 197 -96.32 23.22 -43.50
C VAL N 197 -96.80 22.30 -44.63
N GLN N 198 -96.26 22.51 -45.83
CA GLN N 198 -96.55 21.67 -46.98
C GLN N 198 -95.25 21.05 -47.47
N ILE N 199 -95.32 19.76 -47.83
CA ILE N 199 -94.15 19.01 -48.24
C ILE N 199 -94.36 18.59 -49.69
N PHE N 200 -93.42 18.98 -50.56
CA PHE N 200 -93.48 18.69 -51.99
C PHE N 200 -92.38 17.71 -52.37
N GLU N 201 -92.74 16.68 -53.12
CA GLU N 201 -91.81 15.65 -53.56
C GLU N 201 -91.72 15.67 -55.08
N TYR N 202 -90.50 15.67 -55.59
CA TYR N 202 -90.29 15.61 -57.03
C TYR N 202 -90.59 14.21 -57.55
N ASN N 203 -91.42 14.13 -58.58
CA ASN N 203 -91.79 12.87 -59.20
C ASN N 203 -91.06 12.77 -60.55
N GLU N 204 -90.32 11.68 -60.74
CA GLU N 204 -89.55 11.52 -61.97
C GLU N 204 -90.46 11.32 -63.17
N ASN N 205 -91.59 10.64 -62.99
CA ASN N 205 -92.49 10.37 -64.10
C ASN N 205 -93.05 11.67 -64.69
N THR N 206 -93.51 12.57 -63.83
CA THR N 206 -94.06 13.85 -64.29
C THR N 206 -93.02 14.94 -64.42
N ARG N 207 -91.82 14.75 -63.87
CA ARG N 207 -90.77 15.75 -63.88
C ARG N 207 -91.26 17.08 -63.30
N LYS N 208 -92.08 16.99 -62.25
CA LYS N 208 -92.66 18.16 -61.63
C LYS N 208 -92.84 17.90 -60.13
N TYR N 209 -92.65 18.94 -59.34
CA TYR N 209 -92.86 18.82 -57.89
C TYR N 209 -94.36 18.75 -57.61
N ALA N 210 -94.76 17.81 -56.77
CA ALA N 210 -96.15 17.63 -56.38
C ALA N 210 -96.23 17.56 -54.86
N LYS N 211 -97.30 18.14 -54.31
CA LYS N 211 -97.51 18.12 -52.87
C LYS N 211 -97.72 16.68 -52.39
N ALA N 212 -96.76 16.15 -51.65
CA ALA N 212 -96.81 14.76 -51.21
C ALA N 212 -97.57 14.62 -49.88
N GLU N 213 -97.10 15.32 -48.85
CA GLU N 213 -97.70 15.24 -47.53
C GLU N 213 -97.91 16.64 -46.98
N THR N 214 -98.96 16.79 -46.18
CA THR N 214 -99.30 18.06 -45.55
C THR N 214 -99.50 17.81 -44.05
N LEU N 215 -98.87 18.63 -43.23
CA LEU N 215 -98.91 18.46 -41.77
C LEU N 215 -100.05 19.30 -41.23
N MET N 216 -101.23 18.68 -41.13
CA MET N 216 -102.41 19.41 -40.66
C MET N 216 -102.30 19.79 -39.19
N THR N 217 -101.52 19.05 -38.40
CA THR N 217 -101.44 19.32 -36.97
C THR N 217 -100.74 20.64 -36.65
N VAL N 218 -99.98 21.19 -37.60
CA VAL N 218 -99.25 22.44 -37.38
C VAL N 218 -100.10 23.56 -37.95
N THR N 219 -100.74 24.32 -37.05
CA THR N 219 -101.54 25.47 -37.45
C THR N 219 -100.95 26.80 -37.00
N ASP N 220 -100.06 26.79 -36.01
CA ASP N 220 -99.39 28.00 -35.58
C ASP N 220 -98.41 28.46 -36.65
N PRO N 221 -98.08 29.75 -36.67
CA PRO N 221 -97.08 30.24 -37.64
C PRO N 221 -95.75 29.53 -37.46
N VAL N 222 -95.11 29.21 -38.58
CA VAL N 222 -93.85 28.48 -38.61
C VAL N 222 -92.76 29.47 -39.00
N HIS N 223 -91.72 29.55 -38.17
CA HIS N 223 -90.61 30.46 -38.42
C HIS N 223 -89.37 29.77 -38.98
N ASP N 224 -89.27 28.44 -38.85
CA ASP N 224 -88.13 27.72 -39.38
C ASP N 224 -88.46 26.24 -39.44
N ILE N 225 -88.04 25.60 -40.53
CA ILE N 225 -88.13 24.15 -40.69
C ILE N 225 -86.76 23.62 -41.07
N ALA N 226 -86.48 22.38 -40.70
CA ALA N 226 -85.17 21.80 -40.95
C ALA N 226 -85.30 20.29 -41.01
N PHE N 227 -85.10 19.73 -42.20
CA PHE N 227 -85.02 18.28 -42.34
C PHE N 227 -83.77 17.76 -41.64
N ALA N 228 -83.92 16.65 -40.94
CA ALA N 228 -82.76 16.06 -40.29
C ALA N 228 -81.84 15.41 -41.32
N PRO N 229 -80.53 15.54 -41.16
CA PRO N 229 -79.60 14.81 -42.05
C PRO N 229 -79.86 13.31 -41.97
N ASN N 230 -80.20 12.73 -43.12
CA ASN N 230 -80.61 11.33 -43.19
C ASN N 230 -79.54 10.43 -42.60
N LEU N 231 -78.36 10.40 -43.25
CA LEU N 231 -77.17 9.73 -42.74
C LEU N 231 -77.48 8.28 -42.33
N GLY N 232 -77.86 7.51 -43.34
CA GLY N 232 -78.06 6.08 -43.16
C GLY N 232 -79.44 5.66 -42.70
N ARG N 233 -80.32 6.60 -42.35
CA ARG N 233 -81.65 6.23 -41.89
C ARG N 233 -82.51 5.81 -43.07
N SER N 234 -83.71 5.29 -42.75
CA SER N 234 -84.68 4.92 -43.77
C SER N 234 -85.90 5.81 -43.80
N PHE N 235 -86.16 6.56 -42.73
CA PHE N 235 -87.27 7.49 -42.67
C PHE N 235 -86.74 8.92 -42.52
N HIS N 236 -87.61 9.88 -42.81
CA HIS N 236 -87.25 11.29 -42.80
C HIS N 236 -87.77 11.94 -41.53
N ILE N 237 -86.91 12.73 -40.88
CA ILE N 237 -87.24 13.43 -39.64
C ILE N 237 -87.24 14.92 -39.93
N LEU N 238 -88.35 15.58 -39.59
CA LEU N 238 -88.54 17.00 -39.85
C LEU N 238 -88.72 17.73 -38.53
N ALA N 239 -87.98 18.83 -38.36
CA ALA N 239 -88.08 19.69 -37.19
C ALA N 239 -88.74 20.99 -37.58
N ILE N 240 -89.69 21.45 -36.77
CA ILE N 240 -90.51 22.62 -37.09
C ILE N 240 -90.43 23.60 -35.92
N ALA N 241 -90.22 24.87 -36.24
CA ALA N 241 -90.17 25.93 -35.25
C ALA N 241 -91.46 26.73 -35.26
N THR N 242 -92.14 26.77 -34.13
CA THR N 242 -93.43 27.44 -33.96
C THR N 242 -93.45 28.01 -32.54
N LYS N 243 -94.66 28.29 -32.03
CA LYS N 243 -94.79 28.64 -30.62
C LYS N 243 -94.24 27.55 -29.71
N ASP N 244 -94.19 26.31 -30.21
CA ASP N 244 -93.47 25.22 -29.54
C ASP N 244 -92.46 24.62 -30.51
N VAL N 245 -91.81 23.54 -30.11
CA VAL N 245 -90.87 22.83 -30.98
C VAL N 245 -91.45 21.45 -31.27
N ARG N 246 -91.71 21.17 -32.54
CA ARG N 246 -92.29 19.91 -32.96
C ARG N 246 -91.32 19.18 -33.88
N ILE N 247 -91.24 17.85 -33.70
CA ILE N 247 -90.40 16.99 -34.53
C ILE N 247 -91.30 15.91 -35.13
N PHE N 248 -91.33 15.85 -36.45
CA PHE N 248 -92.15 14.86 -37.16
C PHE N 248 -91.25 13.87 -37.87
N THR N 249 -91.69 12.62 -37.92
CA THR N 249 -90.98 11.56 -38.62
C THR N 249 -91.81 11.13 -39.83
N LEU N 250 -91.19 11.14 -41.00
CA LEU N 250 -91.86 10.80 -42.25
C LEU N 250 -91.37 9.42 -42.68
N LYS N 251 -92.21 8.41 -42.49
CA LYS N 251 -91.85 7.05 -42.86
C LYS N 251 -92.53 6.69 -44.17
N PRO N 252 -91.79 6.54 -45.26
CA PRO N 252 -92.41 6.17 -46.54
C PRO N 252 -92.97 4.75 -46.49
N VAL N 253 -94.04 4.56 -47.25
CA VAL N 253 -94.67 3.25 -47.36
C VAL N 253 -94.22 2.57 -48.64
N ARG N 254 -94.37 1.25 -48.68
CA ARG N 254 -93.97 0.47 -49.84
C ARG N 254 -94.90 0.71 -51.02
N GLY N 262 -96.74 8.76 -58.96
CA GLY N 262 -97.49 9.37 -57.88
C GLY N 262 -96.65 9.69 -56.66
N PRO N 263 -97.04 10.73 -55.92
CA PRO N 263 -96.28 11.09 -54.72
C PRO N 263 -96.32 9.97 -53.69
N THR N 264 -95.19 9.81 -52.98
CA THR N 264 -95.10 8.77 -51.96
C THR N 264 -95.94 9.16 -50.74
N LYS N 265 -96.57 8.17 -50.14
CA LYS N 265 -97.39 8.38 -48.94
C LYS N 265 -96.55 8.08 -47.70
N PHE N 266 -96.57 8.99 -46.74
CA PHE N 266 -95.76 8.89 -45.53
C PHE N 266 -96.66 8.69 -44.31
N GLU N 267 -96.22 7.84 -43.39
CA GLU N 267 -96.92 7.64 -42.12
C GLU N 267 -96.40 8.67 -41.13
N ILE N 268 -97.01 9.86 -41.18
CA ILE N 268 -96.53 10.98 -40.39
C ILE N 268 -96.87 10.75 -38.92
N HIS N 269 -95.85 10.79 -38.06
CA HIS N 269 -96.01 10.65 -36.63
C HIS N 269 -95.22 11.75 -35.93
N ILE N 270 -95.86 12.47 -35.03
CA ILE N 270 -95.17 13.46 -34.22
C ILE N 270 -94.49 12.73 -33.05
N VAL N 271 -93.19 12.99 -32.87
CA VAL N 271 -92.41 12.32 -31.85
C VAL N 271 -91.86 13.28 -30.81
N ALA N 272 -92.14 14.58 -30.94
CA ALA N 272 -91.67 15.55 -29.96
C ALA N 272 -92.54 16.79 -30.04
N GLN N 273 -92.78 17.38 -28.87
CA GLN N 273 -93.52 18.64 -28.78
C GLN N 273 -93.06 19.33 -27.50
N PHE N 274 -92.17 20.31 -27.65
CA PHE N 274 -91.51 20.96 -26.52
C PHE N 274 -91.97 22.40 -26.42
N ASP N 275 -92.51 22.78 -25.25
CA ASP N 275 -92.85 24.15 -24.94
C ASP N 275 -91.91 24.75 -23.91
N ASN N 276 -90.70 24.19 -23.78
CA ASN N 276 -89.75 24.66 -22.79
C ASN N 276 -89.29 26.09 -23.05
N HIS N 277 -89.44 26.58 -24.28
CA HIS N 277 -89.10 27.97 -24.56
C HIS N 277 -90.13 28.93 -23.98
N ASN N 278 -91.38 28.48 -23.83
CA ASN N 278 -92.47 29.29 -23.29
C ASN N 278 -92.69 30.56 -24.12
N SER N 279 -92.32 30.52 -25.39
CA SER N 279 -92.42 31.66 -26.29
C SER N 279 -92.26 31.14 -27.71
N GLN N 280 -92.31 32.07 -28.67
CA GLN N 280 -92.16 31.70 -30.08
C GLN N 280 -90.73 31.24 -30.35
N VAL N 281 -90.59 30.12 -31.05
CA VAL N 281 -89.30 29.57 -31.41
C VAL N 281 -89.01 30.00 -32.85
N TRP N 282 -87.87 30.68 -33.04
CA TRP N 282 -87.56 31.30 -34.32
C TRP N 282 -86.76 30.38 -35.25
N ARG N 283 -85.78 29.65 -34.72
CA ARG N 283 -84.89 28.87 -35.55
C ARG N 283 -84.73 27.46 -34.99
N VAL N 284 -84.56 26.50 -35.91
CA VAL N 284 -84.22 25.13 -35.59
C VAL N 284 -83.09 24.70 -36.51
N SER N 285 -82.09 24.01 -35.95
CA SER N 285 -80.92 23.60 -36.72
C SER N 285 -80.42 22.27 -36.20
N TRP N 286 -80.36 21.27 -37.07
CA TRP N 286 -79.79 19.98 -36.73
C TRP N 286 -78.27 20.04 -36.74
N ASN N 287 -77.66 19.01 -36.16
CA ASN N 287 -76.21 18.85 -36.23
C ASN N 287 -75.85 18.02 -37.46
N ILE N 288 -74.59 17.61 -37.56
CA ILE N 288 -74.15 16.86 -38.73
C ILE N 288 -74.74 15.46 -38.76
N THR N 289 -74.85 14.81 -37.60
CA THR N 289 -75.38 13.46 -37.55
C THR N 289 -76.90 13.41 -37.51
N GLY N 290 -77.56 14.56 -37.39
CA GLY N 290 -79.02 14.57 -37.29
C GLY N 290 -79.53 13.91 -36.04
N THR N 291 -78.81 14.05 -34.93
CA THR N 291 -79.20 13.45 -33.66
C THR N 291 -79.52 14.46 -32.58
N VAL N 292 -78.94 15.67 -32.64
CA VAL N 292 -79.19 16.72 -31.67
C VAL N 292 -79.76 17.92 -32.40
N LEU N 293 -80.89 18.42 -31.93
CA LEU N 293 -81.57 19.56 -32.52
C LEU N 293 -81.50 20.74 -31.57
N ALA N 294 -81.09 21.90 -32.08
CA ALA N 294 -81.01 23.13 -31.31
C ALA N 294 -82.16 24.04 -31.71
N SER N 295 -82.87 24.57 -30.70
CA SER N 295 -83.99 25.47 -30.91
C SER N 295 -83.71 26.78 -30.21
N SER N 296 -83.95 27.88 -30.91
CA SER N 296 -83.74 29.23 -30.38
C SER N 296 -85.07 29.96 -30.40
N GLY N 297 -85.57 30.32 -29.21
CA GLY N 297 -86.84 31.00 -29.07
C GLY N 297 -86.70 32.44 -28.62
N ASP N 298 -87.86 33.05 -28.37
CA ASP N 298 -87.88 34.43 -27.90
C ASP N 298 -87.25 34.59 -26.52
N ASP N 299 -87.10 33.49 -25.77
CA ASP N 299 -86.45 33.54 -24.47
C ASP N 299 -84.95 33.78 -24.57
N GLY N 300 -84.38 33.72 -25.76
CA GLY N 300 -82.96 33.92 -25.91
C GLY N 300 -82.10 32.77 -25.46
N CYS N 301 -82.66 31.56 -25.42
CA CYS N 301 -81.94 30.37 -24.98
C CYS N 301 -81.93 29.33 -26.09
N VAL N 302 -80.83 28.59 -26.17
CA VAL N 302 -80.67 27.52 -27.14
C VAL N 302 -80.79 26.19 -26.39
N ARG N 303 -81.79 25.40 -26.75
CA ARG N 303 -82.09 24.15 -26.08
C ARG N 303 -81.77 23.00 -27.02
N LEU N 304 -80.81 22.16 -26.64
CA LEU N 304 -80.39 21.04 -27.46
C LEU N 304 -81.25 19.83 -27.13
N TRP N 305 -81.91 19.27 -28.15
CA TRP N 305 -82.82 18.15 -27.98
C TRP N 305 -82.22 16.90 -28.61
N LYS N 306 -82.18 15.81 -27.85
CA LYS N 306 -81.63 14.55 -28.30
C LYS N 306 -82.60 13.42 -27.94
N ALA N 307 -82.58 12.37 -28.74
CA ALA N 307 -83.47 11.23 -28.58
C ALA N 307 -82.66 10.03 -28.11
N ASN N 308 -83.17 9.36 -27.08
CA ASN N 308 -82.54 8.14 -26.56
C ASN N 308 -82.94 6.96 -27.44
N TYR N 309 -82.54 5.75 -27.04
CA TYR N 309 -82.86 4.56 -27.82
C TYR N 309 -84.33 4.20 -27.81
N MET N 310 -85.12 4.82 -26.93
CA MET N 310 -86.56 4.59 -26.88
C MET N 310 -87.34 5.64 -27.66
N ASP N 311 -86.67 6.47 -28.45
CA ASP N 311 -87.30 7.51 -29.26
C ASP N 311 -88.07 8.51 -28.37
N ASN N 312 -87.51 8.80 -27.20
CA ASN N 312 -88.05 9.81 -26.29
C ASN N 312 -87.11 11.00 -26.34
N TRP N 313 -87.50 12.03 -27.08
CA TRP N 313 -86.65 13.20 -27.25
C TRP N 313 -86.57 13.98 -25.95
N LYS N 314 -85.35 14.31 -25.54
CA LYS N 314 -85.12 15.01 -24.28
C LYS N 314 -84.11 16.13 -24.49
N CYS N 315 -84.17 17.13 -23.63
CA CYS N 315 -83.24 18.25 -23.67
C CYS N 315 -81.92 17.83 -23.04
N THR N 316 -80.83 17.99 -23.79
CA THR N 316 -79.50 17.67 -23.30
C THR N 316 -78.70 18.91 -22.91
N GLY N 317 -79.35 20.07 -22.85
CA GLY N 317 -78.65 21.28 -22.44
C GLY N 317 -79.40 22.55 -22.77
N ILE N 318 -79.24 23.57 -21.95
CA ILE N 318 -79.82 24.89 -22.18
C ILE N 318 -78.66 25.88 -22.29
N LEU N 319 -78.59 26.59 -23.41
CA LEU N 319 -77.48 27.46 -23.72
C LEU N 319 -77.98 28.89 -23.83
N LYS N 320 -77.35 29.81 -23.09
CA LYS N 320 -77.77 31.19 -23.03
C LYS N 320 -76.66 32.10 -23.56
N GLY N 321 -77.08 33.21 -24.16
CA GLY N 321 -76.14 34.18 -24.70
C GLY N 321 -75.23 34.78 -23.66
N VAL O 4 -73.18 -49.20 -26.43
CA VAL O 4 -72.91 -50.58 -26.05
C VAL O 4 -74.22 -51.31 -25.77
N ILE O 5 -74.12 -52.63 -25.55
CA ILE O 5 -75.28 -53.48 -25.31
C ILE O 5 -75.06 -54.24 -24.02
N ASN O 6 -76.04 -54.16 -23.12
CA ASN O 6 -76.02 -54.91 -21.86
C ASN O 6 -77.19 -55.89 -21.90
N THR O 7 -76.95 -57.06 -22.50
CA THR O 7 -77.99 -58.07 -22.60
C THR O 7 -78.24 -58.69 -21.23
N VAL O 8 -79.51 -58.81 -20.86
CA VAL O 8 -79.92 -59.29 -19.55
C VAL O 8 -80.76 -60.55 -19.74
N ASP O 9 -80.36 -61.63 -19.08
CA ASP O 9 -81.14 -62.87 -19.07
C ASP O 9 -82.15 -62.79 -17.95
N THR O 10 -83.44 -62.69 -18.31
CA THR O 10 -84.48 -62.49 -17.30
C THR O 10 -84.65 -63.71 -16.40
N SER O 11 -84.43 -64.90 -16.95
CA SER O 11 -84.63 -66.17 -16.23
C SER O 11 -86.08 -66.35 -15.78
N HIS O 12 -87.01 -65.70 -16.46
CA HIS O 12 -88.42 -65.85 -16.15
C HIS O 12 -88.94 -67.18 -16.68
N GLU O 13 -90.09 -67.59 -16.18
CA GLU O 13 -90.73 -68.83 -16.60
C GLU O 13 -91.76 -68.62 -17.71
N ASP O 14 -91.93 -67.39 -18.18
CA ASP O 14 -92.91 -67.10 -19.22
C ASP O 14 -92.46 -65.84 -19.96
N MET O 15 -93.24 -65.46 -20.98
CA MET O 15 -92.89 -64.30 -21.79
C MET O 15 -92.90 -63.03 -20.96
N ILE O 16 -91.96 -62.13 -21.27
CA ILE O 16 -91.86 -60.85 -20.58
C ILE O 16 -92.93 -59.92 -21.10
N HIS O 17 -93.51 -59.13 -20.20
CA HIS O 17 -94.53 -58.15 -20.58
C HIS O 17 -94.07 -56.70 -20.42
N ASP O 18 -93.10 -56.44 -19.56
CA ASP O 18 -92.54 -55.11 -19.42
C ASP O 18 -91.15 -55.22 -18.80
N ALA O 19 -90.37 -54.16 -18.99
CA ALA O 19 -89.02 -54.10 -18.42
C ALA O 19 -88.64 -52.63 -18.33
N GLN O 20 -88.54 -52.11 -17.11
CA GLN O 20 -88.23 -50.71 -16.87
C GLN O 20 -87.14 -50.59 -15.82
N MET O 21 -86.10 -49.82 -16.16
CA MET O 21 -85.04 -49.55 -15.19
C MET O 21 -85.43 -48.38 -14.29
N ASP O 22 -84.59 -48.13 -13.29
CA ASP O 22 -84.88 -47.12 -12.29
C ASP O 22 -84.58 -45.73 -12.86
N TYR O 23 -84.90 -44.71 -12.06
CA TYR O 23 -84.64 -43.33 -12.46
C TYR O 23 -83.15 -43.09 -12.65
N TYR O 24 -82.32 -43.60 -11.74
CA TYR O 24 -80.88 -43.45 -11.85
C TYR O 24 -80.28 -44.32 -12.96
N GLY O 25 -81.06 -45.22 -13.55
CA GLY O 25 -80.54 -46.10 -14.57
C GLY O 25 -79.52 -47.10 -14.07
N THR O 26 -79.78 -47.72 -12.93
CA THR O 26 -78.84 -48.69 -12.36
C THR O 26 -79.52 -50.02 -12.09
N ARG O 27 -80.80 -49.99 -11.73
CA ARG O 27 -81.56 -51.18 -11.37
C ARG O 27 -82.68 -51.39 -12.37
N LEU O 28 -82.78 -52.61 -12.89
CA LEU O 28 -83.78 -52.96 -13.89
C LEU O 28 -84.79 -53.94 -13.30
N ALA O 29 -86.08 -53.63 -13.44
CA ALA O 29 -87.16 -54.49 -12.97
C ALA O 29 -87.97 -54.98 -14.15
N THR O 30 -88.17 -56.29 -14.23
CA THR O 30 -88.93 -56.90 -15.30
C THR O 30 -90.13 -57.65 -14.72
N CYS O 31 -91.16 -57.80 -15.54
CA CYS O 31 -92.36 -58.54 -15.17
C CYS O 31 -92.73 -59.49 -16.29
N SER O 32 -93.33 -60.62 -15.92
CA SER O 32 -93.68 -61.64 -16.89
C SER O 32 -94.99 -62.31 -16.47
N SER O 33 -95.46 -63.24 -17.29
CA SER O 33 -96.67 -63.99 -17.00
C SER O 33 -96.47 -65.02 -15.89
N ASP O 34 -95.24 -65.25 -15.45
CA ASP O 34 -94.94 -66.22 -14.40
C ASP O 34 -95.27 -65.71 -13.00
N ARG O 35 -96.06 -64.64 -12.91
CA ARG O 35 -96.56 -64.09 -11.65
C ARG O 35 -95.45 -63.51 -10.78
N SER O 36 -94.30 -63.21 -11.37
CA SER O 36 -93.14 -62.76 -10.61
C SER O 36 -92.56 -61.49 -11.22
N VAL O 37 -91.94 -60.68 -10.37
CA VAL O 37 -91.26 -59.46 -10.79
C VAL O 37 -89.83 -59.55 -10.29
N LYS O 38 -88.88 -59.50 -11.23
CA LYS O 38 -87.45 -59.60 -10.92
C LYS O 38 -86.80 -58.23 -11.05
N ILE O 39 -86.05 -57.83 -10.03
CA ILE O 39 -85.34 -56.56 -10.01
C ILE O 39 -83.85 -56.88 -10.09
N PHE O 40 -83.25 -56.62 -11.25
CA PHE O 40 -81.83 -56.88 -11.46
C PHE O 40 -81.00 -55.64 -11.14
N ASP O 41 -79.69 -55.84 -11.06
CA ASP O 41 -78.72 -54.77 -10.92
C ASP O 41 -77.85 -54.78 -12.16
N VAL O 42 -78.06 -53.81 -13.04
CA VAL O 42 -77.40 -53.80 -14.34
C VAL O 42 -76.30 -52.77 -14.38
N ARG O 43 -75.75 -52.44 -13.21
CA ARG O 43 -74.62 -51.52 -13.15
C ARG O 43 -73.38 -52.17 -13.73
N ASN O 44 -72.65 -51.41 -14.55
CA ASN O 44 -71.43 -51.88 -15.22
C ASN O 44 -71.71 -53.13 -16.06
N GLY O 45 -72.90 -53.20 -16.63
CA GLY O 45 -73.26 -54.35 -17.46
C GLY O 45 -73.31 -55.66 -16.68
N GLY O 46 -73.82 -55.63 -15.45
CA GLY O 46 -73.88 -56.79 -14.61
C GLY O 46 -75.27 -57.41 -14.54
N GLN O 47 -75.35 -58.53 -13.83
CA GLN O 47 -76.60 -59.27 -13.64
C GLN O 47 -76.61 -59.78 -12.19
N ILE O 48 -77.21 -59.00 -11.30
CA ILE O 48 -77.36 -59.37 -9.90
C ILE O 48 -78.85 -59.38 -9.60
N LEU O 49 -79.40 -60.57 -9.33
CA LEU O 49 -80.81 -60.68 -8.99
C LEU O 49 -81.04 -60.18 -7.57
N ILE O 50 -81.37 -58.89 -7.44
CA ILE O 50 -81.55 -58.30 -6.12
C ILE O 50 -82.78 -58.90 -5.43
N ALA O 51 -83.87 -59.08 -6.17
CA ALA O 51 -85.08 -59.64 -5.58
C ALA O 51 -85.90 -60.32 -6.68
N ASP O 52 -86.77 -61.22 -6.24
CA ASP O 52 -87.73 -61.90 -7.11
C ASP O 52 -89.09 -61.81 -6.40
N LEU O 53 -89.82 -60.74 -6.69
CA LEU O 53 -91.04 -60.43 -5.97
C LEU O 53 -92.21 -61.20 -6.56
N ARG O 54 -92.80 -62.10 -5.76
CA ARG O 54 -93.95 -62.90 -6.17
C ARG O 54 -95.07 -62.66 -5.16
N GLY O 55 -96.05 -61.84 -5.55
CA GLY O 55 -97.19 -61.57 -4.70
C GLY O 55 -98.49 -61.50 -5.48
N HIS O 56 -98.40 -61.69 -6.78
CA HIS O 56 -99.55 -61.59 -7.68
C HIS O 56 -100.09 -62.99 -7.98
N GLU O 57 -101.41 -63.08 -8.09
CA GLU O 57 -102.07 -64.32 -8.48
C GLU O 57 -102.27 -64.42 -9.99
N GLY O 58 -101.98 -63.36 -10.73
CA GLY O 58 -102.13 -63.37 -12.17
C GLY O 58 -100.93 -62.75 -12.85
N PRO O 59 -100.89 -62.82 -14.19
CA PRO O 59 -99.76 -62.25 -14.91
C PRO O 59 -99.60 -60.76 -14.65
N VAL O 60 -98.36 -60.32 -14.53
CA VAL O 60 -98.05 -58.92 -14.25
C VAL O 60 -97.84 -58.20 -15.58
N TRP O 61 -98.59 -57.13 -15.79
CA TRP O 61 -98.59 -56.42 -17.07
C TRP O 61 -97.52 -55.34 -17.14
N GLN O 62 -97.57 -54.37 -16.21
CA GLN O 62 -96.70 -53.22 -16.25
C GLN O 62 -96.09 -52.97 -14.88
N VAL O 63 -94.85 -52.48 -14.90
CA VAL O 63 -94.14 -52.06 -13.70
C VAL O 63 -93.71 -50.62 -13.89
N ALA O 64 -93.64 -49.88 -12.79
CA ALA O 64 -93.29 -48.45 -12.86
C ALA O 64 -92.51 -48.08 -11.60
N TRP O 65 -91.24 -47.75 -11.79
CA TRP O 65 -90.44 -47.25 -10.69
C TRP O 65 -90.92 -45.86 -10.27
N ALA O 66 -90.68 -45.53 -9.01
CA ALA O 66 -90.99 -44.21 -8.47
C ALA O 66 -89.73 -43.36 -8.42
N HIS O 67 -89.93 -42.06 -8.24
CA HIS O 67 -88.81 -41.15 -8.17
C HIS O 67 -87.98 -41.44 -6.92
N PRO O 68 -86.65 -41.40 -7.01
CA PRO O 68 -85.82 -41.68 -5.84
C PRO O 68 -86.01 -40.70 -4.71
N MET O 69 -86.58 -39.52 -4.97
CA MET O 69 -86.87 -38.56 -3.92
C MET O 69 -87.74 -39.18 -2.83
N TYR O 70 -88.58 -40.14 -3.19
CA TYR O 70 -89.43 -40.85 -2.24
C TYR O 70 -88.88 -42.23 -1.89
N GLY O 71 -87.65 -42.54 -2.31
CA GLY O 71 -87.05 -43.83 -2.00
C GLY O 71 -87.28 -44.86 -3.09
N ASN O 72 -86.68 -46.03 -2.87
CA ASN O 72 -86.79 -47.13 -3.82
C ASN O 72 -88.18 -47.76 -3.76
N ILE O 73 -89.08 -47.32 -4.63
CA ILE O 73 -90.46 -47.79 -4.67
C ILE O 73 -90.74 -48.31 -6.07
N LEU O 74 -91.33 -49.51 -6.15
CA LEU O 74 -91.75 -50.09 -7.41
C LEU O 74 -93.22 -50.46 -7.33
N ALA O 75 -93.96 -50.16 -8.40
CA ALA O 75 -95.36 -50.49 -8.51
C ALA O 75 -95.57 -51.52 -9.61
N SER O 76 -96.52 -52.43 -9.39
CA SER O 76 -96.81 -53.48 -10.35
C SER O 76 -98.31 -53.70 -10.44
N CYS O 77 -98.81 -53.81 -11.66
CA CYS O 77 -100.20 -54.11 -11.93
C CYS O 77 -100.32 -55.47 -12.60
N SER O 78 -101.32 -56.24 -12.22
CA SER O 78 -101.44 -57.62 -12.68
C SER O 78 -102.86 -57.92 -13.10
N TYR O 79 -103.01 -59.03 -13.82
CA TYR O 79 -104.31 -59.46 -14.33
C TYR O 79 -105.27 -59.86 -13.21
N ASP O 80 -104.77 -60.09 -12.00
CA ASP O 80 -105.57 -60.60 -10.90
C ASP O 80 -106.31 -59.50 -10.14
N ARG O 81 -106.59 -58.37 -10.79
CA ARG O 81 -107.33 -57.26 -10.20
C ARG O 81 -106.60 -56.65 -9.01
N LYS O 82 -105.27 -56.81 -8.96
CA LYS O 82 -104.50 -56.53 -7.77
C LYS O 82 -103.33 -55.63 -8.12
N VAL O 83 -103.17 -54.54 -7.37
CA VAL O 83 -102.05 -53.63 -7.52
C VAL O 83 -101.19 -53.73 -6.27
N ILE O 84 -99.90 -54.02 -6.44
CA ILE O 84 -98.98 -54.22 -5.35
C ILE O 84 -97.84 -53.23 -5.49
N ILE O 85 -97.50 -52.55 -4.39
CA ILE O 85 -96.43 -51.56 -4.37
C ILE O 85 -95.29 -52.12 -3.52
N TRP O 86 -94.13 -52.29 -4.14
CA TRP O 86 -92.96 -52.85 -3.48
C TRP O 86 -92.01 -51.73 -3.10
N ARG O 87 -91.72 -51.61 -1.82
CA ARG O 87 -90.75 -50.63 -1.31
C ARG O 87 -89.55 -51.37 -0.73
N GLU O 88 -88.35 -50.89 -1.04
CA GLU O 88 -87.12 -51.51 -0.57
C GLU O 88 -86.67 -50.82 0.71
N GLU O 89 -86.27 -51.64 1.68
CA GLU O 89 -85.78 -51.13 2.96
C GLU O 89 -84.79 -52.14 3.54
N ASN O 90 -83.74 -51.65 4.17
CA ASN O 90 -82.71 -52.47 4.79
C ASN O 90 -82.06 -53.43 3.79
N GLY O 91 -81.97 -53.00 2.53
CA GLY O 91 -81.30 -53.79 1.51
C GLY O 91 -82.12 -54.90 0.90
N THR O 92 -83.41 -55.00 1.21
CA THR O 92 -84.26 -56.04 0.67
C THR O 92 -85.54 -55.43 0.12
N TRP O 93 -86.08 -56.05 -0.93
CA TRP O 93 -87.33 -55.62 -1.53
C TRP O 93 -88.48 -56.46 -0.98
N GLU O 94 -89.48 -55.80 -0.41
CA GLU O 94 -90.60 -56.48 0.22
C GLU O 94 -91.90 -55.80 -0.16
N LYS O 95 -92.99 -56.57 -0.12
CA LYS O 95 -94.32 -56.03 -0.32
C LYS O 95 -94.60 -54.95 0.71
N SER O 96 -95.06 -53.79 0.26
CA SER O 96 -95.28 -52.65 1.14
C SER O 96 -96.73 -52.18 1.19
N HIS O 97 -97.42 -52.13 0.06
CA HIS O 97 -98.82 -51.73 0.07
C HIS O 97 -99.61 -52.62 -0.88
N GLU O 98 -100.90 -52.75 -0.60
CA GLU O 98 -101.77 -53.65 -1.31
C GLU O 98 -103.03 -52.91 -1.75
N HIS O 99 -103.38 -53.03 -3.03
CA HIS O 99 -104.55 -52.36 -3.57
C HIS O 99 -105.35 -53.36 -4.39
N ALA O 100 -106.64 -53.49 -4.07
CA ALA O 100 -107.55 -54.38 -4.77
C ALA O 100 -108.88 -53.70 -5.05
N GLY O 101 -108.84 -52.43 -5.44
CA GLY O 101 -110.04 -51.66 -5.67
C GLY O 101 -110.70 -51.84 -7.02
N HIS O 102 -110.09 -52.60 -7.92
CA HIS O 102 -110.61 -52.76 -9.28
C HIS O 102 -111.17 -54.17 -9.44
N ASP O 103 -112.26 -54.26 -10.21
CA ASP O 103 -112.93 -55.53 -10.47
C ASP O 103 -112.45 -56.21 -11.74
N SER O 104 -111.50 -55.62 -12.45
CA SER O 104 -110.95 -56.22 -13.67
C SER O 104 -109.43 -56.05 -13.65
N SER O 105 -108.78 -56.61 -14.66
CA SER O 105 -107.33 -56.58 -14.73
C SER O 105 -106.82 -55.15 -14.81
N VAL O 106 -105.84 -54.82 -13.97
CA VAL O 106 -105.22 -53.50 -13.99
C VAL O 106 -104.10 -53.53 -15.04
N ASN O 107 -104.22 -52.66 -16.04
CA ASN O 107 -103.37 -52.75 -17.22
C ASN O 107 -102.09 -51.91 -17.10
N SER O 108 -102.18 -50.69 -16.61
CA SER O 108 -101.02 -49.79 -16.59
C SER O 108 -100.97 -49.00 -15.30
N VAL O 109 -99.75 -48.80 -14.81
CA VAL O 109 -99.49 -47.95 -13.65
C VAL O 109 -98.41 -46.94 -14.03
N CYS O 110 -98.65 -45.67 -13.70
CA CYS O 110 -97.69 -44.62 -14.00
C CYS O 110 -97.65 -43.65 -12.84
N TRP O 111 -96.47 -43.51 -12.24
CA TRP O 111 -96.31 -42.60 -11.11
C TRP O 111 -96.41 -41.14 -11.56
N ALA O 112 -97.05 -40.31 -10.74
CA ALA O 112 -97.12 -38.90 -11.01
C ALA O 112 -95.75 -38.25 -10.84
N PRO O 113 -95.52 -37.10 -11.47
CA PRO O 113 -94.25 -36.39 -11.27
C PRO O 113 -94.02 -36.07 -9.80
N HIS O 114 -92.76 -36.11 -9.40
CA HIS O 114 -92.40 -35.92 -7.99
C HIS O 114 -92.86 -34.57 -7.45
N ASP O 115 -93.04 -33.57 -8.31
CA ASP O 115 -93.58 -32.29 -7.86
C ASP O 115 -95.00 -32.45 -7.33
N TYR O 116 -95.81 -33.28 -8.00
CA TYR O 116 -97.17 -33.55 -7.55
C TYR O 116 -97.23 -34.34 -6.26
N GLY O 117 -96.12 -34.94 -5.83
CA GLY O 117 -96.11 -35.77 -4.65
C GLY O 117 -95.82 -37.22 -4.99
N LEU O 118 -96.45 -38.14 -4.25
CA LEU O 118 -96.30 -39.57 -4.49
C LEU O 118 -97.68 -40.11 -4.86
N ILE O 119 -98.03 -40.01 -6.14
CA ILE O 119 -99.33 -40.44 -6.65
C ILE O 119 -99.11 -41.46 -7.75
N LEU O 120 -99.79 -42.60 -7.64
CA LEU O 120 -99.72 -43.65 -8.65
C LEU O 120 -101.10 -43.82 -9.27
N ALA O 121 -101.18 -43.73 -10.59
CA ALA O 121 -102.43 -43.86 -11.31
C ALA O 121 -102.50 -45.23 -11.97
N CYS O 122 -103.58 -45.96 -11.69
CA CYS O 122 -103.79 -47.29 -12.22
C CYS O 122 -105.00 -47.31 -13.14
N GLY O 123 -104.88 -48.01 -14.25
CA GLY O 123 -105.99 -48.17 -15.18
C GLY O 123 -106.37 -49.62 -15.35
N SER O 124 -107.64 -49.94 -15.09
CA SER O 124 -108.12 -51.31 -15.11
C SER O 124 -109.02 -51.55 -16.32
N SER O 125 -109.28 -52.83 -16.59
CA SER O 125 -110.10 -53.21 -17.73
C SER O 125 -111.58 -52.99 -17.50
N ASP O 126 -111.99 -52.61 -16.30
CA ASP O 126 -113.40 -52.32 -16.02
C ASP O 126 -113.75 -50.86 -16.27
N GLY O 127 -112.81 -50.05 -16.73
CA GLY O 127 -113.07 -48.64 -16.94
C GLY O 127 -112.93 -47.78 -15.70
N ALA O 128 -112.21 -48.25 -14.69
CA ALA O 128 -112.01 -47.52 -13.46
C ALA O 128 -110.54 -47.12 -13.33
N ILE O 129 -110.31 -45.87 -12.91
CA ILE O 129 -108.97 -45.34 -12.73
C ILE O 129 -108.82 -44.91 -11.28
N SER O 130 -107.79 -45.42 -10.60
CA SER O 130 -107.56 -45.13 -9.20
C SER O 130 -106.20 -44.46 -9.03
N LEU O 131 -106.17 -43.42 -8.20
CA LEU O 131 -104.95 -42.65 -7.93
C LEU O 131 -104.60 -42.85 -6.46
N LEU O 132 -103.51 -43.59 -6.23
CA LEU O 132 -103.09 -43.93 -4.87
C LEU O 132 -102.20 -42.81 -4.33
N THR O 133 -102.84 -41.75 -3.83
CA THR O 133 -102.11 -40.67 -3.21
C THR O 133 -101.49 -41.13 -1.90
N TYR O 134 -100.29 -40.64 -1.62
CA TYR O 134 -99.55 -41.02 -0.41
C TYR O 134 -99.43 -39.80 0.50
N THR O 135 -99.75 -40.00 1.78
CA THR O 135 -99.75 -38.92 2.77
C THR O 135 -98.86 -39.24 3.95
N GLY O 136 -97.83 -40.05 3.75
CA GLY O 136 -96.92 -40.41 4.82
C GLY O 136 -97.52 -41.42 5.77
N GLU O 137 -96.70 -41.82 6.74
CA GLU O 137 -97.08 -42.75 7.82
C GLU O 137 -97.56 -44.10 7.28
N GLY O 138 -97.28 -44.41 6.03
CA GLY O 138 -97.61 -45.70 5.46
C GLY O 138 -99.08 -46.00 5.27
N GLN O 139 -99.87 -45.02 4.84
CA GLN O 139 -101.23 -45.28 4.39
C GLN O 139 -101.46 -44.54 3.08
N TRP O 140 -102.29 -45.15 2.22
CA TRP O 140 -102.60 -44.62 0.91
C TRP O 140 -104.09 -44.36 0.79
N GLU O 141 -104.45 -43.19 0.26
CA GLU O 141 -105.82 -42.83 -0.02
C GLU O 141 -106.08 -42.97 -1.51
N VAL O 142 -107.22 -43.57 -1.86
CA VAL O 142 -107.56 -43.87 -3.25
C VAL O 142 -108.70 -42.96 -3.68
N LYS O 143 -108.47 -42.20 -4.74
CA LYS O 143 -109.50 -41.36 -5.36
C LYS O 143 -109.84 -41.99 -6.70
N LYS O 144 -110.78 -42.94 -6.67
CA LYS O 144 -111.11 -43.72 -7.85
C LYS O 144 -111.92 -42.90 -8.84
N ILE O 145 -111.52 -42.93 -10.10
CA ILE O 145 -112.26 -42.31 -11.19
C ILE O 145 -113.08 -43.43 -11.82
N ASN O 146 -114.30 -43.61 -11.32
CA ASN O 146 -115.13 -44.71 -11.80
C ASN O 146 -115.71 -44.39 -13.16
N ASN O 147 -115.94 -45.44 -13.96
CA ASN O 147 -116.47 -45.32 -15.31
C ASN O 147 -115.64 -44.36 -16.16
N ALA O 148 -114.31 -44.49 -16.04
CA ALA O 148 -113.42 -43.66 -16.83
C ALA O 148 -113.56 -43.96 -18.32
N HIS O 149 -113.69 -45.23 -18.68
CA HIS O 149 -113.89 -45.64 -20.05
C HIS O 149 -115.01 -46.66 -20.13
N THR O 150 -115.69 -46.70 -21.27
CA THR O 150 -116.86 -47.55 -21.42
C THR O 150 -116.51 -49.02 -21.36
N ILE O 151 -115.51 -49.44 -22.13
CA ILE O 151 -115.13 -50.86 -22.18
C ILE O 151 -114.03 -51.17 -21.18
N GLY O 152 -112.96 -50.39 -21.17
CA GLY O 152 -111.89 -50.59 -20.22
C GLY O 152 -110.66 -49.77 -20.50
N CYS O 153 -110.07 -49.17 -19.47
CA CYS O 153 -108.87 -48.37 -19.63
C CYS O 153 -107.65 -49.26 -19.83
N ASN O 154 -106.82 -48.94 -20.82
CA ASN O 154 -105.65 -49.74 -21.14
C ASN O 154 -104.34 -49.12 -20.69
N ALA O 155 -104.23 -47.80 -20.65
CA ALA O 155 -102.97 -47.17 -20.27
C ALA O 155 -103.24 -45.79 -19.69
N VAL O 156 -102.33 -45.35 -18.83
CA VAL O 156 -102.41 -44.05 -18.18
C VAL O 156 -101.02 -43.42 -18.21
N SER O 157 -100.95 -42.15 -18.61
CA SER O 157 -99.70 -41.40 -18.60
C SER O 157 -99.95 -40.04 -17.99
N TRP O 158 -99.00 -39.55 -17.20
CA TRP O 158 -99.14 -38.29 -16.50
C TRP O 158 -98.57 -37.14 -17.32
N ALA O 159 -99.10 -35.95 -17.08
CA ALA O 159 -98.59 -34.74 -17.72
C ALA O 159 -97.53 -34.10 -16.83
N PRO O 160 -96.43 -33.63 -17.40
CA PRO O 160 -95.36 -33.04 -16.58
C PRO O 160 -95.83 -31.80 -15.85
N ALA O 161 -95.24 -31.57 -14.68
CA ALA O 161 -95.58 -30.40 -13.88
C ALA O 161 -95.22 -29.12 -14.62
N VAL O 162 -96.24 -28.36 -15.00
CA VAL O 162 -96.07 -27.10 -15.72
C VAL O 162 -96.81 -26.01 -14.96
N VAL O 163 -96.22 -24.82 -14.93
CA VAL O 163 -96.82 -23.68 -14.23
C VAL O 163 -97.32 -22.65 -15.24
N ASN O 177 -101.15 -22.91 -8.12
CA ASN O 177 -100.16 -23.87 -7.65
C ASN O 177 -99.80 -24.84 -8.77
N TYR O 178 -100.14 -26.11 -8.59
CA TYR O 178 -99.90 -27.15 -9.59
C TYR O 178 -101.23 -27.68 -10.09
N ILE O 179 -101.37 -27.76 -11.40
CA ILE O 179 -102.55 -28.33 -12.03
C ILE O 179 -102.19 -29.74 -12.49
N LYS O 180 -102.84 -30.73 -11.89
CA LYS O 180 -102.53 -32.13 -12.16
C LYS O 180 -103.35 -32.63 -13.33
N ARG O 181 -102.66 -33.15 -14.35
CA ARG O 181 -103.31 -33.70 -15.53
C ARG O 181 -102.66 -35.02 -15.90
N PHE O 182 -103.46 -35.92 -16.47
CA PHE O 182 -102.93 -37.17 -16.99
C PHE O 182 -103.81 -37.64 -18.14
N ALA O 183 -103.23 -38.49 -18.98
CA ALA O 183 -103.88 -38.99 -20.18
C ALA O 183 -104.23 -40.46 -20.01
N SER O 184 -105.44 -40.84 -20.40
CA SER O 184 -105.90 -42.21 -20.31
C SER O 184 -106.34 -42.71 -21.67
N GLY O 185 -105.99 -43.96 -21.99
CA GLY O 185 -106.38 -44.57 -23.24
C GLY O 185 -107.08 -45.89 -23.01
N GLY O 186 -108.33 -46.00 -23.44
CA GLY O 186 -109.12 -47.18 -23.17
C GLY O 186 -109.46 -48.03 -24.38
N CYS O 187 -110.35 -48.99 -24.19
CA CYS O 187 -110.81 -49.87 -25.26
C CYS O 187 -111.98 -49.29 -26.03
N ASP O 188 -112.43 -48.08 -25.67
CA ASP O 188 -113.52 -47.41 -26.38
C ASP O 188 -113.03 -46.58 -27.55
N ASN O 189 -111.86 -46.90 -28.11
CA ASN O 189 -111.32 -46.29 -29.31
C ASN O 189 -111.09 -44.79 -29.16
N LEU O 190 -110.72 -44.32 -27.98
CA LEU O 190 -110.56 -42.90 -27.75
C LEU O 190 -109.56 -42.67 -26.63
N ILE O 191 -109.14 -41.41 -26.50
CA ILE O 191 -108.21 -40.98 -25.46
C ILE O 191 -108.92 -39.92 -24.60
N LYS O 192 -108.79 -40.07 -23.29
CA LYS O 192 -109.42 -39.14 -22.35
C LYS O 192 -108.34 -38.45 -21.53
N LEU O 193 -108.42 -37.12 -21.45
CA LEU O 193 -107.50 -36.31 -20.65
C LEU O 193 -108.22 -35.82 -19.41
N TRP O 194 -107.59 -36.00 -18.25
CA TRP O 194 -108.21 -35.70 -16.98
C TRP O 194 -107.43 -34.60 -16.26
N LYS O 195 -108.16 -33.77 -15.50
CA LYS O 195 -107.55 -32.86 -14.55
C LYS O 195 -108.41 -32.79 -13.30
N GLU O 196 -107.76 -32.60 -12.16
CA GLU O 196 -108.45 -32.45 -10.90
C GLU O 196 -108.95 -31.02 -10.72
N GLU O 197 -110.08 -30.87 -10.04
CA GLU O 197 -110.63 -29.56 -9.75
C GLU O 197 -109.96 -28.99 -8.50
N GLU O 198 -110.45 -27.82 -8.07
CA GLU O 198 -109.89 -27.18 -6.88
C GLU O 198 -110.13 -28.02 -5.64
N ASP O 199 -111.33 -28.59 -5.51
CA ASP O 199 -111.64 -29.42 -4.34
C ASP O 199 -110.79 -30.68 -4.30
N GLY O 200 -110.58 -31.31 -5.45
CA GLY O 200 -109.83 -32.54 -5.52
C GLY O 200 -110.42 -33.56 -6.47
N GLN O 201 -111.70 -33.38 -6.82
CA GLN O 201 -112.36 -34.29 -7.74
C GLN O 201 -111.75 -34.17 -9.13
N TRP O 202 -111.61 -35.32 -9.79
CA TRP O 202 -111.00 -35.41 -11.10
C TRP O 202 -112.08 -35.44 -12.16
N LYS O 203 -112.06 -34.45 -13.06
CA LYS O 203 -113.11 -34.26 -14.06
C LYS O 203 -112.52 -34.35 -15.46
N GLU O 204 -113.16 -35.15 -16.32
CA GLU O 204 -112.80 -35.19 -17.73
C GLU O 204 -112.99 -33.82 -18.37
N GLU O 205 -112.02 -33.41 -19.18
CA GLU O 205 -112.01 -32.07 -19.75
C GLU O 205 -112.04 -32.05 -21.28
N GLN O 206 -111.26 -32.89 -21.95
CA GLN O 206 -111.24 -32.93 -23.41
C GLN O 206 -111.13 -34.38 -23.86
N LYS O 207 -111.88 -34.71 -24.91
CA LYS O 207 -111.94 -36.06 -25.45
C LYS O 207 -111.21 -36.10 -26.79
N LEU O 208 -110.34 -37.09 -26.97
CA LEU O 208 -109.60 -37.29 -28.21
C LEU O 208 -110.09 -38.55 -28.90
N GLU O 209 -110.47 -38.44 -30.17
CA GLU O 209 -111.04 -39.56 -30.91
C GLU O 209 -110.47 -39.55 -32.33
N ALA O 210 -109.43 -40.35 -32.56
CA ALA O 210 -108.91 -40.56 -33.90
C ALA O 210 -108.55 -42.00 -34.23
N HIS O 211 -108.49 -42.88 -33.23
CA HIS O 211 -108.14 -44.28 -33.46
C HIS O 211 -109.36 -45.08 -33.87
N SER O 212 -109.17 -45.99 -34.81
CA SER O 212 -110.24 -46.87 -35.27
C SER O 212 -110.35 -48.16 -34.48
N ASP O 213 -109.45 -48.37 -33.51
CA ASP O 213 -109.48 -49.59 -32.70
C ASP O 213 -109.07 -49.23 -31.28
N TRP O 214 -108.78 -50.25 -30.48
CA TRP O 214 -108.49 -50.05 -29.06
C TRP O 214 -107.23 -49.22 -28.89
N VAL O 215 -107.29 -48.26 -27.97
CA VAL O 215 -106.13 -47.45 -27.61
C VAL O 215 -105.33 -48.24 -26.56
N ARG O 216 -104.17 -48.77 -26.96
CA ARG O 216 -103.43 -49.67 -26.09
C ARG O 216 -102.46 -48.95 -25.18
N ASP O 217 -101.83 -47.86 -25.62
CA ASP O 217 -100.87 -47.15 -24.78
C ASP O 217 -100.87 -45.67 -25.16
N VAL O 218 -101.14 -44.82 -24.18
CA VAL O 218 -100.99 -43.38 -24.30
C VAL O 218 -99.81 -42.96 -23.46
N ALA O 219 -98.93 -42.13 -24.02
CA ALA O 219 -97.71 -41.71 -23.35
C ALA O 219 -97.50 -40.22 -23.60
N TRP O 220 -97.54 -39.43 -22.53
CA TRP O 220 -97.26 -38.01 -22.64
C TRP O 220 -95.79 -37.79 -22.97
N ALA O 221 -95.51 -36.65 -23.58
CA ALA O 221 -94.11 -36.31 -23.84
C ALA O 221 -93.56 -35.45 -22.70
N PRO O 222 -92.43 -35.82 -22.11
CA PRO O 222 -91.88 -35.03 -21.01
C PRO O 222 -91.56 -33.61 -21.46
N SER O 223 -91.84 -32.64 -20.59
CA SER O 223 -91.63 -31.24 -20.91
C SER O 223 -90.17 -30.85 -20.70
N ILE O 224 -89.65 -30.06 -21.62
CA ILE O 224 -88.33 -29.47 -21.50
C ILE O 224 -88.40 -27.96 -21.36
N GLY O 225 -89.59 -27.41 -21.12
CA GLY O 225 -89.81 -25.99 -21.08
C GLY O 225 -90.46 -25.41 -22.30
N LEU O 226 -90.60 -26.20 -23.36
CA LEU O 226 -91.25 -25.71 -24.58
C LEU O 226 -92.73 -25.48 -24.33
N PRO O 227 -93.32 -24.44 -24.93
CA PRO O 227 -94.77 -24.22 -24.83
C PRO O 227 -95.55 -25.07 -25.83
N THR O 228 -95.43 -26.39 -25.69
CA THR O 228 -96.08 -27.32 -26.61
C THR O 228 -96.21 -28.66 -25.92
N SER O 229 -97.44 -29.12 -25.73
CA SER O 229 -97.70 -30.41 -25.12
C SER O 229 -97.90 -31.46 -26.21
N THR O 230 -97.16 -32.57 -26.10
CA THR O 230 -97.16 -33.62 -27.10
C THR O 230 -97.58 -34.94 -26.47
N ILE O 231 -98.44 -35.67 -27.17
CA ILE O 231 -98.93 -36.97 -26.72
C ILE O 231 -98.74 -37.98 -27.85
N ALA O 232 -98.12 -39.11 -27.54
CA ALA O 232 -97.97 -40.22 -28.48
C ALA O 232 -98.87 -41.34 -28.03
N SER O 233 -99.75 -41.80 -28.92
CA SER O 233 -100.71 -42.83 -28.62
C SER O 233 -100.72 -43.88 -29.72
N CYS O 234 -100.70 -45.15 -29.33
CA CYS O 234 -100.78 -46.26 -30.26
C CYS O 234 -102.12 -46.96 -30.11
N SER O 235 -102.50 -47.73 -31.13
CA SER O 235 -103.83 -48.32 -31.18
C SER O 235 -103.74 -49.81 -31.53
N GLN O 236 -104.86 -50.49 -31.33
CA GLN O 236 -104.97 -51.91 -31.67
C GLN O 236 -104.78 -52.14 -33.16
N ASP O 237 -105.34 -51.26 -33.99
CA ASP O 237 -105.22 -51.43 -35.43
C ASP O 237 -103.78 -51.29 -35.91
N GLY O 238 -103.05 -50.35 -35.33
CA GLY O 238 -101.67 -50.11 -35.74
C GLY O 238 -101.36 -48.66 -36.02
N ARG O 239 -102.26 -47.77 -35.60
CA ARG O 239 -102.12 -46.34 -35.84
C ARG O 239 -101.42 -45.68 -34.65
N VAL O 240 -100.39 -44.90 -34.92
CA VAL O 240 -99.67 -44.14 -33.91
C VAL O 240 -99.81 -42.66 -34.24
N PHE O 241 -100.32 -41.89 -33.29
CA PHE O 241 -100.59 -40.47 -33.50
C PHE O 241 -99.73 -39.62 -32.59
N ILE O 242 -99.51 -38.38 -33.02
CA ILE O 242 -98.76 -37.39 -32.25
C ILE O 242 -99.70 -36.21 -32.01
N TRP O 243 -100.17 -36.08 -30.77
CA TRP O 243 -101.15 -35.05 -30.41
C TRP O 243 -100.41 -33.83 -29.88
N THR O 244 -100.24 -32.84 -30.75
CA THR O 244 -99.53 -31.60 -30.39
C THR O 244 -100.53 -30.52 -30.02
N CYS O 245 -100.20 -29.74 -29.00
CA CYS O 245 -101.01 -28.62 -28.53
C CYS O 245 -100.10 -27.40 -28.45
N ASP O 246 -99.98 -26.68 -29.57
CA ASP O 246 -99.04 -25.57 -29.65
C ASP O 246 -99.42 -24.40 -28.74
N ASP O 247 -100.70 -24.25 -28.41
CA ASP O 247 -101.17 -23.16 -27.56
C ASP O 247 -101.86 -23.75 -26.35
N ALA O 248 -101.32 -23.50 -25.16
CA ALA O 248 -101.90 -24.04 -23.94
C ALA O 248 -103.30 -23.48 -23.70
N SER O 249 -103.48 -22.19 -23.96
CA SER O 249 -104.79 -21.57 -23.75
C SER O 249 -105.83 -22.17 -24.69
N SER O 250 -105.46 -22.43 -25.94
CA SER O 250 -106.41 -22.99 -26.90
C SER O 250 -106.87 -24.38 -26.48
N ASN O 251 -105.95 -25.19 -25.96
CA ASN O 251 -106.24 -26.57 -25.53
C ASN O 251 -106.86 -27.38 -26.66
N THR O 252 -106.34 -27.21 -27.87
CA THR O 252 -106.77 -27.95 -29.04
C THR O 252 -105.64 -28.87 -29.48
N TRP O 253 -105.95 -30.16 -29.60
CA TRP O 253 -104.97 -31.18 -29.94
C TRP O 253 -105.21 -31.63 -31.38
N SER O 254 -104.17 -31.51 -32.21
CA SER O 254 -104.26 -31.88 -33.61
C SER O 254 -103.50 -33.17 -33.86
N PRO O 255 -104.18 -34.30 -34.03
CA PRO O 255 -103.46 -35.56 -34.26
C PRO O 255 -102.69 -35.54 -35.57
N LYS O 256 -101.54 -36.21 -35.58
CA LYS O 256 -100.72 -36.37 -36.77
C LYS O 256 -100.28 -37.82 -36.85
N LEU O 257 -100.70 -38.50 -37.93
CA LEU O 257 -100.41 -39.92 -38.07
C LEU O 257 -98.90 -40.12 -38.23
N LEU O 258 -98.26 -40.65 -37.19
CA LEU O 258 -96.83 -40.90 -37.24
C LEU O 258 -96.50 -41.96 -38.28
N HIS O 259 -97.25 -43.06 -38.28
CA HIS O 259 -97.04 -44.15 -39.22
C HIS O 259 -98.20 -45.13 -39.12
N LYS O 260 -98.43 -45.87 -40.19
CA LYS O 260 -99.44 -46.93 -40.24
C LYS O 260 -98.70 -48.26 -40.22
N PHE O 261 -98.94 -49.06 -39.18
CA PHE O 261 -98.24 -50.31 -38.98
C PHE O 261 -99.11 -51.48 -39.41
N ASN O 262 -98.47 -52.46 -40.07
CA ASN O 262 -99.19 -53.64 -40.56
C ASN O 262 -99.74 -54.51 -39.44
N ASP O 263 -99.26 -54.35 -38.21
CA ASP O 263 -99.76 -55.12 -37.08
C ASP O 263 -100.11 -54.20 -35.92
N VAL O 264 -100.44 -54.78 -34.77
CA VAL O 264 -100.78 -53.98 -33.60
C VAL O 264 -99.53 -53.32 -33.05
N VAL O 265 -99.71 -52.12 -32.50
CA VAL O 265 -98.65 -51.38 -31.82
C VAL O 265 -98.96 -51.38 -30.33
N TRP O 266 -98.01 -51.84 -29.52
CA TRP O 266 -98.23 -52.07 -28.10
C TRP O 266 -97.82 -50.89 -27.23
N HIS O 267 -96.59 -50.42 -27.36
CA HIS O 267 -96.03 -49.43 -26.44
C HIS O 267 -95.38 -48.30 -27.21
N VAL O 268 -95.50 -47.09 -26.65
CA VAL O 268 -94.81 -45.91 -27.16
C VAL O 268 -94.11 -45.24 -25.98
N SER O 269 -92.84 -44.87 -26.17
CA SER O 269 -92.04 -44.29 -25.10
C SER O 269 -91.24 -43.12 -25.64
N TRP O 270 -91.31 -41.99 -24.94
CA TRP O 270 -90.59 -40.79 -25.32
C TRP O 270 -89.19 -40.78 -24.70
N SER O 271 -88.34 -39.92 -25.25
CA SER O 271 -87.01 -39.72 -24.70
C SER O 271 -87.09 -38.75 -23.52
N ILE O 272 -85.94 -38.49 -22.90
CA ILE O 272 -85.90 -37.54 -21.79
C ILE O 272 -86.17 -36.13 -22.31
N THR O 273 -85.71 -35.82 -23.52
CA THR O 273 -85.96 -34.53 -24.16
C THR O 273 -87.20 -34.54 -25.04
N ALA O 274 -87.89 -35.69 -25.14
CA ALA O 274 -89.10 -35.83 -25.93
C ALA O 274 -88.86 -35.52 -27.41
N ASN O 275 -87.75 -36.02 -27.94
CA ASN O 275 -87.43 -35.87 -29.35
C ASN O 275 -87.34 -37.19 -30.10
N ILE O 276 -87.31 -38.32 -29.41
CA ILE O 276 -87.27 -39.63 -30.03
C ILE O 276 -88.31 -40.51 -29.37
N LEU O 277 -89.12 -41.18 -30.18
CA LEU O 277 -90.21 -42.03 -29.70
C LEU O 277 -89.88 -43.49 -30.00
N ALA O 278 -89.98 -44.33 -28.99
CA ALA O 278 -89.69 -45.77 -29.12
C ALA O 278 -91.01 -46.50 -29.35
N VAL O 279 -91.35 -46.72 -30.61
CA VAL O 279 -92.58 -47.40 -30.98
C VAL O 279 -92.30 -48.90 -31.07
N SER O 280 -92.95 -49.69 -30.22
CA SER O 280 -92.84 -51.13 -30.22
C SER O 280 -94.21 -51.73 -30.48
N GLY O 281 -94.29 -52.67 -31.42
CA GLY O 281 -95.56 -53.22 -31.82
C GLY O 281 -95.67 -54.73 -31.71
N GLY O 282 -96.79 -55.28 -32.16
CA GLY O 282 -97.01 -56.71 -32.11
C GLY O 282 -96.22 -57.51 -33.12
N ASP O 283 -95.59 -56.85 -34.08
CA ASP O 283 -94.75 -57.53 -35.06
C ASP O 283 -93.37 -57.87 -34.53
N ASN O 284 -93.18 -57.79 -33.20
CA ASN O 284 -91.90 -58.10 -32.56
C ASN O 284 -90.77 -57.23 -33.12
N LYS O 285 -91.08 -55.98 -33.39
CA LYS O 285 -90.12 -55.03 -33.93
C LYS O 285 -90.16 -53.74 -33.12
N VAL O 286 -88.99 -53.15 -32.90
CA VAL O 286 -88.85 -51.91 -32.15
C VAL O 286 -88.34 -50.84 -33.11
N THR O 287 -89.08 -49.75 -33.23
CA THR O 287 -88.75 -48.67 -34.15
C THR O 287 -88.54 -47.37 -33.37
N LEU O 288 -87.46 -46.67 -33.68
CA LEU O 288 -87.16 -45.37 -33.09
C LEU O 288 -87.48 -44.27 -34.09
N TRP O 289 -88.31 -43.32 -33.68
CA TRP O 289 -88.81 -42.28 -34.56
C TRP O 289 -88.33 -40.91 -34.07
N LYS O 290 -87.78 -40.13 -34.99
CA LYS O 290 -87.33 -38.77 -34.71
C LYS O 290 -88.03 -37.81 -35.66
N GLU O 291 -88.48 -36.67 -35.13
CA GLU O 291 -89.18 -35.69 -35.94
C GLU O 291 -88.17 -34.91 -36.80
N SER O 292 -88.45 -34.85 -38.10
CA SER O 292 -87.60 -34.12 -39.01
C SER O 292 -87.95 -32.62 -38.99
N VAL O 293 -87.10 -31.83 -39.63
CA VAL O 293 -87.34 -30.39 -39.72
C VAL O 293 -88.56 -30.09 -40.56
N ASP O 294 -88.99 -31.03 -41.41
CA ASP O 294 -90.16 -30.85 -42.24
C ASP O 294 -91.47 -31.17 -41.52
N GLY O 295 -91.39 -31.59 -40.26
CA GLY O 295 -92.57 -31.93 -39.49
C GLY O 295 -93.07 -33.34 -39.66
N GLN O 296 -92.36 -34.18 -40.40
CA GLN O 296 -92.75 -35.57 -40.62
C GLN O 296 -91.84 -36.48 -39.79
N TRP O 297 -92.46 -37.36 -39.00
CA TRP O 297 -91.72 -38.30 -38.17
C TRP O 297 -91.12 -39.39 -39.05
N VAL O 298 -89.80 -39.53 -39.01
CA VAL O 298 -89.08 -40.49 -39.84
C VAL O 298 -88.36 -41.49 -38.94
N CYS O 299 -88.44 -42.76 -39.31
CA CYS O 299 -87.82 -43.81 -38.51
C CYS O 299 -86.30 -43.70 -38.57
N ILE O 300 -85.66 -43.92 -37.43
CA ILE O 300 -84.21 -43.91 -37.33
C ILE O 300 -83.63 -45.32 -37.42
N SER O 301 -84.27 -46.29 -36.78
CA SER O 301 -83.81 -47.66 -36.82
C SER O 301 -84.02 -48.29 -38.20
N LYS P 5 -19.50 23.69 26.78
CA LYS P 5 -20.63 22.77 26.72
C LYS P 5 -20.44 21.74 25.62
N PRO P 6 -19.99 20.54 25.98
CA PRO P 6 -19.81 19.48 24.98
C PRO P 6 -21.12 19.13 24.29
N ASP P 7 -21.02 18.86 22.99
CA ASP P 7 -22.17 18.48 22.19
C ASP P 7 -21.77 17.39 21.20
N ILE P 8 -22.74 16.54 20.87
CA ILE P 8 -22.54 15.45 19.92
C ILE P 8 -23.43 15.69 18.72
N LEU P 9 -22.86 15.55 17.52
CA LEU P 9 -23.59 15.75 16.27
C LEU P 9 -23.35 14.55 15.38
N TRP P 10 -24.39 13.74 15.17
CA TRP P 10 -24.28 12.59 14.30
C TRP P 10 -24.21 13.03 12.83
N ALA P 11 -23.52 12.24 12.03
CA ALA P 11 -23.39 12.54 10.60
C ALA P 11 -24.71 12.26 9.90
N PRO P 12 -25.27 13.22 9.17
CA PRO P 12 -26.54 12.96 8.45
C PRO P 12 -26.42 11.85 7.41
N HIS P 13 -25.24 11.62 6.85
CA HIS P 13 -25.04 10.59 5.84
C HIS P 13 -24.36 9.34 6.38
N HIS P 14 -23.24 9.51 7.10
CA HIS P 14 -22.58 8.38 7.74
C HIS P 14 -23.43 7.91 8.92
N VAL P 15 -23.76 6.61 8.94
CA VAL P 15 -24.69 6.09 9.94
C VAL P 15 -24.03 5.78 11.28
N ASP P 16 -22.71 5.74 11.35
CA ASP P 16 -22.02 5.38 12.58
C ASP P 16 -20.84 6.32 12.84
N ARG P 17 -20.98 7.58 12.45
CA ARG P 17 -19.94 8.58 12.65
C ARG P 17 -20.54 9.78 13.36
N PHE P 18 -19.95 10.18 14.48
CA PHE P 18 -20.38 11.34 15.23
C PHE P 18 -19.17 12.13 15.71
N VAL P 19 -19.37 13.42 15.93
CA VAL P 19 -18.33 14.33 16.40
C VAL P 19 -18.75 14.91 17.74
N VAL P 20 -17.89 14.76 18.74
CA VAL P 20 -18.13 15.32 20.06
C VAL P 20 -17.57 16.74 20.06
N CYS P 21 -18.44 17.72 19.83
CA CYS P 21 -18.03 19.12 19.78
C CYS P 21 -17.71 19.61 21.19
N ASP P 22 -16.45 19.94 21.43
CA ASP P 22 -15.99 20.38 22.74
C ASP P 22 -14.82 21.35 22.50
N SER P 23 -14.00 21.54 23.54
CA SER P 23 -12.79 22.34 23.38
C SER P 23 -11.94 21.85 22.21
N GLU P 24 -11.90 20.54 21.99
CA GLU P 24 -11.27 19.95 20.81
C GLU P 24 -12.32 19.14 20.06
N LEU P 25 -12.47 19.42 18.77
CA LEU P 25 -13.44 18.73 17.94
C LEU P 25 -12.88 17.36 17.55
N SER P 26 -13.49 16.31 18.09
CA SER P 26 -13.01 14.94 17.89
C SER P 26 -14.02 14.15 17.08
N LEU P 27 -13.56 13.55 15.98
CA LEU P 27 -14.39 12.69 15.15
C LEU P 27 -14.29 11.25 15.63
N TYR P 28 -15.42 10.56 15.67
CA TYR P 28 -15.50 9.19 16.14
C TYR P 28 -16.14 8.30 15.08
N HIS P 29 -15.85 7.01 15.18
CA HIS P 29 -16.43 6.00 14.31
C HIS P 29 -17.01 4.87 15.15
N VAL P 30 -18.18 4.40 14.77
CA VAL P 30 -18.85 3.34 15.51
C VAL P 30 -19.02 2.11 14.62
N LEU P 43 -13.90 4.23 22.78
CA LEU P 43 -14.67 4.25 24.02
C LEU P 43 -15.85 3.29 23.95
N ARG P 44 -16.19 2.70 25.09
CA ARG P 44 -17.30 1.76 25.18
C ARG P 44 -18.61 2.53 25.17
N LEU P 45 -19.11 2.80 23.96
CA LEU P 45 -20.37 3.54 23.83
C LEU P 45 -21.54 2.76 24.43
N SER P 46 -21.60 1.46 24.19
CA SER P 46 -22.67 0.62 24.71
C SER P 46 -22.07 -0.72 25.11
N GLU P 47 -22.94 -1.68 25.42
CA GLU P 47 -22.48 -3.01 25.79
C GLU P 47 -21.77 -3.70 24.63
N ASP P 48 -22.31 -3.57 23.41
CA ASP P 48 -21.75 -4.19 22.23
C ASP P 48 -21.38 -3.16 21.17
N SER P 49 -21.14 -1.92 21.59
CA SER P 49 -20.78 -0.84 20.69
C SER P 49 -19.54 -0.12 21.23
N ALA P 50 -18.60 0.16 20.34
CA ALA P 50 -17.36 0.84 20.69
C ALA P 50 -17.12 2.00 19.73
N ALA P 51 -16.54 3.07 20.28
CA ALA P 51 -16.24 4.27 19.51
C ALA P 51 -14.74 4.41 19.33
N THR P 52 -14.30 4.58 18.09
CA THR P 52 -12.89 4.71 17.75
C THR P 52 -12.65 6.07 17.11
N LEU P 53 -11.62 6.76 17.59
CA LEU P 53 -11.30 8.07 17.05
C LEU P 53 -10.78 7.96 15.63
N LEU P 54 -11.26 8.83 14.75
CA LEU P 54 -10.81 8.90 13.37
C LEU P 54 -9.92 10.10 13.10
N SER P 55 -10.26 11.26 13.63
CA SER P 55 -9.45 12.46 13.48
C SER P 55 -9.86 13.47 14.53
N ILE P 56 -8.91 14.31 14.92
CA ILE P 56 -9.13 15.36 15.91
C ILE P 56 -8.64 16.68 15.33
N ASN P 57 -9.52 17.68 15.29
CA ASN P 57 -9.19 19.00 14.79
C ASN P 57 -9.24 19.99 15.94
N SER P 58 -8.14 20.70 16.16
CA SER P 58 -8.03 21.69 17.22
C SER P 58 -7.57 23.04 16.68
N ASP P 59 -7.96 23.36 15.44
CA ASP P 59 -7.58 24.61 14.80
C ASP P 59 -8.60 25.72 15.01
N THR P 60 -9.66 25.47 15.78
CA THR P 60 -10.71 26.45 16.03
C THR P 60 -10.91 26.59 17.54
N PRO P 61 -10.04 27.33 18.21
CA PRO P 61 -10.20 27.53 19.65
C PRO P 61 -11.38 28.44 19.95
N TYR P 62 -11.92 28.27 21.17
CA TYR P 62 -13.06 29.06 21.65
C TYR P 62 -14.27 28.91 20.72
N MET P 63 -14.49 27.69 20.24
CA MET P 63 -15.64 27.43 19.38
C MET P 63 -16.92 27.46 20.21
N LYS P 64 -17.93 28.17 19.70
CA LYS P 64 -19.20 28.32 20.39
C LYS P 64 -20.34 27.53 19.77
N CYS P 65 -20.40 27.44 18.44
CA CYS P 65 -21.45 26.69 17.77
C CYS P 65 -20.85 25.84 16.67
N VAL P 66 -21.38 24.63 16.52
CA VAL P 66 -20.90 23.68 15.51
C VAL P 66 -22.11 23.13 14.76
N ALA P 67 -22.00 23.11 13.44
CA ALA P 67 -23.07 22.60 12.58
C ALA P 67 -22.47 21.73 11.50
N TRP P 68 -23.09 20.57 11.26
CA TRP P 68 -22.60 19.63 10.27
C TRP P 68 -23.06 20.04 8.88
N TYR P 69 -22.25 19.71 7.88
CA TYR P 69 -22.59 20.00 6.49
C TYR P 69 -23.67 19.04 6.02
N LEU P 70 -24.79 19.59 5.55
CA LEU P 70 -25.92 18.76 5.18
C LEU P 70 -25.75 18.11 3.81
N ASN P 71 -24.79 18.55 3.01
CA ASN P 71 -24.55 17.94 1.71
C ASN P 71 -23.70 16.68 1.88
N TYR P 72 -23.30 16.06 0.77
CA TYR P 72 -22.53 14.83 0.81
C TYR P 72 -21.03 15.09 0.66
N ASP P 73 -20.62 15.78 -0.40
CA ASP P 73 -19.23 16.08 -0.64
C ASP P 73 -18.97 17.57 -0.48
N PRO P 74 -17.99 17.99 0.32
CA PRO P 74 -17.13 17.10 1.13
C PRO P 74 -17.82 16.59 2.39
N GLU P 75 -17.34 15.46 2.90
CA GLU P 75 -17.92 14.87 4.10
C GLU P 75 -17.29 15.45 5.36
N CYS P 76 -18.07 15.49 6.44
CA CYS P 76 -17.62 15.96 7.74
C CYS P 76 -17.08 17.39 7.67
N LEU P 77 -17.79 18.26 6.95
CA LEU P 77 -17.44 19.68 6.87
C LEU P 77 -18.18 20.44 7.97
N LEU P 78 -17.79 20.13 9.21
CA LEU P 78 -18.43 20.71 10.38
C LEU P 78 -18.06 22.19 10.49
N ALA P 79 -19.05 23.07 10.25
CA ALA P 79 -18.83 24.50 10.39
C ALA P 79 -18.76 24.87 11.86
N VAL P 80 -17.62 25.36 12.32
CA VAL P 80 -17.40 25.71 13.71
C VAL P 80 -17.48 27.22 13.85
N GLY P 81 -18.44 27.69 14.64
CA GLY P 81 -18.58 29.11 14.88
C GLY P 81 -17.75 29.57 16.07
N GLN P 82 -16.71 30.34 15.79
CA GLN P 82 -15.81 30.80 16.84
C GLN P 82 -16.45 31.95 17.63
N ALA P 83 -15.84 32.26 18.78
CA ALA P 83 -16.32 33.36 19.61
C ALA P 83 -16.08 34.72 18.97
N ASN P 84 -15.25 34.79 17.93
CA ASN P 84 -14.99 36.02 17.22
C ASN P 84 -15.96 36.26 16.08
N GLY P 85 -16.97 35.41 15.92
CA GLY P 85 -17.94 35.54 14.86
C GLY P 85 -17.57 34.87 13.55
N ARG P 86 -16.36 34.32 13.45
CA ARG P 86 -15.90 33.72 12.21
C ARG P 86 -16.35 32.27 12.14
N VAL P 87 -17.22 31.95 11.17
CA VAL P 87 -17.68 30.59 10.94
C VAL P 87 -16.67 29.93 10.01
N VAL P 88 -15.84 29.06 10.57
CA VAL P 88 -14.78 28.39 9.81
C VAL P 88 -15.29 27.02 9.38
N LEU P 89 -15.25 26.75 8.08
CA LEU P 89 -15.72 25.49 7.52
C LEU P 89 -14.63 24.43 7.71
N THR P 90 -14.49 23.98 8.95
CA THR P 90 -13.49 22.98 9.28
C THR P 90 -13.88 21.62 8.69
N SER P 91 -12.87 20.78 8.48
CA SER P 91 -13.04 19.44 7.96
C SER P 91 -12.34 18.45 8.87
N LEU P 92 -12.99 17.31 9.11
CA LEU P 92 -12.46 16.26 9.99
C LEU P 92 -12.45 14.95 9.21
N GLY P 93 -11.28 14.56 8.72
CA GLY P 93 -11.13 13.33 7.98
C GLY P 93 -11.78 13.36 6.60
N PHE P 100 -13.88 16.63 -3.45
CA PHE P 100 -14.22 17.97 -3.92
C PHE P 100 -13.29 19.02 -3.34
N LYS P 101 -13.18 19.03 -2.01
CA LYS P 101 -12.32 19.96 -1.26
C LYS P 101 -12.78 21.39 -1.59
N ASP P 102 -11.86 22.32 -1.87
CA ASP P 102 -12.18 23.69 -2.25
C ASP P 102 -12.88 24.44 -1.12
N LEU P 103 -14.13 24.06 -0.82
CA LEU P 103 -14.89 24.76 0.22
C LEU P 103 -14.28 24.56 1.59
N ILE P 104 -13.44 23.54 1.76
CA ILE P 104 -12.84 23.26 3.06
C ILE P 104 -11.87 24.37 3.42
N GLY P 105 -11.96 24.86 4.66
CA GLY P 105 -11.08 25.89 5.17
C GLY P 105 -11.61 27.31 5.05
N LYS P 106 -12.68 27.51 4.29
CA LYS P 106 -13.23 28.85 4.13
C LYS P 106 -13.78 29.36 5.46
N GLU P 107 -13.48 30.63 5.76
CA GLU P 107 -13.93 31.28 6.98
C GLU P 107 -14.64 32.57 6.61
N PHE P 108 -15.81 32.78 7.21
CA PHE P 108 -16.63 33.96 6.94
C PHE P 108 -16.47 34.95 8.09
N VAL P 109 -15.96 36.13 7.77
CA VAL P 109 -15.63 37.14 8.78
C VAL P 109 -16.79 38.13 8.86
N PRO P 110 -17.45 38.27 10.02
CA PRO P 110 -18.52 39.26 10.14
C PRO P 110 -17.93 40.67 10.16
N LYS P 111 -18.84 41.64 10.00
CA LYS P 111 -18.41 43.04 9.92
C LYS P 111 -17.82 43.52 11.25
N HIS P 112 -18.40 43.10 12.37
CA HIS P 112 -18.04 43.64 13.68
C HIS P 112 -17.91 42.52 14.71
N ALA P 113 -17.28 41.42 14.33
CA ALA P 113 -16.87 40.34 15.25
C ALA P 113 -18.10 39.78 15.94
N ARG P 114 -18.22 39.88 17.27
CA ARG P 114 -19.32 39.35 18.06
C ARG P 114 -19.27 37.84 18.17
N GLN P 115 -20.21 37.25 18.91
CA GLN P 115 -20.23 35.82 19.16
C GLN P 115 -21.28 35.14 18.28
N CYS P 116 -20.90 34.00 17.70
CA CYS P 116 -21.82 33.20 16.89
C CYS P 116 -22.61 32.31 17.85
N ASN P 117 -23.80 32.78 18.22
CA ASN P 117 -24.60 32.04 19.19
C ASN P 117 -25.05 30.69 18.64
N THR P 118 -25.46 30.64 17.38
CA THR P 118 -25.95 29.41 16.79
C THR P 118 -25.82 29.47 15.28
N LEU P 119 -25.55 28.32 14.67
CA LEU P 119 -25.45 28.18 13.22
C LEU P 119 -26.43 27.13 12.73
N ALA P 120 -26.81 27.23 11.46
CA ALA P 120 -27.73 26.29 10.86
C ALA P 120 -27.58 26.33 9.35
N TRP P 121 -27.81 25.18 8.72
CA TRP P 121 -27.77 25.05 7.27
C TRP P 121 -29.19 24.95 6.72
N ASN P 122 -29.33 25.29 5.44
CA ASN P 122 -30.61 25.18 4.76
C ASN P 122 -30.74 23.77 4.19
N PRO P 123 -31.70 22.97 4.67
CA PRO P 123 -31.82 21.60 4.14
C PRO P 123 -32.14 21.54 2.66
N LEU P 124 -32.91 22.50 2.14
CA LEU P 124 -33.27 22.48 0.72
C LEU P 124 -32.04 22.73 -0.15
N ASP P 125 -31.26 23.75 0.17
CA ASP P 125 -30.04 24.08 -0.56
C ASP P 125 -28.90 24.12 0.44
N SER P 126 -27.98 23.14 0.33
CA SER P 126 -26.88 23.03 1.28
C SER P 126 -25.76 23.99 0.92
N ASN P 127 -26.09 25.27 0.74
CA ASN P 127 -25.09 26.31 0.50
C ASN P 127 -25.45 27.59 1.25
N TRP P 128 -26.18 27.47 2.36
CA TRP P 128 -26.65 28.63 3.13
C TRP P 128 -26.32 28.36 4.60
N LEU P 129 -25.16 28.85 5.04
CA LEU P 129 -24.74 28.72 6.42
C LEU P 129 -25.27 29.91 7.21
N ALA P 130 -26.52 29.82 7.63
CA ALA P 130 -27.14 30.88 8.42
C ALA P 130 -26.48 30.97 9.79
N ALA P 131 -25.77 32.07 10.03
CA ALA P 131 -25.03 32.27 11.27
C ALA P 131 -25.77 33.28 12.15
N GLY P 132 -26.03 32.92 13.39
CA GLY P 132 -26.65 33.79 14.35
C GLY P 132 -25.62 34.42 15.25
N LEU P 133 -25.49 35.74 15.16
CA LEU P 133 -24.48 36.50 15.87
C LEU P 133 -25.11 37.29 17.02
N ASP P 134 -24.25 37.85 17.86
CA ASP P 134 -24.67 38.55 19.06
C ASP P 134 -25.14 39.97 18.69
N LYS P 135 -25.34 40.80 19.71
CA LYS P 135 -25.96 42.11 19.54
C LYS P 135 -24.90 43.16 19.22
N HIS P 136 -25.12 43.89 18.14
CA HIS P 136 -24.34 45.07 17.79
C HIS P 136 -25.28 46.27 17.67
N ARG P 137 -24.71 47.43 17.35
CA ARG P 137 -25.49 48.66 17.23
C ARG P 137 -25.78 49.04 15.78
N ALA P 138 -24.94 48.64 14.83
CA ALA P 138 -25.15 49.01 13.44
C ALA P 138 -25.18 47.77 12.54
N ASP P 139 -24.39 46.76 12.89
CA ASP P 139 -24.33 45.54 12.11
C ASP P 139 -25.57 44.68 12.38
N PHE P 140 -25.64 43.55 11.69
CA PHE P 140 -26.79 42.65 11.77
C PHE P 140 -26.47 41.49 12.71
N SER P 141 -27.44 40.58 12.86
CA SER P 141 -27.28 39.46 13.77
C SER P 141 -27.45 38.13 13.05
N VAL P 142 -28.40 38.07 12.12
CA VAL P 142 -28.67 36.86 11.34
C VAL P 142 -28.14 37.09 9.93
N LEU P 143 -27.16 36.28 9.53
CA LEU P 143 -26.51 36.41 8.23
C LEU P 143 -26.56 35.07 7.52
N ILE P 144 -27.29 35.01 6.41
CA ILE P 144 -27.35 33.80 5.60
C ILE P 144 -26.16 33.76 4.67
N TRP P 145 -25.09 33.08 5.11
CA TRP P 145 -23.86 32.99 4.33
C TRP P 145 -24.09 32.14 3.08
N ASP P 146 -23.04 32.07 2.25
CA ASP P 146 -23.08 31.28 1.03
C ASP P 146 -21.72 30.60 0.86
N ILE P 147 -21.69 29.28 1.06
CA ILE P 147 -20.44 28.54 0.94
C ILE P 147 -19.92 28.60 -0.49
N CYS P 148 -20.80 28.41 -1.46
CA CYS P 148 -20.45 28.44 -2.88
C CYS P 148 -19.34 27.45 -3.21
N LEU P 173 -11.74 34.37 2.46
CA LEU P 173 -12.52 34.99 3.52
C LEU P 173 -13.65 35.83 2.94
N VAL P 174 -14.84 35.25 2.86
CA VAL P 174 -15.99 35.98 2.32
C VAL P 174 -16.52 36.95 3.36
N THR P 175 -16.64 38.22 2.97
CA THR P 175 -17.15 39.26 3.86
C THR P 175 -18.48 39.84 3.37
N LYS P 176 -19.08 39.25 2.34
CA LYS P 176 -20.35 39.73 1.79
C LYS P 176 -21.41 38.65 1.95
N PRO P 177 -22.26 38.74 2.96
CA PRO P 177 -23.32 37.73 3.13
C PRO P 177 -24.34 37.82 2.01
N LEU P 178 -24.94 36.67 1.67
CA LEU P 178 -26.00 36.65 0.69
C LEU P 178 -27.21 37.44 1.18
N TYR P 179 -27.54 37.32 2.46
CA TYR P 179 -28.62 38.09 3.06
C TYR P 179 -28.20 38.53 4.45
N GLU P 180 -28.71 39.70 4.86
CA GLU P 180 -28.44 40.26 6.17
C GLU P 180 -29.76 40.58 6.85
N LEU P 181 -29.92 40.14 8.09
CA LEU P 181 -31.20 40.26 8.77
C LEU P 181 -30.97 40.52 10.25
N GLY P 182 -31.98 41.07 10.90
CA GLY P 182 -31.94 41.30 12.33
C GLY P 182 -30.93 42.34 12.77
N GLN P 183 -31.14 43.59 12.36
CA GLN P 183 -30.25 44.67 12.78
C GLN P 183 -30.46 44.99 14.25
N ASN P 184 -29.34 45.14 14.97
CA ASN P 184 -29.36 45.45 16.40
C ASN P 184 -30.18 44.42 17.18
N ASP P 185 -29.98 43.15 16.85
CA ASP P 185 -30.65 42.04 17.52
C ASP P 185 -29.61 41.01 17.92
N ALA P 186 -30.08 39.92 18.54
CA ALA P 186 -29.20 38.85 19.00
C ALA P 186 -29.87 37.52 18.69
N CYS P 187 -29.45 36.88 17.59
CA CYS P 187 -30.00 35.59 17.18
C CYS P 187 -29.46 34.51 18.09
N LEU P 188 -30.24 34.13 19.11
CA LEU P 188 -29.80 33.12 20.05
C LEU P 188 -29.86 31.72 19.45
N SER P 189 -30.78 31.49 18.52
CA SER P 189 -30.92 30.17 17.90
C SER P 189 -31.63 30.32 16.56
N LEU P 190 -31.25 29.50 15.60
CA LEU P 190 -31.83 29.50 14.27
C LEU P 190 -32.31 28.10 13.92
N CYS P 191 -33.34 28.05 13.06
CA CYS P 191 -33.87 26.76 12.60
C CYS P 191 -34.60 27.01 11.28
N TRP P 192 -34.04 26.47 10.21
CA TRP P 192 -34.67 26.61 8.90
C TRP P 192 -35.97 25.82 8.84
N LEU P 193 -36.96 26.38 8.17
CA LEU P 193 -38.24 25.70 7.98
C LEU P 193 -38.15 24.76 6.80
N PRO P 194 -38.34 23.45 6.98
CA PRO P 194 -38.22 22.53 5.84
C PRO P 194 -39.27 22.74 4.77
N ARG P 195 -40.39 23.41 5.08
CA ARG P 195 -41.45 23.61 4.12
C ARG P 195 -40.99 24.50 2.96
N ASP P 196 -40.38 25.63 3.27
CA ASP P 196 -39.95 26.59 2.27
C ASP P 196 -38.43 26.70 2.28
N GLN P 197 -37.84 26.77 1.09
CA GLN P 197 -36.39 26.86 0.97
C GLN P 197 -35.83 28.15 1.56
N LYS P 198 -36.66 29.20 1.69
CA LYS P 198 -36.22 30.48 2.24
C LYS P 198 -37.21 30.90 3.33
N LEU P 199 -37.00 30.37 4.54
CA LEU P 199 -37.79 30.77 5.71
C LEU P 199 -36.94 30.46 6.94
N LEU P 200 -36.33 31.48 7.51
CA LEU P 200 -35.41 31.33 8.64
C LEU P 200 -36.14 31.70 9.92
N LEU P 201 -36.52 30.68 10.70
CA LEU P 201 -37.12 30.90 12.00
C LEU P 201 -36.01 31.18 13.01
N ALA P 202 -35.96 32.41 13.52
CA ALA P 202 -34.87 32.86 14.36
C ALA P 202 -35.40 33.36 15.69
N GLY P 203 -34.67 33.06 16.76
CA GLY P 203 -35.01 33.55 18.09
C GLY P 203 -34.15 34.73 18.51
N MET P 204 -34.71 35.93 18.48
CA MET P 204 -33.97 37.14 18.84
C MET P 204 -33.91 37.28 20.36
N HIS P 205 -33.48 38.47 20.82
CA HIS P 205 -33.32 38.68 22.25
C HIS P 205 -34.65 38.60 22.99
N ARG P 206 -35.70 39.16 22.40
CA ARG P 206 -37.02 39.15 23.05
C ARG P 206 -38.12 38.80 22.06
N ASN P 207 -37.79 38.07 20.99
CA ASN P 207 -38.79 37.69 20.00
C ASN P 207 -38.29 36.44 19.28
N LEU P 208 -39.25 35.73 18.67
CA LEU P 208 -38.97 34.56 17.84
C LEU P 208 -39.58 34.86 16.47
N ALA P 209 -38.79 35.47 15.60
CA ALA P 209 -39.26 35.93 14.30
C ALA P 209 -38.93 34.93 13.22
N ILE P 210 -39.82 34.78 12.25
CA ILE P 210 -39.64 33.91 11.10
C ILE P 210 -39.41 34.80 9.89
N PHE P 211 -38.16 34.90 9.46
CA PHE P 211 -37.81 35.76 8.34
C PHE P 211 -38.06 35.05 7.02
N ASP P 212 -38.46 35.82 6.01
CA ASP P 212 -38.62 35.35 4.65
C ASP P 212 -37.54 36.01 3.80
N LEU P 213 -36.64 35.19 3.24
CA LEU P 213 -35.54 35.74 2.46
C LEU P 213 -36.00 36.39 1.16
N ARG P 214 -37.20 36.06 0.67
CA ARG P 214 -37.71 36.71 -0.52
C ARG P 214 -37.94 38.20 -0.29
N ASN P 215 -38.50 38.55 0.87
CA ASN P 215 -38.71 39.95 1.27
C ASN P 215 -38.09 40.11 2.66
N THR P 216 -36.89 40.70 2.70
CA THR P 216 -36.14 40.78 3.95
C THR P 216 -36.90 41.56 5.01
N SER P 217 -37.57 42.64 4.61
CA SER P 217 -38.31 43.46 5.56
C SER P 217 -39.49 42.71 6.18
N GLN P 218 -39.99 41.67 5.53
CA GLN P 218 -41.11 40.91 6.07
C GLN P 218 -40.66 40.09 7.27
N LYS P 219 -41.50 40.06 8.31
CA LYS P 219 -41.19 39.32 9.52
C LYS P 219 -42.48 39.09 10.30
N MET P 220 -42.55 37.94 10.97
CA MET P 220 -43.68 37.58 11.83
C MET P 220 -43.14 37.40 13.24
N PHE P 221 -43.29 38.42 14.08
CA PHE P 221 -42.70 38.45 15.41
C PHE P 221 -43.75 38.11 16.45
N VAL P 222 -43.44 37.11 17.28
CA VAL P 222 -44.27 36.74 18.42
C VAL P 222 -43.41 36.98 19.66
N ASN P 223 -43.62 38.12 20.31
CA ASN P 223 -42.80 38.49 21.46
C ASN P 223 -43.00 37.50 22.60
N THR P 224 -41.92 36.81 22.97
CA THR P 224 -41.96 35.82 24.03
C THR P 224 -40.55 35.66 24.60
N LYS P 225 -40.49 35.31 25.89
CA LYS P 225 -39.21 35.11 26.56
C LYS P 225 -38.53 33.82 26.13
N ALA P 226 -39.21 32.95 25.39
CA ALA P 226 -38.65 31.68 24.94
C ALA P 226 -38.12 31.87 23.52
N VAL P 227 -36.80 32.03 23.39
CA VAL P 227 -36.17 32.21 22.09
C VAL P 227 -34.96 31.30 21.90
N GLN P 228 -34.58 30.52 22.91
CA GLN P 228 -33.38 29.69 22.82
C GLN P 228 -33.74 28.28 22.34
N GLY P 229 -32.87 27.71 21.52
CA GLY P 229 -33.05 26.35 21.06
C GLY P 229 -34.26 26.12 20.19
N VAL P 230 -34.50 26.99 19.21
CA VAL P 230 -35.65 26.83 18.33
C VAL P 230 -35.45 25.61 17.44
N THR P 231 -36.44 24.73 17.42
CA THR P 231 -36.40 23.53 16.59
C THR P 231 -37.76 23.33 15.92
N VAL P 232 -37.75 22.57 14.83
CA VAL P 232 -38.95 22.29 14.06
C VAL P 232 -39.13 20.78 13.99
N ASP P 233 -40.32 20.31 14.31
CA ASP P 233 -40.61 18.88 14.27
C ASP P 233 -40.59 18.40 12.83
N PRO P 234 -39.85 17.32 12.52
CA PRO P 234 -39.78 16.84 11.13
C PRO P 234 -41.10 16.27 10.64
N TYR P 235 -41.72 15.41 11.46
CA TYR P 235 -42.97 14.78 11.05
C TYR P 235 -44.09 15.80 10.89
N PHE P 236 -44.18 16.75 11.80
CA PHE P 236 -45.17 17.82 11.75
C PHE P 236 -44.44 19.14 11.57
N HIS P 237 -44.39 19.62 10.32
CA HIS P 237 -43.65 20.83 10.00
C HIS P 237 -44.28 22.10 10.56
N ASP P 238 -45.48 22.02 11.08
CA ASP P 238 -46.17 23.19 11.62
C ASP P 238 -45.93 23.39 13.11
N ARG P 239 -45.10 22.55 13.74
CA ARG P 239 -44.81 22.65 15.16
C ARG P 239 -43.37 23.12 15.34
N VAL P 240 -43.20 24.16 16.15
CA VAL P 240 -41.89 24.73 16.45
C VAL P 240 -41.74 24.83 17.96
N ALA P 241 -40.64 24.31 18.49
CA ALA P 241 -40.40 24.27 19.92
C ALA P 241 -39.12 25.03 20.28
N SER P 242 -39.16 25.69 21.43
CA SER P 242 -38.02 26.39 21.98
C SER P 242 -38.20 26.49 23.48
N PHE P 243 -37.10 26.77 24.19
CA PHE P 243 -37.10 26.74 25.64
C PHE P 243 -36.48 28.00 26.21
N TYR P 244 -37.04 28.47 27.31
CA TYR P 244 -36.47 29.54 28.12
C TYR P 244 -36.29 29.03 29.54
N GLU P 245 -35.07 29.20 30.07
CA GLU P 245 -34.73 28.68 31.39
C GLU P 245 -35.04 27.19 31.48
N GLY P 246 -36.15 26.84 32.14
CA GLY P 246 -36.56 25.46 32.28
C GLY P 246 -37.90 25.07 31.70
N GLN P 247 -38.50 25.92 30.87
CA GLN P 247 -39.83 25.67 30.33
C GLN P 247 -39.79 25.61 28.81
N VAL P 248 -40.50 24.64 28.24
CA VAL P 248 -40.65 24.51 26.79
C VAL P 248 -41.94 25.18 26.37
N ALA P 249 -41.93 25.79 25.20
CA ALA P 249 -43.03 26.62 24.72
C ALA P 249 -43.38 26.30 23.27
N ILE P 250 -43.56 25.01 22.97
CA ILE P 250 -43.85 24.54 21.62
C ILE P 250 -45.02 25.32 21.01
N TRP P 251 -44.78 25.95 19.86
CA TRP P 251 -45.76 26.79 19.20
C TRP P 251 -46.45 26.03 18.07
N ASP P 252 -47.27 26.75 17.31
CA ASP P 252 -47.89 26.25 16.09
C ASP P 252 -47.83 27.35 15.05
N LEU P 253 -47.30 27.03 13.86
CA LEU P 253 -47.09 28.06 12.85
C LEU P 253 -48.42 28.65 12.36
N ARG P 254 -49.44 27.80 12.17
CA ARG P 254 -50.72 28.29 11.68
C ARG P 254 -51.42 29.21 12.67
N LYS P 255 -51.08 29.11 13.95
CA LYS P 255 -51.64 29.96 15.00
C LYS P 255 -50.50 30.63 15.75
N PHE P 256 -49.56 31.20 15.01
CA PHE P 256 -48.31 31.70 15.56
C PHE P 256 -48.54 33.01 16.30
N GLU P 257 -49.19 32.95 17.45
CA GLU P 257 -49.43 34.14 18.28
C GLU P 257 -49.10 33.85 19.74
N LYS P 258 -49.18 32.58 20.13
CA LYS P 258 -48.95 32.18 21.51
C LYS P 258 -48.57 30.71 21.52
N PRO P 259 -47.89 30.24 22.57
CA PRO P 259 -47.54 28.81 22.65
C PRO P 259 -48.79 27.95 22.71
N VAL P 260 -48.87 26.99 21.77
CA VAL P 260 -50.02 26.09 21.74
C VAL P 260 -50.03 25.21 22.98
N LEU P 261 -48.88 24.68 23.36
CA LEU P 261 -48.78 23.84 24.55
C LEU P 261 -47.41 24.06 25.18
N THR P 262 -47.39 24.18 26.51
CA THR P 262 -46.18 24.39 27.27
C THR P 262 -45.89 23.15 28.11
N LEU P 263 -44.69 22.60 27.96
CA LEU P 263 -44.30 21.43 28.73
C LEU P 263 -44.10 21.79 30.19
N THR P 264 -44.01 20.77 31.04
CA THR P 264 -43.82 20.98 32.47
C THR P 264 -42.51 21.70 32.74
N GLU P 265 -42.57 22.72 33.58
CA GLU P 265 -41.39 23.51 33.90
C GLU P 265 -40.48 22.73 34.85
N GLN P 266 -39.19 22.66 34.51
CA GLN P 266 -38.23 21.97 35.34
C GLN P 266 -37.41 22.97 36.16
N PRO P 267 -37.01 22.59 37.38
CA PRO P 267 -36.20 23.53 38.19
C PRO P 267 -34.86 23.86 37.56
N LYS P 268 -34.08 22.85 37.20
CA LYS P 268 -32.79 23.10 36.56
C LYS P 268 -33.01 23.65 35.16
N PRO P 269 -32.22 24.63 34.73
CA PRO P 269 -32.39 25.17 33.37
C PRO P 269 -32.11 24.12 32.31
N LEU P 270 -32.88 24.18 31.23
CA LEU P 270 -32.68 23.27 30.11
C LEU P 270 -31.46 23.69 29.30
N THR P 271 -30.86 22.71 28.62
CA THR P 271 -29.69 22.96 27.78
C THR P 271 -29.85 22.51 26.34
N LYS P 272 -30.74 21.55 26.07
CA LYS P 272 -30.95 21.08 24.70
C LYS P 272 -32.33 20.49 24.59
N VAL P 273 -33.09 20.94 23.59
CA VAL P 273 -34.39 20.39 23.26
C VAL P 273 -34.39 20.06 21.78
N ALA P 274 -34.55 18.78 21.44
CA ALA P 274 -34.49 18.33 20.06
C ALA P 274 -35.61 17.35 19.78
N TRP P 275 -36.19 17.45 18.59
CA TRP P 275 -37.21 16.51 18.15
C TRP P 275 -36.56 15.26 17.58
N CYS P 276 -37.06 14.11 17.99
CA CYS P 276 -36.53 12.84 17.48
C CYS P 276 -36.98 12.66 16.04
N PRO P 277 -36.07 12.48 15.08
CA PRO P 277 -36.49 12.30 13.69
C PRO P 277 -36.96 10.89 13.37
N THR P 278 -36.57 9.88 14.16
CA THR P 278 -36.97 8.52 13.88
C THR P 278 -38.37 8.19 14.39
N ARG P 279 -38.92 9.02 15.28
CA ARG P 279 -40.26 8.80 15.81
C ARG P 279 -41.06 10.08 15.74
N THR P 280 -42.37 9.95 15.51
CA THR P 280 -43.23 11.10 15.36
C THR P 280 -43.68 11.62 16.73
N GLY P 281 -43.61 12.93 16.91
CA GLY P 281 -44.12 13.57 18.11
C GLY P 281 -43.41 13.21 19.40
N LEU P 282 -42.08 13.22 19.39
CA LEU P 282 -41.29 13.00 20.60
C LEU P 282 -40.26 14.12 20.70
N LEU P 283 -40.19 14.75 21.87
CA LEU P 283 -39.28 15.88 22.11
C LEU P 283 -38.49 15.60 23.38
N ALA P 284 -37.18 15.48 23.24
CA ALA P 284 -36.30 15.26 24.38
C ALA P 284 -36.01 16.58 25.10
N THR P 285 -35.46 16.46 26.31
CA THR P 285 -35.10 17.63 27.11
C THR P 285 -34.08 17.20 28.15
N LEU P 286 -32.90 17.79 28.10
CA LEU P 286 -31.80 17.46 29.02
C LEU P 286 -31.56 18.67 29.92
N THR P 287 -32.09 18.62 31.14
CA THR P 287 -31.87 19.69 32.11
C THR P 287 -30.42 19.71 32.56
N ARG P 288 -29.94 20.90 32.89
CA ARG P 288 -28.56 21.05 33.35
C ARG P 288 -28.36 20.35 34.69
N ASP P 289 -27.18 19.74 34.84
CA ASP P 289 -26.82 19.01 36.07
C ASP P 289 -27.85 17.93 36.39
N SER P 290 -28.33 17.24 35.35
CA SER P 290 -29.29 16.17 35.49
C SER P 290 -28.84 14.97 34.68
N ASN P 291 -29.03 13.78 35.25
CA ASN P 291 -28.64 12.53 34.60
C ASN P 291 -29.82 11.83 33.92
N ILE P 292 -30.97 12.49 33.83
CA ILE P 292 -32.16 11.91 33.23
C ILE P 292 -32.60 12.79 32.06
N ILE P 293 -32.79 12.17 30.91
CA ILE P 293 -33.24 12.88 29.72
C ILE P 293 -34.77 12.80 29.69
N ARG P 294 -35.43 13.92 29.95
CA ARG P 294 -36.89 13.95 29.98
C ARG P 294 -37.43 13.88 28.56
N LEU P 295 -38.31 12.91 28.32
CA LEU P 295 -38.93 12.71 27.01
C LEU P 295 -40.41 13.02 27.10
N TYR P 296 -40.89 13.87 26.19
CA TYR P 296 -42.31 14.23 26.12
C TYR P 296 -42.87 13.71 24.80
N ASP P 297 -43.93 12.90 24.89
CA ASP P 297 -44.60 12.37 23.70
C ASP P 297 -45.70 13.35 23.32
N MET P 298 -45.40 14.22 22.35
CA MET P 298 -46.33 15.24 21.91
C MET P 298 -47.20 14.80 20.74
N GLN P 299 -47.44 13.49 20.62
CA GLN P 299 -48.28 12.96 19.54
C GLN P 299 -49.74 13.35 19.74
N THR P 312 -52.93 15.64 25.71
CA THR P 312 -51.90 15.65 26.75
C THR P 312 -50.60 15.04 26.24
N ILE P 313 -49.52 15.28 26.98
CA ILE P 313 -48.19 14.77 26.63
C ILE P 313 -47.75 13.81 27.72
N ILE P 314 -47.46 12.56 27.34
CA ILE P 314 -47.01 11.56 28.29
C ILE P 314 -45.51 11.77 28.52
N GLU P 315 -45.14 12.10 29.76
CA GLU P 315 -43.75 12.39 30.10
C GLU P 315 -43.05 11.10 30.53
N ARG P 316 -41.96 10.77 29.85
CA ARG P 316 -41.13 9.62 30.19
C ARG P 316 -39.69 10.08 30.41
N SER P 317 -38.96 9.29 31.18
CA SER P 317 -37.59 9.62 31.56
C SER P 317 -36.64 8.50 31.14
N VAL P 318 -35.46 8.89 30.69
CA VAL P 318 -34.41 7.95 30.30
C VAL P 318 -33.09 8.43 30.90
N GLN P 319 -32.31 7.50 31.44
CA GLN P 319 -31.04 7.80 32.08
C GLN P 319 -29.96 6.92 31.45
N PRO P 320 -29.42 7.34 30.29
CA PRO P 320 -28.38 6.53 29.64
C PRO P 320 -27.15 6.31 30.50
N CYS P 321 -26.78 7.30 31.32
CA CYS P 321 -25.58 7.21 32.15
C CYS P 321 -25.90 7.69 33.55
N ASP P 322 -25.12 7.20 34.51
CA ASP P 322 -25.29 7.58 35.91
C ASP P 322 -24.75 8.97 36.23
N ASN P 323 -23.99 9.57 35.32
CA ASN P 323 -23.45 10.90 35.51
C ASN P 323 -24.24 11.92 34.70
N TYR P 324 -23.88 13.19 34.87
CA TYR P 324 -24.54 14.26 34.14
C TYR P 324 -24.27 14.13 32.65
N ILE P 325 -25.26 14.53 31.84
CA ILE P 325 -25.17 14.46 30.39
C ILE P 325 -25.04 15.88 29.86
N ALA P 326 -23.96 16.13 29.11
CA ALA P 326 -23.75 17.47 28.55
C ALA P 326 -24.75 17.75 27.44
N SER P 327 -24.93 16.81 26.52
CA SER P 327 -25.84 16.98 25.40
C SER P 327 -26.08 15.63 24.74
N PHE P 328 -27.31 15.42 24.28
CA PHE P 328 -27.68 14.20 23.57
C PHE P 328 -27.60 14.43 22.07
N ALA P 329 -27.81 13.36 21.31
CA ALA P 329 -27.71 13.42 19.85
C ALA P 329 -28.58 12.33 19.26
N TRP P 330 -29.75 12.70 18.75
CA TRP P 330 -30.63 11.74 18.10
C TRP P 330 -30.00 11.25 16.79
N HIS P 331 -30.24 9.97 16.50
CA HIS P 331 -29.71 9.39 15.27
C HIS P 331 -30.65 9.71 14.12
N PRO P 332 -30.17 10.34 13.04
CA PRO P 332 -31.06 10.66 11.91
C PRO P 332 -31.64 9.43 11.24
N THR P 333 -30.92 8.31 11.21
CA THR P 333 -31.36 7.10 10.53
C THR P 333 -31.76 5.98 11.48
N SER P 334 -30.98 5.73 12.53
CA SER P 334 -31.31 4.68 13.48
C SER P 334 -32.61 5.00 14.21
N GLN P 335 -33.38 3.96 14.51
CA GLN P 335 -34.70 4.12 15.12
C GLN P 335 -34.53 4.38 16.62
N ASN P 336 -34.85 5.60 17.04
CA ASN P 336 -34.87 5.97 18.46
C ASN P 336 -33.52 5.70 19.13
N ARG P 337 -32.45 6.15 18.49
CA ARG P 337 -31.10 5.99 19.02
C ARG P 337 -30.53 7.35 19.37
N MET P 338 -30.04 7.48 20.61
CA MET P 338 -29.49 8.72 21.10
C MET P 338 -28.13 8.46 21.76
N ILE P 339 -27.22 9.43 21.61
CA ILE P 339 -25.89 9.35 22.18
C ILE P 339 -25.75 10.49 23.18
N VAL P 340 -25.49 10.14 24.44
CA VAL P 340 -25.33 11.12 25.52
C VAL P 340 -23.86 11.19 25.89
N VAL P 341 -23.33 12.40 25.95
CA VAL P 341 -21.92 12.64 26.24
C VAL P 341 -21.81 13.30 27.61
N THR P 342 -21.01 12.71 28.48
CA THR P 342 -20.76 13.27 29.80
C THR P 342 -19.67 14.35 29.72
N PRO P 343 -19.63 15.26 30.69
CA PRO P 343 -18.55 16.26 30.71
C PRO P 343 -17.17 15.65 30.83
N ASN P 344 -17.05 14.44 31.36
CA ASN P 344 -15.79 13.73 31.46
C ASN P 344 -15.43 12.96 30.19
N ARG P 345 -15.99 13.37 29.04
CA ARG P 345 -15.76 12.71 27.76
C ARG P 345 -16.20 11.25 27.78
N THR P 346 -17.26 10.95 28.52
CA THR P 346 -17.83 9.61 28.56
C THR P 346 -19.08 9.60 27.69
N MET P 347 -19.07 8.77 26.65
CA MET P 347 -20.15 8.72 25.67
C MET P 347 -20.94 7.42 25.84
N SER P 348 -22.25 7.54 25.97
CA SER P 348 -23.14 6.40 26.06
C SER P 348 -24.15 6.46 24.91
N ASP P 349 -24.48 5.30 24.35
CA ASP P 349 -25.40 5.26 23.23
C ASP P 349 -26.74 4.66 23.63
N PHE P 350 -27.68 5.51 24.03
CA PHE P 350 -28.99 5.04 24.44
C PHE P 350 -29.95 4.91 23.27
N THR P 351 -30.12 3.69 22.76
CA THR P 351 -31.30 3.37 21.98
C THR P 351 -32.48 3.36 22.92
N VAL P 352 -33.33 4.37 22.83
CA VAL P 352 -34.45 4.50 23.76
C VAL P 352 -35.60 3.63 23.24
N PHE P 353 -36.16 2.82 24.13
CA PHE P 353 -37.23 1.90 23.78
C PHE P 353 -38.58 2.46 24.21
N GLU P 354 -39.59 2.27 23.36
CA GLU P 354 -40.93 2.73 23.65
C GLU P 354 -41.61 1.78 24.65
N ARG P 355 -42.88 2.05 24.93
CA ARG P 355 -43.64 1.19 25.83
C ARG P 355 -43.82 -0.19 25.21
N ILE P 356 -43.62 -1.23 26.02
CA ILE P 356 -43.63 -2.60 25.56
C ILE P 356 -44.90 -3.27 26.07
N SER P 357 -45.88 -3.43 25.19
CA SER P 357 -47.08 -4.19 25.53
C SER P 357 -46.74 -5.68 25.57
N LEU P 358 -47.36 -6.40 26.48
CA LEU P 358 -47.10 -7.83 26.67
C LEU P 358 -48.39 -8.60 26.66
N ALA P 359 -48.30 -9.88 26.28
CA ALA P 359 -49.45 -10.77 26.27
C ALA P 359 -48.94 -12.20 26.28
N TRP P 360 -49.54 -13.04 27.12
CA TRP P 360 -49.14 -14.42 27.29
C TRP P 360 -50.08 -15.32 26.50
N SER P 361 -49.52 -16.07 25.56
CA SER P 361 -50.31 -17.02 24.79
C SER P 361 -50.62 -18.26 25.62
N PRO P 362 -51.74 -18.92 25.34
CA PRO P 362 -52.04 -20.19 26.04
C PRO P 362 -50.99 -21.26 25.80
N ILE P 363 -50.27 -21.21 24.67
CA ILE P 363 -49.18 -22.14 24.42
C ILE P 363 -47.93 -21.80 25.21
N THR P 364 -48.00 -20.79 26.09
CA THR P 364 -46.88 -20.34 26.92
C THR P 364 -45.74 -19.81 26.05
N SER P 365 -46.07 -18.81 25.22
CA SER P 365 -45.10 -18.09 24.40
C SER P 365 -45.45 -16.61 24.50
N LEU P 366 -44.81 -15.91 25.42
CA LEU P 366 -45.11 -14.49 25.65
C LEU P 366 -44.74 -13.68 24.41
N MET P 367 -45.72 -12.98 23.85
CA MET P 367 -45.53 -12.14 22.68
C MET P 367 -45.52 -10.68 23.12
N TRP P 368 -44.34 -10.06 23.05
CA TRP P 368 -44.16 -8.67 23.44
C TRP P 368 -43.99 -7.81 22.20
N ALA P 369 -44.80 -6.76 22.10
CA ALA P 369 -44.76 -5.84 20.97
C ALA P 369 -44.28 -4.48 21.46
N CYS P 370 -43.23 -3.95 20.83
CA CYS P 370 -42.66 -2.66 21.18
C CYS P 370 -42.45 -1.86 19.90
N GLY P 371 -43.16 -0.75 19.76
CA GLY P 371 -43.04 0.09 18.58
C GLY P 371 -43.81 -0.46 17.39
N ARG P 372 -43.10 -0.71 16.29
CA ARG P 372 -43.69 -1.21 15.07
C ARG P 372 -43.28 -2.67 14.78
N HIS P 373 -43.06 -3.44 15.84
CA HIS P 373 -42.66 -4.84 15.68
C HIS P 373 -43.17 -5.64 16.87
N LEU P 374 -43.30 -6.94 16.66
CA LEU P 374 -43.77 -7.87 17.68
C LEU P 374 -42.74 -8.97 17.86
N TYR P 375 -42.36 -9.25 19.11
CA TYR P 375 -41.38 -10.28 19.43
C TYR P 375 -42.07 -11.39 20.19
N GLU P 376 -41.94 -12.62 19.70
CA GLU P 376 -42.51 -13.80 20.33
C GLU P 376 -41.39 -14.61 20.98
N CYS P 377 -41.47 -14.78 22.29
CA CYS P 377 -40.47 -15.51 23.06
C CYS P 377 -41.07 -16.81 23.58
N THR P 378 -40.40 -17.92 23.31
CA THR P 378 -40.87 -19.23 23.76
C THR P 378 -40.50 -19.47 25.22
N LYS P 388 -39.08 -28.17 33.62
CA LYS P 388 -39.96 -27.35 32.79
C LYS P 388 -41.11 -26.78 33.62
N ASP P 389 -41.68 -25.69 33.14
CA ASP P 389 -42.79 -25.06 33.83
C ASP P 389 -44.03 -25.96 33.78
N ILE P 390 -44.87 -25.84 34.80
CA ILE P 390 -46.04 -26.72 34.91
C ILE P 390 -47.02 -26.49 33.77
N ALA P 391 -47.10 -25.26 33.25
CA ALA P 391 -47.97 -25.02 32.11
C ALA P 391 -47.51 -25.79 30.89
N THR P 392 -46.20 -25.81 30.63
CA THR P 392 -45.66 -26.60 29.53
C THR P 392 -45.63 -28.08 29.89
N LYS P 393 -45.38 -28.42 31.15
CA LYS P 393 -45.31 -29.82 31.56
C LYS P 393 -46.64 -30.53 31.34
N MET P 394 -47.74 -29.89 31.76
CA MET P 394 -49.05 -30.51 31.60
C MET P 394 -49.46 -30.66 30.14
N ARG P 395 -48.89 -29.84 29.25
CA ARG P 395 -49.14 -30.05 27.82
C ARG P 395 -48.60 -31.39 27.37
N LEU P 396 -47.39 -31.75 27.81
CA LEU P 396 -46.83 -33.05 27.47
C LEU P 396 -47.58 -34.18 28.19
N ARG P 397 -48.07 -33.93 29.39
CA ARG P 397 -48.83 -34.95 30.11
C ARG P 397 -50.08 -35.35 29.32
N ALA P 398 -50.84 -34.35 28.86
CA ALA P 398 -52.04 -34.64 28.07
C ALA P 398 -51.67 -35.34 26.76
N LEU P 399 -50.59 -34.89 26.12
CA LEU P 399 -50.17 -35.51 24.87
C LEU P 399 -49.72 -36.95 25.09
N SER P 400 -49.24 -37.28 26.28
CA SER P 400 -48.73 -38.62 26.59
C SER P 400 -49.78 -39.48 27.30
N ARG P 401 -51.05 -39.09 27.24
CA ARG P 401 -52.15 -39.87 27.81
C ARG P 401 -51.94 -40.08 29.31
N TYR P 402 -51.45 -39.04 29.99
CA TYR P 402 -51.16 -39.15 31.42
C TYR P 402 -52.45 -39.21 32.22
N GLY P 403 -52.54 -40.20 33.11
CA GLY P 403 -53.68 -40.31 34.00
C GLY P 403 -54.90 -40.99 33.43
N LEU P 404 -54.88 -41.36 32.15
CA LEU P 404 -56.04 -41.99 31.52
C LEU P 404 -55.93 -43.52 31.49
N ASP P 405 -54.88 -44.09 32.07
CA ASP P 405 -54.68 -45.53 32.09
C ASP P 405 -55.32 -46.09 33.35
N THR P 406 -56.36 -46.91 33.19
CA THR P 406 -57.04 -47.56 34.29
C THR P 406 -56.69 -49.04 34.44
N GLU P 407 -56.28 -49.70 33.36
CA GLU P 407 -55.94 -51.12 33.46
C GLU P 407 -54.71 -51.33 34.33
N GLN P 408 -53.68 -50.49 34.14
CA GLN P 408 -52.43 -50.59 34.88
C GLN P 408 -52.13 -49.19 35.39
N VAL P 409 -52.61 -48.89 36.60
CA VAL P 409 -52.56 -47.52 37.12
C VAL P 409 -51.12 -47.08 37.35
N TRP P 410 -50.26 -48.01 37.80
CA TRP P 410 -48.91 -47.64 38.19
C TRP P 410 -48.08 -47.07 37.04
N ARG P 411 -48.39 -47.43 35.79
CA ARG P 411 -47.61 -46.92 34.66
C ARG P 411 -47.89 -45.44 34.38
N ASN P 412 -48.85 -44.84 35.09
CA ASN P 412 -49.23 -43.45 34.81
C ASN P 412 -48.05 -42.49 34.94
N HIS P 413 -47.23 -42.66 35.98
CA HIS P 413 -46.11 -41.75 36.17
C HIS P 413 -45.08 -41.89 35.06
N ILE P 414 -45.01 -43.06 34.44
CA ILE P 414 -44.16 -43.22 33.25
C ILE P 414 -44.69 -42.36 32.11
N LEU P 415 -46.02 -42.27 31.98
CA LEU P 415 -46.61 -41.40 30.98
C LEU P 415 -46.28 -39.94 31.25
N ALA P 416 -46.08 -39.57 32.52
CA ALA P 416 -45.65 -38.21 32.85
C ALA P 416 -44.26 -37.92 32.29
N GLY P 417 -43.37 -38.90 32.36
CA GLY P 417 -42.02 -38.74 31.83
C GLY P 417 -41.02 -38.26 32.87
N ASN P 418 -41.28 -37.11 33.47
CA ASN P 418 -40.37 -36.56 34.46
C ASN P 418 -40.31 -37.45 35.70
N GLU P 419 -39.13 -37.54 36.29
CA GLU P 419 -38.90 -38.35 37.48
C GLU P 419 -39.28 -37.53 38.70
N ASP P 420 -40.50 -37.73 39.19
CA ASP P 420 -41.02 -37.02 40.35
C ASP P 420 -41.37 -38.04 41.43
N PRO P 421 -40.74 -38.00 42.60
CA PRO P 421 -41.11 -38.95 43.66
C PRO P 421 -42.55 -38.83 44.10
N GLN P 422 -43.13 -37.63 44.03
CA GLN P 422 -44.53 -37.46 44.42
C GLN P 422 -45.46 -38.20 43.45
N LEU P 423 -45.23 -38.05 42.15
CA LEU P 423 -45.97 -38.85 41.19
C LEU P 423 -45.57 -40.31 41.24
N LYS P 424 -44.32 -40.58 41.61
CA LYS P 424 -43.89 -41.96 41.83
C LYS P 424 -44.72 -42.64 42.90
N SER P 425 -44.85 -42.00 44.06
CA SER P 425 -45.51 -42.62 45.20
C SER P 425 -47.03 -42.68 45.01
N LEU P 426 -47.62 -41.59 44.52
CA LEU P 426 -49.08 -41.51 44.46
C LEU P 426 -49.65 -42.57 43.51
N TRP P 427 -49.03 -42.74 42.34
CA TRP P 427 -49.58 -43.68 41.37
C TRP P 427 -49.40 -45.12 41.83
N TYR P 428 -48.27 -45.43 42.47
CA TYR P 428 -48.14 -46.73 43.11
C TYR P 428 -49.16 -46.91 44.22
N THR P 429 -49.38 -45.86 45.03
CA THR P 429 -50.38 -45.93 46.09
C THR P 429 -51.77 -46.18 45.51
N LEU P 430 -52.13 -45.42 44.47
CA LEU P 430 -53.40 -45.63 43.81
C LEU P 430 -53.46 -47.01 43.14
N HIS P 431 -52.34 -47.47 42.61
CA HIS P 431 -52.29 -48.81 42.02
C HIS P 431 -52.52 -49.88 43.09
N PHE P 432 -51.80 -49.78 44.21
CA PHE P 432 -51.96 -50.77 45.27
C PHE P 432 -53.38 -50.75 45.83
N MET P 433 -53.95 -49.57 46.01
CA MET P 433 -55.33 -49.45 46.46
C MET P 433 -56.31 -50.00 45.44
N LYS P 434 -55.93 -50.06 44.16
CA LYS P 434 -56.83 -50.55 43.13
C LYS P 434 -56.97 -52.07 43.17
N GLN P 435 -55.86 -52.79 43.36
CA GLN P 435 -55.93 -54.25 43.35
C GLN P 435 -56.76 -54.78 44.52
N TYR P 436 -56.66 -54.15 45.69
CA TYR P 436 -57.45 -54.62 46.83
C TYR P 436 -58.94 -54.50 46.56
N THR P 437 -59.35 -53.41 45.90
CA THR P 437 -60.76 -53.26 45.54
C THR P 437 -61.21 -54.39 44.62
N GLU P 438 -60.38 -54.73 43.63
CA GLU P 438 -60.66 -55.90 42.81
C GLU P 438 -60.59 -57.18 43.62
N ASP P 439 -59.60 -57.28 44.52
CA ASP P 439 -59.48 -58.47 45.37
C ASP P 439 -60.67 -58.59 46.33
N MET P 440 -61.07 -57.48 46.95
CA MET P 440 -62.21 -57.51 47.86
C MET P 440 -63.50 -57.85 47.12
N ASP P 441 -63.69 -57.28 45.92
CA ASP P 441 -64.87 -57.55 45.13
C ASP P 441 -64.67 -58.77 44.23
N LEU P 451 -63.85 -48.63 52.26
CA LEU P 451 -63.04 -48.68 53.47
C LEU P 451 -61.57 -48.47 53.16
N VAL P 452 -61.09 -49.10 52.08
CA VAL P 452 -59.70 -48.95 51.68
C VAL P 452 -59.41 -47.53 51.25
N TYR P 453 -60.37 -46.86 50.60
CA TYR P 453 -60.18 -45.49 50.13
C TYR P 453 -60.14 -44.48 51.27
N ALA P 454 -60.49 -44.88 52.49
CA ALA P 454 -60.43 -43.98 53.64
C ALA P 454 -59.00 -43.66 54.06
N GLY P 455 -58.02 -44.39 53.58
CA GLY P 455 -56.63 -44.14 53.92
C GLY P 455 -56.16 -44.93 55.12
N ILE P 456 -54.84 -44.91 55.32
CA ILE P 456 -54.24 -45.65 56.42
C ILE P 456 -54.67 -45.09 57.77
N LYS P 457 -54.87 -43.77 57.86
CA LYS P 457 -55.23 -43.15 59.14
C LYS P 457 -56.56 -43.70 59.65
N SER P 458 -57.54 -43.86 58.76
CA SER P 458 -58.81 -44.45 59.17
C SER P 458 -58.72 -45.95 59.36
N ILE P 459 -57.87 -46.63 58.57
CA ILE P 459 -57.72 -48.07 58.70
C ILE P 459 -57.15 -48.43 60.07
N VAL P 460 -56.09 -47.72 60.50
CA VAL P 460 -55.47 -48.00 61.79
C VAL P 460 -56.19 -47.33 62.95
N LYS P 461 -57.24 -46.56 62.68
CA LYS P 461 -57.99 -45.93 63.76
C LYS P 461 -58.67 -46.97 64.64
N SER P 462 -59.25 -48.00 64.04
CA SER P 462 -59.88 -49.08 64.78
C SER P 462 -58.94 -50.24 65.05
N SER P 463 -57.69 -50.15 64.64
CA SER P 463 -56.74 -51.24 64.85
C SER P 463 -56.42 -51.38 66.33
N LEU P 464 -56.45 -52.62 66.82
CA LEU P 464 -56.15 -52.90 68.21
C LEU P 464 -55.67 -54.34 68.33
N GLY P 465 -54.91 -54.61 69.39
CA GLY P 465 -54.43 -55.96 69.66
C GLY P 465 -53.06 -56.25 69.09
N MET P 466 -52.17 -55.27 69.10
CA MET P 466 -50.81 -55.43 68.63
C MET P 466 -49.84 -55.07 69.76
N VAL P 467 -48.83 -55.91 69.96
CA VAL P 467 -47.84 -55.72 71.01
C VAL P 467 -46.46 -55.68 70.36
N GLU P 468 -45.68 -54.66 70.71
CA GLU P 468 -44.33 -54.53 70.18
C GLU P 468 -43.43 -55.64 70.73
N SER P 469 -42.56 -56.14 69.88
CA SER P 469 -41.62 -57.18 70.28
C SER P 469 -40.58 -56.59 71.23
N SER P 470 -40.65 -56.95 72.51
CA SER P 470 -39.73 -56.42 73.49
C SER P 470 -38.30 -56.84 73.18
N ARG P 471 -38.09 -58.10 72.81
CA ARG P 471 -36.78 -58.62 72.43
C ARG P 471 -36.83 -59.06 70.98
N HIS P 472 -35.84 -58.61 70.20
CA HIS P 472 -35.79 -58.90 68.78
C HIS P 472 -35.32 -60.34 68.57
N ASN P 473 -36.26 -61.23 68.28
CA ASN P 473 -35.96 -62.62 67.95
C ASN P 473 -35.96 -62.74 66.43
N TRP P 474 -34.83 -63.16 65.86
CA TRP P 474 -34.63 -63.13 64.42
C TRP P 474 -34.58 -64.54 63.86
N SER P 475 -35.27 -64.75 62.75
CA SER P 475 -35.29 -66.06 62.09
C SER P 475 -34.23 -66.15 61.00
N ILE P 483 -45.17 -62.69 62.77
CA ILE P 483 -45.50 -61.89 61.60
C ILE P 483 -46.98 -61.98 61.30
N GLN P 484 -47.51 -63.21 61.31
CA GLN P 484 -48.94 -63.42 61.08
C GLN P 484 -49.80 -63.01 62.26
N ASN P 485 -49.19 -62.71 63.41
CA ASN P 485 -49.95 -62.33 64.60
C ASN P 485 -50.49 -60.91 64.52
N LEU P 486 -50.15 -60.14 63.50
CA LEU P 486 -50.62 -58.77 63.36
C LEU P 486 -52.13 -58.75 63.19
N ASN P 487 -52.74 -57.64 63.61
CA ASN P 487 -54.18 -57.48 63.49
C ASN P 487 -54.61 -57.43 62.03
N GLU P 488 -55.89 -57.70 61.79
CA GLU P 488 -56.42 -57.66 60.42
C GLU P 488 -56.27 -56.28 59.81
N GLU P 489 -56.49 -55.23 60.60
CA GLU P 489 -56.27 -53.88 60.11
C GLU P 489 -54.80 -53.64 59.80
N ARG P 490 -53.90 -54.23 60.60
CA ARG P 490 -52.48 -54.09 60.33
C ARG P 490 -52.10 -54.75 59.00
N ILE P 491 -52.70 -55.90 58.69
CA ILE P 491 -52.40 -56.58 57.44
C ILE P 491 -52.80 -55.72 56.24
N LEU P 492 -53.97 -55.08 56.32
CA LEU P 492 -54.45 -54.27 55.20
C LEU P 492 -53.53 -53.09 54.93
N ALA P 493 -53.02 -52.44 55.99
CA ALA P 493 -52.12 -51.31 55.79
C ALA P 493 -50.84 -51.74 55.08
N LEU P 494 -50.35 -52.94 55.37
CA LEU P 494 -49.18 -53.45 54.67
C LEU P 494 -49.47 -53.67 53.19
N GLN P 495 -50.69 -54.10 52.87
CA GLN P 495 -51.07 -54.29 51.47
C GLN P 495 -51.00 -52.98 50.69
N LEU P 496 -51.50 -51.90 51.28
CA LEU P 496 -51.43 -50.60 50.62
C LEU P 496 -49.98 -50.12 50.52
N CYS P 497 -49.17 -50.40 51.54
CA CYS P 497 -47.75 -50.05 51.48
C CYS P 497 -47.00 -50.88 50.44
N GLY P 498 -47.57 -52.02 50.02
CA GLY P 498 -46.97 -52.85 49.00
C GLY P 498 -46.06 -53.94 49.50
N TRP P 499 -45.76 -53.98 50.80
CA TRP P 499 -44.82 -54.97 51.32
C TRP P 499 -45.33 -56.40 51.14
N ILE P 500 -46.65 -56.59 51.10
CA ILE P 500 -47.25 -57.90 50.90
C ILE P 500 -48.22 -57.81 49.74
N LYS P 501 -48.28 -58.88 48.94
CA LYS P 501 -49.13 -58.91 47.77
C LYS P 501 -50.57 -59.21 48.19
N LYS P 502 -51.42 -59.51 47.21
CA LYS P 502 -52.83 -59.80 47.49
C LYS P 502 -52.94 -61.06 48.33
N GLY P 503 -53.95 -61.08 49.20
CA GLY P 503 -54.19 -62.19 50.10
C GLY P 503 -53.56 -61.96 51.46
N THR P 504 -53.79 -62.93 52.35
CA THR P 504 -53.28 -62.89 53.71
C THR P 504 -51.98 -63.64 53.89
N ASP P 505 -51.16 -63.73 52.85
CA ASP P 505 -49.87 -64.40 52.95
C ASP P 505 -48.93 -63.57 53.82
N VAL P 506 -48.57 -64.11 54.99
CA VAL P 506 -47.69 -63.39 55.93
C VAL P 506 -46.27 -63.73 55.52
N ASP P 507 -45.76 -62.99 54.54
CA ASP P 507 -44.41 -63.15 54.03
C ASP P 507 -44.10 -62.01 53.09
N VAL P 508 -42.84 -61.60 53.05
CA VAL P 508 -42.37 -60.57 52.13
C VAL P 508 -41.60 -61.19 50.97
N GLY P 509 -41.83 -62.47 50.70
CA GLY P 509 -41.14 -63.18 49.65
C GLY P 509 -41.29 -62.55 48.28
N PRO P 510 -42.51 -62.58 47.73
CA PRO P 510 -42.71 -62.02 46.38
C PRO P 510 -42.30 -60.57 46.26
N PHE P 511 -42.51 -59.76 47.30
CA PHE P 511 -42.10 -58.35 47.24
C PHE P 511 -40.58 -58.24 47.16
N LEU P 512 -39.87 -58.99 48.00
CA LEU P 512 -38.41 -58.97 47.94
C LEU P 512 -37.90 -59.52 46.62
N ASN P 513 -38.49 -60.62 46.14
CA ASN P 513 -38.05 -61.20 44.88
C ASN P 513 -38.28 -60.24 43.72
N SER P 514 -39.45 -59.58 43.69
CA SER P 514 -39.74 -58.64 42.62
C SER P 514 -38.86 -57.40 42.73
N LEU P 515 -38.67 -56.88 43.95
CA LEU P 515 -37.89 -55.66 44.13
C LEU P 515 -36.41 -55.89 43.84
N VAL P 516 -35.90 -57.09 44.14
CA VAL P 516 -34.50 -57.38 43.84
C VAL P 516 -34.26 -57.33 42.34
N GLN P 517 -35.19 -57.88 41.55
CA GLN P 517 -35.06 -57.81 40.10
C GLN P 517 -35.05 -56.37 39.60
N GLU P 518 -35.72 -55.46 40.32
CA GLU P 518 -35.66 -54.05 39.96
C GLU P 518 -34.25 -53.50 40.13
N GLY P 519 -33.56 -53.89 41.19
CA GLY P 519 -32.19 -53.47 41.43
C GLY P 519 -31.98 -52.62 42.67
N GLU P 520 -33.01 -52.37 43.48
CA GLU P 520 -32.86 -51.57 44.70
C GLU P 520 -32.40 -52.47 45.85
N TRP P 521 -31.11 -52.82 45.80
CA TRP P 521 -30.54 -53.72 46.80
C TRP P 521 -30.61 -53.10 48.20
N GLU P 522 -30.33 -51.80 48.31
CA GLU P 522 -30.41 -51.14 49.61
C GLU P 522 -31.84 -51.15 50.13
N ARG P 523 -32.81 -50.89 49.26
CA ARG P 523 -34.21 -50.95 49.69
C ARG P 523 -34.62 -52.38 50.04
N ALA P 524 -34.13 -53.36 49.28
CA ALA P 524 -34.44 -54.75 49.59
C ALA P 524 -33.89 -55.15 50.96
N ALA P 525 -32.65 -54.74 51.26
CA ALA P 525 -32.09 -55.03 52.57
C ALA P 525 -32.87 -54.34 53.67
N ALA P 526 -33.28 -53.09 53.45
CA ALA P 526 -34.04 -52.36 54.47
C ALA P 526 -35.38 -53.03 54.73
N VAL P 527 -36.08 -53.45 53.68
CA VAL P 527 -37.36 -54.10 53.86
C VAL P 527 -37.18 -55.48 54.51
N ALA P 528 -36.17 -56.22 54.06
CA ALA P 528 -35.90 -57.53 54.65
C ALA P 528 -35.52 -57.41 56.13
N LEU P 529 -34.70 -56.42 56.47
CA LEU P 529 -34.34 -56.21 57.87
C LEU P 529 -35.55 -55.86 58.72
N PHE P 530 -36.49 -55.10 58.17
CA PHE P 530 -37.70 -54.76 58.92
C PHE P 530 -38.59 -55.95 59.17
N ASN P 531 -38.37 -57.07 58.48
CA ASN P 531 -39.05 -58.32 58.76
C ASN P 531 -38.23 -59.26 59.64
N LEU P 532 -37.14 -58.76 60.22
CA LEU P 532 -36.28 -59.53 61.13
C LEU P 532 -35.74 -60.78 60.45
N ASP P 533 -34.93 -60.56 59.40
CA ASP P 533 -34.32 -61.67 58.66
C ASP P 533 -32.94 -61.20 58.18
N ILE P 534 -31.91 -61.56 58.95
CA ILE P 534 -30.55 -61.23 58.55
C ILE P 534 -30.14 -62.01 57.31
N ARG P 535 -30.46 -63.30 57.28
CA ARG P 535 -30.03 -64.15 56.17
C ARG P 535 -30.59 -63.64 54.84
N ARG P 536 -31.87 -63.25 54.84
CA ARG P 536 -32.44 -62.66 53.63
C ARG P 536 -31.77 -61.33 53.29
N ALA P 537 -31.50 -60.51 54.30
CA ALA P 537 -30.89 -59.20 54.05
C ALA P 537 -29.45 -59.35 53.56
N ILE P 538 -28.68 -60.24 54.20
CA ILE P 538 -27.28 -60.40 53.83
C ILE P 538 -27.15 -61.02 52.45
N GLN P 539 -27.97 -62.01 52.13
CA GLN P 539 -27.89 -62.67 50.84
C GLN P 539 -28.18 -61.69 49.71
N ILE P 540 -29.19 -60.84 49.87
CA ILE P 540 -29.47 -59.82 48.85
C ILE P 540 -28.34 -58.82 48.75
N LEU P 541 -27.82 -58.37 49.91
CA LEU P 541 -26.69 -57.44 49.89
C LEU P 541 -25.47 -58.06 49.24
N ASN P 542 -25.19 -59.32 49.56
CA ASN P 542 -24.08 -60.02 48.89
C ASN P 542 -24.35 -60.18 47.41
N GLU P 543 -25.60 -60.48 47.03
CA GLU P 543 -25.95 -60.60 45.61
C GLU P 543 -25.76 -59.27 44.89
N GLY P 544 -26.15 -58.17 45.53
CA GLY P 544 -25.97 -56.87 44.91
C GLY P 544 -24.52 -56.51 44.68
N ALA P 545 -23.66 -56.87 45.64
CA ALA P 545 -22.23 -56.60 45.52
C ALA P 545 -21.56 -57.63 44.63
N LEU P 552 -19.15 -51.76 45.19
CA LEU P 552 -18.73 -52.89 45.98
C LEU P 552 -18.92 -52.62 47.47
N ASN P 553 -19.50 -51.45 47.79
CA ASN P 553 -19.73 -51.09 49.18
C ASN P 553 -20.82 -51.92 49.83
N LEU P 554 -21.66 -52.60 49.03
CA LEU P 554 -22.75 -53.39 49.59
C LEU P 554 -22.22 -54.54 50.44
N ASN P 555 -21.15 -55.20 49.98
CA ASN P 555 -20.60 -56.33 50.72
C ASN P 555 -20.09 -55.90 52.09
N VAL P 556 -19.40 -54.76 52.15
CA VAL P 556 -18.89 -54.27 53.43
C VAL P 556 -20.03 -53.82 54.33
N VAL P 557 -21.06 -53.21 53.74
CA VAL P 557 -22.23 -52.82 54.51
C VAL P 557 -22.90 -54.05 55.12
N ALA P 558 -22.96 -55.14 54.34
CA ALA P 558 -23.53 -56.38 54.86
C ALA P 558 -22.73 -56.89 56.05
N MET P 559 -21.41 -56.71 56.04
CA MET P 559 -20.60 -57.11 57.18
C MET P 559 -20.98 -56.34 58.43
N ALA P 560 -21.24 -55.04 58.28
CA ALA P 560 -21.67 -54.23 59.42
C ALA P 560 -23.03 -54.68 59.93
N LEU P 561 -23.92 -55.08 59.02
CA LEU P 561 -25.25 -55.54 59.41
C LEU P 561 -25.21 -56.83 60.21
N SER P 562 -24.12 -57.59 60.13
CA SER P 562 -24.01 -58.87 60.84
C SER P 562 -23.46 -58.73 62.24
N GLY P 563 -23.06 -57.53 62.65
CA GLY P 563 -22.44 -57.36 63.94
C GLY P 563 -23.39 -56.96 65.04
N TYR P 564 -24.69 -57.19 64.83
CA TYR P 564 -25.70 -56.77 65.79
C TYR P 564 -25.46 -57.40 67.15
N THR P 565 -25.61 -56.60 68.20
CA THR P 565 -25.51 -57.07 69.58
C THR P 565 -26.68 -56.53 70.37
N ASP P 566 -27.14 -57.33 71.34
CA ASP P 566 -28.25 -56.93 72.19
C ASP P 566 -27.79 -56.10 73.39
N GLU P 567 -26.49 -56.01 73.64
CA GLU P 567 -25.99 -55.22 74.75
C GLU P 567 -26.14 -53.73 74.46
N LYS P 568 -26.53 -52.97 75.48
CA LYS P 568 -26.72 -51.54 75.31
C LYS P 568 -25.39 -50.81 75.12
N ASN P 569 -24.37 -51.21 75.86
CA ASN P 569 -23.07 -50.54 75.84
C ASN P 569 -22.02 -51.34 75.07
N SER P 570 -22.45 -52.16 74.13
CA SER P 570 -21.51 -52.94 73.33
C SER P 570 -20.74 -52.04 72.37
N LEU P 571 -19.60 -52.55 71.91
CA LEU P 571 -18.77 -51.77 70.99
C LEU P 571 -19.49 -51.50 69.68
N TRP P 572 -20.20 -52.49 69.15
CA TRP P 572 -20.90 -52.32 67.89
C TRP P 572 -22.01 -51.28 68.00
N ARG P 573 -22.85 -51.39 69.02
CA ARG P 573 -23.98 -50.48 69.16
C ARG P 573 -23.52 -49.05 69.39
N GLU P 574 -22.49 -48.86 70.21
CA GLU P 574 -22.02 -47.52 70.52
C GLU P 574 -21.43 -46.82 69.31
N MET P 575 -20.69 -47.55 68.47
CA MET P 575 -19.99 -46.94 67.36
C MET P 575 -20.81 -46.90 66.08
N CYS P 576 -21.67 -47.89 65.84
CA CYS P 576 -22.47 -47.90 64.62
C CYS P 576 -23.54 -46.81 64.64
N SER P 577 -24.04 -46.45 65.82
CA SER P 577 -25.06 -45.42 65.90
C SER P 577 -24.53 -44.06 65.43
N THR P 578 -23.30 -43.73 65.81
CA THR P 578 -22.71 -42.46 65.39
C THR P 578 -22.26 -42.48 63.94
N LEU P 579 -21.71 -43.62 63.49
CA LEU P 579 -21.16 -43.71 62.14
C LEU P 579 -22.22 -43.97 61.08
N ARG P 580 -23.45 -44.33 61.46
CA ARG P 580 -24.49 -44.60 60.48
C ARG P 580 -24.93 -43.34 59.74
N LEU P 581 -24.68 -42.15 60.31
CA LEU P 581 -25.12 -40.91 59.68
C LEU P 581 -24.30 -40.55 58.45
N GLN P 582 -23.18 -41.22 58.20
CA GLN P 582 -22.34 -40.91 57.06
C GLN P 582 -22.70 -41.72 55.82
N LEU P 583 -23.65 -42.64 55.91
CA LEU P 583 -24.05 -43.43 54.75
C LEU P 583 -24.82 -42.57 53.76
N ASN P 584 -24.44 -42.68 52.48
CA ASN P 584 -25.08 -41.87 51.45
C ASN P 584 -26.51 -42.35 51.17
N ASN P 585 -26.71 -43.66 51.12
CA ASN P 585 -28.04 -44.20 50.84
C ASN P 585 -28.90 -44.10 52.09
N PRO P 586 -30.09 -43.49 52.01
CA PRO P 586 -30.93 -43.39 53.21
C PRO P 586 -31.43 -44.73 53.71
N TYR P 587 -31.60 -45.71 52.83
CA TYR P 587 -32.08 -47.01 53.27
C TYR P 587 -31.04 -47.74 54.11
N LEU P 588 -29.75 -47.53 53.83
CA LEU P 588 -28.70 -48.10 54.67
C LEU P 588 -28.73 -47.48 56.06
N CYS P 589 -28.97 -46.18 56.15
CA CYS P 589 -28.93 -45.49 57.44
C CYS P 589 -30.05 -45.97 58.36
N VAL P 590 -31.27 -46.13 57.83
CA VAL P 590 -32.39 -46.52 58.67
C VAL P 590 -32.22 -47.95 59.17
N MET P 591 -31.54 -48.80 58.40
CA MET P 591 -31.27 -50.16 58.86
C MET P 591 -30.48 -50.14 60.16
N PHE P 592 -29.37 -49.41 60.18
CA PHE P 592 -28.58 -49.28 61.41
C PHE P 592 -29.33 -48.46 62.45
N ALA P 593 -30.12 -47.48 62.02
CA ALA P 593 -30.93 -46.71 62.96
C ALA P 593 -31.93 -47.62 63.67
N PHE P 594 -32.59 -48.51 62.93
CA PHE P 594 -33.49 -49.47 63.55
C PHE P 594 -32.74 -50.41 64.48
N LEU P 595 -31.55 -50.86 64.08
CA LEU P 595 -30.77 -51.76 64.91
C LEU P 595 -30.33 -51.07 66.20
N THR P 596 -29.83 -49.84 66.09
CA THR P 596 -29.36 -49.10 67.26
C THR P 596 -30.49 -48.45 68.05
N SER P 597 -31.71 -48.46 67.53
CA SER P 597 -32.84 -47.87 68.24
C SER P 597 -33.15 -48.67 69.51
N GLU P 598 -33.41 -47.95 70.60
CA GLU P 598 -33.84 -48.61 71.83
C GLU P 598 -35.22 -49.22 71.65
N THR P 599 -35.48 -50.28 72.41
CA THR P 599 -36.74 -50.98 72.30
C THR P 599 -37.90 -50.05 72.64
N GLY P 600 -38.93 -50.08 71.79
CA GLY P 600 -40.11 -49.24 71.94
C GLY P 600 -40.00 -47.87 71.31
N SER P 601 -38.86 -47.20 71.48
CA SER P 601 -38.68 -45.85 70.95
C SER P 601 -37.98 -45.93 69.59
N TYR P 602 -38.77 -46.22 68.57
CA TYR P 602 -38.27 -46.32 67.19
C TYR P 602 -38.35 -44.97 66.48
N ASP P 603 -37.83 -43.93 67.12
CA ASP P 603 -37.95 -42.58 66.57
C ASP P 603 -36.98 -42.33 65.42
N GLY P 604 -35.84 -43.00 65.41
CA GLY P 604 -34.82 -42.72 64.40
C GLY P 604 -35.26 -43.10 62.99
N VAL P 605 -35.94 -44.24 62.86
CA VAL P 605 -36.32 -44.73 61.54
C VAL P 605 -37.67 -44.17 61.07
N LEU P 606 -38.60 -43.96 62.00
CA LEU P 606 -39.94 -43.51 61.61
C LEU P 606 -39.93 -42.07 61.10
N TYR P 607 -39.04 -41.23 61.64
CA TYR P 607 -39.02 -39.81 61.30
C TYR P 607 -37.92 -39.45 60.31
N GLU P 608 -37.30 -40.45 59.68
CA GLU P 608 -36.29 -40.19 58.66
C GLU P 608 -36.97 -39.61 57.42
N ASN P 609 -36.79 -38.32 57.19
CA ASN P 609 -37.50 -37.63 56.10
C ASN P 609 -37.01 -38.05 54.72
N LYS P 610 -35.88 -38.72 54.61
CA LYS P 610 -35.33 -39.13 53.32
C LYS P 610 -35.83 -40.49 52.87
N VAL P 611 -36.71 -41.12 53.63
CA VAL P 611 -37.23 -42.46 53.30
C VAL P 611 -38.68 -42.32 52.87
N ALA P 612 -39.07 -43.16 51.91
CA ALA P 612 -40.44 -43.13 51.40
C ALA P 612 -41.43 -43.39 52.51
N VAL P 613 -42.58 -42.70 52.43
CA VAL P 613 -43.60 -42.81 53.47
C VAL P 613 -44.16 -44.23 53.55
N ARG P 614 -44.28 -44.90 52.40
CA ARG P 614 -44.86 -46.24 52.39
C ARG P 614 -44.03 -47.21 53.23
N ASP P 615 -42.71 -47.14 53.13
CA ASP P 615 -41.86 -48.04 53.92
C ASP P 615 -41.91 -47.66 55.40
N ARG P 616 -41.85 -46.37 55.72
CA ARG P 616 -41.87 -45.94 57.11
C ARG P 616 -43.19 -46.29 57.78
N VAL P 617 -44.31 -46.07 57.10
CA VAL P 617 -45.62 -46.38 57.67
C VAL P 617 -45.78 -47.88 57.86
N ALA P 618 -45.27 -48.67 56.90
CA ALA P 618 -45.29 -50.12 57.06
C ALA P 618 -44.48 -50.55 58.28
N PHE P 619 -43.34 -49.89 58.52
CA PHE P 619 -42.57 -50.17 59.72
C PHE P 619 -43.37 -49.82 60.97
N ALA P 620 -44.03 -48.66 60.97
CA ALA P 620 -44.84 -48.28 62.12
C ALA P 620 -46.01 -49.23 62.31
N CYS P 621 -46.62 -49.68 61.20
CA CYS P 621 -47.72 -50.62 61.28
C CYS P 621 -47.30 -51.97 61.84
N LYS P 622 -46.01 -52.31 61.76
CA LYS P 622 -45.54 -53.62 62.16
C LYS P 622 -44.77 -53.63 63.47
N PHE P 623 -44.35 -52.47 63.96
CA PHE P 623 -43.54 -52.40 65.17
C PHE P 623 -44.19 -51.61 66.30
N LEU P 624 -44.78 -50.46 66.00
CA LEU P 624 -45.36 -49.62 67.03
C LEU P 624 -46.58 -50.29 67.64
N SER P 625 -46.93 -49.82 68.84
CA SER P 625 -48.10 -50.33 69.54
C SER P 625 -49.37 -49.71 68.96
N ASP P 626 -50.53 -50.14 69.47
CA ASP P 626 -51.80 -49.64 68.97
C ASP P 626 -51.94 -48.15 69.23
N THR P 627 -51.58 -47.70 70.44
CA THR P 627 -51.66 -46.27 70.75
C THR P 627 -50.57 -45.48 70.06
N GLN P 628 -49.37 -46.06 69.94
CA GLN P 628 -48.26 -45.35 69.31
C GLN P 628 -48.47 -45.20 67.81
N LEU P 629 -49.09 -46.19 67.16
CA LEU P 629 -49.31 -46.10 65.73
C LEU P 629 -50.25 -44.96 65.37
N ASN P 630 -51.34 -44.80 66.12
CA ASN P 630 -52.26 -43.71 65.86
C ASN P 630 -51.60 -42.35 66.08
N ARG P 631 -50.80 -42.23 67.14
CA ARG P 631 -50.11 -40.97 67.41
C ARG P 631 -49.13 -40.63 66.29
N TYR P 632 -48.40 -41.63 65.79
CA TYR P 632 -47.43 -41.38 64.74
C TYR P 632 -48.12 -41.08 63.41
N ILE P 633 -49.14 -41.87 63.06
CA ILE P 633 -49.84 -41.67 61.80
C ILE P 633 -50.52 -40.31 61.77
N GLU P 634 -51.19 -39.95 62.86
CA GLU P 634 -51.84 -38.65 62.93
C GLU P 634 -50.83 -37.52 62.86
N LYS P 635 -49.68 -37.69 63.52
CA LYS P 635 -48.62 -36.69 63.42
C LYS P 635 -48.05 -36.63 62.00
N LEU P 636 -47.83 -37.80 61.38
CA LEU P 636 -47.33 -37.81 60.01
C LEU P 636 -48.36 -37.24 59.04
N THR P 637 -49.63 -37.59 59.23
CA THR P 637 -50.67 -37.12 58.31
C THR P 637 -50.79 -35.60 58.34
N ASN P 638 -50.76 -35.00 59.53
CA ASN P 638 -50.84 -33.55 59.63
C ASN P 638 -49.66 -32.88 58.95
N GLU P 639 -48.46 -33.42 59.17
CA GLU P 639 -47.29 -32.91 58.44
C GLU P 639 -47.40 -33.22 56.95
N MET P 640 -47.93 -34.40 56.61
CA MET P 640 -48.15 -34.74 55.21
C MET P 640 -49.15 -33.79 54.56
N LYS P 641 -50.24 -33.47 55.28
CA LYS P 641 -51.28 -32.62 54.71
C LYS P 641 -50.79 -31.18 54.53
N GLU P 642 -50.13 -30.64 55.55
CA GLU P 642 -49.71 -29.24 55.50
C GLU P 642 -48.69 -29.00 54.39
N ALA P 643 -47.76 -29.95 54.21
CA ALA P 643 -46.73 -29.80 53.18
C ALA P 643 -47.27 -29.87 51.77
N GLY P 644 -48.49 -30.37 51.58
CA GLY P 644 -49.07 -30.46 50.25
C GLY P 644 -48.32 -31.43 49.35
N ASN P 645 -47.95 -32.58 49.89
CA ASN P 645 -47.21 -33.60 49.16
C ASN P 645 -48.14 -34.77 48.84
N LEU P 646 -48.09 -35.23 47.59
CA LEU P 646 -48.98 -36.31 47.14
C LEU P 646 -48.71 -37.62 47.85
N GLU P 647 -47.52 -37.78 48.46
CA GLU P 647 -47.21 -39.02 49.16
C GLU P 647 -48.15 -39.27 50.33
N GLY P 648 -48.81 -38.24 50.84
CA GLY P 648 -49.75 -38.38 51.93
C GLY P 648 -51.09 -38.95 51.56
N ILE P 649 -51.34 -39.17 50.26
CA ILE P 649 -52.59 -39.79 49.83
C ILE P 649 -52.72 -41.19 50.40
N LEU P 650 -51.60 -41.89 50.61
CA LEU P 650 -51.63 -43.20 51.22
C LEU P 650 -52.23 -43.14 52.62
N LEU P 651 -51.87 -42.11 53.40
CA LEU P 651 -52.36 -41.96 54.76
C LEU P 651 -53.72 -41.27 54.79
N THR P 652 -53.81 -40.08 54.18
CA THR P 652 -55.06 -39.34 54.19
C THR P 652 -56.17 -40.10 53.47
N GLY P 653 -55.86 -40.67 52.31
CA GLY P 653 -56.85 -41.33 51.50
C GLY P 653 -57.69 -40.33 50.74
N LEU P 654 -58.53 -40.86 49.84
CA LEU P 654 -59.46 -40.03 49.07
C LEU P 654 -60.64 -39.68 49.98
N THR P 655 -60.38 -38.76 50.91
CA THR P 655 -61.39 -38.31 51.86
C THR P 655 -61.42 -36.79 51.93
N LYS P 656 -62.17 -36.25 52.89
CA LYS P 656 -62.19 -34.80 53.07
C LYS P 656 -60.81 -34.28 53.45
N ASP P 657 -60.09 -35.02 54.28
CA ASP P 657 -58.72 -34.64 54.62
C ASP P 657 -57.81 -34.70 53.40
N GLY P 658 -58.00 -35.68 52.53
CA GLY P 658 -57.18 -35.77 51.34
C GLY P 658 -57.32 -34.58 50.43
N VAL P 659 -58.54 -34.02 50.35
CA VAL P 659 -58.77 -32.82 49.55
C VAL P 659 -57.97 -31.65 50.10
N ASP P 660 -57.95 -31.51 51.43
CA ASP P 660 -57.15 -30.45 52.04
C ASP P 660 -55.68 -30.62 51.72
N LEU P 661 -55.18 -31.86 51.73
CA LEU P 661 -53.83 -32.12 51.29
C LEU P 661 -53.63 -31.74 49.83
N MET P 662 -54.57 -32.15 48.96
CA MET P 662 -54.44 -31.85 47.54
C MET P 662 -54.69 -30.37 47.26
N GLU P 663 -55.44 -29.70 48.13
CA GLU P 663 -55.61 -28.26 47.99
C GLU P 663 -54.28 -27.55 48.12
N SER P 664 -53.44 -27.98 49.08
CA SER P 664 -52.12 -27.39 49.23
C SER P 664 -51.21 -27.77 48.06
N TYR P 665 -51.35 -28.98 47.53
CA TYR P 665 -50.56 -29.38 46.37
C TYR P 665 -50.87 -28.51 45.16
N VAL P 666 -52.15 -28.21 44.93
CA VAL P 666 -52.52 -27.32 43.84
C VAL P 666 -51.96 -25.92 44.07
N ASP P 667 -52.02 -25.44 45.32
CA ASP P 667 -51.43 -24.14 45.63
C ASP P 667 -49.92 -24.14 45.39
N ARG P 668 -49.24 -25.22 45.76
CA ARG P 668 -47.79 -25.24 45.71
C ARG P 668 -47.28 -25.26 44.27
N THR P 669 -47.83 -26.14 43.44
CA THR P 669 -47.32 -26.35 42.09
C THR P 669 -48.25 -25.90 40.98
N GLY P 670 -49.56 -25.84 41.23
CA GLY P 670 -50.49 -25.53 40.18
C GLY P 670 -50.82 -26.69 39.25
N ASP P 671 -50.50 -27.91 39.68
CA ASP P 671 -50.77 -29.10 38.87
C ASP P 671 -52.20 -29.55 39.11
N VAL P 672 -53.10 -29.18 38.21
CA VAL P 672 -54.49 -29.64 38.30
C VAL P 672 -54.75 -30.88 37.47
N GLN P 673 -53.82 -31.27 36.59
CA GLN P 673 -54.00 -32.50 35.84
C GLN P 673 -53.96 -33.72 36.75
N THR P 674 -52.96 -33.77 37.65
CA THR P 674 -52.91 -34.84 38.63
C THR P 674 -54.09 -34.75 39.59
N ALA P 675 -54.44 -33.53 40.02
CA ALA P 675 -55.55 -33.36 40.94
C ALA P 675 -56.87 -33.80 40.31
N SER P 676 -57.06 -33.50 39.03
CA SER P 676 -58.29 -33.91 38.36
C SER P 676 -58.32 -35.41 38.10
N TYR P 677 -57.15 -36.01 37.86
CA TYR P 677 -57.10 -37.43 37.52
C TYR P 677 -57.03 -38.32 38.75
N CYS P 678 -56.12 -38.02 39.68
CA CYS P 678 -55.92 -38.90 40.83
C CYS P 678 -57.18 -38.94 41.71
N MET P 679 -57.86 -37.82 41.86
CA MET P 679 -59.07 -37.78 42.66
C MET P 679 -60.33 -38.09 41.87
N LEU P 680 -60.19 -38.39 40.58
CA LEU P 680 -61.23 -39.05 39.82
C LEU P 680 -61.06 -40.56 39.81
N GLN P 681 -60.00 -41.07 40.46
CA GLN P 681 -59.68 -42.50 40.47
C GLN P 681 -60.51 -43.19 41.55
N GLY P 682 -61.80 -43.34 41.26
CA GLY P 682 -62.69 -44.03 42.17
C GLY P 682 -62.87 -43.36 43.51
N SER P 683 -62.86 -42.03 43.57
CA SER P 683 -63.10 -41.34 44.82
C SER P 683 -64.56 -41.51 45.25
N PRO P 684 -64.83 -41.44 46.55
CA PRO P 684 -66.22 -41.58 47.02
C PRO P 684 -67.08 -40.41 46.55
N LEU P 685 -68.40 -40.63 46.64
CA LEU P 685 -69.35 -39.62 46.14
C LEU P 685 -69.23 -38.32 46.92
N ASP P 686 -69.09 -38.40 48.25
CA ASP P 686 -68.99 -37.19 49.06
C ASP P 686 -67.72 -36.41 48.74
N VAL P 687 -66.62 -37.12 48.49
CA VAL P 687 -65.35 -36.46 48.18
C VAL P 687 -65.42 -35.77 46.84
N LEU P 688 -65.93 -36.47 45.82
CA LEU P 688 -65.96 -35.93 44.47
C LEU P 688 -67.04 -34.87 44.30
N LYS P 689 -68.04 -34.84 45.18
CA LYS P 689 -69.06 -33.80 45.14
C LYS P 689 -68.60 -32.50 45.79
N ASP P 690 -67.42 -32.48 46.42
CA ASP P 690 -66.92 -31.27 47.04
C ASP P 690 -66.67 -30.20 45.99
N GLU P 691 -66.86 -28.94 46.39
CA GLU P 691 -66.71 -27.84 45.45
C GLU P 691 -65.27 -27.68 44.98
N ARG P 692 -64.31 -28.12 45.78
CA ARG P 692 -62.90 -27.92 45.41
C ARG P 692 -62.49 -28.82 44.26
N VAL P 693 -62.87 -30.11 44.32
CA VAL P 693 -62.46 -31.03 43.26
C VAL P 693 -63.17 -30.70 41.96
N GLN P 694 -64.43 -30.26 42.02
CA GLN P 694 -65.12 -29.83 40.81
C GLN P 694 -64.49 -28.58 40.22
N TYR P 695 -63.83 -27.77 41.05
CA TYR P 695 -63.18 -26.57 40.54
C TYR P 695 -61.92 -26.89 39.76
N TRP P 696 -61.12 -27.84 40.25
CA TRP P 696 -59.91 -28.24 39.54
C TRP P 696 -60.25 -28.86 38.18
N ILE P 697 -61.30 -29.70 38.15
CA ILE P 697 -61.68 -30.35 36.89
C ILE P 697 -62.10 -29.31 35.87
N GLU P 698 -62.93 -28.35 36.29
CA GLU P 698 -63.37 -27.30 35.37
C GLU P 698 -62.20 -26.42 34.94
N ASN P 699 -61.29 -26.12 35.87
CA ASN P 699 -60.10 -25.34 35.50
C ASN P 699 -59.23 -26.12 34.52
N TYR P 700 -59.05 -27.42 34.76
CA TYR P 700 -58.25 -28.23 33.84
C TYR P 700 -58.90 -28.31 32.47
N ARG P 701 -60.22 -28.51 32.42
CA ARG P 701 -60.91 -28.53 31.14
C ARG P 701 -60.83 -27.18 30.44
N ASN P 702 -61.02 -26.10 31.20
CA ASN P 702 -60.85 -24.76 30.64
C ASN P 702 -59.41 -24.54 30.19
N LEU P 703 -58.45 -25.00 30.99
CA LEU P 703 -57.05 -24.92 30.58
C LEU P 703 -56.78 -25.76 29.34
N LEU P 704 -57.40 -26.94 29.26
CA LEU P 704 -57.19 -27.85 28.15
C LEU P 704 -57.85 -27.37 26.87
N ASP P 705 -58.83 -26.47 26.96
CA ASP P 705 -59.40 -25.85 25.76
C ASP P 705 -58.45 -24.81 25.18
N ALA P 706 -57.75 -24.07 26.04
CA ALA P 706 -56.84 -23.03 25.59
C ALA P 706 -55.70 -23.60 24.74
N TRP P 707 -55.35 -24.87 24.94
CA TRP P 707 -54.33 -25.52 24.13
C TRP P 707 -54.90 -26.14 22.87
N ARG P 708 -56.20 -25.97 22.61
CA ARG P 708 -56.87 -26.56 21.46
C ARG P 708 -56.77 -28.07 21.45
N PHE P 709 -56.67 -28.68 22.64
CA PHE P 709 -56.67 -30.13 22.77
C PHE P 709 -58.10 -30.64 22.97
N TRP P 710 -58.97 -30.26 22.04
CA TRP P 710 -60.40 -30.55 22.20
C TRP P 710 -60.67 -32.05 22.19
N HIS P 711 -60.07 -32.78 21.24
CA HIS P 711 -60.25 -34.22 21.20
C HIS P 711 -59.68 -34.88 22.44
N LYS P 712 -58.51 -34.42 22.90
CA LYS P 712 -57.93 -34.97 24.12
C LYS P 712 -58.78 -34.64 25.33
N ARG P 713 -59.37 -33.44 25.35
CA ARG P 713 -60.28 -33.07 26.44
C ARG P 713 -61.55 -33.92 26.40
N ALA P 714 -62.04 -34.23 25.20
CA ALA P 714 -63.27 -35.00 25.09
C ALA P 714 -63.12 -36.39 25.71
N GLU P 715 -61.95 -37.01 25.53
CA GLU P 715 -61.69 -38.28 26.18
C GLU P 715 -61.68 -38.13 27.70
N PHE P 716 -61.24 -36.98 28.20
CA PHE P 716 -61.27 -36.73 29.63
C PHE P 716 -62.71 -36.73 30.15
N ASP P 717 -63.62 -36.09 29.41
CA ASP P 717 -65.02 -36.10 29.81
C ASP P 717 -65.61 -37.49 29.73
N ILE P 718 -65.18 -38.29 28.75
CA ILE P 718 -65.60 -39.69 28.68
C ILE P 718 -65.13 -40.44 29.92
N HIS P 719 -63.87 -40.23 30.30
CA HIS P 719 -63.35 -40.85 31.52
C HIS P 719 -64.07 -40.32 32.76
N ARG P 720 -64.33 -39.01 32.79
CA ARG P 720 -65.00 -38.43 33.96
C ARG P 720 -66.40 -38.98 34.13
N SER P 721 -67.18 -39.01 33.04
CA SER P 721 -68.55 -39.50 33.13
C SER P 721 -68.60 -40.99 33.47
N LYS P 722 -67.56 -41.73 33.09
CA LYS P 722 -67.54 -43.17 33.39
C LYS P 722 -67.50 -43.42 34.89
N LEU P 723 -66.72 -42.64 35.62
CA LEU P 723 -66.56 -42.82 37.07
C LEU P 723 -67.39 -41.82 37.86
N ASP P 724 -67.32 -40.55 37.52
CA ASP P 724 -68.14 -39.54 38.19
C ASP P 724 -69.58 -39.64 37.67
N PRO P 725 -70.56 -39.89 38.55
CA PRO P 725 -71.95 -39.94 38.06
C PRO P 725 -72.43 -38.62 37.46
N SER P 726 -71.92 -37.49 37.94
CA SER P 726 -72.30 -36.21 37.36
C SER P 726 -71.71 -36.06 35.96
N SER P 727 -72.55 -35.63 35.02
CA SER P 727 -72.15 -35.46 33.63
C SER P 727 -73.20 -34.59 32.96
N LYS P 728 -73.01 -34.33 31.66
CA LYS P 728 -73.95 -33.53 30.90
C LYS P 728 -74.73 -34.40 29.92
N LEU P 782 -89.48 -35.21 8.67
CA LEU P 782 -88.14 -35.64 8.27
C LEU P 782 -87.60 -34.76 7.14
N PRO P 783 -86.55 -34.00 7.42
CA PRO P 783 -85.98 -33.13 6.40
C PRO P 783 -85.31 -33.92 5.29
N ARG P 784 -85.26 -33.31 4.11
CA ARG P 784 -84.62 -33.90 2.94
C ARG P 784 -83.26 -33.24 2.72
N CYS P 785 -82.29 -34.04 2.26
CA CYS P 785 -81.00 -33.49 1.90
C CYS P 785 -81.15 -32.52 0.75
N ALA P 786 -80.35 -31.45 0.78
CA ALA P 786 -80.43 -30.43 -0.27
C ALA P 786 -79.88 -30.92 -1.60
N LEU P 787 -79.09 -32.00 -1.61
CA LEU P 787 -78.47 -32.50 -2.83
C LEU P 787 -79.23 -33.69 -3.41
N CYS P 788 -79.34 -34.78 -2.64
CA CYS P 788 -79.97 -36.00 -3.14
C CYS P 788 -81.46 -36.07 -2.86
N LEU P 789 -82.02 -35.11 -2.12
CA LEU P 789 -83.45 -35.04 -1.85
C LEU P 789 -83.99 -36.33 -1.23
N ILE P 790 -83.27 -36.85 -0.24
CA ILE P 790 -83.65 -38.07 0.47
C ILE P 790 -83.98 -37.70 1.92
N ASN P 791 -85.07 -38.26 2.43
CA ASN P 791 -85.47 -38.00 3.80
C ASN P 791 -84.53 -38.70 4.77
N MET P 792 -84.81 -38.55 6.06
CA MET P 792 -84.00 -39.16 7.11
C MET P 792 -84.18 -40.67 7.14
N LEU P 817 -65.88 -43.82 10.18
CA LEU P 817 -65.47 -43.88 8.78
C LEU P 817 -66.50 -43.21 7.87
N ALA P 818 -67.00 -43.97 6.91
CA ALA P 818 -67.98 -43.46 5.96
C ALA P 818 -69.40 -43.45 6.52
N GLN P 819 -69.65 -44.10 7.66
CA GLN P 819 -70.97 -44.08 8.26
C GLN P 819 -71.36 -42.69 8.75
N PHE P 820 -70.38 -41.81 8.98
CA PHE P 820 -70.69 -40.45 9.38
C PHE P 820 -71.39 -39.67 8.27
N ASN P 821 -71.22 -40.08 7.01
CA ASN P 821 -71.84 -39.38 5.89
C ASN P 821 -73.35 -39.46 5.89
N ASN P 822 -73.95 -40.34 6.69
CA ASN P 822 -75.39 -40.46 6.78
C ASN P 822 -75.98 -39.50 7.81
N TRP P 823 -75.17 -38.65 8.41
CA TRP P 823 -75.66 -37.63 9.34
C TRP P 823 -76.49 -36.59 8.61
N PHE P 824 -76.99 -35.59 9.35
CA PHE P 824 -77.71 -34.47 8.75
C PHE P 824 -77.12 -33.18 9.31
N THR P 825 -76.35 -32.47 8.48
CA THR P 825 -75.65 -31.26 8.89
C THR P 825 -76.64 -30.09 8.89
N TRP P 826 -77.44 -30.02 9.95
CA TRP P 826 -78.41 -28.95 10.10
C TRP P 826 -77.69 -27.64 10.42
N CYS P 827 -77.74 -26.69 9.49
CA CYS P 827 -77.12 -25.39 9.68
C CYS P 827 -78.04 -24.50 10.51
N HIS P 828 -77.48 -23.85 11.53
CA HIS P 828 -78.29 -23.06 12.45
C HIS P 828 -78.68 -21.70 11.89
N ASN P 829 -78.08 -21.27 10.78
CA ASN P 829 -78.40 -19.96 10.23
C ASN P 829 -79.53 -20.02 9.22
N CYS P 830 -79.35 -20.80 8.15
CA CYS P 830 -80.35 -20.90 7.09
C CYS P 830 -81.31 -22.07 7.28
N ARG P 831 -81.17 -22.83 8.36
CA ARG P 831 -82.03 -23.96 8.69
C ARG P 831 -82.02 -25.05 7.63
N HIS P 832 -81.07 -25.03 6.71
CA HIS P 832 -80.93 -26.04 5.68
C HIS P 832 -79.84 -27.04 6.06
N GLY P 833 -79.87 -28.18 5.39
CA GLY P 833 -78.87 -29.21 5.67
C GLY P 833 -79.09 -30.43 4.82
N GLY P 834 -78.22 -31.40 5.02
CA GLY P 834 -78.30 -32.64 4.27
C GLY P 834 -77.31 -33.65 4.79
N HIS P 835 -77.15 -34.73 4.04
CA HIS P 835 -76.20 -35.77 4.40
C HIS P 835 -74.78 -35.20 4.43
N ALA P 836 -74.01 -35.64 5.43
CA ALA P 836 -72.67 -35.09 5.61
C ALA P 836 -71.79 -35.36 4.40
N GLY P 837 -71.92 -36.55 3.81
CA GLY P 837 -71.15 -36.84 2.60
C GLY P 837 -71.51 -35.93 1.45
N HIS P 838 -72.81 -35.64 1.28
CA HIS P 838 -73.24 -34.76 0.21
C HIS P 838 -72.83 -33.32 0.47
N MET P 839 -73.06 -32.83 1.68
CA MET P 839 -72.72 -31.44 2.00
C MET P 839 -71.22 -31.20 1.92
N LEU P 840 -70.42 -32.12 2.46
CA LEU P 840 -68.97 -31.95 2.41
C LEU P 840 -68.46 -31.95 0.97
N SER P 841 -69.00 -32.83 0.13
CA SER P 841 -68.62 -32.83 -1.27
C SER P 841 -69.03 -31.53 -1.95
N TRP P 842 -70.23 -31.05 -1.66
CA TRP P 842 -70.68 -29.78 -2.26
C TRP P 842 -69.86 -28.60 -1.73
N PHE P 843 -69.58 -28.58 -0.43
CA PHE P 843 -68.83 -27.49 0.16
C PHE P 843 -67.34 -27.59 -0.08
N ARG P 844 -66.86 -28.71 -0.64
CA ARG P 844 -65.44 -28.83 -0.94
C ARG P 844 -65.00 -27.83 -2.00
N ASP P 845 -65.83 -27.64 -3.03
CA ASP P 845 -65.53 -26.70 -4.10
C ASP P 845 -66.30 -25.39 -3.99
N HIS P 846 -67.56 -25.43 -3.60
CA HIS P 846 -68.39 -24.25 -3.49
C HIS P 846 -68.45 -23.78 -2.05
N ALA P 847 -68.86 -22.53 -1.87
CA ALA P 847 -68.91 -21.89 -0.56
C ALA P 847 -70.26 -21.20 -0.36
N GLU P 848 -71.34 -21.91 -0.71
CA GLU P 848 -72.68 -21.38 -0.52
C GLU P 848 -73.64 -22.54 -0.29
N CYS P 849 -74.75 -22.25 0.34
CA CYS P 849 -75.75 -23.27 0.61
C CYS P 849 -76.31 -23.80 -0.71
N PRO P 850 -76.36 -25.12 -0.90
CA PRO P 850 -76.83 -25.67 -2.18
C PRO P 850 -78.29 -25.33 -2.48
N VAL P 851 -79.08 -24.99 -1.47
CA VAL P 851 -80.47 -24.60 -1.71
C VAL P 851 -80.49 -23.29 -2.49
N SER P 852 -81.32 -23.24 -3.54
CA SER P 852 -81.43 -22.03 -4.34
C SER P 852 -82.00 -20.89 -3.51
N ALA P 853 -81.61 -19.66 -3.89
CA ALA P 853 -82.04 -18.45 -3.20
C ALA P 853 -81.65 -18.47 -1.72
N CYS P 854 -80.47 -19.03 -1.43
CA CYS P 854 -79.89 -19.01 -0.09
C CYS P 854 -78.45 -18.56 -0.21
N THR P 855 -78.09 -17.52 0.53
CA THR P 855 -76.76 -16.93 0.47
C THR P 855 -75.89 -17.30 1.66
N CYS P 856 -76.35 -18.20 2.52
CA CYS P 856 -75.57 -18.58 3.69
C CYS P 856 -74.34 -19.37 3.29
N LYS P 857 -73.25 -19.18 4.02
CA LYS P 857 -72.00 -19.91 3.82
C LYS P 857 -71.84 -20.83 5.03
N CYS P 858 -72.39 -22.04 4.90
CA CYS P 858 -72.52 -22.91 6.07
C CYS P 858 -71.18 -23.27 6.68
N MET P 859 -70.18 -23.53 5.85
CA MET P 859 -68.86 -23.92 6.37
C MET P 859 -67.99 -22.70 6.69
N GLN P 860 -68.08 -21.63 5.91
CA GLN P 860 -67.26 -20.46 6.13
C GLN P 860 -67.79 -19.55 7.23
N LEU P 861 -69.01 -19.79 7.72
CA LEU P 861 -69.60 -18.89 8.71
C LEU P 861 -68.98 -19.08 10.09
N ASP P 862 -68.69 -20.33 10.48
CA ASP P 862 -68.19 -20.59 11.81
C ASP P 862 -66.76 -20.13 12.01
N THR P 863 -65.93 -20.20 10.97
CA THR P 863 -64.53 -19.79 11.03
C THR P 863 -63.78 -20.49 12.15
N MET Q 1 26.04 25.62 55.75
CA MET Q 1 27.24 25.96 56.52
C MET Q 1 27.65 27.41 56.28
N GLU Q 2 27.01 28.05 55.31
CA GLU Q 2 27.28 29.44 54.97
C GLU Q 2 25.98 30.23 55.08
N LEU Q 3 26.02 31.32 55.84
CA LEU Q 3 24.86 32.15 56.09
C LEU Q 3 25.03 33.50 55.42
N HIS Q 4 24.03 33.92 54.66
CA HIS Q 4 24.07 35.16 53.89
C HIS Q 4 23.12 36.17 54.52
N ILE Q 5 23.61 37.39 54.71
CA ILE Q 5 22.78 38.52 55.12
C ILE Q 5 22.38 39.25 53.85
N LEU Q 6 21.13 39.09 53.45
CA LEU Q 6 20.68 39.64 52.18
C LEU Q 6 20.58 41.16 52.24
N GLU Q 7 20.53 41.78 51.07
CA GLU Q 7 20.48 43.24 50.95
C GLU Q 7 19.05 43.75 50.90
N HIS Q 8 18.25 43.37 51.89
CA HIS Q 8 16.87 43.84 52.02
C HIS Q 8 16.69 44.52 53.37
N ARG Q 9 16.13 45.71 53.36
CA ARG Q 9 15.81 46.44 54.58
C ARG Q 9 14.30 46.34 54.77
N VAL Q 10 13.87 45.34 55.52
CA VAL Q 10 12.46 44.95 55.58
C VAL Q 10 11.79 45.63 56.76
N ARG Q 11 10.64 46.24 56.51
CA ARG Q 11 9.78 46.79 57.55
C ARG Q 11 8.53 45.93 57.64
N VAL Q 12 8.24 45.44 58.84
CA VAL Q 12 7.11 44.55 59.06
C VAL Q 12 5.88 45.38 59.39
N LEU Q 13 4.85 45.26 58.57
CA LEU Q 13 3.60 45.99 58.74
C LEU Q 13 2.50 45.07 59.21
N SER Q 14 1.42 45.67 59.69
CA SER Q 14 0.25 44.93 60.17
C SER Q 14 -0.99 45.69 59.73
N VAL Q 15 -1.57 45.28 58.60
CA VAL Q 15 -2.78 45.90 58.09
C VAL Q 15 -3.98 45.27 58.79
N ALA Q 16 -4.81 46.10 59.42
CA ALA Q 16 -6.02 45.60 60.06
C ALA Q 16 -6.98 45.05 59.01
N ARG Q 17 -7.79 44.08 59.43
CA ARG Q 17 -8.73 43.46 58.50
C ARG Q 17 -9.71 44.45 57.88
N PRO Q 18 -10.35 45.36 58.62
CA PRO Q 18 -11.25 46.33 57.96
C PRO Q 18 -10.52 47.29 57.03
N GLY Q 19 -9.22 47.45 57.15
CA GLY Q 19 -8.50 48.46 56.38
C GLY Q 19 -7.80 47.94 55.14
N LEU Q 20 -8.16 46.73 54.70
CA LEU Q 20 -7.54 46.17 53.50
C LEU Q 20 -7.89 46.98 52.27
N TRP Q 21 -9.15 47.40 52.14
CA TRP Q 21 -9.61 48.03 50.90
C TRP Q 21 -8.86 49.33 50.62
N LEU Q 22 -8.39 50.02 51.66
CA LEU Q 22 -7.61 51.23 51.45
C LEU Q 22 -6.26 50.92 50.85
N TYR Q 23 -5.72 49.73 51.11
CA TYR Q 23 -4.40 49.34 50.64
C TYR Q 23 -4.46 48.41 49.43
N THR Q 24 -5.61 48.26 48.79
CA THR Q 24 -5.74 47.33 47.68
C THR Q 24 -4.86 47.75 46.50
N HIS Q 25 -4.85 49.04 46.18
CA HIS Q 25 -4.08 49.52 45.03
C HIS Q 25 -2.58 49.25 45.16
N PRO Q 26 -1.90 49.66 46.24
CA PRO Q 26 -0.47 49.31 46.33
C PRO Q 26 -0.24 47.82 46.48
N LEU Q 27 -1.12 47.11 47.19
CA LEU Q 27 -0.97 45.67 47.31
C LEU Q 27 -1.10 44.98 45.96
N ILE Q 28 -2.06 45.43 45.14
CA ILE Q 28 -2.19 44.88 43.79
C ILE Q 28 -0.94 45.18 42.98
N LYS Q 29 -0.42 46.42 43.09
CA LYS Q 29 0.78 46.80 42.37
C LYS Q 29 1.95 45.88 42.72
N LEU Q 30 2.12 45.60 44.01
CA LEU Q 30 3.21 44.74 44.43
C LEU Q 30 2.98 43.29 44.02
N LEU Q 31 1.75 42.79 44.17
CA LEU Q 31 1.47 41.38 43.95
C LEU Q 31 1.55 41.01 42.47
N PHE Q 32 0.90 41.79 41.60
CA PHE Q 32 0.63 41.34 40.24
C PHE Q 32 1.38 42.11 39.17
N LEU Q 33 1.98 43.26 39.49
CA LEU Q 33 2.66 44.10 38.52
C LEU Q 33 4.09 44.34 38.97
N PRO Q 34 4.97 43.35 38.80
CA PRO Q 34 6.38 43.55 39.20
C PRO Q 34 7.07 44.66 38.42
N ARG Q 35 6.71 44.87 37.16
CA ARG Q 35 7.36 45.89 36.35
C ARG Q 35 7.02 47.30 36.80
N ARG Q 36 5.94 47.47 37.55
CA ARG Q 36 5.51 48.78 38.02
C ARG Q 36 6.02 49.12 39.41
N SER Q 37 6.78 48.23 40.04
CA SER Q 37 7.28 48.47 41.39
C SER Q 37 8.75 48.09 41.45
N ARG Q 38 9.50 48.79 42.30
CA ARG Q 38 10.90 48.52 42.53
C ARG Q 38 11.13 47.57 43.70
N CYS Q 39 10.08 47.09 44.34
CA CYS Q 39 10.23 46.18 45.46
C CYS Q 39 10.80 44.83 45.00
N LYS Q 40 11.65 44.25 45.84
CA LYS Q 40 12.24 42.95 45.56
C LYS Q 40 12.01 41.95 46.68
N PHE Q 41 11.16 42.28 47.65
CA PHE Q 41 10.87 41.37 48.77
C PHE Q 41 9.47 41.71 49.28
N PHE Q 42 8.50 40.85 48.98
CA PHE Q 42 7.13 41.03 49.42
C PHE Q 42 6.65 39.76 50.10
N SER Q 43 5.87 39.92 51.16
CA SER Q 43 5.35 38.78 51.90
C SER Q 43 4.07 39.20 52.60
N LEU Q 44 2.93 38.70 52.13
CA LEU Q 44 1.62 38.97 52.71
C LEU Q 44 1.08 37.70 53.34
N THR Q 45 0.62 37.80 54.59
CA THR Q 45 0.13 36.65 55.34
C THR Q 45 -1.24 36.99 55.91
N GLU Q 46 -2.27 36.34 55.38
CA GLU Q 46 -3.64 36.54 55.86
C GLU Q 46 -3.84 35.78 57.17
N THR Q 47 -4.20 36.50 58.22
CA THR Q 47 -4.55 35.92 59.51
C THR Q 47 -5.86 36.54 59.99
N PRO Q 48 -6.64 35.80 60.79
CA PRO Q 48 -7.93 36.35 61.25
C PRO Q 48 -7.80 37.65 62.02
N GLU Q 49 -6.74 37.82 62.80
CA GLU Q 49 -6.57 39.06 63.56
C GLU Q 49 -6.32 40.25 62.63
N ASP Q 50 -5.41 40.09 61.68
CA ASP Q 50 -5.03 41.18 60.77
C ASP Q 50 -4.16 40.60 59.66
N TYR Q 51 -3.78 41.47 58.73
CA TYR Q 51 -2.90 41.10 57.63
C TYR Q 51 -1.47 41.54 57.96
N THR Q 52 -0.51 40.67 57.66
CA THR Q 52 0.89 40.93 57.94
C THR Q 52 1.64 41.11 56.62
N LEU Q 53 2.37 42.21 56.50
CA LEU Q 53 3.13 42.53 55.30
C LEU Q 53 4.61 42.65 55.66
N MET Q 54 5.45 42.03 54.84
CA MET Q 54 6.90 42.10 54.98
C MET Q 54 7.45 42.62 53.65
N VAL Q 55 7.49 43.95 53.51
CA VAL Q 55 7.94 44.60 52.28
C VAL Q 55 9.12 45.50 52.64
N ASP Q 56 10.11 45.54 51.74
CA ASP Q 56 11.33 46.28 52.02
C ASP Q 56 11.08 47.79 51.97
N GLU Q 57 12.15 48.55 52.19
CA GLU Q 57 12.02 50.01 52.24
C GLU Q 57 11.62 50.58 50.90
N GLU Q 58 12.13 50.03 49.80
CA GLU Q 58 11.77 50.51 48.48
C GLU Q 58 10.28 50.35 48.22
N GLY Q 59 9.71 49.20 48.61
CA GLY Q 59 8.29 49.00 48.48
C GLY Q 59 7.46 49.60 49.60
N PHE Q 60 8.11 49.99 50.70
CA PHE Q 60 7.37 50.60 51.81
C PHE Q 60 6.85 51.98 51.45
N LYS Q 61 7.55 52.69 50.56
CA LYS Q 61 7.12 54.04 50.17
C LYS Q 61 5.77 54.02 49.45
N GLU Q 62 5.38 52.90 48.85
CA GLU Q 62 4.12 52.82 48.14
C GLU Q 62 2.93 52.57 49.05
N LEU Q 63 3.16 52.29 50.33
CA LEU Q 63 2.06 52.04 51.26
C LEU Q 63 1.75 53.32 52.01
N PRO Q 64 0.57 53.91 51.82
CA PRO Q 64 0.27 55.18 52.48
C PRO Q 64 -0.09 54.97 53.94
N PRO Q 65 0.46 55.79 54.83
CA PRO Q 65 0.09 55.68 56.25
C PRO Q 65 -1.39 55.92 56.48
N SER Q 66 -1.96 55.21 57.44
CA SER Q 66 -3.36 55.35 57.77
C SER Q 66 -3.58 54.88 59.20
N GLU Q 67 -4.76 55.19 59.73
CA GLU Q 67 -5.12 54.79 61.09
C GLU Q 67 -5.31 53.29 61.24
N PHE Q 68 -5.39 52.55 60.14
CA PHE Q 68 -5.61 51.11 60.16
C PHE Q 68 -4.31 50.33 59.96
N LEU Q 69 -3.16 50.99 60.07
CA LEU Q 69 -1.86 50.37 59.81
C LEU Q 69 -0.99 50.48 61.05
N GLN Q 70 -0.35 49.37 61.42
CA GLN Q 70 0.66 49.34 62.47
C GLN Q 70 1.97 48.87 61.88
N VAL Q 71 3.02 49.67 62.05
CA VAL Q 71 4.33 49.41 61.46
C VAL Q 71 5.34 49.13 62.56
N ALA Q 72 6.15 48.10 62.36
CA ALA Q 72 7.21 47.80 63.32
C ALA Q 72 8.23 48.93 63.38
N GLU Q 73 8.69 49.24 64.59
CA GLU Q 73 9.58 50.38 64.78
C GLU Q 73 10.93 50.16 64.09
N ALA Q 74 11.47 48.96 64.17
CA ALA Q 74 12.82 48.68 63.69
C ALA Q 74 12.80 48.16 62.26
N THR Q 75 14.00 48.09 61.68
CA THR Q 75 14.21 47.58 60.33
C THR Q 75 14.81 46.18 60.41
N TRP Q 76 14.24 45.23 59.68
CA TRP Q 76 14.62 43.84 59.76
C TRP Q 76 15.50 43.45 58.58
N LEU Q 77 16.66 42.89 58.88
CA LEU Q 77 17.53 42.32 57.85
C LEU Q 77 17.14 40.88 57.57
N VAL Q 78 17.32 40.46 56.33
CA VAL Q 78 16.95 39.13 55.89
C VAL Q 78 18.19 38.26 55.91
N LEU Q 79 18.18 37.21 56.72
CA LEU Q 79 19.25 36.23 56.78
C LEU Q 79 18.81 34.96 56.06
N ASN Q 80 19.65 34.47 55.17
CA ASN Q 80 19.38 33.25 54.41
C ASN Q 80 20.53 32.28 54.61
N VAL Q 81 20.20 31.02 54.91
CA VAL Q 81 21.19 29.98 55.13
C VAL Q 81 21.32 29.17 53.84
N SER Q 82 22.53 29.12 53.30
CA SER Q 82 22.80 28.39 52.07
C SER Q 82 23.20 26.96 52.41
N SER Q 83 23.64 26.20 51.39
CA SER Q 83 24.06 24.83 51.58
C SER Q 83 25.55 24.59 51.37
N HIS Q 84 26.24 25.52 50.72
CA HIS Q 84 27.68 25.36 50.46
C HIS Q 84 28.49 25.51 51.75
N THR Q 95 19.57 23.33 55.79
CA THR Q 95 18.89 22.06 56.05
C THR Q 95 17.92 22.19 57.22
N LYS Q 96 18.46 22.14 58.43
CA LYS Q 96 17.67 22.27 59.66
C LYS Q 96 18.15 23.54 60.37
N ILE Q 97 17.51 24.66 60.06
CA ILE Q 97 17.89 25.95 60.65
C ILE Q 97 17.25 26.19 62.01
N ALA Q 98 16.28 25.38 62.41
CA ALA Q 98 15.63 25.58 63.70
C ALA Q 98 16.60 25.32 64.85
N ARG Q 99 17.47 24.32 64.71
CA ARG Q 99 18.42 23.96 65.76
C ARG Q 99 19.75 24.69 65.62
N SER Q 100 19.93 25.52 64.59
CA SER Q 100 21.18 26.22 64.37
C SER Q 100 21.05 27.72 64.26
N VAL Q 101 19.85 28.25 64.01
CA VAL Q 101 19.66 29.69 63.86
C VAL Q 101 18.69 30.20 64.92
N ILE Q 102 17.47 29.67 64.91
CA ILE Q 102 16.42 30.20 65.79
C ILE Q 102 16.74 29.90 67.25
N ALA Q 103 17.11 28.66 67.56
CA ALA Q 103 17.42 28.30 68.93
C ALA Q 103 18.63 29.05 69.49
N PRO Q 104 19.79 29.11 68.81
CA PRO Q 104 20.90 29.90 69.37
C PRO Q 104 20.56 31.37 69.54
N LEU Q 105 19.78 31.94 68.61
CA LEU Q 105 19.36 33.33 68.76
C LEU Q 105 18.45 33.51 69.97
N ALA Q 106 17.56 32.54 70.21
CA ALA Q 106 16.73 32.58 71.40
C ALA Q 106 17.57 32.51 72.66
N GLU Q 107 18.62 31.67 72.65
CA GLU Q 107 19.49 31.57 73.81
C GLU Q 107 20.15 32.91 74.14
N HIS Q 108 20.35 33.76 73.12
CA HIS Q 108 20.88 35.09 73.31
C HIS Q 108 19.80 36.15 73.38
N HIS Q 109 18.53 35.75 73.42
CA HIS Q 109 17.38 36.65 73.53
C HIS Q 109 17.35 37.66 72.37
N VAL Q 110 17.20 37.12 71.16
CA VAL Q 110 17.07 37.91 69.95
C VAL Q 110 15.77 37.52 69.27
N ALA Q 111 14.95 38.52 68.94
CA ALA Q 111 13.66 38.26 68.31
C ALA Q 111 13.87 37.99 66.82
N VAL Q 112 13.18 36.97 66.30
CA VAL Q 112 13.26 36.60 64.90
C VAL Q 112 11.84 36.50 64.34
N LEU Q 113 11.72 36.73 63.04
CA LEU Q 113 10.46 36.61 62.32
C LEU Q 113 10.69 35.69 61.14
N MET Q 114 10.53 34.39 61.36
CA MET Q 114 10.75 33.41 60.30
C MET Q 114 9.77 33.63 59.16
N LEU Q 115 10.25 33.44 57.94
CA LEU Q 115 9.41 33.44 56.75
C LEU Q 115 9.96 32.36 55.82
N SER Q 116 9.37 31.17 55.90
CA SER Q 116 9.77 30.07 55.04
C SER Q 116 8.98 30.11 53.76
N THR Q 117 9.66 29.96 52.63
CA THR Q 117 9.05 29.95 51.32
C THR Q 117 9.19 28.57 50.70
N TYR Q 118 8.47 28.36 49.60
CA TYR Q 118 8.58 27.11 48.86
C TYR Q 118 9.98 26.90 48.31
N GLN Q 119 10.75 27.97 48.15
CA GLN Q 119 12.11 27.90 47.61
C GLN Q 119 13.14 27.78 48.72
N THR Q 120 13.11 28.69 49.69
CA THR Q 120 14.08 28.69 50.78
C THR Q 120 13.46 29.34 52.00
N ASP Q 121 14.10 29.14 53.15
CA ASP Q 121 13.64 29.67 54.42
C ASP Q 121 14.43 30.92 54.78
N PHE Q 122 13.72 31.97 55.17
CA PHE Q 122 14.32 33.25 55.50
C PHE Q 122 14.22 33.50 57.00
N ILE Q 123 15.29 34.06 57.56
CA ILE Q 123 15.33 34.46 58.97
C ILE Q 123 15.45 35.97 59.00
N LEU Q 124 14.52 36.62 59.68
CA LEU Q 124 14.47 38.08 59.79
C LEU Q 124 14.87 38.48 61.19
N VAL Q 125 15.90 39.32 61.31
CA VAL Q 125 16.36 39.82 62.60
C VAL Q 125 16.43 41.34 62.52
N ARG Q 126 16.31 41.98 63.68
CA ARG Q 126 16.32 43.43 63.74
C ARG Q 126 17.71 43.98 63.41
N GLU Q 127 17.74 45.17 62.81
CA GLU Q 127 19.02 45.80 62.50
C GLU Q 127 19.80 46.14 63.76
N GLN Q 128 19.10 46.58 64.82
CA GLN Q 128 19.76 46.89 66.08
C GLN Q 128 20.37 45.65 66.74
N ASP Q 129 19.90 44.46 66.39
CA ASP Q 129 20.42 43.21 66.92
C ASP Q 129 21.40 42.52 65.99
N LEU Q 130 21.88 43.22 64.97
CA LEU Q 130 22.79 42.60 64.01
C LEU Q 130 24.09 42.16 64.66
N SER Q 131 24.61 42.99 65.59
CA SER Q 131 25.85 42.63 66.27
C SER Q 131 25.68 41.37 67.10
N VAL Q 132 24.57 41.24 67.80
CA VAL Q 132 24.31 40.04 68.61
C VAL Q 132 24.14 38.83 67.70
N VAL Q 133 23.51 39.03 66.54
CA VAL Q 133 23.36 37.92 65.57
C VAL Q 133 24.73 37.45 65.10
N ILE Q 134 25.61 38.39 64.76
CA ILE Q 134 26.94 38.03 64.30
C ILE Q 134 27.72 37.34 65.41
N HIS Q 135 27.54 37.81 66.65
CA HIS Q 135 28.20 37.16 67.78
C HIS Q 135 27.72 35.72 67.95
N THR Q 136 26.41 35.50 67.86
CA THR Q 136 25.86 34.18 68.14
C THR Q 136 26.14 33.19 67.03
N LEU Q 137 25.98 33.61 65.77
CA LEU Q 137 25.99 32.68 64.65
C LEU Q 137 27.36 32.56 63.98
N ALA Q 138 28.39 33.20 64.52
CA ALA Q 138 29.71 33.09 63.92
C ALA Q 138 30.35 31.73 64.21
N GLN Q 139 30.08 31.14 65.37
CA GLN Q 139 30.71 29.88 65.73
C GLN Q 139 30.27 28.75 64.81
N GLU Q 140 28.99 28.71 64.45
CA GLU Q 140 28.45 27.62 63.65
C GLU Q 140 28.35 27.94 62.17
N PHE Q 141 28.19 29.21 61.80
CA PHE Q 141 27.99 29.61 60.42
C PHE Q 141 29.00 30.68 60.03
N ASP Q 142 29.48 30.60 58.79
CA ASP Q 142 30.35 31.63 58.23
C ASP Q 142 29.46 32.75 57.69
N ILE Q 143 29.46 33.89 58.37
CA ILE Q 143 28.55 34.98 58.04
C ILE Q 143 29.05 35.68 56.78
N TYR Q 144 28.15 35.87 55.82
CA TYR Q 144 28.42 36.63 54.61
C TYR Q 144 27.39 37.74 54.45
N ARG Q 145 27.79 38.82 53.79
CA ARG Q 145 26.91 39.95 53.57
C ARG Q 145 26.84 40.24 52.08
N GLU Q 146 25.62 40.40 51.56
CA GLU Q 146 25.40 40.68 50.15
C GLU Q 146 25.44 42.20 49.95
N VAL Q 147 26.60 42.71 49.54
CA VAL Q 147 26.80 44.13 49.30
C VAL Q 147 27.14 44.32 47.84
N GLY Q 148 26.35 45.14 47.15
CA GLY Q 148 26.60 45.39 45.73
C GLY Q 148 26.46 44.18 44.85
N GLY Q 149 25.58 43.25 45.21
CA GLY Q 149 25.35 42.06 44.42
C GLY Q 149 26.36 40.96 44.59
N GLU Q 150 27.35 41.13 45.46
CA GLU Q 150 28.36 40.11 45.69
C GLU Q 150 28.53 39.87 47.18
N PRO Q 151 28.82 38.64 47.60
CA PRO Q 151 29.02 38.37 49.02
C PRO Q 151 30.22 39.11 49.58
N VAL Q 152 30.10 39.53 50.84
CA VAL Q 152 31.17 40.25 51.54
C VAL Q 152 31.27 39.66 52.93
N PRO Q 153 32.42 39.10 53.33
CA PRO Q 153 32.55 38.56 54.68
C PRO Q 153 32.40 39.65 55.74
N VAL Q 154 31.87 39.27 56.89
CA VAL Q 154 31.66 40.20 57.99
C VAL Q 154 32.70 39.96 59.08
N HIS Q 175 1.98 31.04 76.46
CA HIS Q 175 1.54 31.07 75.06
C HIS Q 175 1.00 29.72 74.63
N PRO Q 176 -0.31 29.53 74.78
CA PRO Q 176 -0.92 28.25 74.40
C PRO Q 176 -0.89 28.04 72.90
N ILE Q 177 -0.87 26.77 72.50
CA ILE Q 177 -0.84 26.40 71.10
C ILE Q 177 -2.27 26.10 70.63
N GLN Q 178 -2.47 26.20 69.31
CA GLN Q 178 -3.73 25.85 68.69
C GLN Q 178 -3.44 25.02 67.44
N SER Q 179 -4.35 24.09 67.13
CA SER Q 179 -4.19 23.19 65.99
C SER Q 179 -5.46 23.22 65.15
N PRO Q 180 -5.59 24.20 64.26
CA PRO Q 180 -6.76 24.24 63.37
C PRO Q 180 -6.82 22.99 62.50
N GLN Q 181 -8.05 22.53 62.25
CA GLN Q 181 -8.26 21.27 61.57
C GLN Q 181 -8.20 21.37 60.04
N ASN Q 182 -8.04 22.58 59.49
CA ASN Q 182 -7.97 22.74 58.05
C ASN Q 182 -6.61 22.29 57.52
N ARG Q 183 -6.61 21.83 56.27
CA ARG Q 183 -5.41 21.34 55.63
C ARG Q 183 -4.85 22.40 54.69
N PHE Q 184 -3.54 22.64 54.79
CA PHE Q 184 -2.86 23.67 54.01
C PHE Q 184 -1.89 23.04 53.02
N CYS Q 185 -1.55 23.81 52.00
CA CYS Q 185 -0.60 23.37 50.99
C CYS Q 185 0.24 24.55 50.53
N VAL Q 186 1.56 24.43 50.70
CA VAL Q 186 2.47 25.40 50.11
C VAL Q 186 2.37 25.31 48.59
N LEU Q 187 2.62 26.42 47.91
CA LEU Q 187 2.47 26.47 46.47
C LEU Q 187 3.52 27.39 45.85
N THR Q 188 3.74 27.19 44.55
CA THR Q 188 4.57 28.08 43.75
C THR Q 188 3.87 28.33 42.42
N LEU Q 189 4.21 29.43 41.78
CA LEU Q 189 3.61 29.80 40.51
C LEU Q 189 4.67 30.33 39.57
N ASP Q 190 4.58 29.92 38.31
CA ASP Q 190 5.39 30.53 37.28
C ASP Q 190 4.96 31.98 37.12
N PRO Q 191 5.88 32.95 37.22
CA PRO Q 191 5.47 34.36 37.10
C PRO Q 191 4.76 34.68 35.79
N GLU Q 192 5.08 33.97 34.71
CA GLU Q 192 4.35 34.14 33.47
C GLU Q 192 2.93 33.59 33.55
N THR Q 193 2.63 32.76 34.55
CA THR Q 193 1.30 32.19 34.73
C THR Q 193 0.46 32.96 35.75
N LEU Q 194 1.09 33.80 36.57
CA LEU Q 194 0.36 34.56 37.57
C LEU Q 194 -0.77 35.42 36.99
N PRO Q 195 -0.60 36.14 35.88
CA PRO Q 195 -1.75 36.90 35.35
C PRO Q 195 -2.93 36.03 34.96
N ALA Q 196 -2.70 34.78 34.58
CA ALA Q 196 -3.81 33.92 34.18
C ALA Q 196 -4.75 33.65 35.34
N ILE Q 197 -4.21 33.44 36.53
CA ILE Q 197 -5.02 33.17 37.71
C ILE Q 197 -5.14 34.41 38.61
N ALA Q 198 -4.92 35.60 38.04
CA ALA Q 198 -4.91 36.81 38.85
C ALA Q 198 -6.27 37.09 39.47
N THR Q 199 -7.36 36.91 38.71
CA THR Q 199 -8.69 37.25 39.23
C THR Q 199 -9.04 36.38 40.43
N THR Q 200 -8.78 35.08 40.36
CA THR Q 200 -9.05 34.19 41.48
C THR Q 200 -8.22 34.59 42.69
N LEU Q 201 -6.95 34.95 42.47
CA LEU Q 201 -6.09 35.36 43.57
C LEU Q 201 -6.61 36.62 44.24
N ILE Q 202 -7.05 37.60 43.44
CA ILE Q 202 -7.61 38.83 43.99
C ILE Q 202 -8.88 38.53 44.78
N ASP Q 203 -9.75 37.68 44.22
CA ASP Q 203 -10.98 37.33 44.90
C ASP Q 203 -10.70 36.68 46.24
N VAL Q 204 -9.74 35.75 46.28
CA VAL Q 204 -9.40 35.08 47.53
C VAL Q 204 -8.81 36.05 48.54
N LEU Q 205 -7.89 36.90 48.09
CA LEU Q 205 -7.16 37.77 49.02
C LEU Q 205 -8.06 38.87 49.58
N PHE Q 206 -8.80 39.57 48.71
CA PHE Q 206 -9.47 40.80 49.10
C PHE Q 206 -10.98 40.71 49.21
N TYR Q 207 -11.60 39.72 48.59
CA TYR Q 207 -13.05 39.64 48.49
C TYR Q 207 -13.59 38.35 49.11
N SER Q 208 -13.12 38.02 50.31
CA SER Q 208 -13.59 36.83 51.01
C SER Q 208 -13.70 37.10 52.51
N SER Q 223 -10.72 25.54 65.79
CA SER Q 223 -11.12 24.40 64.97
C SER Q 223 -10.74 24.62 63.51
N SER Q 224 -11.28 25.68 62.92
CA SER Q 224 -10.99 26.05 61.54
C SER Q 224 -10.50 27.49 61.51
N ILE Q 225 -9.43 27.74 60.77
CA ILE Q 225 -8.81 29.05 60.71
C ILE Q 225 -8.68 29.48 59.26
N THR Q 226 -8.64 30.79 59.04
CA THR Q 226 -8.43 31.37 57.72
C THR Q 226 -6.99 31.84 57.62
N PHE Q 227 -6.23 31.24 56.70
CA PHE Q 227 -4.80 31.54 56.56
C PHE Q 227 -4.43 31.55 55.09
N PHE Q 228 -3.73 32.60 54.67
CA PHE Q 228 -3.27 32.72 53.29
C PHE Q 228 -1.97 33.49 53.31
N ALA Q 229 -0.88 32.84 52.93
CA ALA Q 229 0.44 33.45 52.92
C ALA Q 229 0.92 33.57 51.48
N PHE Q 230 1.23 34.79 51.06
CA PHE Q 230 1.79 35.07 49.74
C PHE Q 230 3.15 35.73 49.92
N SER Q 231 4.14 35.29 49.14
CA SER Q 231 5.47 35.87 49.21
C SER Q 231 6.09 35.85 47.83
N LEU Q 232 6.38 37.03 47.29
CA LEU Q 232 7.08 37.18 46.01
C LEU Q 232 8.45 37.77 46.34
N ILE Q 233 9.46 36.91 46.43
CA ILE Q 233 10.80 37.29 46.83
C ILE Q 233 11.76 36.95 45.70
N GLU Q 234 12.42 37.98 45.15
CA GLU Q 234 13.42 37.81 44.09
C GLU Q 234 12.87 37.01 42.92
N GLY Q 235 11.61 37.27 42.58
CA GLY Q 235 10.97 36.59 41.48
C GLY Q 235 10.39 35.23 41.80
N TYR Q 236 10.54 34.76 43.04
CA TYR Q 236 10.01 33.47 43.45
C TYR Q 236 8.70 33.67 44.19
N ILE Q 237 7.68 32.90 43.81
CA ILE Q 237 6.34 33.00 44.39
C ILE Q 237 6.11 31.78 45.28
N SER Q 238 5.72 32.03 46.53
CA SER Q 238 5.41 30.97 47.48
C SER Q 238 4.07 31.27 48.12
N ILE Q 239 3.09 30.40 47.90
CA ILE Q 239 1.73 30.60 48.36
C ILE Q 239 1.36 29.47 49.32
N VAL Q 240 0.85 29.82 50.49
CA VAL Q 240 0.37 28.85 51.47
C VAL Q 240 -1.09 29.16 51.74
N MET Q 241 -1.98 28.32 51.21
CA MET Q 241 -3.41 28.51 51.39
C MET Q 241 -4.06 27.17 51.73
N ASP Q 242 -5.28 27.25 52.26
CA ASP Q 242 -6.02 26.06 52.66
C ASP Q 242 -6.39 25.21 51.46
N ALA Q 243 -6.57 23.91 51.71
CA ALA Q 243 -6.91 22.99 50.64
C ALA Q 243 -8.27 23.30 50.05
N GLU Q 244 -9.19 23.85 50.85
CA GLU Q 244 -10.49 24.25 50.31
C GLU Q 244 -10.35 25.34 49.25
N THR Q 245 -9.45 26.30 49.49
CA THR Q 245 -9.21 27.34 48.51
C THR Q 245 -8.55 26.80 47.25
N GLN Q 246 -7.83 25.69 47.35
CA GLN Q 246 -7.13 25.14 46.19
C GLN Q 246 -8.10 24.77 45.07
N LYS Q 247 -9.34 24.44 45.41
CA LYS Q 247 -10.32 24.06 44.39
C LYS Q 247 -10.64 25.22 43.46
N LYS Q 248 -10.54 26.46 43.95
CA LYS Q 248 -10.85 27.61 43.10
C LYS Q 248 -9.85 27.76 41.98
N PHE Q 249 -8.56 27.58 42.26
CA PHE Q 249 -7.53 27.76 41.26
C PHE Q 249 -7.37 26.50 40.40
N PRO Q 250 -6.90 26.65 39.17
CA PRO Q 250 -6.66 25.47 38.32
C PRO Q 250 -5.57 24.59 38.90
N SER Q 251 -5.71 23.28 38.65
CA SER Q 251 -4.73 22.33 39.18
C SER Q 251 -3.42 22.37 38.39
N ASP Q 252 -3.47 22.73 37.11
CA ASP Q 252 -2.27 22.76 36.29
C ASP Q 252 -1.32 23.88 36.66
N LEU Q 253 -1.84 25.01 37.14
CA LEU Q 253 -1.00 26.14 37.51
C LEU Q 253 -0.29 25.93 38.83
N LEU Q 254 -0.91 25.22 39.78
CA LEU Q 254 -0.30 24.98 41.07
C LEU Q 254 0.66 23.79 40.96
N LEU Q 255 1.89 23.97 41.45
CA LEU Q 255 2.99 23.03 41.20
C LEU Q 255 3.68 22.67 42.50
N THR Q 256 3.17 21.65 43.21
CA THR Q 256 3.81 21.22 44.46
C THR Q 256 3.66 19.72 44.68
N SER Q 257 4.79 19.07 44.98
CA SER Q 257 4.87 17.78 45.65
C SER Q 257 4.41 16.61 44.79
N SER Q 258 3.82 16.89 43.63
CA SER Q 258 3.43 15.88 42.65
C SER Q 258 2.50 14.81 43.21
N SER Q 259 2.04 14.95 44.44
CA SER Q 259 1.22 13.92 45.07
C SER Q 259 0.07 14.48 45.91
N GLY Q 260 -0.15 15.80 45.92
CA GLY Q 260 -1.22 16.35 46.72
C GLY Q 260 -0.99 16.32 48.20
N GLU Q 261 0.27 16.26 48.65
CA GLU Q 261 0.57 16.27 50.07
C GLU Q 261 0.12 17.59 50.69
N LEU Q 262 -0.57 17.49 51.82
CA LEU Q 262 -1.12 18.65 52.50
C LEU Q 262 -0.45 18.82 53.86
N TRP Q 263 -0.28 20.07 54.28
CA TRP Q 263 0.36 20.39 55.55
C TRP Q 263 -0.69 20.74 56.60
N ARG Q 264 -0.27 20.66 57.86
CA ARG Q 264 -1.11 21.04 58.98
C ARG Q 264 -0.45 22.18 59.74
N MET Q 265 -1.24 22.93 60.51
CA MET Q 265 -0.68 24.15 61.16
C MET Q 265 -0.63 24.01 62.67
N VAL Q 266 0.18 24.82 63.34
CA VAL Q 266 0.24 24.84 64.82
C VAL Q 266 0.45 26.28 65.27
N ARG Q 267 -0.45 27.18 64.87
CA ARG Q 267 -0.35 28.59 65.28
C ARG Q 267 -0.01 28.64 66.75
N ILE Q 268 0.49 29.76 67.23
CA ILE Q 268 0.92 29.77 68.64
C ILE Q 268 1.11 31.20 69.06
N GLY Q 269 1.93 31.43 70.08
CA GLY Q 269 2.28 32.80 70.48
C GLY Q 269 1.13 33.72 70.82
N GLY Q 270 1.41 35.01 70.94
CA GLY Q 270 0.41 36.03 71.31
C GLY Q 270 1.11 37.38 71.46
N GLN Q 271 0.36 38.48 71.54
CA GLN Q 271 0.95 39.83 71.74
C GLN Q 271 1.77 40.22 70.51
N PRO Q 272 1.51 41.38 69.86
CA PRO Q 272 2.21 41.73 68.62
C PRO Q 272 3.71 41.99 68.77
N LEU Q 273 4.39 42.27 67.65
CA LEU Q 273 5.84 42.60 67.69
C LEU Q 273 6.02 43.84 68.55
N CYS Q 278 9.73 37.86 70.39
CA CYS Q 278 10.27 36.68 69.67
C CYS Q 278 9.62 35.40 70.20
N GLY Q 279 9.70 35.17 71.51
CA GLY Q 279 9.16 33.93 72.08
C GLY Q 279 8.16 33.29 71.14
N ILE Q 280 7.19 34.07 70.66
CA ILE Q 280 6.20 33.55 69.69
C ILE Q 280 6.85 32.47 68.82
N VAL Q 281 8.11 32.64 68.39
CA VAL Q 281 8.77 31.55 67.61
C VAL Q 281 9.65 30.68 68.51
N ALA Q 282 10.54 31.24 69.33
CA ALA Q 282 11.34 30.31 70.12
C ALA Q 282 10.48 29.30 70.87
N GLN Q 283 9.27 29.70 71.28
CA GLN Q 283 8.43 28.82 72.08
C GLN Q 283 7.99 27.58 71.32
N ILE Q 284 8.11 27.57 69.99
CA ILE Q 284 7.73 26.44 69.17
C ILE Q 284 8.91 25.91 68.34
N ALA Q 285 9.68 26.81 67.73
CA ALA Q 285 10.81 26.38 66.90
C ALA Q 285 11.85 25.64 67.74
N GLY Q 286 12.10 26.13 68.95
CA GLY Q 286 13.04 25.49 69.85
C GLY Q 286 12.63 24.07 70.23
N PRO Q 287 11.41 23.89 70.73
CA PRO Q 287 10.95 22.53 71.02
C PRO Q 287 10.91 21.62 69.79
N LEU Q 288 10.54 22.15 68.63
CA LEU Q 288 10.51 21.32 67.43
C LEU Q 288 11.92 20.93 66.99
N ALA Q 289 12.89 21.83 67.14
CA ALA Q 289 14.27 21.48 66.84
C ALA Q 289 14.80 20.44 67.83
N ALA Q 290 14.42 20.58 69.11
CA ALA Q 290 14.79 19.57 70.10
C ALA Q 290 14.22 18.20 69.72
N ALA Q 291 12.97 18.18 69.26
CA ALA Q 291 12.37 16.96 68.74
C ALA Q 291 12.89 16.61 67.34
N ASP Q 292 13.65 17.50 66.71
CA ASP Q 292 14.20 17.30 65.37
C ASP Q 292 13.09 17.03 64.35
N ILE Q 293 12.22 18.03 64.20
CA ILE Q 293 11.10 17.97 63.28
C ILE Q 293 11.23 19.10 62.26
N SER Q 294 11.17 18.75 60.98
CA SER Q 294 11.20 19.75 59.92
C SER Q 294 9.85 20.44 59.83
N ALA Q 295 9.85 21.77 59.83
CA ALA Q 295 8.61 22.55 59.84
C ALA Q 295 8.75 23.73 58.90
N TYR Q 296 7.60 24.28 58.53
CA TYR Q 296 7.50 25.38 57.57
C TYR Q 296 6.95 26.58 58.34
N TYR Q 297 7.85 27.41 58.86
CA TYR Q 297 7.47 28.50 59.75
C TYR Q 297 7.07 29.74 58.97
N ILE Q 298 5.99 30.38 59.42
CA ILE Q 298 5.53 31.65 58.87
C ILE Q 298 5.19 32.55 60.06
N SER Q 299 6.10 33.46 60.40
CA SER Q 299 5.85 34.39 61.48
C SER Q 299 5.02 35.57 61.00
N THR Q 300 4.26 36.17 61.91
CA THR Q 300 3.43 37.33 61.62
C THR Q 300 3.71 38.42 62.64
N PHE Q 301 2.91 39.49 62.57
CA PHE Q 301 3.13 40.64 63.44
C PHE Q 301 2.89 40.28 64.91
N ASN Q 302 1.79 39.59 65.20
CA ASN Q 302 1.41 39.30 66.58
C ASN Q 302 1.45 37.83 66.93
N PHE Q 303 1.54 36.94 65.95
CA PHE Q 303 1.39 35.51 66.18
C PHE Q 303 2.37 34.75 65.29
N ALA Q 304 2.63 33.50 65.66
CA ALA Q 304 3.58 32.66 64.94
C ALA Q 304 2.89 31.41 64.42
N HIS Q 305 3.39 30.91 63.28
CA HIS Q 305 2.82 29.75 62.62
C HIS Q 305 3.94 28.80 62.23
N ALA Q 306 3.61 27.50 62.19
CA ALA Q 306 4.60 26.49 61.83
C ALA Q 306 3.88 25.35 61.12
N LEU Q 307 3.92 25.36 59.80
CA LEU Q 307 3.28 24.31 59.01
C LEU Q 307 4.07 23.01 59.14
N VAL Q 308 3.36 21.92 59.37
CA VAL Q 308 3.96 20.59 59.50
C VAL Q 308 3.19 19.64 58.59
N PRO Q 309 3.81 18.55 58.13
CA PRO Q 309 3.08 17.61 57.26
C PRO Q 309 1.93 16.96 58.00
N GLU Q 310 0.92 16.52 57.23
CA GLU Q 310 -0.28 15.95 57.81
C GLU Q 310 0.04 14.69 58.61
N ASP Q 311 1.02 13.90 58.14
CA ASP Q 311 1.39 12.68 58.85
C ASP Q 311 1.96 12.99 60.23
N GLY Q 312 2.78 14.04 60.33
CA GLY Q 312 3.44 14.37 61.57
C GLY Q 312 2.75 15.42 62.39
N ILE Q 313 1.47 15.70 62.07
CA ILE Q 313 0.72 16.70 62.84
C ILE Q 313 0.54 16.25 64.27
N GLY Q 314 0.18 14.97 64.48
CA GLY Q 314 0.01 14.47 65.82
C GLY Q 314 1.30 14.49 66.62
N SER Q 315 2.41 14.11 65.99
CA SER Q 315 3.70 14.15 66.67
C SER Q 315 4.08 15.58 67.05
N VAL Q 316 3.83 16.54 66.15
CA VAL Q 316 4.11 17.94 66.44
C VAL Q 316 3.27 18.43 67.61
N ILE Q 317 1.99 18.05 67.63
CA ILE Q 317 1.11 18.46 68.73
C ILE Q 317 1.59 17.85 70.04
N GLU Q 318 1.97 16.57 70.02
CA GLU Q 318 2.42 15.91 71.24
C GLU Q 318 3.74 16.49 71.74
N VAL Q 319 4.59 16.95 70.82
CA VAL Q 319 5.87 17.52 71.22
C VAL Q 319 5.67 18.78 72.05
N LEU Q 320 4.68 19.58 71.69
CA LEU Q 320 4.37 20.80 72.45
C LEU Q 320 3.38 20.51 73.56
N MET R 1 -38.10 52.93 17.24
CA MET R 1 -39.56 52.89 17.27
C MET R 1 -40.07 52.79 18.70
N GLU R 2 -39.42 51.97 19.52
CA GLU R 2 -39.79 51.76 20.90
C GLU R 2 -38.67 52.24 21.81
N LEU R 3 -39.02 53.09 22.77
CA LEU R 3 -38.07 53.65 23.73
C LEU R 3 -38.22 52.91 25.05
N HIS R 4 -37.36 51.91 25.27
CA HIS R 4 -37.41 51.13 26.50
C HIS R 4 -36.68 51.88 27.60
N ILE R 5 -37.40 52.17 28.69
CA ILE R 5 -36.80 52.79 29.86
C ILE R 5 -36.33 51.66 30.77
N LEU R 6 -35.01 51.49 30.86
CA LEU R 6 -34.45 50.37 31.60
C LEU R 6 -34.67 50.54 33.10
N GLU R 7 -34.64 49.41 33.80
CA GLU R 7 -34.90 49.40 35.24
C GLU R 7 -33.80 50.09 36.04
N HIS R 8 -32.58 50.19 35.49
CA HIS R 8 -31.46 50.73 36.24
C HIS R 8 -31.72 52.16 36.67
N ARG R 9 -31.27 52.49 37.88
CA ARG R 9 -31.35 53.84 38.45
C ARG R 9 -29.92 54.31 38.65
N VAL R 10 -29.37 54.94 37.62
CA VAL R 10 -27.94 55.23 37.54
C VAL R 10 -27.65 56.54 38.28
N ARG R 11 -26.66 56.51 39.16
CA ARG R 11 -26.12 57.70 39.80
C ARG R 11 -24.76 58.01 39.17
N VAL R 12 -24.60 59.25 38.73
CA VAL R 12 -23.38 59.67 38.04
C VAL R 12 -22.40 60.23 39.06
N LEU R 13 -21.20 59.67 39.11
CA LEU R 13 -20.17 60.07 40.04
C LEU R 13 -18.96 60.59 39.29
N SER R 14 -18.13 61.35 40.00
CA SER R 14 -16.88 61.87 39.46
C SER R 14 -15.78 61.57 40.47
N VAL R 15 -14.68 61.01 39.99
CA VAL R 15 -13.54 60.65 40.82
C VAL R 15 -12.33 61.44 40.34
N ALA R 16 -11.71 62.18 41.26
CA ALA R 16 -10.48 62.89 40.92
C ALA R 16 -9.37 61.90 40.60
N ARG R 17 -8.52 62.26 39.64
CA ARG R 17 -7.43 61.38 39.24
C ARG R 17 -6.51 61.02 40.40
N PRO R 18 -6.07 61.94 41.26
CA PRO R 18 -5.26 61.52 42.42
C PRO R 18 -5.99 60.58 43.36
N GLY R 19 -7.32 60.63 43.39
CA GLY R 19 -8.12 59.82 44.30
C GLY R 19 -8.52 58.46 43.77
N LEU R 20 -7.99 58.04 42.62
CA LEU R 20 -8.35 56.74 42.07
C LEU R 20 -7.86 55.59 42.94
N TRP R 21 -6.76 55.79 43.65
CA TRP R 21 -6.17 54.71 44.44
C TRP R 21 -7.11 54.25 45.55
N LEU R 22 -7.84 55.19 46.16
CA LEU R 22 -8.74 54.83 47.26
C LEU R 22 -9.88 53.94 46.78
N TYR R 23 -10.33 54.14 45.54
CA TYR R 23 -11.47 53.42 45.00
C TYR R 23 -11.07 52.21 44.16
N THR R 24 -9.81 51.81 44.19
CA THR R 24 -9.37 50.68 43.37
C THR R 24 -10.05 49.38 43.78
N HIS R 25 -10.37 49.23 45.08
CA HIS R 25 -10.98 47.98 45.54
C HIS R 25 -12.41 47.81 45.01
N PRO R 26 -13.36 48.71 45.29
CA PRO R 26 -14.70 48.53 44.73
C PRO R 26 -14.73 48.59 43.21
N LEU R 27 -13.87 49.40 42.60
CA LEU R 27 -13.84 49.48 41.14
C LEU R 27 -13.42 48.15 40.53
N ILE R 28 -12.39 47.51 41.09
CA ILE R 28 -11.99 46.19 40.62
C ILE R 28 -13.11 45.18 40.86
N LYS R 29 -13.76 45.27 42.03
CA LYS R 29 -14.87 44.36 42.32
C LYS R 29 -15.95 44.45 41.26
N LEU R 30 -16.31 45.67 40.86
CA LEU R 30 -17.34 45.84 39.84
C LEU R 30 -16.84 45.45 38.46
N LEU R 31 -15.58 45.75 38.15
CA LEU R 31 -15.06 45.51 36.79
C LEU R 31 -14.91 44.03 36.51
N PHE R 32 -14.27 43.28 37.42
CA PHE R 32 -13.81 41.94 37.10
C PHE R 32 -14.49 40.84 37.88
N LEU R 33 -15.35 41.17 38.85
CA LEU R 33 -15.99 40.16 39.70
C LEU R 33 -17.50 40.35 39.66
N PRO R 34 -18.16 39.85 38.62
CA PRO R 34 -19.63 39.93 38.58
C PRO R 34 -20.30 39.18 39.72
N ARG R 35 -19.70 38.08 40.18
CA ARG R 35 -20.32 37.29 41.23
C ARG R 35 -20.24 37.95 42.60
N ARG R 36 -19.36 38.94 42.76
CA ARG R 36 -19.17 39.61 44.04
C ARG R 36 -19.85 40.99 44.08
N SER R 37 -20.73 41.28 43.13
CA SER R 37 -21.44 42.55 43.12
C SER R 37 -22.76 42.38 42.38
N ARG R 38 -23.81 43.02 42.89
CA ARG R 38 -25.12 42.99 42.28
C ARG R 38 -25.31 44.09 41.25
N CYS R 39 -24.29 44.91 40.99
CA CYS R 39 -24.39 45.98 40.02
C CYS R 39 -24.66 45.44 38.63
N LYS R 40 -25.66 46.03 37.95
CA LYS R 40 -26.00 45.65 36.60
C LYS R 40 -25.70 46.74 35.57
N PHE R 41 -25.38 47.95 36.01
CA PHE R 41 -25.03 49.05 35.12
C PHE R 41 -23.78 49.71 35.67
N PHE R 42 -22.66 49.52 35.01
CA PHE R 42 -21.38 50.10 35.43
C PHE R 42 -20.69 50.73 34.25
N SER R 43 -20.23 51.97 34.42
CA SER R 43 -19.45 52.66 33.42
C SER R 43 -18.28 53.35 34.11
N LEU R 44 -17.19 53.53 33.36
CA LEU R 44 -15.99 54.16 33.89
C LEU R 44 -15.23 54.78 32.73
N THR R 45 -15.04 56.10 32.79
CA THR R 45 -14.39 56.85 31.72
C THR R 45 -13.13 57.52 32.28
N GLU R 46 -12.00 57.32 31.61
CA GLU R 46 -10.72 57.85 32.04
C GLU R 46 -10.42 59.10 31.22
N THR R 47 -10.99 60.22 31.63
CA THR R 47 -10.71 61.49 30.98
C THR R 47 -9.58 62.21 31.70
N PRO R 48 -8.82 63.08 31.01
CA PRO R 48 -7.73 63.79 31.69
C PRO R 48 -8.20 64.66 32.84
N GLU R 49 -9.42 65.19 32.77
CA GLU R 49 -9.92 66.05 33.84
C GLU R 49 -10.15 65.25 35.12
N ASP R 50 -10.85 64.12 35.02
CA ASP R 50 -11.19 63.30 36.17
C ASP R 50 -11.72 61.96 35.69
N TYR R 51 -12.16 61.14 36.63
CA TYR R 51 -12.73 59.82 36.35
C TYR R 51 -14.24 59.90 36.53
N THR R 52 -14.98 59.48 35.52
CA THR R 52 -16.44 59.53 35.53
C THR R 52 -17.00 58.13 35.74
N LEU R 53 -17.91 58.00 36.70
CA LEU R 53 -18.52 56.71 37.04
C LEU R 53 -20.03 56.82 36.90
N MET R 54 -20.65 55.83 36.26
CA MET R 54 -22.10 55.76 36.10
C MET R 54 -22.54 54.38 36.58
N VAL R 55 -22.85 54.29 37.87
CA VAL R 55 -23.28 53.04 38.50
C VAL R 55 -24.71 53.21 38.97
N ASP R 56 -25.41 52.08 39.11
CA ASP R 56 -26.79 52.11 39.57
C ASP R 56 -26.82 52.18 41.10
N GLU R 57 -28.01 52.01 41.68
CA GLU R 57 -28.15 52.15 43.12
C GLU R 57 -27.35 51.09 43.87
N GLU R 58 -27.39 49.84 43.40
CA GLU R 58 -26.68 48.77 44.09
C GLU R 58 -25.17 48.99 44.05
N GLY R 59 -24.64 49.39 42.89
CA GLY R 59 -23.21 49.63 42.79
C GLY R 59 -22.74 50.82 43.61
N PHE R 60 -23.56 51.87 43.69
CA PHE R 60 -23.16 53.09 44.37
C PHE R 60 -22.95 52.88 45.85
N LYS R 61 -23.61 51.88 46.45
CA LYS R 61 -23.46 51.64 47.89
C LYS R 61 -22.07 51.13 48.25
N GLU R 62 -21.29 50.68 47.28
CA GLU R 62 -19.95 50.16 47.52
C GLU R 62 -18.86 51.22 47.41
N LEU R 63 -19.21 52.46 47.06
CA LEU R 63 -18.23 53.52 46.94
C LEU R 63 -18.31 54.43 48.15
N PRO R 64 -17.28 54.46 49.01
CA PRO R 64 -17.33 55.31 50.19
C PRO R 64 -17.08 56.77 49.83
N PRO R 65 -17.82 57.70 50.44
CA PRO R 65 -17.58 59.12 50.15
C PRO R 65 -16.20 59.55 50.62
N SER R 66 -15.64 60.53 49.92
CA SER R 66 -14.33 61.07 50.27
C SER R 66 -14.20 62.44 49.61
N GLU R 67 -13.06 63.10 49.86
CA GLU R 67 -12.80 64.40 49.28
C GLU R 67 -12.47 64.32 47.79
N PHE R 68 -12.22 63.13 47.26
CA PHE R 68 -11.91 62.94 45.85
C PHE R 68 -13.14 62.60 45.02
N LEU R 69 -14.31 62.51 45.63
CA LEU R 69 -15.52 62.05 44.96
C LEU R 69 -16.53 63.18 44.87
N GLN R 70 -16.97 63.47 43.65
CA GLN R 70 -18.07 64.41 43.40
C GLN R 70 -19.24 63.61 42.84
N VAL R 71 -20.39 63.71 43.49
CA VAL R 71 -21.56 62.92 43.15
C VAL R 71 -22.64 63.85 42.64
N ALA R 72 -23.11 63.60 41.42
CA ALA R 72 -24.17 64.41 40.84
C ALA R 72 -25.48 64.17 41.56
N GLU R 73 -26.28 65.22 41.71
CA GLU R 73 -27.57 65.11 42.35
C GLU R 73 -28.58 64.45 41.40
N ALA R 74 -29.62 63.88 42.00
CA ALA R 74 -30.74 63.24 41.29
C ALA R 74 -30.31 61.95 40.59
N THR R 75 -31.21 60.97 40.55
CA THR R 75 -30.93 59.69 39.93
C THR R 75 -31.27 59.75 38.45
N TRP R 76 -30.41 59.16 37.62
CA TRP R 76 -30.57 59.19 36.17
C TRP R 76 -31.14 57.86 35.69
N LEU R 77 -32.32 57.92 35.08
CA LEU R 77 -32.88 56.74 34.43
C LEU R 77 -32.14 56.47 33.13
N VAL R 78 -32.43 55.31 32.53
CA VAL R 78 -31.77 54.86 31.33
C VAL R 78 -32.80 54.73 30.22
N LEU R 79 -32.50 55.29 29.05
CA LEU R 79 -33.35 55.20 27.88
C LEU R 79 -32.61 54.44 26.78
N ASN R 80 -33.28 53.45 26.21
CA ASN R 80 -32.72 52.67 25.12
C ASN R 80 -33.76 52.54 24.01
N VAL R 81 -33.30 52.68 22.77
CA VAL R 81 -34.17 52.62 21.59
C VAL R 81 -33.99 51.26 20.92
N SER R 82 -35.10 50.55 20.74
CA SER R 82 -35.06 49.23 20.12
C SER R 82 -35.40 49.32 18.64
N LYS R 96 -28.11 58.19 13.94
CA LYS R 96 -29.33 57.41 13.94
C LYS R 96 -30.35 58.00 14.91
N ILE R 97 -29.98 58.07 16.19
CA ILE R 97 -30.85 58.62 17.22
C ILE R 97 -30.50 60.04 17.60
N ALA R 98 -29.51 60.65 16.94
CA ALA R 98 -29.14 62.01 17.28
C ALA R 98 -30.28 62.99 17.00
N ARG R 99 -30.99 62.80 15.89
CA ARG R 99 -32.10 63.67 15.53
C ARG R 99 -33.45 63.14 16.02
N SER R 100 -33.46 62.03 16.77
CA SER R 100 -34.70 61.42 17.21
C SER R 100 -34.93 61.55 18.71
N VAL R 101 -33.93 61.25 19.53
CA VAL R 101 -34.09 61.24 20.98
C VAL R 101 -33.29 62.35 21.64
N ILE R 102 -32.12 62.71 21.09
CA ILE R 102 -31.26 63.68 21.76
C ILE R 102 -31.64 65.10 21.36
N ALA R 103 -31.80 65.35 20.06
CA ALA R 103 -32.13 66.71 19.60
C ALA R 103 -33.48 67.19 20.12
N PRO R 104 -34.58 66.43 20.02
CA PRO R 104 -35.84 66.91 20.60
C PRO R 104 -35.78 67.15 22.10
N LEU R 105 -35.03 66.32 22.82
CA LEU R 105 -34.86 66.54 24.26
C LEU R 105 -34.09 67.81 24.53
N ALA R 106 -33.04 68.08 23.74
CA ALA R 106 -32.28 69.31 23.90
C ALA R 106 -33.13 70.52 23.59
N GLU R 107 -34.03 70.40 22.60
CA GLU R 107 -34.94 71.50 22.27
C GLU R 107 -35.86 71.84 23.42
N HIS R 108 -36.08 70.91 24.35
CA HIS R 108 -36.89 71.15 25.54
C HIS R 108 -36.06 71.54 26.76
N HIS R 109 -34.75 71.74 26.57
CA HIS R 109 -33.83 72.10 27.65
C HIS R 109 -33.85 71.04 28.76
N VAL R 110 -33.54 69.82 28.36
CA VAL R 110 -33.45 68.67 29.28
C VAL R 110 -32.06 68.08 29.15
N ALA R 111 -31.37 67.93 30.27
CA ALA R 111 -30.01 67.40 30.26
C ALA R 111 -30.02 65.91 29.93
N VAL R 112 -29.06 65.49 29.12
CA VAL R 112 -28.88 64.09 28.77
C VAL R 112 -27.41 63.72 28.92
N LEU R 113 -27.15 62.45 29.19
CA LEU R 113 -25.79 61.92 29.29
C LEU R 113 -25.75 60.61 28.51
N MET R 114 -25.35 60.69 27.24
CA MET R 114 -25.27 59.49 26.42
C MET R 114 -24.06 58.67 26.78
N LEU R 115 -24.23 57.34 26.81
CA LEU R 115 -23.16 56.39 27.02
C LEU R 115 -23.27 55.35 25.91
N SER R 116 -22.63 55.63 24.78
CA SER R 116 -22.70 54.73 23.64
C SER R 116 -21.77 53.55 23.85
N THR R 117 -22.33 52.35 23.81
CA THR R 117 -21.58 51.12 23.97
C THR R 117 -21.43 50.41 22.63
N TYR R 118 -20.66 49.33 22.64
CA TYR R 118 -20.48 48.53 21.44
C TYR R 118 -21.74 47.79 21.03
N GLN R 119 -22.69 47.62 21.95
CA GLN R 119 -23.93 46.88 21.69
C GLN R 119 -25.09 47.79 21.32
N THR R 120 -25.34 48.83 22.12
CA THR R 120 -26.44 49.74 21.84
C THR R 120 -26.13 51.09 22.47
N ASP R 121 -26.84 52.12 22.01
CA ASP R 121 -26.66 53.47 22.51
C ASP R 121 -27.58 53.71 23.70
N PHE R 122 -27.01 54.21 24.79
CA PHE R 122 -27.75 54.47 26.01
C PHE R 122 -27.94 55.98 26.20
N ILE R 123 -29.12 56.36 26.68
CA ILE R 123 -29.44 57.75 26.97
C ILE R 123 -29.84 57.84 28.44
N LEU R 124 -29.20 58.75 29.17
CA LEU R 124 -29.46 58.95 30.58
C LEU R 124 -30.13 60.30 30.79
N VAL R 125 -31.27 60.29 31.47
CA VAL R 125 -32.00 61.51 31.79
C VAL R 125 -32.30 61.53 33.28
N ARG R 126 -32.37 62.73 33.84
CA ARG R 126 -32.65 62.89 35.28
C ARG R 126 -34.06 62.37 35.55
N GLU R 127 -34.27 61.72 36.70
CA GLU R 127 -35.58 61.22 37.07
C GLU R 127 -36.57 62.35 37.31
N GLN R 128 -36.08 63.51 37.74
CA GLN R 128 -36.96 64.67 37.93
C GLN R 128 -37.51 65.20 36.62
N ASP R 129 -36.90 64.84 35.49
CA ASP R 129 -37.33 65.30 34.18
C ASP R 129 -37.91 64.17 33.33
N LEU R 130 -38.32 63.07 33.96
CA LEU R 130 -38.88 61.95 33.22
C LEU R 130 -40.18 62.34 32.51
N SER R 131 -41.01 63.15 33.16
CA SER R 131 -42.27 63.58 32.55
C SER R 131 -42.02 64.40 31.30
N VAL R 132 -41.03 65.30 31.32
CA VAL R 132 -40.73 66.11 30.16
C VAL R 132 -40.17 65.24 29.04
N VAL R 133 -39.36 64.24 29.38
CA VAL R 133 -38.85 63.32 28.37
C VAL R 133 -39.99 62.56 27.71
N ILE R 134 -40.94 62.07 28.51
CA ILE R 134 -42.09 61.36 27.96
C ILE R 134 -42.90 62.29 27.07
N HIS R 135 -43.10 63.53 27.50
CA HIS R 135 -43.85 64.50 26.70
C HIS R 135 -43.17 64.75 25.37
N THR R 136 -41.84 64.90 25.37
CA THR R 136 -41.13 65.19 24.13
C THR R 136 -41.10 63.98 23.20
N LEU R 137 -40.99 62.78 23.76
CA LEU R 137 -40.81 61.57 22.97
C LEU R 137 -42.08 60.73 22.85
N ALA R 138 -43.24 61.28 23.22
CA ALA R 138 -44.48 60.54 23.06
C ALA R 138 -44.94 60.50 21.61
N GLN R 139 -44.58 61.51 20.81
CA GLN R 139 -45.04 61.61 19.43
C GLN R 139 -44.09 60.98 18.43
N GLU R 140 -43.01 60.35 18.88
CA GLU R 140 -42.05 59.76 17.96
C GLU R 140 -41.73 58.32 18.33
N PHE R 141 -41.93 57.95 19.59
CA PHE R 141 -41.63 56.61 20.07
C PHE R 141 -42.79 56.09 20.90
N ASP R 142 -42.97 54.77 20.84
CA ASP R 142 -43.90 54.07 21.73
C ASP R 142 -43.15 53.78 23.02
N ILE R 143 -43.24 54.71 23.97
CA ILE R 143 -42.42 54.63 25.17
C ILE R 143 -42.88 53.48 26.05
N TYR R 144 -41.95 52.63 26.44
CA TYR R 144 -42.19 51.51 27.33
C TYR R 144 -41.44 51.71 28.65
N ARG R 145 -41.97 51.09 29.69
CA ARG R 145 -41.37 51.12 31.02
C ARG R 145 -41.13 49.70 31.49
N GLU R 146 -39.99 49.46 32.10
CA GLU R 146 -39.62 48.14 32.61
C GLU R 146 -39.79 48.11 34.12
N VAL R 147 -40.55 47.14 34.61
CA VAL R 147 -40.81 47.01 36.03
C VAL R 147 -40.29 45.67 36.55
N GLY R 149 -39.15 43.34 34.66
CA GLY R 149 -39.02 42.06 34.00
C GLY R 149 -39.73 41.99 32.66
N GLU R 150 -40.84 42.68 32.56
CA GLU R 150 -41.64 42.70 31.34
C GLU R 150 -41.96 44.14 30.95
N PRO R 151 -42.09 44.42 29.66
CA PRO R 151 -42.44 45.79 29.23
C PRO R 151 -43.79 46.20 29.75
N VAL R 152 -43.91 47.48 30.13
CA VAL R 152 -45.16 48.07 30.58
C VAL R 152 -45.39 49.37 29.82
N PRO R 153 -46.30 49.38 28.84
CA PRO R 153 -46.55 50.62 28.07
C PRO R 153 -46.96 51.78 28.95
N VAL R 154 -46.12 52.82 28.99
CA VAL R 154 -46.39 54.01 29.80
C VAL R 154 -47.15 55.01 28.95
N THR R 155 -48.00 55.80 29.61
CA THR R 155 -48.81 56.80 28.94
C THR R 155 -47.96 57.91 28.35
N HIS R 175 -19.19 76.54 23.09
CA HIS R 175 -18.03 75.91 23.70
C HIS R 175 -17.01 75.51 22.64
N PRO R 176 -15.72 75.69 22.95
CA PRO R 176 -14.69 75.38 21.96
C PRO R 176 -14.61 73.89 21.65
N ILE R 177 -14.19 73.58 20.42
CA ILE R 177 -14.03 72.21 19.97
C ILE R 177 -12.56 71.85 20.01
N GLN R 178 -12.29 70.57 20.28
CA GLN R 178 -10.93 70.04 20.22
C GLN R 178 -10.99 68.60 19.74
N SER R 179 -10.19 68.29 18.73
CA SER R 179 -10.13 66.94 18.14
C SER R 179 -8.73 66.39 18.31
N PRO R 180 -8.47 65.63 19.37
CA PRO R 180 -7.14 65.02 19.54
C PRO R 180 -6.82 64.08 18.41
N GLN R 181 -5.53 63.99 18.07
CA GLN R 181 -5.07 63.15 16.98
C GLN R 181 -5.05 61.66 17.36
N ASN R 182 -5.62 61.29 18.50
CA ASN R 182 -5.67 59.90 18.90
C ASN R 182 -6.61 59.12 17.99
N ARG R 183 -6.14 57.95 17.53
CA ARG R 183 -6.95 57.05 16.73
C ARG R 183 -7.52 55.98 17.66
N PHE R 184 -8.78 56.14 18.05
CA PHE R 184 -9.39 55.27 19.03
C PHE R 184 -10.01 54.04 18.36
N CYS R 185 -10.16 52.99 19.17
CA CYS R 185 -10.83 51.77 18.73
C CYS R 185 -11.88 51.39 19.77
N VAL R 186 -12.95 50.77 19.31
CA VAL R 186 -14.05 50.35 20.16
C VAL R 186 -14.07 48.82 20.16
N LEU R 187 -14.06 48.24 21.36
CA LEU R 187 -13.89 46.81 21.54
C LEU R 187 -14.96 46.25 22.47
N THR R 188 -15.36 45.02 22.20
CA THR R 188 -16.13 44.22 23.13
C THR R 188 -15.25 43.08 23.61
N LEU R 189 -15.74 42.33 24.59
CA LEU R 189 -14.92 41.28 25.19
C LEU R 189 -15.83 40.21 25.77
N ASP R 190 -15.52 38.96 25.48
CA ASP R 190 -16.24 37.85 26.08
C ASP R 190 -15.98 37.84 27.59
N PRO R 191 -17.01 37.81 28.42
CA PRO R 191 -16.78 37.82 29.88
C PRO R 191 -15.94 36.64 30.36
N GLU R 192 -15.99 35.51 29.66
CA GLU R 192 -15.15 34.37 30.04
C GLU R 192 -13.67 34.69 29.86
N THR R 193 -13.32 35.49 28.85
CA THR R 193 -11.94 35.85 28.60
C THR R 193 -11.52 37.14 29.30
N LEU R 194 -12.43 37.78 30.03
CA LEU R 194 -12.05 38.96 30.81
C LEU R 194 -10.97 38.67 31.86
N PRO R 195 -11.04 37.60 32.64
CA PRO R 195 -9.97 37.33 33.61
C PRO R 195 -8.60 37.13 32.96
N ALA R 196 -8.55 36.67 31.71
CA ALA R 196 -7.27 36.43 31.06
C ALA R 196 -6.48 37.73 30.88
N ILE R 197 -7.16 38.81 30.53
CA ILE R 197 -6.50 40.10 30.31
C ILE R 197 -6.73 41.04 31.49
N ALA R 198 -7.03 40.51 32.68
CA ALA R 198 -7.34 41.35 33.83
C ALA R 198 -6.15 42.20 34.26
N THR R 199 -4.96 41.61 34.28
CA THR R 199 -3.78 42.35 34.77
C THR R 199 -3.46 43.54 33.89
N THR R 200 -3.50 43.36 32.57
CA THR R 200 -3.20 44.47 31.66
C THR R 200 -4.25 45.56 31.78
N LEU R 201 -5.52 45.17 31.90
CA LEU R 201 -6.58 46.16 32.07
C LEU R 201 -6.43 46.94 33.36
N ILE R 202 -6.07 46.25 34.44
CA ILE R 202 -5.84 46.93 35.72
C ILE R 202 -4.66 47.88 35.60
N ASP R 203 -3.59 47.45 34.93
CA ASP R 203 -2.42 48.31 34.75
C ASP R 203 -2.81 49.56 33.98
N VAL R 204 -3.59 49.40 32.91
CA VAL R 204 -3.99 50.55 32.10
C VAL R 204 -4.87 51.49 32.91
N LEU R 205 -5.84 50.95 33.65
CA LEU R 205 -6.83 51.79 34.31
C LEU R 205 -6.25 52.51 35.52
N PHE R 206 -5.50 51.79 36.37
CA PHE R 206 -5.12 52.31 37.66
C PHE R 206 -3.63 52.61 37.80
N TYR R 207 -2.81 52.23 36.83
CA TYR R 207 -1.35 52.34 36.95
C TYR R 207 -0.76 52.99 35.70
N SER R 208 -1.32 54.14 35.31
CA SER R 208 -0.81 54.87 34.16
C SER R 208 -0.84 56.37 34.41
N SER R 223 -3.91 67.43 21.33
CA SER R 223 -3.74 66.03 20.98
C SER R 223 -3.32 65.20 22.19
N SER R 224 -3.39 63.87 22.05
CA SER R 224 -3.03 62.93 23.11
C SER R 224 -3.86 63.19 24.37
N ILE R 225 -5.18 63.00 24.24
CA ILE R 225 -6.11 63.27 25.33
C ILE R 225 -6.11 62.17 26.39
N THR R 226 -5.55 61.00 26.11
CA THR R 226 -5.49 59.88 27.04
C THR R 226 -6.89 59.51 27.56
N PHE R 227 -7.72 59.05 26.62
CA PHE R 227 -9.11 58.71 26.90
C PHE R 227 -9.28 57.20 26.98
N PHE R 228 -10.12 56.77 27.91
CA PHE R 228 -10.38 55.34 28.12
C PHE R 228 -11.74 55.19 28.77
N ALA R 229 -12.68 54.54 28.08
CA ALA R 229 -14.02 54.32 28.60
C ALA R 229 -14.28 52.84 28.70
N PHE R 230 -14.77 52.41 29.87
CA PHE R 230 -15.13 51.02 30.11
C PHE R 230 -16.56 50.97 30.62
N SER R 231 -17.36 50.08 30.06
CA SER R 231 -18.74 49.89 30.47
C SER R 231 -19.06 48.41 30.58
N LEU R 232 -20.00 48.09 31.46
CA LEU R 232 -20.46 46.70 31.65
C LEU R 232 -21.94 46.79 32.01
N ILE R 233 -22.80 46.63 31.01
CA ILE R 233 -24.25 46.78 31.17
C ILE R 233 -24.91 45.48 30.72
N GLU R 234 -25.67 44.87 31.62
CA GLU R 234 -26.46 43.67 31.31
C GLU R 234 -25.57 42.56 30.74
N GLY R 235 -24.37 42.42 31.29
CA GLY R 235 -23.46 41.39 30.85
C GLY R 235 -22.72 41.67 29.56
N TYR R 236 -22.82 42.89 29.04
CA TYR R 236 -22.15 43.27 27.80
C TYR R 236 -21.02 44.25 28.12
N ILE R 237 -19.84 44.00 27.56
CA ILE R 237 -18.65 44.79 27.83
C ILE R 237 -18.33 45.63 26.60
N SER R 238 -18.12 46.92 26.81
CA SER R 238 -17.74 47.84 25.75
C SER R 238 -16.55 48.66 26.23
N ILE R 239 -15.44 48.59 25.50
CA ILE R 239 -14.20 49.26 25.87
C ILE R 239 -13.83 50.23 24.75
N VAL R 240 -13.57 51.48 25.13
CA VAL R 240 -13.08 52.49 24.21
C VAL R 240 -11.67 52.87 24.65
N MET R 241 -10.71 52.72 23.75
CA MET R 241 -9.31 52.91 24.12
C MET R 241 -8.50 53.33 22.91
N ASP R 242 -7.34 53.91 23.18
CA ASP R 242 -6.44 54.38 22.14
C ASP R 242 -5.78 53.20 21.43
N ALA R 243 -5.34 53.46 20.20
CA ALA R 243 -4.68 52.42 19.41
C ALA R 243 -3.38 51.97 20.06
N GLU R 244 -2.61 52.90 20.63
CA GLU R 244 -1.34 52.54 21.24
C GLU R 244 -1.53 51.56 22.39
N THR R 245 -2.62 51.70 23.14
CA THR R 245 -2.91 50.78 24.24
C THR R 245 -3.37 49.42 23.72
N GLN R 246 -3.91 49.37 22.51
CA GLN R 246 -4.34 48.09 21.94
C GLN R 246 -3.17 47.14 21.77
N LYS R 247 -2.02 47.66 21.34
CA LYS R 247 -0.84 46.82 21.19
C LYS R 247 -0.41 46.19 22.50
N LYS R 248 -0.74 46.82 23.63
CA LYS R 248 -0.43 46.26 24.93
C LYS R 248 -1.26 45.00 25.20
N PHE R 249 -2.42 44.87 24.55
CA PHE R 249 -3.39 43.79 24.71
C PHE R 249 -3.28 42.79 23.56
N PRO R 250 -3.62 41.52 23.81
CA PRO R 250 -3.67 40.55 22.71
C PRO R 250 -4.73 40.94 21.69
N SER R 251 -4.41 40.70 20.41
CA SER R 251 -5.34 41.03 19.35
C SER R 251 -6.42 39.97 19.16
N ASP R 252 -6.15 38.73 19.53
CA ASP R 252 -7.13 37.66 19.34
C ASP R 252 -8.26 37.70 20.37
N LEU R 253 -8.04 38.33 21.52
CA LEU R 253 -9.06 38.41 22.55
C LEU R 253 -9.98 39.62 22.40
N LEU R 254 -9.48 40.70 21.79
CA LEU R 254 -10.30 41.89 21.57
C LEU R 254 -11.09 41.71 20.27
N LEU R 255 -12.38 42.04 20.32
CA LEU R 255 -13.27 41.88 19.18
C LEU R 255 -13.71 43.26 18.70
N THR R 256 -13.54 43.50 17.41
CA THR R 256 -13.95 44.75 16.78
C THR R 256 -14.16 44.50 15.30
N SER R 257 -14.28 45.58 14.53
CA SER R 257 -14.43 45.46 13.09
C SER R 257 -13.22 44.76 12.49
N SER R 258 -13.48 43.83 11.56
CA SER R 258 -12.38 43.10 10.93
C SER R 258 -11.84 43.88 9.75
N SER R 259 -11.55 45.17 9.97
CA SER R 259 -10.89 46.00 8.97
C SER R 259 -9.95 47.01 9.61
N GLY R 260 -9.68 46.91 10.91
CA GLY R 260 -8.99 47.95 11.63
C GLY R 260 -9.97 48.97 12.16
N GLU R 261 -10.50 49.81 11.28
CA GLU R 261 -11.59 50.75 11.58
C GLU R 261 -11.31 51.55 12.84
N LEU R 262 -10.15 52.22 12.86
CA LEU R 262 -9.82 53.14 13.94
C LEU R 262 -10.64 54.42 13.80
N TRP R 263 -10.98 55.00 14.95
CA TRP R 263 -11.86 56.15 15.00
C TRP R 263 -11.18 57.35 15.65
N ARG R 264 -11.66 58.54 15.31
CA ARG R 264 -11.19 59.80 15.86
C ARG R 264 -12.20 60.34 16.86
N MET R 265 -11.75 61.31 17.67
CA MET R 265 -12.52 61.76 18.81
C MET R 265 -12.67 63.28 18.81
N VAL R 266 -13.74 63.75 19.43
CA VAL R 266 -14.03 65.17 19.59
C VAL R 266 -14.53 65.40 21.01
N ARG R 267 -14.06 66.46 21.66
CA ARG R 267 -14.41 66.76 23.03
C ARG R 267 -14.94 68.19 23.16
N ILE R 268 -15.97 68.35 23.99
CA ILE R 268 -16.61 69.64 24.24
C ILE R 268 -16.79 69.78 25.75
N GLY R 269 -16.90 71.03 26.20
CA GLY R 269 -17.19 71.32 27.59
C GLY R 269 -15.98 71.79 28.37
N GLY R 270 -16.24 72.14 29.63
CA GLY R 270 -15.20 72.61 30.53
C GLY R 270 -15.72 72.93 31.91
N LEU R 273 -18.64 71.01 35.89
CA LEU R 273 -19.72 70.32 36.54
C LEU R 273 -21.07 70.68 35.91
N GLY R 274 -21.46 69.93 34.88
CA GLY R 274 -22.72 70.17 34.21
C GLY R 274 -23.89 69.53 34.93
N PHE R 275 -23.94 69.70 36.25
CA PHE R 275 -24.98 69.09 37.06
C PHE R 275 -25.50 70.05 38.12
N GLY R 279 -26.61 69.97 29.85
CA GLY R 279 -26.73 69.17 28.65
C GLY R 279 -25.85 69.68 27.51
N ILE R 280 -24.53 69.67 27.72
CA ILE R 280 -23.60 70.15 26.71
C ILE R 280 -23.51 69.20 25.52
N VAL R 281 -24.05 67.99 25.65
CA VAL R 281 -24.06 67.04 24.53
C VAL R 281 -24.89 67.56 23.36
N ALA R 282 -25.77 68.53 23.62
CA ALA R 282 -26.58 69.09 22.55
C ALA R 282 -25.72 69.74 21.46
N GLN R 283 -24.60 70.34 21.87
CA GLN R 283 -23.78 71.10 20.92
C GLN R 283 -23.13 70.18 19.88
N ILE R 284 -22.87 68.93 20.22
CA ILE R 284 -22.38 67.97 19.23
C ILE R 284 -23.52 67.20 18.58
N ALA R 285 -24.57 66.88 19.35
CA ALA R 285 -25.66 66.07 18.80
C ALA R 285 -26.41 66.81 17.71
N GLY R 286 -26.78 68.07 17.96
CA GLY R 286 -27.59 68.84 17.04
C GLY R 286 -26.97 69.02 15.67
N PRO R 287 -25.84 69.74 15.61
CA PRO R 287 -25.18 69.92 14.31
C PRO R 287 -24.80 68.62 13.62
N LEU R 288 -24.38 67.61 14.38
CA LEU R 288 -24.03 66.34 13.74
C LEU R 288 -25.27 65.57 13.30
N ALA R 289 -26.40 65.76 14.01
CA ALA R 289 -27.66 65.21 13.52
C ALA R 289 -28.05 65.87 12.20
N ALA R 290 -27.84 67.19 12.09
CA ALA R 290 -28.05 67.87 10.82
C ALA R 290 -27.10 67.35 9.75
N ALA R 291 -25.88 66.97 10.15
CA ALA R 291 -24.94 66.34 9.23
C ALA R 291 -25.26 64.88 8.97
N ASP R 292 -26.02 64.23 9.85
CA ASP R 292 -26.41 62.82 9.70
C ASP R 292 -25.19 61.91 9.60
N ILE R 293 -24.41 61.89 10.68
CA ILE R 293 -23.25 61.00 10.79
C ILE R 293 -23.35 60.24 12.11
N SER R 294 -23.16 58.93 12.04
CA SER R 294 -23.17 58.11 13.24
C SER R 294 -21.92 58.37 14.08
N ALA R 295 -22.10 58.32 15.41
CA ALA R 295 -20.99 58.62 16.30
C ALA R 295 -21.29 58.07 17.70
N TYR R 296 -20.25 57.61 18.38
CA TYR R 296 -20.33 57.26 19.79
C TYR R 296 -20.41 58.55 20.61
N TYR R 297 -21.43 58.63 21.47
CA TYR R 297 -21.58 59.76 22.37
C TYR R 297 -21.29 59.29 23.79
N ILE R 298 -20.15 59.69 24.33
CA ILE R 298 -19.74 59.31 25.69
C ILE R 298 -19.68 60.60 26.49
N SER R 299 -20.68 60.82 27.32
CA SER R 299 -20.75 62.04 28.14
C SER R 299 -20.18 61.77 29.52
N THR R 300 -19.21 62.57 29.93
CA THR R 300 -18.58 62.44 31.23
C THR R 300 -19.13 63.49 32.18
N PHE R 301 -18.52 63.60 33.36
CA PHE R 301 -18.99 64.56 34.35
C PHE R 301 -18.81 65.99 33.85
N ASN R 302 -17.68 66.28 33.19
CA ASN R 302 -17.40 67.60 32.65
C ASN R 302 -17.42 67.60 31.13
N PHE R 303 -16.64 66.75 30.48
CA PHE R 303 -16.57 66.71 29.04
C PHE R 303 -17.70 65.86 28.46
N ALA R 304 -17.92 66.01 27.16
CA ALA R 304 -18.72 65.09 26.38
C ALA R 304 -17.95 64.76 25.11
N HIS R 305 -18.15 63.58 24.57
CA HIS R 305 -17.32 63.07 23.49
C HIS R 305 -18.16 62.61 22.31
N ALA R 306 -17.54 62.61 21.14
CA ALA R 306 -18.20 62.20 19.91
C ALA R 306 -17.16 61.48 19.04
N LEU R 307 -17.21 60.16 19.04
CA LEU R 307 -16.25 59.33 18.31
C LEU R 307 -16.79 59.02 16.93
N VAL R 308 -16.02 59.36 15.91
CA VAL R 308 -16.43 59.17 14.52
C VAL R 308 -15.35 58.36 13.80
N PRO R 309 -15.68 57.64 12.73
CA PRO R 309 -14.64 56.90 12.00
C PRO R 309 -13.60 57.83 11.41
N GLU R 310 -12.38 57.32 11.30
CA GLU R 310 -11.27 58.14 10.80
C GLU R 310 -11.52 58.61 9.37
N ASP R 311 -12.32 57.88 8.60
CA ASP R 311 -12.62 58.30 7.24
C ASP R 311 -13.47 59.57 7.21
N GLY R 312 -14.39 59.72 8.17
CA GLY R 312 -15.31 60.84 8.17
C GLY R 312 -14.96 61.94 9.15
N ILE R 313 -13.72 61.97 9.63
CA ILE R 313 -13.34 63.00 10.60
C ILE R 313 -13.36 64.38 9.96
N GLY R 314 -12.98 64.48 8.69
CA GLY R 314 -13.00 65.77 8.01
C GLY R 314 -14.39 66.37 7.93
N SER R 315 -15.37 65.54 7.59
CA SER R 315 -16.75 66.05 7.46
C SER R 315 -17.29 66.54 8.80
N VAL R 316 -17.07 65.77 9.87
CA VAL R 316 -17.59 66.18 11.17
C VAL R 316 -16.86 67.42 11.67
N ILE R 317 -15.55 67.51 11.44
CA ILE R 317 -14.81 68.70 11.83
C ILE R 317 -15.34 69.92 11.08
N GLU R 318 -15.57 69.77 9.77
CA GLU R 318 -16.08 70.89 8.98
C GLU R 318 -17.46 71.32 9.45
N VAL R 319 -18.36 70.37 9.70
CA VAL R 319 -19.71 70.73 10.08
C VAL R 319 -19.76 71.31 11.49
N LEU R 320 -18.90 70.83 12.40
CA LEU R 320 -18.88 71.36 13.75
C LEU R 320 -18.20 72.72 13.83
N GLN R 321 -17.25 72.99 12.92
CA GLN R 321 -16.58 74.29 12.93
C GLN R 321 -17.57 75.42 12.65
N ARG R 322 -18.46 75.22 11.69
CA ARG R 322 -19.46 76.23 11.35
C ARG R 322 -20.61 76.23 12.35
ZN ZN S . 68.47 -53.76 46.79
ZN ZN T . 63.20 -37.31 37.59
ZN ZN U . 59.54 -47.26 25.69
ZN ZN V . 63.58 -46.68 26.07
ZN ZN W . 85.01 14.43 -18.97
ZN ZN X . 78.89 20.80 -6.43
ZN ZN Y . 82.17 18.56 -5.65
ZN ZN Z . 86.31 13.59 -15.94
ZN ZN AA . 53.49 -63.74 37.15
ZN ZN BA . 43.93 -46.99 30.80
ZN ZN CA . 49.51 -46.20 46.42
ZN ZN DA . 46.88 -49.23 45.23
ZN ZN EA . 68.65 28.52 -15.33
ZN ZN FA . 79.61 32.41 -25.43
ZN ZN GA . 77.12 35.26 -24.23
ZN ZN HA . -60.36 23.39 -72.77
ZN ZN IA . -57.39 17.36 -54.32
ZN ZN JA . -49.43 5.80 -61.46
ZN ZN KA . -53.53 5.38 -61.89
ZN ZN LA . -42.60 16.51 -78.40
ZN ZN MA . -36.19 15.11 -59.72
ZN ZN NA . -44.13 28.39 -62.36
ZN ZN OA . -40.74 27.61 -64.75
ZN ZN PA . -67.20 -27.00 17.31
ZN ZN QA . -75.93 -39.32 20.46
ZN ZN RA . -74.49 -37.12 23.45
ZN ZN SA . -78.25 -36.30 1.04
ZN ZN TA . -76.34 -22.36 6.25
ZN ZN UA . -79.29 -22.47 3.32
#